data_9E0Q
#
_entry.id   9E0Q
#
_cell.length_a   1.00
_cell.length_b   1.00
_cell.length_c   1.00
_cell.angle_alpha   90.00
_cell.angle_beta   90.00
_cell.angle_gamma   90.00
#
_symmetry.space_group_name_H-M   'P 1'
#
loop_
_entity.id
_entity.type
_entity.pdbx_description
1 polymer 'Lysine decarboxylase, inducible'
2 non-polymer '(2R)-6-amino-2-[(2E)-2-({3-hydroxy-2-methyl-5-[(phosphonooxy)methyl]pyridin-4-yl}methylidene)hydrazin-1-yl]hexanoic acid'
3 water water
#
_entity_poly.entity_id   1
_entity_poly.type   'polypeptide(L)'
_entity_poly.pdbx_seq_one_letter_code
;MNIIAILNHMGVYFKEEPIRELHKALEALDFQIVYPNDREDLLKLIDNNARLCGVIFDWDTYNLDLCEEISAMNEHLPVY
AFANTHSTLDVSLNDLRLNVEFFEYALGAAQDIAQKIRQSTDAYIDEILPPLTKALFNYVKEGKYTFCTPGHMGGTAFQK
SPVGSIFYDFFGANAMKSDISISVGELGSLLDHSGPHKEAEEYIARTFNAERSYMVTNGTSTANKIVGMYSAPAGSTVLI
DRNCHKSLTHLMMMSDITPIYFRPTRNAYGILGGIPKSEFQHDTIAERVAQTPNATWPVHAVVTNSTYDGLLYNTDYIKE
ALDVKSIHFDSAWVPYTNFSPIYKGLCGMSGGRVEGKVIYETQSTHKLLAAFSQASMIHVKGDINEETFNEAYMMHTSTS
PHYGIVASTETAAAMMKGNAGKRLINGSIERAIRFRKEIKRLNSESEGWFFDVWQPEGIDEAKCWPLDSKDNWHGFKDID
NDHMYLDPIKVTLLTPGMQKDGSMADTGIPASIVSKYLDEHGIIVEKTGPYNMLFLFSIGIDKTKALSLLRALTDFKRSY
DLNLRVKNMLPSLYREDPEFYENMRIQELAQGIHALIQHHNLPDLMYRAFEVLPTMVMNPHAAFQMELRGQTEEVYLEEM
IGKVNANMILPYPPGVPLVMPGEMLTEESRPVLEFLQMLCEIGAHYPGFETDIHGAYRQADGRYTVKVIK
;
_entity_poly.pdbx_strand_id   A,B,C,D,E,F,G,H,I,J
#
# COMPACT_ATOMS: atom_id res chain seq x y z
N MET A 1 0.28 23.68 -24.10
CA MET A 1 1.59 23.87 -24.71
C MET A 1 2.69 23.47 -23.72
N ASN A 2 2.58 22.26 -23.17
CA ASN A 2 3.50 21.78 -22.15
C ASN A 2 3.94 20.35 -22.42
N ILE A 3 3.97 19.93 -23.68
CA ILE A 3 4.36 18.58 -24.06
C ILE A 3 5.78 18.61 -24.59
N ILE A 4 6.70 17.93 -23.90
CA ILE A 4 8.09 17.81 -24.32
C ILE A 4 8.32 16.37 -24.76
N ALA A 5 8.86 16.21 -25.96
CA ALA A 5 9.17 14.90 -26.51
C ALA A 5 10.65 14.60 -26.32
N ILE A 6 10.95 13.46 -25.70
CA ILE A 6 12.31 13.01 -25.52
C ILE A 6 12.52 11.80 -26.41
N LEU A 7 13.41 11.94 -27.38
CA LEU A 7 13.78 10.85 -28.29
C LEU A 7 15.09 10.27 -27.80
N ASN A 8 15.00 9.31 -26.87
CA ASN A 8 16.22 8.78 -26.26
C ASN A 8 15.93 7.43 -25.60
N HIS A 9 16.72 6.42 -25.97
CA HIS A 9 16.66 5.11 -25.32
C HIS A 9 18.04 4.47 -25.22
N MET A 10 19.08 5.28 -25.01
CA MET A 10 20.43 4.77 -25.08
C MET A 10 20.71 3.83 -23.91
N GLY A 11 21.81 3.09 -24.02
CA GLY A 11 22.17 2.13 -23.00
C GLY A 11 23.42 2.49 -22.20
N VAL A 12 23.58 3.78 -21.90
CA VAL A 12 24.69 4.24 -21.07
C VAL A 12 24.11 5.03 -19.91
N TYR A 13 24.61 4.75 -18.70
CA TYR A 13 24.09 5.41 -17.52
C TYR A 13 24.42 6.91 -17.50
N PHE A 14 25.60 7.28 -17.99
CA PHE A 14 26.04 8.68 -17.92
C PHE A 14 25.17 9.61 -18.76
N LYS A 15 24.35 9.08 -19.66
CA LYS A 15 23.34 9.88 -20.35
C LYS A 15 21.94 9.59 -19.84
N GLU A 16 21.63 8.33 -19.53
CA GLU A 16 20.29 7.96 -19.10
C GLU A 16 19.90 8.64 -17.79
N GLU A 17 20.79 8.55 -16.80
CA GLU A 17 20.47 9.14 -15.49
C GLU A 17 20.28 10.65 -15.55
N PRO A 18 21.14 11.43 -16.20
CA PRO A 18 20.83 12.87 -16.34
C PRO A 18 19.50 13.13 -17.04
N ILE A 19 19.14 12.29 -18.01
CA ILE A 19 17.86 12.48 -18.69
C ILE A 19 16.70 12.14 -17.76
N ARG A 20 16.83 11.12 -16.93
CA ARG A 20 15.78 10.84 -15.95
C ARG A 20 15.64 11.97 -14.95
N GLU A 21 16.76 12.54 -14.50
CA GLU A 21 16.71 13.69 -13.62
C GLU A 21 16.04 14.88 -14.30
N LEU A 22 16.35 15.09 -15.57
CA LEU A 22 15.72 16.17 -16.32
C LEU A 22 14.22 15.92 -16.47
N HIS A 23 13.83 14.65 -16.63
CA HIS A 23 12.41 14.31 -16.72
C HIS A 23 11.69 14.70 -15.43
N LYS A 24 12.28 14.35 -14.29
CA LYS A 24 11.67 14.70 -13.01
C LYS A 24 11.62 16.22 -12.83
N ALA A 25 12.70 16.91 -13.20
CA ALA A 25 12.76 18.37 -13.01
C ALA A 25 11.78 19.09 -13.92
N LEU A 26 11.61 18.60 -15.15
CA LEU A 26 10.62 19.18 -16.06
C LEU A 26 9.21 18.90 -15.58
N GLU A 27 8.97 17.70 -15.05
CA GLU A 27 7.67 17.39 -14.48
C GLU A 27 7.37 18.31 -13.30
N ALA A 28 8.39 18.68 -12.54
CA ALA A 28 8.20 19.64 -11.45
C ALA A 28 7.80 21.02 -11.95
N LEU A 29 8.08 21.34 -13.21
CA LEU A 29 7.68 22.60 -13.81
C LEU A 29 6.39 22.48 -14.61
N ASP A 30 5.62 21.42 -14.38
CA ASP A 30 4.31 21.20 -15.00
C ASP A 30 4.42 20.92 -16.50
N PHE A 31 5.38 20.10 -16.87
CA PHE A 31 5.56 19.65 -18.25
C PHE A 31 5.09 18.21 -18.38
N GLN A 32 4.49 17.89 -19.51
CA GLN A 32 4.09 16.53 -19.84
C GLN A 32 5.15 15.93 -20.76
N ILE A 33 5.80 14.85 -20.31
CA ILE A 33 6.89 14.24 -21.04
C ILE A 33 6.38 13.03 -21.82
N VAL A 34 6.68 13.00 -23.12
CA VAL A 34 6.34 11.89 -23.98
C VAL A 34 7.64 11.31 -24.55
N TYR A 35 7.59 10.03 -24.91
CA TYR A 35 8.77 9.27 -25.34
C TYR A 35 8.51 8.59 -26.67
N PRO A 36 8.75 9.27 -27.78
CA PRO A 36 8.63 8.61 -29.09
C PRO A 36 9.67 7.51 -29.25
N ASN A 37 9.30 6.47 -30.00
CA ASN A 37 10.16 5.31 -30.14
C ASN A 37 11.29 5.49 -31.15
N ASP A 38 11.14 6.39 -32.12
CA ASP A 38 12.16 6.58 -33.14
C ASP A 38 11.93 7.93 -33.82
N ARG A 39 12.78 8.20 -34.82
CA ARG A 39 12.72 9.49 -35.52
C ARG A 39 11.38 9.67 -36.24
N GLU A 40 10.92 8.63 -36.93
CA GLU A 40 9.65 8.71 -37.65
C GLU A 40 8.47 8.87 -36.68
N ASP A 41 8.53 8.17 -35.54
CA ASP A 41 7.51 8.33 -34.52
C ASP A 41 7.48 9.78 -34.01
N LEU A 42 8.66 10.38 -33.79
CA LEU A 42 8.72 11.77 -33.34
C LEU A 42 8.16 12.72 -34.39
N LEU A 43 8.48 12.50 -35.66
CA LEU A 43 7.96 13.37 -36.72
C LEU A 43 6.44 13.27 -36.81
N LYS A 44 5.89 12.06 -36.75
CA LYS A 44 4.44 11.89 -36.79
C LYS A 44 3.79 12.54 -35.56
N LEU A 45 4.41 12.39 -34.38
CA LEU A 45 3.88 13.01 -33.17
C LEU A 45 3.84 14.53 -33.30
N ILE A 46 4.90 15.12 -33.85
CA ILE A 46 4.91 16.56 -34.06
C ILE A 46 3.81 16.95 -35.05
N ASP A 47 3.66 16.18 -36.12
CA ASP A 47 2.66 16.50 -37.14
C ASP A 47 1.24 16.42 -36.60
N ASN A 48 0.97 15.52 -35.66
CA ASN A 48 -0.40 15.31 -35.20
C ASN A 48 -0.77 16.11 -33.95
N ASN A 49 0.18 16.77 -33.28
CA ASN A 49 -0.11 17.41 -31.99
C ASN A 49 0.57 18.76 -31.94
N ALA A 50 -0.21 19.82 -32.18
CA ALA A 50 0.30 21.18 -32.16
C ALA A 50 0.63 21.67 -30.75
N ARG A 51 0.31 20.91 -29.72
CA ARG A 51 0.63 21.28 -28.35
C ARG A 51 2.04 20.86 -27.93
N LEU A 52 2.78 20.20 -28.83
CA LEU A 52 4.17 19.88 -28.55
C LEU A 52 4.99 21.15 -28.57
N CYS A 53 5.75 21.39 -27.50
CA CYS A 53 6.51 22.61 -27.34
C CYS A 53 8.02 22.39 -27.25
N GLY A 54 8.50 21.17 -27.39
CA GLY A 54 9.93 20.92 -27.32
C GLY A 54 10.37 19.52 -27.66
N VAL A 55 11.56 19.38 -28.23
CA VAL A 55 12.13 18.09 -28.61
C VAL A 55 13.50 17.95 -27.99
N ILE A 56 13.71 16.87 -27.23
CA ILE A 56 14.99 16.57 -26.61
C ILE A 56 15.52 15.29 -27.24
N PHE A 57 16.71 15.38 -27.83
CA PHE A 57 17.32 14.24 -28.49
C PHE A 57 18.83 14.26 -28.25
N ASP A 58 19.44 13.11 -28.49
CA ASP A 58 20.87 12.91 -28.32
C ASP A 58 21.60 13.25 -29.62
N TRP A 59 22.55 14.19 -29.55
CA TRP A 59 23.28 14.61 -30.74
C TRP A 59 24.16 13.48 -31.29
N ASP A 60 24.66 12.61 -30.42
CA ASP A 60 25.48 11.50 -30.88
C ASP A 60 24.68 10.57 -31.79
N THR A 61 23.43 10.28 -31.42
CA THR A 61 22.60 9.36 -32.18
C THR A 61 22.03 10.00 -33.44
N TYR A 62 21.62 11.25 -33.35
CA TYR A 62 20.95 11.92 -34.46
C TYR A 62 21.71 13.19 -34.84
N ASN A 63 21.96 13.33 -36.15
CA ASN A 63 22.58 14.55 -36.66
C ASN A 63 21.59 15.70 -36.58
N LEU A 64 22.03 16.88 -37.01
CA LEU A 64 21.18 18.07 -36.93
C LEU A 64 20.20 18.17 -38.09
N ASP A 65 20.22 17.22 -39.03
CA ASP A 65 19.20 17.18 -40.07
C ASP A 65 17.82 16.82 -39.51
N LEU A 66 17.78 16.16 -38.35
CA LEU A 66 16.52 15.93 -37.67
C LEU A 66 15.87 17.25 -37.27
N CYS A 67 16.69 18.21 -36.82
CA CYS A 67 16.18 19.56 -36.57
C CYS A 67 15.68 20.20 -37.86
N GLU A 68 16.32 19.92 -38.99
CA GLU A 68 15.81 20.43 -40.27
C GLU A 68 14.43 19.87 -40.57
N GLU A 69 14.24 18.57 -40.35
CA GLU A 69 12.93 17.97 -40.57
C GLU A 69 11.90 18.56 -39.61
N ILE A 70 12.30 18.82 -38.36
CA ILE A 70 11.38 19.40 -37.39
C ILE A 70 10.98 20.82 -37.81
N SER A 71 11.96 21.63 -38.22
CA SER A 71 11.67 22.99 -38.62
C SER A 71 10.91 23.06 -39.94
N ALA A 72 10.95 22.00 -40.75
CA ALA A 72 10.12 21.97 -41.95
C ALA A 72 8.64 22.07 -41.61
N MET A 73 8.24 21.59 -40.43
CA MET A 73 6.86 21.69 -39.99
C MET A 73 6.62 22.84 -39.02
N ASN A 74 7.64 23.23 -38.26
CA ASN A 74 7.50 24.28 -37.24
C ASN A 74 8.89 24.88 -37.04
N GLU A 75 9.12 26.06 -37.62
CA GLU A 75 10.43 26.67 -37.57
C GLU A 75 10.74 27.33 -36.23
N HIS A 76 9.73 27.54 -35.38
CA HIS A 76 9.96 28.13 -34.07
C HIS A 76 9.96 27.10 -32.95
N LEU A 77 9.56 25.86 -33.22
CA LEU A 77 9.52 24.79 -32.24
C LEU A 77 10.91 24.57 -31.65
N PRO A 78 11.12 24.84 -30.37
CA PRO A 78 12.45 24.70 -29.79
C PRO A 78 12.91 23.25 -29.75
N VAL A 79 14.18 23.05 -30.04
CA VAL A 79 14.82 21.74 -30.01
C VAL A 79 15.97 21.83 -29.01
N TYR A 80 16.13 20.78 -28.22
CA TYR A 80 17.21 20.71 -27.24
C TYR A 80 18.08 19.52 -27.58
N ALA A 81 19.32 19.79 -27.96
CA ALA A 81 20.28 18.76 -28.34
C ALA A 81 21.32 18.60 -27.24
N PHE A 82 21.54 17.36 -26.82
CA PHE A 82 22.52 17.04 -25.80
C PHE A 82 23.81 16.60 -26.46
N ALA A 83 24.88 17.39 -26.28
CA ALA A 83 26.16 17.15 -26.92
C ALA A 83 27.05 16.30 -26.01
N ASN A 84 27.58 15.21 -26.55
CA ASN A 84 28.58 14.41 -25.85
C ASN A 84 29.90 14.38 -26.60
N THR A 85 29.92 13.90 -27.84
CA THR A 85 31.16 13.83 -28.62
C THR A 85 31.35 15.01 -29.55
N HIS A 86 30.27 15.57 -30.10
CA HIS A 86 30.40 16.72 -30.98
C HIS A 86 30.78 17.97 -30.20
N SER A 87 31.51 18.86 -30.86
CA SER A 87 31.95 20.11 -30.26
C SER A 87 31.51 21.28 -31.13
N THR A 88 32.00 22.48 -30.82
CA THR A 88 31.63 23.66 -31.61
C THR A 88 32.11 23.56 -33.05
N LEU A 89 33.11 22.71 -33.34
CA LEU A 89 33.60 22.53 -34.69
C LEU A 89 32.70 21.64 -35.53
N ASP A 90 31.67 21.04 -34.94
CA ASP A 90 30.80 20.11 -35.64
C ASP A 90 29.47 20.73 -36.06
N VAL A 91 29.35 22.05 -36.00
CA VAL A 91 28.12 22.73 -36.39
C VAL A 91 28.45 23.69 -37.54
N SER A 92 27.57 23.72 -38.53
CA SER A 92 27.71 24.63 -39.67
C SER A 92 26.79 25.83 -39.47
N LEU A 93 26.95 26.80 -40.37
CA LEU A 93 26.11 27.99 -40.32
C LEU A 93 24.64 27.62 -40.50
N ASN A 94 24.35 26.71 -41.44
CA ASN A 94 22.98 26.30 -41.70
C ASN A 94 22.36 25.67 -40.46
N ASP A 95 23.10 24.80 -39.76
CA ASP A 95 22.59 24.23 -38.51
C ASP A 95 22.38 25.33 -37.47
N LEU A 96 23.30 26.29 -37.40
CA LEU A 96 23.17 27.39 -36.45
C LEU A 96 21.94 28.23 -36.74
N ARG A 97 21.43 28.22 -37.97
CA ARG A 97 20.18 28.90 -38.25
C ARG A 97 18.98 28.24 -37.60
N LEU A 98 19.07 26.95 -37.26
CA LEU A 98 17.95 26.25 -36.64
C LEU A 98 17.80 26.66 -35.17
N ASN A 99 16.57 26.55 -34.67
CA ASN A 99 16.26 26.92 -33.29
C ASN A 99 16.61 25.75 -32.36
N VAL A 100 17.91 25.57 -32.16
CA VAL A 100 18.43 24.48 -31.35
C VAL A 100 19.24 25.05 -30.20
N GLU A 101 19.00 24.52 -29.00
CA GLU A 101 19.75 24.87 -27.80
C GLU A 101 20.52 23.64 -27.34
N PHE A 102 21.80 23.82 -27.06
CA PHE A 102 22.69 22.70 -26.74
C PHE A 102 22.90 22.61 -25.22
N PHE A 103 22.81 21.39 -24.70
CA PHE A 103 23.06 21.07 -23.30
C PHE A 103 24.10 19.96 -23.22
N GLU A 104 24.50 19.62 -22.00
CA GLU A 104 25.48 18.57 -21.75
C GLU A 104 24.94 17.59 -20.72
N TYR A 105 25.51 16.39 -20.71
CA TYR A 105 25.13 15.34 -19.77
C TYR A 105 25.93 15.49 -18.49
N ALA A 106 25.23 15.57 -17.36
CA ALA A 106 25.86 15.67 -16.06
C ALA A 106 24.82 15.44 -14.97
N LEU A 107 25.18 14.65 -13.96
CA LEU A 107 24.32 14.47 -12.81
C LEU A 107 24.20 15.78 -12.03
N GLY A 108 23.00 16.05 -11.52
CA GLY A 108 22.76 17.25 -10.75
C GLY A 108 22.61 18.52 -11.55
N ALA A 109 22.58 18.44 -12.88
CA ALA A 109 22.40 19.60 -13.73
C ALA A 109 20.97 19.73 -14.25
N ALA A 110 20.04 18.94 -13.69
CA ALA A 110 18.69 18.88 -14.25
C ALA A 110 17.88 20.14 -13.95
N GLN A 111 18.08 20.75 -12.78
CA GLN A 111 17.29 21.91 -12.42
C GLN A 111 17.62 23.11 -13.31
N ASP A 112 18.91 23.35 -13.56
CA ASP A 112 19.31 24.46 -14.42
C ASP A 112 18.84 24.25 -15.85
N ILE A 113 18.98 23.03 -16.37
CA ILE A 113 18.53 22.75 -17.73
C ILE A 113 17.02 22.88 -17.84
N ALA A 114 16.30 22.43 -16.81
CA ALA A 114 14.84 22.57 -16.81
C ALA A 114 14.43 24.03 -16.78
N GLN A 115 15.15 24.86 -16.03
CA GLN A 115 14.87 26.29 -16.05
C GLN A 115 15.12 26.89 -17.42
N LYS A 116 16.23 26.50 -18.06
CA LYS A 116 16.51 26.99 -19.41
C LYS A 116 15.42 26.56 -20.38
N ILE A 117 14.95 25.33 -20.27
CA ILE A 117 13.90 24.83 -21.15
C ILE A 117 12.59 25.58 -20.89
N ARG A 118 12.32 25.91 -19.63
CA ARG A 118 11.13 26.71 -19.32
C ARG A 118 11.20 28.08 -19.96
N GLN A 119 12.36 28.73 -19.86
CA GLN A 119 12.53 30.05 -20.49
C GLN A 119 12.38 29.94 -22.01
N SER A 120 12.89 28.85 -22.59
CA SER A 120 12.75 28.64 -24.03
C SER A 120 11.30 28.42 -24.44
N THR A 121 10.54 27.68 -23.63
CA THR A 121 9.12 27.47 -23.91
C THR A 121 8.36 28.79 -23.84
N ASP A 122 8.67 29.61 -22.84
CA ASP A 122 8.04 30.93 -22.74
C ASP A 122 8.39 31.80 -23.93
N ALA A 123 9.65 31.75 -24.38
CA ALA A 123 10.06 32.53 -25.53
C ALA A 123 9.34 32.05 -26.80
N TYR A 124 9.17 30.74 -26.95
CA TYR A 124 8.44 30.20 -28.09
C TYR A 124 6.99 30.69 -28.09
N ILE A 125 6.33 30.59 -26.94
CA ILE A 125 4.95 31.04 -26.83
C ILE A 125 4.85 32.53 -27.15
N ASP A 126 5.77 33.33 -26.60
CA ASP A 126 5.78 34.76 -26.87
C ASP A 126 5.99 35.03 -28.36
N GLU A 127 6.87 34.25 -28.99
CA GLU A 127 7.20 34.47 -30.40
C GLU A 127 6.00 34.19 -31.30
N ILE A 128 5.24 33.13 -31.02
CA ILE A 128 4.14 32.80 -31.92
C ILE A 128 2.86 33.58 -31.60
N LEU A 129 2.74 34.14 -30.41
CA LEU A 129 1.53 34.86 -30.07
C LEU A 129 1.51 36.25 -30.72
N PRO A 130 0.36 36.72 -31.15
CA PRO A 130 0.24 38.09 -31.66
C PRO A 130 0.17 39.08 -30.51
N PRO A 131 0.48 40.36 -30.76
CA PRO A 131 0.66 41.30 -29.63
C PRO A 131 -0.59 41.56 -28.79
N LEU A 132 -1.74 41.84 -29.41
CA LEU A 132 -2.93 42.17 -28.64
C LEU A 132 -3.43 40.97 -27.84
N THR A 133 -3.41 39.78 -28.44
CA THR A 133 -3.81 38.58 -27.71
C THR A 133 -2.88 38.33 -26.53
N LYS A 134 -1.58 38.55 -26.72
CA LYS A 134 -0.63 38.43 -25.63
C LYS A 134 -0.93 39.41 -24.51
N ALA A 135 -1.26 40.66 -24.87
CA ALA A 135 -1.61 41.65 -23.85
C ALA A 135 -2.86 41.23 -23.09
N LEU A 136 -3.87 40.72 -23.81
CA LEU A 136 -5.09 40.26 -23.16
C LEU A 136 -4.81 39.13 -22.18
N PHE A 137 -4.00 38.16 -22.60
CA PHE A 137 -3.67 37.04 -21.72
C PHE A 137 -2.90 37.50 -20.50
N ASN A 138 -1.95 38.42 -20.67
CA ASN A 138 -1.19 38.93 -19.53
C ASN A 138 -2.10 39.67 -18.56
N TYR A 139 -3.03 40.48 -19.09
CA TYR A 139 -3.97 41.19 -18.23
C TYR A 139 -4.83 40.21 -17.45
N VAL A 140 -5.28 39.13 -18.08
CA VAL A 140 -6.07 38.12 -17.37
C VAL A 140 -5.23 37.48 -16.27
N LYS A 141 -3.94 37.23 -16.55
CA LYS A 141 -3.07 36.68 -15.52
C LYS A 141 -2.89 37.65 -14.35
N GLU A 142 -3.00 38.95 -14.60
CA GLU A 142 -2.85 39.91 -13.50
C GLU A 142 -3.92 39.73 -12.43
N GLY A 143 -5.15 39.42 -12.84
CA GLY A 143 -6.24 39.19 -11.89
C GLY A 143 -6.68 40.40 -11.10
N LYS A 144 -6.84 41.53 -11.76
CA LYS A 144 -7.23 42.78 -11.11
C LYS A 144 -8.72 42.78 -10.78
N TYR A 145 -9.11 43.75 -9.95
CA TYR A 145 -10.51 43.96 -9.57
C TYR A 145 -11.07 45.12 -10.39
N THR A 146 -12.19 44.88 -11.05
CA THR A 146 -12.81 45.88 -11.91
C THR A 146 -14.07 46.44 -11.25
N PHE A 147 -14.20 47.76 -11.26
CA PHE A 147 -15.42 48.44 -10.88
C PHE A 147 -16.07 49.12 -12.08
N CYS A 148 -15.79 48.60 -13.27
CA CYS A 148 -16.23 49.15 -14.55
C CYS A 148 -17.00 48.10 -15.31
N THR A 149 -17.49 48.48 -16.49
CA THR A 149 -18.14 47.53 -17.38
C THR A 149 -17.10 46.51 -17.85
N PRO A 150 -17.53 45.29 -18.24
CA PRO A 150 -18.90 44.76 -18.40
C PRO A 150 -19.84 44.72 -17.18
N GLY A 151 -19.42 44.55 -15.93
CA GLY A 151 -20.35 44.51 -14.82
C GLY A 151 -20.57 43.14 -14.23
N HIS A 152 -20.36 42.08 -15.01
CA HIS A 152 -20.25 40.77 -14.39
C HIS A 152 -18.94 40.62 -13.64
N MET A 153 -17.99 41.55 -13.86
CA MET A 153 -16.73 41.64 -13.12
C MET A 153 -15.92 40.35 -13.20
N GLY A 154 -15.60 39.96 -14.45
CA GLY A 154 -14.83 38.76 -14.65
C GLY A 154 -15.58 37.48 -14.37
N GLY A 155 -16.90 37.51 -14.39
CA GLY A 155 -17.72 36.35 -14.14
C GLY A 155 -18.20 36.18 -12.72
N THR A 156 -17.89 37.12 -11.82
CA THR A 156 -18.30 36.99 -10.43
C THR A 156 -19.82 36.95 -10.31
N ALA A 157 -20.51 37.83 -11.04
CA ALA A 157 -21.97 37.85 -11.00
C ALA A 157 -22.54 36.52 -11.47
N PHE A 158 -21.90 35.90 -12.47
CA PHE A 158 -22.31 34.58 -12.92
C PHE A 158 -22.13 33.54 -11.82
N GLN A 159 -21.01 33.60 -11.10
CA GLN A 159 -20.78 32.65 -10.02
C GLN A 159 -21.73 32.87 -8.85
N LYS A 160 -22.34 34.04 -8.75
CA LYS A 160 -23.30 34.29 -7.67
C LYS A 160 -24.71 33.79 -7.99
N SER A 161 -24.95 33.22 -9.16
CA SER A 161 -26.28 32.78 -9.57
C SER A 161 -26.23 31.32 -10.02
N PRO A 162 -27.29 30.54 -9.75
CA PRO A 162 -27.28 29.12 -10.15
C PRO A 162 -27.31 28.92 -11.67
N VAL A 163 -28.27 29.55 -12.35
CA VAL A 163 -28.26 29.50 -13.81
C VAL A 163 -27.03 30.21 -14.36
N GLY A 164 -26.62 31.29 -13.72
CA GLY A 164 -25.37 31.94 -14.07
C GLY A 164 -24.16 31.06 -13.83
N SER A 165 -24.21 30.23 -12.78
CA SER A 165 -23.12 29.30 -12.55
C SER A 165 -23.06 28.24 -13.65
N ILE A 166 -24.22 27.78 -14.13
CA ILE A 166 -24.21 26.85 -15.27
C ILE A 166 -23.57 27.52 -16.49
N PHE A 167 -23.97 28.76 -16.76
CA PHE A 167 -23.41 29.51 -17.87
C PHE A 167 -21.90 29.67 -17.73
N TYR A 168 -21.45 30.01 -16.52
CA TYR A 168 -20.04 30.19 -16.23
C TYR A 168 -19.26 28.89 -16.44
N ASP A 169 -19.80 27.78 -15.95
CA ASP A 169 -19.13 26.49 -16.13
C ASP A 169 -19.06 26.10 -17.60
N PHE A 170 -20.09 26.45 -18.38
CA PHE A 170 -20.04 26.16 -19.80
C PHE A 170 -18.96 26.98 -20.50
N PHE A 171 -18.95 28.29 -20.28
CA PHE A 171 -18.04 29.13 -21.04
C PHE A 171 -16.65 29.23 -20.44
N GLY A 172 -16.49 28.97 -19.14
CA GLY A 172 -15.19 28.96 -18.53
C GLY A 172 -14.76 30.33 -17.99
N ALA A 173 -13.81 30.28 -17.05
CA ALA A 173 -13.39 31.50 -16.37
C ALA A 173 -12.63 32.43 -17.29
N ASN A 174 -11.82 31.90 -18.21
CA ASN A 174 -10.99 32.74 -19.06
C ASN A 174 -11.84 33.54 -20.04
N ALA A 175 -12.93 32.97 -20.53
CA ALA A 175 -13.81 33.71 -21.43
C ALA A 175 -14.41 34.92 -20.73
N MET A 176 -14.78 34.76 -19.46
CA MET A 176 -15.39 35.86 -18.72
C MET A 176 -14.36 36.87 -18.23
N LYS A 177 -13.14 36.42 -17.91
CA LYS A 177 -12.11 37.35 -17.45
C LYS A 177 -11.60 38.20 -18.60
N SER A 178 -11.49 37.64 -19.79
CA SER A 178 -11.00 38.40 -20.94
C SER A 178 -12.01 39.42 -21.43
N ASP A 179 -13.27 39.33 -21.01
CA ASP A 179 -14.31 40.28 -21.40
C ASP A 179 -14.12 41.55 -20.59
N ILE A 180 -13.59 42.59 -21.23
CA ILE A 180 -13.26 43.85 -20.57
C ILE A 180 -13.71 45.00 -21.47
N SER A 181 -13.40 46.22 -21.03
CA SER A 181 -13.74 47.44 -21.76
C SER A 181 -12.51 48.34 -21.81
N ILE A 182 -12.69 49.53 -22.38
CA ILE A 182 -11.61 50.50 -22.49
C ILE A 182 -11.23 51.11 -21.15
N SER A 183 -12.00 50.84 -20.09
CA SER A 183 -11.60 51.30 -18.76
C SER A 183 -10.26 50.70 -18.35
N VAL A 184 -9.94 49.51 -18.87
CA VAL A 184 -8.62 48.92 -18.72
C VAL A 184 -7.73 49.58 -19.78
N GLY A 185 -7.03 50.65 -19.39
CA GLY A 185 -6.30 51.45 -20.34
C GLY A 185 -5.08 50.78 -20.93
N GLU A 186 -4.52 49.80 -20.23
CA GLU A 186 -3.30 49.13 -20.73
C GLU A 186 -3.56 48.39 -22.03
N LEU A 187 -4.75 47.82 -22.20
CA LEU A 187 -5.09 47.14 -23.45
C LEU A 187 -5.31 48.11 -24.61
N GLY A 188 -5.45 49.40 -24.33
CA GLY A 188 -5.70 50.36 -25.38
C GLY A 188 -7.16 50.39 -25.79
N SER A 189 -7.41 50.99 -26.94
CA SER A 189 -8.77 51.14 -27.45
C SER A 189 -8.81 50.74 -28.92
N LEU A 190 -9.78 49.89 -29.27
CA LEU A 190 -9.99 49.55 -30.68
C LEU A 190 -10.49 50.77 -31.46
N LEU A 191 -11.39 51.54 -30.87
CA LEU A 191 -11.93 52.72 -31.56
C LEU A 191 -10.84 53.78 -31.75
N ASP A 192 -9.97 53.95 -30.76
CA ASP A 192 -8.91 54.95 -30.86
C ASP A 192 -7.69 54.45 -31.63
N HIS A 193 -7.62 53.15 -31.93
CA HIS A 193 -6.46 52.56 -32.62
C HIS A 193 -5.17 52.84 -31.86
N SER A 194 -5.18 52.52 -30.56
CA SER A 194 -4.08 52.85 -29.67
C SER A 194 -3.64 51.62 -28.89
N GLY A 195 -2.40 51.66 -28.42
CA GLY A 195 -1.82 50.58 -27.65
C GLY A 195 -1.69 49.30 -28.45
N PRO A 196 -1.86 48.16 -27.78
CA PRO A 196 -1.74 46.88 -28.49
C PRO A 196 -2.66 46.78 -29.69
N HIS A 197 -3.87 47.35 -29.58
CA HIS A 197 -4.80 47.36 -30.71
C HIS A 197 -4.11 47.89 -31.96
N LYS A 198 -3.44 49.04 -31.83
CA LYS A 198 -2.72 49.61 -32.98
C LYS A 198 -1.75 48.59 -33.56
N GLU A 199 -0.93 47.99 -32.69
CA GLU A 199 0.01 46.98 -33.18
C GLU A 199 -0.73 45.86 -33.89
N ALA A 200 -1.84 45.41 -33.30
CA ALA A 200 -2.63 44.35 -33.92
C ALA A 200 -2.95 44.72 -35.37
N GLU A 201 -3.46 45.93 -35.59
CA GLU A 201 -3.79 46.34 -36.94
C GLU A 201 -2.59 46.20 -37.86
N GLU A 202 -1.45 46.75 -37.45
CA GLU A 202 -0.26 46.66 -38.27
C GLU A 202 0.10 45.20 -38.51
N TYR A 203 0.05 44.39 -37.45
CA TYR A 203 0.31 42.96 -37.59
C TYR A 203 -0.60 42.37 -38.66
N ILE A 204 -1.90 42.65 -38.56
CA ILE A 204 -2.84 42.10 -39.54
C ILE A 204 -2.50 42.63 -40.93
N ALA A 205 -2.18 43.92 -41.03
CA ALA A 205 -1.89 44.49 -42.33
C ALA A 205 -0.68 43.83 -42.97
N ARG A 206 0.27 43.37 -42.16
CA ARG A 206 1.43 42.69 -42.74
C ARG A 206 1.11 41.25 -43.13
N THR A 207 0.18 40.62 -42.43
CA THR A 207 -0.11 39.22 -42.72
C THR A 207 -0.97 39.06 -43.96
N PHE A 208 -1.82 40.04 -44.27
CA PHE A 208 -2.80 39.91 -45.34
C PHE A 208 -2.43 40.72 -46.58
N ASN A 209 -1.21 41.24 -46.66
CA ASN A 209 -0.75 42.03 -47.80
C ASN A 209 -1.65 43.25 -48.02
N ALA A 210 -1.90 43.97 -46.95
CA ALA A 210 -2.71 45.19 -46.98
C ALA A 210 -1.87 46.38 -46.58
N GLU A 211 -2.18 47.53 -47.17
CA GLU A 211 -1.56 48.78 -46.72
C GLU A 211 -2.11 49.18 -45.35
N ARG A 212 -3.43 49.11 -45.20
CA ARG A 212 -4.07 49.41 -43.92
C ARG A 212 -5.10 48.34 -43.59
N SER A 213 -5.26 48.05 -42.31
CA SER A 213 -6.20 47.02 -41.87
C SER A 213 -7.04 47.52 -40.70
N TYR A 214 -8.34 47.23 -40.76
CA TYR A 214 -9.28 47.56 -39.70
C TYR A 214 -10.02 46.31 -39.27
N MET A 215 -10.23 46.16 -37.97
CA MET A 215 -10.93 45.01 -37.42
C MET A 215 -12.36 45.41 -37.06
N VAL A 216 -13.33 44.66 -37.57
CA VAL A 216 -14.75 44.93 -37.38
C VAL A 216 -15.31 43.81 -36.52
N THR A 217 -16.09 44.17 -35.50
CA THR A 217 -16.68 43.18 -34.60
C THR A 217 -18.15 42.91 -34.90
N ASN A 218 -18.66 43.39 -36.03
CA ASN A 218 -20.06 43.18 -36.36
C ASN A 218 -20.21 42.58 -37.76
N GLY A 219 -19.21 41.83 -38.21
CA GLY A 219 -19.31 41.08 -39.44
C GLY A 219 -19.02 41.90 -40.69
N THR A 220 -18.96 41.16 -41.80
CA THR A 220 -18.74 41.77 -43.10
C THR A 220 -19.91 42.63 -43.53
N SER A 221 -21.11 42.42 -42.97
CA SER A 221 -22.20 43.36 -43.23
C SER A 221 -21.81 44.77 -42.80
N THR A 222 -21.33 44.89 -41.57
CA THR A 222 -20.90 46.19 -41.05
C THR A 222 -19.65 46.68 -41.78
N ALA A 223 -18.72 45.77 -42.11
CA ALA A 223 -17.54 46.18 -42.86
C ALA A 223 -17.92 46.76 -44.22
N ASN A 224 -18.85 46.10 -44.92
CA ASN A 224 -19.32 46.60 -46.21
C ASN A 224 -20.00 47.95 -46.06
N LYS A 225 -20.81 48.11 -45.02
CA LYS A 225 -21.46 49.40 -44.81
C LYS A 225 -20.44 50.49 -44.56
N ILE A 226 -19.40 50.19 -43.78
CA ILE A 226 -18.37 51.18 -43.50
C ILE A 226 -17.65 51.60 -44.78
N VAL A 227 -17.24 50.61 -45.58
CA VAL A 227 -16.52 50.91 -46.83
C VAL A 227 -17.41 51.72 -47.76
N GLY A 228 -18.66 51.28 -47.94
CA GLY A 228 -19.56 51.99 -48.83
C GLY A 228 -19.86 53.40 -48.38
N MET A 229 -20.05 53.60 -47.07
CA MET A 229 -20.35 54.93 -46.57
C MET A 229 -19.17 55.86 -46.73
N TYR A 230 -17.94 55.37 -46.49
CA TYR A 230 -16.79 56.23 -46.73
C TYR A 230 -16.63 56.53 -48.21
N SER A 231 -16.93 55.57 -49.08
CA SER A 231 -16.65 55.71 -50.50
C SER A 231 -17.78 56.36 -51.30
N ALA A 232 -19.00 56.39 -50.77
CA ALA A 232 -20.16 56.85 -51.53
C ALA A 232 -20.94 57.91 -50.76
N PRO A 233 -20.63 59.19 -50.98
CA PRO A 233 -21.42 60.24 -50.35
C PRO A 233 -22.84 60.27 -50.90
N ALA A 234 -23.73 60.90 -50.14
CA ALA A 234 -25.12 61.01 -50.54
C ALA A 234 -25.23 61.73 -51.87
N GLY A 235 -26.00 61.15 -52.80
CA GLY A 235 -26.15 61.70 -54.13
C GLY A 235 -25.19 61.16 -55.16
N SER A 236 -24.40 60.14 -54.82
CA SER A 236 -23.42 59.58 -55.74
C SER A 236 -23.95 58.28 -56.36
N THR A 237 -23.37 57.93 -57.51
CA THR A 237 -23.71 56.70 -58.21
C THR A 237 -22.67 55.64 -57.88
N VAL A 238 -23.15 54.42 -57.64
CA VAL A 238 -22.28 53.29 -57.29
C VAL A 238 -22.60 52.12 -58.20
N LEU A 239 -21.56 51.51 -58.76
CA LEU A 239 -21.71 50.24 -59.45
C LEU A 239 -21.83 49.13 -58.41
N ILE A 240 -22.87 48.32 -58.51
CA ILE A 240 -23.16 47.28 -57.53
C ILE A 240 -23.32 45.95 -58.25
N ASP A 241 -22.60 44.93 -57.76
CA ASP A 241 -22.86 43.58 -58.23
C ASP A 241 -24.29 43.19 -57.90
N ARG A 242 -25.01 42.65 -58.90
CA ARG A 242 -26.35 42.17 -58.61
C ARG A 242 -26.30 40.96 -57.70
N ASN A 243 -25.20 40.21 -57.73
CA ASN A 243 -24.93 39.15 -56.76
C ASN A 243 -24.32 39.76 -55.51
N CYS A 244 -24.97 40.76 -54.93
CA CYS A 244 -24.50 41.40 -53.72
C CYS A 244 -25.22 40.85 -52.50
N HIS A 245 -24.53 40.87 -51.37
CA HIS A 245 -25.15 40.48 -50.13
C HIS A 245 -26.17 41.54 -49.71
N LYS A 246 -27.10 41.14 -48.85
CA LYS A 246 -28.16 42.05 -48.41
C LYS A 246 -27.61 43.26 -47.68
N SER A 247 -26.35 43.20 -47.21
CA SER A 247 -25.76 44.35 -46.54
C SER A 247 -25.58 45.54 -47.48
N LEU A 248 -25.21 45.28 -48.73
CA LEU A 248 -25.12 46.37 -49.71
C LEU A 248 -26.49 46.99 -49.95
N THR A 249 -27.53 46.16 -50.00
CA THR A 249 -28.88 46.67 -50.10
C THR A 249 -29.25 47.52 -48.90
N HIS A 250 -28.86 47.09 -47.70
CA HIS A 250 -29.12 47.89 -46.51
C HIS A 250 -28.40 49.22 -46.56
N LEU A 251 -27.16 49.22 -47.07
CA LEU A 251 -26.43 50.47 -47.22
C LEU A 251 -27.13 51.40 -48.19
N MET A 252 -27.66 50.85 -49.28
CA MET A 252 -28.40 51.68 -50.23
C MET A 252 -29.71 52.18 -49.64
N MET A 253 -30.35 51.40 -48.77
CA MET A 253 -31.52 51.86 -48.04
C MET A 253 -31.18 52.89 -46.97
N MET A 254 -29.91 52.95 -46.56
CA MET A 254 -29.45 53.89 -45.55
C MET A 254 -28.98 55.21 -46.15
N SER A 255 -28.28 55.15 -47.27
CA SER A 255 -27.70 56.33 -47.91
C SER A 255 -28.36 56.55 -49.27
N ASP A 256 -28.60 57.82 -49.60
CA ASP A 256 -29.20 58.19 -50.88
C ASP A 256 -28.13 58.09 -51.96
N ILE A 257 -27.92 56.87 -52.43
CA ILE A 257 -26.97 56.58 -53.50
C ILE A 257 -27.71 55.88 -54.63
N THR A 258 -27.36 56.23 -55.86
CA THR A 258 -28.02 55.66 -57.03
C THR A 258 -27.24 54.46 -57.51
N PRO A 259 -27.85 53.27 -57.57
CA PRO A 259 -27.12 52.09 -58.03
C PRO A 259 -27.28 51.81 -59.52
N ILE A 260 -26.17 51.34 -60.10
CA ILE A 260 -26.15 50.78 -61.45
C ILE A 260 -25.65 49.35 -61.31
N TYR A 261 -26.46 48.39 -61.74
CA TYR A 261 -26.23 47.00 -61.39
C TYR A 261 -25.44 46.26 -62.46
N PHE A 262 -24.35 45.62 -62.05
CA PHE A 262 -23.70 44.63 -62.88
C PHE A 262 -24.62 43.43 -63.05
N ARG A 263 -24.47 42.74 -64.18
CA ARG A 263 -25.34 41.60 -64.46
C ARG A 263 -24.52 40.31 -64.49
N PRO A 264 -24.53 39.52 -63.42
CA PRO A 264 -23.83 38.24 -63.44
C PRO A 264 -24.64 37.18 -64.18
N THR A 265 -23.97 36.08 -64.50
CA THR A 265 -24.58 34.98 -65.21
C THR A 265 -25.02 33.90 -64.22
N ARG A 266 -25.62 32.84 -64.75
CA ARG A 266 -26.05 31.71 -63.93
C ARG A 266 -26.21 30.50 -64.84
N ASN A 267 -26.29 29.32 -64.21
CA ASN A 267 -26.45 28.06 -64.92
C ASN A 267 -27.78 27.42 -64.55
N ALA A 268 -28.02 26.22 -65.11
CA ALA A 268 -29.28 25.52 -64.87
C ALA A 268 -29.46 25.18 -63.39
N TYR A 269 -28.36 24.86 -62.70
CA TYR A 269 -28.42 24.54 -61.28
C TYR A 269 -28.76 25.74 -60.42
N GLY A 270 -28.74 26.95 -60.97
CA GLY A 270 -28.92 28.15 -60.18
C GLY A 270 -27.65 28.66 -59.54
N ILE A 271 -26.50 28.08 -59.85
CA ILE A 271 -25.23 28.57 -59.33
C ILE A 271 -24.92 29.91 -59.99
N LEU A 272 -24.67 30.93 -59.17
CA LEU A 272 -24.42 32.26 -59.68
C LEU A 272 -23.07 32.32 -60.37
N GLY A 273 -23.06 32.75 -61.62
CA GLY A 273 -21.82 32.91 -62.35
C GLY A 273 -21.23 34.29 -62.20
N GLY A 274 -20.03 34.46 -62.76
CA GLY A 274 -19.35 35.72 -62.68
C GLY A 274 -19.93 36.77 -63.61
N ILE A 275 -19.52 38.01 -63.35
CA ILE A 275 -19.92 39.13 -64.21
C ILE A 275 -19.07 39.11 -65.46
N PRO A 276 -19.67 39.11 -66.65
CA PRO A 276 -18.87 39.12 -67.89
C PRO A 276 -18.03 40.39 -68.01
N LYS A 277 -16.92 40.28 -68.74
CA LYS A 277 -15.98 41.38 -68.85
C LYS A 277 -16.60 42.61 -69.49
N SER A 278 -17.56 42.43 -70.40
CA SER A 278 -18.18 43.57 -71.07
C SER A 278 -18.83 44.53 -70.08
N GLU A 279 -19.38 44.01 -68.98
CA GLU A 279 -20.01 44.87 -67.99
C GLU A 279 -19.02 45.80 -67.31
N PHE A 280 -17.73 45.46 -67.34
CA PHE A 280 -16.70 46.32 -66.73
C PHE A 280 -16.18 47.37 -67.69
N GLN A 281 -16.56 47.32 -68.96
CA GLN A 281 -16.03 48.26 -69.95
C GLN A 281 -16.59 49.66 -69.73
N HIS A 282 -15.79 50.67 -70.09
CA HIS A 282 -16.18 52.05 -69.87
C HIS A 282 -17.43 52.42 -70.67
N ASP A 283 -17.53 51.92 -71.91
CA ASP A 283 -18.68 52.26 -72.74
C ASP A 283 -19.97 51.70 -72.17
N THR A 284 -19.95 50.46 -71.66
CA THR A 284 -21.14 49.88 -71.06
C THR A 284 -21.60 50.69 -69.86
N ILE A 285 -20.66 51.06 -68.99
CA ILE A 285 -21.01 51.84 -67.80
C ILE A 285 -21.55 53.21 -68.20
N ALA A 286 -20.93 53.85 -69.20
CA ALA A 286 -21.39 55.15 -69.65
C ALA A 286 -22.81 55.06 -70.20
N GLU A 287 -23.11 54.01 -70.97
CA GLU A 287 -24.46 53.83 -71.48
C GLU A 287 -25.45 53.65 -70.34
N ARG A 288 -25.08 52.85 -69.33
CA ARG A 288 -25.97 52.65 -68.18
C ARG A 288 -26.19 53.96 -67.42
N VAL A 289 -25.15 54.79 -67.29
CA VAL A 289 -25.31 56.09 -66.65
C VAL A 289 -26.26 56.96 -67.44
N ALA A 290 -26.11 56.97 -68.76
CA ALA A 290 -27.01 57.76 -69.60
C ALA A 290 -28.46 57.31 -69.46
N GLN A 291 -28.68 56.00 -69.38
CA GLN A 291 -30.04 55.49 -69.26
C GLN A 291 -30.61 55.69 -67.86
N THR A 292 -29.76 55.71 -66.85
CA THR A 292 -30.24 55.79 -65.46
C THR A 292 -30.49 57.24 -65.07
N PRO A 293 -31.69 57.60 -64.64
CA PRO A 293 -31.95 58.99 -64.24
C PRO A 293 -31.29 59.32 -62.90
N ASN A 294 -30.86 60.57 -62.78
CA ASN A 294 -30.16 61.07 -61.59
C ASN A 294 -28.90 60.27 -61.31
N ALA A 295 -28.23 59.79 -62.36
CA ALA A 295 -27.01 59.01 -62.23
C ALA A 295 -25.87 59.74 -62.93
N THR A 296 -24.76 59.87 -62.22
CA THR A 296 -23.52 60.41 -62.75
C THR A 296 -22.54 59.27 -62.92
N TRP A 297 -21.30 59.60 -63.27
CA TRP A 297 -20.29 58.56 -63.37
C TRP A 297 -20.03 57.96 -61.99
N PRO A 298 -20.06 56.64 -61.85
CA PRO A 298 -19.95 56.04 -60.52
C PRO A 298 -18.61 56.35 -59.85
N VAL A 299 -18.69 56.65 -58.55
CA VAL A 299 -17.51 56.92 -57.75
C VAL A 299 -17.06 55.72 -56.93
N HIS A 300 -17.88 54.67 -56.88
CA HIS A 300 -17.58 53.46 -56.12
C HIS A 300 -18.08 52.26 -56.92
N ALA A 301 -17.44 51.13 -56.70
CA ALA A 301 -17.83 49.88 -57.36
C ALA A 301 -17.64 48.73 -56.39
N VAL A 302 -18.65 47.87 -56.28
CA VAL A 302 -18.64 46.73 -55.36
C VAL A 302 -18.82 45.47 -56.18
N VAL A 303 -17.88 44.53 -56.02
CA VAL A 303 -17.90 43.24 -56.70
C VAL A 303 -17.80 42.14 -55.65
N THR A 304 -18.62 41.11 -55.80
CA THR A 304 -18.59 39.96 -54.90
C THR A 304 -17.56 38.96 -55.42
N ASN A 305 -16.45 38.84 -54.71
CA ASN A 305 -15.35 37.97 -55.11
C ASN A 305 -14.79 37.29 -53.87
N SER A 306 -14.96 35.99 -53.77
CA SER A 306 -15.62 35.19 -54.79
C SER A 306 -17.12 35.11 -54.58
N THR A 307 -17.78 34.26 -55.36
CA THR A 307 -19.20 34.00 -55.18
C THR A 307 -19.38 32.95 -54.09
N TYR A 308 -20.66 32.73 -53.72
CA TYR A 308 -20.98 31.75 -52.70
C TYR A 308 -20.49 30.36 -53.11
N ASP A 309 -20.66 30.00 -54.38
CA ASP A 309 -20.28 28.69 -54.86
C ASP A 309 -18.79 28.57 -55.15
N GLY A 310 -18.02 29.65 -55.02
CA GLY A 310 -16.58 29.58 -55.14
C GLY A 310 -16.00 29.95 -56.49
N LEU A 311 -16.54 30.98 -57.12
CA LEU A 311 -16.04 31.46 -58.41
C LEU A 311 -15.29 32.77 -58.19
N LEU A 312 -13.97 32.73 -58.34
CA LEU A 312 -13.12 33.91 -58.20
C LEU A 312 -12.89 34.58 -59.55
N TYR A 313 -12.71 35.89 -59.51
CA TYR A 313 -12.43 36.69 -60.70
C TYR A 313 -10.93 36.84 -60.89
N ASN A 314 -10.54 37.08 -62.14
CA ASN A 314 -9.21 37.58 -62.43
C ASN A 314 -9.20 39.06 -62.04
N THR A 315 -8.72 39.35 -60.84
CA THR A 315 -8.84 40.70 -60.29
C THR A 315 -7.94 41.71 -60.98
N ASP A 316 -6.84 41.25 -61.60
CA ASP A 316 -5.98 42.19 -62.33
C ASP A 316 -6.75 42.85 -63.47
N TYR A 317 -7.55 42.07 -64.20
CA TYR A 317 -8.33 42.63 -65.29
C TYR A 317 -9.34 43.66 -64.79
N ILE A 318 -10.01 43.36 -63.68
CA ILE A 318 -10.99 44.30 -63.13
C ILE A 318 -10.30 45.58 -62.68
N LYS A 319 -9.18 45.45 -61.98
CA LYS A 319 -8.46 46.63 -61.50
C LYS A 319 -7.98 47.48 -62.67
N GLU A 320 -7.57 46.86 -63.77
CA GLU A 320 -7.11 47.62 -64.92
C GLU A 320 -8.26 48.26 -65.69
N ALA A 321 -9.37 47.54 -65.87
CA ALA A 321 -10.41 47.97 -66.81
C ALA A 321 -11.51 48.79 -66.16
N LEU A 322 -11.78 48.60 -64.87
CA LEU A 322 -12.89 49.29 -64.21
C LEU A 322 -12.48 50.73 -63.93
N ASP A 323 -13.01 51.66 -64.72
CA ASP A 323 -12.66 53.08 -64.61
C ASP A 323 -13.43 53.75 -63.47
N VAL A 324 -13.18 53.25 -62.26
CA VAL A 324 -13.78 53.77 -61.04
C VAL A 324 -12.67 53.99 -60.03
N LYS A 325 -12.68 55.15 -59.38
CA LYS A 325 -11.60 55.48 -58.45
C LYS A 325 -11.62 54.63 -57.19
N SER A 326 -12.75 54.01 -56.85
CA SER A 326 -12.90 53.21 -55.64
C SER A 326 -13.47 51.85 -56.01
N ILE A 327 -12.69 50.79 -55.82
CA ILE A 327 -13.13 49.43 -56.12
C ILE A 327 -13.08 48.62 -54.84
N HIS A 328 -14.22 48.08 -54.43
CA HIS A 328 -14.35 47.29 -53.21
C HIS A 328 -14.75 45.88 -53.56
N PHE A 329 -13.92 44.91 -53.16
CA PHE A 329 -14.20 43.50 -53.34
C PHE A 329 -14.75 42.95 -52.02
N ASP A 330 -15.99 42.49 -52.06
CA ASP A 330 -16.62 41.82 -50.93
C ASP A 330 -16.10 40.39 -50.91
N SER A 331 -15.07 40.15 -50.12
CA SER A 331 -14.36 38.87 -50.09
C SER A 331 -14.68 38.09 -48.82
N ALA A 332 -15.93 38.17 -48.37
CA ALA A 332 -16.34 37.49 -47.15
C ALA A 332 -15.99 36.00 -47.19
N TRP A 333 -16.11 35.39 -48.37
CA TRP A 333 -15.90 33.95 -48.51
C TRP A 333 -14.46 33.56 -48.80
N VAL A 334 -13.57 34.50 -49.05
CA VAL A 334 -12.18 34.14 -49.37
C VAL A 334 -11.20 34.96 -48.55
N PRO A 335 -11.12 34.76 -47.23
CA PRO A 335 -10.11 35.46 -46.43
C PRO A 335 -8.75 34.79 -46.44
N TYR A 336 -8.60 33.62 -47.05
CA TYR A 336 -7.34 32.90 -47.05
C TYR A 336 -6.46 33.23 -48.25
N THR A 337 -6.93 34.07 -49.17
CA THR A 337 -6.05 34.54 -50.23
C THR A 337 -4.89 35.30 -49.60
N ASN A 338 -3.75 35.31 -50.30
CA ASN A 338 -2.44 35.77 -49.87
C ASN A 338 -1.73 34.69 -49.05
N PHE A 339 -2.38 33.58 -48.71
CA PHE A 339 -1.76 32.51 -47.96
C PHE A 339 -1.50 31.26 -48.80
N SER A 340 -1.93 31.26 -50.07
CA SER A 340 -1.62 30.20 -51.00
C SER A 340 -1.35 30.82 -52.36
N PRO A 341 -0.31 30.35 -53.07
CA PRO A 341 0.01 30.94 -54.38
C PRO A 341 -1.04 30.67 -55.45
N ILE A 342 -1.94 29.71 -55.26
CA ILE A 342 -2.95 29.42 -56.27
C ILE A 342 -3.95 30.57 -56.42
N TYR A 343 -4.00 31.49 -55.46
CA TYR A 343 -4.92 32.62 -55.51
C TYR A 343 -4.26 33.89 -56.01
N LYS A 344 -3.05 33.81 -56.55
CA LYS A 344 -2.36 34.98 -57.05
C LYS A 344 -3.16 35.60 -58.19
N GLY A 345 -3.38 36.91 -58.11
CA GLY A 345 -4.17 37.59 -59.10
C GLY A 345 -5.66 37.35 -59.01
N LEU A 346 -6.13 36.73 -57.93
CA LEU A 346 -7.54 36.38 -57.77
C LEU A 346 -8.15 37.02 -56.53
N CYS A 347 -7.59 38.15 -56.09
CA CYS A 347 -8.12 38.85 -54.93
C CYS A 347 -7.77 40.33 -55.05
N GLY A 348 -8.48 41.14 -54.26
CA GLY A 348 -8.28 42.58 -54.31
C GLY A 348 -6.91 43.02 -53.83
N MET A 349 -6.38 42.36 -52.80
CA MET A 349 -5.08 42.73 -52.26
C MET A 349 -3.92 42.17 -53.07
N SER A 350 -4.19 41.37 -54.08
CA SER A 350 -3.12 40.79 -54.89
C SER A 350 -2.40 41.88 -55.68
N GLY A 351 -1.08 41.83 -55.65
CA GLY A 351 -0.27 42.80 -56.38
C GLY A 351 0.03 44.04 -55.57
N GLY A 352 0.10 45.19 -56.25
CA GLY A 352 0.41 46.43 -55.58
C GLY A 352 -0.61 47.53 -55.78
N ARG A 353 -0.19 48.77 -55.55
CA ARG A 353 -1.08 49.92 -55.69
C ARG A 353 -1.52 50.10 -57.14
N VAL A 354 -2.80 50.42 -57.32
CA VAL A 354 -3.32 50.83 -58.61
C VAL A 354 -3.32 52.35 -58.63
N GLU A 355 -2.64 52.93 -59.62
CA GLU A 355 -2.51 54.37 -59.70
C GLU A 355 -3.88 55.04 -59.83
N GLY A 356 -4.10 56.05 -59.00
CA GLY A 356 -5.35 56.79 -59.03
C GLY A 356 -6.56 56.01 -58.57
N LYS A 357 -6.36 54.92 -57.84
CA LYS A 357 -7.45 54.08 -57.39
C LYS A 357 -7.18 53.61 -55.97
N VAL A 358 -8.26 53.29 -55.27
CA VAL A 358 -8.19 52.65 -53.96
C VAL A 358 -8.95 51.33 -54.06
N ILE A 359 -8.35 50.28 -53.50
CA ILE A 359 -8.92 48.95 -53.51
C ILE A 359 -9.21 48.53 -52.08
N TYR A 360 -10.44 48.11 -51.84
CA TYR A 360 -10.87 47.59 -50.55
C TYR A 360 -11.14 46.10 -50.65
N GLU A 361 -10.85 45.39 -49.58
CA GLU A 361 -11.23 43.99 -49.44
C GLU A 361 -11.96 43.85 -48.11
N THR A 362 -13.16 43.28 -48.16
CA THR A 362 -13.89 42.98 -46.93
C THR A 362 -13.90 41.47 -46.74
N GLN A 363 -13.26 41.01 -45.67
CA GLN A 363 -13.08 39.58 -45.43
C GLN A 363 -13.79 39.17 -44.14
N SER A 364 -14.59 38.11 -44.25
CA SER A 364 -15.18 37.49 -43.06
C SER A 364 -14.15 36.53 -42.49
N THR A 365 -13.39 37.01 -41.50
CA THR A 365 -12.37 36.18 -40.87
C THR A 365 -13.00 34.97 -40.20
N HIS A 366 -14.25 35.10 -39.74
CA HIS A 366 -14.97 34.04 -39.06
C HIS A 366 -15.66 33.08 -40.01
N LYS A 367 -15.50 33.24 -41.33
CA LYS A 367 -16.22 32.40 -42.28
C LYS A 367 -15.38 31.25 -42.81
N LEU A 368 -14.14 31.50 -43.21
CA LEU A 368 -13.28 30.46 -43.75
C LEU A 368 -11.92 30.38 -43.07
N LEU A 369 -11.62 31.28 -42.15
CA LEU A 369 -10.46 31.18 -41.28
C LEU A 369 -10.96 30.84 -39.88
N ALA A 370 -10.05 30.82 -38.90
CA ALA A 370 -10.39 30.46 -37.53
C ALA A 370 -10.58 31.72 -36.71
N ALA A 371 -11.83 32.15 -36.56
CA ALA A 371 -12.15 33.33 -35.76
C ALA A 371 -13.59 33.22 -35.27
N PHE A 372 -13.86 33.90 -34.17
CA PHE A 372 -15.21 33.93 -33.61
C PHE A 372 -16.15 34.66 -34.57
N SER A 373 -17.42 34.24 -34.56
CA SER A 373 -18.43 34.86 -35.40
C SER A 373 -18.48 36.37 -35.16
N GLN A 374 -18.79 37.10 -36.23
CA GLN A 374 -18.85 38.56 -36.35
C GLN A 374 -17.46 39.18 -36.52
N ALA A 375 -16.38 38.39 -36.56
CA ALA A 375 -15.05 38.94 -36.75
C ALA A 375 -14.80 39.20 -38.24
N SER A 376 -14.50 40.44 -38.59
CA SER A 376 -14.31 40.82 -39.98
C SER A 376 -13.09 41.72 -40.11
N MET A 377 -12.56 41.81 -41.32
CA MET A 377 -11.42 42.65 -41.63
C MET A 377 -11.73 43.53 -42.83
N ILE A 378 -11.26 44.76 -42.77
CA ILE A 378 -11.25 45.67 -43.91
C ILE A 378 -9.79 45.91 -44.28
N HIS A 379 -9.44 45.58 -45.52
CA HIS A 379 -8.08 45.78 -46.03
C HIS A 379 -8.11 46.87 -47.08
N VAL A 380 -7.20 47.83 -46.97
CA VAL A 380 -7.15 48.99 -47.83
C VAL A 380 -5.80 49.04 -48.52
N LYS A 381 -5.83 49.21 -49.84
CA LYS A 381 -4.63 49.43 -50.64
C LYS A 381 -4.86 50.69 -51.48
N GLY A 382 -4.14 51.75 -51.17
CA GLY A 382 -4.29 53.01 -51.84
C GLY A 382 -4.41 54.14 -50.85
N ASP A 383 -4.77 55.32 -51.35
CA ASP A 383 -4.83 56.53 -50.55
C ASP A 383 -6.24 56.76 -50.02
N ILE A 384 -6.35 56.95 -48.71
CA ILE A 384 -7.61 57.28 -48.06
C ILE A 384 -7.36 58.43 -47.09
N ASN A 385 -8.42 59.16 -46.79
CA ASN A 385 -8.39 60.15 -45.73
C ASN A 385 -8.62 59.41 -44.41
N GLU A 386 -7.56 59.22 -43.64
CA GLU A 386 -7.63 58.36 -42.46
C GLU A 386 -8.62 58.88 -41.42
N GLU A 387 -8.74 60.18 -41.29
CA GLU A 387 -9.67 60.74 -40.31
C GLU A 387 -11.12 60.52 -40.73
N THR A 388 -11.43 60.81 -41.99
CA THR A 388 -12.79 60.59 -42.50
C THR A 388 -13.16 59.11 -42.47
N PHE A 389 -12.24 58.25 -42.91
CA PHE A 389 -12.49 56.83 -42.83
C PHE A 389 -12.65 56.36 -41.39
N ASN A 390 -11.90 56.97 -40.48
CA ASN A 390 -12.02 56.60 -39.07
C ASN A 390 -13.38 57.02 -38.51
N GLU A 391 -13.90 58.17 -38.94
CA GLU A 391 -15.25 58.57 -38.55
C GLU A 391 -16.28 57.58 -39.09
N ALA A 392 -16.14 57.19 -40.36
CA ALA A 392 -17.06 56.23 -40.94
C ALA A 392 -16.98 54.88 -40.21
N TYR A 393 -15.77 54.48 -39.82
CA TYR A 393 -15.57 53.26 -39.06
C TYR A 393 -16.24 53.34 -37.69
N MET A 394 -16.10 54.48 -37.00
CA MET A 394 -16.70 54.62 -35.68
C MET A 394 -18.22 54.63 -35.73
N MET A 395 -18.78 55.17 -36.81
CA MET A 395 -20.24 55.27 -36.91
C MET A 395 -20.93 53.91 -36.84
N HIS A 396 -20.23 52.83 -37.18
CA HIS A 396 -20.83 51.50 -37.16
C HIS A 396 -20.22 50.56 -36.14
N THR A 397 -19.14 50.94 -35.47
CA THR A 397 -18.48 50.10 -34.47
C THR A 397 -18.92 50.50 -33.07
N SER A 398 -19.33 49.51 -32.28
CA SER A 398 -19.80 49.77 -30.93
C SER A 398 -18.66 50.23 -30.02
N THR A 399 -19.02 51.07 -29.04
CA THR A 399 -18.03 51.58 -28.10
C THR A 399 -17.58 50.54 -27.08
N SER A 400 -18.20 49.37 -27.07
CA SER A 400 -17.82 48.29 -26.14
C SER A 400 -17.58 47.02 -26.95
N PRO A 401 -16.51 47.00 -27.76
CA PRO A 401 -16.26 45.83 -28.59
C PRO A 401 -15.99 44.60 -27.76
N HIS A 402 -16.43 43.46 -28.27
CA HIS A 402 -16.14 42.17 -27.65
C HIS A 402 -14.66 41.88 -27.84
N TYR A 403 -13.89 41.89 -26.73
CA TYR A 403 -12.46 41.69 -26.82
C TYR A 403 -12.11 40.28 -27.27
N GLY A 404 -12.97 39.31 -26.96
CA GLY A 404 -12.75 37.95 -27.45
C GLY A 404 -12.78 37.86 -28.96
N ILE A 405 -13.72 38.57 -29.59
CA ILE A 405 -13.78 38.59 -31.05
C ILE A 405 -12.55 39.27 -31.64
N VAL A 406 -12.12 40.39 -31.03
CA VAL A 406 -10.94 41.12 -31.50
C VAL A 406 -9.69 40.23 -31.39
N ALA A 407 -9.54 39.54 -30.27
CA ALA A 407 -8.42 38.64 -30.09
C ALA A 407 -8.50 37.45 -31.05
N SER A 408 -9.71 36.98 -31.36
CA SER A 408 -9.85 35.90 -32.32
C SER A 408 -9.42 36.35 -33.71
N THR A 409 -9.71 37.61 -34.05
CA THR A 409 -9.24 38.17 -35.32
C THR A 409 -7.72 38.19 -35.38
N GLU A 410 -7.09 38.71 -34.32
CA GLU A 410 -5.63 38.76 -34.30
C GLU A 410 -5.03 37.36 -34.32
N THR A 411 -5.63 36.41 -33.59
CA THR A 411 -5.14 35.04 -33.58
C THR A 411 -5.32 34.36 -34.93
N ALA A 412 -6.39 34.70 -35.65
CA ALA A 412 -6.55 34.20 -37.02
C ALA A 412 -5.44 34.72 -37.91
N ALA A 413 -5.03 35.97 -37.72
CA ALA A 413 -3.88 36.48 -38.47
C ALA A 413 -2.60 35.73 -38.09
N ALA A 414 -2.43 35.44 -36.80
CA ALA A 414 -1.20 34.77 -36.35
C ALA A 414 -1.15 33.31 -36.79
N MET A 415 -2.30 32.66 -36.96
CA MET A 415 -2.33 31.26 -37.35
C MET A 415 -1.82 31.03 -38.77
N MET A 416 -1.80 32.07 -39.60
CA MET A 416 -1.29 31.95 -40.96
C MET A 416 0.22 32.10 -41.06
N LYS A 417 0.88 32.55 -39.99
CA LYS A 417 2.31 32.80 -40.05
C LYS A 417 3.11 31.51 -40.06
N GLY A 418 4.15 31.48 -40.90
CA GLY A 418 5.13 30.43 -40.86
C GLY A 418 4.74 29.12 -41.53
N ASN A 419 5.59 28.13 -41.28
CA ASN A 419 5.42 26.81 -41.88
C ASN A 419 4.14 26.15 -41.40
N ALA A 420 3.76 26.36 -40.14
CA ALA A 420 2.52 25.76 -39.63
C ALA A 420 1.31 26.29 -40.40
N GLY A 421 1.25 27.61 -40.61
CA GLY A 421 0.14 28.17 -41.35
C GLY A 421 0.14 27.76 -42.81
N LYS A 422 1.32 27.71 -43.43
CA LYS A 422 1.43 27.25 -44.81
C LYS A 422 0.95 25.81 -44.92
N ARG A 423 1.35 24.95 -43.99
CA ARG A 423 0.90 23.56 -44.00
C ARG A 423 -0.60 23.47 -43.76
N LEU A 424 -1.15 24.33 -42.91
CA LEU A 424 -2.59 24.33 -42.68
C LEU A 424 -3.36 24.63 -43.96
N ILE A 425 -2.99 25.71 -44.65
CA ILE A 425 -3.68 26.08 -45.88
C ILE A 425 -3.50 25.02 -46.96
N ASN A 426 -2.26 24.56 -47.14
CA ASN A 426 -1.99 23.55 -48.15
C ASN A 426 -2.73 22.25 -47.87
N GLY A 427 -2.77 21.85 -46.60
CA GLY A 427 -3.50 20.64 -46.24
C GLY A 427 -4.99 20.77 -46.48
N SER A 428 -5.56 21.94 -46.19
CA SER A 428 -6.97 22.15 -46.50
C SER A 428 -7.23 22.02 -47.99
N ILE A 429 -6.36 22.62 -48.82
CA ILE A 429 -6.53 22.56 -50.27
C ILE A 429 -6.42 21.12 -50.76
N GLU A 430 -5.39 20.41 -50.30
CA GLU A 430 -5.18 19.03 -50.74
C GLU A 430 -6.28 18.10 -50.25
N ARG A 431 -6.80 18.33 -49.05
CA ARG A 431 -7.91 17.54 -48.55
C ARG A 431 -9.15 17.74 -49.40
N ALA A 432 -9.44 18.99 -49.76
CA ALA A 432 -10.59 19.24 -50.64
C ALA A 432 -10.42 18.55 -51.97
N ILE A 433 -9.20 18.59 -52.53
CA ILE A 433 -8.96 17.97 -53.84
C ILE A 433 -9.06 16.44 -53.75
N ARG A 434 -8.55 15.85 -52.66
CA ARG A 434 -8.67 14.41 -52.49
C ARG A 434 -10.14 13.99 -52.36
N PHE A 435 -10.93 14.79 -51.63
CA PHE A 435 -12.36 14.49 -51.54
C PHE A 435 -13.03 14.59 -52.89
N ARG A 436 -12.69 15.61 -53.68
CA ARG A 436 -13.27 15.75 -55.02
C ARG A 436 -12.93 14.56 -55.89
N LYS A 437 -11.66 14.14 -55.88
CA LYS A 437 -11.25 12.98 -56.67
C LYS A 437 -11.95 11.71 -56.21
N GLU A 438 -12.12 11.55 -54.89
CA GLU A 438 -12.83 10.37 -54.40
C GLU A 438 -14.29 10.38 -54.83
N ILE A 439 -14.93 11.55 -54.83
CA ILE A 439 -16.32 11.61 -55.31
C ILE A 439 -16.39 11.20 -56.78
N LYS A 440 -15.45 11.69 -57.59
CA LYS A 440 -15.41 11.28 -59.00
C LYS A 440 -15.22 9.77 -59.12
N ARG A 441 -14.29 9.21 -58.35
CA ARG A 441 -14.01 7.78 -58.43
C ARG A 441 -15.22 6.95 -58.02
N LEU A 442 -15.90 7.33 -56.93
CA LEU A 442 -17.09 6.60 -56.51
C LEU A 442 -18.20 6.71 -57.53
N ASN A 443 -18.34 7.89 -58.16
CA ASN A 443 -19.34 8.03 -59.21
C ASN A 443 -19.04 7.12 -60.38
N SER A 444 -17.76 7.02 -60.77
CA SER A 444 -17.39 6.18 -61.91
C SER A 444 -17.64 4.71 -61.65
N GLU A 445 -17.36 4.24 -60.43
CA GLU A 445 -17.51 2.83 -60.10
C GLU A 445 -18.88 2.49 -59.53
N SER A 446 -19.78 3.47 -59.41
CA SER A 446 -21.13 3.20 -58.95
C SER A 446 -21.99 2.70 -60.08
N GLU A 447 -22.79 1.68 -59.79
CA GLU A 447 -23.78 1.17 -60.73
C GLU A 447 -25.10 1.88 -60.42
N GLY A 448 -25.52 2.75 -61.34
CA GLY A 448 -26.69 3.57 -61.11
C GLY A 448 -26.32 4.98 -60.71
N TRP A 449 -27.26 5.63 -60.03
CA TRP A 449 -27.09 7.02 -59.62
C TRP A 449 -26.08 7.14 -58.49
N PHE A 450 -25.30 8.22 -58.53
CA PHE A 450 -24.43 8.59 -57.43
C PHE A 450 -24.18 10.08 -57.48
N PHE A 451 -23.80 10.63 -56.33
CA PHE A 451 -23.52 12.07 -56.23
C PHE A 451 -22.39 12.47 -57.17
N ASP A 452 -22.58 13.58 -57.86
CA ASP A 452 -21.56 14.18 -58.70
C ASP A 452 -20.94 15.38 -57.97
N VAL A 453 -19.89 15.93 -58.56
CA VAL A 453 -19.20 17.08 -58.00
C VAL A 453 -18.98 18.10 -59.11
N TRP A 454 -19.40 19.34 -58.85
CA TRP A 454 -19.30 20.45 -59.81
C TRP A 454 -17.83 20.85 -59.94
N GLN A 455 -17.18 20.38 -61.00
CA GLN A 455 -15.75 20.62 -61.21
C GLN A 455 -15.34 20.23 -62.62
N PRO A 456 -14.15 20.61 -63.08
CA PRO A 456 -13.66 20.11 -64.37
C PRO A 456 -13.39 18.61 -64.32
N GLU A 457 -13.37 18.02 -65.51
CA GLU A 457 -13.32 16.55 -65.61
C GLU A 457 -12.00 15.98 -65.07
N GLY A 458 -10.89 16.65 -65.33
CA GLY A 458 -9.59 16.09 -65.00
C GLY A 458 -8.75 16.81 -63.97
N ILE A 459 -9.34 17.21 -62.85
CA ILE A 459 -8.60 17.93 -61.82
C ILE A 459 -7.46 17.06 -61.31
N ASP A 460 -6.23 17.58 -61.41
CA ASP A 460 -5.06 16.85 -60.94
C ASP A 460 -4.31 17.58 -59.84
N GLU A 461 -3.84 18.79 -60.08
CA GLU A 461 -2.97 19.49 -59.14
C GLU A 461 -3.72 20.61 -58.43
N ALA A 462 -3.08 21.13 -57.38
CA ALA A 462 -3.68 22.18 -56.57
C ALA A 462 -3.61 23.50 -57.32
N LYS A 463 -4.77 24.01 -57.73
CA LYS A 463 -4.87 25.28 -58.44
C LYS A 463 -6.35 25.64 -58.54
N CYS A 464 -6.59 26.91 -58.84
CA CYS A 464 -7.94 27.38 -59.13
C CYS A 464 -8.22 27.09 -60.60
N TRP A 465 -9.11 26.14 -60.86
CA TRP A 465 -9.35 25.67 -62.21
C TRP A 465 -10.09 26.71 -63.03
N PRO A 466 -9.56 27.16 -64.17
CA PRO A 466 -10.26 28.15 -64.98
C PRO A 466 -11.52 27.57 -65.62
N LEU A 467 -12.49 28.44 -65.86
CA LEU A 467 -13.73 28.08 -66.52
C LEU A 467 -13.62 28.48 -67.99
N ASP A 468 -13.45 27.49 -68.86
CA ASP A 468 -13.27 27.74 -70.28
C ASP A 468 -14.59 27.55 -71.03
N SER A 469 -14.71 28.25 -72.15
CA SER A 469 -15.91 28.14 -72.97
C SER A 469 -16.01 26.81 -73.69
N LYS A 470 -14.88 26.10 -73.86
CA LYS A 470 -14.92 24.80 -74.51
C LYS A 470 -15.63 23.77 -73.65
N ASP A 471 -15.28 23.69 -72.37
CA ASP A 471 -15.88 22.72 -71.46
C ASP A 471 -17.28 23.16 -71.08
N ASN A 472 -18.12 22.17 -70.73
CA ASN A 472 -19.49 22.43 -70.34
C ASN A 472 -19.81 21.92 -68.95
N TRP A 473 -18.79 21.64 -68.13
CA TRP A 473 -19.05 21.17 -66.77
C TRP A 473 -19.72 22.25 -65.93
N HIS A 474 -19.38 23.53 -66.17
CA HIS A 474 -19.88 24.60 -65.32
C HIS A 474 -21.26 25.11 -65.73
N GLY A 475 -21.73 24.80 -66.93
CA GLY A 475 -23.07 25.15 -67.33
C GLY A 475 -23.30 26.60 -67.74
N PHE A 476 -22.26 27.41 -67.82
CA PHE A 476 -22.41 28.81 -68.22
C PHE A 476 -22.28 28.95 -69.72
N LYS A 477 -23.14 29.79 -70.31
CA LYS A 477 -23.23 29.94 -71.75
C LYS A 477 -22.37 31.10 -72.22
N ASP A 478 -21.46 30.82 -73.15
CA ASP A 478 -20.59 31.82 -73.78
C ASP A 478 -19.85 32.63 -72.72
N ILE A 479 -19.04 31.93 -71.93
CA ILE A 479 -18.28 32.57 -70.87
C ILE A 479 -16.99 33.14 -71.44
N ASP A 480 -16.52 34.23 -70.83
CA ASP A 480 -15.22 34.78 -71.17
C ASP A 480 -14.13 33.84 -70.67
N ASN A 481 -13.04 33.76 -71.43
CA ASN A 481 -11.92 32.92 -71.07
C ASN A 481 -10.92 33.68 -70.20
N ASP A 482 -10.25 32.94 -69.31
CA ASP A 482 -9.31 33.51 -68.35
C ASP A 482 -10.00 34.58 -67.49
N HIS A 483 -11.25 34.32 -67.17
CA HIS A 483 -12.09 35.25 -66.42
C HIS A 483 -12.49 34.72 -65.05
N MET A 484 -13.08 33.52 -65.00
CA MET A 484 -13.54 32.93 -63.75
C MET A 484 -12.73 31.69 -63.43
N TYR A 485 -12.50 31.47 -62.13
CA TYR A 485 -11.76 30.31 -61.65
C TYR A 485 -12.52 29.69 -60.49
N LEU A 486 -12.39 28.37 -60.35
CA LEU A 486 -13.08 27.64 -59.30
C LEU A 486 -12.15 27.43 -58.11
N ASP A 487 -12.62 27.82 -56.93
CA ASP A 487 -11.87 27.61 -55.70
C ASP A 487 -12.02 26.16 -55.25
N PRO A 488 -10.92 25.41 -55.11
CA PRO A 488 -11.04 24.00 -54.69
C PRO A 488 -11.67 23.81 -53.31
N ILE A 489 -11.58 24.81 -52.43
CA ILE A 489 -12.11 24.66 -51.07
C ILE A 489 -13.62 24.50 -51.08
N LYS A 490 -14.32 25.24 -51.95
CA LYS A 490 -15.78 25.25 -51.98
C LYS A 490 -16.27 24.09 -52.83
N VAL A 491 -16.63 22.98 -52.20
CA VAL A 491 -16.95 21.75 -52.91
C VAL A 491 -18.46 21.67 -53.08
N THR A 492 -18.93 21.71 -54.31
CA THR A 492 -20.35 21.59 -54.62
C THR A 492 -20.63 20.17 -55.11
N LEU A 493 -21.52 19.47 -54.43
CA LEU A 493 -21.93 18.12 -54.81
C LEU A 493 -23.30 18.19 -55.47
N LEU A 494 -23.44 17.49 -56.58
CA LEU A 494 -24.67 17.51 -57.38
C LEU A 494 -25.44 16.21 -57.18
N THR A 495 -26.70 16.33 -56.86
CA THR A 495 -27.61 15.20 -56.80
C THR A 495 -28.33 15.04 -58.13
N PRO A 496 -28.72 13.82 -58.50
CA PRO A 496 -29.34 13.60 -59.81
C PRO A 496 -30.68 14.31 -59.94
N GLY A 497 -31.02 14.65 -61.17
CA GLY A 497 -32.25 15.37 -61.46
C GLY A 497 -32.13 16.34 -62.60
N MET A 498 -30.90 16.72 -62.95
CA MET A 498 -30.63 17.59 -64.09
C MET A 498 -29.84 16.83 -65.14
N GLN A 499 -29.86 17.36 -66.36
CA GLN A 499 -29.15 16.77 -67.49
C GLN A 499 -27.98 17.67 -67.89
N LYS A 500 -27.09 17.11 -68.71
CA LYS A 500 -25.91 17.83 -69.14
C LYS A 500 -26.25 19.04 -70.01
N ASP A 501 -27.40 19.05 -70.67
CA ASP A 501 -27.80 20.16 -71.52
C ASP A 501 -28.59 21.23 -70.78
N GLY A 502 -28.85 21.05 -69.50
CA GLY A 502 -29.57 22.02 -68.70
C GLY A 502 -31.01 21.67 -68.43
N SER A 503 -31.61 20.77 -69.21
CA SER A 503 -32.97 20.33 -68.94
C SER A 503 -32.98 19.34 -67.79
N MET A 504 -34.17 19.06 -67.26
CA MET A 504 -34.28 18.19 -66.12
C MET A 504 -34.59 16.76 -66.55
N ALA A 505 -34.09 15.80 -65.78
CA ALA A 505 -34.28 14.40 -66.07
C ALA A 505 -35.68 13.95 -65.64
N ASP A 506 -36.03 12.72 -66.03
CA ASP A 506 -37.32 12.18 -65.65
C ASP A 506 -37.42 11.98 -64.15
N THR A 507 -36.36 11.47 -63.54
CA THR A 507 -36.30 11.27 -62.09
C THR A 507 -35.17 12.11 -61.51
N GLY A 508 -35.28 12.39 -60.22
CA GLY A 508 -34.24 13.15 -59.54
C GLY A 508 -34.49 13.20 -58.05
N ILE A 509 -33.41 13.42 -57.31
CA ILE A 509 -33.43 13.51 -55.86
C ILE A 509 -33.08 14.95 -55.48
N PRO A 510 -34.04 15.74 -55.00
CA PRO A 510 -33.72 17.11 -54.56
C PRO A 510 -32.73 17.10 -53.41
N ALA A 511 -31.80 18.05 -53.46
CA ALA A 511 -30.71 18.08 -52.48
C ALA A 511 -31.18 18.40 -51.07
N SER A 512 -32.39 18.93 -50.92
CA SER A 512 -32.92 19.21 -49.58
C SER A 512 -33.12 17.92 -48.78
N ILE A 513 -33.57 16.86 -49.45
CA ILE A 513 -33.75 15.59 -48.76
C ILE A 513 -32.41 15.03 -48.29
N VAL A 514 -31.38 15.12 -49.14
CA VAL A 514 -30.04 14.68 -48.72
C VAL A 514 -29.54 15.55 -47.57
N SER A 515 -29.84 16.84 -47.60
CA SER A 515 -29.44 17.73 -46.51
C SER A 515 -30.12 17.31 -45.20
N LYS A 516 -31.41 17.00 -45.26
CA LYS A 516 -32.11 16.54 -44.06
C LYS A 516 -31.54 15.23 -43.55
N TYR A 517 -31.22 14.31 -44.46
CA TYR A 517 -30.63 13.04 -44.06
C TYR A 517 -29.28 13.25 -43.38
N LEU A 518 -28.45 14.14 -43.93
CA LEU A 518 -27.16 14.42 -43.30
C LEU A 518 -27.33 15.07 -41.95
N ASP A 519 -28.28 16.00 -41.83
CA ASP A 519 -28.58 16.61 -40.53
C ASP A 519 -28.99 15.57 -39.51
N GLU A 520 -29.83 14.62 -39.92
CA GLU A 520 -30.24 13.54 -39.02
C GLU A 520 -29.03 12.72 -38.57
N HIS A 521 -28.00 12.65 -39.40
CA HIS A 521 -26.81 11.86 -39.10
C HIS A 521 -25.61 12.74 -38.73
N GLY A 522 -25.87 13.92 -38.17
CA GLY A 522 -24.82 14.73 -37.61
C GLY A 522 -23.92 15.45 -38.59
N ILE A 523 -24.41 15.76 -39.78
CA ILE A 523 -23.64 16.48 -40.79
C ILE A 523 -24.42 17.71 -41.22
N ILE A 524 -23.79 18.88 -41.11
CA ILE A 524 -24.43 20.15 -41.45
C ILE A 524 -23.80 20.68 -42.73
N VAL A 525 -24.60 20.83 -43.76
CA VAL A 525 -24.14 21.43 -45.01
C VAL A 525 -24.15 22.94 -44.87
N GLU A 526 -23.29 23.60 -45.66
CA GLU A 526 -23.28 25.07 -45.65
C GLU A 526 -24.61 25.62 -46.16
N LYS A 527 -25.05 25.16 -47.32
CA LYS A 527 -26.33 25.59 -47.87
C LYS A 527 -26.77 24.56 -48.91
N THR A 528 -28.06 24.62 -49.25
CA THR A 528 -28.66 23.66 -50.16
C THR A 528 -29.36 24.39 -51.28
N GLY A 529 -29.09 23.98 -52.52
CA GLY A 529 -29.82 24.45 -53.67
C GLY A 529 -30.84 23.42 -54.10
N PRO A 530 -31.52 23.67 -55.22
CA PRO A 530 -32.52 22.69 -55.70
C PRO A 530 -31.94 21.32 -55.95
N TYR A 531 -30.72 21.24 -56.50
CA TYR A 531 -30.08 19.96 -56.77
C TYR A 531 -28.60 19.97 -56.43
N ASN A 532 -28.14 20.95 -55.64
CA ASN A 532 -26.74 21.07 -55.29
C ASN A 532 -26.60 21.26 -53.78
N MET A 533 -25.44 20.86 -53.27
CA MET A 533 -25.12 20.98 -51.85
C MET A 533 -23.70 21.50 -51.72
N LEU A 534 -23.52 22.57 -50.95
CA LEU A 534 -22.22 23.18 -50.78
C LEU A 534 -21.57 22.72 -49.47
N PHE A 535 -20.32 22.30 -49.56
CA PHE A 535 -19.52 21.95 -48.40
C PHE A 535 -18.26 22.81 -48.39
N LEU A 536 -17.91 23.31 -47.21
CA LEU A 536 -16.72 24.13 -47.04
C LEU A 536 -15.61 23.26 -46.47
N PHE A 537 -14.56 23.06 -47.25
CA PHE A 537 -13.41 22.27 -46.80
C PHE A 537 -12.34 23.23 -46.25
N SER A 538 -12.67 23.82 -45.12
CA SER A 538 -11.83 24.84 -44.50
C SER A 538 -10.69 24.20 -43.72
N ILE A 539 -9.89 25.05 -43.06
CA ILE A 539 -8.79 24.59 -42.23
C ILE A 539 -9.29 23.76 -41.05
N GLY A 540 -10.59 23.82 -40.74
CA GLY A 540 -11.19 23.06 -39.68
C GLY A 540 -11.74 21.70 -40.07
N ILE A 541 -11.54 21.25 -41.31
CA ILE A 541 -11.99 19.94 -41.75
C ILE A 541 -10.80 19.00 -41.74
N ASP A 542 -10.93 17.87 -41.05
CA ASP A 542 -9.88 16.86 -41.00
C ASP A 542 -10.29 15.63 -41.80
N LYS A 543 -9.40 14.64 -41.83
CA LYS A 543 -9.68 13.40 -42.53
C LYS A 543 -10.89 12.69 -41.94
N THR A 544 -11.07 12.80 -40.62
CA THR A 544 -12.20 12.14 -39.95
C THR A 544 -13.54 12.63 -40.50
N LYS A 545 -13.72 13.95 -40.59
CA LYS A 545 -14.98 14.50 -41.08
C LYS A 545 -15.21 14.18 -42.55
N ALA A 546 -14.16 14.21 -43.37
CA ALA A 546 -14.31 13.88 -44.78
C ALA A 546 -14.75 12.43 -44.96
N LEU A 547 -14.12 11.51 -44.23
CA LEU A 547 -14.51 10.11 -44.32
C LEU A 547 -15.93 9.92 -43.79
N SER A 548 -16.31 10.66 -42.74
CA SER A 548 -17.66 10.57 -42.22
C SER A 548 -18.69 11.04 -43.26
N LEU A 549 -18.36 12.11 -43.98
CA LEU A 549 -19.23 12.59 -45.04
C LEU A 549 -19.39 11.55 -46.13
N LEU A 550 -18.29 10.91 -46.55
CA LEU A 550 -18.38 9.88 -47.57
C LEU A 550 -19.25 8.72 -47.10
N ARG A 551 -19.06 8.30 -45.85
CA ARG A 551 -19.87 7.21 -45.30
C ARG A 551 -21.35 7.59 -45.28
N ALA A 552 -21.66 8.82 -44.88
CA ALA A 552 -23.05 9.25 -44.81
C ALA A 552 -23.69 9.33 -46.19
N LEU A 553 -22.93 9.78 -47.20
CA LEU A 553 -23.47 9.83 -48.55
C LEU A 553 -23.75 8.42 -49.09
N THR A 554 -22.82 7.48 -48.84
CA THR A 554 -23.05 6.10 -49.26
C THR A 554 -24.25 5.51 -48.53
N ASP A 555 -24.40 5.83 -47.24
CA ASP A 555 -25.56 5.36 -46.48
C ASP A 555 -26.86 5.91 -47.04
N PHE A 556 -26.87 7.19 -47.44
CA PHE A 556 -28.07 7.74 -48.05
C PHE A 556 -28.39 7.03 -49.35
N LYS A 557 -27.38 6.76 -50.18
CA LYS A 557 -27.65 6.07 -51.43
C LYS A 557 -28.23 4.68 -51.17
N ARG A 558 -27.65 3.94 -50.22
CA ARG A 558 -28.16 2.62 -49.88
C ARG A 558 -29.60 2.69 -49.40
N SER A 559 -29.89 3.62 -48.47
CA SER A 559 -31.23 3.73 -47.92
C SER A 559 -32.25 4.13 -48.98
N TYR A 560 -31.88 5.07 -49.85
CA TYR A 560 -32.79 5.50 -50.92
C TYR A 560 -33.04 4.37 -51.91
N ASP A 561 -32.01 3.61 -52.27
CA ASP A 561 -32.21 2.48 -53.17
C ASP A 561 -33.11 1.44 -52.54
N LEU A 562 -32.96 1.20 -51.23
CA LEU A 562 -33.85 0.28 -50.53
C LEU A 562 -35.26 0.84 -50.37
N ASN A 563 -35.47 2.13 -50.64
CA ASN A 563 -36.77 2.77 -50.57
C ASN A 563 -37.42 2.60 -49.19
N LEU A 564 -36.69 3.05 -48.17
CA LEU A 564 -37.15 2.92 -46.80
C LEU A 564 -38.31 3.87 -46.53
N ARG A 565 -38.95 3.68 -45.39
CA ARG A 565 -40.04 4.55 -44.97
C ARG A 565 -39.51 5.90 -44.53
N VAL A 566 -40.27 6.96 -44.82
CA VAL A 566 -39.88 8.29 -44.36
C VAL A 566 -39.90 8.35 -42.83
N LYS A 567 -40.77 7.56 -42.20
CA LYS A 567 -40.78 7.46 -40.74
C LYS A 567 -39.41 7.09 -40.19
N ASN A 568 -38.70 6.21 -40.89
CA ASN A 568 -37.42 5.71 -40.41
C ASN A 568 -36.23 6.49 -40.97
N MET A 569 -36.26 6.81 -42.25
CA MET A 569 -35.14 7.51 -42.87
C MET A 569 -34.96 8.92 -42.33
N LEU A 570 -36.06 9.67 -42.22
CA LEU A 570 -36.03 11.07 -41.82
C LEU A 570 -36.97 11.28 -40.65
N PRO A 571 -36.56 10.88 -39.45
CA PRO A 571 -37.48 10.98 -38.29
C PRO A 571 -37.97 12.39 -37.99
N SER A 572 -37.11 13.39 -38.15
CA SER A 572 -37.54 14.77 -37.89
C SER A 572 -38.60 15.22 -38.90
N LEU A 573 -38.40 14.87 -40.18
CA LEU A 573 -39.37 15.24 -41.20
C LEU A 573 -40.73 14.63 -40.91
N TYR A 574 -40.77 13.36 -40.52
CA TYR A 574 -42.03 12.74 -40.14
C TYR A 574 -42.60 13.38 -38.88
N ARG A 575 -41.74 13.74 -37.93
CA ARG A 575 -42.23 14.40 -36.73
C ARG A 575 -42.88 15.73 -37.06
N GLU A 576 -42.49 16.36 -38.17
CA GLU A 576 -43.16 17.59 -38.59
C GLU A 576 -44.62 17.35 -38.93
N ASP A 577 -44.93 16.24 -39.61
CA ASP A 577 -46.30 15.90 -39.99
C ASP A 577 -46.46 14.39 -40.07
N PRO A 578 -46.71 13.75 -38.92
CA PRO A 578 -46.78 12.27 -38.93
C PRO A 578 -47.87 11.70 -39.82
N GLU A 579 -49.01 12.37 -39.93
CA GLU A 579 -50.10 11.84 -40.73
C GLU A 579 -49.78 11.89 -42.22
N PHE A 580 -49.08 12.94 -42.66
CA PHE A 580 -48.76 13.07 -44.08
C PHE A 580 -47.66 12.09 -44.49
N TYR A 581 -46.69 11.86 -43.59
CA TYR A 581 -45.58 10.96 -43.88
C TYR A 581 -45.75 9.59 -43.23
N GLU A 582 -46.98 9.19 -42.91
CA GLU A 582 -47.20 7.94 -42.18
C GLU A 582 -46.74 6.73 -42.99
N ASN A 583 -47.11 6.66 -44.26
CA ASN A 583 -46.78 5.51 -45.09
C ASN A 583 -45.92 5.88 -46.29
N MET A 584 -45.49 7.12 -46.40
CA MET A 584 -44.68 7.53 -47.54
C MET A 584 -43.28 6.94 -47.45
N ARG A 585 -42.76 6.52 -48.61
CA ARG A 585 -41.39 6.05 -48.72
C ARG A 585 -40.53 7.14 -49.38
N ILE A 586 -39.22 7.06 -49.14
CA ILE A 586 -38.32 8.13 -49.52
C ILE A 586 -38.34 8.37 -51.03
N GLN A 587 -38.45 7.29 -51.82
CA GLN A 587 -38.49 7.45 -53.26
C GLN A 587 -39.72 8.22 -53.70
N GLU A 588 -40.88 7.95 -53.09
CA GLU A 588 -42.09 8.67 -53.46
C GLU A 588 -41.97 10.14 -53.12
N LEU A 589 -41.40 10.48 -51.96
CA LEU A 589 -41.23 11.87 -51.57
C LEU A 589 -40.29 12.60 -52.53
N ALA A 590 -39.14 11.99 -52.81
CA ALA A 590 -38.19 12.62 -53.73
C ALA A 590 -38.78 12.77 -55.11
N GLN A 591 -39.48 11.75 -55.60
CA GLN A 591 -40.07 11.84 -56.93
C GLN A 591 -41.21 12.85 -56.98
N GLY A 592 -41.96 13.00 -55.89
CA GLY A 592 -42.99 14.03 -55.87
C GLY A 592 -42.43 15.42 -55.93
N ILE A 593 -41.38 15.69 -55.15
CA ILE A 593 -40.76 17.01 -55.21
C ILE A 593 -40.13 17.26 -56.57
N HIS A 594 -39.46 16.25 -57.13
CA HIS A 594 -38.87 16.39 -58.45
C HIS A 594 -39.95 16.60 -59.52
N ALA A 595 -41.08 15.90 -59.40
CA ALA A 595 -42.17 16.06 -60.34
C ALA A 595 -42.76 17.47 -60.28
N LEU A 596 -42.91 18.01 -59.07
CA LEU A 596 -43.36 19.39 -58.94
C LEU A 596 -42.39 20.34 -59.62
N ILE A 597 -41.09 20.15 -59.38
CA ILE A 597 -40.08 21.02 -59.96
C ILE A 597 -40.09 20.91 -61.48
N GLN A 598 -40.32 19.71 -62.01
CA GLN A 598 -40.33 19.52 -63.46
C GLN A 598 -41.59 20.11 -64.09
N HIS A 599 -42.75 19.84 -63.50
CA HIS A 599 -44.01 20.34 -64.05
C HIS A 599 -44.04 21.86 -64.05
N HIS A 600 -43.58 22.48 -62.97
CA HIS A 600 -43.50 23.93 -62.93
C HIS A 600 -42.29 24.47 -63.66
N ASN A 601 -41.37 23.60 -64.06
CA ASN A 601 -40.15 23.97 -64.78
C ASN A 601 -39.37 25.05 -64.01
N LEU A 602 -38.94 24.67 -62.81
CA LEU A 602 -38.23 25.62 -61.95
C LEU A 602 -36.94 26.16 -62.58
N PRO A 603 -36.07 25.35 -63.19
CA PRO A 603 -34.82 25.92 -63.73
C PRO A 603 -35.03 27.00 -64.78
N ASP A 604 -35.87 26.74 -65.79
CA ASP A 604 -36.08 27.72 -66.85
C ASP A 604 -36.74 28.98 -66.32
N LEU A 605 -37.74 28.83 -65.45
CA LEU A 605 -38.42 30.00 -64.89
C LEU A 605 -37.47 30.83 -64.04
N MET A 606 -36.65 30.18 -63.21
CA MET A 606 -35.70 30.92 -62.39
C MET A 606 -34.68 31.65 -63.26
N TYR A 607 -34.17 30.96 -64.29
CA TYR A 607 -33.20 31.58 -65.18
C TYR A 607 -33.78 32.81 -65.86
N ARG A 608 -35.02 32.69 -66.36
CA ARG A 608 -35.65 33.82 -67.02
C ARG A 608 -35.94 34.96 -66.04
N ALA A 609 -36.37 34.61 -64.82
CA ALA A 609 -36.68 35.63 -63.83
C ALA A 609 -35.44 36.42 -63.41
N PHE A 610 -34.28 35.77 -63.38
CA PHE A 610 -33.06 36.46 -63.00
C PHE A 610 -32.28 36.99 -64.20
N GLU A 611 -32.83 36.87 -65.40
CA GLU A 611 -32.18 37.40 -66.60
C GLU A 611 -32.70 38.76 -67.00
N VAL A 612 -33.83 39.19 -66.46
CA VAL A 612 -34.44 40.49 -66.78
C VAL A 612 -34.37 41.36 -65.54
N LEU A 613 -33.95 42.60 -65.71
CA LEU A 613 -33.84 43.51 -64.58
C LEU A 613 -35.14 44.27 -64.38
N PRO A 614 -35.72 44.24 -63.18
CA PRO A 614 -36.88 45.10 -62.91
C PRO A 614 -36.49 46.57 -63.03
N THR A 615 -37.45 47.39 -63.45
CA THR A 615 -37.18 48.81 -63.67
C THR A 615 -37.15 49.55 -62.34
N MET A 616 -36.17 50.44 -62.20
CA MET A 616 -35.94 51.18 -60.97
C MET A 616 -36.67 52.52 -61.04
N VAL A 617 -37.81 52.61 -60.35
CA VAL A 617 -38.53 53.87 -60.28
C VAL A 617 -37.78 54.85 -59.38
N MET A 618 -37.35 54.38 -58.21
CA MET A 618 -36.53 55.17 -57.30
C MET A 618 -35.49 54.27 -56.66
N ASN A 619 -34.45 54.87 -56.11
CA ASN A 619 -33.41 54.12 -55.43
C ASN A 619 -33.96 53.54 -54.12
N PRO A 620 -33.32 52.51 -53.59
CA PRO A 620 -33.84 51.86 -52.36
C PRO A 620 -33.98 52.81 -51.18
N HIS A 621 -33.15 53.85 -51.09
CA HIS A 621 -33.27 54.80 -50.01
C HIS A 621 -34.61 55.51 -50.03
N ALA A 622 -35.07 55.92 -51.20
CA ALA A 622 -36.36 56.61 -51.30
C ALA A 622 -37.51 55.69 -50.90
N ALA A 623 -37.48 54.46 -51.41
CA ALA A 623 -38.53 53.50 -51.07
C ALA A 623 -38.56 53.21 -49.58
N PHE A 624 -37.39 53.05 -48.96
CA PHE A 624 -37.36 52.77 -47.53
C PHE A 624 -37.81 53.97 -46.71
N GLN A 625 -37.44 55.18 -47.14
CA GLN A 625 -37.87 56.38 -46.43
C GLN A 625 -39.38 56.52 -46.49
N MET A 626 -39.97 56.25 -47.65
CA MET A 626 -41.42 56.33 -47.78
C MET A 626 -42.11 55.17 -47.07
N GLU A 627 -41.42 54.04 -46.88
CA GLU A 627 -41.96 52.98 -46.04
C GLU A 627 -41.96 53.38 -44.57
N LEU A 628 -40.91 54.07 -44.12
CA LEU A 628 -40.86 54.51 -42.73
C LEU A 628 -41.91 55.58 -42.43
N ARG A 629 -42.46 56.22 -43.44
CA ARG A 629 -43.48 57.25 -43.28
C ARG A 629 -44.89 56.68 -43.33
N GLY A 630 -45.05 55.37 -43.45
CA GLY A 630 -46.35 54.76 -43.51
C GLY A 630 -47.04 54.81 -44.86
N GLN A 631 -46.31 55.15 -45.92
CA GLN A 631 -46.86 55.25 -47.26
C GLN A 631 -46.83 53.92 -48.01
N THR A 632 -46.90 52.82 -47.28
CA THR A 632 -46.82 51.47 -47.84
C THR A 632 -48.10 50.71 -47.55
N GLU A 633 -48.57 49.96 -48.54
CA GLU A 633 -49.71 49.09 -48.39
C GLU A 633 -49.31 47.66 -48.78
N GLU A 634 -50.20 46.71 -48.51
CA GLU A 634 -49.94 45.30 -48.76
C GLU A 634 -50.88 44.80 -49.86
N VAL A 635 -50.29 44.22 -50.91
CA VAL A 635 -51.04 43.64 -52.01
C VAL A 635 -50.67 42.17 -52.12
N TYR A 636 -51.47 41.43 -52.88
CA TYR A 636 -51.20 40.02 -53.10
C TYR A 636 -50.14 39.87 -54.19
N LEU A 637 -49.66 38.63 -54.35
CA LEU A 637 -48.59 38.35 -55.30
C LEU A 637 -48.99 38.71 -56.73
N GLU A 638 -50.22 38.36 -57.12
CA GLU A 638 -50.64 38.59 -58.50
C GLU A 638 -50.79 40.06 -58.86
N GLU A 639 -50.77 40.97 -57.88
CA GLU A 639 -51.04 42.38 -58.13
C GLU A 639 -49.83 43.28 -57.96
N MET A 640 -48.60 42.75 -58.04
CA MET A 640 -47.44 43.61 -57.88
C MET A 640 -46.97 44.23 -59.20
N ILE A 641 -47.56 43.82 -60.33
CA ILE A 641 -47.17 44.39 -61.61
C ILE A 641 -47.58 45.86 -61.64
N GLY A 642 -46.62 46.74 -61.94
CA GLY A 642 -46.87 48.16 -61.94
C GLY A 642 -46.76 48.82 -60.58
N LYS A 643 -46.39 48.07 -59.54
CA LYS A 643 -46.24 48.62 -58.20
C LYS A 643 -44.77 48.70 -57.83
N VAL A 644 -44.42 49.72 -57.05
CA VAL A 644 -43.06 49.93 -56.60
C VAL A 644 -42.86 49.18 -55.29
N ASN A 645 -41.97 48.19 -55.32
CA ASN A 645 -41.73 47.36 -54.14
C ASN A 645 -41.14 48.20 -53.01
N ALA A 646 -41.62 47.94 -51.80
CA ALA A 646 -41.13 48.64 -50.62
C ALA A 646 -39.96 47.94 -49.96
N ASN A 647 -39.79 46.64 -50.18
CA ASN A 647 -38.72 45.87 -49.58
C ASN A 647 -38.06 44.98 -50.61
N MET A 648 -36.85 44.53 -50.28
CA MET A 648 -36.13 43.62 -51.15
C MET A 648 -36.77 42.24 -51.11
N ILE A 649 -36.98 41.65 -52.28
CA ILE A 649 -37.57 40.32 -52.40
C ILE A 649 -36.42 39.34 -52.66
N LEU A 650 -36.17 38.46 -51.69
CA LEU A 650 -35.07 37.51 -51.77
C LEU A 650 -35.61 36.09 -51.75
N PRO A 651 -35.75 35.43 -52.89
CA PRO A 651 -36.29 34.07 -52.91
C PRO A 651 -35.23 33.00 -52.71
N TYR A 652 -35.65 31.93 -52.05
CA TYR A 652 -34.83 30.74 -51.86
C TYR A 652 -35.54 29.55 -52.48
N PRO A 653 -35.03 28.97 -53.57
CA PRO A 653 -33.81 29.30 -54.31
C PRO A 653 -34.00 30.54 -55.18
N PRO A 654 -32.93 31.13 -55.75
CA PRO A 654 -31.51 30.74 -55.68
C PRO A 654 -30.76 31.39 -54.53
N GLY A 655 -31.42 32.18 -53.69
CA GLY A 655 -30.76 32.79 -52.55
C GLY A 655 -30.11 34.13 -52.81
N VAL A 656 -30.47 34.81 -53.89
CA VAL A 656 -29.93 36.14 -54.18
C VAL A 656 -31.11 37.07 -54.41
N PRO A 657 -30.96 38.38 -54.20
CA PRO A 657 -32.11 39.28 -54.35
C PRO A 657 -32.61 39.34 -55.78
N LEU A 658 -33.92 39.15 -55.94
CA LEU A 658 -34.59 39.21 -57.24
C LEU A 658 -35.19 40.58 -57.51
N VAL A 659 -35.78 41.20 -56.49
CA VAL A 659 -36.40 42.51 -56.60
C VAL A 659 -35.86 43.38 -55.48
N MET A 660 -35.38 44.57 -55.81
CA MET A 660 -34.84 45.48 -54.83
C MET A 660 -35.86 46.55 -54.46
N PRO A 661 -35.72 47.16 -53.29
CA PRO A 661 -36.62 48.27 -52.94
C PRO A 661 -36.51 49.40 -53.95
N GLY A 662 -37.66 49.93 -54.35
CA GLY A 662 -37.73 50.95 -55.38
C GLY A 662 -37.86 50.42 -56.79
N GLU A 663 -37.92 49.11 -56.97
CA GLU A 663 -38.07 48.51 -58.29
C GLU A 663 -39.52 48.10 -58.51
N MET A 664 -39.94 48.16 -59.77
CA MET A 664 -41.31 47.86 -60.16
C MET A 664 -41.34 46.77 -61.21
N LEU A 665 -42.23 45.80 -61.04
CA LEU A 665 -42.39 44.73 -62.01
C LEU A 665 -43.29 45.18 -63.14
N THR A 666 -42.84 44.96 -64.37
CA THR A 666 -43.59 45.30 -65.57
C THR A 666 -43.82 44.04 -66.40
N GLU A 667 -44.37 44.22 -67.59
CA GLU A 667 -44.57 43.08 -68.49
C GLU A 667 -43.25 42.47 -68.91
N GLU A 668 -42.22 43.30 -69.08
CA GLU A 668 -40.90 42.77 -69.41
C GLU A 668 -40.33 41.94 -68.26
N SER A 669 -40.69 42.28 -67.01
CA SER A 669 -40.21 41.55 -65.84
C SER A 669 -41.28 40.66 -65.23
N ARG A 670 -42.30 40.28 -66.01
CA ARG A 670 -43.29 39.32 -65.53
C ARG A 670 -42.71 37.95 -65.17
N PRO A 671 -41.63 37.47 -65.79
CA PRO A 671 -41.04 36.20 -65.31
C PRO A 671 -40.69 36.20 -63.84
N VAL A 672 -40.33 37.34 -63.27
CA VAL A 672 -40.10 37.42 -61.84
C VAL A 672 -41.36 37.01 -61.08
N LEU A 673 -42.50 37.56 -61.48
CA LEU A 673 -43.76 37.22 -60.83
C LEU A 673 -44.12 35.76 -61.03
N GLU A 674 -43.93 35.24 -62.25
CA GLU A 674 -44.25 33.83 -62.47
C GLU A 674 -43.38 32.92 -61.61
N PHE A 675 -42.09 33.25 -61.50
CA PHE A 675 -41.18 32.46 -60.67
C PHE A 675 -41.58 32.50 -59.20
N LEU A 676 -41.95 33.68 -58.70
CA LEU A 676 -42.38 33.78 -57.31
C LEU A 676 -43.66 32.99 -57.06
N GLN A 677 -44.63 33.08 -57.99
CA GLN A 677 -45.85 32.32 -57.85
C GLN A 677 -45.58 30.82 -57.87
N MET A 678 -44.66 30.39 -58.74
CA MET A 678 -44.29 28.98 -58.79
C MET A 678 -43.67 28.52 -57.48
N LEU A 679 -42.81 29.34 -56.89
CA LEU A 679 -42.24 28.98 -55.60
C LEU A 679 -43.31 28.86 -54.53
N CYS A 680 -44.25 29.81 -54.51
CA CYS A 680 -45.33 29.75 -53.52
C CYS A 680 -46.20 28.51 -53.72
N GLU A 681 -46.41 28.10 -54.96
CA GLU A 681 -47.18 26.89 -55.22
C GLU A 681 -46.42 25.65 -54.81
N ILE A 682 -45.12 25.60 -55.09
CA ILE A 682 -44.32 24.41 -54.79
C ILE A 682 -44.17 24.22 -53.29
N GLY A 683 -44.02 25.31 -52.55
CA GLY A 683 -43.78 25.20 -51.12
C GLY A 683 -44.97 24.81 -50.27
N ALA A 684 -46.13 24.55 -50.88
CA ALA A 684 -47.34 24.21 -50.14
C ALA A 684 -47.75 22.76 -50.34
N HIS A 685 -46.84 21.90 -50.79
CA HIS A 685 -47.19 20.51 -51.09
C HIS A 685 -46.62 19.50 -50.11
N TYR A 686 -45.52 19.81 -49.42
CA TYR A 686 -44.89 18.88 -48.49
C TYR A 686 -44.58 19.63 -47.19
N PRO A 687 -45.08 19.15 -46.06
CA PRO A 687 -45.00 19.94 -44.81
C PRO A 687 -43.59 20.20 -44.29
N GLY A 688 -42.56 19.69 -44.96
CA GLY A 688 -41.21 19.96 -44.52
C GLY A 688 -40.42 20.80 -45.51
N PHE A 689 -41.08 21.22 -46.59
CA PHE A 689 -40.45 21.97 -47.68
C PHE A 689 -41.33 23.19 -47.96
N GLU A 690 -41.11 24.27 -47.21
CA GLU A 690 -41.93 25.46 -47.31
C GLU A 690 -41.30 26.48 -48.26
N THR A 691 -42.13 27.40 -48.72
CA THR A 691 -41.66 28.52 -49.51
C THR A 691 -40.80 29.44 -48.64
N ASP A 692 -39.69 29.90 -49.20
CA ASP A 692 -38.73 30.76 -48.48
C ASP A 692 -38.46 32.00 -49.34
N ILE A 693 -39.28 33.03 -49.16
CA ILE A 693 -39.14 34.28 -49.89
C ILE A 693 -39.07 35.41 -48.86
N HIS A 694 -37.89 35.99 -48.68
CA HIS A 694 -37.75 37.15 -47.82
C HIS A 694 -38.38 38.36 -48.49
N GLY A 695 -39.21 39.10 -47.75
CA GLY A 695 -39.99 40.19 -48.29
C GLY A 695 -41.39 39.81 -48.69
N ALA A 696 -41.73 38.53 -48.68
CA ALA A 696 -43.08 38.04 -48.92
C ALA A 696 -43.62 37.43 -47.63
N TYR A 697 -44.91 37.64 -47.37
CA TYR A 697 -45.52 37.26 -46.11
C TYR A 697 -46.69 36.32 -46.40
N ARG A 698 -46.67 35.15 -45.78
CA ARG A 698 -47.75 34.19 -45.94
C ARG A 698 -48.90 34.55 -45.01
N GLN A 699 -50.11 34.53 -45.55
CA GLN A 699 -51.31 34.81 -44.78
C GLN A 699 -51.98 33.52 -44.34
N ALA A 700 -53.05 33.67 -43.55
CA ALA A 700 -53.79 32.51 -43.06
C ALA A 700 -54.39 31.72 -44.22
N ASP A 701 -54.86 32.41 -45.25
CA ASP A 701 -55.46 31.75 -46.40
C ASP A 701 -54.44 30.99 -47.24
N GLY A 702 -53.15 31.16 -46.98
CA GLY A 702 -52.10 30.51 -47.71
C GLY A 702 -51.51 31.35 -48.83
N ARG A 703 -52.21 32.38 -49.27
CA ARG A 703 -51.69 33.25 -50.31
C ARG A 703 -50.58 34.12 -49.75
N TYR A 704 -49.68 34.55 -50.63
CA TYR A 704 -48.51 35.33 -50.26
C TYR A 704 -48.72 36.79 -50.66
N THR A 705 -48.38 37.70 -49.76
CA THR A 705 -48.52 39.13 -50.01
C THR A 705 -47.15 39.79 -49.99
N VAL A 706 -47.02 40.83 -50.79
CA VAL A 706 -45.86 41.71 -50.76
C VAL A 706 -46.39 43.12 -50.53
N LYS A 707 -45.55 43.98 -49.97
CA LYS A 707 -45.97 45.35 -49.71
C LYS A 707 -45.24 46.29 -50.64
N VAL A 708 -45.98 47.28 -51.12
CA VAL A 708 -45.55 48.23 -52.14
C VAL A 708 -45.96 49.62 -51.70
N ILE A 709 -45.58 50.61 -52.51
CA ILE A 709 -45.95 51.99 -52.23
C ILE A 709 -47.35 52.26 -52.77
N LYS A 710 -48.11 53.08 -52.04
CA LYS A 710 -49.42 53.52 -52.49
C LYS A 710 -49.28 54.69 -53.46
N MET B 1 -23.76 -5.53 -23.69
CA MET B 1 -23.38 -4.91 -24.97
C MET B 1 -22.39 -3.78 -24.76
N ASN B 2 -21.33 -4.05 -23.99
CA ASN B 2 -20.35 -3.02 -23.65
C ASN B 2 -18.92 -3.55 -23.76
N ILE B 3 -18.68 -4.54 -24.61
CA ILE B 3 -17.35 -5.10 -24.81
C ILE B 3 -16.77 -4.55 -26.11
N ILE B 4 -15.66 -3.84 -26.00
CA ILE B 4 -14.96 -3.30 -27.16
C ILE B 4 -13.64 -4.04 -27.32
N ALA B 5 -13.38 -4.53 -28.52
CA ALA B 5 -12.13 -5.21 -28.83
C ALA B 5 -11.21 -4.24 -29.54
N ILE B 6 -10.01 -4.06 -28.99
CA ILE B 6 -8.97 -3.22 -29.59
C ILE B 6 -7.88 -4.14 -30.12
N LEU B 7 -7.55 -4.00 -31.40
CA LEU B 7 -6.66 -4.92 -32.09
C LEU B 7 -5.43 -4.18 -32.62
N ASN B 8 -4.39 -4.11 -31.79
CA ASN B 8 -3.01 -3.88 -32.25
C ASN B 8 -2.09 -3.79 -31.05
N HIS B 9 -0.81 -3.98 -31.31
CA HIS B 9 0.27 -3.75 -30.35
C HIS B 9 1.42 -3.03 -31.04
N MET B 10 1.09 -1.97 -31.78
CA MET B 10 2.07 -1.23 -32.56
C MET B 10 3.19 -0.72 -31.67
N GLY B 11 4.29 -0.33 -32.31
CA GLY B 11 5.44 0.14 -31.56
C GLY B 11 5.76 1.60 -31.81
N VAL B 12 4.74 2.44 -31.91
CA VAL B 12 4.91 3.87 -32.11
C VAL B 12 4.08 4.60 -31.07
N TYR B 13 4.69 5.59 -30.41
CA TYR B 13 4.01 6.33 -29.36
C TYR B 13 2.81 7.10 -29.88
N PHE B 14 2.94 7.72 -31.07
CA PHE B 14 1.89 8.59 -31.58
C PHE B 14 0.60 7.84 -31.88
N LYS B 15 0.61 6.52 -31.90
CA LYS B 15 -0.61 5.73 -31.95
C LYS B 15 -0.91 5.04 -30.63
N GLU B 16 0.10 4.53 -29.93
CA GLU B 16 -0.13 3.78 -28.71
C GLU B 16 -0.72 4.66 -27.61
N GLU B 17 -0.14 5.84 -27.39
CA GLU B 17 -0.64 6.72 -26.34
C GLU B 17 -2.08 7.19 -26.59
N PRO B 18 -2.48 7.62 -27.79
CA PRO B 18 -3.90 7.92 -28.00
C PRO B 18 -4.80 6.73 -27.77
N ILE B 19 -4.34 5.52 -28.08
CA ILE B 19 -5.17 4.34 -27.84
C ILE B 19 -5.32 4.09 -26.34
N ARG B 20 -4.24 4.31 -25.57
CA ARG B 20 -4.35 4.19 -24.11
C ARG B 20 -5.32 5.23 -23.55
N GLU B 21 -5.25 6.46 -24.06
CA GLU B 21 -6.17 7.50 -23.61
C GLU B 21 -7.61 7.13 -23.96
N LEU B 22 -7.82 6.59 -25.17
CA LEU B 22 -9.16 6.15 -25.55
C LEU B 22 -9.63 5.01 -24.67
N HIS B 23 -8.71 4.13 -24.28
CA HIS B 23 -9.04 3.04 -23.36
C HIS B 23 -9.55 3.59 -22.03
N LYS B 24 -8.84 4.59 -21.49
CA LYS B 24 -9.29 5.19 -20.24
C LYS B 24 -10.64 5.89 -20.42
N ALA B 25 -10.81 6.61 -21.53
CA ALA B 25 -12.05 7.33 -21.75
C ALA B 25 -13.23 6.39 -22.00
N LEU B 26 -12.98 5.21 -22.57
CA LEU B 26 -14.04 4.24 -22.77
C LEU B 26 -14.39 3.54 -21.47
N GLU B 27 -13.39 3.24 -20.65
CA GLU B 27 -13.69 2.71 -19.32
C GLU B 27 -14.49 3.70 -18.50
N ALA B 28 -14.23 5.00 -18.67
CA ALA B 28 -15.02 6.02 -17.98
C ALA B 28 -16.49 5.96 -18.40
N LEU B 29 -16.77 5.54 -19.63
CA LEU B 29 -18.13 5.40 -20.12
C LEU B 29 -18.71 4.01 -19.90
N ASP B 30 -18.10 3.22 -19.00
CA ASP B 30 -18.58 1.88 -18.64
C ASP B 30 -18.50 0.92 -19.82
N PHE B 31 -17.30 0.82 -20.41
CA PHE B 31 -17.01 -0.12 -21.47
C PHE B 31 -15.96 -1.11 -20.98
N GLN B 32 -16.11 -2.37 -21.36
CA GLN B 32 -15.13 -3.40 -21.03
C GLN B 32 -14.25 -3.61 -22.25
N ILE B 33 -12.95 -3.35 -22.09
CA ILE B 33 -12.00 -3.40 -23.20
C ILE B 33 -11.27 -4.73 -23.19
N VAL B 34 -11.17 -5.35 -24.36
CA VAL B 34 -10.41 -6.59 -24.54
C VAL B 34 -9.39 -6.37 -25.64
N TYR B 35 -8.33 -7.19 -25.62
CA TYR B 35 -7.20 -7.04 -26.53
C TYR B 35 -6.89 -8.36 -27.22
N PRO B 36 -7.49 -8.62 -28.38
CA PRO B 36 -7.12 -9.81 -29.15
C PRO B 36 -5.69 -9.73 -29.64
N ASN B 37 -5.05 -10.89 -29.71
CA ASN B 37 -3.63 -10.94 -30.07
C ASN B 37 -3.39 -10.75 -31.57
N ASP B 38 -4.34 -11.15 -32.41
CA ASP B 38 -4.18 -11.00 -33.86
C ASP B 38 -5.56 -11.05 -34.51
N ARG B 39 -5.56 -11.07 -35.84
CA ARG B 39 -6.81 -11.02 -36.61
C ARG B 39 -7.67 -12.25 -36.36
N GLU B 40 -7.07 -13.44 -36.38
CA GLU B 40 -7.84 -14.67 -36.16
C GLU B 40 -8.40 -14.72 -34.74
N ASP B 41 -7.60 -14.25 -33.76
CA ASP B 41 -8.08 -14.15 -32.40
C ASP B 41 -9.32 -13.26 -32.31
N LEU B 42 -9.29 -12.12 -32.99
CA LEU B 42 -10.42 -11.21 -32.99
C LEU B 42 -11.65 -11.86 -33.65
N LEU B 43 -11.44 -12.55 -34.77
CA LEU B 43 -12.57 -13.19 -35.45
C LEU B 43 -13.21 -14.26 -34.57
N LYS B 44 -12.39 -15.08 -33.92
CA LYS B 44 -12.92 -16.09 -33.01
C LYS B 44 -13.67 -15.45 -31.85
N LEU B 45 -13.11 -14.36 -31.29
CA LEU B 45 -13.76 -13.68 -30.19
C LEU B 45 -15.11 -13.10 -30.60
N ILE B 46 -15.20 -12.55 -31.80
CA ILE B 46 -16.48 -12.05 -32.30
C ILE B 46 -17.45 -13.22 -32.46
N ASP B 47 -16.97 -14.35 -32.99
CA ASP B 47 -17.83 -15.50 -33.21
C ASP B 47 -18.40 -16.07 -31.92
N ASN B 48 -17.60 -16.07 -30.85
CA ASN B 48 -18.01 -16.75 -29.62
C ASN B 48 -18.67 -15.85 -28.59
N ASN B 49 -18.67 -14.54 -28.78
CA ASN B 49 -19.20 -13.62 -27.77
C ASN B 49 -20.09 -12.57 -28.44
N ALA B 50 -21.41 -12.80 -28.38
CA ALA B 50 -22.37 -11.90 -28.99
C ALA B 50 -22.48 -10.56 -28.27
N ARG B 51 -21.85 -10.41 -27.11
CA ARG B 51 -21.85 -9.17 -26.37
C ARG B 51 -20.76 -8.20 -26.82
N LEU B 52 -19.96 -8.58 -27.82
CA LEU B 52 -18.99 -7.67 -28.40
C LEU B 52 -19.73 -6.62 -29.21
N CYS B 53 -19.62 -5.35 -28.80
CA CYS B 53 -20.34 -4.25 -29.42
C CYS B 53 -19.47 -3.34 -30.28
N GLY B 54 -18.17 -3.60 -30.38
CA GLY B 54 -17.31 -2.77 -31.21
C GLY B 54 -15.91 -3.31 -31.43
N VAL B 55 -15.31 -2.94 -32.56
CA VAL B 55 -13.96 -3.36 -32.92
C VAL B 55 -13.15 -2.14 -33.30
N ILE B 56 -12.00 -1.97 -32.65
CA ILE B 56 -11.07 -0.87 -32.91
C ILE B 56 -9.79 -1.48 -33.46
N PHE B 57 -9.36 -1.01 -34.64
CA PHE B 57 -8.14 -1.52 -35.24
C PHE B 57 -7.46 -0.41 -36.02
N ASP B 58 -6.18 -0.63 -36.32
CA ASP B 58 -5.35 0.32 -37.05
C ASP B 58 -5.47 0.05 -38.55
N TRP B 59 -5.88 1.07 -39.30
CA TRP B 59 -6.06 0.93 -40.74
C TRP B 59 -4.73 0.68 -41.46
N ASP B 60 -3.62 1.18 -40.91
CA ASP B 60 -2.32 0.91 -41.51
C ASP B 60 -2.00 -0.57 -41.49
N THR B 61 -2.26 -1.25 -40.38
CA THR B 61 -1.91 -2.66 -40.24
C THR B 61 -2.88 -3.56 -41.01
N TYR B 62 -4.17 -3.30 -40.94
CA TYR B 62 -5.18 -4.14 -41.58
C TYR B 62 -5.98 -3.35 -42.58
N ASN B 63 -6.16 -3.92 -43.77
CA ASN B 63 -7.02 -3.31 -44.78
C ASN B 63 -8.47 -3.41 -44.34
N LEU B 64 -9.37 -2.90 -45.18
CA LEU B 64 -10.79 -2.92 -44.87
C LEU B 64 -11.44 -4.26 -45.17
N ASP B 65 -10.67 -5.24 -45.63
CA ASP B 65 -11.20 -6.59 -45.81
C ASP B 65 -11.48 -7.26 -44.48
N LEU B 66 -10.78 -6.85 -43.42
CA LEU B 66 -11.10 -7.34 -42.09
C LEU B 66 -12.50 -6.91 -41.67
N CYS B 67 -12.89 -5.68 -42.05
CA CYS B 67 -14.27 -5.26 -41.86
C CYS B 67 -15.23 -6.12 -42.65
N GLU B 68 -14.84 -6.57 -43.84
CA GLU B 68 -15.68 -7.50 -44.59
C GLU B 68 -15.86 -8.81 -43.83
N GLU B 69 -14.78 -9.35 -43.28
CA GLU B 69 -14.88 -10.59 -42.50
C GLU B 69 -15.76 -10.40 -41.27
N ILE B 70 -15.63 -9.26 -40.59
CA ILE B 70 -16.44 -8.98 -39.42
C ILE B 70 -17.92 -8.85 -39.81
N SER B 71 -18.20 -8.13 -40.90
CA SER B 71 -19.57 -7.96 -41.35
C SER B 71 -20.17 -9.26 -41.86
N ALA B 72 -19.33 -10.22 -42.27
CA ALA B 72 -19.85 -11.53 -42.65
C ALA B 72 -20.53 -12.22 -41.47
N MET B 73 -20.05 -11.97 -40.25
CA MET B 73 -20.66 -12.54 -39.06
C MET B 73 -21.71 -11.62 -38.44
N ASN B 74 -21.54 -10.31 -38.56
CA ASN B 74 -22.45 -9.34 -37.96
C ASN B 74 -22.34 -8.06 -38.80
N GLU B 75 -23.33 -7.83 -39.66
CA GLU B 75 -23.26 -6.68 -40.56
C GLU B 75 -23.56 -5.37 -39.84
N HIS B 76 -24.19 -5.41 -38.68
CA HIS B 76 -24.47 -4.20 -37.92
C HIS B 76 -23.42 -3.89 -36.87
N LEU B 77 -22.46 -4.78 -36.65
CA LEU B 77 -21.46 -4.58 -35.61
C LEU B 77 -20.57 -3.40 -35.98
N PRO B 78 -20.54 -2.35 -35.17
CA PRO B 78 -19.73 -1.18 -35.55
C PRO B 78 -18.25 -1.46 -35.45
N VAL B 79 -17.51 -0.93 -36.42
CA VAL B 79 -16.06 -1.04 -36.47
C VAL B 79 -15.49 0.38 -36.47
N TYR B 80 -14.35 0.56 -35.81
CA TYR B 80 -13.70 1.86 -35.71
C TYR B 80 -12.28 1.74 -36.26
N ALA B 81 -12.03 2.38 -37.39
CA ALA B 81 -10.72 2.35 -38.02
C ALA B 81 -9.99 3.66 -37.80
N PHE B 82 -8.75 3.56 -37.35
CA PHE B 82 -7.91 4.73 -37.11
C PHE B 82 -7.01 4.93 -38.32
N ALA B 83 -7.21 6.03 -39.02
CA ALA B 83 -6.49 6.34 -40.25
C ALA B 83 -5.25 7.16 -39.96
N ASN B 84 -4.11 6.70 -40.46
CA ASN B 84 -2.86 7.45 -40.37
C ASN B 84 -2.32 7.81 -41.74
N THR B 85 -2.07 6.82 -42.60
CA THR B 85 -1.55 7.08 -43.94
C THR B 85 -2.62 7.07 -45.01
N HIS B 86 -3.64 6.23 -44.88
CA HIS B 86 -4.72 6.20 -45.86
C HIS B 86 -5.56 7.46 -45.77
N SER B 87 -6.03 7.94 -46.92
CA SER B 87 -6.86 9.13 -47.03
C SER B 87 -8.21 8.72 -47.64
N THR B 88 -9.02 9.72 -47.97
CA THR B 88 -10.32 9.44 -48.56
C THR B 88 -10.20 8.76 -49.93
N LEU B 89 -9.04 8.86 -50.58
CA LEU B 89 -8.83 8.21 -51.87
C LEU B 89 -8.56 6.72 -51.74
N ASP B 90 -8.33 6.21 -50.53
CA ASP B 90 -8.00 4.82 -50.32
C ASP B 90 -9.23 3.96 -50.01
N VAL B 91 -10.43 4.51 -50.10
CA VAL B 91 -11.65 3.77 -49.79
C VAL B 91 -12.50 3.66 -51.06
N SER B 92 -13.09 2.49 -51.26
CA SER B 92 -13.96 2.24 -52.40
C SER B 92 -15.42 2.23 -51.97
N LEU B 93 -16.30 2.14 -52.96
CA LEU B 93 -17.74 2.11 -52.67
C LEU B 93 -18.10 0.88 -51.83
N ASN B 94 -17.51 -0.27 -52.16
CA ASN B 94 -17.78 -1.49 -51.40
C ASN B 94 -17.37 -1.33 -49.94
N ASP B 95 -16.19 -0.78 -49.69
CA ASP B 95 -15.78 -0.53 -48.31
C ASP B 95 -16.70 0.48 -47.64
N LEU B 96 -17.09 1.53 -48.37
CA LEU B 96 -17.99 2.54 -47.83
C LEU B 96 -19.34 1.95 -47.45
N ARG B 97 -19.74 0.83 -48.07
CA ARG B 97 -20.97 0.16 -47.63
C ARG B 97 -20.85 -0.41 -46.22
N LEU B 98 -19.63 -0.75 -45.78
CA LEU B 98 -19.45 -1.36 -44.47
C LEU B 98 -19.68 -0.33 -43.35
N ASN B 99 -20.04 -0.85 -42.18
CA ASN B 99 -20.33 -0.02 -41.01
C ASN B 99 -19.04 0.30 -40.27
N VAL B 100 -18.24 1.17 -40.89
CA VAL B 100 -16.94 1.58 -40.35
C VAL B 100 -16.99 3.08 -40.08
N GLU B 101 -16.52 3.49 -38.92
CA GLU B 101 -16.33 4.88 -38.57
C GLU B 101 -14.84 5.14 -38.42
N PHE B 102 -14.37 6.24 -39.02
CA PHE B 102 -12.95 6.54 -39.07
C PHE B 102 -12.57 7.61 -38.05
N PHE B 103 -11.43 7.42 -37.40
CA PHE B 103 -10.87 8.33 -36.42
C PHE B 103 -9.40 8.57 -36.73
N GLU B 104 -8.80 9.49 -35.99
CA GLU B 104 -7.39 9.84 -36.18
C GLU B 104 -6.65 9.73 -34.86
N TYR B 105 -5.33 9.62 -34.95
CA TYR B 105 -4.47 9.53 -33.77
C TYR B 105 -4.07 10.93 -33.35
N ALA B 106 -4.39 11.29 -32.11
CA ALA B 106 -4.03 12.61 -31.57
C ALA B 106 -4.18 12.63 -30.06
N LEU B 107 -3.16 13.13 -29.37
CA LEU B 107 -3.24 13.27 -27.92
C LEU B 107 -4.35 14.26 -27.56
N GLY B 108 -5.12 13.92 -26.52
CA GLY B 108 -6.20 14.77 -26.06
C GLY B 108 -7.51 14.62 -26.81
N ALA B 109 -7.60 13.70 -27.76
CA ALA B 109 -8.82 13.50 -28.54
C ALA B 109 -9.63 12.30 -28.06
N ALA B 110 -9.33 11.76 -26.88
CA ALA B 110 -9.95 10.51 -26.45
C ALA B 110 -11.40 10.72 -26.02
N GLN B 111 -11.71 11.84 -25.37
CA GLN B 111 -13.06 12.06 -24.87
C GLN B 111 -14.06 12.15 -26.02
N ASP B 112 -13.71 12.88 -27.08
CA ASP B 112 -14.61 13.02 -28.22
C ASP B 112 -14.82 11.68 -28.93
N ILE B 113 -13.74 10.91 -29.12
CA ILE B 113 -13.86 9.61 -29.78
C ILE B 113 -14.67 8.66 -28.93
N ALA B 114 -14.49 8.71 -27.60
CA ALA B 114 -15.27 7.87 -26.69
C ALA B 114 -16.75 8.22 -26.77
N GLN B 115 -17.06 9.51 -26.85
CA GLN B 115 -18.47 9.91 -26.98
C GLN B 115 -19.04 9.44 -28.32
N LYS B 116 -18.25 9.56 -29.39
CA LYS B 116 -18.70 9.07 -30.70
C LYS B 116 -18.96 7.57 -30.66
N ILE B 117 -18.07 6.82 -30.02
CA ILE B 117 -18.24 5.38 -29.95
C ILE B 117 -19.45 5.02 -29.10
N ARG B 118 -19.71 5.79 -28.04
CA ARG B 118 -20.91 5.57 -27.24
C ARG B 118 -22.16 5.78 -28.08
N GLN B 119 -22.20 6.86 -28.86
CA GLN B 119 -23.35 7.11 -29.73
C GLN B 119 -23.52 5.98 -30.75
N SER B 120 -22.40 5.49 -31.30
CA SER B 120 -22.44 4.40 -32.25
C SER B 120 -22.98 3.12 -31.59
N THR B 121 -22.56 2.85 -30.35
CA THR B 121 -23.06 1.69 -29.61
C THR B 121 -24.56 1.79 -29.38
N ASP B 122 -25.04 2.97 -29.02
CA ASP B 122 -26.47 3.18 -28.84
C ASP B 122 -27.23 2.97 -30.14
N ALA B 123 -26.67 3.47 -31.25
CA ALA B 123 -27.32 3.27 -32.55
C ALA B 123 -27.36 1.81 -32.93
N TYR B 124 -26.30 1.07 -32.65
CA TYR B 124 -26.28 -0.36 -32.96
C TYR B 124 -27.34 -1.11 -32.15
N ILE B 125 -27.41 -0.81 -30.85
CA ILE B 125 -28.43 -1.42 -30.00
C ILE B 125 -29.82 -1.09 -30.52
N ASP B 126 -30.06 0.17 -30.91
CA ASP B 126 -31.36 0.56 -31.42
C ASP B 126 -31.69 -0.15 -32.72
N GLU B 127 -30.71 -0.28 -33.62
CA GLU B 127 -30.93 -0.93 -34.91
C GLU B 127 -31.30 -2.40 -34.73
N ILE B 128 -30.63 -3.10 -33.82
CA ILE B 128 -30.94 -4.53 -33.69
C ILE B 128 -32.19 -4.79 -32.85
N LEU B 129 -32.59 -3.85 -32.00
CA LEU B 129 -33.73 -4.12 -31.14
C LEU B 129 -35.03 -4.00 -31.92
N PRO B 130 -36.02 -4.83 -31.63
CA PRO B 130 -37.35 -4.66 -32.22
C PRO B 130 -38.10 -3.53 -31.52
N PRO B 131 -39.12 -2.96 -32.16
CA PRO B 131 -39.74 -1.73 -31.62
C PRO B 131 -40.43 -1.86 -30.27
N LEU B 132 -41.26 -2.89 -30.08
CA LEU B 132 -41.99 -3.02 -28.83
C LEU B 132 -41.05 -3.33 -27.66
N THR B 133 -40.04 -4.17 -27.88
CA THR B 133 -39.06 -4.44 -26.83
C THR B 133 -38.29 -3.19 -26.47
N LYS B 134 -37.92 -2.39 -27.48
CA LYS B 134 -37.25 -1.12 -27.22
C LYS B 134 -38.13 -0.20 -26.40
N ALA B 135 -39.42 -0.13 -26.73
CA ALA B 135 -40.34 0.72 -25.97
C ALA B 135 -40.47 0.25 -24.52
N LEU B 136 -40.55 -1.06 -24.32
CA LEU B 136 -40.65 -1.60 -22.96
C LEU B 136 -39.39 -1.28 -22.15
N PHE B 137 -38.21 -1.44 -22.77
CA PHE B 137 -36.96 -1.14 -22.08
C PHE B 137 -36.88 0.34 -21.73
N ASN B 138 -37.27 1.21 -22.66
CA ASN B 138 -37.24 2.65 -22.39
C ASN B 138 -38.20 3.01 -21.27
N TYR B 139 -39.41 2.45 -21.28
CA TYR B 139 -40.36 2.72 -20.22
C TYR B 139 -39.81 2.30 -18.87
N VAL B 140 -39.20 1.11 -18.80
CA VAL B 140 -38.58 0.68 -17.55
C VAL B 140 -37.50 1.67 -17.12
N LYS B 141 -36.74 2.18 -18.08
CA LYS B 141 -35.72 3.18 -17.77
C LYS B 141 -36.33 4.45 -17.17
N GLU B 142 -37.55 4.81 -17.58
CA GLU B 142 -38.18 6.01 -17.02
C GLU B 142 -38.44 5.89 -15.52
N GLY B 143 -38.72 4.68 -15.02
CA GLY B 143 -38.91 4.49 -13.59
C GLY B 143 -40.09 5.21 -12.97
N LYS B 144 -41.26 5.11 -13.60
CA LYS B 144 -42.44 5.80 -13.12
C LYS B 144 -43.09 5.07 -11.94
N TYR B 145 -43.92 5.80 -11.20
CA TYR B 145 -44.69 5.25 -10.10
C TYR B 145 -46.07 4.88 -10.62
N THR B 146 -46.46 3.63 -10.44
CA THR B 146 -47.75 3.15 -10.91
C THR B 146 -48.73 3.03 -9.75
N PHE B 147 -49.98 3.41 -10.00
CA PHE B 147 -51.09 3.16 -9.09
C PHE B 147 -52.11 2.26 -9.77
N CYS B 148 -51.63 1.33 -10.58
CA CYS B 148 -52.43 0.48 -11.43
C CYS B 148 -51.95 -0.95 -11.30
N THR B 149 -52.70 -1.87 -11.90
CA THR B 149 -52.27 -3.25 -11.96
C THR B 149 -50.99 -3.34 -12.81
N PRO B 150 -50.16 -4.36 -12.59
CA PRO B 150 -50.29 -5.58 -11.76
C PRO B 150 -50.54 -5.45 -10.25
N GLY B 151 -50.17 -4.40 -9.54
CA GLY B 151 -50.42 -4.31 -8.12
C GLY B 151 -49.19 -4.53 -7.25
N HIS B 152 -48.21 -5.28 -7.75
CA HIS B 152 -46.93 -5.32 -7.05
C HIS B 152 -46.12 -4.06 -7.32
N MET B 153 -46.54 -3.24 -8.29
CA MET B 153 -45.99 -1.91 -8.57
C MET B 153 -44.50 -1.98 -8.89
N GLY B 154 -44.17 -2.76 -9.91
CA GLY B 154 -42.78 -2.91 -10.29
C GLY B 154 -41.94 -3.70 -9.33
N GLY B 155 -42.55 -4.52 -8.48
CA GLY B 155 -41.82 -5.35 -7.54
C GLY B 155 -41.69 -4.80 -6.14
N THR B 156 -42.34 -3.69 -5.81
CA THR B 156 -42.24 -3.13 -4.47
C THR B 156 -42.85 -4.07 -3.43
N ALA B 157 -44.01 -4.65 -3.74
CA ALA B 157 -44.67 -5.55 -2.79
C ALA B 157 -43.82 -6.77 -2.49
N PHE B 158 -43.14 -7.30 -3.51
CA PHE B 158 -42.22 -8.41 -3.27
C PHE B 158 -41.09 -8.00 -2.33
N GLN B 159 -40.54 -6.80 -2.53
CA GLN B 159 -39.47 -6.32 -1.66
C GLN B 159 -39.96 -6.05 -0.24
N LYS B 160 -41.27 -5.89 -0.04
CA LYS B 160 -41.79 -5.69 1.30
C LYS B 160 -42.00 -6.99 2.08
N SER B 161 -41.76 -8.14 1.46
CA SER B 161 -42.03 -9.42 2.10
C SER B 161 -40.79 -10.31 2.05
N PRO B 162 -40.56 -11.11 3.08
CA PRO B 162 -39.38 -12.00 3.07
C PRO B 162 -39.41 -13.04 1.94
N VAL B 163 -40.48 -13.84 1.86
CA VAL B 163 -40.57 -14.80 0.76
C VAL B 163 -40.69 -14.05 -0.57
N GLY B 164 -41.38 -12.91 -0.57
CA GLY B 164 -41.41 -12.08 -1.74
C GLY B 164 -40.04 -11.55 -2.11
N SER B 165 -39.20 -11.25 -1.11
CA SER B 165 -37.85 -10.78 -1.41
C SER B 165 -37.01 -11.89 -2.02
N ILE B 166 -37.19 -13.14 -1.57
CA ILE B 166 -36.50 -14.26 -2.22
C ILE B 166 -36.95 -14.37 -3.67
N PHE B 167 -38.26 -14.30 -3.90
CA PHE B 167 -38.80 -14.34 -5.26
C PHE B 167 -38.23 -13.22 -6.13
N TYR B 168 -38.16 -12.01 -5.56
CA TYR B 168 -37.65 -10.84 -6.25
C TYR B 168 -36.18 -11.01 -6.62
N ASP B 169 -35.37 -11.50 -5.67
CA ASP B 169 -33.96 -11.70 -5.93
C ASP B 169 -33.74 -12.76 -7.01
N PHE B 170 -34.57 -13.80 -7.01
CA PHE B 170 -34.46 -14.81 -8.05
C PHE B 170 -34.81 -14.24 -9.42
N PHE B 171 -35.97 -13.59 -9.54
CA PHE B 171 -36.42 -13.17 -10.88
C PHE B 171 -35.80 -11.86 -11.34
N GLY B 172 -35.34 -11.01 -10.43
CA GLY B 172 -34.67 -9.78 -10.80
C GLY B 172 -35.61 -8.60 -10.95
N ALA B 173 -35.02 -7.40 -10.88
CA ALA B 173 -35.81 -6.18 -10.85
C ALA B 173 -36.42 -5.85 -12.21
N ASN B 174 -35.70 -6.11 -13.31
CA ASN B 174 -36.20 -5.72 -14.62
C ASN B 174 -37.43 -6.53 -15.02
N ALA B 175 -37.48 -7.80 -14.63
CA ALA B 175 -38.65 -8.62 -14.94
C ALA B 175 -39.90 -8.07 -14.27
N MET B 176 -39.77 -7.61 -13.02
CA MET B 176 -40.92 -7.07 -12.30
C MET B 176 -41.26 -5.65 -12.74
N LYS B 177 -40.26 -4.87 -13.16
CA LYS B 177 -40.53 -3.53 -13.63
C LYS B 177 -41.16 -3.53 -15.02
N SER B 178 -40.85 -4.53 -15.84
CA SER B 178 -41.42 -4.64 -17.17
C SER B 178 -42.81 -5.26 -17.17
N ASP B 179 -43.25 -5.82 -16.05
CA ASP B 179 -44.57 -6.45 -15.95
C ASP B 179 -45.60 -5.35 -15.70
N ILE B 180 -46.25 -4.91 -16.78
CA ILE B 180 -47.16 -3.76 -16.72
C ILE B 180 -48.50 -4.14 -17.33
N SER B 181 -49.38 -3.15 -17.46
CA SER B 181 -50.72 -3.33 -18.00
C SER B 181 -50.98 -2.22 -19.03
N ILE B 182 -52.19 -2.24 -19.61
CA ILE B 182 -52.58 -1.22 -20.57
C ILE B 182 -52.79 0.15 -19.95
N SER B 183 -52.76 0.24 -18.62
CA SER B 183 -52.83 1.55 -17.97
C SER B 183 -51.66 2.43 -18.38
N VAL B 184 -50.53 1.82 -18.73
CA VAL B 184 -49.41 2.54 -19.32
C VAL B 184 -49.71 2.73 -20.79
N GLY B 185 -50.33 3.86 -21.12
CA GLY B 185 -50.82 4.08 -22.47
C GLY B 185 -49.74 4.23 -23.52
N GLU B 186 -48.52 4.60 -23.12
CA GLU B 186 -47.46 4.81 -24.09
C GLU B 186 -47.00 3.51 -24.74
N LEU B 187 -47.18 2.37 -24.08
CA LEU B 187 -46.85 1.09 -24.70
C LEU B 187 -47.93 0.59 -25.65
N GLY B 188 -49.09 1.23 -25.67
CA GLY B 188 -50.17 0.77 -26.52
C GLY B 188 -50.92 -0.40 -25.92
N SER B 189 -51.57 -1.15 -26.78
CA SER B 189 -52.40 -2.27 -26.35
C SER B 189 -52.28 -3.42 -27.33
N LEU B 190 -52.01 -4.62 -26.80
CA LEU B 190 -52.01 -5.82 -27.65
C LEU B 190 -53.40 -6.10 -28.20
N LEU B 191 -54.43 -5.93 -27.37
CA LEU B 191 -55.80 -6.20 -27.81
C LEU B 191 -56.26 -5.20 -28.87
N ASP B 192 -55.88 -3.94 -28.73
CA ASP B 192 -56.26 -2.93 -29.70
C ASP B 192 -55.32 -2.87 -30.91
N HIS B 193 -54.18 -3.57 -30.86
CA HIS B 193 -53.17 -3.51 -31.91
C HIS B 193 -52.75 -2.07 -32.17
N SER B 194 -52.34 -1.39 -31.11
CA SER B 194 -52.04 0.04 -31.14
C SER B 194 -50.65 0.32 -30.59
N GLY B 195 -50.07 1.42 -31.07
CA GLY B 195 -48.76 1.84 -30.64
C GLY B 195 -47.68 0.85 -31.04
N PRO B 196 -46.67 0.69 -30.18
CA PRO B 196 -45.58 -0.25 -30.50
C PRO B 196 -46.06 -1.66 -30.79
N HIS B 197 -47.11 -2.10 -30.08
CA HIS B 197 -47.70 -3.41 -30.36
C HIS B 197 -48.01 -3.56 -31.85
N LYS B 198 -48.69 -2.55 -32.41
CA LYS B 198 -49.00 -2.59 -33.84
C LYS B 198 -47.72 -2.77 -34.65
N GLU B 199 -46.70 -1.95 -34.37
CA GLU B 199 -45.44 -2.07 -35.09
C GLU B 199 -44.88 -3.47 -34.93
N ALA B 200 -44.93 -4.00 -33.70
CA ALA B 200 -44.44 -5.35 -33.45
C ALA B 200 -45.07 -6.33 -34.43
N GLU B 201 -46.40 -6.29 -34.56
CA GLU B 201 -47.07 -7.21 -35.46
C GLU B 201 -46.53 -7.07 -36.86
N GLU B 202 -46.45 -5.83 -37.36
CA GLU B 202 -45.94 -5.63 -38.70
C GLU B 202 -44.52 -6.17 -38.82
N TYR B 203 -43.68 -5.86 -37.82
CA TYR B 203 -42.33 -6.40 -37.79
C TYR B 203 -42.37 -7.92 -37.91
N ILE B 204 -43.17 -8.55 -37.05
CA ILE B 204 -43.25 -10.01 -37.09
C ILE B 204 -43.73 -10.47 -38.45
N ALA B 205 -44.73 -9.78 -39.00
CA ALA B 205 -45.28 -10.21 -40.29
C ALA B 205 -44.19 -10.16 -41.36
N ARG B 206 -43.32 -9.16 -41.31
CA ARG B 206 -42.27 -9.08 -42.32
C ARG B 206 -41.24 -10.18 -42.12
N THR B 207 -40.97 -10.56 -40.87
CA THR B 207 -39.90 -11.49 -40.59
C THR B 207 -40.26 -12.93 -40.96
N PHE B 208 -41.53 -13.31 -40.82
CA PHE B 208 -41.95 -14.69 -41.00
C PHE B 208 -42.64 -14.94 -42.33
N ASN B 209 -42.56 -13.99 -43.27
CA ASN B 209 -43.20 -14.12 -44.59
C ASN B 209 -44.70 -14.34 -44.46
N ALA B 210 -45.34 -13.49 -43.66
CA ALA B 210 -46.78 -13.53 -43.46
C ALA B 210 -47.38 -12.21 -43.89
N GLU B 211 -48.61 -12.28 -44.41
CA GLU B 211 -49.34 -11.06 -44.69
C GLU B 211 -49.81 -10.39 -43.41
N ARG B 212 -50.33 -11.18 -42.46
CA ARG B 212 -50.73 -10.65 -41.17
C ARG B 212 -50.21 -11.55 -40.06
N SER B 213 -49.88 -10.94 -38.92
CA SER B 213 -49.33 -11.68 -37.79
C SER B 213 -50.04 -11.27 -36.50
N TYR B 214 -50.33 -12.27 -35.67
CA TYR B 214 -50.97 -12.05 -34.38
C TYR B 214 -50.17 -12.74 -33.29
N MET B 215 -50.00 -12.05 -32.18
CA MET B 215 -49.28 -12.57 -31.02
C MET B 215 -50.27 -13.17 -30.03
N VAL B 216 -49.98 -14.39 -29.57
CA VAL B 216 -50.81 -15.10 -28.61
C VAL B 216 -49.97 -15.36 -27.37
N THR B 217 -50.52 -15.03 -26.20
CA THR B 217 -49.83 -15.26 -24.94
C THR B 217 -50.31 -16.49 -24.21
N ASN B 218 -51.12 -17.33 -24.84
CA ASN B 218 -51.60 -18.56 -24.22
C ASN B 218 -51.29 -19.77 -25.08
N GLY B 219 -50.21 -19.72 -25.84
CA GLY B 219 -49.73 -20.87 -26.58
C GLY B 219 -50.48 -21.15 -27.87
N THR B 220 -49.96 -22.15 -28.57
CA THR B 220 -50.56 -22.60 -29.81
C THR B 220 -51.91 -23.28 -29.58
N SER B 221 -52.19 -23.76 -28.37
CA SER B 221 -53.53 -24.24 -28.06
C SER B 221 -54.55 -23.13 -28.30
N THR B 222 -54.30 -21.97 -27.70
CA THR B 222 -55.18 -20.82 -27.87
C THR B 222 -55.14 -20.31 -29.31
N ALA B 223 -53.96 -20.31 -29.94
CA ALA B 223 -53.88 -19.86 -31.33
C ALA B 223 -54.72 -20.75 -32.24
N ASN B 224 -54.65 -22.07 -32.05
CA ASN B 224 -55.46 -23.00 -32.81
C ASN B 224 -56.94 -22.76 -32.58
N LYS B 225 -57.33 -22.54 -31.33
CA LYS B 225 -58.74 -22.29 -31.04
C LYS B 225 -59.22 -21.02 -31.72
N ILE B 226 -58.39 -19.98 -31.73
CA ILE B 226 -58.78 -18.73 -32.39
C ILE B 226 -58.96 -18.95 -33.88
N VAL B 227 -58.00 -19.60 -34.53
CA VAL B 227 -58.08 -19.84 -35.96
C VAL B 227 -59.32 -20.67 -36.29
N GLY B 228 -59.53 -21.76 -35.54
CA GLY B 228 -60.67 -22.62 -35.80
C GLY B 228 -62.01 -21.92 -35.59
N MET B 229 -62.12 -21.16 -34.51
CA MET B 229 -63.37 -20.46 -34.23
C MET B 229 -63.68 -19.44 -35.32
N TYR B 230 -62.68 -18.70 -35.78
CA TYR B 230 -62.93 -17.78 -36.88
C TYR B 230 -63.25 -18.52 -38.17
N SER B 231 -62.69 -19.72 -38.35
CA SER B 231 -62.83 -20.44 -39.61
C SER B 231 -64.05 -21.35 -39.67
N ALA B 232 -64.54 -21.82 -38.52
CA ALA B 232 -65.58 -22.85 -38.48
C ALA B 232 -66.77 -22.40 -37.65
N PRO B 233 -67.78 -21.80 -38.28
CA PRO B 233 -69.00 -21.46 -37.55
C PRO B 233 -69.75 -22.72 -37.12
N ALA B 234 -70.59 -22.54 -36.11
CA ALA B 234 -71.39 -23.66 -35.60
C ALA B 234 -72.24 -24.26 -36.70
N GLY B 235 -72.18 -25.58 -36.82
CA GLY B 235 -72.90 -26.29 -37.84
C GLY B 235 -72.11 -26.60 -39.10
N SER B 236 -70.85 -26.18 -39.17
CA SER B 236 -70.03 -26.44 -40.34
C SER B 236 -69.27 -27.76 -40.19
N THR B 237 -68.67 -28.20 -41.28
CA THR B 237 -67.85 -29.40 -41.33
C THR B 237 -66.39 -29.00 -41.48
N VAL B 238 -65.52 -29.67 -40.75
CA VAL B 238 -64.08 -29.37 -40.76
C VAL B 238 -63.30 -30.65 -40.99
N LEU B 239 -62.31 -30.58 -41.87
CA LEU B 239 -61.35 -31.66 -42.01
C LEU B 239 -60.28 -31.50 -40.93
N ILE B 240 -60.05 -32.55 -40.16
CA ILE B 240 -59.13 -32.50 -39.03
C ILE B 240 -58.13 -33.64 -39.16
N ASP B 241 -56.84 -33.31 -39.05
CA ASP B 241 -55.82 -34.35 -38.97
C ASP B 241 -56.05 -35.19 -37.72
N ARG B 242 -56.09 -36.51 -37.89
CA ARG B 242 -56.21 -37.39 -36.72
C ARG B 242 -55.00 -37.27 -35.83
N ASN B 243 -53.85 -36.87 -36.38
CA ASN B 243 -52.67 -36.54 -35.61
C ASN B 243 -52.75 -35.09 -35.15
N CYS B 244 -53.86 -34.72 -34.51
CA CYS B 244 -54.06 -33.36 -34.04
C CYS B 244 -53.74 -33.26 -32.56
N HIS B 245 -53.32 -32.07 -32.14
CA HIS B 245 -53.10 -31.81 -30.73
C HIS B 245 -54.44 -31.77 -30.01
N LYS B 246 -54.39 -32.00 -28.69
CA LYS B 246 -55.60 -32.03 -27.89
C LYS B 246 -56.37 -30.71 -27.96
N SER B 247 -55.71 -29.61 -28.32
CA SER B 247 -56.41 -28.33 -28.42
C SER B 247 -57.44 -28.33 -29.54
N LEU B 248 -57.17 -29.04 -30.64
CA LEU B 248 -58.18 -29.17 -31.69
C LEU B 248 -59.41 -29.91 -31.18
N THR B 249 -59.18 -30.96 -30.38
CA THR B 249 -60.29 -31.67 -29.75
C THR B 249 -61.06 -30.76 -28.79
N HIS B 250 -60.35 -29.91 -28.05
CA HIS B 250 -61.01 -28.95 -27.17
C HIS B 250 -61.87 -27.98 -27.97
N LEU B 251 -61.35 -27.51 -29.11
CA LEU B 251 -62.15 -26.63 -29.97
C LEU B 251 -63.38 -27.35 -30.49
N MET B 252 -63.24 -28.62 -30.86
CA MET B 252 -64.39 -29.40 -31.30
C MET B 252 -65.41 -29.54 -30.18
N MET B 253 -64.94 -29.69 -28.94
CA MET B 253 -65.84 -29.75 -27.80
C MET B 253 -66.46 -28.38 -27.47
N MET B 254 -65.84 -27.30 -27.94
CA MET B 254 -66.37 -25.96 -27.68
C MET B 254 -67.42 -25.56 -28.70
N SER B 255 -67.22 -25.91 -29.96
CA SER B 255 -68.08 -25.48 -31.05
C SER B 255 -68.73 -26.69 -31.70
N ASP B 256 -70.01 -26.56 -32.04
CA ASP B 256 -70.74 -27.65 -32.68
C ASP B 256 -70.33 -27.73 -34.15
N ILE B 257 -69.24 -28.43 -34.39
CA ILE B 257 -68.69 -28.62 -35.73
C ILE B 257 -68.52 -30.10 -35.98
N THR B 258 -68.86 -30.54 -37.19
CA THR B 258 -68.77 -31.94 -37.55
C THR B 258 -67.37 -32.25 -38.10
N PRO B 259 -66.62 -33.16 -37.49
CA PRO B 259 -65.28 -33.46 -37.97
C PRO B 259 -65.23 -34.64 -38.93
N ILE B 260 -64.41 -34.48 -39.97
CA ILE B 260 -64.03 -35.58 -40.87
C ILE B 260 -62.51 -35.70 -40.78
N TYR B 261 -62.03 -36.87 -40.39
CA TYR B 261 -60.64 -37.03 -39.99
C TYR B 261 -59.77 -37.50 -41.14
N PHE B 262 -58.67 -36.78 -41.37
CA PHE B 262 -57.58 -37.29 -42.20
C PHE B 262 -56.93 -38.46 -41.48
N ARG B 263 -56.60 -39.51 -42.22
CA ARG B 263 -55.95 -40.66 -41.61
C ARG B 263 -54.46 -40.62 -41.89
N PRO B 264 -53.62 -40.39 -40.89
CA PRO B 264 -52.17 -40.46 -41.11
C PRO B 264 -51.70 -41.91 -41.01
N THR B 265 -50.41 -42.10 -41.23
CA THR B 265 -49.79 -43.40 -41.18
C THR B 265 -48.88 -43.50 -39.95
N ARG B 266 -48.24 -44.66 -39.80
CA ARG B 266 -47.32 -44.89 -38.70
C ARG B 266 -46.45 -46.10 -39.04
N ASN B 267 -45.39 -46.28 -38.27
CA ASN B 267 -44.46 -47.39 -38.45
C ASN B 267 -44.50 -48.28 -37.22
N ALA B 268 -43.63 -49.30 -37.20
CA ALA B 268 -43.59 -50.23 -36.09
C ALA B 268 -43.15 -49.55 -34.79
N TYR B 269 -42.34 -48.48 -34.89
CA TYR B 269 -41.90 -47.77 -33.70
C TYR B 269 -43.01 -46.95 -33.06
N GLY B 270 -44.15 -46.79 -33.72
CA GLY B 270 -45.16 -45.88 -33.24
C GLY B 270 -44.96 -44.45 -33.66
N ILE B 271 -43.97 -44.18 -34.51
CA ILE B 271 -43.75 -42.84 -35.02
C ILE B 271 -44.87 -42.48 -35.99
N LEU B 272 -45.51 -41.35 -35.76
CA LEU B 272 -46.62 -40.94 -36.61
C LEU B 272 -46.12 -40.53 -37.98
N GLY B 273 -46.75 -41.05 -39.02
CA GLY B 273 -46.41 -40.71 -40.39
C GLY B 273 -47.38 -39.67 -40.95
N GLY B 274 -47.03 -39.20 -42.15
CA GLY B 274 -47.84 -38.20 -42.80
C GLY B 274 -49.12 -38.76 -43.39
N ILE B 275 -50.05 -37.86 -43.66
CA ILE B 275 -51.31 -38.22 -44.32
C ILE B 275 -51.03 -38.52 -45.79
N PRO B 276 -51.47 -39.65 -46.33
CA PRO B 276 -51.25 -39.94 -47.75
C PRO B 276 -51.97 -38.92 -48.63
N LYS B 277 -51.44 -38.76 -49.85
CA LYS B 277 -51.98 -37.76 -50.78
C LYS B 277 -53.44 -38.03 -51.13
N SER B 278 -53.84 -39.30 -51.18
CA SER B 278 -55.21 -39.64 -51.56
C SER B 278 -56.23 -39.00 -50.63
N GLU B 279 -55.88 -38.81 -49.35
CA GLU B 279 -56.82 -38.19 -48.42
C GLU B 279 -57.10 -36.74 -48.74
N PHE B 280 -56.19 -36.07 -49.45
CA PHE B 280 -56.40 -34.68 -49.83
C PHE B 280 -57.20 -34.53 -51.11
N GLN B 281 -57.55 -35.63 -51.77
CA GLN B 281 -58.26 -35.58 -53.04
C GLN B 281 -59.73 -35.25 -52.85
N HIS B 282 -60.32 -34.64 -53.87
CA HIS B 282 -61.72 -34.23 -53.81
C HIS B 282 -62.66 -35.42 -53.66
N ASP B 283 -62.39 -36.50 -54.39
CA ASP B 283 -63.28 -37.66 -54.36
C ASP B 283 -63.30 -38.31 -52.98
N THR B 284 -62.14 -38.44 -52.35
CA THR B 284 -62.09 -39.04 -51.02
C THR B 284 -62.85 -38.19 -50.01
N ILE B 285 -62.67 -36.87 -50.06
CA ILE B 285 -63.37 -35.98 -49.14
C ILE B 285 -64.87 -36.04 -49.36
N ALA B 286 -65.29 -36.03 -50.63
CA ALA B 286 -66.72 -36.09 -50.93
C ALA B 286 -67.33 -37.40 -50.44
N GLU B 287 -66.60 -38.50 -50.60
CA GLU B 287 -67.10 -39.78 -50.10
C GLU B 287 -67.25 -39.75 -48.58
N ARG B 288 -66.27 -39.17 -47.89
CA ARG B 288 -66.36 -39.08 -46.43
C ARG B 288 -67.53 -38.19 -46.01
N VAL B 289 -67.77 -37.09 -46.72
CA VAL B 289 -68.93 -36.25 -46.43
C VAL B 289 -70.22 -37.03 -46.63
N ALA B 290 -70.28 -37.83 -47.69
CA ALA B 290 -71.46 -38.64 -47.94
C ALA B 290 -71.70 -39.63 -46.80
N GLN B 291 -70.64 -40.26 -46.30
CA GLN B 291 -70.80 -41.21 -45.20
C GLN B 291 -71.21 -40.50 -43.91
N THR B 292 -70.60 -39.35 -43.63
CA THR B 292 -70.80 -38.69 -42.34
C THR B 292 -72.17 -38.02 -42.28
N PRO B 293 -73.00 -38.35 -41.30
CA PRO B 293 -74.30 -37.68 -41.19
C PRO B 293 -74.14 -36.26 -40.66
N ASN B 294 -75.05 -35.38 -41.11
CA ASN B 294 -75.03 -33.97 -40.74
C ASN B 294 -73.71 -33.31 -41.14
N ALA B 295 -73.19 -33.69 -42.30
CA ALA B 295 -71.92 -33.16 -42.80
C ALA B 295 -72.10 -32.61 -44.19
N THR B 296 -71.63 -31.41 -44.41
CA THR B 296 -71.60 -30.75 -45.71
C THR B 296 -70.15 -30.63 -46.17
N TRP B 297 -69.93 -29.94 -47.27
CA TRP B 297 -68.56 -29.76 -47.75
C TRP B 297 -67.77 -28.95 -46.72
N PRO B 298 -66.58 -29.42 -46.32
CA PRO B 298 -65.84 -28.73 -45.25
C PRO B 298 -65.44 -27.32 -45.65
N VAL B 299 -65.51 -26.41 -44.67
CA VAL B 299 -65.09 -25.03 -44.87
C VAL B 299 -63.74 -24.73 -44.25
N HIS B 300 -63.17 -25.67 -43.50
CA HIS B 300 -61.89 -25.50 -42.85
C HIS B 300 -61.16 -26.83 -42.85
N ALA B 301 -59.83 -26.77 -42.90
CA ALA B 301 -59.00 -27.96 -42.87
C ALA B 301 -57.78 -27.70 -42.00
N VAL B 302 -57.49 -28.63 -41.11
CA VAL B 302 -56.39 -28.51 -40.16
C VAL B 302 -55.44 -29.68 -40.39
N VAL B 303 -54.17 -29.37 -40.65
CA VAL B 303 -53.12 -30.35 -40.87
C VAL B 303 -51.97 -30.04 -39.92
N THR B 304 -51.41 -31.09 -39.31
CA THR B 304 -50.28 -30.95 -38.41
C THR B 304 -48.99 -31.02 -39.22
N ASN B 305 -48.34 -29.87 -39.41
CA ASN B 305 -47.09 -29.82 -40.16
C ASN B 305 -46.12 -28.92 -39.39
N SER B 306 -45.04 -29.50 -38.88
CA SER B 306 -44.74 -30.92 -39.05
C SER B 306 -45.31 -31.76 -37.92
N THR B 307 -44.98 -33.05 -37.96
CA THR B 307 -45.32 -33.96 -36.88
C THR B 307 -44.35 -33.80 -35.72
N TYR B 308 -44.68 -34.46 -34.60
CA TYR B 308 -43.81 -34.42 -33.44
C TYR B 308 -42.43 -34.99 -33.75
N ASP B 309 -42.35 -36.01 -34.61
CA ASP B 309 -41.08 -36.63 -34.94
C ASP B 309 -40.37 -35.95 -36.10
N GLY B 310 -40.89 -34.85 -36.62
CA GLY B 310 -40.19 -34.07 -37.61
C GLY B 310 -40.52 -34.34 -39.06
N LEU B 311 -41.68 -34.92 -39.37
CA LEU B 311 -42.07 -35.20 -40.74
C LEU B 311 -42.82 -34.00 -41.30
N LEU B 312 -42.23 -33.33 -42.28
CA LEU B 312 -42.82 -32.19 -42.95
C LEU B 312 -43.48 -32.62 -44.25
N TYR B 313 -44.57 -31.95 -44.59
CA TYR B 313 -45.31 -32.19 -45.81
C TYR B 313 -44.77 -31.32 -46.95
N ASN B 314 -45.05 -31.75 -48.17
CA ASN B 314 -44.91 -30.89 -49.34
C ASN B 314 -46.15 -30.01 -49.35
N THR B 315 -46.04 -28.80 -48.79
CA THR B 315 -47.21 -27.97 -48.62
C THR B 315 -47.75 -27.41 -49.92
N ASP B 316 -46.93 -27.31 -50.96
CA ASP B 316 -47.44 -26.85 -52.25
C ASP B 316 -48.51 -27.79 -52.78
N TYR B 317 -48.28 -29.10 -52.67
CA TYR B 317 -49.26 -30.07 -53.13
C TYR B 317 -50.57 -29.94 -52.37
N ILE B 318 -50.50 -29.73 -51.05
CA ILE B 318 -51.72 -29.59 -50.26
C ILE B 318 -52.46 -28.31 -50.62
N LYS B 319 -51.71 -27.20 -50.74
CA LYS B 319 -52.33 -25.93 -51.10
C LYS B 319 -52.99 -26.00 -52.46
N GLU B 320 -52.48 -26.83 -53.37
CA GLU B 320 -53.07 -26.96 -54.68
C GLU B 320 -54.25 -27.95 -54.71
N ALA B 321 -54.14 -29.06 -53.99
CA ALA B 321 -55.09 -30.16 -54.12
C ALA B 321 -56.23 -30.14 -53.12
N LEU B 322 -56.05 -29.50 -51.96
CA LEU B 322 -57.09 -29.49 -50.93
C LEU B 322 -58.12 -28.43 -51.29
N ASP B 323 -59.30 -28.87 -51.76
CA ASP B 323 -60.34 -27.97 -52.21
C ASP B 323 -61.17 -27.44 -51.04
N VAL B 324 -60.48 -26.72 -50.15
CA VAL B 324 -61.09 -26.11 -48.98
C VAL B 324 -60.68 -24.65 -48.97
N LYS B 325 -61.64 -23.76 -48.71
CA LYS B 325 -61.38 -22.33 -48.75
C LYS B 325 -60.44 -21.87 -47.64
N SER B 326 -60.33 -22.61 -46.54
CA SER B 326 -59.49 -22.22 -45.42
C SER B 326 -58.63 -23.41 -45.01
N ILE B 327 -57.31 -23.25 -45.10
CA ILE B 327 -56.37 -24.31 -44.73
C ILE B 327 -55.49 -23.77 -43.61
N HIS B 328 -55.44 -24.49 -42.50
CA HIS B 328 -54.66 -24.10 -41.33
C HIS B 328 -53.62 -25.18 -41.04
N PHE B 329 -52.35 -24.77 -40.99
CA PHE B 329 -51.24 -25.64 -40.65
C PHE B 329 -50.86 -25.40 -39.19
N ASP B 330 -51.09 -26.39 -38.35
CA ASP B 330 -50.62 -26.36 -36.97
C ASP B 330 -49.11 -26.61 -37.01
N SER B 331 -48.34 -25.54 -36.95
CA SER B 331 -46.89 -25.58 -37.10
C SER B 331 -46.18 -25.23 -35.79
N ALA B 332 -46.70 -25.76 -34.68
CA ALA B 332 -46.12 -25.49 -33.37
C ALA B 332 -44.66 -25.91 -33.31
N TRP B 333 -44.31 -27.00 -33.99
CA TRP B 333 -42.96 -27.54 -33.91
C TRP B 333 -42.00 -26.97 -34.94
N VAL B 334 -42.46 -26.14 -35.87
CA VAL B 334 -41.56 -25.61 -36.89
C VAL B 334 -41.70 -24.09 -37.05
N PRO B 335 -41.34 -23.29 -36.03
CA PRO B 335 -41.36 -21.84 -36.22
C PRO B 335 -40.14 -21.30 -36.96
N TYR B 336 -39.14 -22.14 -37.23
CA TYR B 336 -37.91 -21.70 -37.87
C TYR B 336 -37.96 -21.77 -39.39
N THR B 337 -39.06 -22.23 -39.97
CA THR B 337 -39.20 -22.14 -41.41
C THR B 337 -39.27 -20.67 -41.82
N ASN B 338 -38.90 -20.40 -43.07
CA ASN B 338 -38.67 -19.09 -43.67
C ASN B 338 -37.29 -18.55 -43.29
N PHE B 339 -36.56 -19.20 -42.38
CA PHE B 339 -35.25 -18.75 -41.96
C PHE B 339 -34.13 -19.62 -42.50
N SER B 340 -34.45 -20.68 -43.25
CA SER B 340 -33.47 -21.50 -43.92
C SER B 340 -34.08 -21.97 -45.23
N PRO B 341 -33.30 -22.03 -46.32
CA PRO B 341 -33.85 -22.47 -47.60
C PRO B 341 -34.19 -23.95 -47.69
N ILE B 342 -33.73 -24.78 -46.74
CA ILE B 342 -34.02 -26.20 -46.79
C ILE B 342 -35.49 -26.49 -46.55
N TYR B 343 -36.24 -25.57 -45.97
CA TYR B 343 -37.66 -25.76 -45.69
C TYR B 343 -38.54 -25.14 -46.76
N LYS B 344 -37.98 -24.68 -47.87
CA LYS B 344 -38.76 -24.09 -48.95
C LYS B 344 -39.80 -25.07 -49.45
N GLY B 345 -41.04 -24.61 -49.55
CA GLY B 345 -42.13 -25.45 -50.00
C GLY B 345 -42.64 -26.45 -48.98
N LEU B 346 -42.18 -26.36 -47.74
CA LEU B 346 -42.55 -27.32 -46.70
C LEU B 346 -43.27 -26.64 -45.52
N CYS B 347 -43.81 -25.45 -45.72
CA CYS B 347 -44.50 -24.74 -44.65
C CYS B 347 -45.64 -23.93 -45.24
N GLY B 348 -46.63 -23.63 -44.39
CA GLY B 348 -47.83 -22.94 -44.86
C GLY B 348 -47.55 -21.57 -45.42
N MET B 349 -46.57 -20.86 -44.85
CA MET B 349 -46.25 -19.52 -45.32
C MET B 349 -45.36 -19.53 -46.56
N SER B 350 -44.84 -20.69 -46.96
CA SER B 350 -43.97 -20.75 -48.12
C SER B 350 -44.72 -20.39 -49.38
N GLY B 351 -44.11 -19.54 -50.20
CA GLY B 351 -44.71 -19.14 -51.46
C GLY B 351 -45.52 -17.87 -51.34
N GLY B 352 -46.60 -17.78 -52.13
CA GLY B 352 -47.43 -16.60 -52.12
C GLY B 352 -48.90 -16.88 -51.89
N ARG B 353 -49.75 -15.91 -52.22
CA ARG B 353 -51.18 -16.06 -52.02
C ARG B 353 -51.74 -17.20 -52.87
N VAL B 354 -52.67 -17.95 -52.30
CA VAL B 354 -53.41 -18.98 -53.01
C VAL B 354 -54.77 -18.41 -53.37
N GLU B 355 -55.13 -18.50 -54.64
CA GLU B 355 -56.38 -17.93 -55.11
C GLU B 355 -57.58 -18.59 -54.44
N GLY B 356 -58.49 -17.78 -53.93
CA GLY B 356 -59.70 -18.29 -53.31
C GLY B 356 -59.48 -19.05 -52.01
N LYS B 357 -58.31 -18.93 -51.41
CA LYS B 357 -58.00 -19.67 -50.19
C LYS B 357 -57.29 -18.75 -49.21
N VAL B 358 -57.43 -19.08 -47.93
CA VAL B 358 -56.69 -18.40 -46.87
C VAL B 358 -55.87 -19.45 -46.14
N ILE B 359 -54.58 -19.18 -45.98
CA ILE B 359 -53.63 -20.09 -45.36
C ILE B 359 -53.24 -19.54 -44.00
N TYR B 360 -53.41 -20.36 -42.98
CA TYR B 360 -53.03 -20.05 -41.61
C TYR B 360 -51.84 -20.89 -41.19
N GLU B 361 -50.95 -20.30 -40.41
CA GLU B 361 -49.90 -21.04 -39.74
C GLU B 361 -49.98 -20.71 -38.26
N THR B 362 -49.97 -21.72 -37.41
CA THR B 362 -49.91 -21.50 -35.97
C THR B 362 -48.57 -22.03 -35.48
N GLN B 363 -47.72 -21.12 -35.00
CA GLN B 363 -46.36 -21.46 -34.60
C GLN B 363 -46.18 -21.25 -33.10
N SER B 364 -45.53 -22.23 -32.45
CA SER B 364 -45.12 -22.08 -31.05
C SER B 364 -43.74 -21.46 -31.06
N THR B 365 -43.69 -20.14 -30.89
CA THR B 365 -42.40 -19.46 -30.80
C THR B 365 -41.59 -19.97 -29.63
N HIS B 366 -42.26 -20.40 -28.56
CA HIS B 366 -41.61 -20.90 -27.36
C HIS B 366 -41.20 -22.35 -27.45
N LYS B 367 -41.25 -22.97 -28.63
CA LYS B 367 -40.92 -24.38 -28.74
C LYS B 367 -39.56 -24.62 -29.39
N LEU B 368 -39.31 -24.00 -30.53
CA LEU B 368 -38.06 -24.20 -31.25
C LEU B 368 -37.29 -22.91 -31.51
N LEU B 369 -37.90 -21.75 -31.29
CA LEU B 369 -37.20 -20.48 -31.31
C LEU B 369 -36.96 -20.05 -29.87
N ALA B 370 -36.46 -18.83 -29.68
CA ALA B 370 -36.13 -18.34 -28.34
C ALA B 370 -37.22 -17.39 -27.87
N ALA B 371 -38.21 -17.93 -27.17
CA ALA B 371 -39.30 -17.13 -26.62
C ALA B 371 -39.77 -17.78 -25.32
N PHE B 372 -40.36 -16.96 -24.45
CA PHE B 372 -40.90 -17.47 -23.20
C PHE B 372 -42.07 -18.41 -23.48
N SER B 373 -42.25 -19.38 -22.58
CA SER B 373 -43.37 -20.32 -22.69
C SER B 373 -44.69 -19.55 -22.80
N GLN B 374 -45.61 -20.12 -23.58
CA GLN B 374 -46.93 -19.59 -23.95
C GLN B 374 -46.86 -18.57 -25.08
N ALA B 375 -45.68 -18.23 -25.59
CA ALA B 375 -45.57 -17.30 -26.71
C ALA B 375 -45.88 -18.03 -28.01
N SER B 376 -46.85 -17.52 -28.76
CA SER B 376 -47.28 -18.16 -29.99
C SER B 376 -47.59 -17.11 -31.05
N MET B 377 -47.58 -17.53 -32.31
CA MET B 377 -47.86 -16.66 -33.43
C MET B 377 -48.93 -17.28 -34.32
N ILE B 378 -49.79 -16.43 -34.86
CA ILE B 378 -50.72 -16.78 -35.92
C ILE B 378 -50.32 -15.99 -37.16
N HIS B 379 -49.96 -16.69 -38.22
CA HIS B 379 -49.58 -16.08 -39.49
C HIS B 379 -50.68 -16.32 -40.50
N VAL B 380 -51.08 -15.27 -41.21
CA VAL B 380 -52.20 -15.31 -42.15
C VAL B 380 -51.73 -14.85 -43.51
N LYS B 381 -52.06 -15.63 -44.53
CA LYS B 381 -51.82 -15.28 -45.93
C LYS B 381 -53.12 -15.47 -46.68
N GLY B 382 -53.74 -14.37 -47.10
CA GLY B 382 -55.01 -14.40 -47.78
C GLY B 382 -55.95 -13.37 -47.21
N ASP B 383 -57.20 -13.43 -47.67
CA ASP B 383 -58.21 -12.44 -47.29
C ASP B 383 -58.98 -12.92 -46.07
N ILE B 384 -59.02 -12.07 -45.04
CA ILE B 384 -59.78 -12.33 -43.82
C ILE B 384 -60.58 -11.08 -43.49
N ASN B 385 -61.65 -11.28 -42.73
CA ASN B 385 -62.39 -10.16 -42.15
C ASN B 385 -61.64 -9.74 -40.90
N GLU B 386 -61.02 -8.56 -40.94
CA GLU B 386 -60.15 -8.13 -39.85
C GLU B 386 -60.93 -7.97 -38.54
N GLU B 387 -62.14 -7.40 -38.62
CA GLU B 387 -62.90 -7.16 -37.40
C GLU B 387 -63.41 -8.45 -36.78
N THR B 388 -63.95 -9.35 -37.61
CA THR B 388 -64.42 -10.63 -37.09
C THR B 388 -63.28 -11.47 -36.53
N PHE B 389 -62.14 -11.49 -37.23
CA PHE B 389 -60.99 -12.21 -36.72
C PHE B 389 -60.49 -11.59 -35.43
N ASN B 390 -60.55 -10.26 -35.34
CA ASN B 390 -60.14 -9.60 -34.10
C ASN B 390 -61.08 -9.97 -32.96
N GLU B 391 -62.37 -10.12 -33.24
CA GLU B 391 -63.30 -10.57 -32.22
C GLU B 391 -62.95 -11.97 -31.74
N ALA B 392 -62.69 -12.88 -32.68
CA ALA B 392 -62.30 -14.24 -32.31
C ALA B 392 -61.01 -14.23 -31.51
N TYR B 393 -60.06 -13.38 -31.90
CA TYR B 393 -58.79 -13.27 -31.20
C TYR B 393 -58.97 -12.74 -29.78
N MET B 394 -59.81 -11.72 -29.61
CA MET B 394 -60.05 -11.14 -28.29
C MET B 394 -60.82 -12.09 -27.39
N MET B 395 -61.62 -12.98 -27.97
CA MET B 395 -62.37 -13.94 -27.16
C MET B 395 -61.47 -14.90 -26.39
N HIS B 396 -60.22 -15.08 -26.83
CA HIS B 396 -59.32 -16.00 -26.16
C HIS B 396 -58.08 -15.35 -25.55
N THR B 397 -57.83 -14.08 -25.83
CA THR B 397 -56.67 -13.39 -25.28
C THR B 397 -57.08 -12.59 -24.05
N SER B 398 -56.33 -12.77 -22.97
CA SER B 398 -56.63 -12.09 -21.72
C SER B 398 -56.41 -10.58 -21.84
N THR B 399 -57.23 -9.81 -21.12
CA THR B 399 -57.09 -8.37 -21.12
C THR B 399 -55.88 -7.90 -20.33
N SER B 400 -55.10 -8.81 -19.75
CA SER B 400 -53.89 -8.47 -19.01
C SER B 400 -52.76 -9.34 -19.54
N PRO B 401 -52.30 -9.09 -20.76
CA PRO B 401 -51.23 -9.91 -21.33
C PRO B 401 -49.93 -9.72 -20.58
N HIS B 402 -49.19 -10.81 -20.45
CA HIS B 402 -47.85 -10.77 -19.89
C HIS B 402 -46.93 -10.07 -20.89
N TYR B 403 -46.54 -8.84 -20.59
CA TYR B 403 -45.73 -8.06 -21.51
C TYR B 403 -44.37 -8.72 -21.76
N GLY B 404 -43.88 -9.48 -20.78
CA GLY B 404 -42.65 -10.22 -21.00
C GLY B 404 -42.77 -11.26 -22.10
N ILE B 405 -43.90 -11.96 -22.14
CA ILE B 405 -44.13 -12.96 -23.17
C ILE B 405 -44.24 -12.31 -24.54
N VAL B 406 -44.94 -11.17 -24.61
CA VAL B 406 -45.07 -10.42 -25.86
C VAL B 406 -43.71 -9.94 -26.35
N ALA B 407 -42.92 -9.37 -25.44
CA ALA B 407 -41.59 -8.91 -25.79
C ALA B 407 -40.69 -10.06 -26.19
N SER B 408 -40.87 -11.23 -25.59
CA SER B 408 -40.11 -12.40 -26.00
C SER B 408 -40.48 -12.85 -27.40
N THR B 409 -41.76 -12.74 -27.76
CA THR B 409 -42.18 -13.02 -29.13
C THR B 409 -41.50 -12.07 -30.12
N GLU B 410 -41.53 -10.77 -29.82
CA GLU B 410 -40.90 -9.81 -30.71
C GLU B 410 -39.39 -10.01 -30.79
N THR B 411 -38.76 -10.32 -29.65
CA THR B 411 -37.32 -10.56 -29.63
C THR B 411 -36.97 -11.83 -30.40
N ALA B 412 -37.83 -12.84 -30.35
CA ALA B 412 -37.60 -14.05 -31.13
C ALA B 412 -37.67 -13.76 -32.62
N ALA B 413 -38.58 -12.87 -33.02
CA ALA B 413 -38.58 -12.43 -34.41
C ALA B 413 -37.29 -11.67 -34.75
N ALA B 414 -36.85 -10.79 -33.85
CA ALA B 414 -35.65 -9.99 -34.11
C ALA B 414 -34.39 -10.83 -34.17
N MET B 415 -34.35 -11.94 -33.43
CA MET B 415 -33.15 -12.78 -33.38
C MET B 415 -32.86 -13.47 -34.71
N MET B 416 -33.85 -13.56 -35.59
CA MET B 416 -33.66 -14.18 -36.89
C MET B 416 -33.08 -13.22 -37.93
N LYS B 417 -33.12 -11.92 -37.67
CA LYS B 417 -32.69 -10.96 -38.68
C LYS B 417 -31.18 -10.95 -38.86
N GLY B 418 -30.76 -10.86 -40.12
CA GLY B 418 -29.36 -10.63 -40.44
C GLY B 418 -28.50 -11.88 -40.45
N ASN B 419 -27.20 -11.62 -40.67
CA ASN B 419 -26.22 -12.69 -40.68
C ASN B 419 -26.16 -13.42 -39.36
N ALA B 420 -26.42 -12.72 -38.25
CA ALA B 420 -26.41 -13.38 -36.95
C ALA B 420 -27.48 -14.47 -36.87
N GLY B 421 -28.71 -14.14 -37.25
CA GLY B 421 -29.77 -15.13 -37.23
C GLY B 421 -29.56 -16.23 -38.25
N LYS B 422 -29.06 -15.87 -39.43
CA LYS B 422 -28.78 -16.89 -40.43
C LYS B 422 -27.73 -17.86 -39.93
N ARG B 423 -26.68 -17.35 -39.29
CA ARG B 423 -25.67 -18.22 -38.70
C ARG B 423 -26.25 -19.07 -37.58
N LEU B 424 -27.15 -18.50 -36.77
CA LEU B 424 -27.78 -19.27 -35.71
C LEU B 424 -28.51 -20.49 -36.27
N ILE B 425 -29.39 -20.27 -37.26
CA ILE B 425 -30.17 -21.37 -37.81
C ILE B 425 -29.26 -22.37 -38.53
N ASN B 426 -28.32 -21.87 -39.34
CA ASN B 426 -27.43 -22.76 -40.07
C ASN B 426 -26.57 -23.59 -39.13
N GLY B 427 -26.06 -22.97 -38.07
CA GLY B 427 -25.26 -23.69 -37.11
C GLY B 427 -26.07 -24.75 -36.38
N SER B 428 -27.33 -24.44 -36.07
CA SER B 428 -28.18 -25.45 -35.43
C SER B 428 -28.40 -26.64 -36.36
N ILE B 429 -28.67 -26.38 -37.64
CA ILE B 429 -28.88 -27.47 -38.59
C ILE B 429 -27.61 -28.30 -38.74
N GLU B 430 -26.46 -27.64 -38.87
CA GLU B 430 -25.19 -28.35 -39.05
C GLU B 430 -24.81 -29.12 -37.79
N ARG B 431 -25.09 -28.57 -36.61
CA ARG B 431 -24.84 -29.27 -35.37
C ARG B 431 -25.68 -30.53 -35.27
N ALA B 432 -26.95 -30.45 -35.66
CA ALA B 432 -27.80 -31.63 -35.65
C ALA B 432 -27.28 -32.69 -36.61
N ILE B 433 -26.87 -32.28 -37.81
CA ILE B 433 -26.38 -33.23 -38.80
C ILE B 433 -25.07 -33.86 -38.33
N ARG B 434 -24.19 -33.08 -37.70
CA ARG B 434 -22.95 -33.63 -37.17
C ARG B 434 -23.24 -34.66 -36.08
N PHE B 435 -24.19 -34.36 -35.20
CA PHE B 435 -24.57 -35.33 -34.18
C PHE B 435 -25.12 -36.62 -34.80
N ARG B 436 -25.95 -36.48 -35.84
CA ARG B 436 -26.50 -37.66 -36.52
C ARG B 436 -25.40 -38.50 -37.14
N LYS B 437 -24.46 -37.86 -37.82
CA LYS B 437 -23.34 -38.57 -38.43
C LYS B 437 -22.48 -39.26 -37.37
N GLU B 438 -22.27 -38.60 -36.24
CA GLU B 438 -21.49 -39.20 -35.17
C GLU B 438 -22.20 -40.40 -34.57
N ILE B 439 -23.52 -40.34 -34.43
CA ILE B 439 -24.27 -41.49 -33.95
C ILE B 439 -24.10 -42.66 -34.91
N LYS B 440 -24.20 -42.39 -36.21
CA LYS B 440 -23.99 -43.45 -37.20
C LYS B 440 -22.58 -44.04 -37.10
N ARG B 441 -21.58 -43.17 -36.96
CA ARG B 441 -20.20 -43.63 -36.89
C ARG B 441 -19.95 -44.48 -35.66
N LEU B 442 -20.48 -44.06 -34.51
CA LEU B 442 -20.31 -44.85 -33.29
C LEU B 442 -21.04 -46.18 -33.40
N ASN B 443 -22.23 -46.19 -34.01
CA ASN B 443 -22.96 -47.43 -34.20
C ASN B 443 -22.18 -48.39 -35.08
N SER B 444 -21.56 -47.89 -36.15
CA SER B 444 -20.81 -48.74 -37.06
C SER B 444 -19.60 -49.37 -36.36
N GLU B 445 -18.90 -48.60 -35.54
CA GLU B 445 -17.68 -49.07 -34.89
C GLU B 445 -17.92 -49.70 -33.53
N SER B 446 -19.16 -49.75 -33.05
CA SER B 446 -19.44 -50.39 -31.77
C SER B 446 -19.46 -51.90 -31.93
N GLU B 447 -18.95 -52.59 -30.92
CA GLU B 447 -19.02 -54.04 -30.84
C GLU B 447 -20.24 -54.39 -29.99
N GLY B 448 -21.27 -54.90 -30.63
CA GLY B 448 -22.51 -55.16 -29.95
C GLY B 448 -23.55 -54.08 -30.22
N TRP B 449 -24.52 -54.00 -29.32
CA TRP B 449 -25.63 -53.07 -29.48
C TRP B 449 -25.18 -51.64 -29.30
N PHE B 450 -25.79 -50.74 -30.06
CA PHE B 450 -25.59 -49.31 -29.85
C PHE B 450 -26.80 -48.57 -30.41
N PHE B 451 -26.96 -47.34 -29.94
CA PHE B 451 -28.07 -46.50 -30.37
C PHE B 451 -27.97 -46.23 -31.87
N ASP B 452 -29.13 -46.16 -32.52
CA ASP B 452 -29.24 -45.80 -33.92
C ASP B 452 -30.09 -44.54 -34.03
N VAL B 453 -29.94 -43.84 -35.16
CA VAL B 453 -30.67 -42.61 -35.42
C VAL B 453 -31.63 -42.86 -36.57
N TRP B 454 -32.89 -42.48 -36.38
CA TRP B 454 -33.94 -42.64 -37.38
C TRP B 454 -33.69 -41.67 -38.51
N GLN B 455 -33.07 -42.14 -39.59
CA GLN B 455 -32.67 -41.27 -40.69
C GLN B 455 -32.27 -42.08 -41.91
N PRO B 456 -32.13 -41.46 -43.09
CA PRO B 456 -31.61 -42.19 -44.25
C PRO B 456 -30.15 -42.58 -44.07
N GLU B 457 -29.72 -43.55 -44.87
CA GLU B 457 -28.42 -44.17 -44.69
C GLU B 457 -27.28 -43.21 -45.01
N GLY B 458 -27.42 -42.37 -46.03
CA GLY B 458 -26.31 -41.57 -46.48
C GLY B 458 -26.43 -40.07 -46.36
N ILE B 459 -26.89 -39.57 -45.22
CA ILE B 459 -27.06 -38.13 -45.03
C ILE B 459 -25.72 -37.43 -45.20
N ASP B 460 -25.66 -36.50 -46.16
CA ASP B 460 -24.42 -35.76 -46.42
C ASP B 460 -24.57 -34.27 -46.18
N GLU B 461 -25.48 -33.60 -46.88
CA GLU B 461 -25.60 -32.16 -46.83
C GLU B 461 -26.82 -31.74 -46.03
N ALA B 462 -26.91 -30.44 -45.77
CA ALA B 462 -28.01 -29.88 -45.01
C ALA B 462 -29.25 -29.79 -45.89
N LYS B 463 -30.27 -30.59 -45.57
CA LYS B 463 -31.52 -30.61 -46.31
C LYS B 463 -32.51 -31.45 -45.53
N CYS B 464 -33.78 -31.31 -45.89
CA CYS B 464 -34.84 -32.16 -45.36
C CYS B 464 -34.92 -33.40 -46.25
N TRP B 465 -34.49 -34.54 -45.71
CA TRP B 465 -34.35 -35.75 -46.51
C TRP B 465 -35.70 -36.33 -46.88
N PRO B 466 -36.00 -36.51 -48.16
CA PRO B 466 -37.29 -37.11 -48.54
C PRO B 466 -37.38 -38.56 -48.12
N LEU B 467 -38.61 -38.99 -47.84
CA LEU B 467 -38.90 -40.37 -47.47
C LEU B 467 -39.41 -41.07 -48.72
N ASP B 468 -38.53 -41.80 -49.39
CA ASP B 468 -38.87 -42.49 -50.62
C ASP B 468 -39.31 -43.91 -50.33
N SER B 469 -40.14 -44.46 -51.21
CA SER B 469 -40.66 -45.81 -51.03
C SER B 469 -39.58 -46.88 -51.20
N LYS B 470 -38.51 -46.58 -51.92
CA LYS B 470 -37.43 -47.56 -52.09
C LYS B 470 -36.75 -47.89 -50.77
N ASP B 471 -36.47 -46.87 -49.96
CA ASP B 471 -35.79 -47.07 -48.68
C ASP B 471 -36.77 -47.58 -47.63
N ASN B 472 -36.23 -48.30 -46.65
CA ASN B 472 -37.03 -48.86 -45.57
C ASN B 472 -36.59 -48.37 -44.20
N TRP B 473 -35.79 -47.30 -44.12
CA TRP B 473 -35.36 -46.79 -42.83
C TRP B 473 -36.54 -46.24 -42.03
N HIS B 474 -37.46 -45.56 -42.70
CA HIS B 474 -38.55 -44.89 -41.98
C HIS B 474 -39.59 -45.88 -41.48
N GLY B 475 -39.79 -46.99 -42.17
CA GLY B 475 -40.74 -48.00 -41.74
C GLY B 475 -42.17 -47.80 -42.19
N PHE B 476 -42.44 -46.85 -43.08
CA PHE B 476 -43.78 -46.65 -43.59
C PHE B 476 -43.99 -47.48 -44.85
N LYS B 477 -45.17 -48.08 -44.98
CA LYS B 477 -45.47 -48.98 -46.08
C LYS B 477 -46.17 -48.24 -47.20
N ASP B 478 -45.59 -48.29 -48.40
CA ASP B 478 -46.16 -47.71 -49.61
C ASP B 478 -46.44 -46.23 -49.43
N ILE B 479 -45.38 -45.48 -49.23
CA ILE B 479 -45.47 -44.04 -49.02
C ILE B 479 -45.45 -43.32 -50.37
N ASP B 480 -46.12 -42.19 -50.43
CA ASP B 480 -46.08 -41.36 -51.63
C ASP B 480 -44.72 -40.68 -51.73
N ASN B 481 -44.24 -40.56 -52.97
CA ASN B 481 -42.94 -39.94 -53.21
C ASN B 481 -43.08 -38.43 -53.31
N ASP B 482 -42.01 -37.73 -52.91
CA ASP B 482 -41.98 -36.27 -52.89
C ASP B 482 -43.11 -35.72 -52.03
N HIS B 483 -43.41 -36.43 -50.94
CA HIS B 483 -44.54 -36.13 -50.08
C HIS B 483 -44.12 -35.79 -48.65
N MET B 484 -43.28 -36.62 -48.04
CA MET B 484 -42.84 -36.43 -46.67
C MET B 484 -41.33 -36.25 -46.62
N TYR B 485 -40.87 -35.35 -45.76
CA TYR B 485 -39.46 -35.05 -45.59
C TYR B 485 -39.12 -35.05 -44.11
N LEU B 486 -37.87 -35.35 -43.79
CA LEU B 486 -37.42 -35.43 -42.40
C LEU B 486 -36.63 -34.18 -42.01
N ASP B 487 -37.05 -33.52 -40.95
CA ASP B 487 -36.38 -32.33 -40.45
C ASP B 487 -35.08 -32.72 -39.75
N PRO B 488 -33.93 -32.19 -40.15
CA PRO B 488 -32.68 -32.55 -39.47
C PRO B 488 -32.61 -32.09 -38.02
N ILE B 489 -33.44 -31.13 -37.61
CA ILE B 489 -33.38 -30.61 -36.25
C ILE B 489 -33.88 -31.65 -35.25
N LYS B 490 -34.95 -32.36 -35.60
CA LYS B 490 -35.60 -33.30 -34.69
C LYS B 490 -34.89 -34.64 -34.79
N VAL B 491 -34.02 -34.95 -33.84
CA VAL B 491 -33.16 -36.13 -33.92
C VAL B 491 -33.79 -37.23 -33.08
N THR B 492 -34.21 -38.31 -33.72
CA THR B 492 -34.82 -39.45 -33.04
C THR B 492 -33.79 -40.57 -32.93
N LEU B 493 -33.34 -40.85 -31.72
CA LEU B 493 -32.46 -41.97 -31.47
C LEU B 493 -33.30 -43.23 -31.23
N LEU B 494 -32.76 -44.36 -31.66
CA LEU B 494 -33.45 -45.64 -31.58
C LEU B 494 -32.70 -46.57 -30.64
N THR B 495 -33.42 -47.22 -29.78
CA THR B 495 -32.83 -48.21 -28.90
C THR B 495 -33.14 -49.61 -29.42
N PRO B 496 -32.25 -50.58 -29.18
CA PRO B 496 -32.48 -51.93 -29.70
C PRO B 496 -33.75 -52.54 -29.11
N GLY B 497 -34.38 -53.40 -29.90
CA GLY B 497 -35.62 -54.03 -29.50
C GLY B 497 -36.58 -54.27 -30.64
N MET B 498 -36.36 -53.60 -31.76
CA MET B 498 -37.13 -53.80 -32.98
C MET B 498 -36.20 -54.25 -34.10
N GLN B 499 -36.78 -54.96 -35.07
CA GLN B 499 -36.04 -55.46 -36.21
C GLN B 499 -36.32 -54.59 -37.43
N LYS B 500 -35.53 -54.84 -38.49
CA LYS B 500 -35.66 -54.04 -39.71
C LYS B 500 -37.00 -54.25 -40.39
N ASP B 501 -37.63 -55.40 -40.18
CA ASP B 501 -38.91 -55.71 -40.80
C ASP B 501 -40.10 -55.30 -39.93
N GLY B 502 -39.86 -54.69 -38.77
CA GLY B 502 -40.92 -54.25 -37.89
C GLY B 502 -41.28 -55.21 -36.79
N SER B 503 -40.76 -56.44 -36.82
CA SER B 503 -41.05 -57.39 -35.76
C SER B 503 -40.17 -57.14 -34.55
N MET B 504 -40.66 -57.60 -33.40
CA MET B 504 -39.91 -57.47 -32.15
C MET B 504 -38.69 -58.38 -32.16
N ALA B 505 -37.62 -57.91 -31.51
CA ALA B 505 -36.41 -58.69 -31.37
C ALA B 505 -36.44 -59.50 -30.08
N ASP B 506 -35.54 -60.48 -29.99
CA ASP B 506 -35.49 -61.33 -28.81
C ASP B 506 -35.15 -60.54 -27.56
N THR B 507 -34.19 -59.63 -27.65
CA THR B 507 -33.80 -58.77 -26.55
C THR B 507 -33.94 -57.31 -26.98
N GLY B 508 -34.06 -56.43 -26.00
CA GLY B 508 -34.18 -55.02 -26.28
C GLY B 508 -34.13 -54.20 -25.02
N ILE B 509 -33.79 -52.92 -25.20
CA ILE B 509 -33.72 -51.98 -24.10
C ILE B 509 -34.78 -50.90 -24.31
N PRO B 510 -35.86 -50.89 -23.54
CA PRO B 510 -36.88 -49.86 -23.70
C PRO B 510 -36.32 -48.46 -23.48
N ALA B 511 -36.75 -47.52 -24.31
CA ALA B 511 -36.19 -46.17 -24.27
C ALA B 511 -36.52 -45.43 -22.98
N SER B 512 -37.54 -45.88 -22.25
CA SER B 512 -37.88 -45.24 -20.98
C SER B 512 -36.74 -45.39 -19.96
N ILE B 513 -36.10 -46.56 -19.93
CA ILE B 513 -34.98 -46.78 -19.03
C ILE B 513 -33.83 -45.84 -19.36
N VAL B 514 -33.51 -45.69 -20.66
CA VAL B 514 -32.45 -44.78 -21.07
C VAL B 514 -32.83 -43.34 -20.73
N SER B 515 -34.11 -42.99 -20.89
CA SER B 515 -34.54 -41.63 -20.54
C SER B 515 -34.38 -41.37 -19.05
N LYS B 516 -34.72 -42.36 -18.21
CA LYS B 516 -34.51 -42.22 -16.77
C LYS B 516 -33.03 -42.08 -16.44
N TYR B 517 -32.18 -42.87 -17.11
CA TYR B 517 -30.75 -42.76 -16.89
C TYR B 517 -30.22 -41.38 -17.26
N LEU B 518 -30.67 -40.84 -18.39
CA LEU B 518 -30.24 -39.51 -18.80
C LEU B 518 -30.74 -38.45 -17.82
N ASP B 519 -31.99 -38.57 -17.36
CA ASP B 519 -32.52 -37.64 -16.38
C ASP B 519 -31.69 -37.66 -15.11
N GLU B 520 -31.28 -38.86 -14.67
CA GLU B 520 -30.43 -38.97 -13.49
C GLU B 520 -29.08 -38.29 -13.70
N HIS B 521 -28.61 -38.22 -14.94
CA HIS B 521 -27.32 -37.60 -15.24
C HIS B 521 -27.47 -36.23 -15.87
N GLY B 522 -28.52 -35.50 -15.53
CA GLY B 522 -28.65 -34.10 -15.92
C GLY B 522 -28.96 -33.85 -17.38
N ILE B 523 -29.62 -34.80 -18.05
CA ILE B 523 -30.00 -34.63 -19.45
C ILE B 523 -31.49 -34.93 -19.58
N ILE B 524 -32.24 -33.98 -20.10
CA ILE B 524 -33.69 -34.09 -20.22
C ILE B 524 -34.05 -34.32 -21.67
N VAL B 525 -34.60 -35.50 -21.96
CA VAL B 525 -35.09 -35.77 -23.31
C VAL B 525 -36.40 -35.02 -23.52
N GLU B 526 -36.69 -34.71 -24.78
CA GLU B 526 -37.96 -34.06 -25.11
C GLU B 526 -39.13 -35.00 -24.85
N LYS B 527 -39.07 -36.21 -25.39
CA LYS B 527 -40.09 -37.21 -25.17
C LYS B 527 -39.52 -38.58 -25.51
N THR B 528 -40.08 -39.61 -24.89
CA THR B 528 -39.58 -40.97 -25.02
C THR B 528 -40.71 -41.91 -25.39
N GLY B 529 -40.51 -42.67 -26.46
CA GLY B 529 -41.45 -43.69 -26.86
C GLY B 529 -41.03 -45.06 -26.37
N PRO B 530 -41.65 -46.11 -26.90
CA PRO B 530 -41.26 -47.47 -26.48
C PRO B 530 -39.80 -47.80 -26.75
N TYR B 531 -39.32 -47.48 -27.96
CA TYR B 531 -37.93 -47.73 -28.31
C TYR B 531 -37.32 -46.55 -29.05
N ASN B 532 -37.87 -45.35 -28.89
CA ASN B 532 -37.37 -44.15 -29.54
C ASN B 532 -37.25 -43.03 -28.52
N MET B 533 -36.35 -42.11 -28.80
CA MET B 533 -36.10 -40.97 -27.92
C MET B 533 -35.88 -39.74 -28.79
N LEU B 534 -36.68 -38.70 -28.58
CA LEU B 534 -36.59 -37.49 -29.38
C LEU B 534 -35.72 -36.46 -28.69
N PHE B 535 -34.81 -35.85 -29.46
CA PHE B 535 -33.98 -34.75 -28.99
C PHE B 535 -34.16 -33.58 -29.94
N LEU B 536 -34.40 -32.40 -29.37
CA LEU B 536 -34.54 -31.18 -30.15
C LEU B 536 -33.18 -30.51 -30.22
N PHE B 537 -32.61 -30.46 -31.42
CA PHE B 537 -31.35 -29.76 -31.64
C PHE B 537 -31.64 -28.34 -32.12
N SER B 538 -32.26 -27.58 -31.24
CA SER B 538 -32.69 -26.23 -31.53
C SER B 538 -31.50 -25.27 -31.48
N ILE B 539 -31.80 -23.98 -31.68
CA ILE B 539 -30.79 -22.93 -31.62
C ILE B 539 -30.17 -22.80 -30.24
N GLY B 540 -30.77 -23.39 -29.22
CA GLY B 540 -30.25 -23.39 -27.88
C GLY B 540 -29.32 -24.53 -27.54
N ILE B 541 -29.02 -25.42 -28.49
CA ILE B 541 -28.11 -26.53 -28.26
C ILE B 541 -26.74 -26.15 -28.81
N ASP B 542 -25.72 -26.27 -27.97
CA ASP B 542 -24.34 -25.97 -28.33
C ASP B 542 -23.50 -27.26 -28.35
N LYS B 543 -22.24 -27.09 -28.75
CA LYS B 543 -21.33 -28.24 -28.85
C LYS B 543 -21.14 -28.93 -27.50
N THR B 544 -21.15 -28.15 -26.41
CA THR B 544 -20.98 -28.73 -25.08
C THR B 544 -22.10 -29.70 -24.76
N LYS B 545 -23.35 -29.30 -25.01
CA LYS B 545 -24.49 -30.17 -24.70
C LYS B 545 -24.49 -31.42 -25.58
N ALA B 546 -24.15 -31.29 -26.86
CA ALA B 546 -24.10 -32.44 -27.73
C ALA B 546 -23.02 -33.44 -27.29
N LEU B 547 -21.83 -32.93 -26.94
CA LEU B 547 -20.77 -33.81 -26.47
C LEU B 547 -21.15 -34.48 -25.15
N SER B 548 -21.82 -33.73 -24.26
CA SER B 548 -22.28 -34.30 -23.01
C SER B 548 -23.31 -35.40 -23.24
N LEU B 549 -24.20 -35.19 -24.22
CA LEU B 549 -25.17 -36.23 -24.57
C LEU B 549 -24.47 -37.49 -25.07
N LEU B 550 -23.46 -37.32 -25.93
CA LEU B 550 -22.72 -38.49 -26.41
C LEU B 550 -22.04 -39.23 -25.27
N ARG B 551 -21.41 -38.49 -24.35
CA ARG B 551 -20.75 -39.11 -23.21
C ARG B 551 -21.75 -39.87 -22.35
N ALA B 552 -22.93 -39.28 -22.12
CA ALA B 552 -23.95 -39.93 -21.31
C ALA B 552 -24.45 -41.21 -21.97
N LEU B 553 -24.65 -41.18 -23.30
CA LEU B 553 -25.10 -42.39 -23.99
C LEU B 553 -24.06 -43.49 -23.91
N THR B 554 -22.79 -43.14 -24.11
CA THR B 554 -21.72 -44.14 -23.99
C THR B 554 -21.65 -44.70 -22.57
N ASP B 555 -21.83 -43.84 -21.57
CA ASP B 555 -21.82 -44.29 -20.19
C ASP B 555 -22.99 -45.23 -19.90
N PHE B 556 -24.15 -44.94 -20.47
CA PHE B 556 -25.28 -45.87 -20.33
C PHE B 556 -24.93 -47.22 -20.94
N LYS B 557 -24.34 -47.23 -22.13
CA LYS B 557 -24.00 -48.51 -22.75
C LYS B 557 -23.02 -49.29 -21.89
N ARG B 558 -21.99 -48.61 -21.37
CA ARG B 558 -21.01 -49.28 -20.52
C ARG B 558 -21.65 -49.84 -19.26
N SER B 559 -22.50 -49.04 -18.60
CA SER B 559 -23.14 -49.48 -17.37
C SER B 559 -24.08 -50.66 -17.63
N TYR B 560 -24.86 -50.60 -18.71
CA TYR B 560 -25.77 -51.69 -19.05
C TYR B 560 -25.01 -52.96 -19.37
N ASP B 561 -23.91 -52.85 -20.12
CA ASP B 561 -23.11 -54.02 -20.45
C ASP B 561 -22.51 -54.63 -19.18
N LEU B 562 -22.06 -53.79 -18.25
CA LEU B 562 -21.57 -54.29 -16.99
C LEU B 562 -22.67 -54.86 -16.11
N ASN B 563 -23.93 -54.64 -16.47
CA ASN B 563 -25.09 -55.15 -15.74
C ASN B 563 -25.07 -54.68 -14.28
N LEU B 564 -25.08 -53.36 -14.11
CA LEU B 564 -25.07 -52.79 -12.78
C LEU B 564 -26.42 -52.97 -12.10
N ARG B 565 -26.45 -52.71 -10.80
CA ARG B 565 -27.68 -52.83 -10.03
C ARG B 565 -28.52 -51.57 -10.19
N VAL B 566 -29.84 -51.76 -10.25
CA VAL B 566 -30.76 -50.63 -10.39
C VAL B 566 -30.61 -49.66 -9.23
N LYS B 567 -30.24 -50.17 -8.05
CA LYS B 567 -29.97 -49.30 -6.91
C LYS B 567 -28.93 -48.24 -7.25
N ASN B 568 -27.88 -48.63 -7.96
CA ASN B 568 -26.80 -47.72 -8.26
C ASN B 568 -26.96 -47.02 -9.61
N MET B 569 -27.50 -47.73 -10.60
CA MET B 569 -27.65 -47.14 -11.93
C MET B 569 -28.79 -46.12 -11.97
N LEU B 570 -29.92 -46.44 -11.35
CA LEU B 570 -31.11 -45.58 -11.37
C LEU B 570 -31.57 -45.34 -9.94
N PRO B 571 -30.85 -44.50 -9.19
CA PRO B 571 -31.22 -44.28 -7.78
C PRO B 571 -32.64 -43.76 -7.58
N SER B 572 -33.13 -42.89 -8.47
CA SER B 572 -34.50 -42.39 -8.32
C SER B 572 -35.52 -43.51 -8.53
N LEU B 573 -35.30 -44.36 -9.53
CA LEU B 573 -36.21 -45.47 -9.78
C LEU B 573 -36.25 -46.43 -8.58
N TYR B 574 -35.08 -46.74 -8.00
CA TYR B 574 -35.06 -47.58 -6.82
C TYR B 574 -35.70 -46.89 -5.63
N ARG B 575 -35.50 -45.58 -5.49
CA ARG B 575 -36.14 -44.85 -4.42
C ARG B 575 -37.66 -44.89 -4.55
N GLU B 576 -38.16 -45.09 -5.77
CA GLU B 576 -39.60 -45.26 -5.95
C GLU B 576 -40.11 -46.50 -5.23
N ASP B 577 -39.37 -47.60 -5.31
CA ASP B 577 -39.76 -48.87 -4.68
C ASP B 577 -38.52 -49.64 -4.28
N PRO B 578 -37.93 -49.33 -3.13
CA PRO B 578 -36.67 -49.99 -2.73
C PRO B 578 -36.76 -51.49 -2.61
N GLU B 579 -37.88 -52.01 -2.10
CA GLU B 579 -38.01 -53.45 -1.91
C GLU B 579 -38.08 -54.20 -3.24
N PHE B 580 -38.73 -53.59 -4.24
CA PHE B 580 -38.88 -54.24 -5.53
C PHE B 580 -37.58 -54.24 -6.33
N TYR B 581 -36.78 -53.18 -6.22
CA TYR B 581 -35.52 -53.06 -6.95
C TYR B 581 -34.30 -53.29 -6.05
N GLU B 582 -34.47 -54.02 -4.94
CA GLU B 582 -33.38 -54.17 -3.99
C GLU B 582 -32.19 -54.88 -4.61
N ASN B 583 -32.44 -55.95 -5.37
CA ASN B 583 -31.36 -56.72 -5.96
C ASN B 583 -31.44 -56.79 -7.48
N MET B 584 -32.37 -56.08 -8.10
CA MET B 584 -32.52 -56.14 -9.54
C MET B 584 -31.37 -55.47 -10.26
N ARG B 585 -30.92 -56.09 -11.33
CA ARG B 585 -29.89 -55.56 -12.20
C ARG B 585 -30.54 -54.92 -13.43
N ILE B 586 -29.82 -53.97 -14.03
CA ILE B 586 -30.40 -53.18 -15.12
C ILE B 586 -30.79 -54.07 -16.29
N GLN B 587 -29.96 -55.06 -16.61
CA GLN B 587 -30.26 -55.94 -17.75
C GLN B 587 -31.55 -56.72 -17.50
N GLU B 588 -31.76 -57.17 -16.26
CA GLU B 588 -32.96 -57.94 -15.98
C GLU B 588 -34.21 -57.07 -16.00
N LEU B 589 -34.11 -55.82 -15.52
CA LEU B 589 -35.25 -54.90 -15.61
C LEU B 589 -35.59 -54.60 -17.07
N ALA B 590 -34.56 -54.30 -17.87
CA ALA B 590 -34.79 -54.02 -19.29
C ALA B 590 -35.38 -55.23 -19.99
N GLN B 591 -34.86 -56.43 -19.70
CA GLN B 591 -35.38 -57.62 -20.35
C GLN B 591 -36.78 -57.95 -19.89
N GLY B 592 -37.12 -57.65 -18.63
CA GLY B 592 -38.49 -57.86 -18.19
C GLY B 592 -39.47 -56.97 -18.92
N ILE B 593 -39.13 -55.68 -19.04
CA ILE B 593 -40.03 -54.78 -19.76
C ILE B 593 -40.12 -55.17 -21.23
N HIS B 594 -38.98 -55.53 -21.85
CA HIS B 594 -38.99 -55.95 -23.23
C HIS B 594 -39.80 -57.24 -23.42
N ALA B 595 -39.70 -58.17 -22.46
CA ALA B 595 -40.45 -59.41 -22.53
C ALA B 595 -41.94 -59.15 -22.43
N LEU B 596 -42.36 -58.25 -21.55
CA LEU B 596 -43.77 -57.90 -21.48
C LEU B 596 -44.24 -57.30 -22.80
N ILE B 597 -43.45 -56.37 -23.36
CA ILE B 597 -43.83 -55.73 -24.62
C ILE B 597 -43.91 -56.76 -25.75
N GLN B 598 -42.99 -57.72 -25.77
CA GLN B 598 -42.95 -58.73 -26.83
C GLN B 598 -44.09 -59.73 -26.69
N HIS B 599 -44.31 -60.24 -25.48
CA HIS B 599 -45.36 -61.22 -25.26
C HIS B 599 -46.73 -60.63 -25.53
N HIS B 600 -46.95 -59.38 -25.11
CA HIS B 600 -48.21 -58.73 -25.40
C HIS B 600 -48.27 -58.19 -26.82
N ASN B 601 -47.15 -58.19 -27.54
CA ASN B 601 -47.05 -57.70 -28.91
C ASN B 601 -47.60 -56.28 -29.02
N LEU B 602 -46.92 -55.38 -28.31
CA LEU B 602 -47.33 -53.97 -28.32
C LEU B 602 -47.28 -53.33 -29.70
N PRO B 603 -46.24 -53.50 -30.53
CA PRO B 603 -46.22 -52.78 -31.82
C PRO B 603 -47.38 -53.13 -32.74
N ASP B 604 -47.62 -54.43 -32.98
CA ASP B 604 -48.71 -54.82 -33.86
C ASP B 604 -50.05 -54.41 -33.29
N LEU B 605 -50.22 -54.56 -31.96
CA LEU B 605 -51.47 -54.16 -31.33
C LEU B 605 -51.73 -52.67 -31.50
N MET B 606 -50.69 -51.85 -31.33
CA MET B 606 -50.81 -50.42 -31.56
C MET B 606 -51.19 -50.13 -33.01
N TYR B 607 -50.54 -50.82 -33.95
CA TYR B 607 -50.83 -50.57 -35.36
C TYR B 607 -52.27 -50.89 -35.69
N ARG B 608 -52.77 -52.04 -35.23
CA ARG B 608 -54.17 -52.36 -35.47
C ARG B 608 -55.10 -51.38 -34.77
N ALA B 609 -54.74 -50.92 -33.57
CA ALA B 609 -55.60 -50.02 -32.83
C ALA B 609 -55.72 -48.66 -33.52
N PHE B 610 -54.65 -48.16 -34.12
CA PHE B 610 -54.66 -46.83 -34.70
C PHE B 610 -54.88 -46.81 -36.21
N GLU B 611 -55.08 -47.98 -36.84
CA GLU B 611 -55.47 -48.04 -38.24
C GLU B 611 -56.96 -48.36 -38.43
N VAL B 612 -57.74 -48.32 -37.36
CA VAL B 612 -59.19 -48.47 -37.45
C VAL B 612 -59.82 -47.29 -36.72
N LEU B 613 -60.81 -46.66 -37.37
CA LEU B 613 -61.44 -45.48 -36.80
C LEU B 613 -62.73 -45.86 -36.09
N PRO B 614 -62.88 -45.54 -34.80
CA PRO B 614 -64.17 -45.73 -34.14
C PRO B 614 -65.24 -44.88 -34.81
N THR B 615 -66.46 -45.41 -34.81
CA THR B 615 -67.57 -44.71 -35.44
C THR B 615 -67.99 -43.51 -34.61
N MET B 616 -68.30 -42.41 -35.29
CA MET B 616 -68.70 -41.16 -34.64
C MET B 616 -70.21 -41.15 -34.52
N VAL B 617 -70.71 -41.44 -33.31
CA VAL B 617 -72.15 -41.34 -33.07
C VAL B 617 -72.58 -39.89 -33.05
N MET B 618 -71.81 -39.04 -32.37
CA MET B 618 -72.06 -37.61 -32.30
C MET B 618 -70.73 -36.89 -32.27
N ASN B 619 -70.76 -35.60 -32.64
CA ASN B 619 -69.55 -34.81 -32.63
C ASN B 619 -69.12 -34.53 -31.18
N PRO B 620 -67.86 -34.16 -30.97
CA PRO B 620 -67.38 -33.95 -29.58
C PRO B 620 -68.18 -32.92 -28.80
N HIS B 621 -68.73 -31.91 -29.47
CA HIS B 621 -69.50 -30.89 -28.76
C HIS B 621 -70.72 -31.49 -28.08
N ALA B 622 -71.45 -32.36 -28.80
CA ALA B 622 -72.64 -32.97 -28.22
C ALA B 622 -72.28 -33.86 -27.03
N ALA B 623 -71.22 -34.66 -27.16
CA ALA B 623 -70.82 -35.53 -26.06
C ALA B 623 -70.39 -34.72 -24.84
N PHE B 624 -69.63 -33.64 -25.07
CA PHE B 624 -69.20 -32.82 -23.95
C PHE B 624 -70.37 -32.12 -23.28
N GLN B 625 -71.32 -31.61 -24.06
CA GLN B 625 -72.50 -30.99 -23.47
C GLN B 625 -73.31 -32.01 -22.67
N MET B 626 -73.39 -33.25 -23.16
CA MET B 626 -74.05 -34.30 -22.40
C MET B 626 -73.33 -34.57 -21.09
N GLU B 627 -71.99 -34.54 -21.12
CA GLU B 627 -71.22 -34.73 -19.90
C GLU B 627 -71.47 -33.59 -18.90
N LEU B 628 -71.54 -32.35 -19.40
CA LEU B 628 -71.78 -31.21 -18.53
C LEU B 628 -73.16 -31.26 -17.88
N ARG B 629 -74.11 -31.96 -18.49
CA ARG B 629 -75.44 -32.11 -17.92
C ARG B 629 -75.54 -33.26 -16.93
N GLY B 630 -74.45 -33.98 -16.68
CA GLY B 630 -74.47 -35.09 -15.76
C GLY B 630 -74.98 -36.40 -16.33
N GLN B 631 -75.05 -36.51 -17.67
CA GLN B 631 -75.56 -37.71 -18.32
C GLN B 631 -74.46 -38.72 -18.61
N THR B 632 -73.43 -38.79 -17.77
CA THR B 632 -72.30 -39.68 -17.97
C THR B 632 -72.19 -40.63 -16.78
N GLU B 633 -71.68 -41.83 -17.05
CA GLU B 633 -71.44 -42.83 -16.04
C GLU B 633 -70.09 -43.47 -16.28
N GLU B 634 -69.52 -44.05 -15.23
CA GLU B 634 -68.20 -44.68 -15.28
C GLU B 634 -68.39 -46.18 -15.43
N VAL B 635 -67.77 -46.76 -16.47
CA VAL B 635 -67.81 -48.19 -16.71
C VAL B 635 -66.38 -48.70 -16.87
N TYR B 636 -66.20 -49.98 -16.59
CA TYR B 636 -64.87 -50.56 -16.69
C TYR B 636 -64.45 -50.69 -18.15
N LEU B 637 -63.15 -50.95 -18.35
CA LEU B 637 -62.58 -50.95 -19.70
C LEU B 637 -63.25 -51.98 -20.59
N GLU B 638 -63.50 -53.18 -20.07
CA GLU B 638 -64.06 -54.24 -20.89
C GLU B 638 -65.47 -53.96 -21.38
N GLU B 639 -66.16 -52.95 -20.82
CA GLU B 639 -67.55 -52.69 -21.14
C GLU B 639 -67.76 -51.46 -22.02
N MET B 640 -66.73 -51.00 -22.74
CA MET B 640 -66.93 -49.80 -23.54
C MET B 640 -67.48 -50.10 -24.93
N ILE B 641 -67.56 -51.37 -25.33
CA ILE B 641 -68.11 -51.70 -26.64
C ILE B 641 -69.59 -51.34 -26.66
N GLY B 642 -70.00 -50.58 -27.68
CA GLY B 642 -71.37 -50.13 -27.78
C GLY B 642 -71.69 -48.89 -26.98
N LYS B 643 -70.71 -48.29 -26.31
CA LYS B 643 -70.91 -47.10 -25.50
C LYS B 643 -70.28 -45.88 -26.18
N VAL B 644 -70.96 -44.75 -26.07
CA VAL B 644 -70.44 -43.49 -26.61
C VAL B 644 -69.50 -42.88 -25.59
N ASN B 645 -68.25 -42.68 -25.98
CA ASN B 645 -67.25 -42.13 -25.07
C ASN B 645 -67.56 -40.67 -24.76
N ALA B 646 -67.38 -40.30 -23.49
CA ALA B 646 -67.63 -38.94 -23.04
C ALA B 646 -66.41 -38.04 -23.14
N ASN B 647 -65.20 -38.60 -23.09
CA ASN B 647 -63.98 -37.82 -23.11
C ASN B 647 -63.04 -38.36 -24.19
N MET B 648 -61.93 -37.65 -24.37
CA MET B 648 -60.89 -38.05 -25.29
C MET B 648 -59.94 -39.02 -24.56
N ILE B 649 -59.74 -40.19 -25.15
CA ILE B 649 -58.83 -41.19 -24.61
C ILE B 649 -57.51 -41.05 -25.34
N LEU B 650 -56.48 -40.60 -24.63
CA LEU B 650 -55.16 -40.36 -25.20
C LEU B 650 -54.15 -41.28 -24.54
N PRO B 651 -53.80 -42.39 -25.16
CA PRO B 651 -52.85 -43.32 -24.54
C PRO B 651 -51.40 -42.93 -24.77
N TYR B 652 -50.58 -43.22 -23.78
CA TYR B 652 -49.13 -43.01 -23.85
C TYR B 652 -48.45 -44.34 -23.58
N PRO B 653 -47.84 -44.99 -24.58
CA PRO B 653 -47.66 -44.56 -25.98
C PRO B 653 -48.92 -44.83 -26.80
N PRO B 654 -49.03 -44.34 -28.06
CA PRO B 654 -48.08 -43.56 -28.85
C PRO B 654 -48.20 -42.06 -28.62
N GLY B 655 -49.03 -41.62 -27.69
CA GLY B 655 -49.13 -40.20 -27.38
C GLY B 655 -50.00 -39.40 -28.33
N VAL B 656 -50.86 -40.06 -29.10
CA VAL B 656 -51.82 -39.36 -29.96
C VAL B 656 -53.21 -39.86 -29.60
N PRO B 657 -54.25 -39.06 -29.77
CA PRO B 657 -55.59 -39.50 -29.36
C PRO B 657 -56.05 -40.71 -30.16
N LEU B 658 -56.72 -41.62 -29.48
CA LEU B 658 -57.25 -42.84 -30.07
C LEU B 658 -58.76 -42.84 -30.18
N VAL B 659 -59.46 -42.28 -29.20
CA VAL B 659 -60.92 -42.20 -29.21
C VAL B 659 -61.32 -40.76 -28.91
N MET B 660 -62.12 -40.18 -29.80
CA MET B 660 -62.69 -38.86 -29.61
C MET B 660 -63.95 -38.94 -28.77
N PRO B 661 -64.32 -37.85 -28.09
CA PRO B 661 -65.62 -37.81 -27.43
C PRO B 661 -66.73 -37.86 -28.48
N GLY B 662 -67.72 -38.71 -28.23
CA GLY B 662 -68.77 -38.95 -29.20
C GLY B 662 -68.52 -40.12 -30.12
N GLU B 663 -67.50 -40.94 -29.83
CA GLU B 663 -67.18 -42.11 -30.63
C GLU B 663 -67.49 -43.37 -29.83
N MET B 664 -67.95 -44.40 -30.52
CA MET B 664 -68.36 -45.65 -29.89
C MET B 664 -67.52 -46.80 -30.45
N LEU B 665 -66.94 -47.58 -29.55
CA LEU B 665 -66.19 -48.76 -29.96
C LEU B 665 -67.16 -49.88 -30.31
N THR B 666 -66.96 -50.48 -31.48
CA THR B 666 -67.76 -51.60 -31.95
C THR B 666 -66.84 -52.81 -32.14
N GLU B 667 -67.41 -53.88 -32.72
CA GLU B 667 -66.61 -55.07 -32.98
C GLU B 667 -65.51 -54.79 -34.00
N GLU B 668 -65.74 -53.84 -34.90
CA GLU B 668 -64.70 -53.47 -35.86
C GLU B 668 -63.54 -52.76 -35.17
N SER B 669 -63.83 -51.96 -34.15
CA SER B 669 -62.82 -51.21 -33.43
C SER B 669 -62.45 -51.85 -32.10
N ARG B 670 -62.65 -53.16 -31.96
CA ARG B 670 -62.19 -53.87 -30.78
C ARG B 670 -60.67 -53.82 -30.58
N PRO B 671 -59.83 -53.73 -31.62
CA PRO B 671 -58.39 -53.55 -31.38
C PRO B 671 -58.06 -52.38 -30.47
N VAL B 672 -58.84 -51.30 -30.52
CA VAL B 672 -58.62 -50.17 -29.61
C VAL B 672 -58.76 -50.64 -28.16
N LEU B 673 -59.84 -51.37 -27.87
CA LEU B 673 -60.08 -51.82 -26.50
C LEU B 673 -59.00 -52.80 -26.06
N GLU B 674 -58.62 -53.74 -26.92
CA GLU B 674 -57.63 -54.71 -26.45
C GLU B 674 -56.25 -54.09 -26.32
N PHE B 675 -55.92 -53.09 -27.15
CA PHE B 675 -54.66 -52.36 -26.97
C PHE B 675 -54.67 -51.58 -25.66
N LEU B 676 -55.81 -50.96 -25.31
CA LEU B 676 -55.89 -50.25 -24.04
C LEU B 676 -55.73 -51.20 -22.86
N GLN B 677 -56.38 -52.36 -22.93
CA GLN B 677 -56.24 -53.35 -21.86
C GLN B 677 -54.80 -53.85 -21.77
N MET B 678 -54.14 -54.00 -22.92
CA MET B 678 -52.74 -54.39 -22.94
C MET B 678 -51.87 -53.36 -22.22
N LEU B 679 -52.10 -52.08 -22.49
CA LEU B 679 -51.36 -51.04 -21.79
C LEU B 679 -51.63 -51.09 -20.30
N CYS B 680 -52.89 -51.28 -19.91
CA CYS B 680 -53.25 -51.30 -18.50
C CYS B 680 -52.57 -52.46 -17.77
N GLU B 681 -52.51 -53.64 -18.39
CA GLU B 681 -51.85 -54.75 -17.72
C GLU B 681 -50.33 -54.64 -17.75
N ILE B 682 -49.76 -54.02 -18.79
CA ILE B 682 -48.31 -53.85 -18.84
C ILE B 682 -47.85 -52.85 -17.79
N GLY B 683 -48.64 -51.80 -17.55
CA GLY B 683 -48.23 -50.77 -16.60
C GLY B 683 -48.28 -51.16 -15.14
N ALA B 684 -48.71 -52.38 -14.82
CA ALA B 684 -48.84 -52.81 -13.43
C ALA B 684 -47.74 -53.77 -13.00
N HIS B 685 -46.64 -53.85 -13.75
CA HIS B 685 -45.61 -54.84 -13.47
C HIS B 685 -44.32 -54.26 -12.90
N TYR B 686 -44.04 -52.97 -13.10
CA TYR B 686 -42.82 -52.35 -12.60
C TYR B 686 -43.16 -51.00 -11.97
N PRO B 687 -42.82 -50.78 -10.71
CA PRO B 687 -43.30 -49.58 -9.98
C PRO B 687 -42.80 -48.25 -10.51
N GLY B 688 -42.02 -48.25 -11.58
CA GLY B 688 -41.58 -46.99 -12.14
C GLY B 688 -42.11 -46.75 -13.53
N PHE B 689 -42.89 -47.69 -14.04
CA PHE B 689 -43.42 -47.67 -15.41
C PHE B 689 -44.92 -47.92 -15.32
N GLU B 690 -45.68 -46.85 -15.12
CA GLU B 690 -47.12 -46.96 -14.95
C GLU B 690 -47.84 -46.82 -16.29
N THR B 691 -49.15 -47.04 -16.25
CA THR B 691 -50.01 -46.87 -17.41
C THR B 691 -50.42 -45.42 -17.50
N ASP B 692 -50.17 -44.80 -18.65
CA ASP B 692 -50.47 -43.39 -18.88
C ASP B 692 -51.52 -43.29 -19.99
N ILE B 693 -52.79 -43.30 -19.60
CA ILE B 693 -53.90 -43.16 -20.53
C ILE B 693 -54.76 -42.00 -20.05
N HIS B 694 -54.67 -40.86 -20.73
CA HIS B 694 -55.56 -39.76 -20.44
C HIS B 694 -56.98 -40.14 -20.80
N GLY B 695 -57.93 -39.81 -19.92
CA GLY B 695 -59.31 -40.20 -20.11
C GLY B 695 -59.68 -41.51 -19.44
N ALA B 696 -58.71 -42.29 -19.00
CA ALA B 696 -58.95 -43.50 -18.22
C ALA B 696 -58.55 -43.23 -16.78
N TYR B 697 -59.26 -43.87 -15.85
CA TYR B 697 -59.07 -43.61 -14.42
C TYR B 697 -58.79 -44.92 -13.72
N ARG B 698 -57.64 -44.99 -13.07
CA ARG B 698 -57.25 -46.16 -12.28
C ARG B 698 -58.01 -46.14 -10.96
N GLN B 699 -58.61 -47.27 -10.60
CA GLN B 699 -59.34 -47.37 -9.36
C GLN B 699 -58.43 -47.87 -8.24
N ALA B 700 -59.00 -47.99 -7.03
CA ALA B 700 -58.23 -48.48 -5.90
C ALA B 700 -57.78 -49.93 -6.13
N ASP B 701 -58.62 -50.73 -6.75
CA ASP B 701 -58.31 -52.14 -7.01
C ASP B 701 -57.38 -52.32 -8.21
N GLY B 702 -57.00 -51.24 -8.89
CA GLY B 702 -56.11 -51.31 -10.02
C GLY B 702 -56.80 -51.40 -11.37
N ARG B 703 -58.10 -51.67 -11.41
CA ARG B 703 -58.81 -51.71 -12.67
C ARG B 703 -59.00 -50.30 -13.21
N TYR B 704 -59.19 -50.21 -14.52
CA TYR B 704 -59.30 -48.93 -15.20
C TYR B 704 -60.72 -48.72 -15.72
N THR B 705 -61.24 -47.52 -15.50
CA THR B 705 -62.59 -47.17 -15.93
C THR B 705 -62.53 -45.98 -16.90
N VAL B 706 -63.61 -45.82 -17.65
CA VAL B 706 -63.79 -44.72 -18.58
C VAL B 706 -65.19 -44.13 -18.36
N LYS B 707 -65.35 -42.90 -18.84
CA LYS B 707 -66.62 -42.20 -18.77
C LYS B 707 -67.35 -42.34 -20.10
N VAL B 708 -68.64 -42.69 -20.03
CA VAL B 708 -69.44 -42.90 -21.23
C VAL B 708 -70.84 -42.33 -21.03
N ILE B 709 -71.47 -41.95 -22.12
CA ILE B 709 -72.81 -41.38 -22.08
C ILE B 709 -73.83 -42.47 -21.75
N LYS B 710 -74.74 -42.16 -20.83
CA LYS B 710 -75.81 -43.09 -20.50
C LYS B 710 -77.07 -42.78 -21.33
N MET C 1 -8.52 -32.86 -1.77
CA MET C 1 -9.06 -33.16 -3.09
C MET C 1 -9.62 -31.93 -3.80
N ASN C 2 -8.85 -30.84 -3.80
CA ASN C 2 -9.31 -29.59 -4.38
C ASN C 2 -8.25 -28.96 -5.29
N ILE C 3 -7.38 -29.78 -5.88
CA ILE C 3 -6.32 -29.28 -6.75
C ILE C 3 -6.71 -29.53 -8.20
N ILE C 4 -6.75 -28.45 -8.99
CA ILE C 4 -7.10 -28.50 -10.40
C ILE C 4 -5.91 -28.01 -11.21
N ALA C 5 -5.53 -28.77 -12.22
CA ALA C 5 -4.39 -28.44 -13.07
C ALA C 5 -4.88 -27.91 -14.41
N ILE C 6 -4.39 -26.72 -14.78
CA ILE C 6 -4.65 -26.13 -16.09
C ILE C 6 -3.36 -26.19 -16.88
N LEU C 7 -3.43 -26.72 -18.10
CA LEU C 7 -2.22 -27.20 -18.76
C LEU C 7 -1.43 -26.10 -19.46
N ASN C 8 -1.99 -25.46 -20.48
CA ASN C 8 -1.14 -24.69 -21.39
C ASN C 8 -1.56 -23.23 -21.52
N HIS C 9 -0.58 -22.41 -21.88
CA HIS C 9 -0.78 -20.99 -22.20
C HIS C 9 -0.86 -20.86 -23.72
N MET C 10 -2.01 -20.42 -24.22
CA MET C 10 -2.37 -20.59 -25.62
C MET C 10 -2.06 -19.39 -26.51
N GLY C 11 -1.87 -18.21 -25.94
CA GLY C 11 -1.53 -17.04 -26.75
C GLY C 11 -2.66 -16.44 -27.56
N VAL C 12 -3.91 -16.82 -27.30
CA VAL C 12 -5.07 -16.22 -27.96
C VAL C 12 -6.01 -15.72 -26.88
N TYR C 13 -6.47 -14.48 -27.02
CA TYR C 13 -7.30 -13.87 -25.99
C TYR C 13 -8.60 -14.64 -25.79
N PHE C 14 -9.22 -15.09 -26.89
CA PHE C 14 -10.52 -15.74 -26.80
C PHE C 14 -10.46 -17.07 -26.04
N LYS C 15 -9.26 -17.60 -25.81
CA LYS C 15 -9.11 -18.76 -24.94
C LYS C 15 -8.56 -18.39 -23.57
N GLU C 16 -7.52 -17.55 -23.53
CA GLU C 16 -6.86 -17.23 -22.27
C GLU C 16 -7.79 -16.48 -21.31
N GLU C 17 -8.53 -15.49 -21.83
CA GLU C 17 -9.43 -14.75 -20.96
C GLU C 17 -10.50 -15.62 -20.31
N PRO C 18 -11.21 -16.50 -21.04
CA PRO C 18 -12.12 -17.42 -20.35
C PRO C 18 -11.42 -18.32 -19.34
N ILE C 19 -10.17 -18.71 -19.62
CA ILE C 19 -9.46 -19.56 -18.66
C ILE C 19 -9.14 -18.78 -17.39
N ARG C 20 -8.77 -17.51 -17.52
CA ARG C 20 -8.53 -16.69 -16.34
C ARG C 20 -9.81 -16.48 -15.54
N GLU C 21 -10.93 -16.24 -16.23
CA GLU C 21 -12.21 -16.11 -15.53
C GLU C 21 -12.58 -17.41 -14.83
N LEU C 22 -12.34 -18.55 -15.47
CA LEU C 22 -12.61 -19.84 -14.83
C LEU C 22 -11.70 -20.05 -13.64
N HIS C 23 -10.45 -19.59 -13.73
CA HIS C 23 -9.54 -19.67 -12.59
C HIS C 23 -10.11 -18.93 -11.39
N LYS C 24 -10.59 -17.71 -11.64
CA LYS C 24 -11.20 -16.93 -10.55
C LYS C 24 -12.45 -17.64 -10.01
N ALA C 25 -13.29 -18.16 -10.90
CA ALA C 25 -14.53 -18.79 -10.47
C ALA C 25 -14.27 -20.06 -9.66
N LEU C 26 -13.28 -20.85 -10.07
CA LEU C 26 -12.91 -22.05 -9.33
C LEU C 26 -12.32 -21.69 -7.98
N GLU C 27 -11.50 -20.63 -7.93
CA GLU C 27 -10.98 -20.17 -6.65
C GLU C 27 -12.10 -19.72 -5.73
N ALA C 28 -13.16 -19.14 -6.29
CA ALA C 28 -14.32 -18.78 -5.48
C ALA C 28 -15.01 -20.01 -4.89
N LEU C 29 -14.85 -21.17 -5.51
CA LEU C 29 -15.41 -22.42 -5.01
C LEU C 29 -14.40 -23.21 -4.18
N ASP C 30 -13.33 -22.56 -3.73
CA ASP C 30 -12.31 -23.17 -2.86
C ASP C 30 -11.54 -24.28 -3.58
N PHE C 31 -11.01 -23.94 -4.75
CA PHE C 31 -10.15 -24.84 -5.51
C PHE C 31 -8.74 -24.26 -5.56
N GLN C 32 -7.75 -25.15 -5.49
CA GLN C 32 -6.35 -24.77 -5.62
C GLN C 32 -5.91 -25.04 -7.05
N ILE C 33 -5.51 -23.99 -7.77
CA ILE C 33 -5.18 -24.10 -9.19
C ILE C 33 -3.66 -24.21 -9.34
N VAL C 34 -3.22 -25.17 -10.14
CA VAL C 34 -1.81 -25.32 -10.49
C VAL C 34 -1.68 -25.29 -12.00
N TYR C 35 -0.48 -24.94 -12.47
CA TYR C 35 -0.21 -24.73 -13.89
C TYR C 35 1.02 -25.50 -14.32
N PRO C 36 0.86 -26.76 -14.74
CA PRO C 36 1.99 -27.49 -15.32
C PRO C 36 2.46 -26.82 -16.60
N ASN C 37 3.77 -26.94 -16.86
CA ASN C 37 4.35 -26.27 -18.02
C ASN C 37 4.25 -27.08 -19.30
N ASP C 38 3.88 -28.35 -19.22
CA ASP C 38 3.88 -29.23 -20.38
C ASP C 38 3.18 -30.54 -20.02
N ARG C 39 3.01 -31.38 -21.05
CA ARG C 39 2.30 -32.64 -20.88
C ARG C 39 3.01 -33.57 -19.89
N GLU C 40 4.33 -33.73 -20.04
CA GLU C 40 5.09 -34.58 -19.14
C GLU C 40 5.08 -34.03 -17.72
N ASP C 41 5.15 -32.70 -17.59
CA ASP C 41 5.04 -32.06 -16.29
C ASP C 41 3.70 -32.42 -15.64
N LEU C 42 2.62 -32.35 -16.41
CA LEU C 42 1.30 -32.70 -15.89
C LEU C 42 1.23 -34.17 -15.46
N LEU C 43 1.81 -35.06 -16.28
CA LEU C 43 1.76 -36.47 -15.94
C LEU C 43 2.54 -36.76 -14.65
N LYS C 44 3.72 -36.16 -14.50
CA LYS C 44 4.47 -36.31 -13.26
C LYS C 44 3.70 -35.75 -12.08
N LEU C 45 3.07 -34.59 -12.25
CA LEU C 45 2.29 -33.99 -11.17
C LEU C 45 1.14 -34.88 -10.76
N ILE C 46 0.46 -35.50 -11.72
CA ILE C 46 -0.63 -36.42 -11.40
C ILE C 46 -0.10 -37.63 -10.66
N ASP C 47 1.04 -38.17 -11.11
CA ASP C 47 1.61 -39.36 -10.49
C ASP C 47 2.09 -39.09 -9.07
N ASN C 48 2.54 -37.88 -8.76
CA ASN C 48 3.13 -37.61 -7.46
C ASN C 48 2.15 -37.06 -6.42
N ASN C 49 0.96 -36.63 -6.82
CA ASN C 49 0.04 -35.95 -5.90
C ASN C 49 -1.37 -36.53 -6.07
N ALA C 50 -1.77 -37.38 -5.13
CA ALA C 50 -3.08 -38.02 -5.17
C ALA C 50 -4.22 -37.05 -4.89
N ARG C 51 -3.94 -35.82 -4.48
CA ARG C 51 -4.96 -34.83 -4.19
C ARG C 51 -5.38 -34.05 -5.43
N LEU C 52 -4.76 -34.29 -6.58
CA LEU C 52 -5.20 -33.68 -7.83
C LEU C 52 -6.55 -34.28 -8.23
N CYS C 53 -7.57 -33.44 -8.34
CA CYS C 53 -8.93 -33.88 -8.59
C CYS C 53 -9.46 -33.46 -9.96
N GLY C 54 -8.63 -32.85 -10.81
CA GLY C 54 -9.09 -32.47 -12.13
C GLY C 54 -8.04 -31.88 -13.05
N VAL C 55 -8.19 -32.11 -14.35
CA VAL C 55 -7.25 -31.60 -15.36
C VAL C 55 -8.04 -30.83 -16.40
N ILE C 56 -7.64 -29.59 -16.65
CA ILE C 56 -8.21 -28.76 -17.69
C ILE C 56 -7.15 -28.54 -18.76
N PHE C 57 -7.49 -28.84 -20.00
CA PHE C 57 -6.55 -28.65 -21.09
C PHE C 57 -7.31 -28.27 -22.36
N ASP C 58 -6.56 -27.77 -23.33
CA ASP C 58 -7.10 -27.33 -24.62
C ASP C 58 -7.10 -28.49 -25.60
N TRP C 59 -8.28 -28.80 -26.15
CA TRP C 59 -8.40 -29.90 -27.09
C TRP C 59 -7.65 -29.64 -28.39
N ASP C 60 -7.55 -28.38 -28.81
CA ASP C 60 -6.80 -28.07 -30.02
C ASP C 60 -5.32 -28.45 -29.87
N THR C 61 -4.73 -28.15 -28.71
CA THR C 61 -3.32 -28.43 -28.50
C THR C 61 -3.05 -29.91 -28.26
N TYR C 62 -3.90 -30.57 -27.49
CA TYR C 62 -3.68 -31.96 -27.11
C TYR C 62 -4.87 -32.82 -27.53
N ASN C 63 -4.57 -33.95 -28.16
CA ASN C 63 -5.61 -34.90 -28.52
C ASN C 63 -6.09 -35.63 -27.27
N LEU C 64 -7.06 -36.51 -27.44
CA LEU C 64 -7.66 -37.22 -26.32
C LEU C 64 -6.80 -38.40 -25.85
N ASP C 65 -5.65 -38.63 -26.49
CA ASP C 65 -4.71 -39.63 -25.98
C ASP C 65 -4.08 -39.20 -24.66
N LEU C 66 -4.03 -37.89 -24.40
CA LEU C 66 -3.59 -37.41 -23.10
C LEU C 66 -4.55 -37.89 -22.00
N CYS C 67 -5.84 -37.89 -22.30
CA CYS C 67 -6.82 -38.47 -21.38
C CYS C 67 -6.58 -39.96 -21.19
N GLU C 68 -6.14 -40.66 -22.24
CA GLU C 68 -5.80 -42.07 -22.09
C GLU C 68 -4.62 -42.25 -21.13
N GLU C 69 -3.60 -41.41 -21.26
CA GLU C 69 -2.48 -41.46 -20.32
C GLU C 69 -2.94 -41.15 -18.90
N ILE C 70 -3.84 -40.17 -18.76
CA ILE C 70 -4.33 -39.78 -17.44
C ILE C 70 -5.10 -40.94 -16.79
N SER C 71 -5.98 -41.58 -17.57
CA SER C 71 -6.77 -42.69 -17.05
C SER C 71 -5.93 -43.93 -16.82
N ALA C 72 -4.77 -44.05 -17.47
CA ALA C 72 -3.87 -45.15 -17.17
C ALA C 72 -3.42 -45.10 -15.71
N MET C 73 -3.24 -43.91 -15.16
CA MET C 73 -2.87 -43.76 -13.76
C MET C 73 -4.08 -43.67 -12.84
N ASN C 74 -5.17 -43.07 -13.31
CA ASN C 74 -6.38 -42.91 -12.50
C ASN C 74 -7.57 -42.83 -13.46
N GLU C 75 -8.33 -43.92 -13.55
CA GLU C 75 -9.43 -43.99 -14.49
C GLU C 75 -10.66 -43.20 -14.05
N HIS C 76 -10.70 -42.74 -12.81
CA HIS C 76 -11.81 -41.95 -12.32
C HIS C 76 -11.50 -40.46 -12.25
N LEU C 77 -10.23 -40.08 -12.41
CA LEU C 77 -9.83 -38.68 -12.39
C LEU C 77 -10.53 -37.89 -13.48
N PRO C 78 -11.46 -37.01 -13.14
CA PRO C 78 -12.19 -36.26 -14.17
C PRO C 78 -11.26 -35.34 -14.96
N VAL C 79 -11.53 -35.25 -16.25
CA VAL C 79 -10.79 -34.38 -17.16
C VAL C 79 -11.78 -33.43 -17.82
N TYR C 80 -11.35 -32.17 -17.99
CA TYR C 80 -12.18 -31.16 -18.63
C TYR C 80 -11.48 -30.67 -19.89
N ALA C 81 -12.04 -31.00 -21.04
CA ALA C 81 -11.46 -30.63 -22.32
C ALA C 81 -12.26 -29.49 -22.92
N PHE C 82 -11.55 -28.45 -23.36
CA PHE C 82 -12.17 -27.28 -23.96
C PHE C 82 -12.08 -27.37 -25.48
N ALA C 83 -13.23 -27.39 -26.14
CA ALA C 83 -13.32 -27.59 -27.58
C ALA C 83 -13.44 -26.26 -28.29
N ASN C 84 -12.57 -26.06 -29.30
CA ASN C 84 -12.67 -24.91 -30.19
C ASN C 84 -12.89 -25.34 -31.63
N THR C 85 -12.00 -26.15 -32.20
CA THR C 85 -12.13 -26.57 -33.60
C THR C 85 -12.82 -27.92 -33.75
N HIS C 86 -12.53 -28.86 -32.86
CA HIS C 86 -13.16 -30.17 -32.94
C HIS C 86 -14.65 -30.09 -32.64
N SER C 87 -15.40 -31.01 -33.23
CA SER C 87 -16.84 -31.12 -33.05
C SER C 87 -17.16 -32.55 -32.59
N THR C 88 -18.45 -32.88 -32.60
CA THR C 88 -18.87 -34.21 -32.17
C THR C 88 -18.34 -35.31 -33.08
N LEU C 89 -17.91 -34.97 -34.30
CA LEU C 89 -17.37 -35.96 -35.22
C LEU C 89 -15.91 -36.29 -34.97
N ASP C 90 -15.24 -35.57 -34.07
CA ASP C 90 -13.83 -35.78 -33.80
C ASP C 90 -13.59 -36.68 -32.60
N VAL C 91 -14.64 -37.32 -32.08
CA VAL C 91 -14.51 -38.21 -30.94
C VAL C 91 -14.95 -39.61 -31.37
N SER C 92 -14.22 -40.62 -30.91
CA SER C 92 -14.54 -42.01 -31.19
C SER C 92 -15.20 -42.64 -29.97
N LEU C 93 -15.59 -43.90 -30.12
CA LEU C 93 -16.18 -44.63 -29.00
C LEU C 93 -15.16 -44.79 -27.86
N ASN C 94 -13.92 -45.15 -28.19
CA ASN C 94 -12.90 -45.33 -27.17
C ASN C 94 -12.64 -44.03 -26.42
N ASP C 95 -12.57 -42.90 -27.14
CA ASP C 95 -12.42 -41.61 -26.49
C ASP C 95 -13.61 -41.32 -25.58
N LEU C 96 -14.82 -41.64 -26.05
CA LEU C 96 -16.01 -41.41 -25.26
C LEU C 96 -16.04 -42.28 -24.00
N ARG C 97 -15.30 -43.38 -23.98
CA ARG C 97 -15.26 -44.20 -22.77
C ARG C 97 -14.51 -43.53 -21.62
N LEU C 98 -13.69 -42.52 -21.89
CA LEU C 98 -12.91 -41.89 -20.84
C LEU C 98 -13.73 -40.84 -20.10
N ASN C 99 -13.27 -40.49 -18.89
CA ASN C 99 -13.96 -39.54 -18.03
C ASN C 99 -13.60 -38.11 -18.42
N VAL C 100 -14.12 -37.70 -19.57
CA VAL C 100 -13.87 -36.38 -20.12
C VAL C 100 -15.19 -35.63 -20.23
N GLU C 101 -15.21 -34.40 -19.74
CA GLU C 101 -16.33 -33.49 -19.90
C GLU C 101 -15.88 -32.32 -20.76
N PHE C 102 -16.69 -31.96 -21.75
CA PHE C 102 -16.31 -30.96 -22.73
C PHE C 102 -16.96 -29.61 -22.42
N PHE C 103 -16.17 -28.54 -22.57
CA PHE C 103 -16.61 -27.17 -22.37
C PHE C 103 -16.20 -26.34 -23.58
N GLU C 104 -16.58 -25.06 -23.58
CA GLU C 104 -16.31 -24.15 -24.68
C GLU C 104 -15.74 -22.84 -24.15
N TYR C 105 -15.10 -22.09 -25.05
CA TYR C 105 -14.46 -20.83 -24.71
C TYR C 105 -15.46 -19.69 -24.92
N ALA C 106 -15.89 -19.06 -23.83
CA ALA C 106 -16.80 -17.93 -23.92
C ALA C 106 -16.62 -17.02 -22.71
N LEU C 107 -16.55 -15.72 -22.96
CA LEU C 107 -16.53 -14.76 -21.86
C LEU C 107 -17.85 -14.78 -21.12
N GLY C 108 -17.77 -14.70 -19.79
CA GLY C 108 -18.96 -14.70 -18.95
C GLY C 108 -19.55 -16.05 -18.66
N ALA C 109 -18.93 -17.14 -19.12
CA ALA C 109 -19.44 -18.48 -18.89
C ALA C 109 -18.67 -19.22 -17.80
N ALA C 110 -17.86 -18.50 -17.01
CA ALA C 110 -16.98 -19.17 -16.05
C ALA C 110 -17.75 -19.71 -14.86
N GLN C 111 -18.80 -19.01 -14.41
CA GLN C 111 -19.53 -19.47 -13.23
C GLN C 111 -20.22 -20.80 -13.47
N ASP C 112 -20.85 -20.96 -14.63
CA ASP C 112 -21.52 -22.22 -14.95
C ASP C 112 -20.53 -23.36 -15.06
N ILE C 113 -19.40 -23.13 -15.72
CA ILE C 113 -18.40 -24.19 -15.86
C ILE C 113 -17.79 -24.54 -14.50
N ALA C 114 -17.61 -23.54 -13.63
CA ALA C 114 -17.09 -23.81 -12.30
C ALA C 114 -18.09 -24.65 -11.50
N GLN C 115 -19.38 -24.36 -11.63
CA GLN C 115 -20.38 -25.20 -10.97
C GLN C 115 -20.37 -26.63 -11.52
N LYS C 116 -20.22 -26.77 -12.84
CA LYS C 116 -20.13 -28.09 -13.44
C LYS C 116 -18.92 -28.85 -12.90
N ILE C 117 -17.78 -28.17 -12.80
CA ILE C 117 -16.57 -28.82 -12.30
C ILE C 117 -16.71 -29.18 -10.83
N ARG C 118 -17.41 -28.34 -10.05
CA ARG C 118 -17.67 -28.68 -8.66
C ARG C 118 -18.51 -29.95 -8.56
N GLN C 119 -19.57 -30.04 -9.38
CA GLN C 119 -20.38 -31.26 -9.39
C GLN C 119 -19.55 -32.47 -9.80
N SER C 120 -18.66 -32.30 -10.78
CA SER C 120 -17.80 -33.38 -11.22
C SER C 120 -16.86 -33.84 -10.11
N THR C 121 -16.28 -32.89 -9.37
CA THR C 121 -15.41 -33.22 -8.25
C THR C 121 -16.16 -33.98 -7.17
N ASP C 122 -17.39 -33.54 -6.86
CA ASP C 122 -18.20 -34.24 -5.88
C ASP C 122 -18.52 -35.65 -6.34
N ALA C 123 -18.85 -35.82 -7.63
CA ALA C 123 -19.14 -37.15 -8.16
C ALA C 123 -17.91 -38.05 -8.09
N TYR C 124 -16.74 -37.50 -8.41
CA TYR C 124 -15.51 -38.28 -8.33
C TYR C 124 -15.24 -38.73 -6.89
N ILE C 125 -15.41 -37.82 -5.93
CA ILE C 125 -15.21 -38.15 -4.52
C ILE C 125 -16.19 -39.25 -4.10
N ASP C 126 -17.45 -39.11 -4.49
CA ASP C 126 -18.46 -40.12 -4.15
C ASP C 126 -18.13 -41.46 -4.78
N GLU C 127 -17.63 -41.43 -6.01
CA GLU C 127 -17.32 -42.66 -6.73
C GLU C 127 -16.18 -43.42 -6.08
N ILE C 128 -15.14 -42.72 -5.60
CA ILE C 128 -14.01 -43.42 -5.03
C ILE C 128 -14.20 -43.78 -3.56
N LEU C 129 -15.08 -43.11 -2.84
CA LEU C 129 -15.27 -43.40 -1.42
C LEU C 129 -16.06 -44.68 -1.25
N PRO C 130 -15.76 -45.47 -0.21
CA PRO C 130 -16.58 -46.64 0.10
C PRO C 130 -17.85 -46.23 0.83
N PRO C 131 -18.87 -47.09 0.85
CA PRO C 131 -20.19 -46.63 1.36
C PRO C 131 -20.23 -46.26 2.83
N LEU C 132 -19.69 -47.10 3.72
CA LEU C 132 -19.79 -46.81 5.15
C LEU C 132 -18.98 -45.57 5.53
N THR C 133 -17.79 -45.41 4.94
CA THR C 133 -16.98 -44.22 5.20
C THR C 133 -17.69 -42.97 4.70
N LYS C 134 -18.35 -43.07 3.54
CA LYS C 134 -19.11 -41.94 3.03
C LYS C 134 -20.26 -41.57 3.96
N ALA C 135 -20.96 -42.57 4.48
CA ALA C 135 -22.04 -42.30 5.43
C ALA C 135 -21.50 -41.65 6.70
N LEU C 136 -20.36 -42.14 7.20
CA LEU C 136 -19.76 -41.55 8.39
C LEU C 136 -19.40 -40.09 8.16
N PHE C 137 -18.80 -39.78 7.00
CA PHE C 137 -18.44 -38.41 6.69
C PHE C 137 -19.67 -37.52 6.57
N ASN C 138 -20.73 -38.01 5.94
CA ASN C 138 -21.97 -37.23 5.85
C ASN C 138 -22.55 -36.96 7.22
N TYR C 139 -22.56 -37.98 8.10
CA TYR C 139 -23.08 -37.76 9.43
C TYR C 139 -22.28 -36.71 10.17
N VAL C 140 -20.94 -36.76 10.06
CA VAL C 140 -20.12 -35.75 10.71
C VAL C 140 -20.44 -34.36 10.15
N LYS C 141 -20.70 -34.28 8.84
CA LYS C 141 -21.07 -33.00 8.24
C LYS C 141 -22.40 -32.49 8.79
N GLU C 142 -23.32 -33.37 9.18
CA GLU C 142 -24.60 -32.88 9.68
C GLU C 142 -24.46 -32.13 11.01
N GLY C 143 -23.47 -32.47 11.83
CA GLY C 143 -23.22 -31.75 13.07
C GLY C 143 -24.33 -31.83 14.10
N LYS C 144 -24.74 -33.04 14.45
CA LYS C 144 -25.86 -33.24 15.37
C LYS C 144 -25.40 -33.19 16.83
N TYR C 145 -26.37 -32.95 17.71
CA TYR C 145 -26.14 -32.89 19.15
C TYR C 145 -26.47 -34.25 19.74
N THR C 146 -25.45 -34.95 20.22
CA THR C 146 -25.64 -36.27 20.81
C THR C 146 -25.83 -36.16 22.31
N PHE C 147 -26.76 -36.96 22.83
CA PHE C 147 -26.96 -37.16 24.26
C PHE C 147 -26.70 -38.61 24.62
N CYS C 148 -25.81 -39.25 23.86
CA CYS C 148 -25.53 -40.68 23.94
C CYS C 148 -24.03 -40.88 24.07
N THR C 149 -23.63 -42.14 24.23
CA THR C 149 -22.22 -42.47 24.19
C THR C 149 -21.66 -42.20 22.80
N PRO C 150 -20.35 -41.95 22.66
CA PRO C 150 -19.26 -42.02 23.65
C PRO C 150 -19.35 -41.16 24.92
N GLY C 151 -20.02 -40.03 24.96
CA GLY C 151 -20.03 -39.28 26.21
C GLY C 151 -19.19 -38.02 26.16
N HIS C 152 -18.06 -38.08 25.47
CA HIS C 152 -17.34 -36.84 25.17
C HIS C 152 -18.11 -35.98 24.18
N MET C 153 -19.11 -36.57 23.50
CA MET C 153 -20.07 -35.85 22.67
C MET C 153 -19.39 -35.04 21.56
N GLY C 154 -18.71 -35.76 20.68
CA GLY C 154 -18.04 -35.12 19.57
C GLY C 154 -16.81 -34.31 19.91
N GLY C 155 -16.27 -34.48 21.12
CA GLY C 155 -15.09 -33.76 21.54
C GLY C 155 -15.34 -32.54 22.40
N THR C 156 -16.58 -32.27 22.79
CA THR C 156 -16.87 -31.11 23.63
C THR C 156 -16.18 -31.21 24.98
N ALA C 157 -16.21 -32.39 25.60
CA ALA C 157 -15.61 -32.57 26.91
C ALA C 157 -14.11 -32.29 26.86
N PHE C 158 -13.43 -32.76 25.80
CA PHE C 158 -12.03 -32.46 25.63
C PHE C 158 -11.78 -30.96 25.54
N GLN C 159 -12.63 -30.26 24.79
CA GLN C 159 -12.49 -28.81 24.68
C GLN C 159 -12.76 -28.10 26.00
N LYS C 160 -13.47 -28.74 26.92
CA LYS C 160 -13.70 -28.13 28.23
C LYS C 160 -12.51 -28.26 29.18
N SER C 161 -11.54 -29.11 28.89
CA SER C 161 -10.41 -29.38 29.78
C SER C 161 -9.09 -28.97 29.15
N PRO C 162 -8.16 -28.42 29.94
CA PRO C 162 -6.86 -28.02 29.34
C PRO C 162 -6.06 -29.18 28.78
N VAL C 163 -5.87 -30.25 29.57
CA VAL C 163 -5.19 -31.42 29.04
C VAL C 163 -6.03 -32.07 27.96
N GLY C 164 -7.35 -32.10 28.15
CA GLY C 164 -8.24 -32.54 27.10
C GLY C 164 -8.15 -31.66 25.88
N SER C 165 -7.87 -30.37 26.07
CA SER C 165 -7.66 -29.48 24.93
C SER C 165 -6.41 -29.87 24.15
N ILE C 166 -5.34 -30.22 24.86
CA ILE C 166 -4.14 -30.69 24.17
C ILE C 166 -4.43 -31.95 23.37
N PHE C 167 -5.16 -32.89 24.00
CA PHE C 167 -5.52 -34.14 23.33
C PHE C 167 -6.37 -33.88 22.09
N TYR C 168 -7.36 -32.99 22.23
CA TYR C 168 -8.23 -32.62 21.12
C TYR C 168 -7.46 -31.98 19.97
N ASP C 169 -6.55 -31.07 20.30
CA ASP C 169 -5.75 -30.43 19.26
C ASP C 169 -4.82 -31.43 18.58
N PHE C 170 -4.34 -32.44 19.31
CA PHE C 170 -3.50 -33.45 18.69
C PHE C 170 -4.30 -34.33 17.74
N PHE C 171 -5.45 -34.83 18.19
CA PHE C 171 -6.18 -35.79 17.36
C PHE C 171 -7.13 -35.13 16.36
N GLY C 172 -7.48 -33.87 16.55
CA GLY C 172 -8.31 -33.16 15.61
C GLY C 172 -9.80 -33.35 15.86
N ALA C 173 -10.58 -32.41 15.33
CA ALA C 173 -12.02 -32.42 15.56
C ALA C 173 -12.71 -33.57 14.84
N ASN C 174 -12.30 -33.86 13.60
CA ASN C 174 -12.99 -34.88 12.81
C ASN C 174 -12.86 -36.26 13.44
N ALA C 175 -11.71 -36.56 14.03
CA ALA C 175 -11.52 -37.87 14.64
C ALA C 175 -12.44 -38.08 15.84
N MET C 176 -12.83 -37.00 16.51
CA MET C 176 -13.68 -37.09 17.68
C MET C 176 -15.15 -36.93 17.35
N LYS C 177 -15.47 -36.26 16.24
CA LYS C 177 -16.85 -36.21 15.77
C LYS C 177 -17.27 -37.53 15.14
N SER C 178 -16.32 -38.26 14.54
CA SER C 178 -16.63 -39.54 13.93
C SER C 178 -16.74 -40.67 14.95
N ASP C 179 -16.32 -40.44 16.18
CA ASP C 179 -16.43 -41.42 17.26
C ASP C 179 -17.88 -41.43 17.75
N ILE C 180 -18.67 -42.39 17.29
CA ILE C 180 -20.08 -42.49 17.61
C ILE C 180 -20.39 -43.92 18.04
N SER C 181 -21.68 -44.17 18.29
CA SER C 181 -22.18 -45.48 18.71
C SER C 181 -23.42 -45.82 17.89
N ILE C 182 -24.03 -46.96 18.22
CA ILE C 182 -25.23 -47.40 17.52
C ILE C 182 -26.45 -46.54 17.82
N SER C 183 -26.37 -45.64 18.80
CA SER C 183 -27.48 -44.72 19.03
C SER C 183 -27.75 -43.86 17.81
N VAL C 184 -26.74 -43.62 16.99
CA VAL C 184 -26.90 -42.96 15.71
C VAL C 184 -27.36 -44.02 14.72
N GLY C 185 -28.69 -44.13 14.55
CA GLY C 185 -29.25 -45.21 13.77
C GLY C 185 -28.99 -45.14 12.28
N GLU C 186 -28.75 -43.94 11.75
CA GLU C 186 -28.55 -43.80 10.31
C GLU C 186 -27.30 -44.51 9.83
N LEU C 187 -26.29 -44.64 10.69
CA LEU C 187 -25.08 -45.36 10.33
C LEU C 187 -25.25 -46.87 10.39
N GLY C 188 -26.34 -47.36 10.97
CA GLY C 188 -26.53 -48.79 11.10
C GLY C 188 -25.76 -49.36 12.28
N SER C 189 -25.59 -50.68 12.25
CA SER C 189 -24.91 -51.40 13.33
C SER C 189 -23.96 -52.43 12.75
N LEU C 190 -22.73 -52.45 13.26
CA LEU C 190 -21.77 -53.47 12.85
C LEU C 190 -22.18 -54.84 13.37
N LEU C 191 -22.64 -54.91 14.63
CA LEU C 191 -23.06 -56.19 15.20
C LEU C 191 -24.30 -56.74 14.52
N ASP C 192 -25.21 -55.87 14.10
CA ASP C 192 -26.42 -56.29 13.41
C ASP C 192 -26.22 -56.46 11.90
N HIS C 193 -25.06 -56.06 11.37
CA HIS C 193 -24.79 -56.12 9.94
C HIS C 193 -25.90 -55.42 9.14
N SER C 194 -26.20 -54.19 9.55
CA SER C 194 -27.32 -53.44 9.02
C SER C 194 -26.87 -52.09 8.48
N GLY C 195 -27.61 -51.59 7.49
CA GLY C 195 -27.33 -50.31 6.88
C GLY C 195 -26.01 -50.27 6.15
N PRO C 196 -25.32 -49.13 6.24
CA PRO C 196 -24.02 -49.00 5.55
C PRO C 196 -23.04 -50.08 5.94
N HIS C 197 -23.03 -50.48 7.21
CA HIS C 197 -22.17 -51.58 7.65
C HIS C 197 -22.35 -52.79 6.75
N LYS C 198 -23.60 -53.19 6.53
CA LYS C 198 -23.87 -54.33 5.65
C LYS C 198 -23.23 -54.11 4.28
N GLU C 199 -23.48 -52.93 3.69
CA GLU C 199 -22.88 -52.63 2.40
C GLU C 199 -21.36 -52.77 2.47
N ALA C 200 -20.76 -52.23 3.53
CA ALA C 200 -19.32 -52.33 3.71
C ALA C 200 -18.87 -53.76 3.57
N GLU C 201 -19.53 -54.67 4.30
CA GLU C 201 -19.13 -56.07 4.25
C GLU C 201 -19.16 -56.59 2.82
N GLU C 202 -20.28 -56.37 2.13
CA GLU C 202 -20.38 -56.83 0.76
C GLU C 202 -19.30 -56.20 -0.10
N TYR C 203 -19.09 -54.90 0.07
CA TYR C 203 -18.03 -54.21 -0.64
C TYR C 203 -16.70 -54.92 -0.40
N ILE C 204 -16.37 -55.15 0.87
CA ILE C 204 -15.11 -55.80 1.19
C ILE C 204 -15.07 -57.18 0.57
N ALA C 205 -16.19 -57.92 0.64
CA ALA C 205 -16.21 -59.25 0.08
C ALA C 205 -15.91 -59.23 -1.41
N ARG C 206 -16.41 -58.21 -2.12
CA ARG C 206 -16.13 -58.14 -3.54
C ARG C 206 -14.70 -57.71 -3.84
N THR C 207 -14.06 -56.99 -2.91
CA THR C 207 -12.70 -56.52 -3.17
C THR C 207 -11.65 -57.60 -2.92
N PHE C 208 -11.88 -58.47 -1.94
CA PHE C 208 -10.89 -59.45 -1.52
C PHE C 208 -11.16 -60.85 -2.04
N ASN C 209 -12.10 -61.01 -2.96
CA ASN C 209 -12.44 -62.32 -3.54
C ASN C 209 -12.91 -63.30 -2.46
N ALA C 210 -13.87 -62.85 -1.67
CA ALA C 210 -14.45 -63.68 -0.61
C ALA C 210 -15.94 -63.83 -0.83
N GLU C 211 -16.47 -64.98 -0.39
CA GLU C 211 -17.92 -65.13 -0.40
C GLU C 211 -18.56 -64.31 0.71
N ARG C 212 -17.97 -64.34 1.90
CA ARG C 212 -18.46 -63.52 3.01
C ARG C 212 -17.30 -62.83 3.70
N SER C 213 -17.54 -61.60 4.16
CA SER C 213 -16.51 -60.84 4.85
C SER C 213 -17.05 -60.26 6.15
N TYR C 214 -16.24 -60.35 7.20
CA TYR C 214 -16.56 -59.81 8.51
C TYR C 214 -15.43 -58.90 8.96
N MET C 215 -15.79 -57.81 9.64
CA MET C 215 -14.83 -56.84 10.14
C MET C 215 -14.63 -57.03 11.64
N VAL C 216 -13.38 -57.07 12.07
CA VAL C 216 -13.01 -57.28 13.46
C VAL C 216 -12.24 -56.06 13.93
N THR C 217 -12.68 -55.47 15.04
CA THR C 217 -12.04 -54.28 15.57
C THR C 217 -11.07 -54.59 16.70
N ASN C 218 -10.77 -55.86 16.93
CA ASN C 218 -9.79 -56.25 17.95
C ASN C 218 -8.68 -57.12 17.35
N GLY C 219 -8.39 -56.93 16.08
CA GLY C 219 -7.26 -57.58 15.46
C GLY C 219 -7.47 -59.03 15.07
N THR C 220 -6.40 -59.56 14.46
CA THR C 220 -6.41 -60.94 13.99
C THR C 220 -6.42 -61.93 15.14
N SER C 221 -5.98 -61.53 16.35
CA SER C 221 -6.15 -62.41 17.50
C SER C 221 -7.61 -62.75 17.71
N THR C 222 -8.46 -61.71 17.77
CA THR C 222 -9.88 -61.91 17.93
C THR C 222 -10.50 -62.59 16.71
N ALA C 223 -10.01 -62.25 15.51
CA ALA C 223 -10.52 -62.92 14.31
C ALA C 223 -10.24 -64.42 14.35
N ASN C 224 -9.03 -64.81 14.75
CA ASN C 224 -8.68 -66.21 14.88
C ASN C 224 -9.55 -66.89 15.92
N LYS C 225 -9.78 -66.24 17.05
CA LYS C 225 -10.63 -66.85 18.08
C LYS C 225 -12.05 -67.04 17.56
N ILE C 226 -12.59 -66.09 16.82
CA ILE C 226 -13.94 -66.22 16.29
C ILE C 226 -14.02 -67.41 15.33
N VAL C 227 -13.08 -67.47 14.39
CA VAL C 227 -13.09 -68.56 13.41
C VAL C 227 -12.93 -69.91 14.11
N GLY C 228 -11.99 -70.00 15.04
CA GLY C 228 -11.73 -71.26 15.72
C GLY C 228 -12.89 -71.72 16.60
N MET C 229 -13.50 -70.79 17.33
CA MET C 229 -14.64 -71.14 18.17
C MET C 229 -15.82 -71.60 17.33
N TYR C 230 -16.07 -70.94 16.20
CA TYR C 230 -17.14 -71.43 15.34
C TYR C 230 -16.79 -72.81 14.76
N SER C 231 -15.52 -73.02 14.43
CA SER C 231 -15.13 -74.26 13.75
C SER C 231 -14.93 -75.43 14.69
N ALA C 232 -14.47 -75.19 15.91
CA ALA C 232 -14.08 -76.26 16.82
C ALA C 232 -14.92 -76.26 18.09
N PRO C 233 -15.95 -77.08 18.18
CA PRO C 233 -16.69 -77.21 19.44
C PRO C 233 -15.85 -77.92 20.49
N ALA C 234 -16.24 -77.74 21.74
CA ALA C 234 -15.55 -78.37 22.85
C ALA C 234 -15.58 -79.89 22.69
N GLY C 235 -14.41 -80.51 22.86
CA GLY C 235 -14.30 -81.94 22.71
C GLY C 235 -13.84 -82.42 21.35
N SER C 236 -13.45 -81.51 20.45
CA SER C 236 -13.01 -81.87 19.11
C SER C 236 -11.51 -81.75 18.98
N THR C 237 -10.98 -82.37 17.94
CA THR C 237 -9.56 -82.34 17.61
C THR C 237 -9.33 -81.31 16.51
N VAL C 238 -8.24 -80.56 16.64
CA VAL C 238 -7.89 -79.51 15.68
C VAL C 238 -6.43 -79.67 15.29
N LEU C 239 -6.15 -79.57 14.00
CA LEU C 239 -4.78 -79.47 13.52
C LEU C 239 -4.32 -78.03 13.63
N ILE C 240 -3.20 -77.81 14.32
CA ILE C 240 -2.68 -76.48 14.57
C ILE C 240 -1.24 -76.43 14.07
N ASP C 241 -0.92 -75.40 13.29
CA ASP C 241 0.47 -75.14 12.96
C ASP C 241 1.27 -74.85 14.23
N ARG C 242 2.41 -75.54 14.39
CA ARG C 242 3.27 -75.24 15.53
C ARG C 242 3.82 -73.83 15.45
N ASN C 243 3.92 -73.29 14.24
CA ASN C 243 4.26 -71.89 14.01
C ASN C 243 3.00 -71.01 14.06
N CYS C 244 2.24 -71.13 15.14
CA CYS C 244 1.02 -70.36 15.31
C CYS C 244 1.25 -69.18 16.24
N HIS C 245 0.44 -68.15 16.04
CA HIS C 245 0.46 -66.99 16.92
C HIS C 245 -0.10 -67.37 18.29
N LYS C 246 0.24 -66.56 19.29
CA LYS C 246 -0.21 -66.85 20.65
C LYS C 246 -1.72 -66.81 20.77
N SER C 247 -2.43 -66.18 19.82
CA SER C 247 -3.88 -66.15 19.88
C SER C 247 -4.48 -67.54 19.69
N LEU C 248 -3.85 -68.39 18.88
CA LEU C 248 -4.30 -69.78 18.77
C LEU C 248 -4.12 -70.51 20.09
N THR C 249 -3.03 -70.24 20.79
CA THR C 249 -2.83 -70.80 22.13
C THR C 249 -3.92 -70.32 23.09
N HIS C 250 -4.26 -69.03 23.03
CA HIS C 250 -5.32 -68.50 23.88
C HIS C 250 -6.66 -69.17 23.57
N LEU C 251 -6.94 -69.40 22.28
CA LEU C 251 -8.15 -70.11 21.92
C LEU C 251 -8.14 -71.52 22.50
N MET C 252 -7.00 -72.19 22.43
CA MET C 252 -6.89 -73.55 22.97
C MET C 252 -7.05 -73.56 24.49
N MET C 253 -6.61 -72.51 25.16
CA MET C 253 -6.84 -72.40 26.61
C MET C 253 -8.24 -71.90 26.94
N MET C 254 -8.98 -71.41 25.95
CA MET C 254 -10.34 -70.95 26.15
C MET C 254 -11.37 -72.05 25.93
N SER C 255 -11.13 -72.92 24.95
CA SER C 255 -12.04 -74.01 24.61
C SER C 255 -11.33 -75.34 24.78
N ASP C 256 -12.07 -76.35 25.22
CA ASP C 256 -11.51 -77.69 25.44
C ASP C 256 -11.42 -78.40 24.10
N ILE C 257 -10.35 -78.13 23.38
CA ILE C 257 -10.07 -78.75 22.09
C ILE C 257 -8.73 -79.45 22.17
N THR C 258 -8.63 -80.61 21.51
CA THR C 258 -7.40 -81.38 21.52
C THR C 258 -6.56 -81.01 20.31
N PRO C 259 -5.34 -80.52 20.48
CA PRO C 259 -4.50 -80.15 19.33
C PRO C 259 -3.57 -81.25 18.86
N ILE C 260 -3.40 -81.31 17.55
CA ILE C 260 -2.36 -82.11 16.90
C ILE C 260 -1.55 -81.14 16.05
N TYR C 261 -0.25 -81.08 16.31
CA TYR C 261 0.58 -79.99 15.80
C TYR C 261 1.22 -80.35 14.46
N PHE C 262 0.99 -79.52 13.45
CA PHE C 262 1.80 -79.54 12.25
C PHE C 262 3.22 -79.15 12.59
N ARG C 263 4.20 -79.83 11.99
CA ARG C 263 5.59 -79.55 12.32
C ARG C 263 6.24 -78.74 11.21
N PRO C 264 6.60 -77.50 11.43
CA PRO C 264 7.33 -76.73 10.44
C PRO C 264 8.84 -76.91 10.57
N THR C 265 9.56 -76.44 9.56
CA THR C 265 11.01 -76.54 9.51
C THR C 265 11.65 -75.21 9.92
N ARG C 266 12.98 -75.19 9.93
CA ARG C 266 13.72 -73.98 10.24
C ARG C 266 15.14 -74.11 9.69
N ASN C 267 15.81 -72.96 9.56
CA ASN C 267 17.19 -72.90 9.09
C ASN C 267 18.11 -72.52 10.25
N ALA C 268 19.40 -72.40 9.93
CA ALA C 268 20.38 -72.05 10.96
C ALA C 268 20.15 -70.64 11.49
N TYR C 269 19.62 -69.73 10.67
CA TYR C 269 19.33 -68.38 11.11
C TYR C 269 18.18 -68.32 12.11
N GLY C 270 17.45 -69.41 12.30
CA GLY C 270 16.26 -69.37 13.12
C GLY C 270 15.01 -68.94 12.37
N ILE C 271 15.09 -68.74 11.06
CA ILE C 271 13.92 -68.38 10.28
C ILE C 271 13.01 -69.60 10.18
N LEU C 272 11.74 -69.40 10.51
CA LEU C 272 10.78 -70.51 10.47
C LEU C 272 10.47 -70.88 9.02
N GLY C 273 10.53 -72.18 8.74
CA GLY C 273 10.20 -72.69 7.43
C GLY C 273 8.76 -73.15 7.34
N GLY C 274 8.39 -73.60 6.15
CA GLY C 274 7.05 -74.10 5.93
C GLY C 274 6.87 -75.53 6.40
N ILE C 275 5.61 -75.89 6.58
CA ILE C 275 5.27 -77.27 6.92
C ILE C 275 5.51 -78.16 5.70
N PRO C 276 6.25 -79.26 5.83
CA PRO C 276 6.42 -80.17 4.68
C PRO C 276 5.10 -80.79 4.26
N LYS C 277 5.05 -81.19 2.99
CA LYS C 277 3.82 -81.76 2.43
C LYS C 277 3.40 -83.03 3.14
N SER C 278 4.36 -83.82 3.63
CA SER C 278 4.03 -85.08 4.29
C SER C 278 3.09 -84.88 5.48
N GLU C 279 3.23 -83.78 6.21
CA GLU C 279 2.38 -83.55 7.36
C GLU C 279 0.93 -83.28 6.97
N PHE C 280 0.67 -82.93 5.72
CA PHE C 280 -0.70 -82.71 5.25
C PHE C 280 -1.37 -83.99 4.77
N GLN C 281 -0.64 -85.10 4.71
CA GLN C 281 -1.18 -86.34 4.18
C GLN C 281 -2.13 -87.00 5.19
N HIS C 282 -3.09 -87.76 4.65
CA HIS C 282 -4.12 -88.38 5.48
C HIS C 282 -3.53 -89.44 6.41
N ASP C 283 -2.57 -90.22 5.92
CA ASP C 283 -1.98 -91.27 6.74
C ASP C 283 -1.23 -90.69 7.94
N THR C 284 -0.47 -89.60 7.71
CA THR C 284 0.26 -88.97 8.81
C THR C 284 -0.70 -88.43 9.86
N ILE C 285 -1.78 -87.78 9.43
CA ILE C 285 -2.76 -87.25 10.38
C ILE C 285 -3.44 -88.38 11.14
N ALA C 286 -3.78 -89.47 10.44
CA ALA C 286 -4.40 -90.61 11.13
C ALA C 286 -3.47 -91.22 12.16
N GLU C 287 -2.18 -91.33 11.82
CA GLU C 287 -1.21 -91.85 12.79
C GLU C 287 -1.11 -90.94 14.01
N ARG C 288 -1.07 -89.62 13.79
CA ARG C 288 -1.01 -88.70 14.91
C ARG C 288 -2.27 -88.77 15.77
N VAL C 289 -3.43 -88.93 15.14
CA VAL C 289 -4.69 -89.09 15.88
C VAL C 289 -4.63 -90.33 16.74
N ALA C 290 -4.15 -91.44 16.17
CA ALA C 290 -4.04 -92.69 16.92
C ALA C 290 -3.09 -92.52 18.11
N GLN C 291 -1.98 -91.80 17.91
CA GLN C 291 -1.04 -91.61 19.01
C GLN C 291 -1.59 -90.67 20.08
N THR C 292 -2.38 -89.68 19.70
CA THR C 292 -2.87 -88.67 20.64
C THR C 292 -4.06 -89.22 21.42
N PRO C 293 -4.02 -89.22 22.74
CA PRO C 293 -5.17 -89.70 23.52
C PRO C 293 -6.32 -88.70 23.48
N ASN C 294 -7.54 -89.24 23.50
CA ASN C 294 -8.76 -88.45 23.43
C ASN C 294 -8.81 -87.60 22.16
N ALA C 295 -8.29 -88.13 21.05
CA ALA C 295 -8.26 -87.42 19.79
C ALA C 295 -9.04 -88.20 18.75
N THR C 296 -9.91 -87.49 18.03
CA THR C 296 -10.67 -88.03 16.91
C THR C 296 -10.13 -87.40 15.63
N TRP C 297 -10.79 -87.65 14.51
CA TRP C 297 -10.38 -87.03 13.27
C TRP C 297 -10.58 -85.52 13.37
N PRO C 298 -9.56 -84.72 13.06
CA PRO C 298 -9.68 -83.27 13.24
C PRO C 298 -10.80 -82.67 12.41
N VAL C 299 -11.49 -81.69 12.99
CA VAL C 299 -12.56 -80.98 12.31
C VAL C 299 -12.15 -79.59 11.86
N HIS C 300 -10.99 -79.11 12.30
CA HIS C 300 -10.49 -77.80 11.93
C HIS C 300 -8.99 -77.89 11.70
N ALA C 301 -8.46 -77.00 10.88
CA ALA C 301 -7.04 -76.97 10.58
C ALA C 301 -6.60 -75.53 10.41
N VAL C 302 -5.57 -75.13 11.15
CA VAL C 302 -5.07 -73.77 11.14
C VAL C 302 -3.63 -73.80 10.62
N VAL C 303 -3.39 -73.05 9.54
CA VAL C 303 -2.08 -72.93 8.91
C VAL C 303 -1.72 -71.45 8.86
N THR C 304 -0.47 -71.14 9.22
CA THR C 304 0.04 -69.78 9.17
C THR C 304 0.60 -69.52 7.77
N ASN C 305 -0.08 -68.66 7.02
CA ASN C 305 0.32 -68.34 5.64
C ASN C 305 0.09 -66.86 5.40
N SER C 306 1.16 -66.11 5.24
CA SER C 306 2.51 -66.64 5.26
C SER C 306 3.11 -66.60 6.65
N THR C 307 4.39 -66.99 6.72
CA THR C 307 5.15 -66.88 7.96
C THR C 307 5.59 -65.43 8.18
N TYR C 308 6.19 -65.18 9.34
CA TYR C 308 6.66 -63.85 9.66
C TYR C 308 7.71 -63.37 8.66
N ASP C 309 8.63 -64.25 8.26
CA ASP C 309 9.67 -63.89 7.31
C ASP C 309 9.18 -63.90 5.87
N GLY C 310 7.95 -64.32 5.61
CA GLY C 310 7.38 -64.17 4.29
C GLY C 310 7.40 -65.39 3.39
N LEU C 311 7.19 -66.57 3.96
CA LEU C 311 7.14 -67.81 3.18
C LEU C 311 5.69 -68.22 3.00
N LEU C 312 5.22 -68.23 1.76
CA LEU C 312 3.87 -68.59 1.40
C LEU C 312 3.81 -70.02 0.90
N TYR C 313 2.71 -70.70 1.22
CA TYR C 313 2.46 -72.07 0.79
C TYR C 313 1.78 -72.08 -0.58
N ASN C 314 1.89 -73.23 -1.24
CA ASN C 314 1.05 -73.55 -2.40
C ASN C 314 -0.29 -73.99 -1.82
N THR C 315 -1.21 -73.05 -1.71
CA THR C 315 -2.47 -73.32 -1.00
C THR C 315 -3.37 -74.28 -1.77
N ASP C 316 -3.22 -74.38 -3.09
CA ASP C 316 -4.00 -75.35 -3.84
C ASP C 316 -3.70 -76.77 -3.37
N TYR C 317 -2.42 -77.07 -3.14
CA TYR C 317 -2.04 -78.40 -2.66
C TYR C 317 -2.64 -78.68 -1.30
N ILE C 318 -2.62 -77.68 -0.40
CA ILE C 318 -3.20 -77.87 0.93
C ILE C 318 -4.69 -78.10 0.84
N LYS C 319 -5.38 -77.30 0.03
CA LYS C 319 -6.83 -77.44 -0.12
C LYS C 319 -7.19 -78.81 -0.67
N GLU C 320 -6.38 -79.33 -1.59
CA GLU C 320 -6.68 -80.64 -2.16
C GLU C 320 -6.32 -81.78 -1.21
N ALA C 321 -5.21 -81.66 -0.50
CA ALA C 321 -4.65 -82.80 0.24
C ALA C 321 -5.11 -82.88 1.68
N LEU C 322 -5.42 -81.75 2.32
CA LEU C 322 -5.80 -81.74 3.72
C LEU C 322 -7.25 -82.15 3.86
N ASP C 323 -7.49 -83.37 4.33
CA ASP C 323 -8.84 -83.92 4.43
C ASP C 323 -9.53 -83.45 5.70
N VAL C 324 -9.70 -82.13 5.78
CA VAL C 324 -10.37 -81.46 6.88
C VAL C 324 -11.47 -80.58 6.30
N LYS C 325 -12.67 -80.69 6.86
CA LYS C 325 -13.80 -79.93 6.32
C LYS C 325 -13.65 -78.43 6.54
N SER C 326 -12.88 -78.00 7.53
CA SER C 326 -12.69 -76.59 7.82
C SER C 326 -11.20 -76.28 7.82
N ILE C 327 -10.75 -75.49 6.85
CA ILE C 327 -9.35 -75.09 6.74
C ILE C 327 -9.28 -73.58 6.90
N HIS C 328 -8.55 -73.12 7.90
CA HIS C 328 -8.41 -71.69 8.17
C HIS C 328 -6.95 -71.29 7.99
N PHE C 329 -6.72 -70.31 7.12
CA PHE C 329 -5.41 -69.73 6.89
C PHE C 329 -5.32 -68.44 7.68
N ASP C 330 -4.38 -68.38 8.61
CA ASP C 330 -4.08 -67.16 9.35
C ASP C 330 -3.15 -66.33 8.47
N SER C 331 -3.74 -65.37 7.76
CA SER C 331 -3.04 -64.57 6.76
C SER C 331 -2.85 -63.13 7.25
N ALA C 332 -2.54 -62.99 8.54
CA ALA C 332 -2.37 -61.67 9.13
C ALA C 332 -1.30 -60.87 8.40
N TRP C 333 -0.25 -61.53 7.93
CA TRP C 333 0.86 -60.86 7.29
C TRP C 333 0.68 -60.64 5.80
N VAL C 334 -0.35 -61.22 5.19
CA VAL C 334 -0.53 -61.06 3.75
C VAL C 334 -1.97 -60.68 3.39
N PRO C 335 -2.43 -59.48 3.73
CA PRO C 335 -3.77 -59.06 3.29
C PRO C 335 -3.81 -58.50 1.87
N TYR C 336 -2.65 -58.36 1.21
CA TYR C 336 -2.59 -57.81 -0.12
C TYR C 336 -2.70 -58.85 -1.23
N THR C 337 -2.83 -60.13 -0.88
CA THR C 337 -3.12 -61.13 -1.89
C THR C 337 -4.49 -60.84 -2.49
N ASN C 338 -4.70 -61.29 -3.73
CA ASN C 338 -5.81 -61.00 -4.61
C ASN C 338 -5.64 -59.64 -5.30
N PHE C 339 -4.62 -58.86 -4.94
CA PHE C 339 -4.38 -57.56 -5.55
C PHE C 339 -3.14 -57.54 -6.43
N SER C 340 -2.40 -58.64 -6.50
CA SER C 340 -1.27 -58.77 -7.40
C SER C 340 -1.28 -60.19 -7.95
N PRO C 341 -1.04 -60.37 -9.26
CA PRO C 341 -1.07 -61.72 -9.82
C PRO C 341 0.05 -62.63 -9.34
N ILE C 342 1.12 -62.10 -8.77
CA ILE C 342 2.21 -62.94 -8.28
C ILE C 342 1.81 -63.82 -7.10
N TYR C 343 0.66 -63.55 -6.47
CA TYR C 343 0.19 -64.32 -5.34
C TYR C 343 -0.87 -65.34 -5.71
N LYS C 344 -1.13 -65.54 -7.01
CA LYS C 344 -2.14 -66.50 -7.44
C LYS C 344 -1.79 -67.89 -6.95
N GLY C 345 -2.76 -68.57 -6.36
CA GLY C 345 -2.54 -69.89 -5.82
C GLY C 345 -1.76 -69.92 -4.53
N LEU C 346 -1.51 -68.77 -3.91
CA LEU C 346 -0.69 -68.69 -2.71
C LEU C 346 -1.47 -68.17 -1.51
N CYS C 347 -2.80 -68.17 -1.57
CA CYS C 347 -3.60 -67.66 -0.47
C CYS C 347 -4.90 -68.45 -0.39
N GLY C 348 -5.57 -68.32 0.76
CA GLY C 348 -6.77 -69.10 1.02
C GLY C 348 -7.91 -68.77 0.08
N MET C 349 -8.09 -67.49 -0.24
CA MET C 349 -9.19 -67.08 -1.12
C MET C 349 -8.87 -67.26 -2.59
N SER C 350 -7.66 -67.67 -2.93
CA SER C 350 -7.31 -67.88 -4.33
C SER C 350 -8.12 -69.03 -4.92
N GLY C 351 -8.67 -68.81 -6.10
CA GLY C 351 -9.47 -69.84 -6.76
C GLY C 351 -10.94 -69.75 -6.41
N GLY C 352 -11.62 -70.88 -6.39
CA GLY C 352 -13.03 -70.91 -6.10
C GLY C 352 -13.40 -71.81 -4.94
N ARG C 353 -14.67 -72.16 -4.84
CA ARG C 353 -15.15 -73.01 -3.76
C ARG C 353 -14.48 -74.37 -3.81
N VAL C 354 -14.20 -74.93 -2.63
CA VAL C 354 -13.71 -76.29 -2.50
C VAL C 354 -14.87 -77.17 -2.07
N GLU C 355 -15.09 -78.25 -2.81
CA GLU C 355 -16.23 -79.12 -2.53
C GLU C 355 -16.09 -79.76 -1.15
N GLY C 356 -17.11 -79.60 -0.32
CA GLY C 356 -17.15 -80.22 0.99
C GLY C 356 -16.27 -79.57 2.03
N LYS C 357 -15.73 -78.39 1.76
CA LYS C 357 -14.82 -77.72 2.68
C LYS C 357 -15.19 -76.25 2.79
N VAL C 358 -14.81 -75.65 3.91
CA VAL C 358 -14.95 -74.22 4.12
C VAL C 358 -13.56 -73.65 4.38
N ILE C 359 -13.19 -72.62 3.63
CA ILE C 359 -11.88 -72.01 3.71
C ILE C 359 -12.04 -70.63 4.35
N TYR C 360 -11.31 -70.40 5.43
CA TYR C 360 -11.27 -69.12 6.12
C TYR C 360 -9.93 -68.46 5.87
N GLU C 361 -9.95 -67.13 5.77
CA GLU C 361 -8.75 -66.32 5.76
C GLU C 361 -8.90 -65.25 6.82
N THR C 362 -7.94 -65.17 7.73
CA THR C 362 -7.92 -64.08 8.70
C THR C 362 -6.77 -63.15 8.34
N GLN C 363 -7.08 -61.89 8.09
CA GLN C 363 -6.10 -60.94 7.60
C GLN C 363 -6.01 -59.73 8.54
N SER C 364 -4.79 -59.35 8.87
CA SER C 364 -4.53 -58.12 9.63
C SER C 364 -4.44 -56.99 8.62
N THR C 365 -5.57 -56.31 8.41
CA THR C 365 -5.60 -55.16 7.52
C THR C 365 -4.67 -54.06 8.00
N HIS C 366 -4.47 -53.97 9.31
CA HIS C 366 -3.62 -52.97 9.94
C HIS C 366 -2.15 -53.35 9.95
N LYS C 367 -1.73 -54.35 9.19
CA LYS C 367 -0.35 -54.80 9.22
C LYS C 367 0.41 -54.48 7.93
N LEU C 368 -0.15 -54.85 6.78
CA LEU C 368 0.50 -54.61 5.50
C LEU C 368 -0.32 -53.75 4.55
N LEU C 369 -1.59 -53.51 4.84
CA LEU C 369 -2.38 -52.54 4.12
C LEU C 369 -2.45 -51.27 4.97
N ALA C 370 -3.27 -50.31 4.56
CA ALA C 370 -3.39 -49.04 5.27
C ALA C 370 -4.68 -49.02 6.06
N ALA C 371 -4.59 -49.35 7.34
CA ALA C 371 -5.74 -49.31 8.24
C ALA C 371 -5.23 -49.08 9.66
N PHE C 372 -6.11 -48.53 10.49
CA PHE C 372 -5.77 -48.31 11.89
C PHE C 372 -5.54 -49.64 12.60
N SER C 373 -4.68 -49.61 13.62
CA SER C 373 -4.39 -50.82 14.38
C SER C 373 -5.68 -51.43 14.94
N GLN C 374 -5.69 -52.75 15.04
CA GLN C 374 -6.79 -53.62 15.46
C GLN C 374 -7.79 -53.86 14.34
N ALA C 375 -7.59 -53.31 13.14
CA ALA C 375 -8.50 -53.54 12.03
C ALA C 375 -8.17 -54.88 11.38
N SER C 376 -9.14 -55.78 11.31
CA SER C 376 -8.90 -57.13 10.82
C SER C 376 -10.10 -57.60 10.01
N MET C 377 -9.86 -58.58 9.15
CA MET C 377 -10.90 -59.13 8.29
C MET C 377 -10.96 -60.64 8.41
N ILE C 378 -12.18 -61.17 8.33
CA ILE C 378 -12.42 -62.60 8.21
C ILE C 378 -13.10 -62.85 6.87
N HIS C 379 -12.48 -63.65 6.03
CA HIS C 379 -13.00 -63.97 4.71
C HIS C 379 -13.40 -65.44 4.68
N VAL C 380 -14.60 -65.71 4.19
CA VAL C 380 -15.17 -67.05 4.19
C VAL C 380 -15.48 -67.44 2.76
N LYS C 381 -15.05 -68.64 2.37
CA LYS C 381 -15.38 -69.25 1.09
C LYS C 381 -15.89 -70.65 1.38
N GLY C 382 -17.20 -70.86 1.21
CA GLY C 382 -17.83 -72.12 1.52
C GLY C 382 -19.11 -71.92 2.28
N ASP C 383 -19.63 -73.01 2.84
CA ASP C 383 -20.92 -73.00 3.51
C ASP C 383 -20.73 -72.92 5.02
N ILE C 384 -21.34 -71.92 5.64
CA ILE C 384 -21.33 -71.75 7.08
C ILE C 384 -22.75 -71.48 7.55
N ASN C 385 -23.02 -71.83 8.81
CA ASN C 385 -24.26 -71.43 9.44
C ASN C 385 -24.14 -69.96 9.82
N GLU C 386 -24.88 -69.09 9.13
CA GLU C 386 -24.71 -67.65 9.30
C GLU C 386 -25.08 -67.21 10.71
N GLU C 387 -26.14 -67.78 11.28
CA GLU C 387 -26.57 -67.38 12.61
C GLU C 387 -25.56 -67.83 13.67
N THR C 388 -25.10 -69.08 13.59
CA THR C 388 -24.11 -69.56 14.54
C THR C 388 -22.81 -68.79 14.43
N PHE C 389 -22.37 -68.50 13.19
CA PHE C 389 -21.16 -67.73 13.01
C PHE C 389 -21.35 -66.30 13.53
N ASN C 390 -22.54 -65.74 13.35
CA ASN C 390 -22.81 -64.40 13.87
C ASN C 390 -22.76 -64.40 15.39
N GLU C 391 -23.22 -65.48 16.02
CA GLU C 391 -23.11 -65.60 17.47
C GLU C 391 -21.65 -65.65 17.91
N ALA C 392 -20.84 -66.46 17.22
CA ALA C 392 -19.43 -66.53 17.54
C ALA C 392 -18.74 -65.19 17.34
N TYR C 393 -19.12 -64.47 16.29
CA TYR C 393 -18.61 -63.14 16.03
C TYR C 393 -19.00 -62.16 17.13
N MET C 394 -20.24 -62.25 17.62
CA MET C 394 -20.73 -61.33 18.64
C MET C 394 -20.08 -61.59 20.00
N MET C 395 -19.76 -62.85 20.32
CA MET C 395 -19.16 -63.12 21.61
C MET C 395 -17.77 -62.50 21.78
N HIS C 396 -17.13 -62.05 20.70
CA HIS C 396 -15.81 -61.46 20.79
C HIS C 396 -15.74 -60.01 20.34
N THR C 397 -16.80 -59.47 19.73
CA THR C 397 -16.81 -58.10 19.27
C THR C 397 -17.51 -57.21 20.29
N SER C 398 -16.90 -56.06 20.58
CA SER C 398 -17.47 -55.14 21.55
C SER C 398 -18.74 -54.49 21.01
N THR C 399 -19.70 -54.25 21.89
CA THR C 399 -20.94 -53.59 21.52
C THR C 399 -20.75 -52.11 21.20
N SER C 400 -19.54 -51.58 21.37
CA SER C 400 -19.24 -50.18 21.06
C SER C 400 -18.02 -50.15 20.15
N PRO C 401 -18.16 -50.62 18.91
CA PRO C 401 -17.00 -50.66 18.02
C PRO C 401 -16.49 -49.26 17.73
N HIS C 402 -15.17 -49.15 17.64
CA HIS C 402 -14.54 -47.90 17.21
C HIS C 402 -14.85 -47.68 15.74
N TYR C 403 -15.71 -46.71 15.44
CA TYR C 403 -16.13 -46.49 14.07
C TYR C 403 -14.96 -46.08 13.18
N GLY C 404 -13.97 -45.40 13.76
CA GLY C 404 -12.79 -45.05 12.98
C GLY C 404 -12.06 -46.27 12.45
N ILE C 405 -11.95 -47.31 13.28
CA ILE C 405 -11.29 -48.54 12.84
C ILE C 405 -12.09 -49.22 11.73
N VAL C 406 -13.42 -49.27 11.87
CA VAL C 406 -14.28 -49.87 10.85
C VAL C 406 -14.16 -49.11 9.53
N ALA C 407 -14.19 -47.77 9.61
CA ALA C 407 -14.05 -46.95 8.41
C ALA C 407 -12.68 -47.10 7.80
N SER C 408 -11.64 -47.28 8.62
CA SER C 408 -10.31 -47.50 8.08
C SER C 408 -10.24 -48.84 7.36
N THR C 409 -10.93 -49.86 7.87
CA THR C 409 -11.00 -51.15 7.19
C THR C 409 -11.65 -50.98 5.81
N GLU C 410 -12.79 -50.30 5.77
CA GLU C 410 -13.47 -50.09 4.49
C GLU C 410 -12.64 -49.25 3.53
N THR C 411 -11.96 -48.21 4.05
CA THR C 411 -11.10 -47.38 3.22
C THR C 411 -9.92 -48.17 2.69
N ALA C 412 -9.38 -49.09 3.49
CA ALA C 412 -8.32 -49.96 3.03
C ALA C 412 -8.79 -50.83 1.87
N ALA C 413 -10.02 -51.34 1.97
CA ALA C 413 -10.59 -52.07 0.84
C ALA C 413 -10.72 -51.17 -0.39
N ALA C 414 -11.14 -49.92 -0.18
CA ALA C 414 -11.34 -48.99 -1.29
C ALA C 414 -10.02 -48.59 -1.96
N MET C 415 -8.94 -48.51 -1.20
CA MET C 415 -7.66 -48.08 -1.74
C MET C 415 -7.07 -49.09 -2.73
N MET C 416 -7.59 -50.31 -2.74
CA MET C 416 -7.11 -51.32 -3.67
C MET C 416 -7.79 -51.23 -5.03
N LYS C 417 -8.90 -50.52 -5.12
CA LYS C 417 -9.68 -50.48 -6.35
C LYS C 417 -9.00 -49.66 -7.43
N GLY C 418 -9.10 -50.14 -8.67
CA GLY C 418 -8.71 -49.36 -9.83
C GLY C 418 -7.23 -49.31 -10.11
N ASN C 419 -6.91 -48.48 -11.09
CA ASN C 419 -5.52 -48.31 -11.52
C ASN C 419 -4.66 -47.75 -10.40
N ALA C 420 -5.23 -46.87 -9.57
CA ALA C 420 -4.46 -46.32 -8.46
C ALA C 420 -4.02 -47.41 -7.48
N GLY C 421 -4.94 -48.30 -7.10
CA GLY C 421 -4.58 -49.38 -6.20
C GLY C 421 -3.63 -50.37 -6.84
N LYS C 422 -3.84 -50.69 -8.12
CA LYS C 422 -2.93 -51.58 -8.82
C LYS C 422 -1.53 -51.01 -8.86
N ARG C 423 -1.41 -49.71 -9.14
CA ARG C 423 -0.11 -49.05 -9.13
C ARG C 423 0.50 -49.05 -7.75
N LEU C 424 -0.31 -48.83 -6.70
CA LEU C 424 0.21 -48.87 -5.34
C LEU C 424 0.86 -50.22 -5.05
N ILE C 425 0.14 -51.31 -5.32
CA ILE C 425 0.65 -52.64 -4.99
C ILE C 425 1.88 -52.97 -5.84
N ASN C 426 1.78 -52.75 -7.16
CA ASN C 426 2.90 -53.06 -8.04
C ASN C 426 4.12 -52.22 -7.69
N GLY C 427 3.91 -50.95 -7.36
CA GLY C 427 5.03 -50.10 -6.98
C GLY C 427 5.70 -50.54 -5.70
N SER C 428 4.91 -51.00 -4.73
CA SER C 428 5.52 -51.51 -3.50
C SER C 428 6.35 -52.75 -3.80
N ILE C 429 5.84 -53.65 -4.65
CA ILE C 429 6.60 -54.84 -5.02
C ILE C 429 7.90 -54.46 -5.74
N GLU C 430 7.81 -53.53 -6.69
CA GLU C 430 8.98 -53.11 -7.45
C GLU C 430 10.00 -52.40 -6.59
N ARG C 431 9.52 -51.59 -5.63
CA ARG C 431 10.42 -50.93 -4.70
C ARG C 431 11.16 -51.95 -3.85
N ALA C 432 10.46 -52.97 -3.36
CA ALA C 432 11.12 -54.01 -2.57
C ALA C 432 12.17 -54.74 -3.41
N ILE C 433 11.84 -55.06 -4.66
CA ILE C 433 12.79 -55.79 -5.51
C ILE C 433 14.00 -54.92 -5.83
N ARG C 434 13.79 -53.63 -6.08
CA ARG C 434 14.90 -52.74 -6.35
C ARG C 434 15.81 -52.62 -5.14
N PHE C 435 15.23 -52.52 -3.95
CA PHE C 435 16.04 -52.49 -2.73
C PHE C 435 16.84 -53.78 -2.57
N ARG C 436 16.22 -54.92 -2.85
CA ARG C 436 16.93 -56.20 -2.75
C ARG C 436 18.11 -56.24 -3.70
N LYS C 437 17.89 -55.83 -4.96
CA LYS C 437 18.96 -55.83 -5.95
C LYS C 437 20.08 -54.87 -5.54
N GLU C 438 19.71 -53.72 -4.97
CA GLU C 438 20.73 -52.76 -4.54
C GLU C 438 21.54 -53.32 -3.37
N ILE C 439 20.90 -54.04 -2.45
CA ILE C 439 21.65 -54.68 -1.37
C ILE C 439 22.64 -55.68 -1.95
N LYS C 440 22.21 -56.49 -2.93
CA LYS C 440 23.11 -57.43 -3.57
C LYS C 440 24.28 -56.72 -4.23
N ARG C 441 23.99 -55.64 -4.97
CA ARG C 441 25.03 -54.89 -5.66
C ARG C 441 26.03 -54.28 -4.69
N LEU C 442 25.54 -53.70 -3.59
CA LEU C 442 26.42 -53.14 -2.58
C LEU C 442 27.29 -54.23 -1.96
N ASN C 443 26.70 -55.40 -1.69
CA ASN C 443 27.47 -56.50 -1.14
C ASN C 443 28.58 -56.92 -2.09
N SER C 444 28.28 -56.95 -3.39
CA SER C 444 29.28 -57.38 -4.37
C SER C 444 30.47 -56.42 -4.42
N GLU C 445 30.21 -55.11 -4.42
CA GLU C 445 31.28 -54.13 -4.55
C GLU C 445 31.85 -53.70 -3.21
N SER C 446 31.39 -54.28 -2.10
CA SER C 446 31.97 -53.94 -0.81
C SER C 446 33.24 -54.75 -0.56
N GLU C 447 34.26 -54.07 -0.07
CA GLU C 447 35.50 -54.71 0.33
C GLU C 447 35.39 -55.00 1.82
N GLY C 448 35.32 -56.28 2.16
CA GLY C 448 35.05 -56.69 3.52
C GLY C 448 33.58 -57.07 3.71
N TRP C 449 33.17 -57.07 4.97
CA TRP C 449 31.82 -57.48 5.30
C TRP C 449 30.80 -56.45 4.85
N PHE C 450 29.61 -56.94 4.50
CA PHE C 450 28.46 -56.08 4.24
C PHE C 450 27.20 -56.89 4.47
N PHE C 451 26.10 -56.19 4.65
CA PHE C 451 24.81 -56.85 4.84
C PHE C 451 24.44 -57.67 3.62
N ASP C 452 23.87 -58.84 3.86
CA ASP C 452 23.33 -59.69 2.81
C ASP C 452 21.82 -59.76 2.94
N VAL C 453 21.16 -60.14 1.87
CA VAL C 453 19.71 -60.24 1.82
C VAL C 453 19.33 -61.70 1.59
N TRP C 454 18.40 -62.20 2.40
CA TRP C 454 17.95 -63.58 2.33
C TRP C 454 17.05 -63.73 1.11
N GLN C 455 17.62 -64.22 0.01
CA GLN C 455 16.89 -64.35 -1.25
C GLN C 455 17.65 -65.22 -2.23
N PRO C 456 17.03 -65.65 -3.33
CA PRO C 456 17.78 -66.37 -4.36
C PRO C 456 18.79 -65.47 -5.06
N GLU C 457 19.75 -66.11 -5.73
CA GLU C 457 20.91 -65.41 -6.28
C GLU C 457 20.53 -64.45 -7.40
N GLY C 458 19.62 -64.85 -8.28
CA GLY C 458 19.37 -64.07 -9.48
C GLY C 458 17.99 -63.47 -9.66
N ILE C 459 17.44 -62.86 -8.60
CA ILE C 459 16.11 -62.27 -8.70
C ILE C 459 16.10 -61.21 -9.80
N ASP C 460 15.18 -61.35 -10.74
CA ASP C 460 15.06 -60.39 -11.84
C ASP C 460 13.68 -59.75 -11.91
N GLU C 461 12.62 -60.53 -12.01
CA GLU C 461 11.28 -60.00 -12.24
C GLU C 461 10.41 -60.18 -11.02
N ALA C 462 9.32 -59.42 -10.99
CA ALA C 462 8.39 -59.43 -9.87
C ALA C 462 7.66 -60.76 -9.81
N LYS C 463 7.95 -61.55 -8.77
CA LYS C 463 7.33 -62.84 -8.56
C LYS C 463 7.69 -63.32 -7.16
N CYS C 464 6.92 -64.29 -6.67
CA CYS C 464 7.22 -64.96 -5.41
C CYS C 464 8.17 -66.11 -5.72
N TRP C 465 9.44 -65.92 -5.39
CA TRP C 465 10.47 -66.86 -5.82
C TRP C 465 10.31 -68.20 -5.12
N PRO C 466 10.25 -69.30 -5.87
CA PRO C 466 10.15 -70.63 -5.23
C PRO C 466 11.42 -71.01 -4.50
N LEU C 467 11.24 -71.82 -3.46
CA LEU C 467 12.35 -72.35 -2.67
C LEU C 467 12.61 -73.76 -3.16
N ASP C 468 13.66 -73.91 -3.97
CA ASP C 468 14.02 -75.20 -4.55
C ASP C 468 15.06 -75.91 -3.70
N SER C 469 15.06 -77.24 -3.77
CA SER C 469 16.02 -78.03 -3.01
C SER C 469 17.43 -77.95 -3.58
N LYS C 470 17.57 -77.61 -4.87
CA LYS C 470 18.89 -77.45 -5.45
C LYS C 470 19.65 -76.29 -4.82
N ASP C 471 18.97 -75.17 -4.59
CA ASP C 471 19.62 -73.99 -4.04
C ASP C 471 19.76 -74.11 -2.53
N ASN C 472 20.77 -73.40 -1.99
CA ASN C 472 21.04 -73.42 -0.56
C ASN C 472 20.93 -72.02 0.06
N TRP C 473 20.33 -71.07 -0.65
CA TRP C 473 20.19 -69.73 -0.09
C TRP C 473 19.24 -69.71 1.09
N HIS C 474 18.19 -70.54 1.07
CA HIS C 474 17.17 -70.50 2.10
C HIS C 474 17.53 -71.32 3.33
N GLY C 475 18.50 -72.22 3.24
CA GLY C 475 18.99 -72.94 4.39
C GLY C 475 18.12 -74.06 4.92
N PHE C 476 17.09 -74.47 4.18
CA PHE C 476 16.21 -75.54 4.61
C PHE C 476 16.67 -76.86 4.00
N LYS C 477 16.81 -77.88 4.83
CA LYS C 477 17.34 -79.17 4.43
C LYS C 477 16.22 -80.04 3.86
N ASP C 478 16.39 -80.48 2.61
CA ASP C 478 15.46 -81.40 1.94
C ASP C 478 14.03 -80.83 1.92
N ILE C 479 13.89 -79.72 1.22
CA ILE C 479 12.60 -79.05 1.11
C ILE C 479 11.83 -79.62 -0.08
N ASP C 480 10.51 -79.67 0.07
CA ASP C 480 9.65 -80.06 -1.04
C ASP C 480 9.64 -78.98 -2.10
N ASN C 481 9.58 -79.38 -3.36
CA ASN C 481 9.60 -78.45 -4.47
C ASN C 481 8.19 -78.00 -4.81
N ASP C 482 8.09 -76.78 -5.35
CA ASP C 482 6.81 -76.15 -5.69
C ASP C 482 5.91 -76.08 -4.46
N HIS C 483 6.53 -75.83 -3.31
CA HIS C 483 5.86 -75.86 -2.02
C HIS C 483 5.89 -74.51 -1.32
N MET C 484 7.08 -73.92 -1.16
CA MET C 484 7.25 -72.67 -0.44
C MET C 484 7.77 -71.60 -1.37
N TYR C 485 7.26 -70.39 -1.22
CA TYR C 485 7.64 -69.25 -2.04
C TYR C 485 7.97 -68.06 -1.15
N LEU C 486 8.87 -67.20 -1.62
CA LEU C 486 9.31 -66.06 -0.83
C LEU C 486 8.60 -64.80 -1.31
N ASP C 487 7.97 -64.10 -0.37
CA ASP C 487 7.29 -62.84 -0.67
C ASP C 487 8.33 -61.73 -0.83
N PRO C 488 8.38 -61.06 -1.99
CA PRO C 488 9.36 -59.98 -2.16
C PRO C 488 9.17 -58.81 -1.21
N ILE C 489 7.94 -58.60 -0.72
CA ILE C 489 7.66 -57.46 0.15
C ILE C 489 8.43 -57.58 1.47
N LYS C 490 8.52 -58.79 2.02
CA LYS C 490 9.17 -59.03 3.31
C LYS C 490 10.67 -59.23 3.08
N VAL C 491 11.47 -58.24 3.43
CA VAL C 491 12.90 -58.25 3.10
C VAL C 491 13.69 -58.57 4.36
N THR C 492 14.37 -59.70 4.35
CA THR C 492 15.22 -60.11 5.46
C THR C 492 16.67 -59.79 5.11
N LEU C 493 17.29 -58.92 5.90
CA LEU C 493 18.70 -58.58 5.75
C LEU C 493 19.52 -59.41 6.74
N LEU C 494 20.64 -59.94 6.26
CA LEU C 494 21.50 -60.80 7.06
C LEU C 494 22.75 -60.04 7.47
N THR C 495 23.10 -60.15 8.73
CA THR C 495 24.35 -59.62 9.24
C THR C 495 25.39 -60.72 9.33
N PRO C 496 26.67 -60.39 9.17
CA PRO C 496 27.70 -61.45 9.19
C PRO C 496 27.77 -62.14 10.54
N GLY C 497 28.17 -63.40 10.50
CA GLY C 497 28.25 -64.20 11.71
C GLY C 497 27.91 -65.66 11.51
N MET C 498 27.24 -65.99 10.41
CA MET C 498 26.89 -67.37 10.09
C MET C 498 27.49 -67.74 8.74
N GLN C 499 27.91 -68.98 8.61
CA GLN C 499 28.49 -69.47 7.37
C GLN C 499 27.42 -70.11 6.49
N LYS C 500 27.81 -70.44 5.25
CA LYS C 500 26.88 -71.03 4.31
C LYS C 500 26.50 -72.46 4.68
N ASP C 501 27.33 -73.16 5.44
CA ASP C 501 27.05 -74.54 5.82
C ASP C 501 26.16 -74.66 7.05
N GLY C 502 25.88 -73.57 7.76
CA GLY C 502 25.07 -73.57 8.94
C GLY C 502 25.84 -73.23 10.20
N SER C 503 27.12 -73.56 10.25
CA SER C 503 27.95 -73.17 11.39
C SER C 503 28.19 -71.67 11.36
N MET C 504 28.66 -71.13 12.47
CA MET C 504 28.93 -69.70 12.55
C MET C 504 30.40 -69.41 12.28
N ALA C 505 30.64 -68.20 11.81
CA ALA C 505 32.00 -67.73 11.54
C ALA C 505 32.69 -67.33 12.84
N ASP C 506 34.00 -67.11 12.74
CA ASP C 506 34.77 -66.69 13.90
C ASP C 506 34.30 -65.33 14.40
N THR C 507 34.02 -64.41 13.47
CA THR C 507 33.52 -63.08 13.79
C THR C 507 32.06 -62.97 13.36
N GLY C 508 31.40 -61.96 13.92
CA GLY C 508 30.01 -61.73 13.56
C GLY C 508 29.48 -60.49 14.25
N ILE C 509 28.44 -59.92 13.65
CA ILE C 509 27.78 -58.75 14.19
C ILE C 509 26.32 -59.11 14.46
N PRO C 510 25.92 -59.29 15.71
CA PRO C 510 24.52 -59.62 16.00
C PRO C 510 23.59 -58.51 15.52
N ALA C 511 22.46 -58.92 14.94
CA ALA C 511 21.55 -57.98 14.32
C ALA C 511 20.93 -57.02 15.32
N SER C 512 20.93 -57.36 16.62
CA SER C 512 20.35 -56.48 17.62
C SER C 512 21.12 -55.17 17.73
N ILE C 513 22.46 -55.23 17.62
CA ILE C 513 23.25 -54.01 17.65
C ILE C 513 22.91 -53.11 16.48
N VAL C 514 22.78 -53.70 15.28
CA VAL C 514 22.41 -52.92 14.11
C VAL C 514 21.01 -52.32 14.28
N SER C 515 20.09 -53.09 14.87
CA SER C 515 18.75 -52.57 15.10
C SER C 515 18.76 -51.40 16.07
N LYS C 516 19.58 -51.50 17.12
CA LYS C 516 19.72 -50.38 18.05
C LYS C 516 20.30 -49.15 17.35
N TYR C 517 21.30 -49.36 16.49
CA TYR C 517 21.89 -48.25 15.75
C TYR C 517 20.85 -47.59 14.83
N LEU C 518 20.05 -48.40 14.15
CA LEU C 518 19.00 -47.86 13.29
C LEU C 518 17.97 -47.09 14.11
N ASP C 519 17.59 -47.63 15.27
CA ASP C 519 16.64 -46.93 16.14
C ASP C 519 17.20 -45.59 16.60
N GLU C 520 18.50 -45.54 16.89
CA GLU C 520 19.13 -44.29 17.28
C GLU C 520 19.07 -43.26 16.15
N HIS C 521 19.16 -43.71 14.90
CA HIS C 521 19.10 -42.82 13.74
C HIS C 521 17.71 -42.81 13.10
N GLY C 522 16.67 -42.98 13.90
CA GLY C 522 15.30 -42.82 13.45
C GLY C 522 14.81 -43.82 12.42
N ILE C 523 15.21 -45.09 12.55
CA ILE C 523 14.76 -46.14 11.66
C ILE C 523 14.29 -47.32 12.51
N ILE C 524 13.04 -47.72 12.34
CA ILE C 524 12.43 -48.76 13.16
C ILE C 524 12.30 -50.02 12.31
N VAL C 525 12.97 -51.08 12.72
CA VAL C 525 12.83 -52.37 12.06
C VAL C 525 11.56 -53.06 12.57
N GLU C 526 11.04 -53.98 11.76
CA GLU C 526 9.86 -54.73 12.17
C GLU C 526 10.19 -55.69 13.31
N LYS C 527 11.26 -56.47 13.17
CA LYS C 527 11.70 -57.40 14.19
C LYS C 527 13.14 -57.78 13.92
N THR C 528 13.83 -58.21 14.98
CA THR C 528 15.24 -58.56 14.91
C THR C 528 15.46 -59.98 15.37
N GLY C 529 16.24 -60.73 14.60
CA GLY C 529 16.67 -62.05 14.99
C GLY C 529 18.13 -62.00 15.44
N PRO C 530 18.71 -63.17 15.72
CA PRO C 530 20.13 -63.19 16.14
C PRO C 530 21.07 -62.58 15.12
N TYR C 531 20.84 -62.84 13.83
CA TYR C 531 21.69 -62.28 12.78
C TYR C 531 20.86 -61.80 11.59
N ASN C 532 19.56 -61.60 11.77
CA ASN C 532 18.67 -61.20 10.69
C ASN C 532 17.79 -60.04 11.15
N MET C 533 17.40 -59.21 10.19
CA MET C 533 16.50 -58.08 10.45
C MET C 533 15.43 -58.06 9.38
N LEU C 534 14.17 -57.93 9.79
CA LEU C 534 13.05 -57.92 8.86
C LEU C 534 12.61 -56.49 8.59
N PHE C 535 12.42 -56.16 7.32
CA PHE C 535 11.89 -54.87 6.89
C PHE C 535 10.66 -55.11 6.02
N LEU C 536 9.61 -54.35 6.29
CA LEU C 536 8.36 -54.45 5.53
C LEU C 536 8.34 -53.34 4.48
N PHE C 537 8.36 -53.73 3.22
CA PHE C 537 8.25 -52.77 2.11
C PHE C 537 6.81 -52.72 1.63
N SER C 538 5.93 -52.25 2.53
CA SER C 538 4.51 -52.16 2.25
C SER C 538 4.22 -50.95 1.36
N ILE C 539 2.93 -50.71 1.14
CA ILE C 539 2.49 -49.57 0.34
C ILE C 539 2.85 -48.25 0.98
N GLY C 540 3.17 -48.26 2.27
CA GLY C 540 3.61 -47.07 2.98
C GLY C 540 5.08 -46.75 2.92
N ILE C 541 5.87 -47.56 2.22
CA ILE C 541 7.31 -47.32 2.08
C ILE C 541 7.56 -46.63 0.75
N ASP C 542 8.24 -45.49 0.79
CA ASP C 542 8.53 -44.70 -0.39
C ASP C 542 10.02 -44.76 -0.70
N LYS C 543 10.41 -44.11 -1.80
CA LYS C 543 11.81 -44.07 -2.20
C LYS C 543 12.67 -43.35 -1.16
N THR C 544 12.11 -42.32 -0.52
CA THR C 544 12.85 -41.57 0.49
C THR C 544 13.27 -42.47 1.64
N LYS C 545 12.33 -43.28 2.16
CA LYS C 545 12.66 -44.17 3.28
C LYS C 545 13.65 -45.25 2.87
N ALA C 546 13.53 -45.76 1.64
CA ALA C 546 14.47 -46.79 1.18
C ALA C 546 15.89 -46.23 1.08
N LEU C 547 16.03 -45.03 0.52
CA LEU C 547 17.35 -44.41 0.45
C LEU C 547 17.87 -44.08 1.84
N SER C 548 16.98 -43.69 2.76
CA SER C 548 17.40 -43.44 4.13
C SER C 548 17.93 -44.70 4.79
N LEU C 549 17.26 -45.83 4.57
CA LEU C 549 17.74 -47.10 5.11
C LEU C 549 19.09 -47.47 4.52
N LEU C 550 19.27 -47.29 3.22
CA LEU C 550 20.58 -47.58 2.61
C LEU C 550 21.67 -46.73 3.23
N ARG C 551 21.40 -45.43 3.38
CA ARG C 551 22.39 -44.52 3.96
C ARG C 551 22.72 -44.92 5.40
N ALA C 552 21.71 -45.29 6.19
CA ALA C 552 21.95 -45.68 7.57
C ALA C 552 22.75 -46.97 7.66
N LEU C 553 22.47 -47.93 6.78
CA LEU C 553 23.25 -49.17 6.79
C LEU C 553 24.70 -48.92 6.43
N THR C 554 24.95 -48.09 5.42
CA THR C 554 26.31 -47.76 5.05
C THR C 554 27.02 -47.01 6.18
N ASP C 555 26.32 -46.10 6.84
CA ASP C 555 26.91 -45.36 7.96
C ASP C 555 27.24 -46.29 9.11
N PHE C 556 26.39 -47.28 9.38
CA PHE C 556 26.71 -48.26 10.40
C PHE C 556 27.96 -49.04 10.03
N LYS C 557 28.08 -49.45 8.77
CA LYS C 557 29.26 -50.20 8.37
C LYS C 557 30.52 -49.37 8.58
N ARG C 558 30.49 -48.10 8.14
CA ARG C 558 31.66 -47.25 8.30
C ARG C 558 31.99 -47.01 9.76
N SER C 559 30.97 -46.74 10.59
CA SER C 559 31.20 -46.48 12.01
C SER C 559 31.75 -47.72 12.71
N TYR C 560 31.20 -48.89 12.40
CA TYR C 560 31.68 -50.13 13.00
C TYR C 560 33.10 -50.45 12.56
N ASP C 561 33.43 -50.17 11.29
CA ASP C 561 34.79 -50.40 10.82
C ASP C 561 35.78 -49.44 11.48
N LEU C 562 35.33 -48.22 11.80
CA LEU C 562 36.17 -47.30 12.55
C LEU C 562 36.31 -47.69 14.01
N ASN C 563 35.53 -48.66 14.48
CA ASN C 563 35.56 -49.10 15.88
C ASN C 563 35.30 -47.95 16.84
N LEU C 564 34.18 -47.26 16.62
CA LEU C 564 33.80 -46.15 17.48
C LEU C 564 33.41 -46.65 18.87
N ARG C 565 33.36 -45.73 19.81
CA ARG C 565 32.99 -46.06 21.18
C ARG C 565 31.48 -46.21 21.31
N VAL C 566 31.07 -47.16 22.14
CA VAL C 566 29.64 -47.39 22.37
C VAL C 566 28.97 -46.14 22.93
N LYS C 567 29.73 -45.32 23.66
CA LYS C 567 29.19 -44.06 24.16
C LYS C 567 28.66 -43.18 23.04
N ASN C 568 29.37 -43.15 21.91
CA ASN C 568 29.01 -42.30 20.79
C ASN C 568 28.15 -43.01 19.75
N MET C 569 28.44 -44.28 19.45
CA MET C 569 27.63 -45.03 18.49
C MET C 569 26.20 -45.23 18.99
N LEU C 570 26.05 -45.71 20.22
CA LEU C 570 24.75 -46.11 20.77
C LEU C 570 24.54 -45.36 22.08
N PRO C 571 24.20 -44.06 22.01
CA PRO C 571 24.04 -43.28 23.25
C PRO C 571 22.99 -43.84 24.20
N SER C 572 21.89 -44.38 23.68
CA SER C 572 20.87 -44.96 24.54
C SER C 572 21.39 -46.20 25.26
N LEU C 573 22.11 -47.07 24.54
CA LEU C 573 22.68 -48.25 25.15
C LEU C 573 23.66 -47.89 26.26
N TYR C 574 24.50 -46.88 26.02
CA TYR C 574 25.40 -46.43 27.07
C TYR C 574 24.62 -45.83 28.24
N ARG C 575 23.54 -45.12 27.95
CA ARG C 575 22.70 -44.57 29.01
C ARG C 575 22.09 -45.67 29.86
N GLU C 576 21.92 -46.86 29.28
CA GLU C 576 21.42 -47.99 30.06
C GLU C 576 22.39 -48.37 31.18
N ASP C 577 23.69 -48.34 30.91
CA ASP C 577 24.71 -48.70 31.90
C ASP C 577 26.01 -47.97 31.58
N PRO C 578 26.12 -46.70 31.99
CA PRO C 578 27.30 -45.91 31.61
C PRO C 578 28.62 -46.48 32.09
N GLU C 579 28.65 -47.08 33.28
CA GLU C 579 29.91 -47.61 33.80
C GLU C 579 30.36 -48.84 33.01
N PHE C 580 29.42 -49.70 32.63
CA PHE C 580 29.76 -50.88 31.85
C PHE C 580 30.30 -50.51 30.48
N TYR C 581 29.67 -49.54 29.82
CA TYR C 581 30.05 -49.12 28.47
C TYR C 581 30.91 -47.87 28.46
N GLU C 582 31.63 -47.60 29.54
CA GLU C 582 32.38 -46.35 29.64
C GLU C 582 33.46 -46.25 28.57
N ASN C 583 34.22 -47.32 28.37
CA ASN C 583 35.33 -47.30 27.41
C ASN C 583 35.23 -48.42 26.39
N MET C 584 34.04 -48.94 26.14
CA MET C 584 33.87 -50.05 25.22
C MET C 584 33.61 -49.56 23.81
N ARG C 585 34.29 -50.18 22.85
CA ARG C 585 34.11 -49.89 21.44
C ARG C 585 33.12 -50.88 20.83
N ILE C 586 32.54 -50.47 19.70
CA ILE C 586 31.44 -51.23 19.11
C ILE C 586 31.89 -52.63 18.69
N GLN C 587 33.10 -52.76 18.16
CA GLN C 587 33.57 -54.05 17.71
C GLN C 587 33.72 -55.02 18.86
N GLU C 588 34.17 -54.54 20.02
CA GLU C 588 34.32 -55.43 21.17
C GLU C 588 32.96 -55.88 21.69
N LEU C 589 31.96 -54.99 21.68
CA LEU C 589 30.60 -55.40 22.04
C LEU C 589 30.08 -56.47 21.09
N ALA C 590 30.20 -56.23 19.79
CA ALA C 590 29.69 -57.19 18.81
C ALA C 590 30.40 -58.52 18.93
N GLN C 591 31.72 -58.49 19.12
CA GLN C 591 32.47 -59.74 19.22
C GLN C 591 32.22 -60.45 20.54
N GLY C 592 31.97 -59.72 21.62
CA GLY C 592 31.60 -60.39 22.87
C GLY C 592 30.28 -61.12 22.76
N ILE C 593 29.27 -60.45 22.17
CA ILE C 593 27.98 -61.11 22.00
C ILE C 593 28.12 -62.30 21.04
N HIS C 594 28.86 -62.12 19.94
CA HIS C 594 29.06 -63.21 19.00
C HIS C 594 29.81 -64.37 19.64
N ALA C 595 30.80 -64.07 20.48
CA ALA C 595 31.55 -65.11 21.16
C ALA C 595 30.67 -65.87 22.15
N LEU C 596 29.79 -65.17 22.85
CA LEU C 596 28.84 -65.85 23.72
C LEU C 596 27.96 -66.79 22.90
N ILE C 597 27.43 -66.30 21.79
CA ILE C 597 26.55 -67.11 20.94
C ILE C 597 27.30 -68.32 20.39
N GLN C 598 28.57 -68.14 20.02
CA GLN C 598 29.36 -69.22 19.45
C GLN C 598 29.74 -70.25 20.49
N HIS C 599 30.21 -69.80 21.65
CA HIS C 599 30.60 -70.72 22.72
C HIS C 599 29.40 -71.53 23.20
N HIS C 600 28.26 -70.87 23.36
CA HIS C 600 27.05 -71.59 23.75
C HIS C 600 26.40 -72.29 22.57
N ASN C 601 26.84 -72.01 21.35
CA ASN C 601 26.33 -72.63 20.13
C ASN C 601 24.81 -72.50 20.02
N LEU C 602 24.36 -71.25 19.93
CA LEU C 602 22.92 -70.97 19.90
C LEU C 602 22.20 -71.60 18.71
N PRO C 603 22.69 -71.53 17.47
CA PRO C 603 21.89 -72.08 16.36
C PRO C 603 21.59 -73.57 16.47
N ASP C 604 22.58 -74.40 16.78
CA ASP C 604 22.34 -75.83 16.89
C ASP C 604 21.40 -76.14 18.05
N LEU C 605 21.58 -75.46 19.19
CA LEU C 605 20.70 -75.67 20.33
C LEU C 605 19.27 -75.29 20.00
N MET C 606 19.08 -74.14 19.33
CA MET C 606 17.74 -73.72 18.92
C MET C 606 17.12 -74.76 17.99
N TYR C 607 17.86 -75.16 16.96
CA TYR C 607 17.34 -76.13 16.00
C TYR C 607 16.92 -77.41 16.70
N ARG C 608 17.81 -77.97 17.53
CA ARG C 608 17.49 -79.23 18.21
C ARG C 608 16.31 -79.05 19.15
N ALA C 609 16.25 -77.93 19.89
CA ALA C 609 15.15 -77.71 20.82
C ALA C 609 13.82 -77.55 20.10
N PHE C 610 13.83 -77.17 18.83
CA PHE C 610 12.59 -77.00 18.08
C PHE C 610 12.30 -78.16 17.13
N GLU C 611 13.08 -79.23 17.18
CA GLU C 611 12.76 -80.43 16.40
C GLU C 611 11.98 -81.46 17.22
N VAL C 612 12.23 -81.53 18.52
CA VAL C 612 11.57 -82.51 19.38
C VAL C 612 10.35 -81.86 20.01
N LEU C 613 9.21 -82.51 19.88
CA LEU C 613 7.99 -81.98 20.47
C LEU C 613 7.85 -82.44 21.92
N PRO C 614 7.66 -81.51 22.86
CA PRO C 614 7.38 -81.93 24.24
C PRO C 614 6.09 -82.74 24.29
N THR C 615 6.06 -83.71 25.19
CA THR C 615 4.89 -84.58 25.29
C THR C 615 3.71 -83.82 25.89
N MET C 616 2.52 -84.13 25.42
CA MET C 616 1.29 -83.46 25.83
C MET C 616 0.55 -84.33 26.85
N VAL C 617 0.69 -83.98 28.13
CA VAL C 617 -0.05 -84.69 29.16
C VAL C 617 -1.53 -84.35 29.09
N MET C 618 -1.84 -83.06 28.94
CA MET C 618 -3.21 -82.59 28.81
C MET C 618 -3.23 -81.42 27.86
N ASN C 619 -4.41 -81.14 27.30
CA ASN C 619 -4.56 -80.02 26.40
C ASN C 619 -4.43 -78.70 27.17
N PRO C 620 -4.14 -77.60 26.46
CA PRO C 620 -3.94 -76.32 27.17
C PRO C 620 -5.13 -75.87 28.01
N HIS C 621 -6.35 -76.22 27.60
CA HIS C 621 -7.52 -75.81 28.37
C HIS C 621 -7.49 -76.40 29.77
N ALA C 622 -7.11 -77.67 29.91
CA ALA C 622 -7.05 -78.31 31.22
C ALA C 622 -5.99 -77.65 32.10
N ALA C 623 -4.79 -77.43 31.55
CA ALA C 623 -3.72 -76.82 32.33
C ALA C 623 -4.09 -75.41 32.77
N PHE C 624 -4.72 -74.64 31.89
CA PHE C 624 -5.11 -73.29 32.26
C PHE C 624 -6.23 -73.28 33.29
N GLN C 625 -7.19 -74.22 33.17
CA GLN C 625 -8.25 -74.31 34.16
C GLN C 625 -7.69 -74.65 35.53
N MET C 626 -6.73 -75.57 35.57
CA MET C 626 -6.11 -75.91 36.86
C MET C 626 -5.19 -74.81 37.37
N GLU C 627 -4.66 -73.97 36.47
CA GLU C 627 -3.94 -72.79 36.93
C GLU C 627 -4.88 -71.77 37.56
N LEU C 628 -6.08 -71.61 36.99
CA LEU C 628 -7.06 -70.70 37.56
C LEU C 628 -7.55 -71.17 38.92
N ARG C 629 -7.40 -72.45 39.23
CA ARG C 629 -7.79 -73.01 40.52
C ARG C 629 -6.69 -72.92 41.57
N GLY C 630 -5.56 -72.30 41.23
CA GLY C 630 -4.46 -72.21 42.16
C GLY C 630 -3.68 -73.49 42.35
N GLN C 631 -3.74 -74.40 41.38
CA GLN C 631 -3.06 -75.69 41.46
C GLN C 631 -1.69 -75.66 40.78
N THR C 632 -1.01 -74.52 40.86
CA THR C 632 0.25 -74.28 40.19
C THR C 632 1.30 -73.83 41.21
N GLU C 633 2.55 -74.18 40.95
CA GLU C 633 3.66 -73.77 41.79
C GLU C 633 4.81 -73.31 40.89
N GLU C 634 5.68 -72.47 41.46
CA GLU C 634 6.81 -71.92 40.75
C GLU C 634 8.05 -72.77 41.03
N VAL C 635 8.64 -73.32 39.97
CA VAL C 635 9.86 -74.10 40.10
C VAL C 635 10.95 -73.42 39.29
N TYR C 636 12.19 -73.79 39.57
CA TYR C 636 13.29 -73.24 38.79
C TYR C 636 13.42 -73.98 37.47
N LEU C 637 14.17 -73.38 36.55
CA LEU C 637 14.33 -73.97 35.22
C LEU C 637 14.93 -75.36 35.30
N GLU C 638 15.86 -75.58 36.24
CA GLU C 638 16.53 -76.87 36.36
C GLU C 638 15.57 -77.97 36.75
N GLU C 639 14.57 -77.67 37.58
CA GLU C 639 13.65 -78.66 38.10
C GLU C 639 12.37 -78.79 37.27
N MET C 640 12.44 -78.49 35.97
CA MET C 640 11.25 -78.51 35.14
C MET C 640 11.06 -79.82 34.37
N ILE C 641 12.05 -80.70 34.36
CA ILE C 641 11.89 -82.00 33.72
C ILE C 641 10.86 -82.81 34.48
N GLY C 642 9.90 -83.39 33.75
CA GLY C 642 8.84 -84.15 34.36
C GLY C 642 7.68 -83.34 34.91
N LYS C 643 7.71 -82.02 34.77
CA LYS C 643 6.65 -81.16 35.25
C LYS C 643 5.75 -80.74 34.10
N VAL C 644 4.45 -80.67 34.38
CA VAL C 644 3.48 -80.21 33.39
C VAL C 644 3.47 -78.69 33.41
N ASN C 645 3.74 -78.08 32.27
CA ASN C 645 3.82 -76.62 32.22
C ASN C 645 2.44 -75.99 32.33
N ALA C 646 2.37 -74.89 33.07
CA ALA C 646 1.11 -74.18 33.27
C ALA C 646 0.83 -73.14 32.21
N ASN C 647 1.86 -72.51 31.66
CA ASN C 647 1.69 -71.46 30.66
C ASN C 647 2.52 -71.79 29.42
N MET C 648 2.35 -70.97 28.40
CA MET C 648 3.13 -71.12 27.18
C MET C 648 4.48 -70.43 27.35
N ILE C 649 5.55 -71.15 27.01
CA ILE C 649 6.90 -70.62 27.08
C ILE C 649 7.30 -70.17 25.68
N LEU C 650 7.39 -68.86 25.49
CA LEU C 650 7.72 -68.28 24.18
C LEU C 650 9.08 -67.62 24.27
N PRO C 651 10.15 -68.26 23.79
CA PRO C 651 11.47 -67.64 23.85
C PRO C 651 11.75 -66.72 22.67
N TYR C 652 12.43 -65.62 22.95
CA TYR C 652 12.89 -64.68 21.94
C TYR C 652 14.41 -64.66 21.96
N PRO C 653 15.10 -65.16 20.94
CA PRO C 653 14.60 -65.77 19.70
C PRO C 653 14.18 -67.22 19.92
N PRO C 654 13.53 -67.90 18.96
CA PRO C 654 13.15 -67.44 17.61
C PRO C 654 11.80 -66.76 17.55
N GLY C 655 11.18 -66.47 18.69
CA GLY C 655 9.91 -65.77 18.69
C GLY C 655 8.70 -66.63 18.41
N VAL C 656 8.79 -67.94 18.59
CA VAL C 656 7.65 -68.82 18.39
C VAL C 656 7.52 -69.69 19.63
N PRO C 657 6.32 -70.19 19.97
CA PRO C 657 6.17 -70.96 21.21
C PRO C 657 6.95 -72.26 21.17
N LEU C 658 7.69 -72.52 22.24
CA LEU C 658 8.46 -73.75 22.40
C LEU C 658 7.74 -74.79 23.24
N VAL C 659 7.07 -74.36 24.31
CA VAL C 659 6.32 -75.24 25.19
C VAL C 659 4.90 -74.72 25.31
N MET C 660 3.93 -75.58 25.07
CA MET C 660 2.53 -75.24 25.19
C MET C 660 2.04 -75.55 26.60
N PRO C 661 0.98 -74.89 27.06
CA PRO C 661 0.39 -75.27 28.34
C PRO C 661 -0.09 -76.72 28.30
N GLY C 662 0.21 -77.44 29.39
CA GLY C 662 -0.11 -78.86 29.45
C GLY C 662 0.93 -79.77 28.85
N GLU C 663 2.10 -79.25 28.50
CA GLU C 663 3.18 -80.05 27.95
C GLU C 663 4.26 -80.24 29.01
N MET C 664 4.89 -81.42 28.98
CA MET C 664 5.90 -81.79 29.96
C MET C 664 7.21 -82.11 29.26
N LEU C 665 8.31 -81.62 29.84
CA LEU C 665 9.63 -81.90 29.31
C LEU C 665 10.12 -83.24 29.83
N THR C 666 10.60 -84.08 28.93
CA THR C 666 11.14 -85.39 29.25
C THR C 666 12.60 -85.44 28.82
N GLU C 667 13.19 -86.64 28.89
CA GLU C 667 14.57 -86.81 28.45
C GLU C 667 14.71 -86.53 26.96
N GLU C 668 13.72 -86.94 26.17
CA GLU C 668 13.75 -86.67 24.74
C GLU C 668 13.69 -85.18 24.44
N SER C 669 12.97 -84.41 25.27
CA SER C 669 12.81 -82.98 25.06
C SER C 669 13.74 -82.15 25.95
N ARG C 670 14.77 -82.76 26.52
CA ARG C 670 15.75 -81.99 27.28
C ARG C 670 16.45 -80.90 26.47
N PRO C 671 16.64 -81.01 25.14
CA PRO C 671 17.16 -79.87 24.39
C PRO C 671 16.39 -78.58 24.61
N VAL C 672 15.08 -78.66 24.83
CA VAL C 672 14.31 -77.45 25.13
C VAL C 672 14.86 -76.78 26.39
N LEU C 673 15.11 -77.58 27.43
CA LEU C 673 15.63 -77.02 28.67
C LEU C 673 17.04 -76.48 28.49
N GLU C 674 17.90 -77.20 27.75
CA GLU C 674 19.25 -76.69 27.54
C GLU C 674 19.22 -75.36 26.78
N PHE C 675 18.35 -75.26 25.77
CA PHE C 675 18.25 -74.01 25.02
C PHE C 675 17.74 -72.87 25.90
N LEU C 676 16.75 -73.16 26.75
CA LEU C 676 16.23 -72.12 27.64
C LEU C 676 17.30 -71.65 28.63
N GLN C 677 18.05 -72.60 29.20
CA GLN C 677 19.13 -72.22 30.11
C GLN C 677 20.20 -71.43 29.40
N MET C 678 20.50 -71.79 28.14
CA MET C 678 21.46 -71.04 27.35
C MET C 678 20.99 -69.61 27.15
N LEU C 679 19.72 -69.41 26.83
CA LEU C 679 19.19 -68.06 26.68
C LEU C 679 19.30 -67.30 28.00
N CYS C 680 18.97 -67.95 29.11
CA CYS C 680 19.01 -67.28 30.41
C CYS C 680 20.42 -66.85 30.76
N GLU C 681 21.43 -67.69 30.49
CA GLU C 681 22.79 -67.30 30.83
C GLU C 681 23.37 -66.29 29.84
N ILE C 682 22.96 -66.34 28.57
CA ILE C 682 23.46 -65.35 27.61
C ILE C 682 22.87 -63.97 27.89
N GLY C 683 21.63 -63.91 28.35
CA GLY C 683 21.00 -62.62 28.57
C GLY C 683 21.47 -61.86 29.79
N ALA C 684 22.44 -62.37 30.54
CA ALA C 684 22.90 -61.73 31.77
C ALA C 684 24.32 -61.17 31.64
N HIS C 685 24.82 -61.02 30.41
CA HIS C 685 26.20 -60.56 30.22
C HIS C 685 26.31 -59.14 29.70
N TYR C 686 25.26 -58.58 29.12
CA TYR C 686 25.31 -57.21 28.63
C TYR C 686 24.05 -56.45 29.03
N PRO C 687 24.20 -55.31 29.72
CA PRO C 687 23.03 -54.62 30.29
C PRO C 687 22.00 -54.10 29.31
N GLY C 688 22.23 -54.28 28.01
CA GLY C 688 21.25 -53.85 27.03
C GLY C 688 20.64 -55.00 26.25
N PHE C 689 21.07 -56.22 26.56
CA PHE C 689 20.64 -57.43 25.85
C PHE C 689 20.21 -58.46 26.89
N GLU C 690 18.96 -58.38 27.31
CA GLU C 690 18.44 -59.25 28.35
C GLU C 690 17.75 -60.47 27.75
N THR C 691 17.52 -61.45 28.61
CA THR C 691 16.77 -62.64 28.21
C THR C 691 15.30 -62.28 28.02
N ASP C 692 14.70 -62.81 26.96
CA ASP C 692 13.30 -62.54 26.62
C ASP C 692 12.60 -63.89 26.45
N ILE C 693 12.00 -64.40 27.53
CA ILE C 693 11.29 -65.66 27.51
C ILE C 693 9.94 -65.42 28.16
N HIS C 694 8.89 -65.32 27.35
CA HIS C 694 7.54 -65.22 27.89
C HIS C 694 7.17 -66.53 28.58
N GLY C 695 6.55 -66.42 29.75
CA GLY C 695 6.25 -67.58 30.56
C GLY C 695 7.32 -67.93 31.57
N ALA C 696 8.47 -67.28 31.51
CA ALA C 696 9.53 -67.42 32.49
C ALA C 696 9.67 -66.11 33.26
N TYR C 697 9.99 -66.22 34.54
CA TYR C 697 10.01 -65.06 35.43
C TYR C 697 11.38 -64.98 36.10
N ARG C 698 12.05 -63.86 35.93
CA ARG C 698 13.37 -63.66 36.53
C ARG C 698 13.21 -63.25 37.99
N GLN C 699 13.98 -63.89 38.86
CA GLN C 699 13.98 -63.56 40.28
C GLN C 699 15.06 -62.53 40.58
N ALA C 700 15.10 -62.06 41.82
CA ALA C 700 16.08 -61.06 42.22
C ALA C 700 17.51 -61.58 42.10
N ASP C 701 17.69 -62.88 42.22
CA ASP C 701 19.02 -63.48 42.12
C ASP C 701 19.46 -63.74 40.68
N GLY C 702 18.60 -63.43 39.70
CA GLY C 702 18.90 -63.66 38.31
C GLY C 702 18.45 -65.00 37.79
N ARG C 703 18.04 -65.92 38.67
CA ARG C 703 17.55 -67.21 38.23
C ARG C 703 16.14 -67.05 37.66
N TYR C 704 15.78 -67.99 36.79
CA TYR C 704 14.50 -67.95 36.10
C TYR C 704 13.61 -69.09 36.57
N THR C 705 12.35 -68.77 36.83
CA THR C 705 11.36 -69.74 37.29
C THR C 705 10.24 -69.87 36.26
N VAL C 706 9.56 -71.01 36.32
CA VAL C 706 8.40 -71.29 35.48
C VAL C 706 7.27 -71.81 36.36
N LYS C 707 6.06 -71.65 35.86
CA LYS C 707 4.86 -72.14 36.55
C LYS C 707 4.54 -73.54 36.05
N VAL C 708 4.38 -74.48 36.98
CA VAL C 708 4.09 -75.86 36.62
C VAL C 708 2.97 -76.38 37.51
N ILE C 709 2.24 -77.37 36.99
CA ILE C 709 1.14 -77.96 37.74
C ILE C 709 1.67 -78.84 38.86
N LYS C 710 1.05 -78.75 40.03
CA LYS C 710 1.39 -79.64 41.13
C LYS C 710 0.30 -80.70 41.30
N MET D 1 24.89 -20.27 11.17
CA MET D 1 24.83 -21.60 10.59
C MET D 1 23.40 -21.91 10.12
N ASN D 2 22.82 -20.99 9.35
CA ASN D 2 21.43 -21.12 8.94
C ASN D 2 21.24 -20.76 7.47
N ILE D 3 22.28 -20.93 6.65
CA ILE D 3 22.23 -20.57 5.24
C ILE D 3 22.09 -21.86 4.42
N ILE D 4 21.00 -21.99 3.69
CA ILE D 4 20.74 -23.15 2.85
C ILE D 4 20.78 -22.71 1.39
N ALA D 5 21.52 -23.44 0.57
CA ALA D 5 21.68 -23.13 -0.84
C ALA D 5 20.82 -24.08 -1.66
N ILE D 6 19.99 -23.52 -2.54
CA ILE D 6 19.13 -24.29 -3.43
C ILE D 6 19.62 -24.04 -4.85
N LEU D 7 19.87 -25.12 -5.58
CA LEU D 7 20.50 -25.06 -6.89
C LEU D 7 19.49 -25.29 -8.01
N ASN D 8 19.59 -24.44 -9.05
CA ASN D 8 18.96 -24.60 -10.36
C ASN D 8 17.49 -24.17 -10.44
N HIS D 9 17.08 -23.78 -11.64
CA HIS D 9 15.68 -23.47 -11.98
C HIS D 9 15.27 -24.45 -13.07
N MET D 10 14.23 -25.23 -12.80
CA MET D 10 13.97 -26.44 -13.57
C MET D 10 12.91 -26.30 -14.66
N GLY D 11 11.94 -25.41 -14.48
CA GLY D 11 10.95 -25.21 -15.52
C GLY D 11 9.82 -26.21 -15.55
N VAL D 12 9.73 -27.09 -14.56
CA VAL D 12 8.62 -28.03 -14.43
C VAL D 12 7.91 -27.73 -13.11
N TYR D 13 6.59 -27.60 -13.17
CA TYR D 13 5.84 -27.20 -11.99
C TYR D 13 5.95 -28.24 -10.87
N PHE D 14 5.93 -29.52 -11.22
CA PHE D 14 5.90 -30.58 -10.22
C PHE D 14 7.18 -30.62 -9.38
N LYS D 15 8.24 -29.95 -9.80
CA LYS D 15 9.42 -29.77 -8.96
C LYS D 15 9.53 -28.37 -8.38
N GLU D 16 9.27 -27.34 -9.18
CA GLU D 16 9.45 -25.97 -8.72
C GLU D 16 8.50 -25.61 -7.59
N GLU D 17 7.23 -26.03 -7.70
CA GLU D 17 6.28 -25.69 -6.65
C GLU D 17 6.62 -26.33 -5.31
N PRO D 18 6.95 -27.63 -5.23
CA PRO D 18 7.41 -28.15 -3.93
C PRO D 18 8.64 -27.45 -3.42
N ILE D 19 9.54 -27.00 -4.30
CA ILE D 19 10.73 -26.30 -3.85
C ILE D 19 10.36 -24.94 -3.26
N ARG D 20 9.41 -24.24 -3.87
CA ARG D 20 8.95 -22.96 -3.31
C ARG D 20 8.27 -23.17 -1.97
N GLU D 21 7.46 -24.22 -1.85
CA GLU D 21 6.85 -24.53 -0.56
C GLU D 21 7.91 -24.84 0.49
N LEU D 22 8.93 -25.61 0.11
CA LEU D 22 10.02 -25.91 1.04
C LEU D 22 10.78 -24.65 1.44
N HIS D 23 10.96 -23.73 0.49
CA HIS D 23 11.59 -22.45 0.78
C HIS D 23 10.81 -21.71 1.85
N LYS D 24 9.49 -21.65 1.70
CA LYS D 24 8.64 -21.02 2.71
C LYS D 24 8.77 -21.73 4.06
N ALA D 25 8.74 -23.06 4.04
CA ALA D 25 8.78 -23.83 5.28
C ALA D 25 10.12 -23.67 6.00
N LEU D 26 11.22 -23.61 5.24
CA LEU D 26 12.53 -23.40 5.83
C LEU D 26 12.66 -22.00 6.40
N GLU D 27 12.12 -21.00 5.69
CA GLU D 27 12.11 -19.66 6.26
C GLU D 27 11.28 -19.59 7.53
N ALA D 28 10.25 -20.45 7.64
CA ALA D 28 9.50 -20.53 8.87
C ALA D 28 10.30 -21.15 10.00
N LEU D 29 11.41 -21.82 9.69
CA LEU D 29 12.30 -22.40 10.69
C LEU D 29 13.55 -21.55 10.91
N ASP D 30 13.53 -20.29 10.44
CA ASP D 30 14.61 -19.32 10.63
C ASP D 30 15.85 -19.70 9.82
N PHE D 31 15.64 -20.11 8.57
CA PHE D 31 16.72 -20.38 7.64
C PHE D 31 16.80 -19.27 6.60
N GLN D 32 18.00 -19.03 6.09
CA GLN D 32 18.23 -18.06 5.04
C GLN D 32 18.52 -18.81 3.74
N ILE D 33 17.68 -18.60 2.73
CA ILE D 33 17.78 -19.32 1.47
C ILE D 33 18.58 -18.50 0.47
N VAL D 34 19.59 -19.12 -0.14
CA VAL D 34 20.36 -18.52 -1.21
C VAL D 34 20.22 -19.39 -2.46
N TYR D 35 20.40 -18.77 -3.62
CA TYR D 35 20.16 -19.42 -4.91
C TYR D 35 21.36 -19.26 -5.83
N PRO D 36 22.33 -20.17 -5.75
CA PRO D 36 23.43 -20.15 -6.72
C PRO D 36 22.93 -20.40 -8.13
N ASN D 37 23.54 -19.70 -9.09
CA ASN D 37 23.08 -19.78 -10.47
C ASN D 37 23.59 -21.01 -11.21
N ASP D 38 24.65 -21.65 -10.72
CA ASP D 38 25.19 -22.83 -11.38
C ASP D 38 26.04 -23.60 -10.38
N ARG D 39 26.58 -24.73 -10.85
CA ARG D 39 27.39 -25.60 -10.00
C ARG D 39 28.67 -24.90 -9.53
N GLU D 40 29.34 -24.18 -10.44
CA GLU D 40 30.55 -23.45 -10.07
C GLU D 40 30.24 -22.32 -9.10
N ASP D 41 29.12 -21.63 -9.32
CA ASP D 41 28.67 -20.60 -8.39
C ASP D 41 28.45 -21.19 -7.01
N LEU D 42 27.82 -22.37 -6.94
CA LEU D 42 27.60 -23.03 -5.66
C LEU D 42 28.92 -23.41 -4.98
N LEU D 43 29.87 -23.92 -5.76
CA LEU D 43 31.17 -24.29 -5.20
C LEU D 43 31.88 -23.08 -4.62
N LYS D 44 31.89 -21.97 -5.36
CA LYS D 44 32.50 -20.74 -4.84
C LYS D 44 31.79 -20.23 -3.60
N LEU D 45 30.45 -20.31 -3.60
CA LEU D 45 29.67 -19.88 -2.45
C LEU D 45 30.03 -20.69 -1.22
N ILE D 46 30.17 -22.00 -1.37
CA ILE D 46 30.57 -22.85 -0.25
C ILE D 46 31.99 -22.50 0.21
N ASP D 47 32.89 -22.29 -0.74
CA ASP D 47 34.29 -22.01 -0.38
C ASP D 47 34.46 -20.70 0.35
N ASN D 48 33.62 -19.69 0.06
CA ASN D 48 33.83 -18.38 0.65
C ASN D 48 33.00 -18.11 1.89
N ASN D 49 32.03 -18.96 2.23
CA ASN D 49 31.10 -18.67 3.32
C ASN D 49 30.94 -19.93 4.19
N ALA D 50 31.62 -19.94 5.33
CA ALA D 50 31.59 -21.08 6.24
C ALA D 50 30.25 -21.22 6.95
N ARG D 51 29.35 -20.24 6.84
CA ARG D 51 28.04 -20.32 7.47
C ARG D 51 27.02 -21.05 6.61
N LEU D 52 27.39 -21.44 5.39
CA LEU D 52 26.54 -22.29 4.56
C LEU D 52 26.40 -23.65 5.24
N CYS D 53 25.20 -23.97 5.72
CA CYS D 53 24.95 -25.20 6.47
C CYS D 53 24.17 -26.25 5.69
N GLY D 54 23.93 -26.05 4.40
CA GLY D 54 23.20 -27.03 3.64
C GLY D 54 23.06 -26.74 2.15
N VAL D 55 23.00 -27.80 1.34
CA VAL D 55 22.89 -27.67 -0.11
C VAL D 55 21.73 -28.53 -0.59
N ILE D 56 20.80 -27.92 -1.31
CA ILE D 56 19.66 -28.60 -1.92
C ILE D 56 19.82 -28.51 -3.43
N PHE D 57 19.85 -29.66 -4.09
CA PHE D 57 19.98 -29.70 -5.55
C PHE D 57 19.10 -30.81 -6.11
N ASP D 58 18.86 -30.73 -7.42
CA ASP D 58 18.06 -31.70 -8.14
C ASP D 58 18.94 -32.84 -8.63
N TRP D 59 18.62 -34.07 -8.23
CA TRP D 59 19.41 -35.23 -8.63
C TRP D 59 19.28 -35.50 -10.13
N ASP D 60 18.10 -35.24 -10.71
CA ASP D 60 17.92 -35.44 -12.15
C ASP D 60 18.89 -34.59 -12.95
N THR D 61 19.26 -33.42 -12.45
CA THR D 61 20.16 -32.51 -13.16
C THR D 61 21.63 -32.76 -12.84
N TYR D 62 21.97 -32.94 -11.57
CA TYR D 62 23.34 -33.13 -11.15
C TYR D 62 23.52 -34.53 -10.55
N ASN D 63 24.57 -35.21 -10.98
CA ASN D 63 24.90 -36.51 -10.40
C ASN D 63 25.47 -36.31 -9.00
N LEU D 64 25.79 -37.43 -8.35
CA LEU D 64 26.28 -37.38 -6.98
C LEU D 64 27.76 -37.02 -6.89
N ASP D 65 28.43 -36.81 -8.02
CA ASP D 65 29.80 -36.29 -7.99
C ASP D 65 29.86 -34.87 -7.49
N LEU D 66 28.77 -34.10 -7.62
CA LEU D 66 28.72 -32.77 -7.03
C LEU D 66 28.81 -32.87 -5.50
N CYS D 67 28.19 -33.89 -4.92
CA CYS D 67 28.36 -34.14 -3.50
C CYS D 67 29.82 -34.47 -3.17
N GLU D 68 30.51 -35.16 -4.08
CA GLU D 68 31.94 -35.41 -3.87
C GLU D 68 32.73 -34.11 -3.84
N GLU D 69 32.43 -33.20 -4.78
CA GLU D 69 33.11 -31.90 -4.78
C GLU D 69 32.79 -31.11 -3.52
N ILE D 70 31.54 -31.17 -3.07
CA ILE D 70 31.14 -30.46 -1.85
C ILE D 70 31.87 -31.03 -0.63
N SER D 71 31.95 -32.36 -0.54
CA SER D 71 32.61 -33.00 0.58
C SER D 71 34.12 -32.83 0.54
N ALA D 72 34.69 -32.54 -0.63
CA ALA D 72 36.12 -32.26 -0.69
C ALA D 72 36.48 -31.03 0.14
N MET D 73 35.56 -30.07 0.25
CA MET D 73 35.77 -28.90 1.08
C MET D 73 35.24 -29.08 2.51
N ASN D 74 34.09 -29.73 2.64
CA ASN D 74 33.46 -29.92 3.95
C ASN D 74 32.76 -31.28 3.92
N GLU D 75 33.37 -32.27 4.57
CA GLU D 75 32.83 -33.62 4.54
C GLU D 75 31.60 -33.79 5.42
N HIS D 76 31.37 -32.88 6.37
CA HIS D 76 30.22 -32.96 7.24
C HIS D 76 29.05 -32.12 6.76
N LEU D 77 29.26 -31.26 5.77
CA LEU D 77 28.22 -30.39 5.24
C LEU D 77 27.06 -31.20 4.70
N PRO D 78 25.88 -31.13 5.32
CA PRO D 78 24.74 -31.91 4.84
C PRO D 78 24.31 -31.49 3.44
N VAL D 79 23.98 -32.50 2.63
CA VAL D 79 23.49 -32.30 1.28
C VAL D 79 22.11 -32.94 1.18
N TYR D 80 21.19 -32.26 0.50
CA TYR D 80 19.82 -32.75 0.33
C TYR D 80 19.56 -32.93 -1.15
N ALA D 81 19.41 -34.18 -1.58
CA ALA D 81 19.18 -34.51 -2.98
C ALA D 81 17.72 -34.90 -3.19
N PHE D 82 17.09 -34.28 -4.17
CA PHE D 82 15.70 -34.57 -4.51
C PHE D 82 15.68 -35.56 -5.67
N ALA D 83 15.06 -36.71 -5.46
CA ALA D 83 15.05 -37.81 -6.41
C ALA D 83 13.73 -37.85 -7.17
N ASN D 84 13.83 -37.87 -8.49
CA ASN D 84 12.66 -38.03 -9.35
C ASN D 84 12.77 -39.29 -10.20
N THR D 85 13.82 -39.44 -10.99
CA THR D 85 13.97 -40.61 -11.85
C THR D 85 14.88 -41.67 -11.27
N HIS D 86 15.92 -41.29 -10.53
CA HIS D 86 16.82 -42.27 -9.94
C HIS D 86 16.15 -43.00 -8.78
N SER D 87 16.47 -44.28 -8.65
CA SER D 87 15.93 -45.14 -7.60
C SER D 87 17.09 -45.62 -6.73
N THR D 88 16.79 -46.58 -5.85
CA THR D 88 17.82 -47.12 -4.98
C THR D 88 18.93 -47.83 -5.77
N LEU D 89 18.65 -48.24 -7.00
CA LEU D 89 19.65 -48.92 -7.81
C LEU D 89 20.66 -47.96 -8.44
N ASP D 90 20.50 -46.66 -8.28
CA ASP D 90 21.37 -45.68 -8.91
C ASP D 90 22.41 -45.10 -7.97
N VAL D 91 22.61 -45.69 -6.79
CA VAL D 91 23.61 -45.24 -5.84
C VAL D 91 24.64 -46.34 -5.64
N SER D 92 25.91 -45.98 -5.65
CA SER D 92 26.99 -46.90 -5.35
C SER D 92 27.34 -46.81 -3.86
N LEU D 93 28.24 -47.70 -3.43
CA LEU D 93 28.69 -47.65 -2.05
C LEU D 93 29.42 -46.35 -1.76
N ASN D 94 30.28 -45.92 -2.69
CA ASN D 94 31.02 -44.68 -2.51
C ASN D 94 30.10 -43.48 -2.37
N ASP D 95 29.06 -43.41 -3.21
CA ASP D 95 28.08 -42.34 -3.05
C ASP D 95 27.33 -42.44 -1.74
N LEU D 96 27.03 -43.67 -1.31
CA LEU D 96 26.35 -43.86 -0.03
C LEU D 96 27.21 -43.45 1.15
N ARG D 97 28.54 -43.34 0.95
CA ARG D 97 29.41 -42.83 2.00
C ARG D 97 29.26 -41.33 2.24
N LEU D 98 28.78 -40.58 1.26
CA LEU D 98 28.64 -39.14 1.39
C LEU D 98 27.47 -38.78 2.31
N ASN D 99 27.50 -37.55 2.82
CA ASN D 99 26.48 -37.05 3.73
C ASN D 99 25.29 -36.48 2.95
N VAL D 100 24.56 -37.38 2.32
CA VAL D 100 23.41 -37.03 1.48
C VAL D 100 22.15 -37.60 2.10
N GLU D 101 21.11 -36.76 2.20
CA GLU D 101 19.78 -37.19 2.56
C GLU D 101 18.88 -36.99 1.36
N PHE D 102 18.08 -38.01 1.04
CA PHE D 102 17.28 -38.01 -0.17
C PHE D 102 15.82 -37.69 0.15
N PHE D 103 15.24 -36.78 -0.61
CA PHE D 103 13.84 -36.37 -0.50
C PHE D 103 13.17 -36.53 -1.87
N GLU D 104 11.86 -36.28 -1.91
CA GLU D 104 11.08 -36.42 -3.13
C GLU D 104 10.22 -35.17 -3.34
N TYR D 105 9.84 -34.93 -4.58
CA TYR D 105 9.00 -33.80 -4.96
C TYR D 105 7.54 -34.15 -4.76
N ALA D 106 6.83 -33.37 -3.94
CA ALA D 106 5.41 -33.61 -3.71
C ALA D 106 4.80 -32.37 -3.08
N LEU D 107 3.60 -32.01 -3.54
CA LEU D 107 2.89 -30.89 -2.94
C LEU D 107 2.46 -31.24 -1.53
N GLY D 108 2.60 -30.28 -0.61
CA GLY D 108 2.22 -30.50 0.77
C GLY D 108 3.21 -31.27 1.61
N ALA D 109 4.40 -31.55 1.09
CA ALA D 109 5.43 -32.30 1.81
C ALA D 109 6.50 -31.39 2.39
N ALA D 110 6.31 -30.08 2.33
CA ALA D 110 7.38 -29.16 2.70
C ALA D 110 7.61 -29.10 4.20
N GLN D 111 6.57 -29.23 5.01
CA GLN D 111 6.72 -29.10 6.46
C GLN D 111 7.61 -30.22 7.02
N ASP D 112 7.33 -31.46 6.62
CA ASP D 112 8.09 -32.59 7.14
C ASP D 112 9.53 -32.57 6.63
N ILE D 113 9.74 -32.16 5.37
CA ILE D 113 11.09 -32.09 4.84
C ILE D 113 11.87 -30.97 5.51
N ALA D 114 11.20 -29.85 5.81
CA ALA D 114 11.85 -28.76 6.53
C ALA D 114 12.23 -29.21 7.93
N GLN D 115 11.38 -29.99 8.59
CA GLN D 115 11.73 -30.52 9.90
C GLN D 115 12.92 -31.47 9.81
N LYS D 116 12.95 -32.32 8.78
CA LYS D 116 14.10 -33.21 8.58
C LYS D 116 15.37 -32.41 8.37
N ILE D 117 15.29 -31.34 7.58
CA ILE D 117 16.46 -30.52 7.31
C ILE D 117 16.92 -29.80 8.57
N ARG D 118 15.98 -29.37 9.41
CA ARG D 118 16.33 -28.77 10.69
C ARG D 118 17.07 -29.76 11.57
N GLN D 119 16.56 -30.99 11.66
CA GLN D 119 17.23 -32.01 12.45
C GLN D 119 18.63 -32.30 11.91
N SER D 120 18.77 -32.33 10.58
CA SER D 120 20.07 -32.56 9.97
C SER D 120 21.04 -31.43 10.28
N THR D 121 20.55 -30.18 10.24
CA THR D 121 21.38 -29.03 10.59
C THR D 121 21.84 -29.11 12.04
N ASP D 122 20.93 -29.47 12.94
CA ASP D 122 21.29 -29.65 14.34
C ASP D 122 22.35 -30.73 14.51
N ALA D 123 22.20 -31.84 13.78
CA ALA D 123 23.18 -32.93 13.85
C ALA D 123 24.54 -32.48 13.33
N TYR D 124 24.56 -31.68 12.27
CA TYR D 124 25.82 -31.17 11.72
C TYR D 124 26.51 -30.25 12.73
N ILE D 125 25.74 -29.33 13.33
CA ILE D 125 26.29 -28.45 14.35
C ILE D 125 26.84 -29.28 15.52
N ASP D 126 26.09 -30.29 15.94
CA ASP D 126 26.53 -31.16 17.03
C ASP D 126 27.83 -31.88 16.67
N GLU D 127 27.92 -32.34 15.43
CA GLU D 127 29.08 -33.11 14.99
C GLU D 127 30.34 -32.26 14.95
N ILE D 128 30.24 -31.01 14.50
CA ILE D 128 31.46 -30.23 14.37
C ILE D 128 31.86 -29.54 15.68
N LEU D 129 30.96 -29.42 16.64
CA LEU D 129 31.32 -28.74 17.88
C LEU D 129 32.11 -29.66 18.80
N PRO D 130 33.07 -29.12 19.54
CA PRO D 130 33.77 -29.91 20.56
C PRO D 130 32.92 -30.04 21.81
N PRO D 131 33.21 -31.03 22.67
CA PRO D 131 32.26 -31.31 23.77
C PRO D 131 32.08 -30.19 24.78
N LEU D 132 33.16 -29.64 25.33
CA LEU D 132 33.04 -28.62 26.37
C LEU D 132 32.36 -27.36 25.85
N THR D 133 32.71 -26.93 24.63
CA THR D 133 32.08 -25.75 24.05
C THR D 133 30.58 -25.98 23.86
N LYS D 134 30.21 -27.18 23.40
CA LYS D 134 28.80 -27.51 23.22
C LYS D 134 28.06 -27.49 24.55
N ALA D 135 28.67 -28.04 25.60
CA ALA D 135 28.06 -28.00 26.93
C ALA D 135 27.89 -26.57 27.42
N LEU D 136 28.88 -25.71 27.17
CA LEU D 136 28.78 -24.31 27.57
C LEU D 136 27.64 -23.62 26.83
N PHE D 137 27.50 -23.88 25.54
CA PHE D 137 26.41 -23.29 24.77
C PHE D 137 25.06 -23.76 25.27
N ASN D 138 24.93 -25.06 25.56
CA ASN D 138 23.68 -25.58 26.09
C ASN D 138 23.35 -24.96 27.44
N TYR D 139 24.36 -24.80 28.31
CA TYR D 139 24.11 -24.17 29.60
C TYR D 139 23.63 -22.74 29.43
N VAL D 140 24.23 -21.98 28.51
CA VAL D 140 23.77 -20.63 28.26
C VAL D 140 22.33 -20.65 27.75
N LYS D 141 21.98 -21.65 26.94
CA LYS D 141 20.61 -21.77 26.47
C LYS D 141 19.63 -22.03 27.62
N GLU D 142 20.07 -22.75 28.66
CA GLU D 142 19.16 -23.06 29.76
C GLU D 142 18.67 -21.81 30.48
N GLY D 143 19.51 -20.79 30.59
CA GLY D 143 19.12 -19.55 31.23
C GLY D 143 18.83 -19.63 32.71
N LYS D 144 19.70 -20.31 33.47
CA LYS D 144 19.50 -20.47 34.90
C LYS D 144 19.89 -19.22 35.68
N TYR D 145 19.26 -19.04 36.83
CA TYR D 145 19.59 -17.96 37.75
C TYR D 145 20.72 -18.39 38.67
N THR D 146 21.77 -17.57 38.74
CA THR D 146 22.94 -17.86 39.55
C THR D 146 22.98 -16.95 40.76
N PHE D 147 23.32 -17.53 41.91
CA PHE D 147 23.60 -16.79 43.14
C PHE D 147 25.05 -17.01 43.55
N CYS D 148 25.91 -17.24 42.57
CA CYS D 148 27.29 -17.62 42.76
C CYS D 148 28.19 -16.68 41.96
N THR D 149 29.49 -16.88 42.09
CA THR D 149 30.42 -16.14 41.27
C THR D 149 30.26 -16.56 39.80
N PRO D 150 30.58 -15.68 38.85
CA PRO D 150 31.20 -14.33 38.94
C PRO D 150 30.49 -13.25 39.76
N GLY D 151 29.17 -13.16 39.85
CA GLY D 151 28.54 -12.11 40.63
C GLY D 151 27.88 -11.03 39.79
N HIS D 152 28.38 -10.80 38.57
CA HIS D 152 27.58 -10.01 37.65
C HIS D 152 26.34 -10.76 37.21
N MET D 153 26.27 -12.07 37.49
CA MET D 153 25.08 -12.89 37.31
C MET D 153 24.63 -12.91 35.85
N GLY D 154 25.54 -13.37 34.99
CA GLY D 154 25.25 -13.42 33.57
C GLY D 154 25.12 -12.07 32.90
N GLY D 155 25.66 -11.01 33.49
CA GLY D 155 25.61 -9.69 32.91
C GLY D 155 24.54 -8.76 33.43
N THR D 156 23.73 -9.21 34.39
CA THR D 156 22.67 -8.35 34.92
C THR D 156 23.23 -7.10 35.58
N ALA D 157 24.31 -7.25 36.35
CA ALA D 157 24.91 -6.11 37.04
C ALA D 157 25.38 -5.06 36.03
N PHE D 158 25.93 -5.50 34.90
CA PHE D 158 26.30 -4.57 33.84
C PHE D 158 25.08 -3.84 33.30
N GLN D 159 23.98 -4.57 33.11
CA GLN D 159 22.75 -3.96 32.59
C GLN D 159 22.11 -3.01 33.58
N LYS D 160 22.48 -3.08 34.85
CA LYS D 160 21.94 -2.16 35.84
C LYS D 160 22.71 -0.84 35.91
N SER D 161 23.78 -0.68 35.15
CA SER D 161 24.64 0.49 35.22
C SER D 161 24.87 1.07 33.82
N PRO D 162 24.98 2.40 33.71
CA PRO D 162 25.17 3.01 32.39
C PRO D 162 26.50 2.65 31.73
N VAL D 163 27.61 2.87 32.45
CA VAL D 163 28.91 2.47 31.91
C VAL D 163 28.96 0.95 31.75
N GLY D 164 28.40 0.23 32.73
CA GLY D 164 28.28 -1.20 32.60
C GLY D 164 27.40 -1.59 31.42
N SER D 165 26.39 -0.79 31.09
CA SER D 165 25.56 -1.11 29.93
C SER D 165 26.34 -0.93 28.64
N ILE D 166 27.21 0.09 28.58
CA ILE D 166 28.09 0.22 27.43
C ILE D 166 29.00 -1.01 27.31
N PHE D 167 29.54 -1.46 28.43
CA PHE D 167 30.38 -2.66 28.42
C PHE D 167 29.60 -3.87 27.94
N TYR D 168 28.37 -4.04 28.44
CA TYR D 168 27.50 -5.14 28.05
C TYR D 168 27.21 -5.12 26.57
N ASP D 169 26.86 -3.94 26.03
CA ASP D 169 26.57 -3.82 24.62
C ASP D 169 27.80 -4.14 23.78
N PHE D 170 28.98 -3.72 24.23
CA PHE D 170 30.19 -4.03 23.47
C PHE D 170 30.47 -5.52 23.46
N PHE D 171 30.44 -6.17 24.62
CA PHE D 171 30.83 -7.57 24.68
C PHE D 171 29.68 -8.54 24.39
N GLY D 172 28.44 -8.09 24.43
CA GLY D 172 27.32 -8.95 24.11
C GLY D 172 26.87 -9.80 25.28
N ALA D 173 25.64 -10.29 25.16
CA ALA D 173 25.03 -11.07 26.24
C ALA D 173 25.71 -12.42 26.41
N ASN D 174 26.08 -13.09 25.31
CA ASN D 174 26.59 -14.45 25.39
C ASN D 174 27.95 -14.52 26.10
N ALA D 175 28.79 -13.50 25.93
CA ALA D 175 30.07 -13.48 26.62
C ALA D 175 29.88 -13.44 28.13
N MET D 176 28.87 -12.70 28.61
CA MET D 176 28.59 -12.62 30.04
C MET D 176 27.89 -13.88 30.54
N LYS D 177 26.99 -14.45 29.73
CA LYS D 177 26.27 -15.64 30.16
C LYS D 177 27.18 -16.84 30.27
N SER D 178 28.18 -16.95 29.40
CA SER D 178 29.12 -18.07 29.47
C SER D 178 30.19 -17.87 30.52
N ASP D 179 30.29 -16.68 31.11
CA ASP D 179 31.25 -16.42 32.18
C ASP D 179 30.70 -17.02 33.47
N ILE D 180 31.12 -18.24 33.79
CA ILE D 180 30.60 -18.96 34.96
C ILE D 180 31.73 -19.52 35.79
N SER D 181 31.39 -20.30 36.81
CA SER D 181 32.37 -20.89 37.71
C SER D 181 32.00 -22.34 37.96
N ILE D 182 32.79 -23.01 38.82
CA ILE D 182 32.54 -24.41 39.14
C ILE D 182 31.28 -24.62 39.97
N SER D 183 30.66 -23.55 40.48
CA SER D 183 29.38 -23.69 41.13
C SER D 183 28.34 -24.29 40.18
N VAL D 184 28.52 -24.08 38.88
CA VAL D 184 27.73 -24.75 37.86
C VAL D 184 28.34 -26.13 37.67
N GLY D 185 27.75 -27.14 38.31
CA GLY D 185 28.34 -28.47 38.33
C GLY D 185 28.19 -29.24 37.04
N GLU D 186 27.23 -28.89 36.19
CA GLU D 186 27.04 -29.62 34.94
C GLU D 186 28.18 -29.41 33.97
N LEU D 187 28.93 -28.31 34.08
CA LEU D 187 30.08 -28.08 33.24
C LEU D 187 31.33 -28.78 33.73
N GLY D 188 31.29 -29.40 34.91
CA GLY D 188 32.48 -30.02 35.46
C GLY D 188 33.44 -28.98 36.02
N SER D 189 34.72 -29.32 36.01
CA SER D 189 35.74 -28.44 36.57
C SER D 189 37.05 -28.63 35.83
N LEU D 190 37.69 -27.51 35.48
CA LEU D 190 39.00 -27.57 34.85
C LEU D 190 40.06 -28.11 35.81
N LEU D 191 40.00 -27.72 37.07
CA LEU D 191 41.01 -28.15 38.03
C LEU D 191 40.85 -29.62 38.39
N ASP D 192 39.61 -30.10 38.46
CA ASP D 192 39.36 -31.49 38.78
C ASP D 192 39.42 -32.41 37.56
N HIS D 193 39.48 -31.85 36.35
CA HIS D 193 39.50 -32.63 35.12
C HIS D 193 38.29 -33.56 35.04
N SER D 194 37.10 -32.99 35.27
CA SER D 194 35.87 -33.76 35.36
C SER D 194 34.83 -33.21 34.40
N GLY D 195 33.90 -34.08 34.02
CA GLY D 195 32.83 -33.72 33.13
C GLY D 195 33.32 -33.35 31.74
N PRO D 196 32.67 -32.36 31.13
CA PRO D 196 33.07 -31.95 29.77
C PRO D 196 34.53 -31.54 29.68
N HIS D 197 35.04 -30.86 30.71
CA HIS D 197 36.46 -30.50 30.75
C HIS D 197 37.31 -31.73 30.49
N LYS D 198 37.02 -32.82 31.20
CA LYS D 198 37.75 -34.07 31.01
C LYS D 198 37.73 -34.47 29.54
N GLU D 199 36.54 -34.55 28.94
CA GLU D 199 36.47 -34.94 27.55
C GLU D 199 37.23 -33.96 26.68
N ALA D 200 37.12 -32.67 27.00
CA ALA D 200 37.84 -31.65 26.24
C ALA D 200 39.31 -32.02 26.14
N GLU D 201 39.94 -32.33 27.29
CA GLU D 201 41.35 -32.66 27.27
C GLU D 201 41.63 -33.82 26.32
N GLU D 202 40.84 -34.89 26.45
CA GLU D 202 41.08 -36.04 25.58
C GLU D 202 40.90 -35.64 24.12
N TYR D 203 39.87 -34.86 23.83
CA TYR D 203 39.69 -34.35 22.48
C TYR D 203 40.96 -33.65 22.02
N ILE D 204 41.44 -32.71 22.83
CA ILE D 204 42.66 -31.99 22.46
C ILE D 204 43.82 -32.96 22.29
N ALA D 205 43.93 -33.94 23.20
CA ALA D 205 45.05 -34.86 23.14
C ALA D 205 45.03 -35.67 21.86
N ARG D 206 43.84 -35.93 21.31
CA ARG D 206 43.78 -36.67 20.06
C ARG D 206 44.05 -35.78 18.86
N THR D 207 43.76 -34.49 18.96
CA THR D 207 43.93 -33.59 17.84
C THR D 207 45.38 -33.17 17.63
N PHE D 208 46.15 -33.05 18.70
CA PHE D 208 47.51 -32.53 18.63
C PHE D 208 48.58 -33.60 18.71
N ASN D 209 48.22 -34.88 18.57
CA ASN D 209 49.17 -35.98 18.61
C ASN D 209 49.91 -36.04 19.95
N ALA D 210 49.15 -35.93 21.03
CA ALA D 210 49.70 -35.96 22.37
C ALA D 210 49.09 -37.13 23.15
N GLU D 211 49.89 -37.71 24.04
CA GLU D 211 49.35 -38.72 24.95
C GLU D 211 48.49 -38.07 26.01
N ARG D 212 48.96 -36.97 26.61
CA ARG D 212 48.18 -36.23 27.59
C ARG D 212 48.19 -34.76 27.24
N SER D 213 47.09 -34.07 27.55
CA SER D 213 46.97 -32.65 27.24
C SER D 213 46.36 -31.92 28.42
N TYR D 214 46.88 -30.71 28.69
CA TYR D 214 46.39 -29.85 29.75
C TYR D 214 46.13 -28.46 29.18
N MET D 215 45.02 -27.86 29.62
CA MET D 215 44.64 -26.52 29.20
C MET D 215 45.08 -25.52 30.26
N VAL D 216 45.78 -24.48 29.83
CA VAL D 216 46.30 -23.43 30.70
C VAL D 216 45.61 -22.12 30.31
N THR D 217 45.18 -21.35 31.31
CA THR D 217 44.49 -20.09 31.05
C THR D 217 45.34 -18.87 31.36
N ASN D 218 46.63 -19.04 31.66
CA ASN D 218 47.51 -17.90 31.92
C ASN D 218 48.71 -17.94 30.99
N GLY D 219 48.50 -18.40 29.76
CA GLY D 219 49.52 -18.35 28.74
C GLY D 219 50.63 -19.37 28.84
N THR D 220 51.48 -19.35 27.81
CA THR D 220 52.64 -20.22 27.77
C THR D 220 53.66 -19.87 28.84
N SER D 221 53.65 -18.65 29.37
CA SER D 221 54.50 -18.35 30.53
C SER D 221 54.16 -19.29 31.68
N THR D 222 52.87 -19.38 32.00
CA THR D 222 52.43 -20.27 33.07
C THR D 222 52.61 -21.74 32.69
N ALA D 223 52.38 -22.08 31.41
CA ALA D 223 52.59 -23.46 30.98
C ALA D 223 54.05 -23.88 31.17
N ASN D 224 54.98 -23.00 30.79
CA ASN D 224 56.40 -23.25 30.97
C ASN D 224 56.73 -23.40 32.44
N LYS D 225 56.18 -22.53 33.28
CA LYS D 225 56.44 -22.64 34.71
C LYS D 225 55.94 -23.96 35.26
N ILE D 226 54.77 -24.42 34.82
CA ILE D 226 54.22 -25.68 35.31
C ILE D 226 55.11 -26.85 34.91
N VAL D 227 55.52 -26.90 33.64
CA VAL D 227 56.36 -27.99 33.16
C VAL D 227 57.70 -27.98 33.88
N GLY D 228 58.31 -26.80 34.01
CA GLY D 228 59.61 -26.71 34.66
C GLY D 228 59.55 -27.05 36.13
N MET D 229 58.45 -26.69 36.81
CA MET D 229 58.32 -27.03 38.22
C MET D 229 58.15 -28.52 38.43
N TYR D 230 57.32 -29.16 37.60
CA TYR D 230 57.18 -30.61 37.73
C TYR D 230 58.49 -31.32 37.40
N SER D 231 59.20 -30.84 36.38
CA SER D 231 60.39 -31.54 35.90
C SER D 231 61.60 -31.35 36.80
N ALA D 232 61.78 -30.15 37.35
CA ALA D 232 63.02 -29.79 38.03
C ALA D 232 62.79 -29.46 39.50
N PRO D 233 63.07 -30.38 40.42
CA PRO D 233 62.99 -30.04 41.84
C PRO D 233 64.12 -29.09 42.24
N ALA D 234 63.98 -28.53 43.44
CA ALA D 234 65.01 -27.65 43.97
C ALA D 234 66.31 -28.42 44.15
N GLY D 235 67.40 -27.83 43.67
CA GLY D 235 68.71 -28.46 43.73
C GLY D 235 69.14 -29.19 42.48
N SER D 236 68.28 -29.27 41.47
CA SER D 236 68.62 -29.97 40.24
C SER D 236 69.27 -29.03 39.24
N THR D 237 69.78 -29.61 38.16
CA THR D 237 70.41 -28.87 37.08
C THR D 237 69.54 -28.98 35.83
N VAL D 238 69.40 -27.87 35.11
CA VAL D 238 68.55 -27.80 33.93
C VAL D 238 69.33 -27.19 32.78
N LEU D 239 69.22 -27.80 31.60
CA LEU D 239 69.69 -27.19 30.37
C LEU D 239 68.64 -26.20 29.88
N ILE D 240 69.06 -24.96 29.63
CA ILE D 240 68.15 -23.90 29.23
C ILE D 240 68.66 -23.27 27.94
N ASP D 241 67.77 -23.16 26.94
CA ASP D 241 68.11 -22.40 25.75
C ASP D 241 68.38 -20.95 26.14
N ARG D 242 69.48 -20.39 25.62
CA ARG D 242 69.74 -18.97 25.86
C ARG D 242 68.71 -18.10 25.16
N ASN D 243 68.14 -18.61 24.07
CA ASN D 243 67.03 -17.96 23.40
C ASN D 243 65.72 -18.36 24.05
N CYS D 244 65.63 -18.22 25.38
CA CYS D 244 64.44 -18.58 26.13
C CYS D 244 63.61 -17.36 26.46
N HIS D 245 62.30 -17.56 26.53
CA HIS D 245 61.40 -16.51 26.95
C HIS D 245 61.65 -16.15 28.41
N LYS D 246 61.26 -14.94 28.78
CA LYS D 246 61.50 -14.48 30.15
C LYS D 246 60.79 -15.33 31.18
N SER D 247 59.80 -16.13 30.78
CA SER D 247 59.12 -17.01 31.73
C SER D 247 60.06 -18.05 32.30
N LEU D 248 60.97 -18.58 31.47
CA LEU D 248 61.97 -19.51 31.98
C LEU D 248 62.86 -18.84 33.03
N THR D 249 63.22 -17.59 32.78
CA THR D 249 63.98 -16.83 33.78
C THR D 249 63.18 -16.65 35.06
N HIS D 250 61.88 -16.37 34.93
CA HIS D 250 61.03 -16.24 36.11
C HIS D 250 60.99 -17.54 36.90
N LEU D 251 60.85 -18.66 36.18
CA LEU D 251 60.84 -19.97 36.84
C LEU D 251 62.16 -20.22 37.57
N MET D 252 63.29 -19.85 36.95
CA MET D 252 64.57 -20.00 37.59
C MET D 252 64.68 -19.12 38.83
N MET D 253 64.16 -17.89 38.76
CA MET D 253 64.12 -17.03 39.93
C MET D 253 63.16 -17.54 40.99
N MET D 254 62.23 -18.42 40.61
CA MET D 254 61.24 -18.99 41.53
C MET D 254 61.79 -20.22 42.25
N SER D 255 62.37 -21.15 41.50
CA SER D 255 62.87 -22.41 42.04
C SER D 255 64.39 -22.41 42.01
N ASP D 256 64.99 -22.90 43.09
CA ASP D 256 66.45 -22.97 43.18
C ASP D 256 66.99 -24.10 42.31
N ILE D 257 67.26 -23.80 41.04
CA ILE D 257 67.81 -24.76 40.10
C ILE D 257 69.02 -24.14 39.44
N THR D 258 70.00 -24.98 39.11
CA THR D 258 71.22 -24.51 38.49
C THR D 258 71.10 -24.58 36.98
N PRO D 259 71.24 -23.47 36.25
CA PRO D 259 71.13 -23.52 34.79
C PRO D 259 72.46 -23.69 34.08
N ILE D 260 72.42 -24.51 33.03
CA ILE D 260 73.51 -24.63 32.06
C ILE D 260 72.92 -24.25 30.70
N TYR D 261 73.44 -23.20 30.10
CA TYR D 261 72.81 -22.59 28.94
C TYR D 261 73.30 -23.18 27.64
N PHE D 262 72.36 -23.57 26.78
CA PHE D 262 72.68 -23.82 25.38
C PHE D 262 73.07 -22.50 24.72
N ARG D 263 74.01 -22.57 23.78
CA ARG D 263 74.47 -21.37 23.11
C ARG D 263 73.96 -21.35 21.67
N PRO D 264 73.00 -20.49 21.33
CA PRO D 264 72.53 -20.41 19.96
C PRO D 264 73.35 -19.41 19.15
N THR D 265 73.13 -19.43 17.84
CA THR D 265 73.84 -18.58 16.91
C THR D 265 73.00 -17.34 16.57
N ARG D 266 73.55 -16.50 15.71
CA ARG D 266 72.86 -15.30 15.24
C ARG D 266 73.53 -14.84 13.95
N ASN D 267 72.90 -13.88 13.30
CA ASN D 267 73.41 -13.28 12.06
C ASN D 267 73.59 -11.78 12.24
N ALA D 268 73.98 -11.12 11.14
CA ALA D 268 74.21 -9.68 11.19
C ALA D 268 72.93 -8.91 11.47
N TYR D 269 71.79 -9.39 10.96
CA TYR D 269 70.52 -8.72 11.19
C TYR D 269 70.09 -8.76 12.65
N GLY D 270 70.65 -9.67 13.44
CA GLY D 270 70.18 -9.89 14.79
C GLY D 270 69.13 -10.98 14.90
N ILE D 271 68.88 -11.71 13.83
CA ILE D 271 67.95 -12.84 13.89
C ILE D 271 68.61 -13.97 14.65
N LEU D 272 67.91 -14.50 15.66
CA LEU D 272 68.46 -15.57 16.47
C LEU D 272 68.48 -16.88 15.69
N GLY D 273 69.63 -17.55 15.72
CA GLY D 273 69.76 -18.83 15.05
C GLY D 273 69.52 -19.99 15.99
N GLY D 274 69.65 -21.19 15.44
CA GLY D 274 69.47 -22.40 16.21
C GLY D 274 70.70 -22.77 17.03
N ILE D 275 70.48 -23.70 17.95
CA ILE D 275 71.57 -24.23 18.76
C ILE D 275 72.33 -25.25 17.93
N PRO D 276 73.65 -25.08 17.75
CA PRO D 276 74.41 -26.06 16.98
C PRO D 276 74.35 -27.44 17.61
N LYS D 277 74.45 -28.47 16.75
CA LYS D 277 74.28 -29.85 17.20
C LYS D 277 75.28 -30.24 18.27
N SER D 278 76.50 -29.69 18.22
CA SER D 278 77.51 -30.05 19.21
C SER D 278 77.07 -29.71 20.63
N GLU D 279 76.22 -28.69 20.79
CA GLU D 279 75.76 -28.32 22.12
C GLU D 279 74.82 -29.37 22.71
N PHE D 280 74.25 -30.24 21.88
CA PHE D 280 73.41 -31.33 22.35
C PHE D 280 74.21 -32.59 22.67
N GLN D 281 75.52 -32.57 22.42
CA GLN D 281 76.34 -33.75 22.64
C GLN D 281 76.56 -34.00 24.12
N HIS D 282 76.72 -35.28 24.47
CA HIS D 282 76.90 -35.67 25.86
C HIS D 282 78.20 -35.12 26.45
N ASP D 283 79.29 -35.16 25.68
CA ASP D 283 80.58 -34.72 26.19
C ASP D 283 80.57 -33.22 26.49
N THR D 284 79.96 -32.43 25.60
CA THR D 284 79.87 -30.99 25.85
C THR D 284 79.09 -30.70 27.12
N ILE D 285 77.96 -31.41 27.32
CA ILE D 285 77.15 -31.20 28.51
C ILE D 285 77.93 -31.59 29.76
N ALA D 286 78.65 -32.70 29.70
CA ALA D 286 79.44 -33.13 30.85
C ALA D 286 80.53 -32.12 31.18
N GLU D 287 81.18 -31.57 30.15
CA GLU D 287 82.20 -30.55 30.38
C GLU D 287 81.59 -29.31 31.03
N ARG D 288 80.42 -28.88 30.55
CA ARG D 288 79.76 -27.72 31.16
C ARG D 288 79.36 -28.01 32.60
N VAL D 289 78.90 -29.24 32.87
CA VAL D 289 78.54 -29.63 34.24
C VAL D 289 79.75 -29.54 35.15
N ALA D 290 80.89 -30.06 34.68
CA ALA D 290 82.11 -30.00 35.47
C ALA D 290 82.56 -28.57 35.69
N GLN D 291 82.41 -27.71 34.69
CA GLN D 291 82.84 -26.31 34.82
C GLN D 291 81.87 -25.48 35.66
N THR D 292 80.66 -25.98 35.93
CA THR D 292 79.67 -25.22 36.66
C THR D 292 79.60 -25.72 38.10
N PRO D 293 79.83 -24.87 39.10
CA PRO D 293 79.75 -25.34 40.49
C PRO D 293 78.32 -25.61 40.91
N ASN D 294 78.16 -26.61 41.78
CA ASN D 294 76.86 -27.04 42.28
C ASN D 294 75.96 -27.52 41.15
N ALA D 295 76.55 -28.06 40.09
CA ALA D 295 75.81 -28.57 38.94
C ALA D 295 76.07 -30.06 38.79
N THR D 296 74.99 -30.83 38.71
CA THR D 296 75.03 -32.26 38.46
C THR D 296 74.55 -32.51 37.03
N TRP D 297 74.38 -33.78 36.68
CA TRP D 297 73.86 -34.07 35.35
C TRP D 297 72.43 -33.54 35.23
N PRO D 298 72.13 -32.77 34.19
CA PRO D 298 70.81 -32.13 34.11
C PRO D 298 69.68 -33.15 34.05
N VAL D 299 68.57 -32.80 34.71
CA VAL D 299 67.38 -33.65 34.72
C VAL D 299 66.28 -33.10 33.83
N HIS D 300 66.43 -31.90 33.30
CA HIS D 300 65.46 -31.27 32.44
C HIS D 300 66.19 -30.43 31.40
N ALA D 301 65.57 -30.29 30.23
CA ALA D 301 66.15 -29.49 29.16
C ALA D 301 65.04 -28.75 28.43
N VAL D 302 65.24 -27.47 28.20
CA VAL D 302 64.25 -26.60 27.57
C VAL D 302 64.87 -26.02 26.31
N VAL D 303 64.20 -26.23 25.17
CA VAL D 303 64.62 -25.73 23.88
C VAL D 303 63.47 -24.94 23.27
N THR D 304 63.80 -23.78 22.69
CA THR D 304 62.81 -22.92 22.04
C THR D 304 62.66 -23.38 20.59
N ASN D 305 61.54 -24.00 20.27
CA ASN D 305 61.27 -24.46 18.90
C ASN D 305 59.82 -24.13 18.56
N SER D 306 59.62 -23.24 17.60
CA SER D 306 60.72 -22.60 16.90
C SER D 306 61.11 -21.29 17.53
N THR D 307 62.11 -20.64 16.94
CA THR D 307 62.48 -19.30 17.35
C THR D 307 61.41 -18.30 16.93
N TYR D 308 61.57 -17.05 17.39
CA TYR D 308 60.63 -15.99 17.05
C TYR D 308 60.56 -15.79 15.53
N ASP D 309 61.69 -15.90 14.84
CA ASP D 309 61.73 -15.67 13.40
C ASP D 309 61.37 -16.89 12.58
N GLY D 310 61.02 -18.01 13.22
CA GLY D 310 60.55 -19.16 12.48
C GLY D 310 61.57 -20.19 12.10
N LEU D 311 62.59 -20.41 12.93
CA LEU D 311 63.61 -21.42 12.67
C LEU D 311 63.30 -22.64 13.52
N LEU D 312 62.89 -23.73 12.87
CA LEU D 312 62.55 -24.98 13.52
C LEU D 312 63.72 -25.95 13.51
N TYR D 313 63.80 -26.76 14.56
CA TYR D 313 64.82 -27.79 14.68
C TYR D 313 64.33 -29.11 14.10
N ASN D 314 65.27 -29.93 13.64
CA ASN D 314 64.99 -31.34 13.41
C ASN D 314 64.94 -31.99 14.78
N THR D 315 63.74 -32.16 15.32
CA THR D 315 63.59 -32.60 16.69
C THR D 315 63.95 -34.07 16.90
N ASP D 316 63.94 -34.89 15.85
CA ASP D 316 64.35 -36.28 15.99
C ASP D 316 65.79 -36.36 16.48
N TYR D 317 66.68 -35.54 15.91
CA TYR D 317 68.07 -35.54 16.32
C TYR D 317 68.23 -35.15 17.78
N ILE D 318 67.50 -34.13 18.21
CA ILE D 318 67.58 -33.69 19.61
C ILE D 318 67.06 -34.77 20.54
N LYS D 319 65.92 -35.38 20.19
CA LYS D 319 65.36 -36.44 21.01
C LYS D 319 66.29 -37.64 21.10
N GLU D 320 67.11 -37.86 20.07
CA GLU D 320 68.03 -38.99 20.12
C GLU D 320 69.32 -38.65 20.87
N ALA D 321 69.85 -37.45 20.67
CA ALA D 321 71.20 -37.13 21.15
C ALA D 321 71.23 -36.46 22.51
N LEU D 322 70.11 -35.92 22.99
CA LEU D 322 70.08 -35.20 24.27
C LEU D 322 69.88 -36.22 25.39
N ASP D 323 70.95 -36.48 26.15
CA ASP D 323 70.92 -37.48 27.21
C ASP D 323 70.29 -36.89 28.48
N VAL D 324 69.03 -36.52 28.34
CA VAL D 324 68.26 -35.93 29.42
C VAL D 324 66.91 -36.63 29.47
N LYS D 325 66.47 -37.00 30.68
CA LYS D 325 65.22 -37.75 30.81
C LYS D 325 64.00 -36.90 30.47
N SER D 326 64.07 -35.58 30.67
CA SER D 326 62.95 -34.68 30.43
C SER D 326 63.34 -33.64 29.41
N ILE D 327 62.69 -33.65 28.24
CA ILE D 327 62.94 -32.67 27.20
C ILE D 327 61.67 -31.88 26.98
N HIS D 328 61.75 -30.56 27.15
CA HIS D 328 60.62 -29.67 26.97
C HIS D 328 60.89 -28.72 25.83
N PHE D 329 59.97 -28.67 24.88
CA PHE D 329 60.04 -27.78 23.73
C PHE D 329 59.03 -26.64 23.95
N ASP D 330 59.56 -25.43 24.14
CA ASP D 330 58.72 -24.25 24.18
C ASP D 330 58.26 -23.93 22.77
N SER D 331 57.09 -24.44 22.40
CA SER D 331 56.55 -24.28 21.05
C SER D 331 55.46 -23.22 21.01
N ALA D 332 55.66 -22.15 21.78
CA ALA D 332 54.69 -21.07 21.82
C ALA D 332 54.35 -20.54 20.44
N TRP D 333 55.32 -20.50 19.54
CA TRP D 333 55.13 -19.94 18.21
C TRP D 333 54.67 -20.94 17.17
N VAL D 334 54.60 -22.24 17.49
CA VAL D 334 54.23 -23.23 16.49
C VAL D 334 53.17 -24.20 17.01
N PRO D 335 51.93 -23.75 17.27
CA PRO D 335 50.89 -24.70 17.65
C PRO D 335 50.25 -25.42 16.47
N TYR D 336 50.55 -25.02 15.25
CA TYR D 336 49.92 -25.59 14.06
C TYR D 336 50.64 -26.84 13.54
N THR D 337 51.77 -27.22 14.14
CA THR D 337 52.38 -28.49 13.77
C THR D 337 51.42 -29.62 14.10
N ASN D 338 51.57 -30.73 13.39
CA ASN D 338 50.71 -31.90 13.36
C ASN D 338 49.49 -31.68 12.47
N PHE D 339 49.27 -30.48 11.95
CA PHE D 339 48.16 -30.21 11.05
C PHE D 339 48.61 -30.01 9.62
N SER D 340 49.90 -30.15 9.33
CA SER D 340 50.46 -30.08 7.99
C SER D 340 51.65 -31.01 7.94
N PRO D 341 51.79 -31.82 6.89
CA PRO D 341 52.92 -32.76 6.80
C PRO D 341 54.27 -32.08 6.63
N ILE D 342 54.33 -30.79 6.30
CA ILE D 342 55.62 -30.12 6.12
C ILE D 342 56.39 -29.97 7.43
N TYR D 343 55.72 -30.12 8.57
CA TYR D 343 56.38 -29.99 9.87
C TYR D 343 56.74 -31.33 10.49
N LYS D 344 56.65 -32.42 9.73
CA LYS D 344 56.98 -33.73 10.25
C LYS D 344 58.44 -33.76 10.69
N GLY D 345 58.68 -34.26 11.91
CA GLY D 345 60.02 -34.29 12.45
C GLY D 345 60.56 -32.95 12.90
N LEU D 346 59.71 -31.93 12.97
CA LEU D 346 60.14 -30.58 13.33
C LEU D 346 59.44 -30.07 14.60
N CYS D 347 58.89 -30.97 15.41
CA CYS D 347 58.20 -30.57 16.63
C CYS D 347 58.35 -31.67 17.67
N GLY D 348 58.09 -31.30 18.93
CA GLY D 348 58.28 -32.23 20.03
C GLY D 348 57.36 -33.42 19.98
N MET D 349 56.11 -33.21 19.59
CA MET D 349 55.13 -34.28 19.56
C MET D 349 55.28 -35.18 18.35
N SER D 350 56.09 -34.79 17.36
CA SER D 350 56.23 -35.57 16.14
C SER D 350 56.78 -36.97 16.45
N GLY D 351 56.14 -37.97 15.86
CA GLY D 351 56.57 -39.35 16.07
C GLY D 351 55.86 -40.03 17.21
N GLY D 352 56.56 -40.91 17.92
CA GLY D 352 55.97 -41.61 19.04
C GLY D 352 56.73 -41.43 20.33
N ARG D 353 56.57 -42.39 21.25
CA ARG D 353 57.27 -42.33 22.52
C ARG D 353 58.78 -42.46 22.31
N VAL D 354 59.52 -41.83 23.20
CA VAL D 354 60.97 -41.95 23.28
C VAL D 354 61.29 -42.79 24.50
N GLU D 355 62.03 -43.88 24.30
CA GLU D 355 62.35 -44.77 25.41
C GLU D 355 63.12 -44.03 26.50
N GLY D 356 62.67 -44.19 27.74
CA GLY D 356 63.32 -43.59 28.89
C GLY D 356 63.28 -42.08 28.95
N LYS D 357 62.42 -41.44 28.16
CA LYS D 357 62.36 -39.98 28.14
C LYS D 357 60.91 -39.53 28.12
N VAL D 358 60.67 -38.33 28.63
CA VAL D 358 59.38 -37.67 28.52
C VAL D 358 59.58 -36.40 27.71
N ILE D 359 58.66 -36.14 26.79
CA ILE D 359 58.71 -34.97 25.91
C ILE D 359 57.50 -34.09 26.18
N TYR D 360 57.75 -32.81 26.40
CA TYR D 360 56.72 -31.82 26.62
C TYR D 360 56.72 -30.83 25.48
N GLU D 361 55.54 -30.41 25.05
CA GLU D 361 55.38 -29.25 24.20
C GLU D 361 54.52 -28.22 24.92
N THR D 362 54.96 -26.97 24.90
CA THR D 362 54.13 -25.87 25.37
C THR D 362 53.75 -25.02 24.19
N GLN D 363 52.45 -24.86 23.96
CA GLN D 363 51.95 -24.20 22.76
C GLN D 363 51.05 -23.04 23.13
N SER D 364 51.33 -21.87 22.59
CA SER D 364 50.41 -20.74 22.72
C SER D 364 49.34 -20.92 21.66
N THR D 365 48.20 -21.49 22.06
CA THR D 365 47.08 -21.62 21.15
C THR D 365 46.63 -20.25 20.64
N HIS D 366 46.67 -19.24 21.52
CA HIS D 366 46.26 -17.89 21.18
C HIS D 366 47.28 -17.15 20.32
N LYS D 367 48.36 -17.79 19.89
CA LYS D 367 49.39 -17.06 19.15
C LYS D 367 49.29 -17.28 17.64
N LEU D 368 49.17 -18.53 17.19
CA LEU D 368 49.11 -18.82 15.77
C LEU D 368 47.89 -19.62 15.36
N LEU D 369 47.08 -20.08 16.30
CA LEU D 369 45.78 -20.67 16.04
C LEU D 369 44.73 -19.66 16.43
N ALA D 370 43.46 -20.05 16.38
CA ALA D 370 42.35 -19.15 16.69
C ALA D 370 41.90 -19.44 18.13
N ALA D 371 42.35 -18.61 19.07
CA ALA D 371 41.98 -18.76 20.47
C ALA D 371 42.13 -17.41 21.16
N PHE D 372 41.34 -17.21 22.21
CA PHE D 372 41.47 -15.99 23.01
C PHE D 372 42.84 -15.95 23.68
N SER D 373 43.33 -14.74 23.92
CA SER D 373 44.61 -14.55 24.57
C SER D 373 44.65 -15.26 25.93
N GLN D 374 45.84 -15.73 26.29
CA GLN D 374 46.18 -16.51 27.48
C GLN D 374 45.82 -17.99 27.33
N ALA D 375 45.23 -18.41 26.21
CA ALA D 375 44.92 -19.81 25.99
C ALA D 375 46.20 -20.56 25.63
N SER D 376 46.55 -21.56 26.43
CA SER D 376 47.78 -22.30 26.22
C SER D 376 47.52 -23.79 26.39
N MET D 377 48.37 -24.59 25.76
CA MET D 377 48.29 -26.03 25.82
C MET D 377 49.61 -26.61 26.29
N ILE D 378 49.53 -27.63 27.15
CA ILE D 378 50.66 -28.47 27.50
C ILE D 378 50.39 -29.85 26.92
N HIS D 379 51.33 -30.36 26.13
CA HIS D 379 51.22 -31.68 25.51
C HIS D 379 52.33 -32.57 26.04
N VAL D 380 51.98 -33.78 26.46
CA VAL D 380 52.91 -34.70 27.11
C VAL D 380 52.92 -36.00 26.34
N LYS D 381 54.13 -36.49 26.04
CA LYS D 381 54.36 -37.80 25.45
C LYS D 381 55.42 -38.49 26.29
N GLY D 382 55.03 -39.52 27.02
CA GLY D 382 55.92 -40.24 27.90
C GLY D 382 55.26 -40.49 29.24
N ASP D 383 56.07 -40.94 30.20
CA ASP D 383 55.57 -41.30 31.51
C ASP D 383 55.71 -40.14 32.48
N ILE D 384 54.61 -39.81 33.17
CA ILE D 384 54.60 -38.79 34.20
C ILE D 384 53.77 -39.30 35.38
N ASN D 385 54.02 -38.71 36.54
CA ASN D 385 53.16 -38.92 37.70
C ASN D 385 51.97 -37.98 37.55
N GLU D 386 50.80 -38.55 37.27
CA GLU D 386 49.63 -37.74 36.96
C GLU D 386 49.21 -36.88 38.14
N GLU D 387 49.26 -37.44 39.35
CA GLU D 387 48.87 -36.67 40.53
C GLU D 387 49.86 -35.55 40.82
N THR D 388 51.16 -35.86 40.78
CA THR D 388 52.18 -34.85 41.04
C THR D 388 52.15 -33.75 39.99
N PHE D 389 52.00 -34.13 38.71
CA PHE D 389 51.87 -33.12 37.67
C PHE D 389 50.60 -32.32 37.87
N ASN D 390 49.53 -32.95 38.36
CA ASN D 390 48.30 -32.22 38.64
C ASN D 390 48.51 -31.21 39.75
N GLU D 391 49.32 -31.55 40.75
CA GLU D 391 49.65 -30.57 41.79
C GLU D 391 50.42 -29.39 41.21
N ALA D 392 51.46 -29.68 40.42
CA ALA D 392 52.23 -28.59 39.80
C ALA D 392 51.34 -27.74 38.89
N TYR D 393 50.35 -28.36 38.24
CA TYR D 393 49.42 -27.64 37.39
C TYR D 393 48.46 -26.77 38.21
N MET D 394 47.99 -27.29 39.34
CA MET D 394 47.05 -26.54 40.18
C MET D 394 47.72 -25.36 40.87
N MET D 395 49.01 -25.47 41.19
CA MET D 395 49.67 -24.35 41.85
C MET D 395 49.74 -23.10 41.00
N HIS D 396 49.61 -23.22 39.68
CA HIS D 396 49.68 -22.06 38.80
C HIS D 396 48.36 -21.72 38.11
N THR D 397 47.35 -22.58 38.18
CA THR D 397 46.06 -22.33 37.58
C THR D 397 45.10 -21.76 38.62
N SER D 398 44.34 -20.75 38.21
CA SER D 398 43.38 -20.12 39.11
C SER D 398 42.16 -21.00 39.33
N THR D 399 41.60 -20.91 40.54
CA THR D 399 40.39 -21.66 40.86
C THR D 399 39.15 -21.10 40.17
N SER D 400 39.27 -19.98 39.48
CA SER D 400 38.16 -19.39 38.72
C SER D 400 38.63 -19.18 37.29
N PRO D 401 38.80 -20.26 36.53
CA PRO D 401 39.25 -20.13 35.15
C PRO D 401 38.20 -19.41 34.31
N HIS D 402 38.69 -18.66 33.33
CA HIS D 402 37.82 -17.98 32.38
C HIS D 402 37.30 -19.03 31.39
N TYR D 403 36.00 -19.32 31.45
CA TYR D 403 35.45 -20.37 30.60
C TYR D 403 35.50 -20.00 29.13
N GLY D 404 35.48 -18.70 28.81
CA GLY D 404 35.66 -18.29 27.44
C GLY D 404 37.00 -18.72 26.87
N ILE D 405 38.07 -18.56 27.66
CA ILE D 405 39.39 -18.95 27.20
C ILE D 405 39.49 -20.47 27.03
N VAL D 406 38.96 -21.23 27.99
CA VAL D 406 38.98 -22.68 27.91
C VAL D 406 38.22 -23.16 26.68
N ALA D 407 37.02 -22.59 26.47
CA ALA D 407 36.21 -22.94 25.31
C ALA D 407 36.88 -22.53 24.01
N SER D 408 37.62 -21.42 24.02
CA SER D 408 38.36 -21.02 22.83
C SER D 408 39.48 -22.02 22.53
N THR D 409 40.11 -22.57 23.57
CA THR D 409 41.12 -23.60 23.38
C THR D 409 40.51 -24.84 22.72
N GLU D 410 39.37 -25.28 23.24
CA GLU D 410 38.68 -26.44 22.66
C GLU D 410 38.22 -26.16 21.24
N THR D 411 37.70 -24.96 20.98
CA THR D 411 37.27 -24.60 19.63
C THR D 411 38.45 -24.51 18.67
N ALA D 412 39.61 -24.08 19.16
CA ALA D 412 40.81 -24.09 18.34
C ALA D 412 41.18 -25.51 17.94
N ALA D 413 41.06 -26.45 18.88
CA ALA D 413 41.27 -27.85 18.51
C ALA D 413 40.25 -28.29 17.46
N ALA D 414 38.98 -27.90 17.63
CA ALA D 414 37.94 -28.30 16.70
C ALA D 414 38.16 -27.73 15.30
N MET D 415 38.69 -26.52 15.22
CA MET D 415 38.90 -25.86 13.92
C MET D 415 39.98 -26.52 13.09
N MET D 416 40.76 -27.43 13.68
CA MET D 416 41.82 -28.13 12.98
C MET D 416 41.38 -29.50 12.45
N LYS D 417 40.11 -29.85 12.60
CA LYS D 417 39.61 -31.17 12.24
C LYS D 417 38.98 -31.15 10.86
N GLY D 418 39.26 -32.20 10.09
CA GLY D 418 38.60 -32.42 8.82
C GLY D 418 39.16 -31.61 7.66
N ASN D 419 38.42 -31.70 6.55
CA ASN D 419 38.83 -31.03 5.31
C ASN D 419 38.87 -29.53 5.49
N ALA D 420 37.93 -28.97 6.27
CA ALA D 420 37.92 -27.53 6.48
C ALA D 420 39.20 -27.06 7.17
N GLY D 421 39.61 -27.76 8.22
CA GLY D 421 40.83 -27.39 8.91
C GLY D 421 42.06 -27.60 8.05
N LYS D 422 42.10 -28.70 7.30
CA LYS D 422 43.23 -28.95 6.40
C LYS D 422 43.33 -27.83 5.37
N ARG D 423 42.20 -27.42 4.79
CA ARG D 423 42.19 -26.32 3.84
C ARG D 423 42.62 -25.02 4.50
N LEU D 424 42.21 -24.80 5.75
CA LEU D 424 42.65 -23.59 6.46
C LEU D 424 44.16 -23.52 6.56
N ILE D 425 44.78 -24.61 7.05
CA ILE D 425 46.23 -24.60 7.24
C ILE D 425 46.95 -24.52 5.90
N ASN D 426 46.52 -25.32 4.92
CA ASN D 426 47.16 -25.32 3.61
C ASN D 426 47.03 -23.96 2.93
N GLY D 427 45.85 -23.34 3.02
CA GLY D 427 45.65 -22.03 2.42
C GLY D 427 46.51 -20.97 3.09
N SER D 428 46.67 -21.06 4.41
CA SER D 428 47.56 -20.12 5.09
C SER D 428 49.01 -20.28 4.61
N ILE D 429 49.46 -21.52 4.49
CA ILE D 429 50.82 -21.77 4.01
C ILE D 429 51.01 -21.25 2.59
N GLU D 430 50.02 -21.52 1.72
CA GLU D 430 50.10 -21.10 0.32
C GLU D 430 50.04 -19.58 0.20
N ARG D 431 49.22 -18.92 1.02
CA ARG D 431 49.16 -17.47 1.03
C ARG D 431 50.51 -16.88 1.44
N ALA D 432 51.15 -17.45 2.46
CA ALA D 432 52.47 -16.95 2.86
C ALA D 432 53.50 -17.14 1.75
N ILE D 433 53.47 -18.30 1.08
CA ILE D 433 54.42 -18.56 0.00
C ILE D 433 54.18 -17.61 -1.17
N ARG D 434 52.90 -17.36 -1.49
CA ARG D 434 52.58 -16.43 -2.58
C ARG D 434 53.06 -15.02 -2.26
N PHE D 435 52.88 -14.59 -1.01
CA PHE D 435 53.36 -13.27 -0.60
C PHE D 435 54.87 -13.19 -0.71
N ARG D 436 55.58 -14.24 -0.29
CA ARG D 436 57.03 -14.25 -0.39
C ARG D 436 57.48 -14.15 -1.84
N LYS D 437 56.84 -14.92 -2.73
CA LYS D 437 57.19 -14.87 -4.14
C LYS D 437 56.89 -13.51 -4.74
N GLU D 438 55.79 -12.88 -4.33
CA GLU D 438 55.45 -11.57 -4.84
C GLU D 438 56.44 -10.52 -4.37
N ILE D 439 56.91 -10.62 -3.13
CA ILE D 439 57.93 -9.71 -2.64
C ILE D 439 59.20 -9.85 -3.47
N LYS D 440 59.61 -11.10 -3.76
CA LYS D 440 60.78 -11.31 -4.60
C LYS D 440 60.59 -10.72 -6.00
N ARG D 441 59.42 -10.95 -6.59
CA ARG D 441 59.14 -10.46 -7.92
C ARG D 441 59.14 -8.93 -7.98
N LEU D 442 58.53 -8.29 -6.98
CA LEU D 442 58.54 -6.83 -6.92
C LEU D 442 59.95 -6.29 -6.74
N ASN D 443 60.75 -6.97 -5.92
CA ASN D 443 62.15 -6.55 -5.74
C ASN D 443 62.90 -6.63 -7.06
N SER D 444 62.68 -7.70 -7.82
CA SER D 444 63.38 -7.87 -9.09
C SER D 444 63.04 -6.77 -10.09
N GLU D 445 61.76 -6.42 -10.19
CA GLU D 445 61.31 -5.42 -11.15
C GLU D 445 61.35 -4.00 -10.60
N SER D 446 61.83 -3.81 -9.38
CA SER D 446 61.97 -2.47 -8.83
C SER D 446 63.30 -1.85 -9.27
N GLU D 447 63.25 -0.59 -9.67
CA GLU D 447 64.46 0.17 -9.98
C GLU D 447 64.85 0.93 -8.73
N GLY D 448 65.93 0.52 -8.10
CA GLY D 448 66.35 1.08 -6.84
C GLY D 448 66.07 0.15 -5.68
N TRP D 449 66.01 0.75 -4.49
CA TRP D 449 65.81 -0.01 -3.27
C TRP D 449 64.38 -0.56 -3.20
N PHE D 450 64.25 -1.76 -2.65
CA PHE D 450 62.94 -2.32 -2.34
C PHE D 450 63.11 -3.36 -1.25
N PHE D 451 62.01 -3.62 -0.54
CA PHE D 451 62.02 -4.60 0.54
C PHE D 451 62.38 -5.98 0.00
N ASP D 452 63.16 -6.71 0.78
CA ASP D 452 63.51 -8.10 0.49
C ASP D 452 62.91 -9.00 1.56
N VAL D 453 62.85 -10.29 1.25
CA VAL D 453 62.32 -11.29 2.16
C VAL D 453 63.44 -12.27 2.51
N TRP D 454 63.61 -12.53 3.79
CA TRP D 454 64.68 -13.38 4.33
C TRP D 454 64.30 -14.84 4.10
N GLN D 455 64.78 -15.41 3.00
CA GLN D 455 64.37 -16.75 2.58
C GLN D 455 65.39 -17.27 1.58
N PRO D 456 65.30 -18.56 1.22
CA PRO D 456 66.12 -19.07 0.11
C PRO D 456 65.73 -18.44 -1.21
N GLU D 457 66.67 -18.50 -2.16
CA GLU D 457 66.53 -17.77 -3.42
C GLU D 457 65.37 -18.29 -4.27
N GLY D 458 65.20 -19.60 -4.35
CA GLY D 458 64.24 -20.16 -5.30
C GLY D 458 63.07 -20.93 -4.72
N ILE D 459 62.41 -20.41 -3.69
CA ILE D 459 61.30 -21.12 -3.07
C ILE D 459 60.24 -21.43 -4.12
N ASP D 460 59.87 -22.70 -4.22
CA ASP D 460 58.86 -23.13 -5.18
C ASP D 460 57.65 -23.77 -4.50
N GLU D 461 57.83 -24.84 -3.74
CA GLU D 461 56.73 -25.61 -3.19
C GLU D 461 56.61 -25.37 -1.69
N ALA D 462 55.48 -25.84 -1.15
CA ALA D 462 55.19 -25.68 0.28
C ALA D 462 56.02 -26.66 1.08
N LYS D 463 56.96 -26.14 1.86
CA LYS D 463 57.82 -26.95 2.71
C LYS D 463 58.60 -26.01 3.63
N CYS D 464 59.13 -26.59 4.70
CA CYS D 464 60.06 -25.87 5.57
C CYS D 464 61.43 -25.91 4.92
N TRP D 465 61.88 -24.77 4.42
CA TRP D 465 63.11 -24.72 3.65
C TRP D 465 64.33 -24.93 4.55
N PRO D 466 65.19 -25.90 4.25
CA PRO D 466 66.38 -26.11 5.07
C PRO D 466 67.40 -24.99 4.92
N LEU D 467 68.17 -24.78 5.98
CA LEU D 467 69.25 -23.80 5.99
C LEU D 467 70.56 -24.56 5.78
N ASP D 468 71.14 -24.43 4.59
CA ASP D 468 72.34 -25.16 4.24
C ASP D 468 73.56 -24.27 4.37
N SER D 469 74.72 -24.89 4.60
CA SER D 469 75.95 -24.14 4.77
C SER D 469 76.44 -23.52 3.45
N LYS D 470 76.05 -24.10 2.32
CA LYS D 470 76.48 -23.55 1.03
C LYS D 470 75.86 -22.18 0.78
N ASP D 471 74.57 -22.04 1.09
CA ASP D 471 73.87 -20.78 0.86
C ASP D 471 74.23 -19.74 1.92
N ASN D 472 74.01 -18.47 1.58
CA ASN D 472 74.33 -17.37 2.48
C ASN D 472 73.14 -16.44 2.69
N TRP D 473 71.93 -16.86 2.34
CA TRP D 473 70.78 -16.01 2.55
C TRP D 473 70.50 -15.83 4.04
N HIS D 474 70.65 -16.88 4.84
CA HIS D 474 70.32 -16.80 6.25
C HIS D 474 71.35 -16.05 7.08
N GLY D 475 72.58 -15.91 6.59
CA GLY D 475 73.58 -15.13 7.29
C GLY D 475 74.27 -15.82 8.43
N PHE D 476 74.01 -17.11 8.66
CA PHE D 476 74.67 -17.85 9.72
C PHE D 476 75.97 -18.44 9.21
N LYS D 477 76.98 -18.48 10.08
CA LYS D 477 78.32 -18.92 9.72
C LYS D 477 78.55 -20.35 10.17
N ASP D 478 78.90 -21.21 9.22
CA ASP D 478 79.21 -22.62 9.48
C ASP D 478 78.05 -23.31 10.21
N ILE D 479 76.92 -23.38 9.53
CA ILE D 479 75.71 -23.97 10.09
C ILE D 479 75.72 -25.47 9.82
N ASP D 480 75.09 -26.21 10.73
CA ASP D 480 74.94 -27.65 10.55
C ASP D 480 73.87 -27.95 9.50
N ASN D 481 74.10 -28.98 8.72
CA ASN D 481 73.17 -29.36 7.67
C ASN D 481 72.07 -30.25 8.22
N ASP D 482 70.88 -30.13 7.61
CA ASP D 482 69.69 -30.88 8.03
C ASP D 482 69.38 -30.61 9.50
N HIS D 483 69.59 -29.36 9.92
CA HIS D 483 69.46 -28.97 11.31
C HIS D 483 68.36 -27.94 11.53
N MET D 484 68.39 -26.82 10.80
CA MET D 484 67.41 -25.76 10.95
C MET D 484 66.61 -25.58 9.67
N TYR D 485 65.31 -25.35 9.82
CA TYR D 485 64.39 -25.18 8.71
C TYR D 485 63.57 -23.91 8.91
N LEU D 486 63.32 -23.18 7.82
CA LEU D 486 62.57 -21.94 7.89
C LEU D 486 61.08 -22.21 7.74
N ASP D 487 60.31 -21.72 8.69
CA ASP D 487 58.85 -21.84 8.65
C ASP D 487 58.28 -20.85 7.64
N PRO D 488 57.55 -21.30 6.62
CA PRO D 488 57.01 -20.35 5.64
C PRO D 488 55.99 -19.37 6.20
N ILE D 489 55.34 -19.71 7.32
CA ILE D 489 54.32 -18.83 7.89
C ILE D 489 54.93 -17.52 8.39
N LYS D 490 56.09 -17.60 9.02
CA LYS D 490 56.75 -16.43 9.63
C LYS D 490 57.54 -15.70 8.55
N VAL D 491 57.01 -14.58 8.06
CA VAL D 491 57.61 -13.88 6.92
C VAL D 491 58.41 -12.69 7.44
N THR D 492 59.72 -12.74 7.23
CA THR D 492 60.59 -11.64 7.62
C THR D 492 60.91 -10.80 6.39
N LEU D 493 60.56 -9.52 6.44
CA LEU D 493 60.88 -8.57 5.39
C LEU D 493 62.11 -7.77 5.81
N LEU D 494 63.03 -7.60 4.87
CA LEU D 494 64.28 -6.91 5.14
C LEU D 494 64.25 -5.51 4.52
N THR D 495 64.62 -4.53 5.31
CA THR D 495 64.80 -3.19 4.79
C THR D 495 66.27 -2.96 4.43
N PRO D 496 66.56 -2.10 3.46
CA PRO D 496 67.96 -1.88 3.06
C PRO D 496 68.78 -1.28 4.18
N GLY D 497 70.07 -1.58 4.18
CA GLY D 497 70.97 -1.09 5.20
C GLY D 497 72.07 -2.07 5.57
N MET D 498 71.87 -3.35 5.25
CA MET D 498 72.86 -4.38 5.48
C MET D 498 73.30 -4.96 4.14
N GLN D 499 74.54 -5.43 4.10
CA GLN D 499 75.10 -6.03 2.90
C GLN D 499 75.14 -7.55 3.02
N LYS D 500 75.46 -8.21 1.91
CA LYS D 500 75.46 -9.66 1.88
C LYS D 500 76.54 -10.26 2.77
N ASP D 501 77.61 -9.52 3.02
CA ASP D 501 78.71 -10.02 3.84
C ASP D 501 78.52 -9.72 5.32
N GLY D 502 77.45 -9.03 5.70
CA GLY D 502 77.18 -8.71 7.08
C GLY D 502 77.54 -7.30 7.51
N SER D 503 78.25 -6.56 6.66
CA SER D 503 78.58 -5.18 6.99
C SER D 503 77.45 -4.25 6.59
N MET D 504 77.50 -3.03 7.13
CA MET D 504 76.47 -2.03 6.85
C MET D 504 76.73 -1.35 5.52
N ALA D 505 75.64 -0.93 4.87
CA ALA D 505 75.71 -0.17 3.64
C ALA D 505 75.85 1.32 3.96
N ASP D 506 76.18 2.09 2.93
CA ASP D 506 76.32 3.53 3.12
C ASP D 506 75.01 4.17 3.54
N THR D 507 73.91 3.78 2.90
CA THR D 507 72.58 4.25 3.26
C THR D 507 71.75 3.07 3.74
N GLY D 508 70.71 3.37 4.50
CA GLY D 508 69.82 2.35 5.01
C GLY D 508 68.56 2.96 5.57
N ILE D 509 67.51 2.15 5.57
CA ILE D 509 66.23 2.55 6.12
C ILE D 509 65.92 1.69 7.33
N PRO D 510 66.04 2.22 8.55
CA PRO D 510 65.70 1.43 9.74
C PRO D 510 64.24 0.98 9.70
N ALA D 511 64.02 -0.29 10.00
CA ALA D 511 62.70 -0.89 9.86
C ALA D 511 61.67 -0.29 10.82
N SER D 512 62.11 0.37 11.88
CA SER D 512 61.19 0.99 12.82
C SER D 512 60.39 2.11 12.15
N ILE D 513 61.03 2.85 11.23
CA ILE D 513 60.32 3.90 10.51
C ILE D 513 59.23 3.31 9.64
N VAL D 514 59.53 2.22 8.92
CA VAL D 514 58.52 1.55 8.12
C VAL D 514 57.41 0.99 9.01
N SER D 515 57.77 0.50 10.19
CA SER D 515 56.77 0.00 11.12
C SER D 515 55.82 1.11 11.57
N LYS D 516 56.38 2.28 11.89
CA LYS D 516 55.54 3.42 12.24
C LYS D 516 54.65 3.83 11.08
N TYR D 517 55.19 3.82 9.86
CA TYR D 517 54.41 4.18 8.69
C TYR D 517 53.25 3.21 8.49
N LEU D 518 53.49 1.91 8.64
CA LEU D 518 52.43 0.93 8.51
C LEU D 518 51.39 1.11 9.62
N ASP D 519 51.84 1.42 10.83
CA ASP D 519 50.89 1.66 11.92
C ASP D 519 50.01 2.87 11.62
N GLU D 520 50.59 3.92 11.03
CA GLU D 520 49.81 5.09 10.65
C GLU D 520 48.77 4.75 9.60
N HIS D 521 49.04 3.75 8.76
CA HIS D 521 48.12 3.32 7.72
C HIS D 521 47.42 2.02 8.06
N GLY D 522 47.18 1.76 9.35
CA GLY D 522 46.35 0.65 9.76
C GLY D 522 46.93 -0.74 9.62
N ILE D 523 48.25 -0.87 9.70
CA ILE D 523 48.90 -2.18 9.60
C ILE D 523 49.82 -2.36 10.79
N ILE D 524 49.63 -3.45 11.53
CA ILE D 524 50.38 -3.71 12.75
C ILE D 524 51.35 -4.86 12.48
N VAL D 525 52.65 -4.55 12.50
CA VAL D 525 53.64 -5.61 12.40
C VAL D 525 53.72 -6.36 13.73
N GLU D 526 54.20 -7.60 13.66
CA GLU D 526 54.37 -8.39 14.87
C GLU D 526 55.49 -7.83 15.74
N LYS D 527 56.66 -7.58 15.15
CA LYS D 527 57.78 -7.01 15.85
C LYS D 527 58.74 -6.43 14.83
N THR D 528 59.62 -5.54 15.30
CA THR D 528 60.54 -4.84 14.43
C THR D 528 61.95 -4.91 14.98
N GLY D 529 62.89 -5.35 14.14
CA GLY D 529 64.29 -5.29 14.46
C GLY D 529 64.91 -4.06 13.84
N PRO D 530 66.24 -3.94 13.92
CA PRO D 530 66.90 -2.77 13.32
C PRO D 530 66.64 -2.64 11.82
N TYR D 531 66.64 -3.76 11.10
CA TYR D 531 66.42 -3.74 9.66
C TYR D 531 65.51 -4.87 9.19
N ASN D 532 64.74 -5.47 10.09
CA ASN D 532 63.85 -6.57 9.75
C ASN D 532 62.48 -6.35 10.37
N MET D 533 61.47 -6.93 9.73
CA MET D 533 60.09 -6.86 10.21
C MET D 533 59.47 -8.23 10.10
N LEU D 534 58.79 -8.67 11.15
CA LEU D 534 58.14 -9.97 11.15
C LEU D 534 56.64 -9.79 10.92
N PHE D 535 56.12 -10.55 9.95
CA PHE D 535 54.69 -10.61 9.68
C PHE D 535 54.24 -12.05 9.84
N LEU D 536 53.17 -12.25 10.59
CA LEU D 536 52.62 -13.58 10.81
C LEU D 536 51.51 -13.83 9.80
N PHE D 537 51.70 -14.82 8.94
CA PHE D 537 50.69 -15.19 7.96
C PHE D 537 49.89 -16.38 8.49
N SER D 538 49.19 -16.12 9.57
CA SER D 538 48.41 -17.13 10.26
C SER D 538 47.11 -17.42 9.51
N ILE D 539 46.30 -18.30 10.10
CA ILE D 539 45.01 -18.66 9.53
C ILE D 539 44.07 -17.47 9.45
N GLY D 540 44.35 -16.40 10.21
CA GLY D 540 43.56 -15.20 10.18
C GLY D 540 43.92 -14.19 9.12
N ILE D 541 44.95 -14.46 8.31
CA ILE D 541 45.36 -13.55 7.24
C ILE D 541 44.72 -14.03 5.95
N ASP D 542 44.02 -13.13 5.28
CA ASP D 542 43.33 -13.39 4.02
C ASP D 542 43.97 -12.60 2.88
N LYS D 543 43.37 -12.73 1.68
CA LYS D 543 43.92 -12.07 0.50
C LYS D 543 43.83 -10.55 0.62
N THR D 544 42.76 -10.04 1.22
CA THR D 544 42.59 -8.60 1.39
C THR D 544 43.73 -8.00 2.18
N LYS D 545 44.10 -8.64 3.30
CA LYS D 545 45.15 -8.09 4.15
C LYS D 545 46.53 -8.19 3.48
N ALA D 546 46.79 -9.27 2.76
CA ALA D 546 48.07 -9.38 2.06
C ALA D 546 48.20 -8.32 0.97
N LEU D 547 47.13 -8.11 0.20
CA LEU D 547 47.17 -7.08 -0.83
C LEU D 547 47.29 -5.69 -0.22
N SER D 548 46.62 -5.46 0.91
CA SER D 548 46.74 -4.18 1.61
C SER D 548 48.17 -3.96 2.09
N LEU D 549 48.82 -5.01 2.60
CA LEU D 549 50.21 -4.90 3.01
C LEU D 549 51.11 -4.54 1.83
N LEU D 550 50.91 -5.19 0.69
CA LEU D 550 51.70 -4.86 -0.50
C LEU D 550 51.49 -3.41 -0.91
N ARG D 551 50.24 -2.96 -0.92
CA ARG D 551 49.94 -1.58 -1.30
C ARG D 551 50.60 -0.59 -0.35
N ALA D 552 50.57 -0.89 0.96
CA ALA D 552 51.17 0.00 1.94
C ALA D 552 52.69 0.05 1.79
N LEU D 553 53.32 -1.10 1.51
CA LEU D 553 54.77 -1.09 1.29
C LEU D 553 55.15 -0.28 0.07
N THR D 554 54.39 -0.45 -1.03
CA THR D 554 54.66 0.34 -2.23
C THR D 554 54.46 1.83 -1.97
N ASP D 555 53.42 2.18 -1.20
CA ASP D 555 53.18 3.58 -0.87
C ASP D 555 54.30 4.14 -0.01
N PHE D 556 54.82 3.35 0.93
CA PHE D 556 55.97 3.81 1.71
C PHE D 556 57.16 4.07 0.81
N LYS D 557 57.44 3.16 -0.12
CA LYS D 557 58.58 3.36 -1.01
C LYS D 557 58.41 4.63 -1.83
N ARG D 558 57.20 4.86 -2.36
CA ARG D 558 56.94 6.06 -3.13
C ARG D 558 57.13 7.31 -2.27
N SER D 559 56.58 7.31 -1.06
CA SER D 559 56.70 8.46 -0.18
C SER D 559 58.15 8.74 0.19
N TYR D 560 58.91 7.70 0.51
CA TYR D 560 60.31 7.86 0.88
C TYR D 560 61.13 8.38 -0.30
N ASP D 561 60.87 7.86 -1.50
CA ASP D 561 61.60 8.34 -2.67
C ASP D 561 61.27 9.80 -2.95
N LEU D 562 60.01 10.19 -2.78
CA LEU D 562 59.64 11.60 -2.90
C LEU D 562 60.22 12.45 -1.77
N ASN D 563 60.69 11.83 -0.69
CA ASN D 563 61.27 12.53 0.46
C ASN D 563 60.25 13.50 1.08
N LEU D 564 59.12 12.95 1.46
CA LEU D 564 58.06 13.75 2.05
C LEU D 564 58.46 14.24 3.44
N ARG D 565 57.76 15.26 3.91
CA ARG D 565 58.02 15.80 5.23
C ARG D 565 57.54 14.85 6.31
N VAL D 566 58.30 14.77 7.40
CA VAL D 566 57.96 13.89 8.51
C VAL D 566 56.61 14.27 9.11
N LYS D 567 56.28 15.57 9.09
CA LYS D 567 55.00 16.03 9.61
C LYS D 567 53.83 15.34 8.90
N ASN D 568 53.90 15.23 7.58
CA ASN D 568 52.82 14.66 6.79
C ASN D 568 52.94 13.14 6.66
N MET D 569 54.16 12.62 6.52
CA MET D 569 54.34 11.19 6.30
C MET D 569 54.13 10.39 7.58
N LEU D 570 54.58 10.92 8.72
CA LEU D 570 54.43 10.26 10.01
C LEU D 570 53.81 11.25 11.00
N PRO D 571 52.51 11.50 10.90
CA PRO D 571 51.88 12.49 11.78
C PRO D 571 52.04 12.20 13.27
N SER D 572 51.95 10.95 13.69
CA SER D 572 52.10 10.62 15.11
C SER D 572 53.53 10.90 15.58
N LEU D 573 54.53 10.55 14.78
CA LEU D 573 55.91 10.81 15.15
C LEU D 573 56.17 12.30 15.32
N TYR D 574 55.65 13.11 14.40
CA TYR D 574 55.78 14.55 14.55
C TYR D 574 55.02 15.05 15.77
N ARG D 575 53.85 14.47 16.06
CA ARG D 575 53.11 14.85 17.24
C ARG D 575 53.89 14.54 18.52
N GLU D 576 54.80 13.57 18.45
CA GLU D 576 55.64 13.28 19.61
C GLU D 576 56.54 14.46 19.96
N ASP D 577 57.11 15.11 18.95
CA ASP D 577 57.99 16.26 19.16
C ASP D 577 57.91 17.17 17.95
N PRO D 578 56.90 18.05 17.89
CA PRO D 578 56.71 18.89 16.70
C PRO D 578 57.88 19.82 16.40
N GLU D 579 58.57 20.32 17.43
CA GLU D 579 59.67 21.24 17.20
C GLU D 579 60.85 20.53 16.56
N PHE D 580 61.13 19.30 16.98
CA PHE D 580 62.29 18.58 16.45
C PHE D 580 62.04 18.08 15.03
N TYR D 581 60.79 17.79 14.69
CA TYR D 581 60.42 17.26 13.38
C TYR D 581 59.72 18.30 12.51
N GLU D 582 59.90 19.59 12.81
CA GLU D 582 59.15 20.63 12.12
C GLU D 582 59.49 20.67 10.62
N ASN D 583 60.77 20.61 10.29
CA ASN D 583 61.21 20.70 8.90
C ASN D 583 61.91 19.46 8.41
N MET D 584 62.05 18.42 9.24
CA MET D 584 62.73 17.22 8.82
C MET D 584 61.95 16.46 7.77
N ARG D 585 62.69 15.84 6.86
CA ARG D 585 62.16 14.97 5.82
C ARG D 585 62.46 13.52 6.17
N ILE D 586 61.70 12.61 5.57
CA ILE D 586 61.79 11.20 5.94
C ILE D 586 63.19 10.65 5.63
N GLN D 587 63.77 11.06 4.50
CA GLN D 587 65.08 10.56 4.13
C GLN D 587 66.15 11.03 5.13
N GLU D 588 66.07 12.28 5.58
CA GLU D 588 67.08 12.77 6.51
C GLU D 588 66.95 12.06 7.86
N LEU D 589 65.73 11.81 8.33
CA LEU D 589 65.55 11.08 9.58
C LEU D 589 66.07 9.65 9.46
N ALA D 590 65.72 8.97 8.37
CA ALA D 590 66.19 7.60 8.17
C ALA D 590 67.71 7.55 8.07
N GLN D 591 68.30 8.50 7.35
CA GLN D 591 69.75 8.51 7.21
C GLN D 591 70.44 8.87 8.51
N GLY D 592 69.83 9.72 9.34
CA GLY D 592 70.40 9.99 10.65
C GLY D 592 70.42 8.76 11.53
N ILE D 593 69.30 8.03 11.57
CA ILE D 593 69.26 6.81 12.38
C ILE D 593 70.23 5.77 11.84
N HIS D 594 70.28 5.61 10.51
CA HIS D 594 71.22 4.67 9.91
C HIS D 594 72.66 5.07 10.18
N ALA D 595 72.95 6.37 10.13
CA ALA D 595 74.30 6.86 10.40
C ALA D 595 74.69 6.59 11.84
N LEU D 596 73.77 6.78 12.78
CA LEU D 596 74.05 6.45 14.17
C LEU D 596 74.36 4.96 14.31
N ILE D 597 73.54 4.10 13.69
CA ILE D 597 73.76 2.66 13.79
C ILE D 597 75.10 2.27 13.17
N GLN D 598 75.42 2.85 12.03
CA GLN D 598 76.65 2.50 11.32
C GLN D 598 77.89 3.00 12.06
N HIS D 599 77.87 4.26 12.48
CA HIS D 599 79.03 4.82 13.18
C HIS D 599 79.26 4.12 14.51
N HIS D 600 78.20 3.74 15.21
CA HIS D 600 78.38 2.99 16.45
C HIS D 600 78.56 1.51 16.21
N ASN D 601 78.44 1.04 14.97
CA ASN D 601 78.61 -0.35 14.60
C ASN D 601 77.73 -1.27 15.46
N LEU D 602 76.42 -1.05 15.35
CA LEU D 602 75.47 -1.84 16.13
C LEU D 602 75.51 -3.33 15.81
N PRO D 603 75.53 -3.77 14.54
CA PRO D 603 75.51 -5.23 14.31
C PRO D 603 76.69 -5.97 14.91
N ASP D 604 77.91 -5.48 14.69
CA ASP D 604 79.09 -6.16 15.24
C ASP D 604 79.08 -6.14 16.77
N LEU D 605 78.71 -5.00 17.35
CA LEU D 605 78.67 -4.91 18.82
C LEU D 605 77.63 -5.86 19.41
N MET D 606 76.44 -5.91 18.80
CA MET D 606 75.40 -6.81 19.29
C MET D 606 75.84 -8.26 19.17
N TYR D 607 76.41 -8.62 18.02
CA TYR D 607 76.84 -9.99 17.81
C TYR D 607 77.91 -10.39 18.83
N ARG D 608 78.91 -9.53 19.05
CA ARG D 608 79.96 -9.85 20.00
C ARG D 608 79.41 -9.91 21.43
N ALA D 609 78.51 -8.99 21.78
CA ALA D 609 77.94 -8.97 23.12
C ALA D 609 77.14 -10.22 23.40
N PHE D 610 76.53 -10.82 22.37
CA PHE D 610 75.76 -12.04 22.56
C PHE D 610 76.55 -13.29 22.23
N GLU D 611 77.86 -13.17 22.03
CA GLU D 611 78.73 -14.33 21.81
C GLU D 611 79.44 -14.80 23.07
N VAL D 612 79.73 -13.89 23.99
CA VAL D 612 80.42 -14.21 25.24
C VAL D 612 79.39 -14.32 26.34
N LEU D 613 79.50 -15.38 27.12
CA LEU D 613 78.54 -15.61 28.20
C LEU D 613 79.04 -14.99 29.50
N PRO D 614 78.27 -14.12 30.14
CA PRO D 614 78.68 -13.60 31.45
C PRO D 614 78.82 -14.73 32.47
N THR D 615 79.75 -14.54 33.40
CA THR D 615 80.02 -15.57 34.40
C THR D 615 78.87 -15.67 35.39
N MET D 616 78.53 -16.90 35.76
CA MET D 616 77.43 -17.17 36.68
C MET D 616 77.97 -17.28 38.09
N VAL D 617 77.89 -16.19 38.84
CA VAL D 617 78.28 -16.22 40.25
C VAL D 617 77.28 -17.03 41.06
N MET D 618 75.99 -16.83 40.83
CA MET D 618 74.94 -17.53 41.52
C MET D 618 73.76 -17.68 40.57
N ASN D 619 72.90 -18.65 40.86
CA ASN D 619 71.73 -18.86 40.03
C ASN D 619 70.73 -17.72 40.23
N PRO D 620 69.79 -17.55 39.29
CA PRO D 620 68.83 -16.43 39.41
C PRO D 620 68.02 -16.46 40.69
N HIS D 621 67.74 -17.65 41.24
CA HIS D 621 66.96 -17.74 42.47
C HIS D 621 67.68 -17.07 43.64
N ALA D 622 68.98 -17.31 43.77
CA ALA D 622 69.75 -16.69 44.86
C ALA D 622 69.80 -15.17 44.71
N ALA D 623 70.01 -14.69 43.48
CA ALA D 623 70.05 -13.25 43.25
C ALA D 623 68.71 -12.61 43.55
N PHE D 624 67.61 -13.26 43.14
CA PHE D 624 66.29 -12.73 43.45
C PHE D 624 66.00 -12.76 44.93
N GLN D 625 66.51 -13.76 45.65
CA GLN D 625 66.33 -13.80 47.10
C GLN D 625 67.09 -12.66 47.77
N MET D 626 68.30 -12.36 47.32
CA MET D 626 69.01 -11.20 47.87
C MET D 626 68.31 -9.89 47.51
N GLU D 627 67.70 -9.83 46.32
CA GLU D 627 66.94 -8.64 45.94
C GLU D 627 65.73 -8.44 46.85
N LEU D 628 65.00 -9.53 47.14
CA LEU D 628 63.83 -9.44 48.00
C LEU D 628 64.17 -9.07 49.43
N ARG D 629 65.41 -9.31 49.85
CA ARG D 629 65.87 -8.98 51.18
C ARG D 629 66.40 -7.55 51.29
N GLY D 630 66.36 -6.79 50.20
CA GLY D 630 66.84 -5.43 50.21
C GLY D 630 68.34 -5.27 50.08
N GLN D 631 69.05 -6.31 49.66
CA GLN D 631 70.51 -6.29 49.55
C GLN D 631 70.98 -5.84 48.17
N THR D 632 70.22 -4.97 47.52
CA THR D 632 70.52 -4.50 46.17
C THR D 632 70.71 -2.99 46.17
N GLU D 633 71.62 -2.53 45.32
CA GLU D 633 71.89 -1.10 45.16
C GLU D 633 71.91 -0.76 43.68
N GLU D 634 71.53 0.48 43.37
CA GLU D 634 71.45 0.95 42.00
C GLU D 634 72.75 1.66 41.62
N VAL D 635 73.48 1.09 40.67
CA VAL D 635 74.72 1.68 40.19
C VAL D 635 74.53 2.09 38.73
N TYR D 636 75.49 2.84 38.21
CA TYR D 636 75.42 3.29 36.83
C TYR D 636 75.93 2.20 35.89
N LEU D 637 75.67 2.39 34.59
CA LEU D 637 76.00 1.37 33.61
C LEU D 637 77.50 1.09 33.56
N GLU D 638 78.32 2.14 33.59
CA GLU D 638 79.76 1.95 33.48
C GLU D 638 80.38 1.28 34.69
N GLU D 639 79.66 1.18 35.81
CA GLU D 639 80.18 0.59 37.03
C GLU D 639 79.74 -0.84 37.25
N MET D 640 79.19 -1.50 36.23
CA MET D 640 78.62 -2.84 36.43
C MET D 640 79.65 -3.96 36.27
N ILE D 641 80.87 -3.65 35.83
CA ILE D 641 81.90 -4.69 35.80
C ILE D 641 82.21 -5.14 37.21
N GLY D 642 82.23 -6.46 37.42
CA GLY D 642 82.49 -7.00 38.73
C GLY D 642 81.31 -6.98 39.66
N LYS D 643 80.12 -6.62 39.19
CA LYS D 643 78.92 -6.56 40.00
C LYS D 643 77.99 -7.69 39.59
N VAL D 644 77.42 -8.37 40.59
CA VAL D 644 76.46 -9.43 40.34
C VAL D 644 75.11 -8.80 40.03
N ASN D 645 74.58 -9.06 38.84
CA ASN D 645 73.33 -8.45 38.41
C ASN D 645 72.16 -9.01 39.21
N ALA D 646 71.29 -8.13 39.68
CA ALA D 646 70.13 -8.55 40.45
C ALA D 646 68.93 -8.89 39.59
N ASN D 647 68.84 -8.35 38.38
CA ASN D 647 67.69 -8.57 37.50
C ASN D 647 68.17 -9.00 36.12
N MET D 648 67.21 -9.33 35.27
CA MET D 648 67.49 -9.69 33.90
C MET D 648 67.63 -8.42 33.07
N ILE D 649 68.64 -8.37 32.22
CA ILE D 649 68.83 -7.27 31.29
C ILE D 649 68.41 -7.76 29.92
N LEU D 650 67.25 -7.29 29.44
CA LEU D 650 66.69 -7.70 28.16
C LEU D 650 66.57 -6.46 27.26
N PRO D 651 67.53 -6.23 26.37
CA PRO D 651 67.48 -5.05 25.52
C PRO D 651 66.78 -5.31 24.18
N TYR D 652 66.36 -4.20 23.56
CA TYR D 652 65.76 -4.23 22.22
C TYR D 652 66.53 -3.23 21.36
N PRO D 653 67.23 -3.67 20.32
CA PRO D 653 67.38 -5.05 19.82
C PRO D 653 68.35 -5.85 20.68
N PRO D 654 68.45 -7.18 20.51
CA PRO D 654 67.71 -8.05 19.60
C PRO D 654 66.44 -8.62 20.21
N GLY D 655 66.08 -8.23 21.42
CA GLY D 655 64.87 -8.72 22.06
C GLY D 655 65.03 -10.02 22.82
N VAL D 656 66.25 -10.40 23.16
CA VAL D 656 66.48 -11.62 23.95
C VAL D 656 67.36 -11.25 25.14
N PRO D 657 67.32 -11.98 26.24
CA PRO D 657 68.08 -11.56 27.42
C PRO D 657 69.58 -11.65 27.18
N LEU D 658 70.29 -10.61 27.64
CA LEU D 658 71.74 -10.54 27.55
C LEU D 658 72.43 -10.88 28.86
N VAL D 659 71.85 -10.45 29.99
CA VAL D 659 72.39 -10.72 31.31
C VAL D 659 71.27 -11.31 32.17
N MET D 660 71.57 -12.40 32.84
CA MET D 660 70.64 -13.08 33.73
C MET D 660 70.90 -12.69 35.17
N PRO D 661 69.90 -12.77 36.05
CA PRO D 661 70.15 -12.51 37.47
C PRO D 661 71.18 -13.46 38.02
N GLY D 662 72.10 -12.92 38.82
CA GLY D 662 73.20 -13.71 39.34
C GLY D 662 74.38 -13.84 38.43
N GLU D 663 74.47 -13.01 37.39
CA GLU D 663 75.59 -13.02 36.46
C GLU D 663 76.42 -11.76 36.63
N MET D 664 77.71 -11.90 36.37
CA MET D 664 78.67 -10.81 36.53
C MET D 664 79.32 -10.49 35.20
N LEU D 665 79.50 -9.20 34.93
CA LEU D 665 80.24 -8.75 33.76
C LEU D 665 81.70 -8.57 34.13
N THR D 666 82.58 -9.19 33.37
CA THR D 666 84.02 -9.10 33.57
C THR D 666 84.66 -8.46 32.34
N GLU D 667 86.00 -8.46 32.32
CA GLU D 667 86.72 -7.92 31.17
C GLU D 667 86.44 -8.74 29.92
N GLU D 668 86.28 -10.05 30.06
CA GLU D 668 85.93 -10.89 28.92
C GLU D 668 84.54 -10.55 28.39
N SER D 669 83.60 -10.25 29.29
CA SER D 669 82.24 -9.92 28.92
C SER D 669 81.99 -8.41 28.83
N ARG D 670 83.05 -7.62 28.66
CA ARG D 670 82.88 -6.20 28.44
C ARG D 670 82.07 -5.84 27.19
N PRO D 671 82.05 -6.64 26.11
CA PRO D 671 81.17 -6.30 24.98
C PRO D 671 79.72 -6.14 25.37
N VAL D 672 79.24 -6.83 26.42
CA VAL D 672 77.87 -6.62 26.88
C VAL D 672 77.68 -5.17 27.32
N LEU D 673 78.63 -4.66 28.12
CA LEU D 673 78.53 -3.27 28.58
C LEU D 673 78.66 -2.30 27.41
N GLU D 674 79.57 -2.56 26.47
CA GLU D 674 79.70 -1.65 25.35
C GLU D 674 78.42 -1.61 24.51
N PHE D 675 77.81 -2.77 24.27
CA PHE D 675 76.56 -2.81 23.53
C PHE D 675 75.45 -2.08 24.27
N LEU D 676 75.35 -2.28 25.59
CA LEU D 676 74.32 -1.60 26.36
C LEU D 676 74.50 -0.08 26.33
N GLN D 677 75.73 0.40 26.51
CA GLN D 677 75.98 1.84 26.46
C GLN D 677 75.70 2.39 25.08
N MET D 678 76.04 1.63 24.03
CA MET D 678 75.76 2.07 22.67
C MET D 678 74.25 2.22 22.45
N LEU D 679 73.47 1.25 22.95
CA LEU D 679 72.02 1.37 22.85
C LEU D 679 71.51 2.59 23.61
N CYS D 680 72.04 2.80 24.82
CA CYS D 680 71.58 3.91 25.65
C CYS D 680 71.85 5.25 24.99
N GLU D 681 73.00 5.40 24.35
CA GLU D 681 73.31 6.68 23.72
C GLU D 681 72.68 6.81 22.33
N ILE D 682 72.39 5.70 21.64
CA ILE D 682 71.68 5.81 20.36
C ILE D 682 70.23 6.21 20.59
N GLY D 683 69.61 5.71 21.66
CA GLY D 683 68.21 6.01 21.89
C GLY D 683 67.91 7.43 22.34
N ALA D 684 68.93 8.28 22.52
CA ALA D 684 68.73 9.63 23.01
C ALA D 684 68.81 10.69 21.92
N HIS D 685 68.83 10.30 20.65
CA HIS D 685 69.04 11.26 19.56
C HIS D 685 67.78 11.63 18.82
N TYR D 686 66.78 10.75 18.76
CA TYR D 686 65.53 11.03 18.05
C TYR D 686 64.36 10.76 18.98
N PRO D 687 63.47 11.73 19.20
CA PRO D 687 62.43 11.58 20.23
C PRO D 687 61.49 10.42 20.03
N GLY D 688 61.30 9.95 18.80
CA GLY D 688 60.43 8.81 18.63
C GLY D 688 61.08 7.46 18.71
N PHE D 689 62.38 7.40 19.01
CA PHE D 689 63.15 6.16 19.03
C PHE D 689 63.98 6.14 20.30
N GLU D 690 63.40 5.60 21.37
CA GLU D 690 64.03 5.59 22.69
C GLU D 690 64.76 4.27 22.94
N THR D 691 65.63 4.30 23.93
CA THR D 691 66.31 3.10 24.37
C THR D 691 65.34 2.19 25.10
N ASP D 692 65.33 0.91 24.75
CA ASP D 692 64.42 -0.07 25.33
C ASP D 692 65.26 -1.21 25.89
N ILE D 693 65.58 -1.12 27.18
CA ILE D 693 66.38 -2.13 27.88
C ILE D 693 65.65 -2.49 29.16
N HIS D 694 64.98 -3.64 29.18
CA HIS D 694 64.33 -4.10 30.40
C HIS D 694 65.39 -4.44 31.43
N GLY D 695 65.17 -4.01 32.67
CA GLY D 695 66.15 -4.14 33.71
C GLY D 695 67.07 -2.95 33.88
N ALA D 696 67.01 -1.98 32.97
CA ALA D 696 67.74 -0.73 33.09
C ALA D 696 66.75 0.41 33.30
N TYR D 697 67.17 1.39 34.09
CA TYR D 697 66.28 2.47 34.51
C TYR D 697 66.90 3.81 34.11
N ARG D 698 66.16 4.59 33.33
CA ARG D 698 66.63 5.89 32.90
C ARG D 698 66.36 6.93 33.99
N GLN D 699 67.39 7.69 34.33
CA GLN D 699 67.28 8.75 35.32
C GLN D 699 66.95 10.07 34.65
N ALA D 700 66.63 11.07 35.48
CA ALA D 700 66.26 12.38 34.95
C ALA D 700 67.40 13.02 34.17
N ASP D 701 68.64 12.70 34.51
CA ASP D 701 69.80 13.25 33.81
C ASP D 701 70.15 12.47 32.55
N GLY D 702 69.37 11.46 32.20
CA GLY D 702 69.59 10.70 30.98
C GLY D 702 70.45 9.47 31.13
N ARG D 703 71.21 9.36 32.21
CA ARG D 703 72.05 8.18 32.41
C ARG D 703 71.19 6.99 32.81
N TYR D 704 71.70 5.80 32.51
CA TYR D 704 70.98 4.56 32.76
C TYR D 704 71.63 3.81 33.92
N THR D 705 70.80 3.32 34.83
CA THR D 705 71.28 2.59 36.00
C THR D 705 70.77 1.15 35.96
N VAL D 706 71.57 0.27 36.53
CA VAL D 706 71.17 -1.12 36.76
C VAL D 706 71.42 -1.39 38.24
N LYS D 707 70.64 -2.31 38.80
CA LYS D 707 70.78 -2.63 40.21
C LYS D 707 71.44 -3.99 40.39
N VAL D 708 72.35 -4.06 41.36
CA VAL D 708 73.19 -5.22 41.58
C VAL D 708 73.25 -5.53 43.07
N ILE D 709 73.66 -6.77 43.38
CA ILE D 709 73.72 -7.21 44.76
C ILE D 709 74.86 -6.52 45.48
N LYS D 710 74.60 -6.07 46.71
CA LYS D 710 75.61 -5.46 47.55
C LYS D 710 76.48 -6.53 48.23
N MET E 1 30.19 14.67 -2.86
CA MET E 1 31.38 13.83 -2.87
C MET E 1 31.06 12.46 -2.29
N ASN E 2 29.86 11.96 -2.57
CA ASN E 2 29.39 10.70 -1.99
C ASN E 2 28.82 9.77 -3.06
N ILE E 3 29.29 9.88 -4.30
CA ILE E 3 28.81 9.07 -5.41
C ILE E 3 29.80 7.93 -5.65
N ILE E 4 29.33 6.70 -5.54
CA ILE E 4 30.14 5.51 -5.78
C ILE E 4 29.59 4.81 -7.01
N ALA E 5 30.47 4.50 -7.96
CA ALA E 5 30.10 3.80 -9.18
C ALA E 5 30.47 2.33 -9.05
N ILE E 6 29.49 1.45 -9.27
CA ILE E 6 29.70 0.00 -9.23
C ILE E 6 29.52 -0.52 -10.65
N LEU E 7 30.58 -1.12 -11.18
CA LEU E 7 30.61 -1.61 -12.55
C LEU E 7 30.21 -3.08 -12.61
N ASN E 8 29.71 -3.48 -13.79
CA ASN E 8 29.44 -4.87 -14.16
C ASN E 8 28.21 -5.45 -13.50
N HIS E 9 27.63 -6.48 -14.12
CA HIS E 9 26.49 -7.24 -13.60
C HIS E 9 26.79 -8.71 -13.88
N MET E 10 27.47 -9.36 -12.95
CA MET E 10 27.90 -10.74 -13.15
C MET E 10 26.69 -11.68 -13.07
N GLY E 11 26.92 -12.96 -13.32
CA GLY E 11 25.84 -13.91 -13.31
C GLY E 11 25.99 -15.00 -12.27
N VAL E 12 26.69 -14.72 -11.19
CA VAL E 12 26.94 -15.69 -10.12
C VAL E 12 26.51 -15.07 -8.80
N TYR E 13 25.78 -15.85 -8.00
CA TYR E 13 25.24 -15.34 -6.75
C TYR E 13 26.34 -14.95 -5.77
N PHE E 14 27.43 -15.71 -5.73
CA PHE E 14 28.48 -15.50 -4.74
C PHE E 14 29.18 -14.15 -4.90
N LYS E 15 28.99 -13.45 -6.01
CA LYS E 15 29.47 -12.09 -6.17
C LYS E 15 28.36 -11.06 -6.06
N GLU E 16 27.22 -11.29 -6.74
CA GLU E 16 26.15 -10.30 -6.74
C GLU E 16 25.55 -10.08 -5.35
N GLU E 17 25.31 -11.15 -4.59
CA GLU E 17 24.73 -10.96 -3.26
C GLU E 17 25.63 -10.12 -2.35
N PRO E 18 26.94 -10.37 -2.24
CA PRO E 18 27.78 -9.44 -1.48
C PRO E 18 27.76 -8.02 -2.02
N ILE E 19 27.64 -7.83 -3.34
CA ILE E 19 27.59 -6.49 -3.90
C ILE E 19 26.28 -5.81 -3.52
N ARG E 20 25.18 -6.54 -3.51
CA ARG E 20 23.90 -5.96 -3.06
C ARG E 20 23.98 -5.58 -1.59
N GLU E 21 24.60 -6.44 -0.77
CA GLU E 21 24.76 -6.11 0.65
C GLU E 21 25.63 -4.86 0.81
N LEU E 22 26.70 -4.76 0.02
CA LEU E 22 27.57 -3.59 0.09
C LEU E 22 26.83 -2.33 -0.35
N HIS E 23 25.95 -2.47 -1.35
CA HIS E 23 25.13 -1.35 -1.79
C HIS E 23 24.26 -0.85 -0.63
N LYS E 24 23.58 -1.77 0.05
CA LYS E 24 22.76 -1.39 1.19
C LYS E 24 23.60 -0.73 2.28
N ALA E 25 24.77 -1.32 2.58
CA ALA E 25 25.61 -0.79 3.65
C ALA E 25 26.17 0.59 3.30
N LEU E 26 26.54 0.81 2.04
CA LEU E 26 27.02 2.10 1.61
C LEU E 26 25.92 3.15 1.67
N GLU E 27 24.71 2.78 1.27
CA GLU E 27 23.58 3.70 1.43
C GLU E 27 23.32 4.01 2.90
N ALA E 28 23.61 3.05 3.79
CA ALA E 28 23.49 3.31 5.22
C ALA E 28 24.53 4.31 5.71
N LEU E 29 25.60 4.54 4.95
CA LEU E 29 26.61 5.53 5.27
C LEU E 29 26.45 6.80 4.44
N ASP E 30 25.28 6.99 3.83
CA ASP E 30 24.92 8.20 3.09
C ASP E 30 25.72 8.33 1.78
N PHE E 31 25.92 7.22 1.09
CA PHE E 31 26.51 7.22 -0.24
C PHE E 31 25.42 7.06 -1.29
N GLN E 32 25.67 7.61 -2.47
CA GLN E 32 24.79 7.47 -3.62
C GLN E 32 25.43 6.50 -4.61
N ILE E 33 24.76 5.39 -4.88
CA ILE E 33 25.30 4.35 -5.74
C ILE E 33 24.77 4.53 -7.16
N VAL E 34 25.69 4.50 -8.13
CA VAL E 34 25.34 4.52 -9.55
C VAL E 34 25.92 3.27 -10.19
N TYR E 35 25.32 2.87 -11.31
CA TYR E 35 25.64 1.60 -11.97
C TYR E 35 25.94 1.81 -13.45
N PRO E 36 27.20 2.08 -13.80
CA PRO E 36 27.57 2.14 -15.21
C PRO E 36 27.41 0.79 -15.89
N ASN E 37 27.08 0.82 -17.18
CA ASN E 37 26.82 -0.39 -17.94
C ASN E 37 28.07 -1.03 -18.53
N ASP E 38 29.14 -0.27 -18.72
CA ASP E 38 30.36 -0.82 -19.30
C ASP E 38 31.52 0.09 -18.93
N ARG E 39 32.72 -0.30 -19.38
CA ARG E 39 33.93 0.43 -19.08
C ARG E 39 33.89 1.85 -19.64
N GLU E 40 33.46 1.99 -20.91
CA GLU E 40 33.38 3.30 -21.53
C GLU E 40 32.38 4.19 -20.81
N ASP E 41 31.24 3.61 -20.42
CA ASP E 41 30.23 4.36 -19.69
C ASP E 41 30.80 4.87 -18.37
N LEU E 42 31.55 4.03 -17.65
CA LEU E 42 32.16 4.45 -16.40
C LEU E 42 33.16 5.57 -16.62
N LEU E 43 34.00 5.44 -17.66
CA LEU E 43 34.99 6.48 -17.92
C LEU E 43 34.32 7.81 -18.25
N LYS E 44 33.27 7.79 -19.07
CA LYS E 44 32.54 9.03 -19.36
C LYS E 44 31.90 9.60 -18.11
N LEU E 45 31.35 8.73 -17.26
CA LEU E 45 30.74 9.18 -16.02
C LEU E 45 31.75 9.86 -15.11
N ILE E 46 32.96 9.30 -15.02
CA ILE E 46 34.02 9.92 -14.25
C ILE E 46 34.42 11.25 -14.87
N ASP E 47 34.48 11.31 -16.20
CA ASP E 47 34.90 12.52 -16.89
C ASP E 47 33.93 13.67 -16.66
N ASN E 48 32.63 13.39 -16.63
CA ASN E 48 31.66 14.48 -16.56
C ASN E 48 31.22 14.84 -15.15
N ASN E 49 31.49 13.99 -14.15
CA ASN E 49 30.97 14.23 -12.79
C ASN E 49 32.12 14.18 -11.79
N ALA E 50 32.58 15.35 -11.38
CA ALA E 50 33.68 15.47 -10.41
C ALA E 50 33.29 15.04 -9.01
N ARG E 51 32.01 14.79 -8.75
CA ARG E 51 31.54 14.34 -7.45
C ARG E 51 31.61 12.83 -7.28
N LEU E 52 32.04 12.11 -8.30
CA LEU E 52 32.26 10.67 -8.19
C LEU E 52 33.48 10.42 -7.32
N CYS E 53 33.28 9.84 -6.14
CA CYS E 53 34.33 9.65 -5.16
C CYS E 53 34.84 8.22 -5.06
N GLY E 54 34.35 7.30 -5.89
CA GLY E 54 34.82 5.93 -5.82
C GLY E 54 34.32 5.01 -6.92
N VAL E 55 35.13 4.02 -7.28
CA VAL E 55 34.80 3.06 -8.33
C VAL E 55 34.98 1.65 -7.78
N ILE E 56 33.94 0.83 -7.90
CA ILE E 56 33.95 -0.57 -7.49
C ILE E 56 33.76 -1.42 -8.74
N PHE E 57 34.68 -2.35 -8.98
CA PHE E 57 34.61 -3.22 -10.14
C PHE E 57 35.14 -4.61 -9.77
N ASP E 58 34.81 -5.58 -10.62
CA ASP E 58 35.26 -6.95 -10.45
C ASP E 58 36.60 -7.15 -11.15
N TRP E 59 37.62 -7.56 -10.37
CA TRP E 59 38.95 -7.76 -10.93
C TRP E 59 38.96 -8.88 -11.98
N ASP E 60 38.09 -9.88 -11.82
CA ASP E 60 38.02 -10.96 -12.81
C ASP E 60 37.63 -10.42 -14.18
N THR E 61 36.65 -9.50 -14.22
CA THR E 61 36.19 -8.97 -15.49
C THR E 61 37.14 -7.95 -16.09
N TYR E 62 37.78 -7.14 -15.24
CA TYR E 62 38.65 -6.06 -15.71
C TYR E 62 40.02 -6.15 -15.05
N ASN E 63 41.06 -6.07 -15.87
CA ASN E 63 42.42 -6.01 -15.37
C ASN E 63 42.65 -4.65 -14.70
N LEU E 64 43.85 -4.46 -14.17
CA LEU E 64 44.17 -3.23 -13.47
C LEU E 64 44.52 -2.07 -14.39
N ASP E 65 44.43 -2.27 -15.71
CA ASP E 65 44.59 -1.16 -16.65
C ASP E 65 43.38 -0.23 -16.64
N LEU E 66 42.22 -0.73 -16.19
CA LEU E 66 41.07 0.15 -15.99
C LEU E 66 41.38 1.18 -14.92
N CYS E 67 42.09 0.76 -13.86
CA CYS E 67 42.57 1.71 -12.86
C CYS E 67 43.54 2.70 -13.48
N GLU E 68 44.35 2.27 -14.44
CA GLU E 68 45.24 3.19 -15.13
C GLU E 68 44.45 4.26 -15.88
N GLU E 69 43.40 3.85 -16.59
CA GLU E 69 42.56 4.83 -17.27
C GLU E 69 41.89 5.77 -16.29
N ILE E 70 41.42 5.23 -15.16
CA ILE E 70 40.79 6.07 -14.14
C ILE E 70 41.78 7.08 -13.58
N SER E 71 43.00 6.63 -13.30
CA SER E 71 44.02 7.51 -12.74
C SER E 71 44.49 8.55 -13.76
N ALA E 72 44.38 8.25 -15.06
CA ALA E 72 44.72 9.24 -16.07
C ALA E 72 43.87 10.50 -15.92
N MET E 73 42.64 10.35 -15.45
CA MET E 73 41.77 11.50 -15.20
C MET E 73 41.91 12.04 -13.79
N ASN E 74 41.97 11.15 -12.80
CA ASN E 74 42.04 11.53 -11.39
C ASN E 74 42.94 10.53 -10.69
N GLU E 75 44.17 10.93 -10.39
CA GLU E 75 45.14 10.02 -9.78
C GLU E 75 44.87 9.77 -8.30
N HIS E 76 43.97 10.53 -7.68
CA HIS E 76 43.63 10.32 -6.29
C HIS E 76 42.28 9.64 -6.10
N LEU E 77 41.50 9.49 -7.16
CA LEU E 77 40.21 8.84 -7.07
C LEU E 77 40.39 7.40 -6.56
N PRO E 78 39.76 7.04 -5.44
CA PRO E 78 39.96 5.69 -4.89
C PRO E 78 39.21 4.64 -5.71
N VAL E 79 39.89 3.55 -6.00
CA VAL E 79 39.33 2.42 -6.72
C VAL E 79 39.26 1.23 -5.76
N TYR E 80 38.16 0.49 -5.85
CA TYR E 80 37.96 -0.70 -5.02
C TYR E 80 37.82 -1.91 -5.94
N ALA E 81 38.81 -2.79 -5.92
CA ALA E 81 38.81 -3.98 -6.75
C ALA E 81 38.50 -5.20 -5.90
N PHE E 82 37.53 -5.99 -6.35
CA PHE E 82 37.14 -7.21 -5.65
C PHE E 82 37.85 -8.40 -6.30
N ALA E 83 38.60 -9.13 -5.48
CA ALA E 83 39.48 -10.19 -5.97
C ALA E 83 38.84 -11.55 -5.72
N ASN E 84 38.71 -12.35 -6.76
CA ASN E 84 38.25 -13.73 -6.64
C ASN E 84 39.30 -14.72 -7.10
N THR E 85 39.74 -14.65 -8.35
CA THR E 85 40.73 -15.60 -8.85
C THR E 85 42.16 -15.05 -8.73
N HIS E 86 42.35 -13.77 -8.98
CA HIS E 86 43.68 -13.18 -8.87
C HIS E 86 44.15 -13.17 -7.42
N SER E 87 45.45 -13.30 -7.24
CA SER E 87 46.08 -13.34 -5.93
C SER E 87 47.17 -12.26 -5.87
N THR E 88 47.97 -12.30 -4.81
CA THR E 88 49.05 -11.33 -4.65
C THR E 88 50.07 -11.43 -5.78
N LEU E 89 50.19 -12.60 -6.41
CA LEU E 89 51.13 -12.78 -7.50
C LEU E 89 50.66 -12.14 -8.80
N ASP E 90 49.45 -11.63 -8.85
CA ASP E 90 48.88 -11.08 -10.08
C ASP E 90 49.00 -9.56 -10.16
N VAL E 91 49.69 -8.91 -9.23
CA VAL E 91 49.90 -7.47 -9.26
C VAL E 91 51.38 -7.19 -9.48
N SER E 92 51.66 -6.21 -10.31
CA SER E 92 53.02 -5.73 -10.54
C SER E 92 53.26 -4.47 -9.71
N LEU E 93 54.51 -4.00 -9.75
CA LEU E 93 54.85 -2.77 -9.05
C LEU E 93 54.07 -1.58 -9.60
N ASN E 94 53.94 -1.51 -10.93
CA ASN E 94 53.19 -0.42 -11.55
C ASN E 94 51.74 -0.42 -11.10
N ASP E 95 51.11 -1.59 -11.05
CA ASP E 95 49.74 -1.67 -10.57
C ASP E 95 49.65 -1.24 -9.11
N LEU E 96 50.61 -1.67 -8.29
CA LEU E 96 50.62 -1.28 -6.88
C LEU E 96 50.82 0.22 -6.70
N ARG E 97 51.37 0.90 -7.70
CA ARG E 97 51.48 2.36 -7.61
C ARG E 97 50.09 3.03 -7.64
N LEU E 98 49.11 2.40 -8.26
CA LEU E 98 47.77 2.98 -8.37
C LEU E 98 47.06 2.97 -7.02
N ASN E 99 46.06 3.84 -6.90
CA ASN E 99 45.28 3.99 -5.67
C ASN E 99 44.13 3.00 -5.65
N VAL E 100 44.48 1.73 -5.47
CA VAL E 100 43.52 0.62 -5.50
C VAL E 100 43.53 -0.06 -4.14
N GLU E 101 42.32 -0.30 -3.61
CA GLU E 101 42.13 -1.09 -2.41
C GLU E 101 41.41 -2.37 -2.80
N PHE E 102 41.92 -3.50 -2.32
CA PHE E 102 41.40 -4.81 -2.70
C PHE E 102 40.51 -5.37 -1.61
N PHE E 103 39.33 -5.84 -2.00
CA PHE E 103 38.36 -6.50 -1.13
C PHE E 103 38.08 -7.90 -1.67
N GLU E 104 37.27 -8.66 -0.93
CA GLU E 104 36.87 -9.99 -1.33
C GLU E 104 35.35 -10.13 -1.26
N TYR E 105 34.83 -11.12 -1.96
CA TYR E 105 33.41 -11.42 -1.97
C TYR E 105 33.08 -12.37 -0.83
N ALA E 106 32.13 -11.97 0.03
CA ALA E 106 31.70 -12.82 1.13
C ALA E 106 30.41 -12.27 1.71
N LEU E 107 29.44 -13.16 1.94
CA LEU E 107 28.22 -12.75 2.59
C LEU E 107 28.49 -12.34 4.04
N GLY E 108 27.88 -11.23 4.45
CA GLY E 108 28.07 -10.72 5.79
C GLY E 108 29.27 -9.83 6.00
N ALA E 109 30.06 -9.57 4.96
CA ALA E 109 31.24 -8.72 5.07
C ALA E 109 30.97 -7.29 4.59
N ALA E 110 29.70 -6.92 4.40
CA ALA E 110 29.39 -5.64 3.78
C ALA E 110 29.66 -4.46 4.71
N GLN E 111 29.40 -4.63 6.00
CA GLN E 111 29.57 -3.51 6.93
C GLN E 111 31.03 -3.11 7.08
N ASP E 112 31.93 -4.08 7.19
CA ASP E 112 33.36 -3.78 7.30
C ASP E 112 33.88 -3.11 6.04
N ILE E 113 33.51 -3.63 4.87
CA ILE E 113 33.97 -3.04 3.61
C ILE E 113 33.39 -1.65 3.43
N ALA E 114 32.14 -1.44 3.86
CA ALA E 114 31.54 -0.11 3.79
C ALA E 114 32.28 0.86 4.69
N GLN E 115 32.67 0.42 5.89
CA GLN E 115 33.47 1.28 6.76
C GLN E 115 34.81 1.61 6.13
N LYS E 116 35.45 0.62 5.50
CA LYS E 116 36.72 0.86 4.83
C LYS E 116 36.56 1.88 3.70
N ILE E 117 35.47 1.76 2.93
CA ILE E 117 35.24 2.67 1.82
C ILE E 117 34.96 4.09 2.34
N ARG E 118 34.24 4.19 3.46
CA ARG E 118 34.03 5.50 4.07
C ARG E 118 35.35 6.12 4.50
N GLN E 119 36.23 5.33 5.13
CA GLN E 119 37.53 5.85 5.53
C GLN E 119 38.34 6.28 4.31
N SER E 120 38.29 5.50 3.23
CA SER E 120 39.02 5.85 2.02
C SER E 120 38.48 7.13 1.40
N THR E 121 37.15 7.32 1.44
CA THR E 121 36.55 8.56 0.95
C THR E 121 37.03 9.75 1.77
N ASP E 122 37.07 9.59 3.10
CA ASP E 122 37.57 10.68 3.95
C ASP E 122 39.02 10.99 3.66
N ALA E 123 39.84 9.95 3.45
CA ALA E 123 41.24 10.16 3.12
C ALA E 123 41.40 10.88 1.78
N TYR E 124 40.57 10.51 0.79
CA TYR E 124 40.61 11.18 -0.50
C TYR E 124 40.26 12.66 -0.36
N ILE E 125 39.20 12.96 0.39
CA ILE E 125 38.80 14.36 0.61
C ILE E 125 39.92 15.12 1.31
N ASP E 126 40.51 14.52 2.34
CA ASP E 126 41.62 15.17 3.04
C ASP E 126 42.78 15.42 2.11
N GLU E 127 43.09 14.45 1.24
CA GLU E 127 44.23 14.55 0.34
C GLU E 127 44.04 15.68 -0.67
N ILE E 128 42.84 15.84 -1.21
CA ILE E 128 42.66 16.87 -2.23
C ILE E 128 42.35 18.25 -1.66
N LEU E 129 41.95 18.34 -0.39
CA LEU E 129 41.65 19.63 0.21
C LEU E 129 42.93 20.37 0.59
N PRO E 130 42.98 21.69 0.43
CA PRO E 130 44.11 22.46 0.94
C PRO E 130 43.99 22.68 2.44
N PRO E 131 45.09 22.97 3.14
CA PRO E 131 45.05 22.97 4.62
C PRO E 131 44.14 23.99 5.26
N LEU E 132 44.21 25.26 4.84
CA LEU E 132 43.39 26.29 5.48
C LEU E 132 41.91 26.05 5.24
N THR E 133 41.53 25.65 4.03
CA THR E 133 40.13 25.34 3.74
C THR E 133 39.65 24.16 4.57
N LYS E 134 40.51 23.14 4.73
CA LYS E 134 40.16 22.01 5.58
C LYS E 134 39.93 22.45 7.02
N ALA E 135 40.81 23.30 7.53
CA ALA E 135 40.64 23.80 8.89
C ALA E 135 39.34 24.59 9.05
N LEU E 136 39.01 25.41 8.04
CA LEU E 136 37.76 26.16 8.08
C LEU E 136 36.55 25.22 8.11
N PHE E 137 36.57 24.19 7.28
CA PHE E 137 35.45 23.25 7.25
C PHE E 137 35.32 22.51 8.57
N ASN E 138 36.45 22.09 9.16
CA ASN E 138 36.40 21.43 10.45
C ASN E 138 35.85 22.36 11.52
N TYR E 139 36.27 23.62 11.52
CA TYR E 139 35.78 24.56 12.51
C TYR E 139 34.27 24.75 12.38
N VAL E 140 33.78 24.84 11.15
CA VAL E 140 32.33 24.93 10.95
C VAL E 140 31.66 23.68 11.49
N LYS E 141 32.30 22.52 11.32
CA LYS E 141 31.74 21.28 11.83
C LYS E 141 31.63 21.26 13.36
N GLU E 142 32.53 21.94 14.07
CA GLU E 142 32.43 21.85 15.53
C GLU E 142 31.27 22.66 16.13
N GLY E 143 30.70 23.61 15.39
CA GLY E 143 29.55 24.35 15.87
C GLY E 143 29.72 25.11 17.18
N LYS E 144 30.73 25.97 17.25
CA LYS E 144 31.03 26.72 18.46
C LYS E 144 30.16 27.96 18.58
N TYR E 145 29.90 28.37 19.82
CA TYR E 145 29.14 29.59 20.11
C TYR E 145 30.13 30.76 20.21
N THR E 146 30.02 31.72 19.31
CA THR E 146 30.91 32.87 19.32
C THR E 146 30.26 34.07 20.00
N PHE E 147 31.05 34.77 20.80
CA PHE E 147 30.67 36.06 21.35
C PHE E 147 31.54 37.18 20.79
N CYS E 148 32.11 36.95 19.62
CA CYS E 148 33.06 37.83 18.96
C CYS E 148 32.51 38.25 17.61
N THR E 149 33.28 39.09 16.91
CA THR E 149 32.92 39.48 15.55
C THR E 149 33.02 38.24 14.65
N PRO E 150 32.30 38.22 13.51
CA PRO E 150 31.45 39.25 12.89
C PRO E 150 30.27 39.81 13.69
N GLY E 151 29.65 39.12 14.63
CA GLY E 151 28.53 39.68 15.36
C GLY E 151 27.18 39.16 14.92
N HIS E 152 27.04 38.74 13.66
CA HIS E 152 25.88 37.95 13.30
C HIS E 152 25.95 36.55 13.89
N MET E 153 27.12 36.16 14.39
CA MET E 153 27.32 34.95 15.19
C MET E 153 26.90 33.69 14.42
N GLY E 154 27.60 33.44 13.32
CA GLY E 154 27.31 32.29 12.50
C GLY E 154 25.99 32.34 11.78
N GLY E 155 25.39 33.52 11.62
CA GLY E 155 24.14 33.67 10.92
C GLY E 155 22.90 33.73 11.79
N THR E 156 23.05 33.69 13.12
CA THR E 156 21.89 33.71 14.00
C THR E 156 21.09 35.00 13.84
N ALA E 157 21.77 36.14 13.79
CA ALA E 157 21.08 37.41 13.66
C ALA E 157 20.24 37.46 12.38
N PHE E 158 20.77 36.93 11.28
CA PHE E 158 20.01 36.87 10.04
C PHE E 158 18.75 36.03 10.22
N GLN E 159 18.86 34.89 10.90
CA GLN E 159 17.70 34.05 11.14
C GLN E 159 16.69 34.71 12.08
N LYS E 160 17.11 35.71 12.85
CA LYS E 160 16.17 36.41 13.72
C LYS E 160 15.37 37.48 13.00
N SER E 161 15.74 37.85 11.77
CA SER E 161 15.07 38.90 11.01
C SER E 161 14.44 38.33 9.75
N PRO E 162 13.27 38.82 9.34
CA PRO E 162 12.62 38.30 8.11
C PRO E 162 13.43 38.57 6.85
N VAL E 163 13.76 39.84 6.58
CA VAL E 163 14.61 40.14 5.43
C VAL E 163 15.97 39.48 5.62
N GLY E 164 16.48 39.47 6.85
CA GLY E 164 17.68 38.74 7.14
C GLY E 164 17.53 37.25 6.88
N SER E 165 16.33 36.71 7.13
CA SER E 165 16.10 35.30 6.83
C SER E 165 16.13 35.04 5.33
N ILE E 166 15.61 35.97 4.52
CA ILE E 166 15.72 35.82 3.08
C ILE E 166 17.20 35.81 2.67
N PHE E 167 17.98 36.75 3.22
CA PHE E 167 19.41 36.78 2.94
C PHE E 167 20.09 35.48 3.33
N TYR E 168 19.73 34.95 4.50
CA TYR E 168 20.29 33.71 5.00
C TYR E 168 19.98 32.54 4.08
N ASP E 169 18.70 32.40 3.69
CA ASP E 169 18.30 31.32 2.81
C ASP E 169 18.95 31.44 1.44
N PHE E 170 19.20 32.67 0.98
CA PHE E 170 19.88 32.83 -0.29
C PHE E 170 21.34 32.37 -0.20
N PHE E 171 22.05 32.84 0.84
CA PHE E 171 23.48 32.57 0.91
C PHE E 171 23.84 31.25 1.59
N GLY E 172 22.93 30.68 2.36
CA GLY E 172 23.17 29.39 2.99
C GLY E 172 23.84 29.52 4.35
N ALA E 173 23.75 28.44 5.12
CA ALA E 173 24.26 28.44 6.49
C ALA E 173 25.79 28.35 6.54
N ASN E 174 26.40 27.58 5.62
CA ASN E 174 27.84 27.40 5.67
C ASN E 174 28.59 28.69 5.37
N ALA E 175 28.07 29.51 4.44
CA ALA E 175 28.73 30.76 4.11
C ALA E 175 28.79 31.72 5.30
N MET E 176 27.81 31.63 6.19
CA MET E 176 27.75 32.50 7.35
C MET E 176 28.41 31.87 8.57
N LYS E 177 28.48 30.55 8.64
CA LYS E 177 29.23 29.89 9.72
C LYS E 177 30.73 30.04 9.52
N SER E 178 31.20 30.03 8.27
CA SER E 178 32.62 30.18 7.99
C SER E 178 33.09 31.63 8.06
N ASP E 179 32.16 32.58 8.13
CA ASP E 179 32.48 34.00 8.29
C ASP E 179 32.88 34.23 9.74
N ILE E 180 34.18 34.20 10.01
CA ILE E 180 34.73 34.31 11.35
C ILE E 180 35.80 35.39 11.37
N SER E 181 36.42 35.54 12.54
CA SER E 181 37.48 36.53 12.76
C SER E 181 38.66 35.85 13.43
N ILE E 182 39.71 36.63 13.73
CA ILE E 182 40.89 36.10 14.40
C ILE E 182 40.65 35.73 15.85
N SER E 183 39.50 36.14 16.42
CA SER E 183 39.17 35.68 17.77
C SER E 183 39.13 34.16 17.84
N VAL E 184 38.81 33.51 16.73
CA VAL E 184 38.91 32.05 16.59
C VAL E 184 40.38 31.73 16.40
N GLY E 185 41.05 31.37 17.50
CA GLY E 185 42.49 31.20 17.44
C GLY E 185 42.95 30.04 16.59
N GLU E 186 42.18 28.94 16.59
CA GLU E 186 42.60 27.71 15.93
C GLU E 186 42.81 27.88 14.42
N LEU E 187 42.14 28.86 13.80
CA LEU E 187 42.36 29.10 12.39
C LEU E 187 43.58 29.96 12.10
N GLY E 188 44.20 30.52 13.13
CA GLY E 188 45.34 31.38 12.93
C GLY E 188 44.93 32.76 12.46
N SER E 189 45.93 33.52 11.99
CA SER E 189 45.70 34.88 11.52
C SER E 189 46.39 35.08 10.18
N LEU E 190 45.66 35.67 9.24
CA LEU E 190 46.24 36.01 7.95
C LEU E 190 47.32 37.09 8.09
N LEU E 191 47.07 38.10 8.92
CA LEU E 191 48.04 39.19 9.09
C LEU E 191 49.30 38.73 9.80
N ASP E 192 49.18 37.77 10.72
CA ASP E 192 50.34 37.24 11.42
C ASP E 192 50.99 36.07 10.70
N HIS E 193 50.40 35.58 9.62
CA HIS E 193 50.93 34.43 8.88
C HIS E 193 51.18 33.24 9.81
N SER E 194 50.17 32.91 10.60
CA SER E 194 50.27 31.89 11.63
C SER E 194 49.22 30.81 11.42
N GLY E 195 49.54 29.61 11.93
CA GLY E 195 48.65 28.48 11.83
C GLY E 195 48.42 28.05 10.40
N PRO E 196 47.20 27.59 10.12
CA PRO E 196 46.88 27.13 8.76
C PRO E 196 47.12 28.18 7.70
N HIS E 197 46.89 29.45 8.02
CA HIS E 197 47.18 30.53 7.09
C HIS E 197 48.60 30.40 6.56
N LYS E 198 49.56 30.25 7.47
CA LYS E 198 50.95 30.09 7.06
C LYS E 198 51.09 28.94 6.09
N GLU E 199 50.55 27.77 6.45
CA GLU E 199 50.63 26.61 5.56
C GLU E 199 50.02 26.95 4.21
N ALA E 200 48.85 27.61 4.23
CA ALA E 200 48.20 28.00 2.98
C ALA E 200 49.17 28.75 2.08
N GLU E 201 49.84 29.75 2.65
CA GLU E 201 50.78 30.54 1.86
C GLU E 201 51.82 29.63 1.22
N GLU E 202 52.43 28.76 2.02
CA GLU E 202 53.45 27.87 1.47
C GLU E 202 52.84 27.00 0.38
N TYR E 203 51.63 26.47 0.64
CA TYR E 203 50.93 25.70 -0.38
C TYR E 203 50.85 26.50 -1.67
N ILE E 204 50.34 27.73 -1.57
CA ILE E 204 50.21 28.56 -2.76
C ILE E 204 51.57 28.78 -3.41
N ALA E 205 52.59 29.03 -2.59
CA ALA E 205 53.92 29.30 -3.13
C ALA E 205 54.43 28.13 -3.94
N ARG E 206 54.11 26.91 -3.51
CA ARG E 206 54.56 25.75 -4.28
C ARG E 206 53.75 25.58 -5.55
N THR E 207 52.45 25.90 -5.49
CA THR E 207 51.58 25.65 -6.63
C THR E 207 51.88 26.60 -7.79
N PHE E 208 52.24 27.84 -7.49
CA PHE E 208 52.41 28.87 -8.51
C PHE E 208 53.85 29.12 -8.89
N ASN E 209 54.79 28.28 -8.43
CA ASN E 209 56.22 28.43 -8.72
C ASN E 209 56.74 29.78 -8.23
N ALA E 210 56.57 30.00 -6.94
CA ALA E 210 56.99 31.24 -6.31
C ALA E 210 57.82 30.93 -5.08
N GLU E 211 58.79 31.81 -4.78
CA GLU E 211 59.52 31.67 -3.53
C GLU E 211 58.65 32.07 -2.35
N ARG E 212 57.93 33.18 -2.46
CA ARG E 212 57.02 33.61 -1.40
C ARG E 212 55.68 34.01 -2.00
N SER E 213 54.61 33.77 -1.25
CA SER E 213 53.27 34.10 -1.71
C SER E 213 52.49 34.79 -0.61
N TYR E 214 51.71 35.79 -1.00
CA TYR E 214 50.87 36.55 -0.09
C TYR E 214 49.46 36.61 -0.64
N MET E 215 48.47 36.42 0.22
CA MET E 215 47.08 36.44 -0.18
C MET E 215 46.48 37.80 0.15
N VAL E 216 45.82 38.42 -0.83
CA VAL E 216 45.22 39.73 -0.70
C VAL E 216 43.71 39.57 -0.84
N THR E 217 42.96 40.20 0.05
CA THR E 217 41.51 40.13 0.02
C THR E 217 40.85 41.39 -0.55
N ASN E 218 41.65 42.29 -1.14
CA ASN E 218 41.10 43.51 -1.73
C ASN E 218 41.54 43.67 -3.18
N GLY E 219 41.83 42.56 -3.85
CA GLY E 219 42.07 42.59 -5.27
C GLY E 219 43.49 42.98 -5.67
N THR E 220 43.71 42.89 -6.97
CA THR E 220 45.00 43.24 -7.55
C THR E 220 45.28 44.73 -7.42
N SER E 221 44.26 45.56 -7.26
CA SER E 221 44.51 46.97 -6.95
C SER E 221 45.34 47.10 -5.68
N THR E 222 44.88 46.46 -4.60
CA THR E 222 45.60 46.49 -3.34
C THR E 222 46.93 45.75 -3.44
N ALA E 223 46.97 44.65 -4.18
CA ALA E 223 48.24 43.93 -4.34
C ALA E 223 49.29 44.81 -5.04
N ASN E 224 48.88 45.53 -6.10
CA ASN E 224 49.77 46.44 -6.79
C ASN E 224 50.23 47.54 -5.86
N LYS E 225 49.32 48.09 -5.06
CA LYS E 225 49.71 49.15 -4.13
C LYS E 225 50.72 48.63 -3.11
N ILE E 226 50.53 47.41 -2.62
CA ILE E 226 51.47 46.84 -1.64
C ILE E 226 52.85 46.70 -2.26
N VAL E 227 52.92 46.10 -3.45
CA VAL E 227 54.20 45.87 -4.11
C VAL E 227 54.88 47.20 -4.41
N GLY E 228 54.14 48.16 -4.96
CA GLY E 228 54.73 49.44 -5.30
C GLY E 228 55.20 50.22 -4.10
N MET E 229 54.41 50.23 -3.02
CA MET E 229 54.81 50.95 -1.82
C MET E 229 56.06 50.33 -1.20
N TYR E 230 56.15 49.00 -1.18
CA TYR E 230 57.37 48.39 -0.66
C TYR E 230 58.57 48.66 -1.55
N SER E 231 58.36 48.73 -2.87
CA SER E 231 59.48 48.85 -3.80
C SER E 231 59.89 50.27 -4.09
N ALA E 232 59.02 51.26 -3.83
CA ALA E 232 59.27 52.64 -4.25
C ALA E 232 59.10 53.60 -3.08
N PRO E 233 60.19 53.92 -2.38
CA PRO E 233 60.12 54.91 -1.30
C PRO E 233 59.89 56.30 -1.88
N ALA E 234 59.43 57.20 -1.01
CA ALA E 234 59.17 58.58 -1.42
C ALA E 234 60.43 59.21 -1.99
N GLY E 235 60.27 59.88 -3.13
CA GLY E 235 61.38 60.51 -3.82
C GLY E 235 62.05 59.67 -4.88
N SER E 236 61.65 58.42 -5.04
CA SER E 236 62.26 57.52 -6.01
C SER E 236 61.59 57.66 -7.38
N THR E 237 62.29 57.15 -8.38
CA THR E 237 61.79 57.12 -9.75
C THR E 237 61.36 55.71 -10.11
N VAL E 238 60.22 55.59 -10.78
CA VAL E 238 59.65 54.29 -11.14
C VAL E 238 59.32 54.28 -12.62
N LEU E 239 59.69 53.20 -13.31
CA LEU E 239 59.25 52.97 -14.66
C LEU E 239 57.86 52.34 -14.62
N ILE E 240 56.91 52.95 -15.32
CA ILE E 240 55.51 52.54 -15.28
C ILE E 240 55.02 52.29 -16.70
N ASP E 241 54.40 51.13 -16.91
CA ASP E 241 53.72 50.89 -18.18
C ASP E 241 52.60 51.90 -18.36
N ARG E 242 52.55 52.51 -19.55
CA ARG E 242 51.43 53.41 -19.84
C ARG E 242 50.12 52.65 -19.92
N ASN E 243 50.18 51.36 -20.27
CA ASN E 243 49.02 50.49 -20.23
C ASN E 243 48.86 49.93 -18.83
N CYS E 244 48.84 50.80 -17.82
CA CYS E 244 48.71 50.39 -16.44
C CYS E 244 47.27 50.54 -15.96
N HIS E 245 46.91 49.72 -14.99
CA HIS E 245 45.60 49.84 -14.36
C HIS E 245 45.56 51.11 -13.52
N LYS E 246 44.34 51.58 -13.24
CA LYS E 246 44.17 52.79 -12.47
C LYS E 246 44.75 52.68 -11.07
N SER E 247 44.99 51.46 -10.58
CA SER E 247 45.57 51.29 -9.25
C SER E 247 47.01 51.78 -9.20
N LEU E 248 47.78 51.62 -10.28
CA LEU E 248 49.12 52.19 -10.32
C LEU E 248 49.07 53.71 -10.22
N THR E 249 48.10 54.32 -10.91
CA THR E 249 47.90 55.76 -10.78
C THR E 249 47.54 56.15 -9.36
N HIS E 250 46.68 55.37 -8.71
CA HIS E 250 46.33 55.64 -7.32
C HIS E 250 47.55 55.55 -6.42
N LEU E 251 48.40 54.56 -6.65
CA LEU E 251 49.63 54.44 -5.87
C LEU E 251 50.52 55.66 -6.09
N MET E 252 50.60 56.13 -7.33
CA MET E 252 51.41 57.32 -7.62
C MET E 252 50.83 58.56 -6.95
N MET E 253 49.50 58.68 -6.89
CA MET E 253 48.90 59.78 -6.16
C MET E 253 49.05 59.62 -4.65
N MET E 254 49.30 58.40 -4.18
CA MET E 254 49.46 58.17 -2.75
C MET E 254 50.88 58.44 -2.28
N SER E 255 51.87 58.11 -3.11
CA SER E 255 53.28 58.23 -2.74
C SER E 255 53.99 59.16 -3.70
N ASP E 256 54.87 60.00 -3.16
CA ASP E 256 55.62 60.96 -3.96
C ASP E 256 56.73 60.22 -4.71
N ILE E 257 56.37 59.68 -5.86
CA ILE E 257 57.30 58.97 -6.72
C ILE E 257 57.23 59.57 -8.12
N THR E 258 58.39 59.67 -8.77
CA THR E 258 58.47 60.25 -10.10
C THR E 258 58.28 59.17 -11.14
N PRO E 259 57.30 59.29 -12.04
CA PRO E 259 57.10 58.26 -13.07
C PRO E 259 57.81 58.54 -14.37
N ILE E 260 58.33 57.47 -14.96
CA ILE E 260 58.83 57.47 -16.33
C ILE E 260 58.06 56.40 -17.08
N TYR E 261 57.34 56.81 -18.12
CA TYR E 261 56.34 55.96 -18.74
C TYR E 261 56.92 55.17 -19.91
N PHE E 262 56.70 53.86 -19.89
CA PHE E 262 56.88 53.04 -21.08
C PHE E 262 55.82 53.42 -22.11
N ARG E 263 56.14 53.21 -23.38
CA ARG E 263 55.24 53.58 -24.47
C ARG E 263 54.82 52.34 -25.25
N PRO E 264 53.69 51.75 -24.91
CA PRO E 264 53.18 50.62 -25.69
C PRO E 264 52.58 51.08 -27.01
N THR E 265 52.31 50.11 -27.88
CA THR E 265 51.78 50.37 -29.20
C THR E 265 50.27 50.14 -29.23
N ARG E 266 49.68 50.33 -30.40
CA ARG E 266 48.26 50.09 -30.59
C ARG E 266 47.99 49.88 -32.08
N ASN E 267 46.83 49.33 -32.38
CA ASN E 267 46.40 49.10 -33.76
C ASN E 267 45.17 49.96 -34.06
N ALA E 268 44.63 49.78 -35.26
CA ALA E 268 43.46 50.55 -35.67
C ALA E 268 42.22 50.22 -34.85
N TYR E 269 42.09 48.96 -34.43
CA TYR E 269 40.96 48.54 -33.60
C TYR E 269 40.99 49.16 -32.21
N GLY E 270 42.10 49.78 -31.82
CA GLY E 270 42.25 50.26 -30.47
C GLY E 270 42.79 49.24 -29.50
N ILE E 271 43.15 48.05 -29.98
CA ILE E 271 43.74 47.03 -29.12
C ILE E 271 45.12 47.51 -28.68
N LEU E 272 45.38 47.42 -27.38
CA LEU E 272 46.67 47.86 -26.84
C LEU E 272 47.75 46.83 -27.16
N GLY E 273 48.85 47.30 -27.74
CA GLY E 273 49.97 46.44 -28.05
C GLY E 273 51.00 46.43 -26.94
N GLY E 274 52.05 45.64 -27.17
CA GLY E 274 53.10 45.54 -26.19
C GLY E 274 54.12 46.66 -26.30
N ILE E 275 54.89 46.82 -25.23
CA ILE E 275 55.97 47.82 -25.22
C ILE E 275 57.10 47.32 -26.12
N PRO E 276 57.55 48.13 -27.08
CA PRO E 276 58.67 47.70 -27.93
C PRO E 276 59.93 47.47 -27.10
N LYS E 277 60.78 46.56 -27.58
CA LYS E 277 61.98 46.18 -26.84
C LYS E 277 62.90 47.37 -26.58
N SER E 278 62.92 48.36 -27.48
CA SER E 278 63.80 49.51 -27.31
C SER E 278 63.53 50.25 -26.00
N GLU E 279 62.27 50.32 -25.58
CA GLU E 279 61.94 51.01 -24.34
C GLU E 279 62.54 50.32 -23.12
N PHE E 280 62.92 49.05 -23.24
CA PHE E 280 63.53 48.32 -22.14
C PHE E 280 65.04 48.48 -22.08
N GLN E 281 65.63 49.22 -23.02
CA GLN E 281 67.07 49.36 -23.09
C GLN E 281 67.59 50.42 -22.13
N HIS E 282 68.85 50.24 -21.70
CA HIS E 282 69.44 51.14 -20.72
C HIS E 282 69.58 52.56 -21.24
N ASP E 283 69.98 52.72 -22.51
CA ASP E 283 70.18 54.04 -23.07
C ASP E 283 68.88 54.83 -23.12
N THR E 284 67.78 54.18 -23.54
CA THR E 284 66.50 54.87 -23.62
C THR E 284 66.05 55.34 -22.24
N ILE E 285 66.18 54.47 -21.23
CA ILE E 285 65.78 54.83 -19.87
C ILE E 285 66.65 55.96 -19.35
N ALA E 286 67.95 55.91 -19.64
CA ALA E 286 68.85 56.97 -19.19
C ALA E 286 68.49 58.32 -19.81
N GLU E 287 68.18 58.33 -21.10
CA GLU E 287 67.77 59.57 -21.74
C GLU E 287 66.46 60.09 -21.16
N ARG E 288 65.52 59.19 -20.87
CA ARG E 288 64.28 59.63 -20.24
C ARG E 288 64.54 60.22 -18.87
N VAL E 289 65.45 59.60 -18.10
CA VAL E 289 65.80 60.13 -16.78
C VAL E 289 66.39 61.51 -16.91
N ALA E 290 67.29 61.70 -17.88
CA ALA E 290 67.90 63.01 -18.08
C ALA E 290 66.85 64.05 -18.47
N GLN E 291 65.89 63.66 -19.29
CA GLN E 291 64.85 64.59 -19.73
C GLN E 291 63.75 64.81 -18.68
N THR E 292 63.69 63.98 -17.64
CA THR E 292 62.65 64.09 -16.63
C THR E 292 63.19 64.83 -15.41
N PRO E 293 62.61 65.96 -15.03
CA PRO E 293 63.12 66.68 -13.86
C PRO E 293 62.82 65.94 -12.57
N ASN E 294 63.75 66.07 -11.62
CA ASN E 294 63.66 65.40 -10.32
C ASN E 294 63.54 63.89 -10.48
N ALA E 295 64.26 63.33 -11.45
CA ALA E 295 64.25 61.91 -11.72
C ALA E 295 65.66 61.36 -11.64
N THR E 296 65.84 60.28 -10.90
CA THR E 296 67.07 59.54 -10.81
C THR E 296 66.88 58.21 -11.53
N TRP E 297 67.88 57.32 -11.42
CA TRP E 297 67.74 56.01 -12.05
C TRP E 297 66.61 55.25 -11.37
N PRO E 298 65.66 54.71 -12.13
CA PRO E 298 64.49 54.07 -11.51
C PRO E 298 64.88 52.88 -10.65
N VAL E 299 64.18 52.74 -9.52
CA VAL E 299 64.40 51.63 -8.60
C VAL E 299 63.31 50.58 -8.70
N HIS E 300 62.24 50.84 -9.45
CA HIS E 300 61.13 49.93 -9.59
C HIS E 300 60.61 50.00 -11.02
N ALA E 301 60.05 48.91 -11.50
CA ALA E 301 59.51 48.84 -12.86
C ALA E 301 58.24 48.00 -12.85
N VAL E 302 57.19 48.54 -13.46
CA VAL E 302 55.88 47.89 -13.52
C VAL E 302 55.51 47.70 -14.98
N VAL E 303 55.21 46.46 -15.35
CA VAL E 303 54.80 46.08 -16.70
C VAL E 303 53.50 45.29 -16.61
N THR E 304 52.56 45.60 -17.49
CA THR E 304 51.29 44.87 -17.55
C THR E 304 51.47 43.65 -18.44
N ASN E 305 51.36 42.46 -17.86
CA ASN E 305 51.53 41.23 -18.62
C ASN E 305 50.57 40.19 -18.06
N SER E 306 49.58 39.79 -18.84
CA SER E 306 49.41 40.30 -20.20
C SER E 306 48.48 41.49 -20.26
N THR E 307 48.24 41.97 -21.47
CA THR E 307 47.31 43.06 -21.69
C THR E 307 45.87 42.55 -21.58
N TYR E 308 44.93 43.49 -21.63
CA TYR E 308 43.52 43.14 -21.57
C TYR E 308 43.13 42.22 -22.73
N ASP E 309 43.71 42.43 -23.90
CA ASP E 309 43.37 41.63 -25.06
C ASP E 309 44.16 40.32 -25.14
N GLY E 310 45.10 40.09 -24.21
CA GLY E 310 45.80 38.83 -24.16
C GLY E 310 47.15 38.80 -24.85
N LEU E 311 47.89 39.91 -24.85
CA LEU E 311 49.22 39.96 -25.45
C LEU E 311 50.25 39.81 -24.35
N LEU E 312 50.99 38.71 -24.37
CA LEU E 312 52.01 38.39 -23.39
C LEU E 312 53.40 38.72 -23.93
N TYR E 313 54.26 39.19 -23.03
CA TYR E 313 55.65 39.48 -23.36
C TYR E 313 56.50 38.22 -23.18
N ASN E 314 57.61 38.17 -23.90
CA ASN E 314 58.67 37.20 -23.61
C ASN E 314 59.41 37.75 -22.39
N THR E 315 59.04 37.25 -21.21
CA THR E 315 59.53 37.85 -19.97
C THR E 315 61.00 37.58 -19.73
N ASP E 316 61.59 36.57 -20.38
CA ASP E 316 63.03 36.35 -20.22
C ASP E 316 63.82 37.54 -20.73
N TYR E 317 63.42 38.09 -21.87
CA TYR E 317 64.12 39.26 -22.42
C TYR E 317 63.99 40.45 -21.49
N ILE E 318 62.81 40.67 -20.92
CA ILE E 318 62.61 41.80 -20.01
C ILE E 318 63.45 41.62 -18.75
N LYS E 319 63.47 40.42 -18.19
CA LYS E 319 64.25 40.17 -16.99
C LYS E 319 65.73 40.38 -17.25
N GLU E 320 66.22 39.96 -18.42
CA GLU E 320 67.64 40.12 -18.71
C GLU E 320 68.00 41.57 -19.03
N ALA E 321 67.13 42.28 -19.74
CA ALA E 321 67.50 43.57 -20.31
C ALA E 321 67.17 44.76 -19.42
N LEU E 322 66.10 44.68 -18.63
CA LEU E 322 65.66 45.81 -17.80
C LEU E 322 66.60 45.94 -16.61
N ASP E 323 67.45 46.97 -16.63
CA ASP E 323 68.43 47.19 -15.58
C ASP E 323 67.81 47.89 -14.37
N VAL E 324 66.82 47.21 -13.79
CA VAL E 324 66.10 47.69 -12.61
C VAL E 324 66.11 46.59 -11.57
N LYS E 325 66.44 46.94 -10.33
CA LYS E 325 66.57 45.94 -9.28
C LYS E 325 65.23 45.31 -8.89
N SER E 326 64.11 45.97 -9.15
CA SER E 326 62.81 45.44 -8.80
C SER E 326 61.90 45.51 -10.02
N ILE E 327 61.46 44.35 -10.51
CA ILE E 327 60.56 44.28 -11.66
C ILE E 327 59.28 43.60 -11.21
N HIS E 328 58.15 44.29 -11.41
CA HIS E 328 56.85 43.78 -11.01
C HIS E 328 55.95 43.64 -12.24
N PHE E 329 55.41 42.45 -12.42
CA PHE E 329 54.48 42.16 -13.51
C PHE E 329 53.06 42.13 -12.96
N ASP E 330 52.24 43.06 -13.45
CA ASP E 330 50.81 43.09 -13.15
C ASP E 330 50.16 42.00 -13.99
N SER E 331 50.05 40.81 -13.41
CA SER E 331 49.54 39.63 -14.10
C SER E 331 48.11 39.30 -13.68
N ALA E 332 47.31 40.35 -13.45
CA ALA E 332 45.93 40.14 -13.02
C ALA E 332 45.15 39.30 -14.01
N TRP E 333 45.46 39.41 -15.30
CA TRP E 333 44.72 38.69 -16.32
C TRP E 333 45.28 37.30 -16.63
N VAL E 334 46.44 36.94 -16.09
CA VAL E 334 47.03 35.64 -16.40
C VAL E 334 47.47 34.92 -15.14
N PRO E 335 46.57 34.52 -14.24
CA PRO E 335 46.99 33.71 -13.09
C PRO E 335 47.15 32.23 -13.42
N TYR E 336 46.80 31.81 -14.62
CA TYR E 336 46.89 30.40 -15.01
C TYR E 336 48.25 30.02 -15.57
N THR E 337 49.16 30.98 -15.75
CA THR E 337 50.52 30.62 -16.11
C THR E 337 51.12 29.75 -15.01
N ASN E 338 52.13 28.96 -15.38
CA ASN E 338 52.77 27.91 -14.60
C ASN E 338 51.94 26.62 -14.59
N PHE E 339 50.72 26.64 -15.12
CA PHE E 339 49.90 25.43 -15.15
C PHE E 339 49.75 24.84 -16.54
N SER E 340 50.25 25.52 -17.57
CA SER E 340 50.32 24.99 -18.92
C SER E 340 51.69 25.29 -19.50
N PRO E 341 52.30 24.33 -20.22
CA PRO E 341 53.63 24.57 -20.80
C PRO E 341 53.66 25.66 -21.87
N ILE E 342 52.52 26.03 -22.46
CA ILE E 342 52.53 27.05 -23.50
C ILE E 342 52.91 28.43 -22.97
N TYR E 343 52.88 28.63 -21.66
CA TYR E 343 53.19 29.93 -21.07
C TYR E 343 54.62 30.00 -20.54
N LYS E 344 55.45 29.00 -20.83
CA LYS E 344 56.83 29.04 -20.37
C LYS E 344 57.57 30.21 -20.99
N GLY E 345 58.28 30.96 -20.16
CA GLY E 345 59.00 32.13 -20.61
C GLY E 345 58.13 33.35 -20.89
N LEU E 346 56.85 33.31 -20.52
CA LEU E 346 55.93 34.40 -20.79
C LEU E 346 55.31 34.98 -19.52
N CYS E 347 55.94 34.77 -18.36
CA CYS E 347 55.40 35.26 -17.11
C CYS E 347 56.53 35.53 -16.14
N GLY E 348 56.23 36.36 -15.12
CA GLY E 348 57.25 36.78 -14.19
C GLY E 348 57.86 35.64 -13.38
N MET E 349 57.03 34.67 -13.00
CA MET E 349 57.51 33.54 -12.21
C MET E 349 58.18 32.45 -13.04
N SER E 350 58.20 32.60 -14.35
CA SER E 350 58.82 31.58 -15.21
C SER E 350 60.33 31.55 -14.98
N GLY E 351 60.87 30.34 -14.85
CA GLY E 351 62.29 30.18 -14.64
C GLY E 351 62.68 30.27 -13.18
N GLY E 352 63.87 30.79 -12.91
CA GLY E 352 64.35 30.89 -11.55
C GLY E 352 64.74 32.29 -11.11
N ARG E 353 65.57 32.37 -10.08
CA ARG E 353 66.01 33.66 -9.56
C ARG E 353 66.79 34.43 -10.61
N VAL E 354 66.64 35.75 -10.58
CA VAL E 354 67.46 36.66 -11.37
C VAL E 354 68.44 37.33 -10.42
N GLU E 355 69.73 37.25 -10.75
CA GLU E 355 70.76 37.78 -9.87
C GLU E 355 70.61 39.29 -9.72
N GLY E 356 70.61 39.75 -8.47
CA GLY E 356 70.50 41.16 -8.18
C GLY E 356 69.16 41.79 -8.43
N LYS E 357 68.13 40.98 -8.67
CA LYS E 357 66.80 41.50 -8.98
C LYS E 357 65.75 40.73 -8.19
N VAL E 358 64.62 41.39 -7.95
CA VAL E 358 63.46 40.75 -7.36
C VAL E 358 62.30 40.89 -8.33
N ILE E 359 61.65 39.77 -8.63
CA ILE E 359 60.53 39.71 -9.56
C ILE E 359 59.25 39.51 -8.76
N TYR E 360 58.29 40.39 -9.00
CA TYR E 360 56.96 40.31 -8.40
C TYR E 360 55.95 39.96 -9.47
N GLU E 361 54.96 39.16 -9.08
CA GLU E 361 53.79 38.91 -9.91
C GLU E 361 52.56 39.25 -9.08
N THR E 362 51.68 40.08 -9.63
CA THR E 362 50.39 40.32 -9.00
C THR E 362 49.31 39.68 -9.85
N GLN E 363 48.60 38.72 -9.27
CA GLN E 363 47.63 37.92 -10.02
C GLN E 363 46.24 38.07 -9.42
N SER E 364 45.26 38.30 -10.27
CA SER E 364 43.86 38.30 -9.85
C SER E 364 43.37 36.87 -9.91
N THR E 365 43.43 36.18 -8.77
CA THR E 365 42.93 34.82 -8.70
C THR E 365 41.46 34.74 -9.07
N HIS E 366 40.71 35.80 -8.79
CA HIS E 366 39.28 35.87 -9.06
C HIS E 366 38.96 36.30 -10.48
N LYS E 367 39.95 36.39 -11.37
CA LYS E 367 39.70 36.85 -12.73
C LYS E 367 39.65 35.72 -13.74
N LEU E 368 40.64 34.82 -13.70
CA LEU E 368 40.72 33.72 -14.65
C LEU E 368 40.81 32.35 -14.01
N LEU E 369 41.00 32.27 -12.70
CA LEU E 369 40.87 31.03 -11.96
C LEU E 369 39.50 31.02 -11.27
N ALA E 370 39.27 30.05 -10.40
CA ALA E 370 38.00 29.93 -9.69
C ALA E 370 38.19 30.42 -8.26
N ALA E 371 37.76 31.65 -7.99
CA ALA E 371 37.85 32.22 -6.66
C ALA E 371 36.83 33.35 -6.55
N PHE E 372 36.50 33.70 -5.31
CA PHE E 372 35.62 34.83 -5.06
C PHE E 372 36.32 36.14 -5.43
N SER E 373 35.52 37.13 -5.84
CA SER E 373 36.05 38.44 -6.19
C SER E 373 36.82 39.04 -5.03
N GLN E 374 37.84 39.84 -5.37
CA GLN E 374 38.83 40.49 -4.51
C GLN E 374 39.94 39.54 -4.08
N ALA E 375 39.92 38.28 -4.50
CA ALA E 375 40.99 37.35 -4.17
C ALA E 375 42.18 37.60 -5.08
N SER E 376 43.33 37.93 -4.50
CA SER E 376 44.51 38.25 -5.27
C SER E 376 45.73 37.61 -4.64
N MET E 377 46.78 37.46 -5.44
CA MET E 377 48.02 36.85 -5.00
C MET E 377 49.20 37.76 -5.35
N ILE E 378 50.15 37.85 -4.42
CA ILE E 378 51.45 38.43 -4.67
C ILE E 378 52.46 37.28 -4.65
N HIS E 379 53.19 37.13 -5.74
CA HIS E 379 54.22 36.11 -5.86
C HIS E 379 55.57 36.80 -5.94
N VAL E 380 56.53 36.34 -5.13
CA VAL E 380 57.84 36.96 -5.02
C VAL E 380 58.90 35.93 -5.34
N LYS E 381 59.79 36.27 -6.27
CA LYS E 381 60.97 35.48 -6.59
C LYS E 381 62.17 36.42 -6.45
N GLY E 382 62.99 36.19 -5.43
CA GLY E 382 64.12 37.03 -5.14
C GLY E 382 64.17 37.37 -3.68
N ASP E 383 65.06 38.29 -3.32
CA ASP E 383 65.32 38.64 -1.93
C ASP E 383 64.51 39.87 -1.54
N ILE E 384 63.78 39.75 -0.42
CA ILE E 384 63.02 40.85 0.14
C ILE E 384 63.26 40.88 1.64
N ASN E 385 63.13 42.07 2.23
CA ASN E 385 63.09 42.21 3.67
C ASN E 385 61.70 41.78 4.13
N GLU E 386 61.61 40.64 4.81
CA GLU E 386 60.31 40.08 5.15
C GLU E 386 59.54 41.00 6.08
N GLU E 387 60.22 41.63 7.03
CA GLU E 387 59.54 42.52 7.97
C GLU E 387 58.99 43.76 7.29
N THR E 388 59.80 44.42 6.48
CA THR E 388 59.34 45.64 5.80
C THR E 388 58.21 45.32 4.83
N PHE E 389 58.34 44.23 4.08
CA PHE E 389 57.27 43.84 3.17
C PHE E 389 56.01 43.50 3.95
N ASN E 390 56.15 42.86 5.10
CA ASN E 390 54.98 42.54 5.92
C ASN E 390 54.31 43.81 6.43
N GLU E 391 55.10 44.82 6.76
CA GLU E 391 54.53 46.10 7.16
C GLU E 391 53.73 46.72 6.02
N ALA E 392 54.32 46.73 4.82
CA ALA E 392 53.61 47.27 3.66
C ALA E 392 52.34 46.47 3.36
N TYR E 393 52.41 45.15 3.56
CA TYR E 393 51.24 44.29 3.37
C TYR E 393 50.15 44.60 4.39
N MET E 394 50.52 44.83 5.64
CA MET E 394 49.53 45.09 6.69
C MET E 394 48.92 46.48 6.56
N MET E 395 49.65 47.44 5.99
CA MET E 395 49.09 48.78 5.83
C MET E 395 47.94 48.82 4.83
N HIS E 396 47.72 47.78 4.04
CA HIS E 396 46.65 47.77 3.07
C HIS E 396 45.63 46.65 3.26
N THR E 397 45.90 45.69 4.15
CA THR E 397 44.98 44.59 4.38
C THR E 397 44.17 44.84 5.64
N SER E 398 42.87 44.59 5.56
CA SER E 398 41.98 44.79 6.70
C SER E 398 42.29 43.80 7.82
N THR E 399 42.01 44.21 9.04
CA THR E 399 42.20 43.35 10.21
C THR E 399 41.09 42.33 10.36
N SER E 400 40.08 42.37 9.52
CA SER E 400 38.99 41.39 9.51
C SER E 400 38.84 40.84 8.11
N PRO E 401 39.77 39.99 7.68
CA PRO E 401 39.67 39.43 6.33
C PRO E 401 38.45 38.55 6.20
N HIS E 402 37.86 38.58 5.01
CA HIS E 402 36.78 37.67 4.67
C HIS E 402 37.35 36.28 4.48
N TYR E 403 37.08 35.38 5.42
CA TYR E 403 37.65 34.03 5.36
C TYR E 403 37.17 33.26 4.14
N GLY E 404 35.98 33.60 3.63
CA GLY E 404 35.52 32.98 2.39
C GLY E 404 36.43 33.29 1.23
N ILE E 405 36.90 34.53 1.12
CA ILE E 405 37.80 34.91 0.04
C ILE E 405 39.15 34.23 0.20
N VAL E 406 39.66 34.19 1.44
CA VAL E 406 40.94 33.53 1.71
C VAL E 406 40.87 32.06 1.34
N ALA E 407 39.77 31.40 1.74
CA ALA E 407 39.58 29.99 1.41
C ALA E 407 39.40 29.79 -0.08
N SER E 408 38.76 30.75 -0.76
CA SER E 408 38.61 30.65 -2.21
C SER E 408 39.97 30.74 -2.91
N THR E 409 40.86 31.58 -2.38
CA THR E 409 42.21 31.67 -2.93
C THR E 409 42.96 30.35 -2.77
N GLU E 410 42.91 29.78 -1.55
CA GLU E 410 43.58 28.50 -1.32
C GLU E 410 42.97 27.38 -2.17
N THR E 411 41.63 27.37 -2.29
CA THR E 411 40.96 26.35 -3.09
C THR E 411 41.27 26.50 -4.57
N ALA E 412 41.43 27.74 -5.04
CA ALA E 412 41.84 27.97 -6.41
C ALA E 412 43.23 27.42 -6.65
N ALA E 413 44.12 27.55 -5.67
CA ALA E 413 45.42 26.91 -5.79
C ALA E 413 45.27 25.38 -5.85
N ALA E 414 44.38 24.83 -5.01
CA ALA E 414 44.21 23.38 -4.95
C ALA E 414 43.60 22.80 -6.22
N MET E 415 42.72 23.56 -6.89
CA MET E 415 42.06 23.07 -8.10
C MET E 415 43.06 22.85 -9.24
N MET E 416 44.21 23.52 -9.21
CA MET E 416 45.19 23.38 -10.26
C MET E 416 46.07 22.15 -10.09
N LYS E 417 45.98 21.45 -8.96
CA LYS E 417 46.87 20.33 -8.69
C LYS E 417 46.38 19.04 -9.34
N GLY E 418 47.33 18.27 -9.86
CA GLY E 418 47.04 16.93 -10.33
C GLY E 418 46.51 16.86 -11.76
N ASN E 419 46.16 15.64 -12.12
CA ASN E 419 45.59 15.37 -13.44
C ASN E 419 44.29 16.13 -13.66
N ALA E 420 43.49 16.30 -12.59
CA ALA E 420 42.26 17.06 -12.71
C ALA E 420 42.53 18.50 -13.11
N GLY E 421 43.50 19.14 -12.45
CA GLY E 421 43.83 20.52 -12.79
C GLY E 421 44.46 20.65 -14.16
N LYS E 422 45.35 19.72 -14.51
CA LYS E 422 45.94 19.75 -15.84
C LYS E 422 44.87 19.60 -16.91
N ARG E 423 43.92 18.69 -16.70
CA ARG E 423 42.82 18.54 -17.65
C ARG E 423 41.96 19.79 -17.70
N LEU E 424 41.74 20.44 -16.56
CA LEU E 424 40.97 21.68 -16.56
C LEU E 424 41.62 22.74 -17.45
N ILE E 425 42.91 23.00 -17.24
CA ILE E 425 43.59 24.04 -18.01
C ILE E 425 43.68 23.66 -19.49
N ASN E 426 44.07 22.42 -19.77
CA ASN E 426 44.20 21.97 -21.16
C ASN E 426 42.86 22.00 -21.87
N GLY E 427 41.79 21.57 -21.19
CA GLY E 427 40.48 21.61 -21.79
C GLY E 427 40.00 23.02 -22.06
N SER E 428 40.30 23.96 -21.15
CA SER E 428 39.94 25.34 -21.41
C SER E 428 40.66 25.89 -22.64
N ILE E 429 41.96 25.60 -22.76
CA ILE E 429 42.72 26.05 -23.94
C ILE E 429 42.16 25.43 -25.21
N GLU E 430 41.89 24.11 -25.17
CA GLU E 430 41.38 23.41 -26.35
C GLU E 430 40.00 23.90 -26.73
N ARG E 431 39.15 24.20 -25.75
CA ARG E 431 37.84 24.76 -26.02
C ARG E 431 37.95 26.12 -26.69
N ALA E 432 38.85 26.97 -26.18
CA ALA E 432 39.03 28.28 -26.81
C ALA E 432 39.50 28.13 -28.25
N ILE E 433 40.44 27.23 -28.51
CA ILE E 433 40.97 27.05 -29.86
C ILE E 433 39.90 26.48 -30.78
N ARG E 434 39.08 25.55 -30.28
CA ARG E 434 38.01 25.01 -31.10
C ARG E 434 37.00 26.10 -31.46
N PHE E 435 36.67 26.97 -30.50
CA PHE E 435 35.77 28.08 -30.79
C PHE E 435 36.37 29.02 -31.83
N ARG E 436 37.67 29.30 -31.73
CA ARG E 436 38.32 30.17 -32.69
C ARG E 436 38.28 29.57 -34.10
N LYS E 437 38.59 28.28 -34.21
CA LYS E 437 38.54 27.61 -35.50
C LYS E 437 37.13 27.60 -36.05
N GLU E 438 36.13 27.40 -35.19
CA GLU E 438 34.75 27.42 -35.66
C GLU E 438 34.34 28.81 -36.16
N ILE E 439 34.81 29.85 -35.49
CA ILE E 439 34.52 31.20 -35.96
C ILE E 439 35.14 31.42 -37.34
N LYS E 440 36.38 30.97 -37.53
CA LYS E 440 37.00 31.08 -38.85
C LYS E 440 36.22 30.31 -39.91
N ARG E 441 35.80 29.08 -39.57
CA ARG E 441 35.06 28.25 -40.51
C ARG E 441 33.73 28.90 -40.88
N LEU E 442 33.00 29.41 -39.90
CA LEU E 442 31.73 30.08 -40.17
C LEU E 442 31.95 31.33 -41.04
N ASN E 443 33.01 32.08 -40.76
CA ASN E 443 33.30 33.26 -41.56
C ASN E 443 33.58 32.89 -43.02
N SER E 444 34.30 31.79 -43.23
CA SER E 444 34.55 31.32 -44.59
C SER E 444 33.26 30.81 -45.24
N GLU E 445 32.43 30.11 -44.46
CA GLU E 445 31.18 29.57 -44.98
C GLU E 445 30.13 30.66 -45.19
N SER E 446 30.25 31.78 -44.48
CA SER E 446 29.23 32.81 -44.54
C SER E 446 29.23 33.52 -45.89
N GLU E 447 28.03 33.79 -46.39
CA GLU E 447 27.84 34.65 -47.54
C GLU E 447 27.55 36.06 -47.02
N GLY E 448 28.42 37.00 -47.36
CA GLY E 448 28.31 38.33 -46.81
C GLY E 448 29.14 38.48 -45.55
N TRP E 449 28.76 39.47 -44.74
CA TRP E 449 29.50 39.79 -43.53
C TRP E 449 29.30 38.71 -42.47
N PHE E 450 30.35 38.50 -41.68
CA PHE E 450 30.28 37.66 -40.50
C PHE E 450 31.35 38.08 -39.52
N PHE E 451 31.16 37.69 -38.26
CA PHE E 451 32.14 37.99 -37.23
C PHE E 451 33.47 37.31 -37.53
N ASP E 452 34.55 38.03 -37.27
CA ASP E 452 35.91 37.51 -37.41
C ASP E 452 36.53 37.38 -36.03
N VAL E 453 37.70 36.76 -35.98
CA VAL E 453 38.43 36.58 -34.74
C VAL E 453 39.85 37.12 -34.94
N TRP E 454 40.32 37.92 -33.99
CA TRP E 454 41.63 38.57 -34.02
C TRP E 454 42.69 37.53 -33.67
N GLN E 455 43.25 36.89 -34.69
CA GLN E 455 44.14 35.77 -34.48
C GLN E 455 44.92 35.52 -35.77
N PRO E 456 45.99 34.72 -35.71
CA PRO E 456 46.70 34.36 -36.94
C PRO E 456 45.84 33.51 -37.87
N GLU E 457 46.22 33.53 -39.15
CA GLU E 457 45.39 32.94 -40.20
C GLU E 457 45.21 31.44 -40.02
N GLY E 458 46.27 30.71 -39.67
CA GLY E 458 46.21 29.27 -39.65
C GLY E 458 46.44 28.56 -38.33
N ILE E 459 45.82 29.04 -37.25
CA ILE E 459 46.04 28.45 -35.94
C ILE E 459 45.72 26.96 -35.97
N ASP E 460 46.68 26.14 -35.54
CA ASP E 460 46.49 24.69 -35.56
C ASP E 460 46.58 24.08 -34.16
N GLU E 461 47.69 24.25 -33.46
CA GLU E 461 47.92 23.56 -32.20
C GLU E 461 47.83 24.53 -31.03
N ALA E 462 47.81 23.96 -29.83
CA ALA E 462 47.69 24.74 -28.60
C ALA E 462 49.04 25.38 -28.27
N LYS E 463 49.08 26.71 -28.36
CA LYS E 463 50.28 27.49 -28.07
C LYS E 463 49.90 28.96 -28.08
N CYS E 464 50.79 29.79 -27.56
CA CYS E 464 50.64 31.24 -27.64
C CYS E 464 51.28 31.70 -28.95
N TRP E 465 50.46 32.14 -29.89
CA TRP E 465 50.93 32.44 -31.23
C TRP E 465 51.75 33.72 -31.23
N PRO E 466 52.99 33.69 -31.73
CA PRO E 466 53.80 34.91 -31.77
C PRO E 466 53.25 35.91 -32.78
N LEU E 467 53.50 37.18 -32.51
CA LEU E 467 53.11 38.26 -33.40
C LEU E 467 54.32 38.63 -34.24
N ASP E 468 54.31 38.23 -35.50
CA ASP E 468 55.42 38.49 -36.41
C ASP E 468 55.16 39.74 -37.24
N SER E 469 56.24 40.37 -37.69
CA SER E 469 56.13 41.57 -38.50
C SER E 469 55.71 41.26 -39.93
N LYS E 470 55.85 40.02 -40.38
CA LYS E 470 55.42 39.67 -41.73
C LYS E 470 53.90 39.72 -41.86
N ASP E 471 53.20 39.10 -40.92
CA ASP E 471 51.74 39.06 -40.95
C ASP E 471 51.16 40.41 -40.54
N ASN E 472 49.92 40.64 -40.99
CA ASN E 472 49.23 41.90 -40.69
C ASN E 472 47.91 41.68 -39.96
N TRP E 473 47.67 40.49 -39.42
CA TRP E 473 46.42 40.25 -38.71
C TRP E 473 46.32 41.07 -37.43
N HIS E 474 47.43 41.28 -36.74
CA HIS E 474 47.42 41.98 -35.47
C HIS E 474 47.37 43.50 -35.61
N GLY E 475 47.63 44.03 -36.79
CA GLY E 475 47.49 45.46 -37.03
C GLY E 475 48.59 46.33 -36.45
N PHE E 476 49.64 45.75 -35.89
CA PHE E 476 50.73 46.54 -35.31
C PHE E 476 51.80 46.78 -36.37
N LYS E 477 52.35 47.99 -36.36
CA LYS E 477 53.32 48.43 -37.36
C LYS E 477 54.73 48.27 -36.83
N ASP E 478 55.56 47.54 -37.58
CA ASP E 478 56.97 47.33 -37.26
C ASP E 478 57.14 46.77 -35.85
N ILE E 479 56.59 45.58 -35.65
CA ILE E 479 56.64 44.93 -34.35
C ILE E 479 57.94 44.12 -34.25
N ASP E 480 58.49 44.08 -33.04
CA ASP E 480 59.64 43.23 -32.78
C ASP E 480 59.23 41.77 -32.85
N ASN E 481 60.14 40.93 -33.34
CA ASN E 481 59.88 39.51 -33.44
C ASN E 481 60.29 38.80 -32.16
N ASP E 482 59.61 37.68 -31.88
CA ASP E 482 59.81 36.91 -30.65
C ASP E 482 59.60 37.79 -29.42
N HIS E 483 58.66 38.71 -29.51
CA HIS E 483 58.40 39.68 -28.46
C HIS E 483 57.00 39.56 -27.87
N MET E 484 55.96 39.58 -28.69
CA MET E 484 54.58 39.52 -28.24
C MET E 484 53.92 38.23 -28.71
N TYR E 485 53.14 37.61 -27.82
CA TYR E 485 52.42 36.38 -28.11
C TYR E 485 50.96 36.55 -27.74
N LEU E 486 50.09 35.79 -28.41
CA LEU E 486 48.65 35.89 -28.18
C LEU E 486 48.16 34.70 -27.36
N ASP E 487 47.49 35.00 -26.26
CA ASP E 487 46.90 33.97 -25.39
C ASP E 487 45.63 33.43 -26.04
N PRO E 488 45.53 32.13 -26.30
CA PRO E 488 44.30 31.59 -26.89
C PRO E 488 43.07 31.75 -26.00
N ILE E 489 43.25 31.90 -24.70
CA ILE E 489 42.11 32.02 -23.78
C ILE E 489 41.32 33.29 -24.05
N LYS E 490 42.01 34.39 -24.35
CA LYS E 490 41.38 35.70 -24.53
C LYS E 490 40.96 35.82 -25.99
N VAL E 491 39.67 35.58 -26.27
CA VAL E 491 39.18 35.51 -27.64
C VAL E 491 38.56 36.86 -28.00
N THR E 492 39.14 37.53 -28.98
CA THR E 492 38.65 38.81 -29.45
C THR E 492 37.92 38.60 -30.78
N LEU E 493 36.62 38.80 -30.77
CA LEU E 493 35.82 38.75 -31.99
C LEU E 493 35.75 40.15 -32.60
N LEU E 494 35.79 40.21 -33.92
CA LEU E 494 35.78 41.46 -34.66
C LEU E 494 34.47 41.64 -35.40
N THR E 495 33.92 42.81 -35.33
CA THR E 495 32.75 43.17 -36.10
C THR E 495 33.16 44.01 -37.31
N PRO E 496 32.41 43.93 -38.41
CA PRO E 496 32.81 44.66 -39.61
C PRO E 496 32.74 46.16 -39.41
N GLY E 497 33.57 46.87 -40.17
CA GLY E 497 33.64 48.32 -40.07
C GLY E 497 35.04 48.86 -40.28
N MET E 498 36.04 47.98 -40.18
CA MET E 498 37.43 48.33 -40.42
C MET E 498 37.97 47.51 -41.58
N GLN E 499 39.01 48.03 -42.21
CA GLN E 499 39.66 47.38 -43.34
C GLN E 499 41.00 46.79 -42.91
N LYS E 500 41.59 46.01 -43.82
CA LYS E 500 42.84 45.34 -43.52
C LYS E 500 43.99 46.33 -43.35
N ASP E 501 43.90 47.50 -43.97
CA ASP E 501 44.95 48.50 -43.90
C ASP E 501 44.76 49.48 -42.75
N GLY E 502 43.73 49.30 -41.92
CA GLY E 502 43.50 50.16 -40.78
C GLY E 502 42.48 51.26 -41.00
N SER E 503 42.07 51.51 -42.23
CA SER E 503 41.08 52.54 -42.50
C SER E 503 39.67 51.99 -42.26
N MET E 504 38.71 52.91 -42.23
CA MET E 504 37.31 52.57 -42.03
C MET E 504 36.68 52.10 -43.34
N ALA E 505 35.64 51.29 -43.20
CA ALA E 505 34.87 50.80 -44.33
C ALA E 505 33.60 51.63 -44.50
N ASP E 506 32.96 51.47 -45.66
CA ASP E 506 31.74 52.21 -45.93
C ASP E 506 30.63 51.83 -44.95
N THR E 507 30.46 50.53 -44.70
CA THR E 507 29.49 50.03 -43.75
C THR E 507 30.21 49.44 -42.55
N GLY E 508 29.46 49.28 -41.46
CA GLY E 508 30.04 48.71 -40.25
C GLY E 508 28.97 48.49 -39.20
N ILE E 509 29.25 47.54 -38.32
CA ILE E 509 28.36 47.24 -37.20
C ILE E 509 29.14 47.47 -35.91
N PRO E 510 28.87 48.55 -35.18
CA PRO E 510 29.57 48.78 -33.92
C PRO E 510 29.33 47.65 -32.94
N ALA E 511 30.41 47.23 -32.27
CA ALA E 511 30.34 46.07 -31.39
C ALA E 511 29.44 46.28 -30.19
N SER E 512 29.17 47.54 -29.82
CA SER E 512 28.29 47.81 -28.69
C SER E 512 26.87 47.31 -28.95
N ILE E 513 26.41 47.41 -30.20
CA ILE E 513 25.08 46.92 -30.55
C ILE E 513 25.02 45.40 -30.38
N VAL E 514 26.06 44.70 -30.82
CA VAL E 514 26.11 43.25 -30.66
C VAL E 514 26.19 42.88 -29.19
N SER E 515 26.94 43.65 -28.40
CA SER E 515 27.01 43.41 -26.97
C SER E 515 25.65 43.56 -26.30
N LYS E 516 24.91 44.61 -26.67
CA LYS E 516 23.57 44.79 -26.14
C LYS E 516 22.65 43.65 -26.55
N TYR E 517 22.74 43.22 -27.81
CA TYR E 517 21.92 42.09 -28.27
C TYR E 517 22.24 40.83 -27.50
N LEU E 518 23.52 40.57 -27.24
CA LEU E 518 23.91 39.39 -26.47
C LEU E 518 23.40 39.48 -25.03
N ASP E 519 23.51 40.67 -24.42
CA ASP E 519 22.99 40.85 -23.07
C ASP E 519 21.49 40.60 -23.02
N GLU E 520 20.77 41.06 -24.04
CA GLU E 520 19.33 40.80 -24.12
C GLU E 520 19.03 39.31 -24.17
N HIS E 521 19.95 38.52 -24.74
CA HIS E 521 19.78 37.08 -24.86
C HIS E 521 20.63 36.30 -23.87
N GLY E 522 20.92 36.90 -22.71
CA GLY E 522 21.56 36.18 -21.63
C GLY E 522 23.04 35.90 -21.79
N ILE E 523 23.75 36.70 -22.58
CA ILE E 523 25.19 36.54 -22.78
C ILE E 523 25.87 37.85 -22.42
N ILE E 524 26.84 37.79 -21.51
CA ILE E 524 27.55 38.96 -21.03
C ILE E 524 28.97 38.91 -21.57
N VAL E 525 29.36 39.94 -22.30
CA VAL E 525 30.72 40.05 -22.80
C VAL E 525 31.60 40.71 -21.74
N GLU E 526 32.89 40.36 -21.75
CA GLU E 526 33.82 40.94 -20.79
C GLU E 526 33.93 42.45 -21.00
N LYS E 527 34.22 42.88 -22.23
CA LYS E 527 34.30 44.29 -22.54
C LYS E 527 34.10 44.46 -24.04
N THR E 528 33.71 45.67 -24.43
CA THR E 528 33.39 45.98 -25.82
C THR E 528 34.17 47.21 -26.27
N GLY E 529 34.88 47.08 -27.38
CA GLY E 529 35.51 48.20 -28.02
C GLY E 529 34.65 48.72 -29.15
N PRO E 530 35.16 49.68 -29.92
CA PRO E 530 34.36 50.21 -31.04
C PRO E 530 33.94 49.16 -32.04
N TYR E 531 34.82 48.20 -32.35
CA TYR E 531 34.50 47.13 -33.29
C TYR E 531 35.04 45.79 -32.84
N ASN E 532 35.31 45.60 -31.55
CA ASN E 532 35.81 44.34 -31.04
C ASN E 532 35.05 43.98 -29.77
N MET E 533 34.93 42.68 -29.54
CA MET E 533 34.28 42.14 -28.35
C MET E 533 35.22 41.10 -27.73
N LEU E 534 35.40 41.17 -26.42
CA LEU E 534 36.31 40.27 -25.73
C LEU E 534 35.51 39.22 -24.98
N PHE E 535 35.86 37.95 -25.18
CA PHE E 535 35.28 36.84 -24.44
C PHE E 535 36.40 36.10 -23.75
N LEU E 536 36.16 35.74 -22.49
CA LEU E 536 37.12 35.00 -21.69
C LEU E 536 36.73 33.53 -21.72
N PHE E 537 37.61 32.70 -22.25
CA PHE E 537 37.39 31.25 -22.26
C PHE E 537 38.16 30.63 -21.10
N SER E 538 37.70 30.98 -19.90
CA SER E 538 38.30 30.52 -18.65
C SER E 538 37.94 29.06 -18.39
N ILE E 539 38.39 28.56 -17.24
CA ILE E 539 38.06 27.21 -16.81
C ILE E 539 36.57 27.06 -16.54
N GLY E 540 35.84 28.16 -16.41
CA GLY E 540 34.41 28.15 -16.20
C GLY E 540 33.56 28.14 -17.45
N ILE E 541 34.16 28.13 -18.63
CA ILE E 541 33.43 28.07 -19.88
C ILE E 541 33.35 26.62 -20.32
N ASP E 542 32.14 26.16 -20.60
CA ASP E 542 31.85 24.80 -21.02
C ASP E 542 31.35 24.78 -22.46
N LYS E 543 31.14 23.57 -22.98
CA LYS E 543 30.69 23.41 -24.36
C LYS E 543 29.31 24.01 -24.57
N THR E 544 28.44 23.89 -23.57
CA THR E 544 27.09 24.44 -23.67
C THR E 544 27.11 25.94 -23.89
N LYS E 545 27.91 26.66 -23.11
CA LYS E 545 27.98 28.12 -23.25
C LYS E 545 28.60 28.51 -24.58
N ALA E 546 29.61 27.79 -25.05
CA ALA E 546 30.22 28.12 -26.35
C ALA E 546 29.23 27.92 -27.49
N LEU E 547 28.47 26.82 -27.46
CA LEU E 547 27.46 26.59 -28.48
C LEU E 547 26.35 27.64 -28.39
N SER E 548 25.99 28.04 -27.17
CA SER E 548 25.00 29.10 -27.01
C SER E 548 25.49 30.42 -27.58
N LEU E 549 26.78 30.74 -27.38
CA LEU E 549 27.35 31.95 -27.96
C LEU E 549 27.32 31.91 -29.48
N LEU E 550 27.67 30.76 -30.07
CA LEU E 550 27.60 30.64 -31.53
C LEU E 550 26.18 30.83 -32.02
N ARG E 551 25.20 30.22 -31.34
CA ARG E 551 23.81 30.36 -31.72
C ARG E 551 23.36 31.82 -31.64
N ALA E 552 23.78 32.53 -30.60
CA ALA E 552 23.39 33.93 -30.43
C ALA E 552 24.04 34.82 -31.48
N LEU E 553 25.29 34.55 -31.84
CA LEU E 553 25.93 35.34 -32.89
C LEU E 553 25.25 35.12 -34.24
N THR E 554 24.92 33.87 -34.55
CA THR E 554 24.21 33.59 -35.80
C THR E 554 22.83 34.23 -35.81
N ASP E 555 22.14 34.20 -34.66
CA ASP E 555 20.83 34.85 -34.57
C ASP E 555 20.93 36.36 -34.73
N PHE E 556 21.98 36.96 -34.18
CA PHE E 556 22.19 38.39 -34.41
C PHE E 556 22.39 38.68 -35.89
N LYS E 557 23.22 37.87 -36.56
CA LYS E 557 23.45 38.11 -37.98
C LYS E 557 22.15 38.00 -38.77
N ARG E 558 21.35 36.96 -38.48
CA ARG E 558 20.08 36.79 -39.18
C ARG E 558 19.14 37.97 -38.94
N SER E 559 18.98 38.36 -37.67
CA SER E 559 18.07 39.45 -37.34
C SER E 559 18.52 40.76 -37.96
N TYR E 560 19.83 41.02 -37.93
CA TYR E 560 20.37 42.24 -38.54
C TYR E 560 20.16 42.25 -40.04
N ASP E 561 20.40 41.11 -40.70
CA ASP E 561 20.20 41.04 -42.15
C ASP E 561 18.73 41.21 -42.50
N LEU E 562 17.83 40.77 -41.63
CA LEU E 562 16.41 41.01 -41.84
C LEU E 562 16.00 42.44 -41.52
N ASN E 563 16.90 43.23 -40.92
CA ASN E 563 16.67 44.64 -40.60
C ASN E 563 15.43 44.81 -39.72
N LEU E 564 15.44 44.14 -38.58
CA LEU E 564 14.31 44.19 -37.66
C LEU E 564 14.23 45.55 -36.98
N ARG E 565 13.06 45.83 -36.41
CA ARG E 565 12.87 47.06 -35.66
C ARG E 565 13.69 47.04 -34.38
N VAL E 566 14.23 48.20 -34.00
CA VAL E 566 14.98 48.29 -32.75
C VAL E 566 14.09 47.98 -31.57
N LYS E 567 12.81 48.39 -31.65
CA LYS E 567 11.86 48.10 -30.59
C LYS E 567 11.81 46.61 -30.27
N ASN E 568 11.95 45.76 -31.28
CA ASN E 568 11.89 44.31 -31.10
C ASN E 568 13.26 43.67 -30.95
N MET E 569 14.28 44.17 -31.65
CA MET E 569 15.61 43.59 -31.57
C MET E 569 16.28 43.90 -30.23
N LEU E 570 16.19 45.16 -29.79
CA LEU E 570 16.86 45.61 -28.56
C LEU E 570 15.81 46.25 -27.67
N PRO E 571 14.99 45.44 -26.99
CA PRO E 571 13.93 46.00 -26.14
C PRO E 571 14.43 46.94 -25.05
N SER E 572 15.59 46.65 -24.45
CA SER E 572 16.12 47.54 -23.43
C SER E 572 16.53 48.89 -24.03
N LEU E 573 17.17 48.86 -25.20
CA LEU E 573 17.56 50.10 -25.86
C LEU E 573 16.33 50.94 -26.19
N TYR E 574 15.27 50.30 -26.69
CA TYR E 574 14.03 51.02 -26.94
C TYR E 574 13.45 51.59 -25.65
N ARG E 575 13.46 50.79 -24.58
CA ARG E 575 12.96 51.27 -23.30
C ARG E 575 13.75 52.46 -22.78
N GLU E 576 15.01 52.61 -23.20
CA GLU E 576 15.79 53.77 -22.80
C GLU E 576 15.20 55.06 -23.38
N ASP E 577 14.71 55.01 -24.63
CA ASP E 577 14.12 56.17 -25.28
C ASP E 577 13.12 55.69 -26.34
N PRO E 578 11.89 55.40 -25.93
CA PRO E 578 10.92 54.82 -26.87
C PRO E 578 10.62 55.72 -28.07
N GLU E 579 10.57 57.03 -27.87
CA GLU E 579 10.23 57.93 -28.98
C GLU E 579 11.33 57.97 -30.02
N PHE E 580 12.58 57.96 -29.57
CA PHE E 580 13.72 58.00 -30.50
C PHE E 580 13.79 56.74 -31.36
N TYR E 581 13.49 55.58 -30.76
CA TYR E 581 13.63 54.29 -31.43
C TYR E 581 12.28 53.70 -31.85
N GLU E 582 11.24 54.53 -31.97
CA GLU E 582 9.91 54.02 -32.27
C GLU E 582 9.87 53.29 -33.59
N ASN E 583 10.43 53.88 -34.64
CA ASN E 583 10.38 53.30 -35.97
C ASN E 583 11.75 52.99 -36.55
N MET E 584 12.81 53.17 -35.78
CA MET E 584 14.15 52.91 -36.30
C MET E 584 14.41 51.42 -36.42
N ARG E 585 15.11 51.04 -37.49
CA ARG E 585 15.52 49.67 -37.72
C ARG E 585 16.99 49.51 -37.32
N ILE E 586 17.38 48.26 -37.06
CA ILE E 586 18.70 47.98 -36.50
C ILE E 586 19.80 48.44 -37.46
N GLN E 587 19.61 48.24 -38.75
CA GLN E 587 20.62 48.65 -39.72
C GLN E 587 20.77 50.17 -39.73
N GLU E 588 19.67 50.90 -39.55
CA GLU E 588 19.74 52.35 -39.50
C GLU E 588 20.57 52.82 -38.31
N LEU E 589 20.33 52.23 -37.13
CA LEU E 589 21.10 52.61 -35.94
C LEU E 589 22.58 52.25 -36.10
N ALA E 590 22.87 51.05 -36.60
CA ALA E 590 24.25 50.65 -36.79
C ALA E 590 24.96 51.56 -37.78
N GLN E 591 24.29 51.89 -38.89
CA GLN E 591 24.90 52.74 -39.89
C GLN E 591 25.04 54.18 -39.41
N GLY E 592 24.11 54.65 -38.57
CA GLY E 592 24.28 55.98 -38.00
C GLY E 592 25.49 56.06 -37.10
N ILE E 593 25.65 55.07 -36.22
CA ILE E 593 26.81 55.08 -35.34
C ILE E 593 28.10 54.92 -36.15
N HIS E 594 28.07 54.05 -37.16
CA HIS E 594 29.26 53.85 -37.99
C HIS E 594 29.60 55.12 -38.77
N ALA E 595 28.59 55.81 -39.29
CA ALA E 595 28.82 57.05 -40.01
C ALA E 595 29.41 58.11 -39.08
N LEU E 596 28.91 58.18 -37.85
CA LEU E 596 29.49 59.10 -36.88
C LEU E 596 30.97 58.79 -36.65
N ILE E 597 31.28 57.50 -36.42
CA ILE E 597 32.66 57.10 -36.16
C ILE E 597 33.55 57.40 -37.35
N GLN E 598 33.06 57.13 -38.56
CA GLN E 598 33.86 57.34 -39.77
C GLN E 598 34.07 58.82 -40.07
N HIS E 599 32.99 59.61 -40.00
CA HIS E 599 33.08 61.03 -40.29
C HIS E 599 33.98 61.74 -39.30
N HIS E 600 33.87 61.38 -38.02
CA HIS E 600 34.77 61.96 -37.04
C HIS E 600 36.13 61.30 -37.03
N ASN E 601 36.29 60.18 -37.75
CA ASN E 601 37.56 59.45 -37.86
C ASN E 601 38.09 59.06 -36.47
N LEU E 602 37.30 58.22 -35.79
CA LEU E 602 37.69 57.77 -34.44
C LEU E 602 39.01 57.01 -34.42
N PRO E 603 39.28 56.05 -35.32
CA PRO E 603 40.56 55.32 -35.21
C PRO E 603 41.80 56.20 -35.33
N ASP E 604 41.86 57.06 -36.34
CA ASP E 604 43.03 57.91 -36.51
C ASP E 604 43.18 58.88 -35.33
N LEU E 605 42.07 59.48 -34.88
CA LEU E 605 42.14 60.39 -33.75
C LEU E 605 42.61 59.69 -32.49
N MET E 606 42.10 58.49 -32.22
CA MET E 606 42.53 57.74 -31.05
C MET E 606 44.01 57.39 -31.12
N TYR E 607 44.46 56.93 -32.29
CA TYR E 607 45.85 56.56 -32.45
C TYR E 607 46.76 57.76 -32.24
N ARG E 608 46.40 58.90 -32.81
CA ARG E 608 47.23 60.10 -32.65
C ARG E 608 47.20 60.59 -31.21
N ALA E 609 46.03 60.52 -30.55
CA ALA E 609 45.92 61.00 -29.19
C ALA E 609 46.73 60.16 -28.21
N PHE E 610 46.87 58.85 -28.49
CA PHE E 610 47.62 57.98 -27.60
C PHE E 610 49.05 57.77 -28.06
N GLU E 611 49.52 58.54 -29.05
CA GLU E 611 50.90 58.45 -29.50
C GLU E 611 51.80 59.51 -28.89
N VAL E 612 51.25 60.69 -28.57
CA VAL E 612 52.01 61.79 -28.01
C VAL E 612 51.78 61.82 -26.50
N LEU E 613 52.86 61.95 -25.75
CA LEU E 613 52.76 61.97 -24.29
C LEU E 613 52.56 63.41 -23.81
N PRO E 614 51.52 63.67 -23.02
CA PRO E 614 51.39 65.00 -22.40
C PRO E 614 52.58 65.28 -21.48
N THR E 615 52.95 66.55 -21.41
CA THR E 615 54.09 66.94 -20.58
C THR E 615 53.74 66.83 -19.10
N MET E 616 54.72 66.40 -18.31
CA MET E 616 54.54 66.20 -16.88
C MET E 616 55.09 67.40 -16.13
N VAL E 617 54.20 68.32 -15.76
CA VAL E 617 54.60 69.47 -14.95
C VAL E 617 54.96 69.02 -13.54
N MET E 618 54.15 68.13 -12.97
CA MET E 618 54.39 67.60 -11.64
C MET E 618 53.89 66.15 -11.60
N ASN E 619 54.40 65.39 -10.65
CA ASN E 619 53.97 64.01 -10.51
C ASN E 619 52.54 63.96 -9.99
N PRO E 620 51.86 62.81 -10.16
CA PRO E 620 50.45 62.74 -9.72
C PRO E 620 50.25 63.03 -8.24
N HIS E 621 51.23 62.71 -7.39
CA HIS E 621 51.07 62.95 -5.97
C HIS E 621 50.92 64.44 -5.66
N ALA E 622 51.73 65.28 -6.31
CA ALA E 622 51.63 66.71 -6.08
C ALA E 622 50.29 67.26 -6.55
N ALA E 623 49.83 66.82 -7.72
CA ALA E 623 48.53 67.28 -8.22
C ALA E 623 47.40 66.85 -7.30
N PHE E 624 47.44 65.61 -6.80
CA PHE E 624 46.40 65.15 -5.89
C PHE E 624 46.43 65.91 -4.57
N GLN E 625 47.63 66.19 -4.05
CA GLN E 625 47.73 66.95 -2.81
C GLN E 625 47.19 68.36 -3.00
N MET E 626 47.46 68.98 -4.14
CA MET E 626 46.95 70.31 -4.40
C MET E 626 45.45 70.29 -4.62
N GLU E 627 44.91 69.19 -5.15
CA GLU E 627 43.46 69.03 -5.22
C GLU E 627 42.85 68.92 -3.83
N LEU E 628 43.49 68.17 -2.93
CA LEU E 628 42.98 68.02 -1.58
C LEU E 628 43.04 69.31 -0.79
N ARG E 629 43.85 70.27 -1.22
CA ARG E 629 43.95 71.57 -0.59
C ARG E 629 42.93 72.56 -1.13
N GLY E 630 42.11 72.16 -2.10
CA GLY E 630 41.12 73.05 -2.68
C GLY E 630 41.65 73.99 -3.74
N GLN E 631 42.82 73.71 -4.30
CA GLN E 631 43.45 74.57 -5.30
C GLN E 631 43.13 74.10 -6.72
N THR E 632 41.92 73.58 -6.93
CA THR E 632 41.50 73.04 -8.20
C THR E 632 40.22 73.73 -8.65
N GLU E 633 40.14 74.01 -9.95
CA GLU E 633 38.98 74.66 -10.54
C GLU E 633 38.48 73.82 -11.72
N GLU E 634 37.21 74.02 -12.06
CA GLU E 634 36.55 73.29 -13.14
C GLU E 634 36.50 74.17 -14.37
N VAL E 635 37.04 73.69 -15.49
CA VAL E 635 37.06 74.41 -16.75
C VAL E 635 36.44 73.54 -17.82
N TYR E 636 36.13 74.15 -18.96
CA TYR E 636 35.55 73.41 -20.07
C TYR E 636 36.62 72.67 -20.85
N LEU E 637 36.18 71.74 -21.69
CA LEU E 637 37.11 70.88 -22.42
C LEU E 637 38.03 71.68 -23.32
N GLU E 638 37.48 72.67 -24.04
CA GLU E 638 38.28 73.44 -24.98
C GLU E 638 39.30 74.35 -24.31
N GLU E 639 39.25 74.51 -22.99
CA GLU E 639 40.13 75.42 -22.28
C GLU E 639 41.20 74.69 -21.46
N MET E 640 41.47 73.43 -21.76
CA MET E 640 42.42 72.68 -20.95
C MET E 640 43.85 72.72 -21.48
N ILE E 641 44.09 73.36 -22.63
CA ILE E 641 45.46 73.52 -23.11
C ILE E 641 46.19 74.48 -22.18
N GLY E 642 47.37 74.07 -21.73
CA GLY E 642 48.14 74.88 -20.82
C GLY E 642 47.72 74.78 -19.37
N LYS E 643 46.80 73.87 -19.04
CA LYS E 643 46.35 73.67 -17.67
C LYS E 643 46.89 72.35 -17.14
N VAL E 644 47.32 72.36 -15.88
CA VAL E 644 47.78 71.14 -15.23
C VAL E 644 46.56 70.36 -14.75
N ASN E 645 46.39 69.15 -15.28
CA ASN E 645 45.24 68.34 -14.93
C ASN E 645 45.27 67.91 -13.48
N ALA E 646 44.10 67.85 -12.87
CA ALA E 646 43.97 67.45 -11.47
C ALA E 646 43.62 65.98 -11.28
N ASN E 647 43.04 65.34 -12.28
CA ASN E 647 42.61 63.95 -12.15
C ASN E 647 42.96 63.18 -13.41
N MET E 648 42.99 61.86 -13.27
CA MET E 648 43.22 60.99 -14.42
C MET E 648 42.03 61.04 -15.35
N ILE E 649 42.29 61.19 -16.65
CA ILE E 649 41.24 61.20 -17.66
C ILE E 649 41.28 59.85 -18.37
N LEU E 650 40.23 59.06 -18.18
CA LEU E 650 40.17 57.70 -18.70
C LEU E 650 39.01 57.57 -19.67
N PRO E 651 39.26 57.66 -20.98
CA PRO E 651 38.17 57.55 -21.96
C PRO E 651 37.85 56.12 -22.34
N TYR E 652 36.61 55.92 -22.76
CA TYR E 652 36.12 54.64 -23.25
C TYR E 652 35.41 54.88 -24.57
N PRO E 653 35.97 54.44 -25.70
CA PRO E 653 37.23 53.72 -25.90
C PRO E 653 38.46 54.61 -25.73
N PRO E 654 39.67 54.06 -25.63
CA PRO E 654 40.04 52.64 -25.64
C PRO E 654 40.08 52.00 -24.26
N GLY E 655 39.72 52.73 -23.21
CA GLY E 655 39.71 52.16 -21.89
C GLY E 655 41.03 52.18 -21.15
N VAL E 656 41.97 53.04 -21.55
CA VAL E 656 43.25 53.17 -20.87
C VAL E 656 43.47 54.65 -20.57
N PRO E 657 44.24 54.98 -19.53
CA PRO E 657 44.42 56.41 -19.20
C PRO E 657 45.12 57.17 -20.32
N LEU E 658 44.61 58.36 -20.61
CA LEU E 658 45.16 59.25 -21.62
C LEU E 658 45.92 60.43 -21.01
N VAL E 659 45.39 61.01 -19.94
CA VAL E 659 46.02 62.12 -19.25
C VAL E 659 46.13 61.75 -17.78
N MET E 660 47.33 61.84 -17.23
CA MET E 660 47.54 61.53 -15.83
C MET E 660 47.45 62.80 -15.00
N PRO E 661 47.13 62.68 -13.70
CA PRO E 661 47.17 63.86 -12.84
C PRO E 661 48.55 64.48 -12.82
N GLY E 662 48.60 65.80 -12.94
CA GLY E 662 49.85 66.51 -13.06
C GLY E 662 50.37 66.68 -14.46
N GLU E 663 49.60 66.26 -15.47
CA GLU E 663 50.00 66.41 -16.87
C GLU E 663 49.23 67.56 -17.50
N MET E 664 49.89 68.24 -18.44
CA MET E 664 49.35 69.44 -19.08
C MET E 664 49.26 69.22 -20.57
N LEU E 665 48.12 69.57 -21.15
CA LEU E 665 47.94 69.50 -22.59
C LEU E 665 48.56 70.72 -23.25
N THR E 666 49.36 70.50 -24.30
CA THR E 666 49.99 71.58 -25.03
C THR E 666 49.66 71.47 -26.52
N GLU E 667 50.33 72.28 -27.34
CA GLU E 667 50.10 72.22 -28.78
C GLU E 667 50.51 70.86 -29.34
N GLU E 668 51.60 70.29 -28.82
CA GLU E 668 52.01 68.97 -29.27
C GLU E 668 51.01 67.89 -28.87
N SER E 669 50.26 68.11 -27.78
CA SER E 669 49.28 67.14 -27.30
C SER E 669 47.84 67.58 -27.56
N ARG E 670 47.63 68.47 -28.53
CA ARG E 670 46.27 68.82 -28.93
C ARG E 670 45.47 67.62 -29.47
N PRO E 671 46.06 66.59 -30.08
CA PRO E 671 45.26 65.41 -30.45
C PRO E 671 44.47 64.83 -29.30
N VAL E 672 44.99 64.88 -28.08
CA VAL E 672 44.24 64.39 -26.92
C VAL E 672 42.93 65.18 -26.80
N LEU E 673 43.02 66.51 -26.91
CA LEU E 673 41.84 67.33 -26.77
C LEU E 673 40.86 67.08 -27.91
N GLU E 674 41.34 66.97 -29.15
CA GLU E 674 40.41 66.72 -30.25
C GLU E 674 39.73 65.37 -30.09
N PHE E 675 40.47 64.36 -29.64
CA PHE E 675 39.88 63.04 -29.40
C PHE E 675 38.81 63.11 -28.32
N LEU E 676 39.07 63.85 -27.24
CA LEU E 676 38.07 63.97 -26.17
C LEU E 676 36.82 64.68 -26.66
N GLN E 677 36.98 65.77 -27.42
CA GLN E 677 35.81 66.47 -27.96
C GLN E 677 35.04 65.59 -28.93
N MET E 678 35.75 64.79 -29.73
CA MET E 678 35.08 63.88 -30.65
C MET E 678 34.25 62.85 -29.88
N LEU E 679 34.81 62.32 -28.79
CA LEU E 679 34.04 61.40 -27.95
C LEU E 679 32.80 62.08 -27.39
N CYS E 680 32.95 63.31 -26.89
CA CYS E 680 31.81 64.02 -26.33
C CYS E 680 30.74 64.29 -27.38
N GLU E 681 31.16 64.54 -28.63
CA GLU E 681 30.20 64.80 -29.69
C GLU E 681 29.47 63.53 -30.09
N ILE E 682 30.20 62.42 -30.27
CA ILE E 682 29.57 61.17 -30.69
C ILE E 682 28.64 60.63 -29.60
N GLY E 683 28.99 60.82 -28.33
CA GLY E 683 28.15 60.28 -27.27
C GLY E 683 26.83 60.99 -27.05
N ALA E 684 26.53 62.03 -27.82
CA ALA E 684 25.32 62.80 -27.63
C ALA E 684 24.33 62.66 -28.79
N HIS E 685 24.46 61.61 -29.60
CA HIS E 685 23.60 61.44 -30.76
C HIS E 685 22.61 60.29 -30.64
N TYR E 686 22.90 59.27 -29.86
CA TYR E 686 21.99 58.14 -29.68
C TYR E 686 21.77 57.92 -28.21
N PRO E 687 20.51 57.93 -27.73
CA PRO E 687 20.25 57.92 -26.29
C PRO E 687 20.71 56.68 -25.55
N GLY E 688 21.21 55.65 -26.24
CA GLY E 688 21.70 54.48 -25.55
C GLY E 688 23.21 54.34 -25.58
N PHE E 689 23.89 55.31 -26.19
CA PHE E 689 25.34 55.26 -26.39
C PHE E 689 25.93 56.59 -25.91
N GLU E 690 26.22 56.67 -24.61
CA GLU E 690 26.69 57.90 -23.99
C GLU E 690 28.21 57.98 -24.02
N THR E 691 28.71 59.20 -23.82
CA THR E 691 30.13 59.42 -23.68
C THR E 691 30.59 58.89 -22.32
N ASP E 692 31.63 58.08 -22.33
CA ASP E 692 32.18 57.46 -21.12
C ASP E 692 33.64 57.91 -20.97
N ILE E 693 33.85 58.97 -20.19
CA ILE E 693 35.18 59.51 -19.94
C ILE E 693 35.30 59.72 -18.44
N HIS E 694 36.02 58.83 -17.76
CA HIS E 694 36.30 59.03 -16.35
C HIS E 694 37.22 60.23 -16.17
N GLY E 695 36.92 61.04 -15.16
CA GLY E 695 37.63 62.29 -14.93
C GLY E 695 37.03 63.49 -15.63
N ALA E 696 36.04 63.29 -16.49
CA ALA E 696 35.31 64.37 -17.14
C ALA E 696 33.88 64.37 -16.62
N TYR E 697 33.29 65.55 -16.48
CA TYR E 697 31.99 65.70 -15.86
C TYR E 697 31.04 66.41 -16.82
N ARG E 698 29.93 65.75 -17.14
CA ARG E 698 28.93 66.33 -18.03
C ARG E 698 28.04 67.29 -17.26
N GLN E 699 27.82 68.47 -17.83
CA GLN E 699 26.96 69.48 -17.24
C GLN E 699 25.56 69.38 -17.83
N ALA E 700 24.64 70.17 -17.26
CA ALA E 700 23.26 70.16 -17.73
C ALA E 700 23.15 70.62 -19.17
N ASP E 701 23.94 71.62 -19.55
CA ASP E 701 23.90 72.14 -20.92
C ASP E 701 24.50 71.18 -21.93
N GLY E 702 25.11 70.09 -21.49
CA GLY E 702 25.67 69.10 -22.37
C GLY E 702 27.18 69.17 -22.54
N ARG E 703 27.78 70.31 -22.21
CA ARG E 703 29.23 70.45 -22.31
C ARG E 703 29.92 69.65 -21.20
N TYR E 704 31.18 69.31 -21.47
CA TYR E 704 31.98 68.53 -20.54
C TYR E 704 33.05 69.39 -19.91
N THR E 705 33.27 69.20 -18.61
CA THR E 705 34.25 69.95 -17.86
C THR E 705 35.28 69.00 -17.25
N VAL E 706 36.45 69.56 -16.96
CA VAL E 706 37.54 68.84 -16.32
C VAL E 706 38.07 69.68 -15.17
N LYS E 707 38.66 69.00 -14.20
CA LYS E 707 39.26 69.65 -13.05
C LYS E 707 40.75 69.86 -13.32
N VAL E 708 41.23 71.07 -13.06
CA VAL E 708 42.62 71.44 -13.31
C VAL E 708 43.13 72.27 -12.14
N ILE E 709 44.43 72.47 -12.10
CA ILE E 709 45.09 73.18 -11.02
C ILE E 709 45.01 74.68 -11.27
N LYS E 710 44.75 75.44 -10.20
CA LYS E 710 44.82 76.90 -10.27
C LYS E 710 46.23 77.38 -9.99
N MET F 1 -31.52 -12.72 1.25
CA MET F 1 -31.75 -13.33 2.55
C MET F 1 -30.46 -13.72 3.25
N ASN F 2 -29.48 -12.82 3.27
CA ASN F 2 -28.18 -13.12 3.87
C ASN F 2 -27.71 -12.00 4.79
N ILE F 3 -28.64 -11.25 5.38
CA ILE F 3 -28.30 -10.14 6.26
C ILE F 3 -28.50 -10.57 7.71
N ILE F 4 -27.44 -10.51 8.49
CA ILE F 4 -27.47 -10.88 9.91
C ILE F 4 -27.17 -9.63 10.74
N ALA F 5 -28.05 -9.35 11.70
CA ALA F 5 -27.90 -8.19 12.56
C ALA F 5 -27.31 -8.64 13.89
N ILE F 6 -26.19 -8.05 14.27
CA ILE F 6 -25.54 -8.33 15.55
C ILE F 6 -25.74 -7.11 16.44
N LEU F 7 -26.40 -7.31 17.57
CA LEU F 7 -26.78 -6.20 18.45
C LEU F 7 -26.12 -6.37 19.81
N ASN F 8 -24.93 -5.77 19.97
CA ASN F 8 -24.22 -5.41 21.20
C ASN F 8 -22.97 -4.62 20.81
N HIS F 9 -22.46 -3.87 21.78
CA HIS F 9 -21.14 -3.25 21.75
C HIS F 9 -20.49 -3.34 23.12
N MET F 10 -20.59 -4.51 23.75
CA MET F 10 -20.18 -4.68 25.14
C MET F 10 -18.68 -4.42 25.31
N GLY F 11 -18.25 -4.34 26.57
CA GLY F 11 -16.88 -4.06 26.88
C GLY F 11 -16.16 -5.16 27.65
N VAL F 12 -16.39 -6.42 27.26
CA VAL F 12 -15.68 -7.55 27.84
C VAL F 12 -15.08 -8.37 26.70
N TYR F 13 -13.78 -8.66 26.81
CA TYR F 13 -13.08 -9.35 25.74
C TYR F 13 -13.68 -10.74 25.49
N PHE F 14 -14.07 -11.44 26.56
CA PHE F 14 -14.56 -12.80 26.45
C PHE F 14 -15.87 -12.89 25.66
N LYS F 15 -16.54 -11.78 25.42
CA LYS F 15 -17.69 -11.76 24.51
C LYS F 15 -17.37 -11.12 23.17
N GLU F 16 -16.65 -10.00 23.16
CA GLU F 16 -16.36 -9.30 21.91
C GLU F 16 -15.52 -10.16 20.97
N GLU F 17 -14.48 -10.81 21.49
CA GLU F 17 -13.61 -11.62 20.63
C GLU F 17 -14.36 -12.77 19.96
N PRO F 18 -15.16 -13.57 20.67
CA PRO F 18 -15.97 -14.58 19.97
C PRO F 18 -16.93 -13.97 18.96
N ILE F 19 -17.48 -12.79 19.24
CA ILE F 19 -18.39 -12.16 18.29
C ILE F 19 -17.65 -11.73 17.02
N ARG F 20 -16.43 -11.21 17.18
CA ARG F 20 -15.64 -10.85 16.01
C ARG F 20 -15.25 -12.08 15.20
N GLU F 21 -14.88 -13.17 15.88
CA GLU F 21 -14.58 -14.41 15.16
C GLU F 21 -15.81 -14.93 14.43
N LEU F 22 -16.98 -14.85 15.08
CA LEU F 22 -18.21 -15.27 14.42
C LEU F 22 -18.53 -14.38 13.23
N HIS F 23 -18.24 -13.08 13.33
CA HIS F 23 -18.42 -12.17 12.22
C HIS F 23 -17.59 -12.63 11.02
N LYS F 24 -16.32 -12.95 11.27
CA LYS F 24 -15.46 -13.44 10.19
C LYS F 24 -15.99 -14.75 9.62
N ALA F 25 -16.41 -15.67 10.49
CA ALA F 25 -16.86 -16.98 10.03
C ALA F 25 -18.15 -16.87 9.22
N LEU F 26 -19.07 -16.00 9.64
CA LEU F 26 -20.29 -15.79 8.88
C LEU F 26 -19.99 -15.12 7.53
N GLU F 27 -19.06 -14.17 7.51
CA GLU F 27 -18.66 -13.58 6.24
C GLU F 27 -18.05 -14.62 5.32
N ALA F 28 -17.34 -15.61 5.88
CA ALA F 28 -16.83 -16.71 5.06
C ALA F 28 -17.95 -17.53 4.45
N LEU F 29 -19.13 -17.53 5.06
CA LEU F 29 -20.30 -18.23 4.53
C LEU F 29 -21.20 -17.33 3.70
N ASP F 30 -20.69 -16.17 3.26
CA ASP F 30 -21.42 -15.24 2.40
C ASP F 30 -22.62 -14.63 3.12
N PHE F 31 -22.37 -14.06 4.30
CA PHE F 31 -23.38 -13.35 5.07
C PHE F 31 -23.00 -11.87 5.14
N GLN F 32 -24.00 -11.01 5.06
CA GLN F 32 -23.79 -9.57 5.21
C GLN F 32 -24.15 -9.18 6.64
N ILE F 33 -23.16 -8.69 7.39
CA ILE F 33 -23.33 -8.38 8.81
C ILE F 33 -23.63 -6.89 8.97
N VAL F 34 -24.67 -6.58 9.75
CA VAL F 34 -25.01 -5.22 10.12
C VAL F 34 -25.01 -5.10 11.64
N TYR F 35 -24.81 -3.88 12.12
CA TYR F 35 -24.65 -3.60 13.55
C TYR F 35 -25.58 -2.50 14.00
N PRO F 36 -26.80 -2.84 14.41
CA PRO F 36 -27.69 -1.83 15.01
C PRO F 36 -27.11 -1.30 16.32
N ASN F 37 -27.37 -0.02 16.58
CA ASN F 37 -26.81 0.64 17.75
C ASN F 37 -27.63 0.41 19.01
N ASP F 38 -28.86 -0.09 18.90
CA ASP F 38 -29.74 -0.22 20.05
C ASP F 38 -30.94 -1.07 19.67
N ARG F 39 -31.77 -1.38 20.67
CA ARG F 39 -32.92 -2.24 20.47
C ARG F 39 -33.92 -1.63 19.47
N GLU F 40 -34.25 -0.35 19.65
CA GLU F 40 -35.17 0.31 18.74
C GLU F 40 -34.60 0.39 17.32
N ASP F 41 -33.30 0.64 17.21
CA ASP F 41 -32.64 0.63 15.91
C ASP F 41 -32.81 -0.74 15.25
N LEU F 42 -32.61 -1.81 16.01
CA LEU F 42 -32.78 -3.16 15.47
C LEU F 42 -34.22 -3.41 15.02
N LEU F 43 -35.19 -2.96 15.83
CA LEU F 43 -36.58 -3.19 15.47
C LEU F 43 -36.95 -2.45 14.19
N LYS F 44 -36.50 -1.19 14.05
CA LYS F 44 -36.74 -0.44 12.83
C LYS F 44 -36.07 -1.12 11.64
N LEU F 45 -34.84 -1.60 11.82
CA LEU F 45 -34.13 -2.28 10.74
C LEU F 45 -34.86 -3.53 10.30
N ILE F 46 -35.38 -4.31 11.25
CA ILE F 46 -36.15 -5.50 10.90
C ILE F 46 -37.41 -5.12 10.15
N ASP F 47 -38.10 -4.07 10.61
CA ASP F 47 -39.35 -3.65 9.99
C ASP F 47 -39.15 -3.10 8.58
N ASN F 48 -37.99 -2.52 8.29
CA ASN F 48 -37.79 -1.87 7.00
C ASN F 48 -37.10 -2.75 5.96
N ASN F 49 -36.53 -3.88 6.34
CA ASN F 49 -35.72 -4.70 5.42
C ASN F 49 -36.10 -6.16 5.57
N ALA F 50 -36.89 -6.66 4.61
CA ALA F 50 -37.36 -8.05 4.62
C ALA F 50 -36.24 -9.05 4.35
N ARG F 51 -35.06 -8.59 3.95
CA ARG F 51 -33.95 -9.49 3.67
C ARG F 51 -33.13 -9.83 4.91
N LEU F 52 -33.47 -9.25 6.06
CA LEU F 52 -32.83 -9.63 7.32
C LEU F 52 -33.24 -11.05 7.68
N CYS F 53 -32.26 -11.96 7.80
CA CYS F 53 -32.53 -13.36 8.04
C CYS F 53 -32.06 -13.85 9.41
N GLY F 54 -31.57 -12.96 10.27
CA GLY F 54 -31.15 -13.39 11.60
C GLY F 54 -30.72 -12.28 12.53
N VAL F 55 -30.94 -12.47 13.83
CA VAL F 55 -30.58 -11.49 14.84
C VAL F 55 -29.73 -12.18 15.90
N ILE F 56 -28.56 -11.62 16.17
CA ILE F 56 -27.66 -12.09 17.21
C ILE F 56 -27.59 -11.02 18.29
N PHE F 57 -27.84 -11.41 19.54
CA PHE F 57 -27.78 -10.48 20.66
C PHE F 57 -27.34 -11.22 21.91
N ASP F 58 -26.91 -10.43 22.90
CA ASP F 58 -26.44 -10.96 24.18
C ASP F 58 -27.62 -11.11 25.13
N TRP F 59 -27.78 -12.32 25.68
CA TRP F 59 -28.89 -12.58 26.60
C TRP F 59 -28.75 -11.80 27.90
N ASP F 60 -27.51 -11.55 28.34
CA ASP F 60 -27.32 -10.77 29.56
C ASP F 60 -27.88 -9.36 29.40
N THR F 61 -27.64 -8.73 28.25
CA THR F 61 -28.09 -7.36 28.05
C THR F 61 -29.59 -7.28 27.80
N TYR F 62 -30.15 -8.18 27.00
CA TYR F 62 -31.55 -8.13 26.63
C TYR F 62 -32.25 -9.43 27.02
N ASN F 63 -33.41 -9.29 27.66
CA ASN F 63 -34.23 -10.44 27.98
C ASN F 63 -34.86 -11.01 26.71
N LEU F 64 -35.60 -12.10 26.86
CA LEU F 64 -36.21 -12.76 25.72
C LEU F 64 -37.48 -12.06 25.25
N ASP F 65 -37.88 -10.96 25.89
CA ASP F 65 -38.98 -10.15 25.39
C ASP F 65 -38.62 -9.45 24.08
N LEU F 66 -37.34 -9.22 23.84
CA LEU F 66 -36.90 -8.71 22.54
C LEU F 66 -37.23 -9.70 21.44
N CYS F 67 -37.07 -11.00 21.72
CA CYS F 67 -37.51 -12.02 20.78
C CYS F 67 -39.01 -11.97 20.58
N GLU F 68 -39.78 -11.65 21.62
CA GLU F 68 -41.22 -11.48 21.46
C GLU F 68 -41.53 -10.33 20.51
N GLU F 69 -40.84 -9.21 20.66
CA GLU F 69 -41.02 -8.09 19.73
C GLU F 69 -40.64 -8.49 18.32
N ILE F 70 -39.56 -9.26 18.17
CA ILE F 70 -39.10 -9.67 16.85
C ILE F 70 -40.13 -10.58 16.18
N SER F 71 -40.66 -11.54 16.94
CA SER F 71 -41.65 -12.47 16.39
C SER F 71 -42.99 -11.79 16.16
N ALA F 72 -43.26 -10.67 16.83
CA ALA F 72 -44.47 -9.91 16.52
C ALA F 72 -44.47 -9.44 15.07
N MET F 73 -43.30 -9.11 14.53
CA MET F 73 -43.18 -8.70 13.14
C MET F 73 -42.93 -9.88 12.21
N ASN F 74 -42.20 -10.89 12.67
CA ASN F 74 -41.87 -12.06 11.84
C ASN F 74 -41.65 -13.23 12.79
N GLU F 75 -42.64 -14.13 12.87
CA GLU F 75 -42.57 -15.24 13.80
C GLU F 75 -41.61 -16.35 13.35
N HIS F 76 -41.14 -16.31 12.11
CA HIS F 76 -40.20 -17.30 11.61
C HIS F 76 -38.77 -16.80 11.58
N LEU F 77 -38.56 -15.50 11.75
CA LEU F 77 -37.22 -14.92 11.75
C LEU F 77 -36.37 -15.52 12.85
N PRO F 78 -35.37 -16.33 12.51
CA PRO F 78 -34.54 -16.97 13.54
C PRO F 78 -33.76 -15.94 14.35
N VAL F 79 -33.64 -16.21 15.64
CA VAL F 79 -32.90 -15.38 16.57
C VAL F 79 -31.83 -16.24 17.23
N TYR F 80 -30.64 -15.66 17.43
CA TYR F 80 -29.53 -16.35 18.07
C TYR F 80 -29.15 -15.61 19.34
N ALA F 81 -29.41 -16.23 20.48
CA ALA F 81 -29.14 -15.62 21.78
C ALA F 81 -27.90 -16.26 22.40
N PHE F 82 -26.98 -15.43 22.85
CA PHE F 82 -25.74 -15.89 23.46
C PHE F 82 -25.87 -15.85 24.97
N ALA F 83 -25.75 -17.01 25.61
CA ALA F 83 -25.96 -17.15 27.05
C ALA F 83 -24.63 -17.10 27.79
N ASN F 84 -24.56 -16.24 28.80
CA ASN F 84 -23.41 -16.19 29.70
C ASN F 84 -23.82 -16.49 31.14
N THR F 85 -24.75 -15.72 31.71
CA THR F 85 -25.15 -15.93 33.09
C THR F 85 -26.42 -16.78 33.22
N HIS F 86 -27.38 -16.60 32.32
CA HIS F 86 -28.60 -17.38 32.38
C HIS F 86 -28.34 -18.84 32.07
N SER F 87 -29.16 -19.71 32.65
CA SER F 87 -29.08 -21.15 32.44
C SER F 87 -30.42 -21.67 31.96
N THR F 88 -30.59 -23.00 31.93
CA THR F 88 -31.86 -23.57 31.48
C THR F 88 -33.02 -23.20 32.39
N LEU F 89 -32.75 -22.75 33.62
CA LEU F 89 -33.82 -22.35 34.53
C LEU F 89 -34.32 -20.95 34.30
N ASP F 90 -33.68 -20.17 33.43
CA ASP F 90 -34.07 -18.79 33.18
C ASP F 90 -34.99 -18.64 31.97
N VAL F 91 -35.46 -19.75 31.41
CA VAL F 91 -36.36 -19.73 30.27
C VAL F 91 -37.69 -20.37 30.69
N SER F 92 -38.79 -19.75 30.29
CA SER F 92 -40.11 -20.28 30.55
C SER F 92 -40.63 -20.99 29.31
N LEU F 93 -41.84 -21.54 29.41
CA LEU F 93 -42.45 -22.19 28.26
C LEU F 93 -42.68 -21.20 27.13
N ASN F 94 -43.22 -20.03 27.45
CA ASN F 94 -43.54 -19.04 26.42
C ASN F 94 -42.31 -18.60 25.65
N ASP F 95 -41.19 -18.39 26.34
CA ASP F 95 -39.95 -18.06 25.63
C ASP F 95 -39.50 -19.22 24.76
N LEU F 96 -39.69 -20.46 25.24
CA LEU F 96 -39.32 -21.62 24.45
C LEU F 96 -40.18 -21.74 23.19
N ARG F 97 -41.38 -21.14 23.18
CA ARG F 97 -42.17 -21.15 21.95
C ARG F 97 -41.55 -20.31 20.84
N LEU F 98 -40.68 -19.36 21.16
CA LEU F 98 -40.11 -18.49 20.13
C LEU F 98 -38.97 -19.17 19.39
N ASN F 99 -38.66 -18.64 18.21
CA ASN F 99 -37.62 -19.21 17.34
C ASN F 99 -36.26 -18.67 17.75
N VAL F 100 -35.78 -19.14 18.90
CA VAL F 100 -34.51 -18.72 19.47
C VAL F 100 -33.59 -19.94 19.57
N GLU F 101 -32.37 -19.79 19.10
CA GLU F 101 -31.33 -20.79 19.26
C GLU F 101 -30.23 -20.20 20.14
N PHE F 102 -29.79 -20.96 21.13
CA PHE F 102 -28.85 -20.48 22.12
C PHE F 102 -27.43 -20.94 21.82
N PHE F 103 -26.48 -20.04 22.00
CA PHE F 103 -25.05 -20.29 21.81
C PHE F 103 -24.30 -19.78 23.02
N GLU F 104 -22.98 -19.99 23.04
CA GLU F 104 -22.14 -19.62 24.16
C GLU F 104 -20.90 -18.88 23.65
N TYR F 105 -20.26 -18.15 24.56
CA TYR F 105 -19.08 -17.37 24.24
C TYR F 105 -17.83 -18.21 24.47
N ALA F 106 -17.12 -18.54 23.39
CA ALA F 106 -15.89 -19.30 23.49
C ALA F 106 -15.00 -18.99 22.29
N LEU F 107 -13.72 -18.76 22.56
CA LEU F 107 -12.76 -18.59 21.48
C LEU F 107 -12.60 -19.89 20.71
N GLY F 108 -12.51 -19.79 19.39
CA GLY F 108 -12.34 -20.95 18.54
C GLY F 108 -13.60 -21.71 18.22
N ALA F 109 -14.77 -21.25 18.68
CA ALA F 109 -16.04 -21.92 18.42
C ALA F 109 -16.85 -21.24 17.32
N ALA F 110 -16.23 -20.33 16.55
CA ALA F 110 -16.99 -19.54 15.60
C ALA F 110 -17.42 -20.35 14.39
N GLN F 111 -16.59 -21.30 13.94
CA GLN F 111 -16.93 -22.07 12.74
C GLN F 111 -18.17 -22.93 12.95
N ASP F 112 -18.26 -23.59 14.10
CA ASP F 112 -19.42 -24.42 14.39
C ASP F 112 -20.69 -23.58 14.50
N ILE F 113 -20.62 -22.44 15.18
CA ILE F 113 -21.79 -21.58 15.32
C ILE F 113 -22.20 -21.01 13.96
N ALA F 114 -21.22 -20.69 13.11
CA ALA F 114 -21.53 -20.20 11.77
C ALA F 114 -22.23 -21.28 10.95
N GLN F 115 -21.78 -22.53 11.07
CA GLN F 115 -22.47 -23.62 10.39
C GLN F 115 -23.89 -23.80 10.92
N LYS F 116 -24.06 -23.69 12.23
CA LYS F 116 -25.40 -23.78 12.82
C LYS F 116 -26.30 -22.67 12.28
N ILE F 117 -25.79 -21.45 12.21
CA ILE F 117 -26.58 -20.32 11.72
C ILE F 117 -26.90 -20.49 10.24
N ARG F 118 -25.97 -21.05 9.46
CA ARG F 118 -26.25 -21.35 8.07
C ARG F 118 -27.40 -22.34 7.94
N GLN F 119 -27.37 -23.41 8.74
CA GLN F 119 -28.47 -24.38 8.72
C GLN F 119 -29.78 -23.72 9.13
N SER F 120 -29.73 -22.83 10.12
CA SER F 120 -30.92 -22.12 10.56
C SER F 120 -31.48 -21.23 9.46
N THR F 121 -30.61 -20.53 8.74
CA THR F 121 -31.03 -19.69 7.62
C THR F 121 -31.68 -20.52 6.53
N ASP F 122 -31.08 -21.66 6.20
CA ASP F 122 -31.66 -22.54 5.20
C ASP F 122 -33.02 -23.07 5.64
N ALA F 123 -33.16 -23.42 6.91
CA ALA F 123 -34.44 -23.89 7.42
C ALA F 123 -35.50 -22.79 7.37
N TYR F 124 -35.11 -21.56 7.71
CA TYR F 124 -36.04 -20.44 7.63
C TYR F 124 -36.51 -20.21 6.19
N ILE F 125 -35.57 -20.25 5.24
CA ILE F 125 -35.92 -20.08 3.84
C ILE F 125 -36.87 -21.18 3.38
N ASP F 126 -36.57 -22.42 3.76
CA ASP F 126 -37.43 -23.54 3.39
C ASP F 126 -38.81 -23.41 4.01
N GLU F 127 -38.87 -22.92 5.24
CA GLU F 127 -40.13 -22.78 5.96
C GLU F 127 -41.02 -21.74 5.30
N ILE F 128 -40.46 -20.62 4.85
CA ILE F 128 -41.30 -19.58 4.28
C ILE F 128 -41.62 -19.78 2.80
N LEU F 129 -40.82 -20.57 2.09
CA LEU F 129 -41.06 -20.78 0.66
C LEU F 129 -42.24 -21.73 0.46
N PRO F 130 -43.05 -21.51 -0.58
CA PRO F 130 -44.10 -22.48 -0.92
C PRO F 130 -43.51 -23.67 -1.67
N PRO F 131 -44.22 -24.80 -1.71
CA PRO F 131 -43.59 -26.04 -2.22
C PRO F 131 -43.19 -26.00 -3.69
N LEU F 132 -44.08 -25.57 -4.58
CA LEU F 132 -43.79 -25.60 -6.01
C LEU F 132 -42.65 -24.64 -6.36
N THR F 133 -42.65 -23.44 -5.75
CA THR F 133 -41.57 -22.50 -6.00
C THR F 133 -40.24 -23.05 -5.49
N LYS F 134 -40.27 -23.73 -4.33
CA LYS F 134 -39.06 -24.35 -3.82
C LYS F 134 -38.53 -25.42 -4.77
N ALA F 135 -39.43 -26.24 -5.30
CA ALA F 135 -39.01 -27.26 -6.27
C ALA F 135 -38.43 -26.63 -7.52
N LEU F 136 -39.05 -25.55 -8.01
CA LEU F 136 -38.54 -24.86 -9.19
C LEU F 136 -37.13 -24.30 -8.94
N PHE F 137 -36.93 -23.70 -7.77
CA PHE F 137 -35.61 -23.16 -7.43
C PHE F 137 -34.57 -24.26 -7.33
N ASN F 138 -34.93 -25.39 -6.71
CA ASN F 138 -33.99 -26.49 -6.61
C ASN F 138 -33.63 -27.03 -7.98
N TYR F 139 -34.62 -27.17 -8.86
CA TYR F 139 -34.34 -27.65 -10.20
C TYR F 139 -33.39 -26.70 -10.93
N VAL F 140 -33.62 -25.38 -10.80
CA VAL F 140 -32.72 -24.44 -11.44
C VAL F 140 -31.31 -24.57 -10.88
N LYS F 141 -31.20 -24.81 -9.56
CA LYS F 141 -29.88 -25.01 -8.97
C LYS F 141 -29.19 -26.27 -9.47
N GLU F 142 -29.95 -27.29 -9.91
CA GLU F 142 -29.28 -28.49 -10.43
C GLU F 142 -28.54 -28.25 -11.75
N GLY F 143 -28.96 -27.27 -12.55
CA GLY F 143 -28.25 -26.96 -13.79
C GLY F 143 -28.20 -28.05 -14.83
N LYS F 144 -29.36 -28.60 -15.19
CA LYS F 144 -29.43 -29.72 -16.11
C LYS F 144 -29.42 -29.26 -17.57
N TYR F 145 -29.04 -30.17 -18.46
CA TYR F 145 -29.00 -29.92 -19.89
C TYR F 145 -30.30 -30.42 -20.50
N THR F 146 -31.12 -29.49 -20.98
CA THR F 146 -32.40 -29.84 -21.59
C THR F 146 -32.24 -30.00 -23.10
N PHE F 147 -32.92 -31.01 -23.64
CA PHE F 147 -33.06 -31.20 -25.08
C PHE F 147 -34.53 -31.13 -25.45
N CYS F 148 -35.29 -30.36 -24.68
CA CYS F 148 -36.74 -30.26 -24.78
C CYS F 148 -37.13 -28.79 -24.91
N THR F 149 -38.44 -28.56 -25.07
CA THR F 149 -38.94 -27.20 -25.03
C THR F 149 -38.77 -26.63 -23.62
N PRO F 150 -38.70 -25.30 -23.47
CA PRO F 150 -38.89 -24.20 -24.44
C PRO F 150 -38.01 -24.16 -25.69
N GLY F 151 -36.79 -24.69 -25.73
CA GLY F 151 -36.05 -24.58 -26.97
C GLY F 151 -34.91 -23.58 -26.89
N HIS F 152 -35.11 -22.48 -26.18
CA HIS F 152 -33.99 -21.62 -25.85
C HIS F 152 -33.05 -22.30 -24.87
N MET F 153 -33.51 -23.36 -24.21
CA MET F 153 -32.70 -24.25 -23.36
C MET F 153 -31.98 -23.47 -22.26
N GLY F 154 -32.79 -22.88 -21.38
CA GLY F 154 -32.24 -22.16 -20.25
C GLY F 154 -31.61 -20.83 -20.59
N GLY F 155 -31.84 -20.29 -21.78
CA GLY F 155 -31.27 -19.03 -22.18
C GLY F 155 -30.02 -19.11 -23.03
N THR F 156 -29.58 -20.31 -23.43
CA THR F 156 -28.38 -20.44 -24.24
C THR F 156 -28.55 -19.76 -25.58
N ALA F 157 -29.71 -19.92 -26.22
CA ALA F 157 -29.95 -19.33 -27.53
C ALA F 157 -29.87 -17.82 -27.47
N PHE F 158 -30.44 -17.22 -26.40
CA PHE F 158 -30.33 -15.78 -26.22
C PHE F 158 -28.87 -15.36 -26.08
N GLN F 159 -28.07 -16.12 -25.33
CA GLN F 159 -26.66 -15.79 -25.20
C GLN F 159 -25.91 -15.94 -26.52
N LYS F 160 -26.44 -16.72 -27.46
CA LYS F 160 -25.79 -16.85 -28.76
C LYS F 160 -26.05 -15.67 -29.69
N SER F 161 -27.03 -14.82 -29.40
CA SER F 161 -27.42 -13.73 -30.28
C SER F 161 -27.20 -12.36 -29.63
N PRO F 162 -26.75 -11.37 -30.40
CA PRO F 162 -26.53 -10.04 -29.80
C PRO F 162 -27.79 -9.41 -29.22
N VAL F 163 -28.86 -9.32 -30.02
CA VAL F 163 -30.12 -8.80 -29.49
C VAL F 163 -30.66 -9.76 -28.43
N GLY F 164 -30.50 -11.06 -28.67
CA GLY F 164 -30.84 -12.04 -27.65
C GLY F 164 -30.05 -11.85 -26.38
N SER F 165 -28.78 -11.44 -26.51
CA SER F 165 -27.98 -11.18 -25.31
C SER F 165 -28.48 -9.94 -24.57
N ILE F 166 -28.96 -8.93 -25.29
CA ILE F 166 -29.58 -7.80 -24.62
C ILE F 166 -30.80 -8.24 -23.84
N PHE F 167 -31.64 -9.07 -24.49
CA PHE F 167 -32.84 -9.58 -23.84
C PHE F 167 -32.50 -10.41 -22.61
N TYR F 168 -31.49 -11.27 -22.73
CA TYR F 168 -31.03 -12.12 -21.63
C TYR F 168 -30.51 -11.28 -20.47
N ASP F 169 -29.72 -10.26 -20.76
CA ASP F 169 -29.21 -9.39 -19.70
C ASP F 169 -30.32 -8.59 -19.04
N PHE F 170 -31.37 -8.25 -19.79
CA PHE F 170 -32.50 -7.55 -19.17
C PHE F 170 -33.28 -8.47 -18.24
N PHE F 171 -33.62 -9.67 -18.72
CA PHE F 171 -34.48 -10.53 -17.91
C PHE F 171 -33.72 -11.40 -16.92
N GLY F 172 -32.42 -11.58 -17.09
CA GLY F 172 -31.62 -12.32 -16.14
C GLY F 172 -31.61 -13.81 -16.41
N ALA F 173 -30.58 -14.47 -15.88
CA ALA F 173 -30.40 -15.91 -16.12
C ALA F 173 -31.47 -16.74 -15.43
N ASN F 174 -31.83 -16.39 -14.19
CA ASN F 174 -32.75 -17.22 -13.42
C ASN F 174 -34.13 -17.27 -14.07
N ALA F 175 -34.58 -16.17 -14.65
CA ALA F 175 -35.90 -16.14 -15.27
C ALA F 175 -35.97 -17.05 -16.48
N MET F 176 -34.85 -17.28 -17.14
CA MET F 176 -34.80 -18.11 -18.33
C MET F 176 -34.44 -19.55 -18.02
N LYS F 177 -33.76 -19.80 -16.90
CA LYS F 177 -33.54 -21.17 -16.46
C LYS F 177 -34.80 -21.77 -15.86
N SER F 178 -35.65 -20.94 -15.25
CA SER F 178 -36.89 -21.42 -14.66
C SER F 178 -37.97 -21.66 -15.69
N ASP F 179 -37.79 -21.20 -16.91
CA ASP F 179 -38.74 -21.43 -18.01
C ASP F 179 -38.55 -22.85 -18.51
N ILE F 180 -39.41 -23.77 -18.07
CA ILE F 180 -39.32 -25.17 -18.41
C ILE F 180 -40.69 -25.67 -18.87
N SER F 181 -40.77 -26.96 -19.15
CA SER F 181 -41.99 -27.63 -19.58
C SER F 181 -42.18 -28.91 -18.79
N ILE F 182 -43.23 -29.66 -19.13
CA ILE F 182 -43.53 -30.91 -18.46
C ILE F 182 -42.52 -32.01 -18.76
N SER F 183 -41.62 -31.81 -19.72
CA SER F 183 -40.56 -32.79 -19.96
C SER F 183 -39.68 -32.96 -18.73
N VAL F 184 -39.59 -31.92 -17.90
CA VAL F 184 -38.93 -32.01 -16.60
C VAL F 184 -39.92 -32.63 -15.63
N GLY F 185 -39.85 -33.95 -15.46
CA GLY F 185 -40.86 -34.67 -14.69
C GLY F 185 -40.82 -34.42 -13.20
N GLU F 186 -39.67 -34.01 -12.67
CA GLU F 186 -39.57 -33.81 -11.22
C GLU F 186 -40.46 -32.67 -10.75
N LEU F 187 -40.73 -31.69 -11.60
CA LEU F 187 -41.61 -30.59 -11.22
C LEU F 187 -43.09 -30.96 -11.31
N GLY F 188 -43.41 -32.09 -11.92
CA GLY F 188 -44.80 -32.47 -12.07
C GLY F 188 -45.46 -31.77 -13.24
N SER F 189 -46.78 -31.77 -13.23
CA SER F 189 -47.57 -31.18 -14.30
C SER F 189 -48.72 -30.37 -13.72
N LEU F 190 -48.89 -29.15 -14.22
CA LEU F 190 -50.04 -28.34 -13.83
C LEU F 190 -51.34 -28.92 -14.37
N LEU F 191 -51.33 -29.38 -15.63
CA LEU F 191 -52.53 -29.94 -16.24
C LEU F 191 -52.93 -31.25 -15.56
N ASP F 192 -51.94 -32.06 -15.16
CA ASP F 192 -52.22 -33.31 -14.48
C ASP F 192 -52.42 -33.15 -12.99
N HIS F 193 -52.20 -31.96 -12.43
CA HIS F 193 -52.31 -31.72 -10.99
C HIS F 193 -51.48 -32.72 -10.20
N SER F 194 -50.21 -32.86 -10.59
CA SER F 194 -49.33 -33.89 -10.06
C SER F 194 -48.06 -33.26 -9.49
N GLY F 195 -47.49 -33.95 -8.50
CA GLY F 195 -46.26 -33.52 -7.88
C GLY F 195 -46.40 -32.21 -7.14
N PRO F 196 -45.35 -31.38 -7.20
CA PRO F 196 -45.40 -30.09 -6.50
C PRO F 196 -46.59 -29.24 -6.89
N HIS F 197 -46.98 -29.26 -8.17
CA HIS F 197 -48.17 -28.55 -8.60
C HIS F 197 -49.36 -28.90 -7.72
N LYS F 198 -49.59 -30.20 -7.52
CA LYS F 198 -50.69 -30.62 -6.65
C LYS F 198 -50.57 -29.98 -5.28
N GLU F 199 -49.39 -30.08 -4.67
CA GLU F 199 -49.20 -29.45 -3.36
C GLU F 199 -49.53 -27.98 -3.43
N ALA F 200 -49.05 -27.31 -4.49
CA ALA F 200 -49.32 -25.88 -4.65
C ALA F 200 -50.81 -25.62 -4.52
N GLU F 201 -51.63 -26.38 -5.27
CA GLU F 201 -53.07 -26.16 -5.23
C GLU F 201 -53.58 -26.28 -3.81
N GLU F 202 -53.23 -27.38 -3.13
CA GLU F 202 -53.70 -27.56 -1.76
C GLU F 202 -53.22 -26.41 -0.88
N TYR F 203 -51.95 -26.04 -1.04
CA TYR F 203 -51.42 -24.90 -0.29
C TYR F 203 -52.29 -23.68 -0.54
N ILE F 204 -52.55 -23.36 -1.80
CA ILE F 204 -53.35 -22.19 -2.12
C ILE F 204 -54.74 -22.33 -1.52
N ALA F 205 -55.31 -23.53 -1.60
CA ALA F 205 -56.65 -23.74 -1.06
C ALA F 205 -56.68 -23.46 0.43
N ARG F 206 -55.62 -23.82 1.15
CA ARG F 206 -55.59 -23.56 2.57
C ARG F 206 -55.36 -22.10 2.89
N THR F 207 -54.72 -21.35 1.98
CA THR F 207 -54.42 -19.96 2.26
C THR F 207 -55.63 -19.05 2.01
N PHE F 208 -56.45 -19.37 1.01
CA PHE F 208 -57.55 -18.51 0.60
C PHE F 208 -58.92 -18.97 1.09
N ASN F 209 -58.96 -19.94 2.00
CA ASN F 209 -60.22 -20.45 2.56
C ASN F 209 -61.12 -21.02 1.47
N ALA F 210 -60.54 -21.91 0.67
CA ALA F 210 -61.26 -22.57 -0.41
C ALA F 210 -61.23 -24.07 -0.21
N GLU F 211 -62.29 -24.75 -0.67
CA GLU F 211 -62.26 -26.20 -0.68
C GLU F 211 -61.35 -26.72 -1.79
N ARG F 212 -61.45 -26.13 -2.98
CA ARG F 212 -60.57 -26.50 -4.08
C ARG F 212 -60.01 -25.25 -4.74
N SER F 213 -58.76 -25.32 -5.20
CA SER F 213 -58.13 -24.18 -5.85
C SER F 213 -57.48 -24.63 -7.15
N TYR F 214 -57.66 -23.82 -8.19
CA TYR F 214 -57.06 -24.05 -9.50
C TYR F 214 -56.30 -22.81 -9.93
N MET F 215 -55.17 -23.02 -10.60
CA MET F 215 -54.32 -21.94 -11.08
C MET F 215 -54.52 -21.74 -12.57
N VAL F 216 -54.70 -20.49 -12.99
CA VAL F 216 -54.95 -20.14 -14.37
C VAL F 216 -53.83 -19.21 -14.83
N THR F 217 -53.17 -19.55 -15.92
CA THR F 217 -52.06 -18.76 -16.44
C THR F 217 -52.49 -17.81 -17.56
N ASN F 218 -53.80 -17.67 -17.81
CA ASN F 218 -54.29 -16.75 -18.81
C ASN F 218 -55.31 -15.77 -18.22
N GLY F 219 -55.17 -15.48 -16.94
CA GLY F 219 -55.97 -14.44 -16.31
C GLY F 219 -57.38 -14.84 -15.94
N THR F 220 -58.06 -13.86 -15.34
CA THR F 220 -59.43 -14.06 -14.89
C THR F 220 -60.40 -14.17 -16.06
N SER F 221 -60.04 -13.67 -17.24
CA SER F 221 -60.87 -13.93 -18.41
C SER F 221 -61.02 -15.44 -18.65
N THR F 222 -59.88 -16.14 -18.70
CA THR F 222 -59.89 -17.58 -18.88
C THR F 222 -60.51 -18.29 -17.68
N ALA F 223 -60.24 -17.78 -16.46
CA ALA F 223 -60.86 -18.38 -15.28
C ALA F 223 -62.38 -18.31 -15.35
N ASN F 224 -62.91 -17.15 -15.75
CA ASN F 224 -64.35 -16.98 -15.89
C ASN F 224 -64.90 -17.93 -16.94
N LYS F 225 -64.19 -18.06 -18.07
CA LYS F 225 -64.67 -18.97 -19.11
C LYS F 225 -64.70 -20.41 -18.60
N ILE F 226 -63.68 -20.82 -17.85
CA ILE F 226 -63.66 -22.19 -17.33
C ILE F 226 -64.83 -22.43 -16.39
N VAL F 227 -65.04 -21.51 -15.44
CA VAL F 227 -66.13 -21.67 -14.48
C VAL F 227 -67.47 -21.68 -15.20
N GLY F 228 -67.68 -20.74 -16.13
CA GLY F 228 -68.94 -20.65 -16.82
C GLY F 228 -69.24 -21.84 -17.71
N MET F 229 -68.23 -22.32 -18.43
CA MET F 229 -68.43 -23.48 -19.29
C MET F 229 -68.74 -24.72 -18.47
N TYR F 230 -68.07 -24.91 -17.34
CA TYR F 230 -68.42 -26.05 -16.49
C TYR F 230 -69.83 -25.88 -15.93
N SER F 231 -70.22 -24.65 -15.59
CA SER F 231 -71.50 -24.43 -14.92
C SER F 231 -72.68 -24.38 -15.89
N ALA F 232 -72.48 -23.87 -17.10
CA ALA F 232 -73.59 -23.61 -18.01
C ALA F 232 -73.47 -24.42 -19.29
N PRO F 233 -74.15 -25.55 -19.40
CA PRO F 233 -74.16 -26.28 -20.67
C PRO F 233 -74.96 -25.53 -21.72
N ALA F 234 -74.71 -25.88 -22.97
CA ALA F 234 -75.42 -25.25 -24.08
C ALA F 234 -76.92 -25.48 -23.94
N GLY F 235 -77.69 -24.41 -24.11
CA GLY F 235 -79.13 -24.46 -23.97
C GLY F 235 -79.67 -24.10 -22.61
N SER F 236 -78.83 -23.61 -21.71
CA SER F 236 -79.26 -23.25 -20.37
C SER F 236 -79.33 -21.73 -20.21
N THR F 237 -80.04 -21.31 -19.17
CA THR F 237 -80.19 -19.91 -18.82
C THR F 237 -79.21 -19.56 -17.70
N VAL F 238 -78.61 -18.38 -17.81
CA VAL F 238 -77.63 -17.91 -16.83
C VAL F 238 -77.98 -16.48 -16.43
N LEU F 239 -77.92 -16.22 -15.13
CA LEU F 239 -78.02 -14.85 -14.63
C LEU F 239 -76.64 -14.20 -14.73
N ILE F 240 -76.56 -13.06 -15.39
CA ILE F 240 -75.31 -12.36 -15.62
C ILE F 240 -75.45 -10.94 -15.11
N ASP F 241 -74.48 -10.49 -14.31
CA ASP F 241 -74.41 -9.09 -13.95
C ASP F 241 -74.21 -8.24 -15.22
N ARG F 242 -75.03 -7.20 -15.36
CA ARG F 242 -74.84 -6.29 -16.50
C ARG F 242 -73.52 -5.57 -16.39
N ASN F 243 -72.99 -5.42 -15.18
CA ASN F 243 -71.65 -4.89 -14.93
C ASN F 243 -70.62 -6.02 -14.98
N CYS F 244 -70.63 -6.78 -16.08
CA CYS F 244 -69.71 -7.90 -16.25
C CYS F 244 -68.55 -7.51 -17.15
N HIS F 245 -67.43 -8.18 -16.95
CA HIS F 245 -66.29 -7.97 -17.81
C HIS F 245 -66.56 -8.57 -19.19
N LYS F 246 -65.79 -8.11 -20.18
CA LYS F 246 -65.99 -8.58 -21.55
C LYS F 246 -65.77 -10.08 -21.69
N SER F 247 -65.07 -10.71 -20.73
CA SER F 247 -64.85 -12.15 -20.81
C SER F 247 -66.15 -12.93 -20.64
N LEU F 248 -67.09 -12.42 -19.84
CA LEU F 248 -68.41 -13.05 -19.75
C LEU F 248 -69.13 -12.95 -21.08
N THR F 249 -69.00 -11.82 -21.77
CA THR F 249 -69.57 -11.67 -23.11
C THR F 249 -68.94 -12.68 -24.08
N HIS F 250 -67.62 -12.85 -24.00
CA HIS F 250 -66.96 -13.82 -24.86
C HIS F 250 -67.43 -15.23 -24.57
N LEU F 251 -67.63 -15.56 -23.30
CA LEU F 251 -68.20 -16.86 -22.95
C LEU F 251 -69.59 -17.03 -23.55
N MET F 252 -70.42 -15.98 -23.48
CA MET F 252 -71.75 -16.04 -24.04
C MET F 252 -71.74 -16.17 -25.55
N MET F 253 -70.73 -15.60 -26.22
CA MET F 253 -70.58 -15.79 -27.65
C MET F 253 -69.91 -17.11 -28.00
N MET F 254 -69.33 -17.80 -27.01
CA MET F 254 -68.71 -19.10 -27.22
C MET F 254 -69.68 -20.25 -27.02
N SER F 255 -70.57 -20.14 -26.05
CA SER F 255 -71.54 -21.18 -25.73
C SER F 255 -72.95 -20.64 -25.92
N ASP F 256 -73.85 -21.51 -26.37
CA ASP F 256 -75.24 -21.14 -26.61
C ASP F 256 -75.98 -21.15 -25.27
N ILE F 257 -75.84 -20.07 -24.54
CA ILE F 257 -76.51 -19.89 -23.26
C ILE F 257 -77.39 -18.64 -23.33
N THR F 258 -78.55 -18.71 -22.69
CA THR F 258 -79.48 -17.59 -22.69
C THR F 258 -79.24 -16.72 -21.46
N PRO F 259 -78.91 -15.44 -21.63
CA PRO F 259 -78.66 -14.58 -20.46
C PRO F 259 -79.89 -13.80 -20.00
N ILE F 260 -79.97 -13.66 -18.68
CA ILE F 260 -80.90 -12.74 -18.03
C ILE F 260 -80.07 -11.83 -17.15
N TYR F 261 -80.16 -10.53 -17.40
CA TYR F 261 -79.21 -9.58 -16.84
C TYR F 261 -79.67 -9.00 -15.52
N PHE F 262 -78.82 -9.12 -14.51
CA PHE F 262 -78.97 -8.35 -13.29
C PHE F 262 -78.77 -6.87 -13.61
N ARG F 263 -79.57 -6.01 -12.98
CA ARG F 263 -79.48 -4.59 -13.29
C ARG F 263 -78.77 -3.85 -12.17
N PRO F 264 -77.57 -3.33 -12.39
CA PRO F 264 -76.91 -2.52 -11.37
C PRO F 264 -77.28 -1.05 -11.50
N THR F 265 -76.93 -0.29 -10.47
CA THR F 265 -77.22 1.13 -10.40
C THR F 265 -75.99 1.94 -10.80
N ARG F 266 -76.14 3.27 -10.79
CA ARG F 266 -75.04 4.17 -11.11
C ARG F 266 -75.35 5.54 -10.53
N ASN F 267 -74.30 6.35 -10.39
CA ASN F 267 -74.42 7.71 -9.89
C ASN F 267 -74.13 8.71 -11.02
N ALA F 268 -74.19 10.00 -10.68
CA ALA F 268 -73.95 11.04 -11.66
C ALA F 268 -72.52 10.99 -12.20
N TYR F 269 -71.56 10.59 -11.37
CA TYR F 269 -70.17 10.47 -11.79
C TYR F 269 -69.95 9.35 -12.80
N GLY F 270 -70.94 8.47 -12.98
CA GLY F 270 -70.75 7.30 -13.80
C GLY F 270 -70.15 6.12 -13.08
N ILE F 271 -69.96 6.22 -11.76
CA ILE F 271 -69.47 5.08 -10.99
C ILE F 271 -70.57 4.02 -10.93
N LEU F 272 -70.20 2.79 -11.28
CA LEU F 272 -71.16 1.70 -11.27
C LEU F 272 -71.53 1.33 -9.85
N GLY F 273 -72.83 1.22 -9.59
CA GLY F 273 -73.31 0.81 -8.28
C GLY F 273 -73.58 -0.68 -8.21
N GLY F 274 -74.00 -1.12 -7.03
CA GLY F 274 -74.30 -2.52 -6.83
C GLY F 274 -75.69 -2.88 -7.32
N ILE F 275 -75.89 -4.18 -7.53
CA ILE F 275 -77.21 -4.69 -7.89
C ILE F 275 -78.13 -4.59 -6.68
N PRO F 276 -79.32 -4.00 -6.81
CA PRO F 276 -80.25 -3.96 -5.68
C PRO F 276 -80.71 -5.36 -5.29
N LYS F 277 -81.13 -5.49 -4.03
CA LYS F 277 -81.53 -6.78 -3.50
C LYS F 277 -82.74 -7.36 -4.23
N SER F 278 -83.62 -6.49 -4.75
CA SER F 278 -84.82 -6.96 -5.42
C SER F 278 -84.48 -7.85 -6.61
N GLU F 279 -83.40 -7.56 -7.32
CA GLU F 279 -83.02 -8.36 -8.47
C GLU F 279 -82.61 -9.77 -8.09
N PHE F 280 -82.24 -10.00 -6.83
CA PHE F 280 -81.85 -11.33 -6.37
C PHE F 280 -83.04 -12.17 -5.91
N GLN F 281 -84.24 -11.59 -5.86
CA GLN F 281 -85.40 -12.30 -5.35
C GLN F 281 -85.94 -13.29 -6.37
N HIS F 282 -86.57 -14.35 -5.85
CA HIS F 282 -87.04 -15.45 -6.70
C HIS F 282 -88.15 -14.98 -7.64
N ASP F 283 -89.07 -14.14 -7.16
CA ASP F 283 -90.17 -13.69 -8.01
C ASP F 283 -89.67 -12.84 -9.17
N THR F 284 -88.70 -11.95 -8.92
CA THR F 284 -88.15 -11.13 -9.99
C THR F 284 -87.48 -12.00 -11.06
N ILE F 285 -86.70 -13.00 -10.63
CA ILE F 285 -86.04 -13.88 -11.58
C ILE F 285 -87.07 -14.69 -12.36
N ALA F 286 -88.11 -15.18 -11.69
CA ALA F 286 -89.14 -15.94 -12.38
C ALA F 286 -89.86 -15.08 -13.42
N GLU F 287 -90.14 -13.82 -13.07
CA GLU F 287 -90.77 -12.92 -14.03
C GLU F 287 -89.86 -12.69 -15.24
N ARG F 288 -88.57 -12.48 -15.00
CA ARG F 288 -87.64 -12.29 -16.11
C ARG F 288 -87.54 -13.53 -16.97
N VAL F 289 -87.56 -14.71 -16.36
CA VAL F 289 -87.53 -15.96 -17.12
C VAL F 289 -88.77 -16.06 -18.00
N ALA F 290 -89.94 -15.73 -17.44
CA ALA F 290 -91.17 -15.77 -18.22
C ALA F 290 -91.12 -14.80 -19.39
N GLN F 291 -90.55 -13.62 -19.17
CA GLN F 291 -90.46 -12.63 -20.26
C GLN F 291 -89.45 -13.06 -21.33
N THR F 292 -88.36 -13.69 -20.92
CA THR F 292 -87.29 -14.05 -21.87
C THR F 292 -87.68 -15.29 -22.67
N PRO F 293 -87.67 -15.23 -23.99
CA PRO F 293 -87.99 -16.42 -24.78
C PRO F 293 -86.84 -17.43 -24.75
N ASN F 294 -87.22 -18.71 -24.79
CA ASN F 294 -86.27 -19.82 -24.72
C ASN F 294 -85.44 -19.79 -23.44
N ALA F 295 -86.05 -19.33 -22.34
CA ALA F 295 -85.37 -19.23 -21.06
C ALA F 295 -86.05 -20.13 -20.04
N THR F 296 -85.25 -20.92 -19.34
CA THR F 296 -85.69 -21.75 -18.23
C THR F 296 -85.16 -21.14 -16.93
N TRP F 297 -85.34 -21.86 -15.83
CA TRP F 297 -84.79 -21.37 -14.57
C TRP F 297 -83.27 -21.38 -14.65
N PRO F 298 -82.61 -20.27 -14.31
CA PRO F 298 -81.16 -20.20 -14.49
C PRO F 298 -80.42 -21.24 -13.65
N VAL F 299 -79.35 -21.79 -14.22
CA VAL F 299 -78.52 -22.77 -13.54
C VAL F 299 -77.20 -22.19 -13.07
N HIS F 300 -76.87 -20.97 -13.48
CA HIS F 300 -75.63 -20.30 -13.09
C HIS F 300 -75.93 -18.84 -12.85
N ALA F 301 -75.11 -18.22 -12.00
CA ALA F 301 -75.27 -16.80 -11.68
C ALA F 301 -73.90 -16.19 -11.49
N VAL F 302 -73.63 -15.11 -12.21
CA VAL F 302 -72.36 -14.42 -12.17
C VAL F 302 -72.57 -13.01 -11.65
N VAL F 303 -71.88 -12.68 -10.56
CA VAL F 303 -71.93 -11.39 -9.91
C VAL F 303 -70.52 -10.83 -9.84
N THR F 304 -70.37 -9.55 -10.18
CA THR F 304 -69.08 -8.87 -10.10
C THR F 304 -68.91 -8.30 -8.70
N ASN F 305 -67.98 -8.88 -7.94
CA ASN F 305 -67.74 -8.46 -6.55
C ASN F 305 -66.24 -8.49 -6.30
N SER F 306 -65.63 -7.34 -6.11
CA SER F 306 -66.35 -6.06 -6.12
C SER F 306 -66.37 -5.44 -7.50
N THR F 307 -66.91 -4.23 -7.57
CA THR F 307 -66.88 -3.44 -8.80
C THR F 307 -65.50 -2.82 -8.99
N TYR F 308 -65.32 -2.18 -10.14
CA TYR F 308 -64.05 -1.53 -10.44
C TYR F 308 -63.73 -0.45 -9.42
N ASP F 309 -64.72 0.34 -9.03
CA ASP F 309 -64.51 1.41 -8.06
C ASP F 309 -64.48 0.92 -6.62
N GLY F 310 -64.73 -0.37 -6.38
CA GLY F 310 -64.53 -0.94 -5.07
C GLY F 310 -65.75 -1.09 -4.18
N LEU F 311 -66.90 -1.43 -4.76
CA LEU F 311 -68.12 -1.66 -4.01
C LEU F 311 -68.34 -3.15 -3.85
N LEU F 312 -68.30 -3.63 -2.61
CA LEU F 312 -68.49 -5.02 -2.27
C LEU F 312 -69.91 -5.27 -1.80
N TYR F 313 -70.43 -6.45 -2.13
CA TYR F 313 -71.76 -6.88 -1.71
C TYR F 313 -71.71 -7.57 -0.36
N ASN F 314 -72.87 -7.62 0.29
CA ASN F 314 -73.08 -8.51 1.43
C ASN F 314 -73.35 -9.89 0.82
N THR F 315 -72.29 -10.68 0.73
CA THR F 315 -72.38 -11.95 0.00
C THR F 315 -73.22 -12.99 0.73
N ASP F 316 -73.38 -12.87 2.06
CA ASP F 316 -74.26 -13.78 2.78
C ASP F 316 -75.70 -13.66 2.27
N TYR F 317 -76.15 -12.42 2.06
CA TYR F 317 -77.51 -12.21 1.56
C TYR F 317 -77.69 -12.82 0.18
N ILE F 318 -76.69 -12.67 -0.70
CA ILE F 318 -76.78 -13.25 -2.03
C ILE F 318 -76.81 -14.77 -1.95
N LYS F 319 -75.92 -15.35 -1.13
CA LYS F 319 -75.86 -16.80 -1.00
C LYS F 319 -77.16 -17.37 -0.44
N GLU F 320 -77.86 -16.59 0.40
CA GLU F 320 -79.12 -17.09 0.95
C GLU F 320 -80.30 -16.85 0.03
N ALA F 321 -80.33 -15.73 -0.68
CA ALA F 321 -81.52 -15.32 -1.42
C ALA F 321 -81.52 -15.76 -2.88
N LEU F 322 -80.36 -15.90 -3.49
CA LEU F 322 -80.26 -16.26 -4.90
C LEU F 322 -80.48 -17.77 -5.04
N ASP F 323 -81.66 -18.15 -5.55
CA ASP F 323 -82.02 -19.56 -5.66
C ASP F 323 -81.44 -20.17 -6.94
N VAL F 324 -80.11 -20.17 -6.99
CA VAL F 324 -79.35 -20.73 -8.10
C VAL F 324 -78.34 -21.70 -7.52
N LYS F 325 -78.29 -22.90 -8.09
CA LYS F 325 -77.39 -23.94 -7.56
C LYS F 325 -75.92 -23.58 -7.76
N SER F 326 -75.60 -22.73 -8.73
CA SER F 326 -74.22 -22.37 -9.02
C SER F 326 -74.09 -20.85 -8.98
N ILE F 327 -73.38 -20.32 -7.99
CA ILE F 327 -73.16 -18.89 -7.86
C ILE F 327 -71.67 -18.63 -7.99
N HIS F 328 -71.29 -17.83 -8.98
CA HIS F 328 -69.89 -17.50 -9.23
C HIS F 328 -69.68 -16.01 -9.02
N PHE F 329 -68.75 -15.67 -8.14
CA PHE F 329 -68.35 -14.29 -7.89
C PHE F 329 -67.07 -14.02 -8.66
N ASP F 330 -67.12 -13.06 -9.58
CA ASP F 330 -65.95 -12.59 -10.30
C ASP F 330 -65.24 -11.60 -9.38
N SER F 331 -64.26 -12.08 -8.64
CA SER F 331 -63.55 -11.32 -7.63
C SER F 331 -62.16 -10.91 -8.11
N ALA F 332 -62.06 -10.59 -9.39
CA ALA F 332 -60.78 -10.23 -9.98
C ALA F 332 -60.11 -9.08 -9.23
N TRP F 333 -60.90 -8.13 -8.76
CA TRP F 333 -60.36 -6.94 -8.09
C TRP F 333 -60.14 -7.12 -6.61
N VAL F 334 -60.60 -8.21 -6.00
CA VAL F 334 -60.43 -8.37 -4.56
C VAL F 334 -59.88 -9.76 -4.22
N PRO F 335 -58.62 -10.07 -4.55
CA PRO F 335 -58.03 -11.34 -4.13
C PRO F 335 -57.49 -11.31 -2.70
N TYR F 336 -57.51 -10.17 -2.03
CA TYR F 336 -56.98 -10.04 -0.68
C TYR F 336 -58.01 -10.30 0.41
N THR F 337 -59.26 -10.59 0.04
CA THR F 337 -60.22 -11.03 1.04
C THR F 337 -59.76 -12.36 1.62
N ASN F 338 -60.22 -12.66 2.83
CA ASN F 338 -59.81 -13.74 3.71
C ASN F 338 -58.49 -13.40 4.42
N PHE F 339 -57.84 -12.29 4.09
CA PHE F 339 -56.59 -11.89 4.71
C PHE F 339 -56.74 -10.67 5.62
N SER F 340 -57.92 -10.06 5.66
CA SER F 340 -58.21 -8.96 6.58
C SER F 340 -59.62 -9.17 7.11
N PRO F 341 -59.83 -8.98 8.41
CA PRO F 341 -61.18 -9.19 8.97
C PRO F 341 -62.22 -8.18 8.50
N ILE F 342 -61.83 -7.04 7.93
CA ILE F 342 -62.80 -6.07 7.45
C ILE F 342 -63.60 -6.56 6.26
N TYR F 343 -63.17 -7.66 5.63
CA TYR F 343 -63.87 -8.20 4.47
C TYR F 343 -64.73 -9.41 4.82
N LYS F 344 -64.92 -9.69 6.10
CA LYS F 344 -65.74 -10.83 6.51
C LYS F 344 -67.17 -10.65 6.01
N GLY F 345 -67.71 -11.71 5.41
CA GLY F 345 -69.05 -11.65 4.84
C GLY F 345 -69.16 -10.85 3.56
N LEU F 346 -68.04 -10.45 2.97
CA LEU F 346 -68.05 -9.61 1.77
C LEU F 346 -67.41 -10.30 0.57
N CYS F 347 -67.25 -11.63 0.62
CA CYS F 347 -66.63 -12.34 -0.48
C CYS F 347 -67.25 -13.74 -0.59
N GLY F 348 -67.02 -14.36 -1.75
CA GLY F 348 -67.63 -15.66 -2.01
C GLY F 348 -67.14 -16.75 -1.09
N MET F 349 -65.85 -16.75 -0.77
CA MET F 349 -65.29 -17.79 0.09
C MET F 349 -65.55 -17.54 1.56
N SER F 350 -66.12 -16.39 1.92
CA SER F 350 -66.40 -16.10 3.32
C SER F 350 -67.44 -17.06 3.87
N GLY F 351 -67.18 -17.60 5.06
CA GLY F 351 -68.10 -18.53 5.69
C GLY F 351 -67.82 -19.96 5.32
N GLY F 352 -68.86 -20.80 5.31
CA GLY F 352 -68.70 -22.20 5.00
C GLY F 352 -69.52 -22.66 3.82
N ARG F 353 -69.71 -23.96 3.70
CA ARG F 353 -70.47 -24.53 2.60
C ARG F 353 -71.92 -24.04 2.64
N VAL F 354 -72.48 -23.84 1.46
CA VAL F 354 -73.91 -23.52 1.31
C VAL F 354 -74.62 -24.78 0.85
N GLU F 355 -75.67 -25.15 1.56
CA GLU F 355 -76.39 -26.38 1.25
C GLU F 355 -77.02 -26.29 -0.13
N GLY F 356 -76.73 -27.28 -0.98
CA GLY F 356 -77.32 -27.36 -2.30
C GLY F 356 -76.77 -26.39 -3.31
N LYS F 357 -75.68 -25.70 -3.01
CA LYS F 357 -75.12 -24.71 -3.90
C LYS F 357 -73.61 -24.89 -4.00
N VAL F 358 -73.05 -24.42 -5.11
CA VAL F 358 -71.61 -24.37 -5.30
C VAL F 358 -71.22 -22.92 -5.53
N ILE F 359 -70.26 -22.43 -4.76
CA ILE F 359 -69.81 -21.05 -4.82
C ILE F 359 -68.42 -21.02 -5.44
N TYR F 360 -68.28 -20.25 -6.51
CA TYR F 360 -66.99 -20.04 -7.17
C TYR F 360 -66.51 -18.62 -6.89
N GLU F 361 -65.19 -18.48 -6.78
CA GLU F 361 -64.55 -17.18 -6.75
C GLU F 361 -63.46 -17.18 -7.80
N THR F 362 -63.48 -16.20 -8.69
CA THR F 362 -62.40 -16.03 -9.65
C THR F 362 -61.64 -14.77 -9.26
N GLN F 363 -60.35 -14.91 -9.01
CA GLN F 363 -59.53 -13.81 -8.51
C GLN F 363 -58.35 -13.57 -9.41
N SER F 364 -58.11 -12.32 -9.77
CA SER F 364 -56.90 -11.91 -10.47
C SER F 364 -55.81 -11.71 -9.44
N THR F 365 -54.99 -12.73 -9.24
CA THR F 365 -53.87 -12.62 -8.32
C THR F 365 -52.89 -11.55 -8.77
N HIS F 366 -52.82 -11.30 -10.08
CA HIS F 366 -51.94 -10.33 -10.67
C HIS F 366 -52.50 -8.92 -10.68
N LYS F 367 -53.57 -8.64 -9.94
CA LYS F 367 -54.19 -7.32 -9.95
C LYS F 367 -53.98 -6.56 -8.66
N LEU F 368 -54.29 -7.17 -7.51
CA LEU F 368 -54.15 -6.51 -6.23
C LEU F 368 -53.21 -7.21 -5.28
N LEU F 369 -52.79 -8.44 -5.58
CA LEU F 369 -51.74 -9.11 -4.86
C LEU F 369 -50.46 -9.00 -5.69
N ALA F 370 -49.40 -9.69 -5.27
CA ALA F 370 -48.12 -9.62 -5.96
C ALA F 370 -47.92 -10.90 -6.77
N ALA F 371 -48.25 -10.83 -8.05
CA ALA F 371 -48.06 -11.95 -8.96
C ALA F 371 -47.87 -11.41 -10.37
N PHE F 372 -47.20 -12.20 -11.21
CA PHE F 372 -47.00 -11.82 -12.60
C PHE F 372 -48.35 -11.76 -13.32
N SER F 373 -48.42 -10.88 -14.32
CA SER F 373 -49.65 -10.74 -15.11
C SER F 373 -50.07 -12.09 -15.69
N GLN F 374 -51.39 -12.27 -15.81
CA GLN F 374 -52.11 -13.47 -16.26
C GLN F 374 -52.22 -14.51 -15.15
N ALA F 375 -51.71 -14.25 -13.95
CA ALA F 375 -51.84 -15.20 -12.84
C ALA F 375 -53.22 -15.05 -12.21
N SER F 376 -53.99 -16.14 -12.17
CA SER F 376 -55.36 -16.08 -11.69
C SER F 376 -55.68 -17.34 -10.90
N MET F 377 -56.70 -17.23 -10.04
CA MET F 377 -57.12 -18.34 -9.20
C MET F 377 -58.61 -18.60 -9.35
N ILE F 378 -58.98 -19.87 -9.29
CA ILE F 378 -60.37 -20.31 -9.19
C ILE F 378 -60.53 -21.03 -7.87
N HIS F 379 -61.43 -20.54 -7.02
CA HIS F 379 -61.70 -21.12 -5.71
C HIS F 379 -63.10 -21.70 -5.72
N VAL F 380 -63.23 -22.93 -5.25
CA VAL F 380 -64.48 -23.67 -5.27
C VAL F 380 -64.83 -24.05 -3.84
N LYS F 381 -66.09 -23.78 -3.47
CA LYS F 381 -66.66 -24.22 -2.19
C LYS F 381 -67.98 -24.90 -2.52
N GLY F 382 -68.03 -26.22 -2.36
CA GLY F 382 -69.19 -27.00 -2.69
C GLY F 382 -68.81 -28.24 -3.47
N ASP F 383 -69.81 -28.87 -4.07
CA ASP F 383 -69.64 -30.13 -4.76
C ASP F 383 -69.56 -29.91 -6.26
N ILE F 384 -68.48 -30.40 -6.87
CA ILE F 384 -68.29 -30.34 -8.31
C ILE F 384 -67.79 -31.68 -8.79
N ASN F 385 -68.15 -32.02 -10.03
CA ASN F 385 -67.56 -33.19 -10.68
C ASN F 385 -66.12 -32.86 -11.03
N GLU F 386 -65.18 -33.51 -10.34
CA GLU F 386 -63.76 -33.15 -10.51
C GLU F 386 -63.27 -33.45 -11.92
N GLU F 387 -63.69 -34.57 -12.50
CA GLU F 387 -63.24 -34.91 -13.83
C GLU F 387 -63.79 -33.95 -14.88
N THR F 388 -65.09 -33.65 -14.80
CA THR F 388 -65.68 -32.71 -15.75
C THR F 388 -65.07 -31.33 -15.61
N PHE F 389 -64.87 -30.87 -14.36
CA PHE F 389 -64.25 -29.57 -14.17
C PHE F 389 -62.82 -29.57 -14.66
N ASN F 390 -62.09 -30.68 -14.49
CA ASN F 390 -60.73 -30.77 -15.01
C ASN F 390 -60.72 -30.70 -16.52
N GLU F 391 -61.73 -31.29 -17.17
CA GLU F 391 -61.85 -31.18 -18.62
C GLU F 391 -62.08 -29.73 -19.04
N ALA F 392 -62.99 -29.05 -18.34
CA ALA F 392 -63.25 -27.64 -18.66
C ALA F 392 -62.00 -26.79 -18.43
N TYR F 393 -61.26 -27.09 -17.37
CA TYR F 393 -60.00 -26.41 -17.09
C TYR F 393 -58.97 -26.66 -18.18
N MET F 394 -58.90 -27.89 -18.69
CA MET F 394 -57.92 -28.23 -19.70
C MET F 394 -58.23 -27.62 -21.06
N MET F 395 -59.52 -27.46 -21.39
CA MET F 395 -59.85 -26.89 -22.68
C MET F 395 -59.43 -25.43 -22.82
N HIS F 396 -59.07 -24.76 -21.73
CA HIS F 396 -58.65 -23.36 -21.80
C HIS F 396 -57.23 -23.11 -21.32
N THR F 397 -56.57 -24.10 -20.73
CA THR F 397 -55.20 -23.93 -20.24
C THR F 397 -54.22 -24.50 -21.26
N SER F 398 -53.16 -23.75 -21.53
CA SER F 398 -52.16 -24.18 -22.49
C SER F 398 -51.35 -25.36 -21.96
N THR F 399 -50.98 -26.27 -22.85
CA THR F 399 -50.16 -27.41 -22.47
C THR F 399 -48.73 -27.03 -22.14
N SER F 400 -48.36 -25.76 -22.29
CA SER F 400 -47.02 -25.29 -21.95
C SER F 400 -47.16 -24.09 -21.03
N PRO F 401 -47.61 -24.30 -19.80
CA PRO F 401 -47.82 -23.18 -18.89
C PRO F 401 -46.50 -22.49 -18.58
N HIS F 402 -46.56 -21.17 -18.47
CA HIS F 402 -45.41 -20.39 -18.03
C HIS F 402 -45.17 -20.68 -16.55
N TYR F 403 -44.10 -21.41 -16.25
CA TYR F 403 -43.83 -21.82 -14.88
C TYR F 403 -43.59 -20.62 -13.97
N GLY F 404 -43.04 -19.54 -14.53
CA GLY F 404 -42.85 -18.33 -13.73
C GLY F 404 -44.16 -17.77 -13.21
N ILE F 405 -45.21 -17.79 -14.05
CA ILE F 405 -46.51 -17.30 -13.62
C ILE F 405 -47.10 -18.20 -12.53
N VAL F 406 -46.96 -19.52 -12.69
CA VAL F 406 -47.46 -20.46 -11.69
C VAL F 406 -46.74 -20.26 -10.36
N ALA F 407 -45.41 -20.13 -10.42
CA ALA F 407 -44.63 -19.90 -9.21
C ALA F 407 -44.96 -18.55 -8.57
N SER F 408 -45.26 -17.54 -9.39
CA SER F 408 -45.67 -16.26 -8.83
C SER F 408 -47.01 -16.37 -8.13
N THR F 409 -47.92 -17.18 -8.67
CA THR F 409 -49.19 -17.42 -8.00
C THR F 409 -48.97 -18.07 -6.63
N GLU F 410 -48.14 -19.11 -6.59
CA GLU F 410 -47.87 -19.79 -5.32
C GLU F 410 -47.15 -18.86 -4.34
N THR F 411 -46.22 -18.05 -4.84
CA THR F 411 -45.50 -17.10 -3.99
C THR F 411 -46.45 -16.03 -3.45
N ALA F 412 -47.42 -15.61 -4.26
CA ALA F 412 -48.42 -14.67 -3.79
C ALA F 412 -49.24 -15.27 -2.65
N ALA F 413 -49.58 -16.55 -2.77
CA ALA F 413 -50.25 -17.23 -1.66
C ALA F 413 -49.35 -17.27 -0.43
N ALA F 414 -48.05 -17.50 -0.62
CA ALA F 414 -47.12 -17.60 0.49
C ALA F 414 -46.91 -16.27 1.20
N MET F 415 -46.95 -15.17 0.45
CA MET F 415 -46.70 -13.85 1.02
C MET F 415 -47.79 -13.41 1.99
N MET F 416 -48.95 -14.07 1.97
CA MET F 416 -50.01 -13.74 2.91
C MET F 416 -49.83 -14.41 4.26
N LYS F 417 -49.01 -15.45 4.34
CA LYS F 417 -48.88 -16.23 5.55
C LYS F 417 -48.15 -15.46 6.66
N GLY F 418 -48.63 -15.63 7.88
CA GLY F 418 -47.93 -15.16 9.05
C GLY F 418 -48.08 -13.68 9.37
N ASN F 419 -47.30 -13.27 10.36
CA ASN F 419 -47.32 -11.88 10.81
C ASN F 419 -46.87 -10.95 9.70
N ALA F 420 -45.91 -11.38 8.88
CA ALA F 420 -45.45 -10.54 7.78
C ALA F 420 -46.58 -10.22 6.80
N GLY F 421 -47.33 -11.25 6.39
CA GLY F 421 -48.44 -11.02 5.49
C GLY F 421 -49.56 -10.21 6.12
N LYS F 422 -49.86 -10.48 7.39
CA LYS F 422 -50.87 -9.70 8.09
C LYS F 422 -50.48 -8.24 8.15
N ARG F 423 -49.21 -7.96 8.45
CA ARG F 423 -48.73 -6.58 8.47
C ARG F 423 -48.79 -5.96 7.09
N LEU F 424 -48.45 -6.72 6.05
CA LEU F 424 -48.55 -6.19 4.69
C LEU F 424 -49.96 -5.72 4.38
N ILE F 425 -50.96 -6.58 4.63
CA ILE F 425 -52.33 -6.23 4.29
C ILE F 425 -52.83 -5.07 5.15
N ASN F 426 -52.61 -5.16 6.47
CA ASN F 426 -53.08 -4.10 7.36
C ASN F 426 -52.40 -2.77 7.04
N GLY F 427 -51.11 -2.81 6.72
CA GLY F 427 -50.40 -1.59 6.37
C GLY F 427 -50.91 -0.97 5.08
N SER F 428 -51.25 -1.80 4.09
CA SER F 428 -51.83 -1.24 2.88
C SER F 428 -53.18 -0.58 3.16
N ILE F 429 -54.01 -1.22 4.00
CA ILE F 429 -55.29 -0.63 4.36
C ILE F 429 -55.09 0.70 5.10
N GLU F 430 -54.17 0.72 6.07
CA GLU F 430 -53.91 1.92 6.85
C GLU F 430 -53.32 3.04 6.00
N ARG F 431 -52.46 2.69 5.06
CA ARG F 431 -51.91 3.67 4.13
C ARG F 431 -53.00 4.29 3.27
N ALA F 432 -53.92 3.46 2.77
CA ALA F 432 -55.03 4.00 1.98
C ALA F 432 -55.90 4.94 2.81
N ILE F 433 -56.19 4.55 4.06
CA ILE F 433 -57.04 5.38 4.91
C ILE F 433 -56.34 6.69 5.26
N ARG F 434 -55.03 6.65 5.52
CA ARG F 434 -54.30 7.87 5.82
C ARG F 434 -54.29 8.80 4.62
N PHE F 435 -54.10 8.25 3.42
CA PHE F 435 -54.15 9.07 2.22
C PHE F 435 -55.53 9.70 2.03
N ARG F 436 -56.59 8.94 2.30
CA ARG F 436 -57.95 9.47 2.19
C ARG F 436 -58.15 10.63 3.17
N LYS F 437 -57.73 10.44 4.42
CA LYS F 437 -57.88 11.49 5.42
C LYS F 437 -57.06 12.72 5.04
N GLU F 438 -55.87 12.52 4.48
CA GLU F 438 -55.06 13.66 4.07
C GLU F 438 -55.70 14.41 2.91
N ILE F 439 -56.32 13.69 1.98
CA ILE F 439 -57.04 14.37 0.90
C ILE F 439 -58.17 15.21 1.47
N LYS F 440 -58.91 14.66 2.43
CA LYS F 440 -59.98 15.43 3.07
C LYS F 440 -59.44 16.67 3.76
N ARG F 441 -58.33 16.52 4.50
CA ARG F 441 -57.74 17.64 5.23
C ARG F 441 -57.24 18.72 4.27
N LEU F 442 -56.61 18.32 3.18
CA LEU F 442 -56.15 19.29 2.19
C LEU F 442 -57.33 20.01 1.55
N ASN F 443 -58.41 19.28 1.25
CA ASN F 443 -59.59 19.90 0.67
C ASN F 443 -60.19 20.93 1.63
N SER F 444 -60.25 20.60 2.92
CA SER F 444 -60.83 21.51 3.89
C SER F 444 -60.02 22.80 4.03
N GLU F 445 -58.70 22.70 4.04
CA GLU F 445 -57.85 23.87 4.23
C GLU F 445 -57.45 24.53 2.92
N SER F 446 -57.94 24.06 1.78
CA SER F 446 -57.65 24.69 0.52
C SER F 446 -58.61 25.84 0.26
N GLU F 447 -58.06 26.96 -0.21
CA GLU F 447 -58.87 28.09 -0.64
C GLU F 447 -59.12 27.96 -2.14
N GLY F 448 -60.38 27.78 -2.51
CA GLY F 448 -60.72 27.46 -3.87
C GLY F 448 -60.89 25.97 -4.08
N TRP F 449 -60.83 25.57 -5.35
CA TRP F 449 -61.06 24.18 -5.70
C TRP F 449 -59.90 23.29 -5.24
N PHE F 450 -60.24 22.04 -4.92
CA PHE F 450 -59.24 21.02 -4.66
C PHE F 450 -59.88 19.67 -4.91
N PHE F 451 -59.03 18.66 -5.10
CA PHE F 451 -59.52 17.30 -5.32
C PHE F 451 -60.30 16.81 -4.11
N ASP F 452 -61.39 16.10 -4.38
CA ASP F 452 -62.18 15.45 -3.35
C ASP F 452 -62.05 13.94 -3.50
N VAL F 453 -62.34 13.22 -2.43
CA VAL F 453 -62.26 11.77 -2.40
C VAL F 453 -63.65 11.20 -2.19
N TRP F 454 -64.03 10.24 -3.02
CA TRP F 454 -65.34 9.60 -2.97
C TRP F 454 -65.39 8.67 -1.76
N GLN F 455 -65.96 9.15 -0.66
CA GLN F 455 -66.01 8.40 0.58
C GLN F 455 -66.98 9.03 1.57
N PRO F 456 -67.34 8.34 2.65
CA PRO F 456 -68.16 8.98 3.68
C PRO F 456 -67.41 10.09 4.40
N GLU F 457 -68.19 10.95 5.07
CA GLU F 457 -67.64 12.18 5.63
C GLU F 457 -66.65 11.92 6.76
N GLY F 458 -66.94 10.96 7.64
CA GLY F 458 -66.14 10.80 8.84
C GLY F 458 -65.37 9.51 9.01
N ILE F 459 -64.69 9.06 7.96
CA ILE F 459 -63.94 7.80 8.05
C ILE F 459 -62.90 7.91 9.15
N ASP F 460 -62.96 6.99 10.12
CA ASP F 460 -61.99 6.97 11.21
C ASP F 460 -61.24 5.66 11.29
N GLU F 461 -61.94 4.52 11.41
CA GLU F 461 -61.29 3.23 11.65
C GLU F 461 -61.27 2.39 10.38
N ALA F 462 -60.35 1.44 10.35
CA ALA F 462 -60.18 0.56 9.21
C ALA F 462 -61.37 -0.37 9.10
N LYS F 463 -62.18 -0.17 8.05
CA LYS F 463 -63.37 -0.98 7.79
C LYS F 463 -63.86 -0.68 6.40
N CYS F 464 -64.72 -1.55 5.89
CA CYS F 464 -65.40 -1.32 4.62
C CYS F 464 -66.67 -0.54 4.93
N TRP F 465 -66.66 0.75 4.62
CA TRP F 465 -67.72 1.65 5.04
C TRP F 465 -69.02 1.32 4.33
N PRO F 466 -70.11 1.12 5.06
CA PRO F 466 -71.40 0.84 4.41
C PRO F 466 -71.94 2.06 3.67
N LEU F 467 -72.71 1.80 2.63
CA LEU F 467 -73.37 2.83 1.85
C LEU F 467 -74.81 2.90 2.33
N ASP F 468 -75.11 3.95 3.10
CA ASP F 468 -76.44 4.12 3.66
C ASP F 468 -77.26 5.09 2.82
N SER F 469 -78.58 4.92 2.87
CA SER F 469 -79.48 5.78 2.11
C SER F 469 -79.59 7.18 2.72
N LYS F 470 -79.26 7.32 4.01
CA LYS F 470 -79.30 8.64 4.63
C LYS F 470 -78.23 9.56 4.05
N ASP F 471 -77.05 9.03 3.76
CA ASP F 471 -75.95 9.82 3.25
C ASP F 471 -76.05 9.97 1.74
N ASN F 472 -75.50 11.08 1.23
CA ASN F 472 -75.52 11.38 -0.20
C ASN F 472 -74.12 11.45 -0.79
N TRP F 473 -73.11 10.95 -0.08
CA TRP F 473 -71.75 10.99 -0.61
C TRP F 473 -71.60 10.06 -1.81
N HIS F 474 -72.28 8.92 -1.80
CA HIS F 474 -72.10 7.92 -2.85
C HIS F 474 -72.95 8.19 -4.09
N GLY F 475 -73.97 9.04 -3.98
CA GLY F 475 -74.73 9.45 -5.14
C GLY F 475 -75.72 8.44 -5.70
N PHE F 476 -76.00 7.36 -4.98
CA PHE F 476 -76.94 6.35 -5.44
C PHE F 476 -78.31 6.62 -4.84
N LYS F 477 -79.34 6.65 -5.70
CA LYS F 477 -80.69 7.00 -5.29
C LYS F 477 -81.41 5.77 -4.75
N ASP F 478 -81.89 5.86 -3.51
CA ASP F 478 -82.69 4.82 -2.87
C ASP F 478 -81.94 3.48 -2.85
N ILE F 479 -80.82 3.47 -2.14
CA ILE F 479 -79.99 2.28 -2.04
C ILE F 479 -80.47 1.42 -0.87
N ASP F 480 -80.35 0.11 -1.02
CA ASP F 480 -80.65 -0.81 0.06
C ASP F 480 -79.57 -0.69 1.14
N ASN F 481 -79.99 -0.82 2.40
CA ASN F 481 -79.08 -0.70 3.52
C ASN F 481 -78.46 -2.05 3.87
N ASP F 482 -77.24 -1.99 4.40
CA ASP F 482 -76.46 -3.18 4.74
C ASP F 482 -76.26 -4.05 3.50
N HIS F 483 -76.07 -3.39 2.36
CA HIS F 483 -75.99 -4.06 1.07
C HIS F 483 -74.67 -3.82 0.36
N MET F 484 -74.22 -2.58 0.26
CA MET F 484 -73.00 -2.22 -0.44
C MET F 484 -72.01 -1.58 0.51
N TYR F 485 -70.74 -1.93 0.36
CA TYR F 485 -69.68 -1.42 1.21
C TYR F 485 -68.53 -0.92 0.33
N LEU F 486 -67.80 0.07 0.82
CA LEU F 486 -66.71 0.67 0.05
C LEU F 486 -65.37 0.12 0.53
N ASP F 487 -64.59 -0.41 -0.40
CA ASP F 487 -63.26 -0.91 -0.09
C ASP F 487 -62.29 0.26 0.10
N PRO F 488 -61.66 0.38 1.27
CA PRO F 488 -60.71 1.49 1.47
C PRO F 488 -59.51 1.46 0.53
N ILE F 489 -59.14 0.28 0.03
CA ILE F 489 -57.97 0.16 -0.83
C ILE F 489 -58.17 0.92 -2.14
N LYS F 490 -59.37 0.87 -2.70
CA LYS F 490 -59.67 1.49 -3.99
C LYS F 490 -60.07 2.95 -3.74
N VAL F 491 -59.20 3.88 -4.07
CA VAL F 491 -59.39 5.29 -3.73
C VAL F 491 -59.80 6.05 -4.99
N THR F 492 -61.01 6.58 -4.99
CA THR F 492 -61.51 7.39 -6.08
C THR F 492 -61.39 8.86 -5.71
N LEU F 493 -60.59 9.59 -6.48
CA LEU F 493 -60.44 11.03 -6.30
C LEU F 493 -61.35 11.75 -7.30
N LEU F 494 -62.03 12.78 -6.81
CA LEU F 494 -62.98 13.54 -7.61
C LEU F 494 -62.39 14.88 -8.01
N THR F 495 -62.55 15.23 -9.26
CA THR F 495 -62.17 16.54 -9.74
C THR F 495 -63.41 17.43 -9.85
N PRO F 496 -63.26 18.75 -9.67
CA PRO F 496 -64.44 19.62 -9.70
C PRO F 496 -65.11 19.61 -11.06
N GLY F 497 -66.42 19.85 -11.05
CA GLY F 497 -67.20 19.83 -12.27
C GLY F 497 -68.61 19.31 -12.09
N MET F 498 -68.85 18.59 -11.00
CA MET F 498 -70.17 18.07 -10.69
C MET F 498 -70.62 18.60 -9.33
N GLN F 499 -71.92 18.84 -9.22
CA GLN F 499 -72.50 19.36 -7.98
C GLN F 499 -72.99 18.21 -7.10
N LYS F 500 -73.33 18.56 -5.86
CA LYS F 500 -73.80 17.57 -4.90
C LYS F 500 -75.16 16.98 -5.30
N ASP F 501 -75.96 17.70 -6.07
CA ASP F 501 -77.27 17.23 -6.50
C ASP F 501 -77.21 16.37 -7.76
N GLY F 502 -76.03 16.22 -8.36
CA GLY F 502 -75.86 15.45 -9.56
C GLY F 502 -75.75 16.27 -10.84
N SER F 503 -76.11 17.55 -10.78
CA SER F 503 -75.98 18.42 -11.94
C SER F 503 -74.53 18.88 -12.09
N MET F 504 -74.22 19.39 -13.27
CA MET F 504 -72.88 19.88 -13.55
C MET F 504 -72.70 21.30 -13.04
N ALA F 505 -71.50 21.59 -12.52
CA ALA F 505 -71.16 22.93 -12.11
C ALA F 505 -70.84 23.78 -13.33
N ASP F 506 -70.80 25.10 -13.13
CA ASP F 506 -70.48 26.01 -14.22
C ASP F 506 -69.08 25.76 -14.76
N THR F 507 -68.12 25.55 -13.86
CA THR F 507 -66.75 25.23 -14.22
C THR F 507 -66.43 23.79 -13.82
N GLY F 508 -65.34 23.28 -14.36
CA GLY F 508 -64.93 21.93 -14.03
C GLY F 508 -63.63 21.59 -14.71
N ILE F 509 -62.94 20.62 -14.11
CA ILE F 509 -61.67 20.12 -14.65
C ILE F 509 -61.84 18.64 -14.93
N PRO F 510 -61.96 18.23 -16.20
CA PRO F 510 -62.09 16.81 -16.50
C PRO F 510 -60.89 16.02 -16.02
N ALA F 511 -61.16 14.84 -15.46
CA ALA F 511 -60.11 14.05 -14.84
C ALA F 511 -59.06 13.57 -15.83
N SER F 512 -59.38 13.55 -17.13
CA SER F 512 -58.42 13.10 -18.13
C SER F 512 -57.23 14.04 -18.22
N ILE F 513 -57.45 15.35 -18.09
CA ILE F 513 -56.36 16.30 -18.10
C ILE F 513 -55.43 16.06 -16.92
N VAL F 514 -56.01 15.84 -15.74
CA VAL F 514 -55.20 15.55 -14.55
C VAL F 514 -54.43 14.25 -14.73
N SER F 515 -55.07 13.25 -15.34
CA SER F 515 -54.38 11.98 -15.58
C SER F 515 -53.21 12.17 -16.53
N LYS F 516 -53.39 12.97 -17.58
CA LYS F 516 -52.29 13.27 -18.49
C LYS F 516 -51.16 14.00 -17.77
N TYR F 517 -51.51 14.95 -16.89
CA TYR F 517 -50.49 15.66 -16.13
C TYR F 517 -49.71 14.71 -15.23
N LEU F 518 -50.42 13.80 -14.56
CA LEU F 518 -49.76 12.82 -13.71
C LEU F 518 -48.85 11.91 -14.52
N ASP F 519 -49.31 11.49 -15.69
CA ASP F 519 -48.50 10.64 -16.57
C ASP F 519 -47.24 11.37 -17.01
N GLU F 520 -47.36 12.68 -17.28
CA GLU F 520 -46.19 13.46 -17.65
C GLU F 520 -45.17 13.52 -16.51
N HIS F 521 -45.64 13.53 -15.26
CA HIS F 521 -44.77 13.57 -14.10
C HIS F 521 -44.58 12.19 -13.47
N GLY F 522 -44.61 11.15 -14.29
CA GLY F 522 -44.29 9.81 -13.84
C GLY F 522 -45.22 9.17 -12.83
N ILE F 523 -46.52 9.42 -12.97
CA ILE F 523 -47.53 8.81 -12.10
C ILE F 523 -48.61 8.22 -12.98
N ILE F 524 -48.86 6.91 -12.83
CA ILE F 524 -49.80 6.19 -13.66
C ILE F 524 -51.04 5.88 -12.83
N VAL F 525 -52.18 6.42 -13.25
CA VAL F 525 -53.45 6.10 -12.61
C VAL F 525 -53.96 4.76 -13.15
N GLU F 526 -54.82 4.12 -12.35
CA GLU F 526 -55.40 2.85 -12.79
C GLU F 526 -56.38 3.07 -13.94
N LYS F 527 -57.29 4.04 -13.79
CA LYS F 527 -58.26 4.36 -14.82
C LYS F 527 -58.83 5.73 -14.54
N THR F 528 -59.34 6.37 -15.59
CA THR F 528 -59.86 7.73 -15.51
C THR F 528 -61.30 7.77 -15.99
N GLY F 529 -62.15 8.44 -15.21
CA GLY F 529 -63.51 8.70 -15.63
C GLY F 529 -63.65 10.16 -16.04
N PRO F 530 -64.87 10.58 -16.35
CA PRO F 530 -65.08 11.99 -16.75
C PRO F 530 -64.60 12.99 -15.70
N TYR F 531 -64.84 12.72 -14.42
CA TYR F 531 -64.41 13.61 -13.36
C TYR F 531 -63.85 12.83 -12.17
N ASN F 532 -63.48 11.57 -12.36
CA ASN F 532 -62.97 10.73 -11.29
C ASN F 532 -61.71 10.02 -11.75
N MET F 533 -60.85 9.71 -10.78
CA MET F 533 -59.61 8.98 -11.03
C MET F 533 -59.45 7.91 -9.97
N LEU F 534 -59.16 6.68 -10.39
CA LEU F 534 -59.02 5.56 -9.48
C LEU F 534 -57.54 5.30 -9.20
N PHE F 535 -57.21 5.14 -7.92
CA PHE F 535 -55.88 4.78 -7.49
C PHE F 535 -55.96 3.52 -6.64
N LEU F 536 -55.06 2.58 -6.90
CA LEU F 536 -55.00 1.32 -6.16
C LEU F 536 -53.91 1.43 -5.10
N PHE F 537 -54.32 1.38 -3.84
CA PHE F 537 -53.37 1.37 -2.72
C PHE F 537 -53.13 -0.05 -2.25
N SER F 538 -52.55 -0.85 -3.16
CA SER F 538 -52.27 -2.25 -2.89
C SER F 538 -51.05 -2.40 -1.99
N ILE F 539 -50.65 -3.65 -1.77
CA ILE F 539 -49.48 -3.95 -0.96
C ILE F 539 -48.20 -3.40 -1.59
N GLY F 540 -48.23 -3.08 -2.87
CA GLY F 540 -47.12 -2.49 -3.56
C GLY F 540 -47.01 -0.98 -3.48
N ILE F 541 -47.92 -0.32 -2.78
CA ILE F 541 -47.88 1.13 -2.61
C ILE F 541 -47.24 1.44 -1.27
N ASP F 542 -46.20 2.26 -1.29
CA ASP F 542 -45.46 2.65 -0.10
C ASP F 542 -45.66 4.14 0.19
N LYS F 543 -45.08 4.59 1.30
CA LYS F 543 -45.24 5.97 1.72
C LYS F 543 -44.62 6.94 0.72
N THR F 544 -43.51 6.54 0.09
CA THR F 544 -42.87 7.40 -0.89
C THR F 544 -43.80 7.71 -2.06
N LYS F 545 -44.47 6.68 -2.60
CA LYS F 545 -45.38 6.90 -3.72
C LYS F 545 -46.60 7.72 -3.31
N ALA F 546 -47.10 7.52 -2.09
CA ALA F 546 -48.25 8.31 -1.64
C ALA F 546 -47.88 9.78 -1.51
N LEU F 547 -46.72 10.07 -0.93
CA LEU F 547 -46.29 11.47 -0.84
C LEU F 547 -46.01 12.05 -2.23
N SER F 548 -45.49 11.23 -3.15
CA SER F 548 -45.28 11.70 -4.51
C SER F 548 -46.60 12.07 -5.17
N LEU F 549 -47.62 11.25 -4.98
CA LEU F 549 -48.94 11.56 -5.52
C LEU F 549 -49.50 12.85 -4.94
N LEU F 550 -49.35 13.04 -3.63
CA LEU F 550 -49.81 14.28 -3.01
C LEU F 550 -49.11 15.49 -3.61
N ARG F 551 -47.77 15.39 -3.74
CA ARG F 551 -47.00 16.49 -4.30
C ARG F 551 -47.43 16.79 -5.74
N ALA F 552 -47.65 15.76 -6.54
CA ALA F 552 -48.04 15.95 -7.92
C ALA F 552 -49.43 16.59 -8.03
N LEU F 553 -50.37 16.17 -7.17
CA LEU F 553 -51.69 16.77 -7.18
C LEU F 553 -51.63 18.26 -6.80
N THR F 554 -50.84 18.59 -5.78
CA THR F 554 -50.70 19.99 -5.39
C THR F 554 -50.03 20.81 -6.52
N ASP F 555 -49.03 20.22 -7.17
CA ASP F 555 -48.36 20.92 -8.27
C ASP F 555 -49.32 21.14 -9.43
N PHE F 556 -50.18 20.16 -9.72
CA PHE F 556 -51.19 20.37 -10.75
C PHE F 556 -52.14 21.50 -10.37
N LYS F 557 -52.56 21.55 -9.11
CA LYS F 557 -53.47 22.62 -8.70
C LYS F 557 -52.81 23.99 -8.90
N ARG F 558 -51.55 24.12 -8.47
CA ARG F 558 -50.87 25.40 -8.60
C ARG F 558 -50.66 25.75 -10.07
N SER F 559 -50.28 24.77 -10.90
CA SER F 559 -50.06 25.04 -12.32
C SER F 559 -51.36 25.46 -13.01
N TYR F 560 -52.46 24.77 -12.70
CA TYR F 560 -53.75 25.11 -13.29
C TYR F 560 -54.22 26.48 -12.84
N ASP F 561 -53.99 26.82 -11.56
CA ASP F 561 -54.37 28.14 -11.07
C ASP F 561 -53.53 29.23 -11.71
N LEU F 562 -52.27 28.94 -12.03
CA LEU F 562 -51.44 29.90 -12.75
C LEU F 562 -51.83 30.02 -14.22
N ASN F 563 -52.67 29.11 -14.72
CA ASN F 563 -53.10 29.10 -16.12
C ASN F 563 -51.91 29.01 -17.07
N LEU F 564 -51.10 27.98 -16.85
CA LEU F 564 -49.93 27.76 -17.69
C LEU F 564 -50.37 27.34 -19.10
N ARG F 565 -49.43 27.42 -20.03
CA ARG F 565 -49.70 27.05 -21.41
C ARG F 565 -49.66 25.53 -21.56
N VAL F 566 -50.54 25.01 -22.41
CA VAL F 566 -50.59 23.56 -22.65
C VAL F 566 -49.27 23.06 -23.20
N LYS F 567 -48.55 23.91 -23.94
CA LYS F 567 -47.23 23.55 -24.45
C LYS F 567 -46.29 23.13 -23.31
N ASN F 568 -46.34 23.83 -22.19
CA ASN F 568 -45.44 23.57 -21.09
C ASN F 568 -46.01 22.60 -20.06
N MET F 569 -47.30 22.72 -19.75
CA MET F 569 -47.90 21.86 -18.73
C MET F 569 -48.05 20.43 -19.22
N LEU F 570 -48.47 20.24 -20.48
CA LEU F 570 -48.70 18.91 -21.04
C LEU F 570 -47.92 18.79 -22.34
N PRO F 571 -46.59 18.61 -22.25
CA PRO F 571 -45.78 18.57 -23.48
C PRO F 571 -46.19 17.47 -24.46
N SER F 572 -46.59 16.30 -23.97
CA SER F 572 -47.02 15.23 -24.87
C SER F 572 -48.31 15.60 -25.60
N LEU F 573 -49.26 16.18 -24.88
CA LEU F 573 -50.51 16.60 -25.50
C LEU F 573 -50.26 17.63 -26.60
N TYR F 574 -49.38 18.59 -26.34
CA TYR F 574 -49.04 19.56 -27.38
C TYR F 574 -48.32 18.87 -28.54
N ARG F 575 -47.45 17.91 -28.24
CA ARG F 575 -46.78 17.17 -29.31
C ARG F 575 -47.78 16.43 -30.18
N GLU F 576 -48.95 16.08 -29.64
CA GLU F 576 -49.97 15.43 -30.44
C GLU F 576 -50.48 16.36 -31.54
N ASP F 577 -50.62 17.65 -31.26
CA ASP F 577 -51.12 18.63 -32.24
C ASP F 577 -50.56 20.00 -31.90
N PRO F 578 -49.31 20.27 -32.30
CA PRO F 578 -48.67 21.55 -31.91
C PRO F 578 -49.41 22.79 -32.37
N GLU F 579 -50.01 22.77 -33.56
CA GLU F 579 -50.69 23.96 -34.06
C GLU F 579 -51.98 24.23 -33.28
N PHE F 580 -52.71 23.18 -32.94
CA PHE F 580 -53.95 23.36 -32.18
C PHE F 580 -53.67 23.91 -30.79
N TYR F 581 -52.64 23.40 -30.12
CA TYR F 581 -52.29 23.81 -28.77
C TYR F 581 -51.16 24.82 -28.73
N GLU F 582 -50.98 25.60 -29.80
CA GLU F 582 -49.84 26.52 -29.88
C GLU F 582 -49.89 27.57 -28.79
N ASN F 583 -51.05 28.19 -28.59
CA ASN F 583 -51.17 29.28 -27.63
C ASN F 583 -52.31 29.05 -26.65
N MET F 584 -52.62 27.78 -26.37
CA MET F 584 -53.73 27.44 -25.50
C MET F 584 -53.22 27.22 -24.08
N ARG F 585 -53.93 27.81 -23.12
CA ARG F 585 -53.63 27.63 -21.70
C ARG F 585 -54.49 26.53 -21.11
N ILE F 586 -54.02 25.98 -19.99
CA ILE F 586 -54.63 24.78 -19.42
C ILE F 586 -56.08 25.04 -19.02
N GLN F 587 -56.35 26.22 -18.45
CA GLN F 587 -57.71 26.52 -17.99
C GLN F 587 -58.68 26.55 -19.16
N GLU F 588 -58.25 27.11 -20.30
CA GLU F 588 -59.15 27.17 -21.45
C GLU F 588 -59.41 25.77 -22.02
N LEU F 589 -58.41 24.90 -22.02
CA LEU F 589 -58.62 23.52 -22.46
C LEU F 589 -59.61 22.80 -21.55
N ALA F 590 -59.39 22.92 -20.23
CA ALA F 590 -60.29 22.27 -19.27
C ALA F 590 -61.70 22.82 -19.40
N GLN F 591 -61.84 24.14 -19.56
CA GLN F 591 -63.16 24.74 -19.65
C GLN F 591 -63.84 24.40 -20.97
N GLY F 592 -63.08 24.25 -22.05
CA GLY F 592 -63.69 23.82 -23.30
C GLY F 592 -64.24 22.41 -23.22
N ILE F 593 -63.46 21.50 -22.64
CA ILE F 593 -63.95 20.13 -22.49
C ILE F 593 -65.15 20.10 -21.56
N HIS F 594 -65.08 20.84 -20.44
CA HIS F 594 -66.19 20.89 -19.51
C HIS F 594 -67.44 21.50 -20.15
N ALA F 595 -67.26 22.53 -20.99
CA ALA F 595 -68.38 23.14 -21.68
C ALA F 595 -69.01 22.17 -22.66
N LEU F 596 -68.20 21.40 -23.37
CA LEU F 596 -68.75 20.38 -24.26
C LEU F 596 -69.57 19.36 -23.46
N ILE F 597 -69.01 18.89 -22.34
CA ILE F 597 -69.69 17.90 -21.52
C ILE F 597 -71.01 18.46 -20.96
N GLN F 598 -70.99 19.71 -20.52
CA GLN F 598 -72.18 20.31 -19.93
C GLN F 598 -73.25 20.59 -20.99
N HIS F 599 -72.85 21.17 -22.12
CA HIS F 599 -73.80 21.47 -23.18
C HIS F 599 -74.44 20.20 -23.72
N HIS F 600 -73.64 19.16 -23.92
CA HIS F 600 -74.19 17.87 -24.36
C HIS F 600 -74.82 17.09 -23.21
N ASN F 601 -74.62 17.55 -21.97
CA ASN F 601 -75.20 16.93 -20.77
C ASN F 601 -74.87 15.45 -20.70
N LEU F 602 -73.57 15.16 -20.59
CA LEU F 602 -73.11 13.78 -20.57
C LEU F 602 -73.65 12.97 -19.39
N PRO F 603 -73.66 13.46 -18.14
CA PRO F 603 -74.13 12.59 -17.05
C PRO F 603 -75.56 12.09 -17.20
N ASP F 604 -76.51 12.97 -17.51
CA ASP F 604 -77.90 12.53 -17.65
C ASP F 604 -78.05 11.58 -18.82
N LEU F 605 -77.40 11.87 -19.94
CA LEU F 605 -77.50 10.98 -21.10
C LEU F 605 -76.92 9.61 -20.79
N MET F 606 -75.78 9.57 -20.11
CA MET F 606 -75.18 8.30 -19.72
C MET F 606 -76.11 7.51 -18.79
N TYR F 607 -76.66 8.20 -17.79
CA TYR F 607 -77.56 7.54 -16.84
C TYR F 607 -78.77 6.96 -17.54
N ARG F 608 -79.39 7.73 -18.44
CA ARG F 608 -80.57 7.23 -19.15
C ARG F 608 -80.20 6.09 -20.11
N ALA F 609 -79.05 6.21 -20.78
CA ALA F 609 -78.65 5.18 -21.73
C ALA F 609 -78.37 3.86 -21.03
N PHE F 610 -77.87 3.90 -19.79
CA PHE F 610 -77.60 2.67 -19.05
C PHE F 610 -78.73 2.30 -18.10
N GLU F 611 -79.87 2.97 -18.19
CA GLU F 611 -81.03 2.64 -17.38
C GLU F 611 -81.99 1.71 -18.11
N VAL F 612 -82.15 1.90 -19.42
CA VAL F 612 -83.05 1.08 -20.23
C VAL F 612 -82.24 -0.02 -20.90
N LEU F 613 -82.74 -1.24 -20.81
CA LEU F 613 -82.05 -2.38 -21.41
C LEU F 613 -82.49 -2.55 -22.86
N PRO F 614 -81.55 -2.63 -23.80
CA PRO F 614 -81.93 -2.95 -25.19
C PRO F 614 -82.56 -4.34 -25.26
N THR F 615 -83.49 -4.49 -26.19
CA THR F 615 -84.19 -5.77 -26.32
C THR F 615 -83.28 -6.82 -26.94
N MET F 616 -83.44 -8.06 -26.48
CA MET F 616 -82.60 -9.18 -26.91
C MET F 616 -83.36 -10.00 -27.94
N VAL F 617 -83.02 -9.81 -29.22
CA VAL F 617 -83.62 -10.61 -30.27
C VAL F 617 -83.09 -12.04 -30.21
N MET F 618 -81.77 -12.18 -30.06
CA MET F 618 -81.13 -13.48 -29.94
C MET F 618 -79.97 -13.37 -28.97
N ASN F 619 -79.54 -14.51 -28.44
CA ASN F 619 -78.42 -14.52 -27.52
C ASN F 619 -77.12 -14.21 -28.27
N PRO F 620 -76.08 -13.79 -27.55
CA PRO F 620 -74.83 -13.41 -28.24
C PRO F 620 -74.23 -14.52 -29.08
N HIS F 621 -74.42 -15.78 -28.69
CA HIS F 621 -73.86 -16.89 -29.47
C HIS F 621 -74.43 -16.91 -30.88
N ALA F 622 -75.75 -16.70 -31.02
CA ALA F 622 -76.36 -16.71 -32.34
C ALA F 622 -75.83 -15.56 -33.20
N ALA F 623 -75.78 -14.35 -32.64
CA ALA F 623 -75.31 -13.20 -33.39
C ALA F 623 -73.86 -13.38 -33.83
N PHE F 624 -73.02 -13.91 -32.94
CA PHE F 624 -71.63 -14.12 -33.30
C PHE F 624 -71.47 -15.22 -34.35
N GLN F 625 -72.27 -16.28 -34.25
CA GLN F 625 -72.22 -17.34 -35.25
C GLN F 625 -72.61 -16.81 -36.62
N MET F 626 -73.65 -15.97 -36.67
CA MET F 626 -74.04 -15.39 -37.95
C MET F 626 -73.07 -14.32 -38.43
N GLU F 627 -72.32 -13.70 -37.52
CA GLU F 627 -71.23 -12.83 -37.95
C GLU F 627 -70.10 -13.62 -38.58
N LEU F 628 -69.79 -14.79 -38.03
CA LEU F 628 -68.76 -15.64 -38.60
C LEU F 628 -69.13 -16.17 -39.98
N ARG F 629 -70.41 -16.18 -40.30
CA ARG F 629 -70.90 -16.63 -41.60
C ARG F 629 -70.95 -15.51 -42.63
N GLY F 630 -70.48 -14.31 -42.28
CA GLY F 630 -70.52 -13.20 -43.20
C GLY F 630 -71.89 -12.59 -43.42
N GLN F 631 -72.80 -12.76 -42.46
CA GLN F 631 -74.16 -12.25 -42.57
C GLN F 631 -74.31 -10.91 -41.85
N THR F 632 -73.27 -10.09 -41.91
CA THR F 632 -73.20 -8.82 -41.20
C THR F 632 -72.87 -7.70 -42.17
N GLU F 633 -73.41 -6.52 -41.91
CA GLU F 633 -73.15 -5.34 -42.71
C GLU F 633 -72.85 -4.16 -41.80
N GLU F 634 -72.13 -3.19 -42.35
CA GLU F 634 -71.72 -2.00 -41.61
C GLU F 634 -72.71 -0.89 -41.89
N VAL F 635 -73.38 -0.40 -40.85
CA VAL F 635 -74.31 0.72 -40.96
C VAL F 635 -73.77 1.87 -40.13
N TYR F 636 -74.30 3.05 -40.38
CA TYR F 636 -73.90 4.20 -39.59
C TYR F 636 -74.65 4.22 -38.28
N LEU F 637 -74.10 4.94 -37.30
CA LEU F 637 -74.76 5.07 -36.01
C LEU F 637 -76.17 5.60 -36.19
N GLU F 638 -76.40 6.43 -37.20
CA GLU F 638 -77.73 6.98 -37.43
C GLU F 638 -78.75 5.88 -37.67
N GLU F 639 -78.37 4.85 -38.43
CA GLU F 639 -79.33 3.87 -38.93
C GLU F 639 -79.34 2.58 -38.12
N MET F 640 -79.02 2.65 -36.83
CA MET F 640 -78.91 1.46 -36.02
C MET F 640 -80.19 1.10 -35.27
N ILE F 641 -81.20 1.96 -35.28
CA ILE F 641 -82.47 1.62 -34.66
C ILE F 641 -83.13 0.50 -35.45
N GLY F 642 -83.57 -0.54 -34.74
CA GLY F 642 -84.18 -1.69 -35.38
C GLY F 642 -83.22 -2.71 -35.92
N LYS F 643 -81.91 -2.50 -35.77
CA LYS F 643 -80.91 -3.43 -36.26
C LYS F 643 -80.38 -4.29 -35.11
N VAL F 644 -80.16 -5.57 -35.40
CA VAL F 644 -79.58 -6.48 -34.42
C VAL F 644 -78.07 -6.30 -34.43
N ASN F 645 -77.50 -5.97 -33.27
CA ASN F 645 -76.08 -5.70 -33.19
C ASN F 645 -75.27 -6.98 -33.33
N ALA F 646 -74.17 -6.89 -34.07
CA ALA F 646 -73.30 -8.04 -34.29
C ALA F 646 -72.25 -8.20 -33.20
N ASN F 647 -71.78 -7.11 -32.60
CA ASN F 647 -70.73 -7.17 -31.59
C ASN F 647 -71.18 -6.39 -30.36
N MET F 648 -70.35 -6.46 -29.32
CA MET F 648 -70.60 -5.73 -28.10
C MET F 648 -70.11 -4.30 -28.24
N ILE F 649 -70.95 -3.33 -27.89
CA ILE F 649 -70.61 -1.92 -27.95
C ILE F 649 -70.24 -1.49 -26.53
N LEU F 650 -68.94 -1.25 -26.31
CA LEU F 650 -68.43 -0.86 -25.01
C LEU F 650 -67.92 0.57 -25.06
N PRO F 651 -68.70 1.54 -24.57
CA PRO F 651 -68.25 2.95 -24.61
C PRO F 651 -67.40 3.33 -23.40
N TYR F 652 -66.40 4.16 -23.67
CA TYR F 652 -65.55 4.73 -22.62
C TYR F 652 -65.70 6.24 -22.65
N PRO F 653 -66.34 6.87 -21.65
CA PRO F 653 -66.93 6.30 -20.44
C PRO F 653 -68.28 5.64 -20.70
N PRO F 654 -68.86 4.89 -19.75
CA PRO F 654 -68.37 4.58 -18.41
C PRO F 654 -67.52 3.31 -18.34
N GLY F 655 -67.13 2.75 -19.48
CA GLY F 655 -66.27 1.58 -19.47
C GLY F 655 -66.96 0.26 -19.20
N VAL F 656 -68.28 0.20 -19.40
CA VAL F 656 -69.01 -1.06 -19.22
C VAL F 656 -69.84 -1.29 -20.48
N PRO F 657 -70.17 -2.54 -20.82
CA PRO F 657 -70.90 -2.79 -22.07
C PRO F 657 -72.29 -2.17 -22.04
N LEU F 658 -72.63 -1.47 -23.13
CA LEU F 658 -73.95 -0.86 -23.29
C LEU F 658 -74.88 -1.70 -24.15
N VAL F 659 -74.37 -2.28 -25.23
CA VAL F 659 -75.13 -3.13 -26.13
C VAL F 659 -74.42 -4.47 -26.24
N MET F 660 -75.14 -5.54 -26.04
CA MET F 660 -74.63 -6.89 -26.16
C MET F 660 -74.86 -7.40 -27.58
N PRO F 661 -74.06 -8.36 -28.05
CA PRO F 661 -74.35 -8.98 -29.34
C PRO F 661 -75.73 -9.63 -29.33
N GLY F 662 -76.47 -9.43 -30.42
CA GLY F 662 -77.83 -9.93 -30.50
C GLY F 662 -78.88 -9.02 -29.90
N GLU F 663 -78.52 -7.81 -29.53
CA GLU F 663 -79.46 -6.84 -28.99
C GLU F 663 -79.77 -5.77 -30.03
N MET F 664 -81.01 -5.31 -30.03
CA MET F 664 -81.49 -4.34 -31.01
C MET F 664 -82.00 -3.10 -30.31
N LEU F 665 -81.65 -1.94 -30.85
CA LEU F 665 -82.11 -0.67 -30.30
C LEU F 665 -83.51 -0.35 -30.84
N THR F 666 -84.40 0.00 -29.93
CA THR F 666 -85.77 0.38 -30.27
C THR F 666 -86.01 1.82 -29.81
N GLU F 667 -87.27 2.25 -29.90
CA GLU F 667 -87.62 3.59 -29.44
C GLU F 667 -87.39 3.74 -27.94
N GLU F 668 -87.67 2.69 -27.18
CA GLU F 668 -87.43 2.72 -25.73
C GLU F 668 -85.94 2.85 -25.42
N SER F 669 -85.08 2.29 -26.26
CA SER F 669 -83.64 2.30 -26.03
C SER F 669 -82.92 3.33 -26.90
N ARG F 670 -83.65 4.29 -27.46
CA ARG F 670 -83.01 5.38 -28.19
C ARG F 670 -82.02 6.20 -27.35
N PRO F 671 -82.18 6.34 -26.02
CA PRO F 671 -81.12 7.00 -25.24
C PRO F 671 -79.74 6.41 -25.46
N VAL F 672 -79.63 5.10 -25.71
CA VAL F 672 -78.34 4.50 -26.01
C VAL F 672 -77.73 5.15 -27.24
N LEU F 673 -78.54 5.31 -28.30
CA LEU F 673 -78.04 5.92 -29.52
C LEU F 673 -77.70 7.38 -29.32
N GLU F 674 -78.53 8.13 -28.58
CA GLU F 674 -78.20 9.53 -28.35
C GLU F 674 -76.90 9.67 -27.57
N PHE F 675 -76.69 8.81 -26.57
CA PHE F 675 -75.45 8.86 -25.80
C PHE F 675 -74.25 8.50 -26.66
N LEU F 676 -74.39 7.51 -27.53
CA LEU F 676 -73.28 7.13 -28.41
C LEU F 676 -72.94 8.25 -29.39
N GLN F 677 -73.96 8.89 -29.97
CA GLN F 677 -73.73 10.02 -30.87
C GLN F 677 -73.08 11.18 -30.12
N MET F 678 -73.52 11.40 -28.87
CA MET F 678 -72.91 12.43 -28.04
C MET F 678 -71.42 12.17 -27.83
N LEU F 679 -71.07 10.92 -27.52
CA LEU F 679 -69.66 10.58 -27.36
C LEU F 679 -68.89 10.81 -28.66
N CYS F 680 -69.49 10.40 -29.79
CA CYS F 680 -68.82 10.55 -31.08
C CYS F 680 -68.55 12.01 -31.42
N GLU F 681 -69.52 12.88 -31.14
CA GLU F 681 -69.31 14.30 -31.45
C GLU F 681 -68.40 14.99 -30.45
N ILE F 682 -68.40 14.56 -29.18
CA ILE F 682 -67.50 15.16 -28.20
C ILE F 682 -66.06 14.78 -28.48
N GLY F 683 -65.83 13.55 -28.94
CA GLY F 683 -64.47 13.11 -29.16
C GLY F 683 -63.77 13.68 -30.37
N ALA F 684 -64.39 14.61 -31.09
CA ALA F 684 -63.81 15.16 -32.31
C ALA F 684 -63.44 16.64 -32.17
N HIS F 685 -63.33 17.14 -30.94
CA HIS F 685 -63.04 18.56 -30.73
C HIS F 685 -61.66 18.85 -30.18
N TYR F 686 -60.98 17.86 -29.60
CA TYR F 686 -59.63 18.09 -29.09
C TYR F 686 -58.73 16.92 -29.49
N PRO F 687 -57.62 17.21 -30.18
CA PRO F 687 -56.79 16.14 -30.77
C PRO F 687 -56.13 15.19 -29.77
N GLY F 688 -56.36 15.38 -28.47
CA GLY F 688 -55.83 14.46 -27.50
C GLY F 688 -56.90 13.70 -26.74
N PHE F 689 -58.16 13.97 -27.06
CA PHE F 689 -59.31 13.38 -26.37
C PHE F 689 -60.27 12.83 -27.43
N GLU F 690 -60.00 11.61 -27.88
CA GLU F 690 -60.78 10.99 -28.94
C GLU F 690 -61.92 10.16 -28.36
N THR F 691 -62.86 9.81 -29.23
CA THR F 691 -63.94 8.90 -28.86
C THR F 691 -63.40 7.50 -28.68
N ASP F 692 -63.86 6.81 -27.63
CA ASP F 692 -63.43 5.46 -27.31
C ASP F 692 -64.67 4.59 -27.15
N ILE F 693 -65.09 3.94 -28.25
CA ILE F 693 -66.25 3.07 -28.26
C ILE F 693 -65.83 1.77 -28.92
N HIS F 694 -65.60 0.73 -28.12
CA HIS F 694 -65.32 -0.59 -28.67
C HIS F 694 -66.55 -1.12 -29.38
N GLY F 695 -66.35 -1.71 -30.55
CA GLY F 695 -67.45 -2.15 -31.38
C GLY F 695 -67.92 -1.12 -32.38
N ALA F 696 -67.43 0.11 -32.30
CA ALA F 696 -67.70 1.14 -33.28
C ALA F 696 -66.41 1.46 -34.03
N TYR F 697 -66.54 1.78 -35.31
CA TYR F 697 -65.39 1.96 -36.19
C TYR F 697 -65.47 3.33 -36.84
N ARG F 698 -64.44 4.13 -36.65
CA ARG F 698 -64.39 5.46 -37.23
C ARG F 698 -63.96 5.38 -38.69
N GLN F 699 -64.64 6.13 -39.55
CA GLN F 699 -64.32 6.20 -40.96
C GLN F 699 -63.45 7.42 -41.24
N ALA F 700 -62.98 7.50 -42.49
CA ALA F 700 -62.11 8.62 -42.88
C ALA F 700 -62.83 9.95 -42.78
N ASP F 701 -64.15 9.96 -42.92
CA ASP F 701 -64.93 11.19 -42.85
C ASP F 701 -65.26 11.59 -41.42
N GLY F 702 -64.85 10.80 -40.43
CA GLY F 702 -65.14 11.07 -39.04
C GLY F 702 -66.40 10.43 -38.51
N ARG F 703 -67.26 9.90 -39.38
CA ARG F 703 -68.47 9.23 -38.94
C ARG F 703 -68.13 7.85 -38.37
N TYR F 704 -69.02 7.34 -37.53
CA TYR F 704 -68.83 6.08 -36.85
C TYR F 704 -69.84 5.05 -37.34
N THR F 705 -69.35 3.84 -37.60
CA THR F 705 -70.18 2.75 -38.07
C THR F 705 -70.18 1.61 -37.07
N VAL F 706 -71.23 0.79 -37.14
CA VAL F 706 -71.36 -0.41 -36.32
C VAL F 706 -71.73 -1.58 -37.23
N LYS F 707 -71.39 -2.77 -36.76
CA LYS F 707 -71.71 -4.00 -37.46
C LYS F 707 -73.07 -4.52 -36.97
N VAL F 708 -73.97 -4.81 -37.92
CA VAL F 708 -75.31 -5.28 -37.58
C VAL F 708 -75.65 -6.47 -38.46
N ILE F 709 -76.59 -7.27 -37.96
CA ILE F 709 -77.03 -8.46 -38.67
C ILE F 709 -77.83 -8.08 -39.91
N LYS F 710 -77.55 -8.74 -41.02
CA LYS F 710 -78.31 -8.55 -42.26
C LYS F 710 -79.64 -9.29 -42.19
N MET G 1 -23.16 22.18 -11.11
CA MET G 1 -24.49 21.96 -10.57
C MET G 1 -24.64 20.51 -10.12
N ASN G 2 -23.66 20.01 -9.37
CA ASN G 2 -23.62 18.61 -8.97
C ASN G 2 -23.26 18.46 -7.50
N ILE G 3 -23.56 19.46 -6.68
CA ILE G 3 -23.23 19.44 -5.25
C ILE G 3 -24.49 19.13 -4.47
N ILE G 4 -24.48 18.02 -3.73
CA ILE G 4 -25.61 17.60 -2.91
C ILE G 4 -25.19 17.69 -1.45
N ALA G 5 -26.01 18.34 -0.64
CA ALA G 5 -25.74 18.52 0.78
C ALA G 5 -26.59 17.55 1.58
N ILE G 6 -25.93 16.79 2.46
CA ILE G 6 -26.60 15.82 3.32
C ILE G 6 -26.45 16.31 4.76
N LEU G 7 -27.58 16.51 5.44
CA LEU G 7 -27.63 16.99 6.81
C LEU G 7 -27.73 15.83 7.78
N ASN G 8 -27.44 16.12 9.05
CA ASN G 8 -27.60 15.20 10.19
C ASN G 8 -26.55 14.10 10.22
N HIS G 9 -26.17 13.69 11.44
CA HIS G 9 -25.27 12.57 11.68
C HIS G 9 -25.84 11.69 12.79
N MET G 10 -27.12 11.35 12.64
CA MET G 10 -27.87 10.54 13.59
C MET G 10 -27.18 9.22 13.90
N GLY G 11 -27.56 8.58 15.01
CA GLY G 11 -26.86 7.39 15.45
C GLY G 11 -27.67 6.11 15.43
N VAL G 12 -28.47 5.90 14.39
CA VAL G 12 -29.22 4.66 14.19
C VAL G 12 -28.79 4.05 12.87
N TYR G 13 -28.40 2.78 12.92
CA TYR G 13 -27.86 2.12 11.73
C TYR G 13 -28.86 2.10 10.58
N PHE G 14 -30.16 1.91 10.90
CA PHE G 14 -31.18 1.77 9.88
C PHE G 14 -31.37 3.05 9.07
N LYS G 15 -30.82 4.17 9.51
CA LYS G 15 -30.77 5.38 8.69
C LYS G 15 -29.39 5.68 8.12
N GLU G 16 -28.33 5.54 8.93
CA GLU G 16 -26.99 5.86 8.46
C GLU G 16 -26.56 4.96 7.31
N GLU G 17 -26.82 3.66 7.41
CA GLU G 17 -26.39 2.76 6.34
C GLU G 17 -27.06 3.06 5.01
N PRO G 18 -28.38 3.23 4.92
CA PRO G 18 -28.96 3.66 3.63
C PRO G 18 -28.40 4.97 3.14
N ILE G 19 -28.07 5.90 4.04
CA ILE G 19 -27.52 7.19 3.61
C ILE G 19 -26.12 6.99 3.05
N ARG G 20 -25.30 6.12 3.66
CA ARG G 20 -23.97 5.85 3.11
C ARG G 20 -24.06 5.16 1.76
N GLU G 21 -25.00 4.22 1.61
CA GLU G 21 -25.20 3.60 0.30
C GLU G 21 -25.64 4.62 -0.74
N LEU G 22 -26.53 5.53 -0.35
CA LEU G 22 -26.98 6.57 -1.27
C LEU G 22 -25.82 7.51 -1.63
N HIS G 23 -24.95 7.79 -0.68
CA HIS G 23 -23.77 8.60 -0.94
C HIS G 23 -22.91 7.95 -2.02
N LYS G 24 -22.66 6.65 -1.87
CA LYS G 24 -21.89 5.93 -2.88
C LYS G 24 -22.61 5.95 -4.23
N ALA G 25 -23.91 5.74 -4.24
CA ALA G 25 -24.68 5.69 -5.48
C ALA G 25 -24.69 7.05 -6.19
N LEU G 26 -24.81 8.14 -5.42
CA LEU G 26 -24.77 9.47 -6.00
C LEU G 26 -23.38 9.79 -6.54
N GLU G 27 -22.33 9.37 -5.83
CA GLU G 27 -20.98 9.54 -6.36
C GLU G 27 -20.80 8.74 -7.63
N ALA G 28 -21.51 7.62 -7.78
CA ALA G 28 -21.47 6.87 -9.03
C ALA G 28 -22.18 7.62 -10.16
N LEU G 29 -23.00 8.62 -9.84
CA LEU G 29 -23.67 9.44 -10.83
C LEU G 29 -22.99 10.79 -11.01
N ASP G 30 -21.74 10.93 -10.55
CA ASP G 30 -20.93 12.13 -10.71
C ASP G 30 -21.47 13.30 -9.89
N PHE G 31 -21.87 13.02 -8.66
CA PHE G 31 -22.30 14.04 -7.71
C PHE G 31 -21.21 14.24 -6.66
N GLN G 32 -21.14 15.46 -6.13
CA GLN G 32 -20.21 15.82 -5.07
C GLN G 32 -21.01 15.98 -3.78
N ILE G 33 -20.70 15.16 -2.78
CA ILE G 33 -21.45 15.15 -1.52
C ILE G 33 -20.74 16.03 -0.50
N VAL G 34 -21.50 16.94 0.11
CA VAL G 34 -21.00 17.77 1.20
C VAL G 34 -21.86 17.50 2.43
N TYR G 35 -21.26 17.71 3.61
CA TYR G 35 -21.90 17.37 4.89
C TYR G 35 -21.90 18.56 5.83
N PRO G 36 -22.93 19.40 5.77
CA PRO G 36 -23.06 20.49 6.75
C PRO G 36 -23.27 19.93 8.16
N ASN G 37 -22.69 20.64 9.14
CA ASN G 37 -22.74 20.17 10.51
C ASN G 37 -24.05 20.49 11.22
N ASP G 38 -24.79 21.49 10.76
CA ASP G 38 -26.06 21.84 11.40
C ASP G 38 -26.90 22.62 10.40
N ARG G 39 -28.10 23.01 10.85
CA ARG G 39 -29.05 23.72 9.99
C ARG G 39 -28.50 25.07 9.55
N GLU G 40 -27.89 25.83 10.46
CA GLU G 40 -27.33 27.12 10.11
C GLU G 40 -26.15 26.97 9.16
N ASP G 41 -25.32 25.95 9.38
CA ASP G 41 -24.23 25.65 8.46
C ASP G 41 -24.77 25.36 7.05
N LEU G 42 -25.85 24.60 6.97
CA LEU G 42 -26.46 24.31 5.68
C LEU G 42 -27.01 25.57 5.02
N LEU G 43 -27.64 26.44 5.80
CA LEU G 43 -28.19 27.68 5.24
C LEU G 43 -27.07 28.57 4.69
N LYS G 44 -25.98 28.70 5.44
CA LYS G 44 -24.84 29.48 4.94
C LYS G 44 -24.23 28.84 3.70
N LEU G 45 -24.13 27.51 3.68
CA LEU G 45 -23.59 26.81 2.53
C LEU G 45 -24.42 27.08 1.29
N ILE G 46 -25.74 27.04 1.43
CA ILE G 46 -26.62 27.35 0.31
C ILE G 46 -26.47 28.80 -0.13
N ASP G 47 -26.37 29.72 0.84
CA ASP G 47 -26.29 31.13 0.51
C ASP G 47 -25.00 31.49 -0.21
N ASN G 48 -23.90 30.78 0.07
CA ASN G 48 -22.61 31.17 -0.50
C ASN G 48 -22.22 30.40 -1.76
N ASN G 49 -22.92 29.32 -2.10
CA ASN G 49 -22.52 28.45 -3.21
C ASN G 49 -23.71 28.14 -4.10
N ALA G 50 -23.80 28.83 -5.22
CA ALA G 50 -24.91 28.66 -6.16
C ALA G 50 -24.87 27.33 -6.89
N ARG G 51 -23.79 26.57 -6.78
CA ARG G 51 -23.70 25.27 -7.42
C ARG G 51 -24.30 24.15 -6.58
N LEU G 52 -24.74 24.45 -5.36
CA LEU G 52 -25.49 23.48 -4.56
C LEU G 52 -26.81 23.19 -5.25
N CYS G 53 -26.98 21.96 -5.74
CA CYS G 53 -28.14 21.56 -6.51
C CYS G 53 -29.10 20.65 -5.76
N GLY G 54 -28.88 20.41 -4.47
CA GLY G 54 -29.77 19.54 -3.73
C GLY G 54 -29.48 19.42 -2.24
N VAL G 55 -30.53 19.22 -1.44
CA VAL G 55 -30.41 19.11 0.01
C VAL G 55 -31.12 17.84 0.46
N ILE G 56 -30.39 16.99 1.19
CA ILE G 56 -30.93 15.77 1.77
C ILE G 56 -30.88 15.92 3.28
N PHE G 57 -32.03 15.78 3.93
CA PHE G 57 -32.11 15.89 5.38
C PHE G 57 -33.10 14.86 5.92
N ASP G 58 -33.00 14.62 7.22
CA ASP G 58 -33.86 13.68 7.94
C ASP G 58 -35.11 14.41 8.42
N TRP G 59 -36.29 13.93 8.00
CA TRP G 59 -37.54 14.56 8.40
C TRP G 59 -37.81 14.39 9.88
N ASP G 60 -37.40 13.26 10.46
CA ASP G 60 -37.59 13.05 11.90
C ASP G 60 -36.87 14.11 12.73
N THR G 61 -35.74 14.61 12.24
CA THR G 61 -34.96 15.61 12.96
C THR G 61 -35.38 17.04 12.65
N TYR G 62 -35.63 17.36 11.38
CA TYR G 62 -35.98 18.70 10.97
C TYR G 62 -37.37 18.71 10.37
N ASN G 63 -38.19 19.68 10.81
CA ASN G 63 -39.51 19.86 10.25
C ASN G 63 -39.39 20.45 8.84
N LEU G 64 -40.53 20.62 8.18
CA LEU G 64 -40.54 21.13 6.82
C LEU G 64 -40.37 22.64 6.74
N ASP G 65 -40.25 23.33 7.88
CA ASP G 65 -39.93 24.75 7.86
C ASP G 65 -38.51 25.00 7.37
N LEU G 66 -37.63 24.01 7.50
CA LEU G 66 -36.29 24.14 6.92
C LEU G 66 -36.38 24.24 5.41
N CYS G 67 -37.31 23.50 4.80
CA CYS G 67 -37.56 23.66 3.38
C CYS G 67 -38.07 25.06 3.07
N GLU G 68 -38.85 25.65 3.97
CA GLU G 68 -39.28 27.03 3.78
C GLU G 68 -38.10 27.99 3.77
N GLU G 69 -37.18 27.80 4.71
CA GLU G 69 -35.98 28.64 4.73
C GLU G 69 -35.14 28.44 3.48
N ILE G 70 -35.03 27.19 3.01
CA ILE G 70 -34.26 26.90 1.80
C ILE G 70 -34.89 27.57 0.59
N SER G 71 -36.22 27.48 0.48
CA SER G 71 -36.93 28.07 -0.65
C SER G 71 -36.97 29.59 -0.58
N ALA G 72 -36.77 30.17 0.60
CA ALA G 72 -36.67 31.63 0.68
C ALA G 72 -35.50 32.15 -0.13
N MET G 73 -34.42 31.38 -0.25
CA MET G 73 -33.28 31.77 -1.06
C MET G 73 -33.36 31.21 -2.47
N ASN G 74 -33.86 30.00 -2.63
CA ASN G 74 -33.96 29.36 -3.95
C ASN G 74 -35.20 28.49 -3.95
N GLU G 75 -36.26 28.96 -4.61
CA GLU G 75 -37.54 28.26 -4.60
C GLU G 75 -37.53 27.03 -5.51
N HIS G 76 -36.60 26.95 -6.45
CA HIS G 76 -36.51 25.79 -7.34
C HIS G 76 -35.52 24.73 -6.86
N LEU G 77 -34.72 25.04 -5.84
CA LEU G 77 -33.73 24.12 -5.31
C LEU G 77 -34.40 22.85 -4.80
N PRO G 78 -34.16 21.71 -5.43
CA PRO G 78 -34.79 20.46 -4.97
C PRO G 78 -34.34 20.08 -3.58
N VAL G 79 -35.30 19.61 -2.78
CA VAL G 79 -35.05 19.13 -1.43
C VAL G 79 -35.51 17.67 -1.36
N TYR G 80 -34.73 16.84 -0.68
CA TYR G 80 -35.03 15.42 -0.54
C TYR G 80 -35.20 15.11 0.94
N ALA G 81 -36.43 14.80 1.35
CA ALA G 81 -36.74 14.51 2.74
C ALA G 81 -36.93 13.02 2.93
N PHE G 82 -36.26 12.45 3.92
CA PHE G 82 -36.36 11.03 4.23
C PHE G 82 -37.36 10.87 5.38
N ALA G 83 -38.40 10.10 5.14
CA ALA G 83 -39.51 9.94 6.07
C ALA G 83 -39.41 8.62 6.81
N ASN G 84 -39.43 8.69 8.14
CA ASN G 84 -39.46 7.50 8.98
C ASN G 84 -40.74 7.44 9.81
N THR G 85 -41.03 8.45 10.62
CA THR G 85 -42.22 8.43 11.47
C THR G 85 -43.39 9.22 10.88
N HIS G 86 -43.12 10.31 10.17
CA HIS G 86 -44.21 11.08 9.58
C HIS G 86 -44.83 10.34 8.40
N SER G 87 -46.14 10.48 8.25
CA SER G 87 -46.90 9.86 7.18
C SER G 87 -47.52 10.96 6.32
N THR G 88 -48.41 10.55 5.42
CA THR G 88 -49.08 11.52 4.56
C THR G 88 -49.94 12.50 5.35
N LEU G 89 -50.33 12.15 6.58
CA LEU G 89 -51.12 13.06 7.40
C LEU G 89 -50.30 14.15 8.06
N ASP G 90 -48.98 14.11 7.96
CA ASP G 90 -48.11 15.08 8.60
C ASP G 90 -47.68 16.22 7.68
N VAL G 91 -48.29 16.33 6.51
CA VAL G 91 -47.95 17.39 5.55
C VAL G 91 -49.18 18.24 5.30
N SER G 92 -48.97 19.55 5.21
CA SER G 92 -50.03 20.50 4.93
C SER G 92 -49.95 20.96 3.47
N LEU G 93 -50.95 21.75 3.07
CA LEU G 93 -50.94 22.28 1.71
C LEU G 93 -49.74 23.20 1.48
N ASN G 94 -49.47 24.07 2.45
CA ASN G 94 -48.31 24.97 2.35
C ASN G 94 -47.02 24.18 2.21
N ASP G 95 -46.86 23.13 3.02
CA ASP G 95 -45.68 22.28 2.88
C ASP G 95 -45.65 21.58 1.52
N LEU G 96 -46.81 21.12 1.05
CA LEU G 96 -46.89 20.45 -0.24
C LEU G 96 -46.58 21.37 -1.40
N ARG G 97 -46.63 22.69 -1.19
CA ARG G 97 -46.23 23.63 -2.23
C ARG G 97 -44.73 23.71 -2.44
N LEU G 98 -43.93 23.29 -1.46
CA LEU G 98 -42.48 23.35 -1.58
C LEU G 98 -41.95 22.25 -2.51
N ASN G 99 -40.74 22.45 -3.00
CA ASN G 99 -40.11 21.51 -3.93
C ASN G 99 -39.40 20.39 -3.16
N VAL G 100 -40.20 19.54 -2.53
CA VAL G 100 -39.72 18.44 -1.70
C VAL G 100 -40.12 17.12 -2.35
N GLU G 101 -39.16 16.21 -2.44
CA GLU G 101 -39.41 14.83 -2.83
C GLU G 101 -39.11 13.95 -1.63
N PHE G 102 -40.02 13.02 -1.34
CA PHE G 102 -39.93 12.20 -0.13
C PHE G 102 -39.42 10.81 -0.47
N PHE G 103 -38.44 10.34 0.30
CA PHE G 103 -37.86 9.00 0.19
C PHE G 103 -37.95 8.30 1.54
N GLU G 104 -37.54 7.04 1.57
CA GLU G 104 -37.58 6.23 2.77
C GLU G 104 -36.24 5.54 2.99
N TYR G 105 -35.98 5.17 4.24
CA TYR G 105 -34.75 4.48 4.61
C TYR G 105 -34.90 2.98 4.39
N ALA G 106 -34.02 2.40 3.58
CA ALA G 106 -34.06 0.96 3.32
C ALA G 106 -32.75 0.53 2.69
N LEU G 107 -32.23 -0.60 3.15
CA LEU G 107 -31.03 -1.16 2.56
C LEU G 107 -31.31 -1.62 1.13
N GLY G 108 -30.37 -1.35 0.23
CA GLY G 108 -30.52 -1.74 -1.16
C GLY G 108 -31.41 -0.85 -2.00
N ALA G 109 -31.86 0.29 -1.46
CA ALA G 109 -32.72 1.20 -2.20
C ALA G 109 -31.95 2.40 -2.75
N ALA G 110 -30.62 2.39 -2.67
CA ALA G 110 -29.85 3.58 -3.00
C ALA G 110 -29.80 3.85 -4.50
N GLN G 111 -29.78 2.80 -5.31
CA GLN G 111 -29.68 2.99 -6.76
C GLN G 111 -30.91 3.72 -7.31
N ASP G 112 -32.10 3.27 -6.90
CA ASP G 112 -33.33 3.89 -7.37
C ASP G 112 -33.45 5.34 -6.89
N ILE G 113 -33.11 5.59 -5.62
CA ILE G 113 -33.19 6.95 -5.10
C ILE G 113 -32.17 7.86 -5.78
N ALA G 114 -30.99 7.33 -6.06
CA ALA G 114 -29.98 8.10 -6.79
C ALA G 114 -30.45 8.46 -8.18
N GLN G 115 -31.11 7.51 -8.86
CA GLN G 115 -31.67 7.82 -10.17
C GLN G 115 -32.77 8.87 -10.07
N LYS G 116 -33.62 8.77 -9.05
CA LYS G 116 -34.65 9.79 -8.85
C LYS G 116 -34.03 11.16 -8.62
N ILE G 117 -32.96 11.21 -7.82
CA ILE G 117 -32.30 12.48 -7.52
C ILE G 117 -31.65 13.04 -8.78
N ARG G 118 -31.08 12.16 -9.62
CA ARG G 118 -30.52 12.61 -10.88
C ARG G 118 -31.59 13.23 -11.78
N GLN G 119 -32.74 12.57 -11.87
CA GLN G 119 -33.84 13.12 -12.68
C GLN G 119 -34.31 14.45 -12.12
N SER G 120 -34.36 14.57 -10.80
CA SER G 120 -34.77 15.82 -10.17
C SER G 120 -33.77 16.93 -10.45
N THR G 121 -32.47 16.61 -10.41
CA THR G 121 -31.44 17.59 -10.73
C THR G 121 -31.55 18.05 -12.18
N ASP G 122 -31.80 17.11 -13.10
CA ASP G 122 -32.00 17.47 -14.50
C ASP G 122 -33.20 18.38 -14.66
N ALA G 123 -34.30 18.08 -13.95
CA ALA G 123 -35.49 18.92 -14.02
C ALA G 123 -35.24 20.31 -13.49
N TYR G 124 -34.46 20.42 -12.40
CA TYR G 124 -34.13 21.73 -11.83
C TYR G 124 -33.30 22.55 -12.82
N ILE G 125 -32.28 21.92 -13.41
CA ILE G 125 -31.48 22.59 -14.43
C ILE G 125 -32.36 23.04 -15.59
N ASP G 126 -33.28 22.18 -16.02
CA ASP G 126 -34.18 22.52 -17.11
C ASP G 126 -35.06 23.72 -16.75
N GLU G 127 -35.56 23.74 -15.51
CA GLU G 127 -36.46 24.79 -15.07
C GLU G 127 -35.76 26.14 -15.04
N ILE G 128 -34.53 26.19 -14.51
CA ILE G 128 -33.89 27.49 -14.38
C ILE G 128 -33.24 27.97 -15.68
N LEU G 129 -33.01 27.10 -16.66
CA LEU G 129 -32.36 27.55 -17.88
C LEU G 129 -33.35 28.24 -18.81
N PRO G 130 -32.93 29.27 -19.53
CA PRO G 130 -33.79 29.87 -20.54
C PRO G 130 -33.80 29.04 -21.81
N PRO G 131 -34.79 29.21 -22.68
CA PRO G 131 -34.95 28.25 -23.81
C PRO G 131 -33.80 28.23 -24.80
N LEU G 132 -33.38 29.39 -25.32
CA LEU G 132 -32.34 29.40 -26.36
C LEU G 132 -31.01 28.90 -25.83
N THR G 133 -30.65 29.28 -24.60
CA THR G 133 -29.40 28.79 -24.01
C THR G 133 -29.44 27.27 -23.84
N LYS G 134 -30.58 26.74 -23.40
CA LYS G 134 -30.73 25.30 -23.24
C LYS G 134 -30.60 24.59 -24.58
N ALA G 135 -31.22 25.14 -25.63
CA ALA G 135 -31.09 24.57 -26.96
C ALA G 135 -29.64 24.58 -27.44
N LEU G 136 -28.92 25.67 -27.17
CA LEU G 136 -27.52 25.75 -27.55
C LEU G 136 -26.68 24.70 -26.82
N PHE G 137 -26.94 24.51 -25.52
CA PHE G 137 -26.22 23.50 -24.75
C PHE G 137 -26.52 22.10 -25.28
N ASN G 138 -27.78 21.82 -25.60
CA ASN G 138 -28.14 20.52 -26.15
C ASN G 138 -27.45 20.29 -27.50
N TYR G 139 -27.40 21.32 -28.34
CA TYR G 139 -26.74 21.18 -29.63
C TYR G 139 -25.26 20.87 -29.45
N VAL G 140 -24.60 21.57 -28.52
CA VAL G 140 -23.20 21.28 -28.25
C VAL G 140 -23.04 19.84 -27.76
N LYS G 141 -24.00 19.37 -26.96
CA LYS G 141 -23.97 17.98 -26.51
C LYS G 141 -24.07 17.00 -27.69
N GLU G 142 -24.80 17.39 -28.74
CA GLU G 142 -25.00 16.48 -29.86
C GLU G 142 -23.70 16.11 -30.57
N GLY G 143 -22.76 17.06 -30.66
CA GLY G 143 -21.48 16.79 -31.28
C GLY G 143 -21.53 16.54 -32.77
N LYS G 144 -22.31 17.31 -33.51
CA LYS G 144 -22.45 17.13 -34.94
C LYS G 144 -21.25 17.68 -35.69
N TYR G 145 -20.99 17.11 -36.87
CA TYR G 145 -19.93 17.59 -37.75
C TYR G 145 -20.49 18.68 -38.66
N THR G 146 -19.81 19.82 -38.70
CA THR G 146 -20.23 20.96 -39.50
C THR G 146 -19.32 21.13 -40.71
N PHE G 147 -19.92 21.42 -41.85
CA PHE G 147 -19.21 21.80 -43.07
C PHE G 147 -19.60 23.22 -43.47
N CYS G 148 -19.98 24.02 -42.49
CA CYS G 148 -20.51 25.36 -42.67
C CYS G 148 -19.70 26.35 -41.85
N THR G 149 -20.07 27.62 -41.96
CA THR G 149 -19.45 28.63 -41.11
C THR G 149 -19.86 28.39 -39.67
N PRO G 150 -19.05 28.81 -38.68
CA PRO G 150 -17.81 29.61 -38.76
C PRO G 150 -16.61 29.07 -39.56
N GLY G 151 -16.34 27.77 -39.67
CA GLY G 151 -15.20 27.30 -40.44
C GLY G 151 -14.07 26.77 -39.59
N HIS G 152 -13.91 27.27 -38.37
CA HIS G 152 -13.06 26.56 -37.43
C HIS G 152 -13.66 25.22 -37.03
N MET G 153 -14.94 25.01 -37.34
CA MET G 153 -15.62 23.72 -37.18
C MET G 153 -15.58 23.25 -35.74
N GLY G 154 -16.16 24.07 -34.87
CA GLY G 154 -16.18 23.75 -33.46
C GLY G 154 -14.83 23.78 -32.77
N GLY G 155 -13.86 24.49 -33.34
CA GLY G 155 -12.55 24.61 -32.74
C GLY G 155 -11.49 23.67 -33.26
N THR G 156 -11.81 22.82 -34.24
CA THR G 156 -10.82 21.87 -34.77
C THR G 156 -9.65 22.60 -35.41
N ALA G 157 -9.93 23.65 -36.18
CA ALA G 157 -8.86 24.41 -36.84
C ALA G 157 -7.90 24.99 -35.81
N PHE G 158 -8.42 25.47 -34.68
CA PHE G 158 -7.56 25.96 -33.61
C PHE G 158 -6.69 24.83 -33.05
N GLN G 159 -7.28 23.64 -32.87
CA GLN G 159 -6.53 22.51 -32.36
C GLN G 159 -5.48 22.00 -33.34
N LYS G 160 -5.58 22.37 -34.61
CA LYS G 160 -4.57 21.96 -35.59
C LYS G 160 -3.36 22.90 -35.64
N SER G 161 -3.35 23.97 -34.86
CA SER G 161 -2.30 24.98 -34.91
C SER G 161 -1.76 25.25 -33.51
N PRO G 162 -0.46 25.53 -33.38
CA PRO G 162 0.11 25.79 -32.05
C PRO G 162 -0.44 27.04 -31.38
N VAL G 163 -0.35 28.19 -32.08
CA VAL G 163 -0.93 29.42 -31.53
C VAL G 163 -2.44 29.26 -31.40
N GLY G 164 -3.06 28.63 -32.39
CA GLY G 164 -4.47 28.32 -32.27
C GLY G 164 -4.77 27.39 -31.12
N SER G 165 -3.84 26.48 -30.80
CA SER G 165 -4.06 25.60 -29.64
C SER G 165 -4.00 26.38 -28.33
N ILE G 166 -3.11 27.38 -28.25
CA ILE G 166 -3.11 28.25 -27.09
C ILE G 166 -4.45 28.98 -26.97
N PHE G 167 -4.95 29.48 -28.10
CA PHE G 167 -6.25 30.16 -28.10
C PHE G 167 -7.36 29.21 -27.64
N TYR G 168 -7.35 27.98 -28.15
CA TYR G 168 -8.34 26.97 -27.80
C TYR G 168 -8.29 26.67 -26.31
N ASP G 169 -7.09 26.48 -25.77
CA ASP G 169 -6.93 26.19 -24.35
C ASP G 169 -7.43 27.35 -23.50
N PHE G 170 -7.16 28.58 -23.93
CA PHE G 170 -7.63 29.73 -23.17
C PHE G 170 -9.15 29.81 -23.17
N PHE G 171 -9.78 29.70 -24.34
CA PHE G 171 -11.22 29.91 -24.40
C PHE G 171 -12.04 28.65 -24.16
N GLY G 172 -11.43 27.47 -24.20
CA GLY G 172 -12.13 26.24 -23.91
C GLY G 172 -12.91 25.71 -25.11
N ALA G 173 -13.27 24.43 -25.01
CA ALA G 173 -13.94 23.74 -26.11
C ALA G 173 -15.37 24.24 -26.28
N ASN G 174 -16.09 24.49 -25.17
CA ASN G 174 -17.50 24.83 -25.26
C ASN G 174 -17.71 26.18 -25.93
N ALA G 175 -16.83 27.15 -25.70
CA ALA G 175 -16.93 28.44 -26.36
C ALA G 175 -16.79 28.31 -27.87
N MET G 176 -16.12 27.26 -28.34
CA MET G 176 -15.94 27.03 -29.76
C MET G 176 -17.06 26.20 -30.36
N LYS G 177 -17.54 25.20 -29.62
CA LYS G 177 -18.62 24.36 -30.12
C LYS G 177 -19.93 25.12 -30.21
N SER G 178 -20.15 26.09 -29.33
CA SER G 178 -21.36 26.90 -29.37
C SER G 178 -21.29 28.01 -30.40
N ASP G 179 -20.13 28.26 -30.99
CA ASP G 179 -19.98 29.28 -32.03
C ASP G 179 -20.48 28.67 -33.35
N ILE G 180 -21.73 28.95 -33.68
CA ILE G 180 -22.37 28.37 -34.87
C ILE G 180 -23.06 29.44 -35.70
N SER G 181 -23.75 29.02 -36.75
CA SER G 181 -24.45 29.91 -37.65
C SER G 181 -25.86 29.37 -37.90
N ILE G 182 -26.61 30.06 -38.76
CA ILE G 182 -27.96 29.65 -39.09
C ILE G 182 -28.00 28.37 -39.93
N SER G 183 -26.86 27.90 -40.42
CA SER G 183 -26.82 26.60 -41.10
C SER G 183 -27.28 25.49 -40.17
N VAL G 184 -27.12 25.68 -38.87
CA VAL G 184 -27.68 24.79 -37.85
C VAL G 184 -29.14 25.22 -37.68
N GLY G 185 -30.06 24.51 -38.36
CA GLY G 185 -31.44 24.92 -38.38
C GLY G 185 -32.21 24.66 -37.11
N GLU G 186 -31.74 23.73 -36.27
CA GLU G 186 -32.45 23.42 -35.03
C GLU G 186 -32.40 24.58 -34.04
N LEU G 187 -31.41 25.45 -34.13
CA LEU G 187 -31.35 26.61 -33.25
C LEU G 187 -32.20 27.78 -33.74
N GLY G 188 -32.79 27.68 -34.93
CA GLY G 188 -33.55 28.79 -35.47
C GLY G 188 -32.64 29.88 -36.01
N SER G 189 -33.15 31.11 -35.97
CA SER G 189 -32.40 32.24 -36.52
C SER G 189 -32.76 33.51 -35.78
N LEU G 190 -31.74 34.28 -35.40
CA LEU G 190 -31.97 35.57 -34.75
C LEU G 190 -32.65 36.56 -35.71
N LEU G 191 -32.24 36.57 -36.98
CA LEU G 191 -32.79 37.54 -37.92
C LEU G 191 -34.21 37.20 -38.31
N ASP G 192 -34.54 35.91 -38.40
CA ASP G 192 -35.89 35.48 -38.74
C ASP G 192 -36.81 35.39 -37.53
N HIS G 193 -36.28 35.52 -36.32
CA HIS G 193 -37.06 35.40 -35.08
C HIS G 193 -37.83 34.08 -35.05
N SER G 194 -37.10 32.99 -35.27
CA SER G 194 -37.70 31.67 -35.40
C SER G 194 -37.04 30.69 -34.43
N GLY G 195 -37.78 29.65 -34.07
CA GLY G 195 -37.30 28.62 -33.18
C GLY G 195 -37.01 29.14 -31.79
N PRO G 196 -35.94 28.61 -31.17
CA PRO G 196 -35.61 29.05 -29.80
C PRO G 196 -35.40 30.55 -29.69
N HIS G 197 -34.78 31.16 -30.72
CA HIS G 197 -34.61 32.62 -30.73
C HIS G 197 -35.94 33.29 -30.47
N LYS G 198 -36.98 32.87 -31.21
CA LYS G 198 -38.31 33.43 -31.03
C LYS G 198 -38.72 33.35 -29.56
N GLU G 199 -38.66 32.14 -28.98
CA GLU G 199 -39.06 32.00 -27.59
C GLU G 199 -38.19 32.87 -26.69
N ALA G 200 -36.89 32.93 -27.00
CA ALA G 200 -35.99 33.77 -26.22
C ALA G 200 -36.53 35.18 -26.11
N GLU G 201 -36.92 35.77 -27.25
CA GLU G 201 -37.42 37.14 -27.22
C GLU G 201 -38.61 37.24 -26.29
N GLU G 202 -39.58 36.34 -26.43
CA GLU G 202 -40.75 36.40 -25.58
C GLU G 202 -40.36 36.27 -24.12
N TYR G 203 -39.46 35.33 -23.82
CA TYR G 203 -38.94 35.20 -22.48
C TYR G 203 -38.42 36.54 -21.99
N ILE G 204 -37.54 37.17 -22.78
CA ILE G 204 -36.99 38.46 -22.38
C ILE G 204 -38.10 39.48 -22.21
N ALA G 205 -39.07 39.47 -23.14
CA ALA G 205 -40.14 40.46 -23.08
C ALA G 205 -40.96 40.31 -21.81
N ARG G 206 -41.06 39.09 -21.27
CA ARG G 206 -41.81 38.92 -20.03
C ARG G 206 -40.97 39.30 -18.81
N THR G 207 -39.64 39.18 -18.91
CA THR G 207 -38.79 39.44 -17.77
C THR G 207 -38.57 40.93 -17.54
N PHE G 208 -38.54 41.73 -18.60
CA PHE G 208 -38.19 43.14 -18.50
C PHE G 208 -39.39 44.07 -18.59
N ASN G 209 -40.61 43.54 -18.46
CA ASN G 209 -41.83 44.34 -18.51
C ASN G 209 -41.96 45.10 -19.84
N ALA G 210 -41.75 44.37 -20.93
CA ALA G 210 -41.83 44.92 -22.27
C ALA G 210 -42.90 44.18 -23.06
N GLU G 211 -43.57 44.91 -23.95
CA GLU G 211 -44.49 44.25 -24.88
C GLU G 211 -43.72 43.50 -25.95
N ARG G 212 -42.69 44.11 -26.52
CA ARG G 212 -41.85 43.45 -27.51
C ARG G 212 -40.39 43.64 -27.13
N SER G 213 -39.57 42.65 -27.46
CA SER G 213 -38.15 42.70 -27.13
C SER G 213 -37.32 42.21 -28.31
N TYR G 214 -36.20 42.88 -28.54
CA TYR G 214 -35.26 42.53 -29.59
C TYR G 214 -33.86 42.43 -29.01
N MET G 215 -33.11 41.42 -29.45
CA MET G 215 -31.73 41.22 -29.02
C MET G 215 -30.79 41.80 -30.07
N VAL G 216 -29.85 42.62 -29.61
CA VAL G 216 -28.87 43.27 -30.46
C VAL G 216 -27.48 42.77 -30.06
N THR G 217 -26.66 42.46 -31.06
CA THR G 217 -25.32 41.93 -30.81
C THR G 217 -24.22 42.94 -31.08
N ASN G 218 -24.55 44.19 -31.36
CA ASN G 218 -23.54 45.22 -31.59
C ASN G 218 -23.73 46.39 -30.66
N GLY G 219 -24.18 46.10 -29.44
CA GLY G 219 -24.27 47.10 -28.40
C GLY G 219 -25.43 48.08 -28.50
N THR G 220 -25.53 48.91 -27.46
CA THR G 220 -26.55 49.94 -27.42
C THR G 220 -26.32 51.02 -28.47
N SER G 221 -25.10 51.18 -28.98
CA SER G 221 -24.90 52.07 -30.13
C SER G 221 -25.78 51.64 -31.30
N THR G 222 -25.70 50.35 -31.64
CA THR G 222 -26.50 49.80 -32.72
C THR G 222 -27.98 49.79 -32.36
N ALA G 223 -28.31 49.49 -31.10
CA ALA G 223 -29.71 49.52 -30.68
C ALA G 223 -30.31 50.91 -30.84
N ASN G 224 -29.57 51.95 -30.44
CA ASN G 224 -30.01 53.33 -30.60
C ASN G 224 -30.19 53.67 -32.08
N LYS G 225 -29.24 53.23 -32.91
CA LYS G 225 -29.36 53.50 -34.34
C LYS G 225 -30.61 52.85 -34.91
N ILE G 226 -30.91 51.62 -34.49
CA ILE G 226 -32.09 50.92 -35.00
C ILE G 226 -33.36 51.64 -34.61
N VAL G 227 -33.47 52.00 -33.32
CA VAL G 227 -34.68 52.68 -32.85
C VAL G 227 -34.84 54.03 -33.55
N GLY G 228 -33.75 54.79 -33.64
CA GLY G 228 -33.82 56.10 -34.29
C GLY G 228 -34.13 56.03 -35.76
N MET G 229 -33.64 55.01 -36.45
CA MET G 229 -33.93 54.88 -37.88
C MET G 229 -35.37 54.49 -38.12
N TYR G 230 -35.91 53.57 -37.31
CA TYR G 230 -37.33 53.24 -37.46
C TYR G 230 -38.20 54.44 -37.13
N SER G 231 -37.83 55.20 -36.09
CA SER G 231 -38.69 56.27 -35.60
C SER G 231 -38.64 57.51 -36.49
N ALA G 232 -37.47 57.84 -37.02
CA ALA G 232 -37.27 59.14 -37.69
C ALA G 232 -36.89 58.97 -39.15
N PRO G 233 -37.82 59.15 -40.08
CA PRO G 233 -37.46 59.12 -41.50
C PRO G 233 -36.67 60.37 -41.87
N ALA G 234 -36.08 60.33 -43.06
CA ALA G 234 -35.33 61.46 -43.57
C ALA G 234 -36.26 62.66 -43.74
N GLY G 235 -35.82 63.81 -43.24
CA GLY G 235 -36.61 65.03 -43.30
C GLY G 235 -37.41 65.34 -42.05
N SER G 236 -37.39 64.46 -41.05
CA SER G 236 -38.14 64.69 -39.83
C SER G 236 -37.30 65.45 -38.81
N THR G 237 -37.95 65.86 -37.73
CA THR G 237 -37.32 66.57 -36.63
C THR G 237 -37.33 65.67 -35.40
N VAL G 238 -36.21 65.67 -34.66
CA VAL G 238 -36.06 64.82 -33.49
C VAL G 238 -35.56 65.66 -32.32
N LEU G 239 -36.16 65.45 -31.15
CA LEU G 239 -35.63 65.98 -29.91
C LEU G 239 -34.52 65.07 -29.42
N ILE G 240 -33.35 65.63 -29.14
CA ILE G 240 -32.19 64.87 -28.75
C ILE G 240 -31.65 65.43 -27.44
N ASP G 241 -31.44 64.56 -26.45
CA ASP G 241 -30.73 64.98 -25.25
C ASP G 241 -29.33 65.44 -25.61
N ARG G 242 -28.92 66.59 -25.08
CA ARG G 242 -27.56 67.04 -25.29
C ARG G 242 -26.57 66.12 -24.59
N ASN G 243 -27.01 65.47 -23.51
CA ASN G 243 -26.21 64.44 -22.85
C ASN G 243 -26.44 63.10 -23.52
N CYS G 244 -26.27 63.06 -24.85
CA CYS G 244 -26.48 61.83 -25.61
C CYS G 244 -25.15 61.18 -25.94
N HIS G 245 -25.17 59.86 -26.03
CA HIS G 245 -24.00 59.11 -26.43
C HIS G 245 -23.67 59.41 -27.89
N LYS G 246 -22.41 59.20 -28.26
CA LYS G 246 -21.97 59.52 -29.61
C LYS G 246 -22.72 58.72 -30.67
N SER G 247 -23.39 57.62 -30.28
CA SER G 247 -24.16 56.84 -31.25
C SER G 247 -25.31 57.64 -31.83
N LEU G 248 -25.96 58.46 -31.00
CA LEU G 248 -27.01 59.34 -31.51
C LEU G 248 -26.45 60.32 -32.53
N THR G 249 -25.25 60.85 -32.26
CA THR G 249 -24.59 61.72 -33.23
C THR G 249 -24.29 60.98 -34.52
N HIS G 250 -23.84 59.73 -34.42
CA HIS G 250 -23.58 58.94 -35.62
C HIS G 250 -24.86 58.70 -36.41
N LEU G 251 -25.95 58.42 -35.72
CA LEU G 251 -27.24 58.23 -36.39
C LEU G 251 -27.66 59.52 -37.09
N MET G 252 -27.44 60.67 -36.45
CA MET G 252 -27.76 61.94 -37.09
C MET G 252 -26.89 62.19 -38.32
N MET G 253 -25.61 61.83 -38.25
CA MET G 253 -24.74 61.94 -39.42
C MET G 253 -25.08 60.89 -40.48
N MET G 254 -25.87 59.87 -40.12
CA MET G 254 -26.28 58.82 -41.03
C MET G 254 -27.56 59.19 -41.77
N SER G 255 -28.56 59.68 -41.04
CA SER G 255 -29.87 60.01 -41.60
C SER G 255 -30.08 61.51 -41.54
N ASP G 256 -30.62 62.06 -42.63
CA ASP G 256 -30.88 63.50 -42.69
C ASP G 256 -32.08 63.86 -41.82
N ILE G 257 -31.83 64.14 -40.55
CA ILE G 257 -32.87 64.55 -39.62
C ILE G 257 -32.42 65.83 -38.92
N THR G 258 -33.39 66.69 -38.63
CA THR G 258 -33.09 67.96 -37.97
C THR G 258 -33.17 67.80 -36.46
N PRO G 259 -32.10 68.07 -35.72
CA PRO G 259 -32.14 67.93 -34.26
C PRO G 259 -32.49 69.22 -33.54
N ILE G 260 -33.30 69.07 -32.50
CA ILE G 260 -33.57 70.11 -31.52
C ILE G 260 -33.15 69.56 -30.17
N TYR G 261 -32.17 70.22 -29.54
CA TYR G 261 -31.49 69.65 -28.39
C TYR G 261 -32.16 70.05 -27.08
N PHE G 262 -32.44 69.06 -26.25
CA PHE G 262 -32.74 69.31 -24.84
C PHE G 262 -31.50 69.87 -24.17
N ARG G 263 -31.70 70.78 -23.22
CA ARG G 263 -30.57 71.39 -22.53
C ARG G 263 -30.50 70.88 -21.09
N PRO G 264 -29.54 70.03 -20.76
CA PRO G 264 -29.41 69.55 -19.38
C PRO G 264 -28.53 70.48 -18.56
N THR G 265 -28.51 70.23 -17.26
CA THR G 265 -27.76 71.04 -16.31
C THR G 265 -26.46 70.34 -15.94
N ARG G 266 -25.70 70.98 -15.06
CA ARG G 266 -24.45 70.42 -14.55
C ARG G 266 -24.08 71.15 -13.27
N ASN G 267 -23.04 70.65 -12.60
CA ASN G 267 -22.55 71.23 -11.37
C ASN G 267 -21.07 71.60 -11.52
N ALA G 268 -20.48 72.06 -10.42
CA ALA G 268 -19.08 72.47 -10.44
C ALA G 268 -18.15 71.30 -10.72
N TYR G 269 -18.49 70.11 -10.24
CA TYR G 269 -17.65 68.94 -10.48
C TYR G 269 -17.63 68.52 -11.94
N GLY G 270 -18.59 68.98 -12.74
CA GLY G 270 -18.73 68.50 -14.10
C GLY G 270 -19.68 67.33 -14.24
N ILE G 271 -20.39 66.96 -13.18
CA ILE G 271 -21.38 65.90 -13.26
C ILE G 271 -22.58 66.41 -14.03
N LEU G 272 -23.00 65.67 -15.04
CA LEU G 272 -24.12 66.08 -15.87
C LEU G 272 -25.43 65.93 -15.10
N GLY G 273 -26.26 66.97 -15.12
CA GLY G 273 -27.54 66.93 -14.47
C GLY G 273 -28.66 66.55 -15.43
N GLY G 274 -29.87 66.52 -14.89
CA GLY G 274 -31.02 66.20 -15.69
C GLY G 274 -31.54 67.38 -16.50
N ILE G 275 -32.42 67.06 -17.44
CA ILE G 275 -33.08 68.08 -18.26
C ILE G 275 -34.19 68.70 -17.42
N PRO G 276 -34.20 70.01 -17.23
CA PRO G 276 -35.29 70.63 -16.45
C PRO G 276 -36.64 70.40 -17.10
N LYS G 277 -37.68 70.35 -16.26
CA LYS G 277 -39.02 70.02 -16.72
C LYS G 277 -39.52 70.97 -17.79
N SER G 278 -39.13 72.25 -17.73
CA SER G 278 -39.60 73.22 -18.70
C SER G 278 -39.20 72.84 -20.12
N GLU G 279 -38.07 72.15 -20.28
CA GLU G 279 -37.64 71.74 -21.62
C GLU G 279 -38.56 70.70 -22.23
N PHE G 280 -39.35 70.00 -21.40
CA PHE G 280 -40.33 69.04 -21.90
C PHE G 280 -41.67 69.67 -22.22
N GLN G 281 -41.83 70.97 -21.96
CA GLN G 281 -43.10 71.64 -22.18
C GLN G 281 -43.37 71.84 -23.67
N HIS G 282 -44.64 71.83 -24.03
CA HIS G 282 -45.03 71.97 -25.43
C HIS G 282 -44.64 73.34 -25.99
N ASP G 283 -44.85 74.40 -25.21
CA ASP G 283 -44.57 75.75 -25.71
C ASP G 283 -43.08 75.94 -25.98
N THR G 284 -42.22 75.43 -25.09
CA THR G 284 -40.78 75.53 -25.32
C THR G 284 -40.38 74.79 -26.60
N ILE G 285 -40.93 73.60 -26.82
CA ILE G 285 -40.61 72.83 -28.01
C ILE G 285 -41.08 73.58 -29.25
N ALA G 286 -42.29 74.14 -29.22
CA ALA G 286 -42.79 74.90 -30.36
C ALA G 286 -41.92 76.10 -30.65
N GLU G 287 -41.48 76.80 -29.61
CA GLU G 287 -40.59 77.94 -29.82
C GLU G 287 -39.27 77.52 -30.46
N ARG G 288 -38.70 76.40 -29.99
CA ARG G 288 -37.46 75.91 -30.58
C ARG G 288 -37.69 75.49 -32.04
N VAL G 289 -38.84 74.88 -32.33
CA VAL G 289 -39.16 74.50 -33.71
C VAL G 289 -39.22 75.72 -34.59
N ALA G 290 -39.89 76.78 -34.12
CA ALA G 290 -39.98 78.01 -34.89
C ALA G 290 -38.61 78.64 -35.10
N GLN G 291 -37.75 78.59 -34.08
CA GLN G 291 -36.42 79.18 -34.18
C GLN G 291 -35.46 78.35 -35.02
N THR G 292 -35.79 77.10 -35.32
CA THR G 292 -34.90 76.22 -36.06
C THR G 292 -35.37 76.09 -37.50
N PRO G 293 -34.55 76.46 -38.49
CA PRO G 293 -34.98 76.34 -39.89
C PRO G 293 -35.06 74.88 -40.32
N ASN G 294 -36.02 74.61 -41.21
CA ASN G 294 -36.28 73.27 -41.73
C ASN G 294 -36.65 72.30 -40.62
N ALA G 295 -37.27 72.80 -39.55
CA ALA G 295 -37.69 71.99 -38.42
C ALA G 295 -39.21 72.05 -38.29
N THR G 296 -39.83 70.88 -38.24
CA THR G 296 -41.26 70.73 -38.00
C THR G 296 -41.46 70.20 -36.58
N TRP G 297 -42.70 69.87 -36.25
CA TRP G 297 -42.94 69.29 -34.93
C TRP G 297 -42.23 67.94 -34.82
N PRO G 298 -41.44 67.73 -33.78
CA PRO G 298 -40.64 66.51 -33.70
C PRO G 298 -41.50 65.25 -33.67
N VAL G 299 -41.01 64.20 -34.34
CA VAL G 299 -41.69 62.91 -34.37
C VAL G 299 -41.02 61.88 -33.49
N HIS G 300 -39.85 62.19 -32.95
CA HIS G 300 -39.11 61.28 -32.08
C HIS G 300 -38.40 62.10 -31.02
N ALA G 301 -38.18 61.49 -29.86
CA ALA G 301 -37.47 62.17 -28.77
C ALA G 301 -36.61 61.15 -28.04
N VAL G 302 -35.36 61.51 -27.80
CA VAL G 302 -34.39 60.63 -27.17
C VAL G 302 -33.90 61.30 -25.89
N VAL G 303 -34.04 60.59 -24.76
CA VAL G 303 -33.61 61.06 -23.46
C VAL G 303 -32.68 60.02 -22.86
N THR G 304 -31.58 60.47 -22.26
CA THR G 304 -30.62 59.59 -21.60
C THR G 304 -31.06 59.38 -20.17
N ASN G 305 -31.54 58.17 -19.86
CA ASN G 305 -31.98 57.83 -18.51
C ASN G 305 -31.48 56.43 -18.18
N SER G 306 -30.56 56.34 -17.21
CA SER G 306 -30.09 57.50 -16.48
C SER G 306 -28.82 58.07 -17.09
N THR G 307 -28.31 59.13 -16.48
CA THR G 307 -27.03 59.68 -16.87
C THR G 307 -25.90 58.74 -16.44
N TYR G 308 -24.69 59.07 -16.89
CA TYR G 308 -23.52 58.27 -16.54
C TYR G 308 -23.33 58.20 -15.03
N ASP G 309 -23.59 59.30 -14.33
CA ASP G 309 -23.38 59.37 -12.89
C ASP G 309 -24.56 58.83 -12.08
N GLY G 310 -25.60 58.35 -12.73
CA GLY G 310 -26.70 57.71 -12.02
C GLY G 310 -27.86 58.60 -11.65
N LEU G 311 -28.19 59.59 -12.46
CA LEU G 311 -29.33 60.47 -12.20
C LEU G 311 -30.50 60.01 -13.08
N LEU G 312 -31.53 59.46 -12.45
CA LEU G 312 -32.71 58.96 -13.12
C LEU G 312 -33.82 60.00 -13.11
N TYR G 313 -34.63 59.99 -14.16
CA TYR G 313 -35.78 60.87 -14.28
C TYR G 313 -37.03 60.21 -13.73
N ASN G 314 -37.97 61.03 -13.27
CA ASN G 314 -39.34 60.56 -13.06
C ASN G 314 -39.97 60.45 -14.44
N THR G 315 -39.97 59.24 -14.99
CA THR G 315 -40.37 59.05 -16.38
C THR G 315 -41.87 59.20 -16.60
N ASP G 316 -42.68 59.08 -15.55
CA ASP G 316 -44.12 59.32 -15.71
C ASP G 316 -44.39 60.74 -16.18
N TYR G 317 -43.68 61.71 -15.59
CA TYR G 317 -43.87 63.10 -15.98
C TYR G 317 -43.49 63.32 -17.44
N ILE G 318 -42.36 62.74 -17.87
CA ILE G 318 -41.94 62.90 -19.26
C ILE G 318 -42.93 62.25 -20.21
N LYS G 319 -43.37 61.04 -19.89
CA LYS G 319 -44.35 60.37 -20.73
C LYS G 319 -45.66 61.13 -20.82
N GLU G 320 -45.99 61.89 -19.76
CA GLU G 320 -47.23 62.65 -19.79
C GLU G 320 -47.09 63.98 -20.51
N ALA G 321 -45.95 64.65 -20.35
CA ALA G 321 -45.80 66.03 -20.81
C ALA G 321 -45.14 66.17 -22.17
N LEU G 322 -44.42 65.16 -22.64
CA LEU G 322 -43.70 65.25 -23.91
C LEU G 322 -44.65 64.93 -25.04
N ASP G 323 -45.04 65.96 -25.81
CA ASP G 323 -46.01 65.81 -26.89
C ASP G 323 -45.35 65.27 -28.16
N VAL G 324 -44.80 64.08 -28.02
CA VAL G 324 -44.12 63.39 -29.11
C VAL G 324 -44.65 61.97 -29.19
N LYS G 325 -44.96 61.51 -30.40
CA LYS G 325 -45.54 60.17 -30.55
C LYS G 325 -44.55 59.07 -30.20
N SER G 326 -43.25 59.31 -30.40
CA SER G 326 -42.22 58.31 -30.15
C SER G 326 -41.24 58.84 -29.11
N ILE G 327 -41.16 58.16 -27.97
CA ILE G 327 -40.24 58.54 -26.90
C ILE G 327 -39.28 57.37 -26.69
N HIS G 328 -37.99 57.63 -26.83
CA HIS G 328 -36.97 56.62 -26.65
C HIS G 328 -36.07 57.00 -25.49
N PHE G 329 -35.92 56.07 -24.55
CA PHE G 329 -35.05 56.24 -23.39
C PHE G 329 -33.80 55.39 -23.61
N ASP G 330 -32.66 56.08 -23.77
CA ASP G 330 -31.38 55.40 -23.81
C ASP G 330 -31.03 54.97 -22.39
N SER G 331 -31.38 53.73 -22.05
CA SER G 331 -31.17 53.20 -20.71
C SER G 331 -29.97 52.25 -20.67
N ALA G 332 -28.93 52.61 -21.41
CA ALA G 332 -27.73 51.78 -21.46
C ALA G 332 -27.17 51.51 -20.07
N TRP G 333 -27.28 52.47 -19.16
CA TRP G 333 -26.70 52.33 -17.83
C TRP G 333 -27.65 51.72 -16.80
N VAL G 334 -28.92 51.49 -17.15
CA VAL G 334 -29.87 50.98 -16.16
C VAL G 334 -30.69 49.81 -16.70
N PRO G 335 -30.08 48.65 -16.97
CA PRO G 335 -30.88 47.49 -17.39
C PRO G 335 -31.52 46.75 -16.22
N TYR G 336 -31.18 47.08 -14.98
CA TYR G 336 -31.68 46.37 -13.81
C TYR G 336 -33.01 46.92 -13.30
N THR G 337 -33.53 47.99 -13.89
CA THR G 337 -34.87 48.43 -13.53
C THR G 337 -35.87 47.34 -13.89
N ASN G 338 -36.99 47.34 -13.19
CA ASN G 338 -38.05 46.32 -13.20
C ASN G 338 -37.68 45.14 -12.31
N PHE G 339 -36.47 45.07 -11.78
CA PHE G 339 -36.08 43.99 -10.89
C PHE G 339 -35.94 44.44 -9.44
N SER G 340 -36.27 45.70 -9.15
CA SER G 340 -36.28 46.23 -7.80
C SER G 340 -37.36 47.30 -7.74
N PRO G 341 -38.19 47.32 -6.69
CA PRO G 341 -39.26 48.33 -6.61
C PRO G 341 -38.77 49.76 -6.41
N ILE G 342 -37.50 49.97 -6.07
CA ILE G 342 -37.01 51.33 -5.87
C ILE G 342 -36.94 52.13 -7.16
N TYR G 343 -36.99 51.47 -8.32
CA TYR G 343 -36.92 52.14 -9.61
C TYR G 343 -38.29 52.34 -10.24
N LYS G 344 -39.37 52.10 -9.48
CA LYS G 344 -40.71 52.27 -10.03
C LYS G 344 -40.92 53.72 -10.46
N GLY G 345 -41.43 53.90 -11.67
CA GLY G 345 -41.63 55.24 -12.20
C GLY G 345 -40.37 55.95 -12.63
N LEU G 346 -39.23 55.24 -12.69
CA LEU G 346 -37.95 55.84 -13.03
C LEU G 346 -37.35 55.24 -14.30
N CYS G 347 -38.16 54.58 -15.13
CA CYS G 347 -37.66 53.97 -16.35
C CYS G 347 -38.76 53.99 -17.41
N GLY G 348 -38.34 53.80 -18.65
CA GLY G 348 -39.29 53.90 -19.76
C GLY G 348 -40.34 52.82 -19.75
N MET G 349 -39.96 51.60 -19.36
CA MET G 349 -40.91 50.49 -19.36
C MET G 349 -41.83 50.50 -18.15
N SER G 350 -41.57 51.33 -17.15
CA SER G 350 -42.38 51.36 -15.95
C SER G 350 -43.82 51.72 -16.27
N GLY G 351 -44.76 50.96 -15.72
CA GLY G 351 -46.17 51.22 -15.93
C GLY G 351 -46.73 50.43 -17.10
N GLY G 352 -47.69 51.01 -17.80
CA GLY G 352 -48.31 50.35 -18.93
C GLY G 352 -48.22 51.15 -20.22
N ARG G 353 -49.12 50.88 -21.15
CA ARG G 353 -49.14 51.60 -22.41
C ARG G 353 -49.47 53.07 -22.19
N VAL G 354 -48.91 53.91 -23.07
CA VAL G 354 -49.23 55.33 -23.12
C VAL G 354 -50.08 55.55 -24.36
N GLU G 355 -51.26 56.14 -24.17
CA GLU G 355 -52.18 56.35 -25.28
C GLU G 355 -51.53 57.22 -26.35
N GLY G 356 -51.61 56.76 -27.60
CA GLY G 356 -51.10 57.51 -28.73
C GLY G 356 -49.60 57.67 -28.77
N LYS G 357 -48.86 56.88 -27.99
CA LYS G 357 -47.41 57.00 -27.94
C LYS G 357 -46.79 55.62 -27.94
N VAL G 358 -45.55 55.57 -28.40
CA VAL G 358 -44.72 54.38 -28.30
C VAL G 358 -43.48 54.73 -27.48
N ILE G 359 -43.10 53.83 -26.57
CA ILE G 359 -41.97 54.03 -25.68
C ILE G 359 -40.94 52.94 -25.95
N TYR G 360 -39.71 53.37 -26.18
CA TYR G 360 -38.58 52.47 -26.40
C TYR G 360 -37.62 52.58 -25.23
N GLU G 361 -37.03 51.46 -24.86
CA GLU G 361 -35.91 51.41 -23.93
C GLU G 361 -34.76 50.71 -24.60
N THR G 362 -33.59 51.34 -24.62
CA THR G 362 -32.38 50.66 -25.09
C THR G 362 -31.49 50.38 -23.89
N GLN G 363 -31.18 49.11 -23.67
CA GLN G 363 -30.47 48.69 -22.46
C GLN G 363 -29.20 47.95 -22.84
N SER G 364 -28.08 48.36 -22.26
CA SER G 364 -26.84 47.60 -22.39
C SER G 364 -26.89 46.49 -21.35
N THR G 365 -27.30 45.31 -21.77
CA THR G 365 -27.29 44.15 -20.88
C THR G 365 -25.87 43.89 -20.37
N HIS G 366 -24.88 44.08 -21.23
CA HIS G 366 -23.50 43.84 -20.88
C HIS G 366 -22.90 44.93 -19.99
N LYS G 367 -23.68 45.92 -19.56
CA LYS G 367 -23.10 47.02 -18.79
C LYS G 367 -23.31 46.87 -17.29
N LEU G 368 -24.54 46.59 -16.85
CA LEU G 368 -24.84 46.47 -15.44
C LEU G 368 -25.49 45.14 -15.06
N LEU G 369 -25.83 44.30 -16.02
CA LEU G 369 -26.24 42.93 -15.78
C LEU G 369 -25.09 42.02 -16.16
N ALA G 370 -25.32 40.72 -16.13
CA ALA G 370 -24.29 39.73 -16.45
C ALA G 370 -24.49 39.27 -17.89
N ALA G 371 -23.72 39.84 -18.82
CA ALA G 371 -23.80 39.47 -20.22
C ALA G 371 -22.48 39.81 -20.89
N PHE G 372 -22.16 39.06 -21.95
CA PHE G 372 -20.96 39.35 -22.73
C PHE G 372 -21.09 40.73 -23.39
N SER G 373 -19.95 41.36 -23.61
CA SER G 373 -19.92 42.68 -24.24
C SER G 373 -20.62 42.64 -25.60
N GLN G 374 -21.23 43.76 -25.96
CA GLN G 374 -22.03 44.02 -27.15
C GLN G 374 -23.45 43.46 -27.03
N ALA G 375 -23.80 42.83 -25.92
CA ALA G 375 -25.16 42.33 -25.72
C ALA G 375 -26.08 43.49 -25.36
N SER G 376 -27.10 43.71 -26.18
CA SER G 376 -28.00 44.84 -25.96
C SER G 376 -29.44 44.38 -26.14
N MET G 377 -30.34 45.13 -25.53
CA MET G 377 -31.77 44.85 -25.59
C MET G 377 -32.51 46.09 -26.06
N ILE G 378 -33.50 45.89 -26.92
CA ILE G 378 -34.48 46.91 -27.27
C ILE G 378 -35.82 46.45 -26.73
N HIS G 379 -36.45 47.31 -25.93
CA HIS G 379 -37.76 47.02 -25.33
C HIS G 379 -38.78 48.01 -25.86
N VAL G 380 -39.93 47.52 -26.30
CA VAL G 380 -40.95 48.33 -26.95
C VAL G 380 -42.26 48.16 -26.19
N LYS G 381 -42.89 49.30 -25.88
CA LYS G 381 -44.23 49.34 -25.30
C LYS G 381 -45.04 50.32 -26.14
N GLY G 382 -46.00 49.81 -26.89
CA GLY G 382 -46.82 50.61 -27.76
C GLY G 382 -46.97 49.94 -29.10
N ASP G 383 -47.49 50.69 -30.07
CA ASP G 383 -47.79 50.17 -31.40
C ASP G 383 -46.64 50.47 -32.36
N ILE G 384 -46.17 49.44 -33.05
CA ILE G 384 -45.14 49.58 -34.07
C ILE G 384 -45.53 48.71 -35.27
N ASN G 385 -44.96 49.04 -36.41
CA ASN G 385 -45.05 48.18 -37.58
C ASN G 385 -43.97 47.11 -37.45
N GLU G 386 -44.38 45.87 -37.18
CA GLU G 386 -43.41 44.82 -36.90
C GLU G 386 -42.52 44.54 -38.11
N GLU G 387 -43.11 44.55 -39.31
CA GLU G 387 -42.32 44.34 -40.52
C GLU G 387 -41.29 45.45 -40.71
N THR G 388 -41.74 46.71 -40.66
CA THR G 388 -40.84 47.84 -40.88
C THR G 388 -39.75 47.90 -39.82
N PHE G 389 -40.13 47.68 -38.55
CA PHE G 389 -39.13 47.65 -37.50
C PHE G 389 -38.17 46.50 -37.70
N ASN G 390 -38.65 45.36 -38.21
CA ASN G 390 -37.78 44.24 -38.49
C ASN G 390 -36.79 44.60 -39.60
N GLU G 391 -37.23 45.36 -40.59
CA GLU G 391 -36.29 45.82 -41.62
C GLU G 391 -35.22 46.72 -41.03
N ALA G 392 -35.63 47.70 -40.23
CA ALA G 392 -34.66 48.58 -39.59
C ALA G 392 -33.71 47.80 -38.68
N TYR G 393 -34.21 46.76 -38.03
CA TYR G 393 -33.39 45.91 -37.18
C TYR G 393 -32.40 45.09 -38.00
N MET G 394 -32.84 44.55 -39.14
CA MET G 394 -31.95 43.74 -39.96
C MET G 394 -30.87 44.56 -40.64
N MET G 395 -31.15 45.83 -40.94
CA MET G 395 -30.12 46.65 -41.59
C MET G 395 -28.89 46.87 -40.71
N HIS G 396 -29.01 46.71 -39.40
CA HIS G 396 -27.88 46.91 -38.50
C HIS G 396 -27.37 45.65 -37.83
N THR G 397 -28.09 44.54 -37.93
CA THR G 397 -27.67 43.28 -37.33
C THR G 397 -26.97 42.41 -38.37
N SER G 398 -25.86 41.80 -37.96
CA SER G 398 -25.10 40.95 -38.86
C SER G 398 -25.81 39.62 -39.11
N THR G 399 -25.65 39.10 -40.32
CA THR G 399 -26.23 37.80 -40.67
C THR G 399 -25.54 36.64 -40.00
N SER G 400 -24.44 36.89 -39.28
CA SER G 400 -23.73 35.86 -38.54
C SER G 400 -23.60 36.32 -37.09
N PRO G 401 -24.70 36.33 -36.35
CA PRO G 401 -24.64 36.77 -34.95
C PRO G 401 -23.80 35.82 -34.11
N HIS G 402 -23.13 36.39 -33.13
CA HIS G 402 -22.36 35.61 -32.17
C HIS G 402 -23.33 34.95 -31.21
N TYR G 403 -23.45 33.61 -31.29
CA TYR G 403 -24.44 32.91 -30.46
C TYR G 403 -24.09 33.00 -28.97
N GLY G 404 -22.80 33.14 -28.65
CA GLY G 404 -22.44 33.35 -27.26
C GLY G 404 -23.04 34.62 -26.68
N ILE G 405 -23.01 35.71 -27.46
CA ILE G 405 -23.57 36.97 -26.98
C ILE G 405 -25.10 36.87 -26.84
N VAL G 406 -25.76 36.26 -27.82
CA VAL G 406 -27.21 36.09 -27.75
C VAL G 406 -27.61 35.24 -26.55
N ALA G 407 -26.88 34.13 -26.33
CA ALA G 407 -27.14 33.27 -25.19
C ALA G 407 -26.84 33.97 -23.88
N SER G 408 -25.83 34.84 -23.85
CA SER G 408 -25.55 35.62 -22.66
C SER G 408 -26.69 36.59 -22.36
N THR G 409 -27.29 37.16 -23.41
CA THR G 409 -28.46 38.03 -23.21
C THR G 409 -29.62 37.25 -22.58
N GLU G 410 -29.89 36.06 -23.12
CA GLU G 410 -30.96 35.24 -22.57
C GLU G 410 -30.64 34.79 -21.13
N THR G 411 -29.40 34.42 -20.87
CA THR G 411 -28.99 34.03 -19.52
C THR G 411 -29.07 35.19 -18.54
N ALA G 412 -28.79 36.41 -19.01
CA ALA G 412 -28.97 37.58 -18.18
C ALA G 412 -30.43 37.76 -17.80
N ALA G 413 -31.34 37.54 -18.76
CA ALA G 413 -32.75 37.55 -18.40
C ALA G 413 -33.07 36.48 -17.37
N ALA G 414 -32.51 35.28 -17.54
CA ALA G 414 -32.79 34.17 -16.64
C ALA G 414 -32.27 34.45 -15.23
N MET G 415 -31.13 35.12 -15.11
CA MET G 415 -30.52 35.41 -13.83
C MET G 415 -31.34 36.38 -12.98
N MET G 416 -32.33 37.03 -13.56
CA MET G 416 -33.18 37.98 -12.86
C MET G 416 -34.47 37.37 -12.36
N LYS G 417 -34.66 36.06 -12.53
CA LYS G 417 -35.91 35.39 -12.20
C LYS G 417 -35.83 34.74 -10.82
N GLY G 418 -36.89 34.89 -10.05
CA GLY G 418 -37.04 34.19 -8.79
C GLY G 418 -36.34 34.84 -7.61
N ASN G 419 -36.34 34.08 -6.51
CA ASN G 419 -35.75 34.56 -5.27
C ASN G 419 -34.25 34.80 -5.43
N ALA G 420 -33.57 33.96 -6.21
CA ALA G 420 -32.13 34.14 -6.40
C ALA G 420 -31.83 35.47 -7.08
N GLY G 421 -32.58 35.80 -8.13
CA GLY G 421 -32.37 37.08 -8.80
C GLY G 421 -32.74 38.26 -7.92
N LYS G 422 -33.85 38.14 -7.18
CA LYS G 422 -34.23 39.22 -6.28
C LYS G 422 -33.16 39.44 -5.23
N ARG G 423 -32.60 38.36 -4.67
CA ARG G 423 -31.53 38.49 -3.69
C ARG G 423 -30.28 39.08 -4.33
N LEU G 424 -29.99 38.73 -5.58
CA LEU G 424 -28.84 39.32 -6.27
C LEU G 424 -28.97 40.84 -6.36
N ILE G 425 -30.11 41.31 -6.85
CA ILE G 425 -30.30 42.76 -7.02
C ILE G 425 -30.32 43.47 -5.69
N ASN G 426 -31.08 42.92 -4.71
CA ASN G 426 -31.16 43.55 -3.40
C ASN G 426 -29.80 43.57 -2.71
N GLY G 427 -29.03 42.47 -2.83
CA GLY G 427 -27.71 42.44 -2.23
C GLY G 427 -26.77 43.44 -2.85
N SER G 428 -26.83 43.62 -4.17
CA SER G 428 -25.98 44.63 -4.80
C SER G 428 -26.36 46.03 -4.32
N ILE G 429 -27.66 46.30 -4.20
CA ILE G 429 -28.11 47.61 -3.73
C ILE G 429 -27.63 47.85 -2.29
N GLU G 430 -27.79 46.84 -1.44
CA GLU G 430 -27.40 46.95 -0.04
C GLU G 430 -25.89 47.09 0.11
N ARG G 431 -25.12 46.37 -0.71
CA ARG G 431 -23.67 46.51 -0.71
C ARG G 431 -23.26 47.92 -1.07
N ALA G 432 -23.89 48.50 -2.09
CA ALA G 432 -23.56 49.87 -2.48
C ALA G 432 -23.90 50.86 -1.35
N ILE G 433 -25.05 50.66 -0.71
CA ILE G 433 -25.45 51.55 0.38
C ILE G 433 -24.50 51.42 1.57
N ARG G 434 -24.09 50.19 1.88
CA ARG G 434 -23.14 49.97 2.98
C ARG G 434 -21.80 50.63 2.68
N PHE G 435 -21.33 50.53 1.44
CA PHE G 435 -20.09 51.18 1.06
C PHE G 435 -20.20 52.70 1.18
N ARG G 436 -21.33 53.26 0.76
CA ARG G 436 -21.53 54.70 0.86
C ARG G 436 -21.50 55.15 2.34
N LYS G 437 -22.20 54.41 3.19
CA LYS G 437 -22.22 54.73 4.62
C LYS G 437 -20.82 54.61 5.22
N GLU G 438 -20.06 53.59 4.81
CA GLU G 438 -18.72 53.42 5.33
C GLU G 438 -17.80 54.55 4.88
N ILE G 439 -17.96 55.01 3.65
CA ILE G 439 -17.17 56.15 3.19
C ILE G 439 -17.47 57.37 4.03
N LYS G 440 -18.76 57.63 4.30
CA LYS G 440 -19.12 58.76 5.15
C LYS G 440 -18.53 58.61 6.55
N ARG G 441 -18.63 57.42 7.12
CA ARG G 441 -18.12 57.17 8.46
C ARG G 441 -16.61 57.39 8.52
N LEU G 442 -15.88 56.86 7.54
CA LEU G 442 -14.43 57.05 7.50
C LEU G 442 -14.08 58.52 7.35
N ASN G 443 -14.84 59.25 6.52
CA ASN G 443 -14.63 60.68 6.40
C ASN G 443 -14.78 61.38 7.75
N SER G 444 -15.74 60.92 8.56
CA SER G 444 -15.95 61.53 9.87
C SER G 444 -14.76 61.28 10.80
N GLU G 445 -14.30 60.04 10.90
CA GLU G 445 -13.18 59.75 11.79
C GLU G 445 -11.86 60.30 11.27
N SER G 446 -11.75 60.54 9.96
CA SER G 446 -10.50 61.03 9.40
C SER G 446 -10.15 62.40 9.94
N GLU G 447 -8.90 62.57 10.36
CA GLU G 447 -8.36 63.86 10.74
C GLU G 447 -7.60 64.38 9.53
N GLY G 448 -8.17 65.37 8.86
CA GLY G 448 -7.64 65.87 7.62
C GLY G 448 -8.50 65.48 6.43
N TRP G 449 -7.88 65.50 5.25
CA TRP G 449 -8.59 65.21 4.03
C TRP G 449 -8.94 63.73 3.93
N PHE G 450 -10.11 63.45 3.37
CA PHE G 450 -10.49 62.08 3.05
C PHE G 450 -11.54 62.12 1.94
N PHE G 451 -11.64 61.01 1.21
CA PHE G 451 -12.61 60.92 0.14
C PHE G 451 -14.03 61.09 0.65
N ASP G 452 -14.84 61.78 -0.12
CA ASP G 452 -16.26 61.93 0.15
C ASP G 452 -17.06 61.23 -0.94
N VAL G 453 -18.34 60.99 -0.65
CA VAL G 453 -19.25 60.35 -1.60
C VAL G 453 -20.35 61.34 -1.94
N TRP G 454 -20.61 61.50 -3.24
CA TRP G 454 -21.59 62.45 -3.76
C TRP G 454 -22.99 61.88 -3.55
N GLN G 455 -23.63 62.27 -2.46
CA GLN G 455 -24.90 61.67 -2.07
C GLN G 455 -25.56 62.60 -1.06
N PRO G 456 -26.83 62.34 -0.72
CA PRO G 456 -27.46 63.09 0.38
C PRO G 456 -26.81 62.80 1.72
N GLU G 457 -27.03 63.70 2.66
CA GLU G 457 -26.33 63.68 3.94
C GLU G 457 -26.66 62.45 4.77
N GLY G 458 -27.94 62.07 4.84
CA GLY G 458 -28.35 61.03 5.78
C GLY G 458 -28.96 59.77 5.20
N ILE G 459 -28.35 59.20 4.14
CA ILE G 459 -28.91 58.02 3.51
C ILE G 459 -29.10 56.91 4.54
N ASP G 460 -30.31 56.38 4.62
CA ASP G 460 -30.62 55.30 5.56
C ASP G 460 -31.08 54.03 4.86
N GLU G 461 -32.16 54.09 4.09
CA GLU G 461 -32.78 52.90 3.52
C GLU G 461 -32.52 52.82 2.02
N ALA G 462 -32.83 51.67 1.46
CA ALA G 462 -32.63 51.41 0.04
C ALA G 462 -33.70 52.13 -0.77
N LYS G 463 -33.28 53.14 -1.53
CA LYS G 463 -34.18 53.91 -2.38
C LYS G 463 -33.35 54.78 -3.29
N CYS G 464 -33.98 55.27 -4.35
CA CYS G 464 -33.38 56.28 -5.21
C CYS G 464 -33.59 57.64 -4.56
N TRP G 465 -32.54 58.21 -4.01
CA TRP G 465 -32.65 59.43 -3.23
C TRP G 465 -33.00 60.61 -4.13
N PRO G 466 -34.07 61.35 -3.83
CA PRO G 466 -34.42 62.50 -4.66
C PRO G 466 -33.45 63.66 -4.47
N LEU G 467 -33.33 64.47 -5.51
CA LEU G 467 -32.51 65.66 -5.49
C LEU G 467 -33.42 66.86 -5.29
N ASP G 468 -33.39 67.43 -4.10
CA ASP G 468 -34.27 68.54 -3.74
C ASP G 468 -33.54 69.86 -3.84
N SER G 469 -34.31 70.93 -4.05
CA SER G 469 -33.72 72.27 -4.20
C SER G 469 -33.17 72.79 -2.88
N LYS G 470 -33.72 72.34 -1.74
CA LYS G 470 -33.23 72.82 -0.45
C LYS G 470 -31.80 72.36 -0.20
N ASP G 471 -31.50 71.10 -0.51
CA ASP G 471 -30.17 70.57 -0.27
C ASP G 471 -29.18 71.07 -1.31
N ASN G 472 -27.89 71.02 -0.96
CA ASN G 472 -26.84 71.49 -1.83
C ASN G 472 -25.75 70.43 -2.05
N TRP G 473 -26.02 69.17 -1.70
CA TRP G 473 -25.01 68.13 -1.92
C TRP G 473 -24.77 67.91 -3.41
N HIS G 474 -25.83 67.95 -4.22
CA HIS G 474 -25.70 67.64 -5.65
C HIS G 474 -25.09 68.77 -6.45
N GLY G 475 -25.10 70.00 -5.94
CA GLY G 475 -24.44 71.09 -6.62
C GLY G 475 -25.21 71.69 -7.77
N PHE G 476 -26.45 71.28 -8.00
CA PHE G 476 -27.28 71.84 -9.07
C PHE G 476 -28.05 73.04 -8.54
N LYS G 477 -28.19 74.05 -9.40
CA LYS G 477 -28.79 75.33 -9.03
C LYS G 477 -30.24 75.38 -9.51
N ASP G 478 -31.17 75.62 -8.59
CA ASP G 478 -32.59 75.75 -8.89
C ASP G 478 -33.12 74.51 -9.62
N ILE G 479 -33.04 73.38 -8.95
CA ILE G 479 -33.47 72.11 -9.52
C ILE G 479 -34.96 71.92 -9.28
N ASP G 480 -35.60 71.20 -10.19
CA ASP G 480 -37.00 70.86 -10.04
C ASP G 480 -37.16 69.75 -9.01
N ASN G 481 -38.24 69.84 -8.23
CA ASN G 481 -38.50 68.85 -7.20
C ASN G 481 -39.24 67.65 -7.77
N ASP G 482 -38.98 66.48 -7.18
CA ASP G 482 -39.56 65.21 -7.62
C ASP G 482 -39.23 64.96 -9.09
N HIS G 483 -38.02 65.33 -9.50
CA HIS G 483 -37.60 65.27 -10.89
C HIS G 483 -36.43 64.32 -11.10
N MET G 484 -35.35 64.49 -10.35
CA MET G 484 -34.16 63.66 -10.50
C MET G 484 -33.88 62.87 -9.22
N TYR G 485 -33.49 61.61 -9.40
CA TYR G 485 -33.22 60.70 -8.29
C TYR G 485 -31.84 60.07 -8.49
N LEU G 486 -31.12 59.88 -7.38
CA LEU G 486 -29.78 59.30 -7.45
C LEU G 486 -29.85 57.78 -7.32
N ASP G 487 -29.26 57.08 -8.28
CA ASP G 487 -29.19 55.63 -8.25
C ASP G 487 -28.14 55.19 -7.24
N PRO G 488 -28.51 54.39 -6.23
CA PRO G 488 -27.50 53.96 -5.24
C PRO G 488 -26.40 53.08 -5.80
N ILE G 489 -26.63 52.41 -6.93
CA ILE G 489 -25.62 51.51 -7.50
C ILE G 489 -24.40 52.30 -7.97
N LYS G 490 -24.61 53.45 -8.59
CA LYS G 490 -23.54 54.25 -9.17
C LYS G 490 -22.92 55.11 -8.07
N VAL G 491 -21.74 54.75 -7.59
CA VAL G 491 -21.14 55.41 -6.43
C VAL G 491 -20.06 56.36 -6.93
N THR G 492 -20.26 57.66 -6.71
CA THR G 492 -19.29 58.67 -7.07
C THR G 492 -18.51 59.08 -5.83
N LEU G 493 -17.20 58.88 -5.87
CA LEU G 493 -16.31 59.31 -4.80
C LEU G 493 -15.67 60.63 -5.20
N LEU G 494 -15.64 61.57 -4.25
CA LEU G 494 -15.11 62.91 -4.49
C LEU G 494 -13.73 63.04 -3.86
N THR G 495 -12.81 63.57 -4.63
CA THR G 495 -11.51 63.91 -4.07
C THR G 495 -11.48 65.39 -3.71
N PRO G 496 -10.67 65.77 -2.72
CA PRO G 496 -10.65 67.18 -2.29
C PRO G 496 -10.13 68.09 -3.41
N GLY G 497 -10.59 69.34 -3.38
CA GLY G 497 -10.21 70.31 -4.39
C GLY G 497 -11.31 71.29 -4.75
N MET G 498 -12.55 70.93 -4.44
CA MET G 498 -13.70 71.82 -4.65
C MET G 498 -14.37 72.10 -3.32
N GLN G 499 -14.95 73.28 -3.22
CA GLN G 499 -15.65 73.71 -2.01
C GLN G 499 -17.16 73.57 -2.19
N LYS G 500 -17.88 73.76 -1.09
CA LYS G 500 -19.32 73.56 -1.09
C LYS G 500 -20.03 74.58 -1.98
N ASP G 501 -19.43 75.75 -2.20
CA ASP G 501 -20.06 76.79 -3.00
C ASP G 501 -19.74 76.68 -4.49
N GLY G 502 -18.91 75.72 -4.88
CA GLY G 502 -18.56 75.52 -6.27
C GLY G 502 -17.21 76.05 -6.68
N SER G 503 -16.56 76.85 -5.84
CA SER G 503 -15.24 77.35 -6.16
C SER G 503 -14.17 76.35 -5.74
N MET G 504 -12.97 76.55 -6.26
CA MET G 504 -11.86 75.66 -5.98
C MET G 504 -11.23 75.98 -4.64
N ALA G 505 -10.68 74.95 -4.00
CA ALA G 505 -9.96 75.10 -2.76
C ALA G 505 -8.50 75.43 -3.04
N ASP G 506 -7.78 75.85 -2.00
CA ASP G 506 -6.37 76.18 -2.16
C ASP G 506 -5.56 74.96 -2.58
N THR G 507 -5.82 73.82 -1.97
CA THR G 507 -5.18 72.56 -2.32
C THR G 507 -6.23 71.59 -2.84
N GLY G 508 -5.77 70.61 -3.62
CA GLY G 508 -6.67 69.61 -4.15
C GLY G 508 -5.89 68.44 -4.70
N ILE G 509 -6.57 67.30 -4.75
CA ILE G 509 -5.99 66.08 -5.32
C ILE G 509 -6.79 65.68 -6.55
N PRO G 510 -6.25 65.89 -7.75
CA PRO G 510 -6.97 65.46 -8.96
C PRO G 510 -7.22 63.96 -8.93
N ALA G 511 -8.46 63.58 -9.25
CA ALA G 511 -8.88 62.19 -9.14
C ALA G 511 -8.15 61.26 -10.09
N SER G 512 -7.55 61.80 -11.15
CA SER G 512 -6.80 60.96 -12.09
C SER G 512 -5.59 60.31 -11.41
N ILE G 513 -4.95 61.02 -10.49
CA ILE G 513 -3.84 60.45 -9.76
C ILE G 513 -4.30 59.28 -8.90
N VAL G 514 -5.43 59.44 -8.22
CA VAL G 514 -5.98 58.34 -7.42
C VAL G 514 -6.37 57.17 -8.32
N SER G 515 -6.89 57.47 -9.50
CA SER G 515 -7.24 56.42 -10.45
C SER G 515 -6.01 55.64 -10.89
N LYS G 516 -4.91 56.34 -11.19
CA LYS G 516 -3.67 55.67 -11.54
C LYS G 516 -3.16 54.82 -10.39
N TYR G 517 -3.26 55.34 -9.16
CA TYR G 517 -2.81 54.60 -7.99
C TYR G 517 -3.62 53.32 -7.82
N LEU G 518 -4.95 53.41 -7.99
CA LEU G 518 -5.78 52.22 -7.88
C LEU G 518 -5.46 51.22 -8.99
N ASP G 519 -5.19 51.72 -10.20
CA ASP G 519 -4.81 50.83 -11.29
C ASP G 519 -3.52 50.11 -10.99
N GLU G 520 -2.55 50.81 -10.40
CA GLU G 520 -1.29 50.17 -10.02
C GLU G 520 -1.51 49.09 -8.98
N HIS G 521 -2.53 49.23 -8.14
CA HIS G 521 -2.85 48.25 -7.11
C HIS G 521 -4.05 47.38 -7.48
N GLY G 522 -4.25 47.14 -8.77
CA GLY G 522 -5.24 46.18 -9.23
C GLY G 522 -6.69 46.57 -9.08
N ILE G 523 -7.01 47.86 -9.14
CA ILE G 523 -8.38 48.34 -9.05
C ILE G 523 -8.67 49.24 -10.23
N ILE G 524 -9.72 48.92 -10.99
CA ILE G 524 -10.06 49.64 -12.20
C ILE G 524 -11.33 50.45 -11.94
N VAL G 525 -11.20 51.78 -11.94
CA VAL G 525 -12.38 52.62 -11.85
C VAL G 525 -13.11 52.62 -13.19
N GLU G 526 -14.41 52.94 -13.13
CA GLU G 526 -15.19 53.02 -14.35
C GLU G 526 -14.77 54.22 -15.20
N LYS G 527 -14.68 55.39 -14.59
CA LYS G 527 -14.25 56.59 -15.27
C LYS G 527 -13.82 57.61 -14.23
N THR G 528 -13.05 58.60 -14.67
CA THR G 528 -12.47 59.59 -13.78
C THR G 528 -12.73 60.99 -14.32
N GLY G 529 -13.29 61.85 -13.47
CA GLY G 529 -13.42 63.25 -13.78
C GLY G 529 -12.28 64.02 -13.13
N PRO G 530 -12.33 65.36 -13.19
CA PRO G 530 -11.26 66.15 -12.57
C PRO G 530 -11.11 65.90 -11.08
N TYR G 531 -12.23 65.72 -10.37
CA TYR G 531 -12.19 65.49 -8.93
C TYR G 531 -13.20 64.44 -8.50
N ASN G 532 -13.68 63.60 -9.42
CA ASN G 532 -14.65 62.58 -9.11
C ASN G 532 -14.23 61.26 -9.76
N MET G 533 -14.59 60.16 -9.10
CA MET G 533 -14.37 58.82 -9.62
C MET G 533 -15.66 58.03 -9.52
N LEU G 534 -16.00 57.29 -10.56
CA LEU G 534 -17.22 56.49 -10.58
C LEU G 534 -16.89 55.03 -10.38
N PHE G 535 -17.58 54.40 -9.43
CA PHE G 535 -17.48 52.97 -9.18
C PHE G 535 -18.85 52.35 -9.36
N LEU G 536 -18.91 51.27 -10.14
CA LEU G 536 -20.16 50.57 -10.37
C LEU G 536 -20.27 49.41 -9.39
N PHE G 537 -21.28 49.47 -8.53
CA PHE G 537 -21.53 48.40 -7.57
C PHE G 537 -22.60 47.46 -8.11
N SER G 538 -22.24 46.81 -9.20
CA SER G 538 -23.14 45.91 -9.91
C SER G 538 -23.26 44.58 -9.18
N ILE G 539 -24.02 43.66 -9.79
CA ILE G 539 -24.22 42.33 -9.24
C ILE G 539 -22.90 41.55 -9.16
N GLY G 540 -21.88 41.98 -9.89
CA GLY G 540 -20.58 41.34 -9.86
C GLY G 540 -19.64 41.81 -8.78
N ILE G 541 -20.04 42.79 -7.97
CA ILE G 541 -19.21 43.29 -6.88
C ILE G 541 -19.58 42.57 -5.60
N ASP G 542 -18.60 41.99 -4.94
CA ASP G 542 -18.77 41.25 -3.69
C ASP G 542 -18.14 42.00 -2.52
N LYS G 543 -18.23 41.39 -1.34
CA LYS G 543 -17.66 42.00 -0.14
C LYS G 543 -16.14 42.10 -0.24
N THR G 544 -15.51 41.12 -0.86
CA THR G 544 -14.06 41.13 -1.01
C THR G 544 -13.59 42.35 -1.79
N LYS G 545 -14.25 42.65 -2.91
CA LYS G 545 -13.84 43.78 -3.75
C LYS G 545 -14.11 45.11 -3.06
N ALA G 546 -15.23 45.23 -2.34
CA ALA G 546 -15.51 46.48 -1.64
C ALA G 546 -14.49 46.73 -0.53
N LEU G 547 -14.15 45.68 0.24
CA LEU G 547 -13.15 45.83 1.28
C LEU G 547 -11.78 46.14 0.69
N SER G 548 -11.44 45.52 -0.44
CA SER G 548 -10.19 45.82 -1.11
C SER G 548 -10.14 47.27 -1.58
N LEU G 549 -11.26 47.79 -2.10
CA LEU G 549 -11.34 49.19 -2.48
C LEU G 549 -11.10 50.11 -1.29
N LEU G 550 -11.74 49.80 -0.15
CA LEU G 550 -11.52 50.63 1.03
C LEU G 550 -10.06 50.60 1.48
N ARG G 551 -9.45 49.41 1.47
CA ARG G 551 -8.05 49.30 1.87
C ARG G 551 -7.15 50.08 0.93
N ALA G 552 -7.42 50.03 -0.38
CA ALA G 552 -6.61 50.76 -1.34
C ALA G 552 -6.76 52.27 -1.17
N LEU G 553 -7.98 52.74 -0.89
CA LEU G 553 -8.17 54.18 -0.66
C LEU G 553 -7.43 54.64 0.58
N THR G 554 -7.51 53.85 1.66
CA THR G 554 -6.77 54.21 2.88
C THR G 554 -5.27 54.21 2.63
N ASP G 555 -4.78 53.24 1.86
CA ASP G 555 -3.35 53.18 1.54
C ASP G 555 -2.93 54.37 0.70
N PHE G 556 -3.77 54.80 -0.25
CA PHE G 556 -3.45 56.00 -1.00
C PHE G 556 -3.37 57.21 -0.09
N LYS G 557 -4.32 57.36 0.84
CA LYS G 557 -4.27 58.50 1.73
C LYS G 557 -3.00 58.50 2.57
N ARG G 558 -2.63 57.32 3.09
CA ARG G 558 -1.40 57.22 3.88
C ARG G 558 -0.17 57.58 3.04
N SER G 559 -0.10 57.04 1.82
CA SER G 559 1.04 57.31 0.95
C SER G 559 1.13 58.79 0.59
N TYR G 560 0.00 59.41 0.27
CA TYR G 560 -0.01 60.83 -0.08
C TYR G 560 0.39 61.68 1.11
N ASP G 561 -0.10 61.35 2.31
CA ASP G 561 0.28 62.11 3.49
C ASP G 561 1.78 61.98 3.78
N LEU G 562 2.33 60.78 3.59
CA LEU G 562 3.76 60.59 3.72
C LEU G 562 4.56 61.28 2.61
N ASN G 563 3.89 61.68 1.52
CA ASN G 563 4.52 62.35 0.39
C ASN G 563 5.64 61.50 -0.21
N LEU G 564 5.26 60.30 -0.66
CA LEU G 564 6.21 59.38 -1.26
C LEU G 564 6.64 59.86 -2.63
N ARG G 565 7.74 59.28 -3.12
CA ARG G 565 8.22 59.60 -4.45
C ARG G 565 7.29 59.03 -5.52
N VAL G 566 7.09 59.79 -6.59
CA VAL G 566 6.27 59.33 -7.71
C VAL G 566 6.88 58.07 -8.32
N LYS G 567 8.21 57.94 -8.25
CA LYS G 567 8.87 56.75 -8.77
C LYS G 567 8.37 55.48 -8.08
N ASN G 568 8.22 55.53 -6.76
CA ASN G 568 7.78 54.37 -6.00
C ASN G 568 6.26 54.27 -5.88
N MET G 569 5.58 55.41 -5.72
CA MET G 569 4.14 55.39 -5.52
C MET G 569 3.39 55.11 -6.82
N LEU G 570 3.86 55.64 -7.94
CA LEU G 570 3.25 55.43 -9.25
C LEU G 570 4.30 54.96 -10.23
N PRO G 571 4.73 53.69 -10.13
CA PRO G 571 5.81 53.21 -11.01
C PRO G 571 5.52 53.35 -12.51
N SER G 572 4.28 53.10 -12.94
CA SER G 572 3.95 53.23 -14.35
C SER G 572 4.05 54.68 -14.81
N LEU G 573 3.56 55.62 -13.98
CA LEU G 573 3.66 57.03 -14.34
C LEU G 573 5.11 57.47 -14.47
N TYR G 574 5.97 57.03 -13.57
CA TYR G 574 7.39 57.33 -13.68
C TYR G 574 7.98 56.69 -14.93
N ARG G 575 7.56 55.47 -15.25
CA ARG G 575 8.04 54.82 -16.46
C ARG G 575 7.60 55.58 -17.71
N GLU G 576 6.52 56.35 -17.63
CA GLU G 576 6.12 57.18 -18.77
C GLU G 576 7.19 58.22 -19.11
N ASP G 577 7.79 58.84 -18.09
CA ASP G 577 8.84 59.85 -18.29
C ASP G 577 9.72 59.88 -17.06
N PRO G 578 10.73 59.00 -16.99
CA PRO G 578 11.57 58.92 -15.79
C PRO G 578 12.31 60.20 -15.46
N GLU G 579 12.72 60.97 -16.47
CA GLU G 579 13.46 62.20 -16.21
C GLU G 579 12.58 63.25 -15.55
N PHE G 580 11.33 63.38 -16.01
CA PHE G 580 10.42 64.37 -15.44
C PHE G 580 10.01 64.02 -14.01
N TYR G 581 9.87 62.73 -13.71
CA TYR G 581 9.43 62.27 -12.39
C TYR G 581 10.56 61.69 -11.57
N GLU G 582 11.81 62.07 -11.86
CA GLU G 582 12.95 61.48 -11.18
C GLU G 582 12.94 61.77 -9.68
N ASN G 583 12.66 63.01 -9.30
CA ASN G 583 12.68 63.42 -7.90
C ASN G 583 11.37 64.00 -7.42
N MET G 584 10.35 64.07 -8.27
CA MET G 584 9.08 64.62 -7.85
C MET G 584 8.36 63.72 -6.84
N ARG G 585 7.70 64.35 -5.89
CA ARG G 585 6.89 63.70 -4.88
C ARG G 585 5.42 63.81 -5.25
N ILE G 586 4.61 62.92 -4.68
CA ILE G 586 3.21 62.82 -5.07
C ILE G 586 2.47 64.12 -4.75
N GLN G 587 2.78 64.74 -3.61
CA GLN G 587 2.11 65.99 -3.25
C GLN G 587 2.45 67.10 -4.22
N GLU G 588 3.71 67.17 -4.66
CA GLU G 588 4.08 68.21 -5.62
C GLU G 588 3.37 68.03 -6.95
N LEU G 589 3.27 66.79 -7.43
CA LEU G 589 2.56 66.54 -8.68
C LEU G 589 1.08 66.87 -8.56
N ALA G 590 0.44 66.43 -7.46
CA ALA G 590 -0.96 66.72 -7.26
C ALA G 590 -1.21 68.22 -7.15
N GLN G 591 -0.35 68.93 -6.42
CA GLN G 591 -0.53 70.36 -6.27
C GLN G 591 -0.23 71.10 -7.57
N GLY G 592 0.68 70.60 -8.39
CA GLY G 592 0.90 71.22 -9.69
C GLY G 592 -0.32 71.09 -10.59
N ILE G 593 -0.90 69.90 -10.64
CA ILE G 593 -2.09 69.72 -11.47
C ILE G 593 -3.25 70.53 -10.93
N HIS G 594 -3.44 70.55 -9.60
CA HIS G 594 -4.49 71.35 -9.01
C HIS G 594 -4.27 72.83 -9.26
N ALA G 595 -3.02 73.29 -9.19
CA ALA G 595 -2.71 74.69 -9.44
C ALA G 595 -3.00 75.06 -10.88
N LEU G 596 -2.68 74.17 -11.83
CA LEU G 596 -3.03 74.44 -13.22
C LEU G 596 -4.54 74.57 -13.38
N ILE G 597 -5.29 73.64 -12.78
CA ILE G 597 -6.75 73.66 -12.89
C ILE G 597 -7.32 74.93 -12.26
N GLN G 598 -6.79 75.33 -11.11
CA GLN G 598 -7.30 76.50 -10.41
C GLN G 598 -6.95 77.79 -11.13
N HIS G 599 -5.70 77.94 -11.55
CA HIS G 599 -5.27 79.16 -12.24
C HIS G 599 -6.00 79.31 -13.56
N HIS G 600 -6.20 78.21 -14.29
CA HIS G 600 -6.96 78.29 -15.52
C HIS G 600 -8.46 78.29 -15.29
N ASN G 601 -8.91 78.07 -14.05
CA ASN G 601 -10.32 78.07 -13.68
C ASN G 601 -11.12 77.10 -14.54
N LEU G 602 -10.74 75.83 -14.45
CA LEU G 602 -11.40 74.79 -15.24
C LEU G 602 -12.89 74.64 -14.94
N PRO G 603 -13.35 74.60 -13.68
CA PRO G 603 -14.79 74.39 -13.45
C PRO G 603 -15.67 75.47 -14.06
N ASP G 604 -15.36 76.74 -13.80
CA ASP G 604 -16.18 77.82 -14.34
C ASP G 604 -16.13 77.84 -15.86
N LEU G 605 -14.95 77.62 -16.44
CA LEU G 605 -14.81 77.60 -17.89
C LEU G 605 -15.62 76.47 -18.51
N MET G 606 -15.53 75.27 -17.93
CA MET G 606 -16.29 74.14 -18.45
C MET G 606 -17.79 74.40 -18.36
N TYR G 607 -18.24 74.93 -17.22
CA TYR G 607 -19.67 75.22 -17.06
C TYR G 607 -20.13 76.24 -18.09
N ARG G 608 -19.38 77.34 -18.25
CA ARG G 608 -19.78 78.35 -19.21
C ARG G 608 -19.77 77.81 -20.63
N ALA G 609 -18.78 76.99 -20.98
CA ALA G 609 -18.71 76.43 -22.31
C ALA G 609 -19.86 75.48 -22.60
N PHE G 610 -20.35 74.76 -21.59
CA PHE G 610 -21.43 73.80 -21.82
C PHE G 610 -22.81 74.36 -21.52
N GLU G 611 -22.93 75.63 -21.15
CA GLU G 611 -24.22 76.27 -20.97
C GLU G 611 -24.61 77.17 -22.14
N VAL G 612 -23.76 77.29 -23.16
CA VAL G 612 -24.08 78.06 -24.36
C VAL G 612 -24.08 77.10 -25.55
N LEU G 613 -25.14 77.14 -26.33
CA LEU G 613 -25.30 76.22 -27.45
C LEU G 613 -24.73 76.84 -28.73
N PRO G 614 -23.78 76.19 -29.39
CA PRO G 614 -23.32 76.71 -30.69
C PRO G 614 -24.44 76.71 -31.71
N THR G 615 -24.37 77.65 -32.64
CA THR G 615 -25.42 77.77 -33.64
C THR G 615 -25.33 76.66 -34.68
N MET G 616 -26.49 76.11 -35.05
CA MET G 616 -26.58 75.02 -36.00
C MET G 616 -26.75 75.58 -37.39
N VAL G 617 -25.64 75.65 -38.15
CA VAL G 617 -25.74 76.06 -39.54
C VAL G 617 -26.40 74.98 -40.38
N MET G 618 -26.03 73.72 -40.17
CA MET G 618 -26.59 72.60 -40.88
C MET G 618 -26.61 71.40 -39.94
N ASN G 619 -27.47 70.43 -40.26
CA ASN G 619 -27.55 69.24 -39.43
C ASN G 619 -26.28 68.39 -39.62
N PRO G 620 -26.00 67.48 -38.69
CA PRO G 620 -24.78 66.67 -38.80
C PRO G 620 -24.69 65.87 -40.09
N HIS G 621 -25.83 65.46 -40.66
CA HIS G 621 -25.79 64.67 -41.89
C HIS G 621 -25.20 65.48 -43.04
N ALA G 622 -25.60 66.74 -43.17
CA ALA G 622 -25.07 67.58 -44.25
C ALA G 622 -23.57 67.82 -44.08
N ALA G 623 -23.13 68.10 -42.85
CA ALA G 623 -21.71 68.32 -42.60
C ALA G 623 -20.90 67.07 -42.90
N PHE G 624 -21.40 65.91 -42.48
CA PHE G 624 -20.69 64.67 -42.76
C PHE G 624 -20.66 64.36 -44.26
N GLN G 625 -21.75 64.65 -44.97
CA GLN G 625 -21.79 64.40 -46.40
C GLN G 625 -20.79 65.30 -47.14
N MET G 626 -20.67 66.56 -46.72
CA MET G 626 -19.68 67.42 -47.35
C MET G 626 -18.27 67.13 -46.87
N GLU G 627 -18.12 66.45 -45.73
CA GLU G 627 -16.81 65.94 -45.35
C GLU G 627 -16.39 64.76 -46.22
N LEU G 628 -17.33 63.86 -46.52
CA LEU G 628 -17.04 62.72 -47.37
C LEU G 628 -16.71 63.14 -48.80
N ARG G 629 -17.13 64.33 -49.21
CA ARG G 629 -16.85 64.83 -50.56
C ARG G 629 -15.51 65.55 -50.64
N GLY G 630 -14.76 65.62 -49.55
CA GLY G 630 -13.48 66.30 -49.57
C GLY G 630 -13.55 67.80 -49.44
N GLN G 631 -14.67 68.34 -49.01
CA GLN G 631 -14.86 69.80 -48.89
C GLN G 631 -14.50 70.29 -47.51
N THR G 632 -13.50 69.69 -46.89
CA THR G 632 -13.12 69.99 -45.52
C THR G 632 -11.64 70.37 -45.48
N GLU G 633 -11.28 71.19 -44.49
CA GLU G 633 -9.90 71.62 -44.30
C GLU G 633 -9.59 71.63 -42.81
N GLU G 634 -8.31 71.50 -42.49
CA GLU G 634 -7.83 71.48 -41.11
C GLU G 634 -7.31 72.85 -40.74
N VAL G 635 -7.92 73.46 -39.72
CA VAL G 635 -7.52 74.78 -39.23
C VAL G 635 -7.11 74.64 -37.77
N TYR G 636 -6.51 75.70 -37.25
CA TYR G 636 -6.07 75.68 -35.86
C TYR G 636 -7.22 76.03 -34.93
N LEU G 637 -6.99 75.83 -33.63
CA LEU G 637 -8.04 76.02 -32.63
C LEU G 637 -8.55 77.45 -32.62
N GLU G 638 -7.64 78.42 -32.64
CA GLU G 638 -8.02 79.82 -32.51
C GLU G 638 -8.77 80.34 -33.74
N GLU G 639 -8.77 79.62 -34.86
CA GLU G 639 -9.41 80.08 -36.08
C GLU G 639 -10.77 79.45 -36.31
N MET G 640 -11.37 78.84 -35.30
CA MET G 640 -12.61 78.10 -35.51
C MET G 640 -13.86 78.97 -35.36
N ILE G 641 -13.73 80.22 -34.91
CA ILE G 641 -14.89 81.11 -34.92
C ILE G 641 -15.32 81.37 -36.36
N GLY G 642 -16.62 81.23 -36.61
CA GLY G 642 -17.16 81.41 -37.94
C GLY G 642 -17.01 80.22 -38.87
N LYS G 643 -16.46 79.12 -38.39
CA LYS G 643 -16.26 77.92 -39.19
C LYS G 643 -17.28 76.87 -38.80
N VAL G 644 -17.82 76.18 -39.81
CA VAL G 644 -18.75 75.09 -39.57
C VAL G 644 -17.95 73.84 -39.25
N ASN G 645 -18.19 73.27 -38.08
CA ASN G 645 -17.43 72.09 -37.66
C ASN G 645 -17.86 70.87 -38.46
N ALA G 646 -16.88 70.11 -38.95
CA ALA G 646 -17.16 68.91 -39.72
C ALA G 646 -17.35 67.67 -38.87
N ASN G 647 -16.76 67.64 -37.67
CA ASN G 647 -16.82 66.48 -36.81
C ASN G 647 -17.33 66.88 -35.43
N MET G 648 -17.56 65.87 -34.59
CA MET G 648 -17.95 66.10 -33.21
C MET G 648 -16.73 66.38 -32.37
N ILE G 649 -16.82 67.40 -31.53
CA ILE G 649 -15.76 67.72 -30.57
C ILE G 649 -16.21 67.21 -29.21
N LEU G 650 -15.60 66.13 -28.74
CA LEU G 650 -15.94 65.50 -27.47
C LEU G 650 -14.73 65.53 -26.56
N PRO G 651 -14.63 66.49 -25.65
CA PRO G 651 -13.46 66.59 -24.78
C PRO G 651 -13.64 65.85 -23.46
N TYR G 652 -12.50 65.58 -22.82
CA TYR G 652 -12.45 64.96 -21.50
C TYR G 652 -11.58 65.83 -20.62
N PRO G 653 -12.11 66.46 -19.57
CA PRO G 653 -13.50 66.43 -19.08
C PRO G 653 -14.42 67.30 -19.94
N PRO G 654 -15.76 67.22 -19.79
CA PRO G 654 -16.53 66.35 -18.90
C PRO G 654 -16.93 65.04 -19.53
N GLY G 655 -16.46 64.75 -20.75
CA GLY G 655 -16.79 63.50 -21.40
C GLY G 655 -18.08 63.48 -22.18
N VAL G 656 -18.63 64.65 -22.52
CA VAL G 656 -19.85 64.74 -23.31
C VAL G 656 -19.58 65.68 -24.48
N PRO G 657 -20.28 65.55 -25.60
CA PRO G 657 -19.96 66.38 -26.77
C PRO G 657 -20.24 67.86 -26.52
N LEU G 658 -19.31 68.69 -26.96
CA LEU G 658 -19.43 70.14 -26.85
C LEU G 658 -19.83 70.79 -28.16
N VAL G 659 -19.33 70.28 -29.28
CA VAL G 659 -19.65 70.79 -30.61
C VAL G 659 -20.09 69.63 -31.48
N MET G 660 -21.20 69.80 -32.15
CA MET G 660 -21.76 68.80 -33.05
C MET G 660 -21.37 69.12 -34.50
N PRO G 661 -21.32 68.12 -35.37
CA PRO G 661 -21.06 68.40 -36.79
C PRO G 661 -22.14 69.32 -37.35
N GLY G 662 -21.70 70.30 -38.14
CA GLY G 662 -22.62 71.30 -38.64
C GLY G 662 -22.90 72.45 -37.71
N GLU G 663 -22.10 72.62 -36.67
CA GLU G 663 -22.24 73.72 -35.73
C GLU G 663 -21.07 74.68 -35.88
N MET G 664 -21.37 75.96 -35.67
CA MET G 664 -20.40 77.03 -35.84
C MET G 664 -20.23 77.80 -34.53
N LEU G 665 -18.99 78.09 -34.18
CA LEU G 665 -18.69 78.88 -32.99
C LEU G 665 -18.72 80.36 -33.34
N THR G 666 -19.43 81.13 -32.56
CA THR G 666 -19.54 82.58 -32.73
C THR G 666 -18.98 83.28 -31.49
N GLU G 667 -19.16 84.60 -31.44
CA GLU G 667 -18.71 85.36 -30.28
C GLU G 667 -19.50 84.97 -29.04
N GLU G 668 -20.78 84.62 -29.19
CA GLU G 668 -21.56 84.15 -28.06
C GLU G 668 -21.06 82.81 -27.55
N SER G 669 -20.59 81.94 -28.44
CA SER G 669 -20.10 80.62 -28.08
C SER G 669 -18.58 80.57 -27.98
N ARG G 670 -17.93 81.72 -27.78
CA ARG G 670 -16.48 81.72 -27.54
C ARG G 670 -16.07 80.95 -26.29
N PRO G 671 -16.89 80.82 -25.23
CA PRO G 671 -16.49 79.95 -24.12
C PRO G 671 -16.09 78.55 -24.54
N VAL G 672 -16.72 78.00 -25.58
CA VAL G 672 -16.32 76.69 -26.08
C VAL G 672 -14.86 76.70 -26.52
N LEU G 673 -14.48 77.71 -27.31
CA LEU G 673 -13.11 77.78 -27.80
C LEU G 673 -12.13 77.99 -26.65
N GLU G 674 -12.44 78.89 -25.72
CA GLU G 674 -11.46 79.12 -24.66
C GLU G 674 -11.36 77.94 -23.71
N PHE G 675 -12.46 77.20 -23.51
CA PHE G 675 -12.38 75.97 -22.72
C PHE G 675 -11.52 74.92 -23.41
N LEU G 676 -11.69 74.76 -24.73
CA LEU G 676 -10.87 73.81 -25.46
C LEU G 676 -9.39 74.20 -25.42
N GLN G 677 -9.10 75.50 -25.59
CA GLN G 677 -7.72 75.96 -25.53
C GLN G 677 -7.14 75.75 -24.14
N MET G 678 -7.95 75.96 -23.11
CA MET G 678 -7.49 75.70 -21.74
C MET G 678 -7.16 74.22 -21.56
N LEU G 679 -7.99 73.33 -22.09
CA LEU G 679 -7.70 71.91 -22.00
C LEU G 679 -6.40 71.57 -22.71
N CYS G 680 -6.20 72.14 -23.90
CA CYS G 680 -4.97 71.88 -24.65
C CYS G 680 -3.74 72.39 -23.90
N GLU G 681 -3.86 73.55 -23.26
CA GLU G 681 -2.74 74.10 -22.49
C GLU G 681 -2.45 73.24 -21.26
N ILE G 682 -3.49 72.77 -20.57
CA ILE G 682 -3.29 71.99 -19.34
C ILE G 682 -2.69 70.63 -19.66
N GLY G 683 -3.09 70.03 -20.78
CA GLY G 683 -2.60 68.70 -21.10
C GLY G 683 -1.15 68.60 -21.51
N ALA G 684 -0.44 69.72 -21.62
CA ALA G 684 0.94 69.71 -22.09
C ALA G 684 1.96 69.92 -20.97
N HIS G 685 1.55 69.87 -19.71
CA HIS G 685 2.45 70.18 -18.61
C HIS G 685 2.97 68.96 -17.86
N TYR G 686 2.23 67.85 -17.84
CA TYR G 686 2.65 66.65 -17.13
C TYR G 686 2.54 65.47 -18.08
N PRO G 687 3.63 64.72 -18.31
CA PRO G 687 3.63 63.70 -19.37
C PRO G 687 2.60 62.59 -19.19
N GLY G 688 2.13 62.33 -17.97
CA GLY G 688 1.12 61.32 -17.83
C GLY G 688 -0.31 61.79 -17.92
N PHE G 689 -0.52 63.07 -18.19
CA PHE G 689 -1.86 63.68 -18.22
C PHE G 689 -1.97 64.52 -19.49
N GLU G 690 -2.37 63.89 -20.57
CA GLU G 690 -2.45 64.57 -21.86
C GLU G 690 -3.85 65.10 -22.13
N THR G 691 -3.95 65.96 -23.12
CA THR G 691 -5.23 66.49 -23.55
C THR G 691 -5.99 65.39 -24.32
N ASP G 692 -7.26 65.22 -23.97
CA ASP G 692 -8.12 64.20 -24.58
C ASP G 692 -9.35 64.89 -25.15
N ILE G 693 -9.29 65.25 -26.42
CA ILE G 693 -10.39 65.92 -27.12
C ILE G 693 -10.63 65.16 -28.42
N HIS G 694 -11.68 64.35 -28.46
CA HIS G 694 -12.05 63.67 -29.68
C HIS G 694 -12.51 64.68 -30.70
N GLY G 695 -12.04 64.54 -31.94
CA GLY G 695 -12.30 65.51 -32.98
C GLY G 695 -11.24 66.57 -33.14
N ALA G 696 -10.27 66.64 -32.22
CA ALA G 696 -9.14 67.53 -32.33
C ALA G 696 -7.87 66.70 -32.52
N TYR G 697 -6.93 67.24 -33.28
CA TYR G 697 -5.73 66.51 -33.67
C TYR G 697 -4.51 67.28 -33.24
N ARG G 698 -3.64 66.63 -32.47
CA ARG G 698 -2.41 67.25 -32.02
C ARG G 698 -1.33 67.14 -33.09
N GLN G 699 -0.71 68.27 -33.41
CA GLN G 699 0.38 68.30 -34.37
C GLN G 699 1.72 68.16 -33.67
N ALA G 700 2.78 67.99 -34.48
CA ALA G 700 4.12 67.83 -33.92
C ALA G 700 4.54 69.05 -33.11
N ASP G 701 4.06 70.24 -33.48
CA ASP G 701 4.37 71.46 -32.74
C ASP G 701 3.60 71.59 -31.45
N GLY G 702 2.69 70.67 -31.16
CA GLY G 702 1.87 70.73 -29.97
C GLY G 702 0.58 71.50 -30.14
N ARG G 703 0.39 72.19 -31.26
CA ARG G 703 -0.84 72.89 -31.52
C ARG G 703 -1.94 71.92 -31.93
N TYR G 704 -3.17 72.29 -31.65
CA TYR G 704 -4.32 71.43 -31.90
C TYR G 704 -5.14 71.97 -33.06
N THR G 705 -5.50 71.09 -33.98
CA THR G 705 -6.26 71.46 -35.16
C THR G 705 -7.62 70.79 -35.13
N VAL G 706 -8.61 71.46 -35.72
CA VAL G 706 -9.93 70.91 -35.94
C VAL G 706 -10.18 70.86 -37.44
N LYS G 707 -11.17 70.07 -37.82
CA LYS G 707 -11.53 69.90 -39.22
C LYS G 707 -12.87 70.58 -39.44
N VAL G 708 -12.88 71.55 -40.36
CA VAL G 708 -14.07 72.38 -40.59
C VAL G 708 -14.34 72.49 -42.09
N ILE G 709 -15.58 72.83 -42.42
CA ILE G 709 -16.00 72.94 -43.80
C ILE G 709 -15.35 74.15 -44.46
N LYS G 710 -14.83 73.95 -45.67
CA LYS G 710 -14.24 75.04 -46.45
C LYS G 710 -15.29 76.05 -46.85
N MET H 1 10.59 31.79 3.43
CA MET H 1 9.60 32.86 3.44
C MET H 1 8.30 32.38 2.83
N ASN H 2 7.94 31.12 3.09
CA ASN H 2 6.77 30.50 2.49
C ASN H 2 5.91 29.80 3.54
N ILE H 3 5.95 30.27 4.78
CA ILE H 3 5.18 29.66 5.88
C ILE H 3 3.94 30.50 6.12
N ILE H 4 2.77 29.88 6.00
CA ILE H 4 1.49 30.52 6.25
C ILE H 4 0.85 29.88 7.47
N ALA H 5 0.45 30.71 8.43
CA ALA H 5 -0.20 30.25 9.64
C ALA H 5 -1.72 30.44 9.51
N ILE H 6 -2.47 29.39 9.78
CA ILE H 6 -3.92 29.42 9.68
C ILE H 6 -4.51 29.14 11.05
N LEU H 7 -5.25 30.11 11.58
CA LEU H 7 -6.05 29.92 12.80
C LEU H 7 -7.38 29.32 12.39
N ASN H 8 -7.66 28.11 12.86
CA ASN H 8 -8.70 27.28 12.25
C ASN H 8 -9.36 26.41 13.31
N HIS H 9 -9.96 25.30 12.86
CA HIS H 9 -10.70 24.34 13.67
C HIS H 9 -12.02 24.92 14.19
N MET H 10 -12.87 25.37 13.27
CA MET H 10 -14.22 25.78 13.59
C MET H 10 -15.14 24.55 13.46
N GLY H 11 -16.45 24.77 13.53
CA GLY H 11 -17.36 23.64 13.47
C GLY H 11 -18.43 23.71 12.41
N VAL H 12 -18.18 24.42 11.32
CA VAL H 12 -19.15 24.58 10.25
C VAL H 12 -18.47 24.24 8.93
N TYR H 13 -19.14 23.43 8.11
CA TYR H 13 -18.56 22.97 6.86
C TYR H 13 -18.29 24.12 5.90
N PHE H 14 -19.20 25.11 5.85
CA PHE H 14 -19.11 26.18 4.87
C PHE H 14 -17.86 27.04 5.04
N LYS H 15 -17.17 26.95 6.18
CA LYS H 15 -15.87 27.59 6.34
C LYS H 15 -14.71 26.61 6.23
N GLU H 16 -14.81 25.46 6.90
CA GLU H 16 -13.69 24.52 6.93
C GLU H 16 -13.37 23.95 5.56
N GLU H 17 -14.38 23.60 4.77
CA GLU H 17 -14.11 23.06 3.45
C GLU H 17 -13.38 24.06 2.55
N PRO H 18 -13.80 25.32 2.45
CA PRO H 18 -12.99 26.29 1.70
C PRO H 18 -11.58 26.45 2.26
N ILE H 19 -11.39 26.34 3.58
CA ILE H 19 -10.06 26.47 4.14
C ILE H 19 -9.21 25.26 3.75
N ARG H 20 -9.79 24.06 3.74
CA ARG H 20 -9.05 22.89 3.27
C ARG H 20 -8.66 23.03 1.80
N GLU H 21 -9.59 23.55 0.98
CA GLU H 21 -9.26 23.78 -0.42
C GLU H 21 -8.15 24.82 -0.56
N LEU H 22 -8.19 25.88 0.25
CA LEU H 22 -7.13 26.89 0.20
C LEU H 22 -5.81 26.30 0.64
N HIS H 23 -5.84 25.39 1.61
CA HIS H 23 -4.62 24.70 2.04
C HIS H 23 -4.01 23.93 0.89
N LYS H 24 -4.83 23.15 0.18
CA LYS H 24 -4.32 22.40 -0.96
C LYS H 24 -3.77 23.34 -2.03
N ALA H 25 -4.50 24.42 -2.32
CA ALA H 25 -4.07 25.34 -3.36
C ALA H 25 -2.79 26.06 -2.99
N LEU H 26 -2.63 26.44 -1.72
CA LEU H 26 -1.41 27.09 -1.26
C LEU H 26 -0.23 26.13 -1.32
N GLU H 27 -0.43 24.87 -0.94
CA GLU H 27 0.63 23.88 -1.10
C GLU H 27 0.97 23.68 -2.57
N ALA H 28 0.00 23.84 -3.47
CA ALA H 28 0.29 23.78 -4.89
C ALA H 28 1.16 24.95 -5.36
N LEU H 29 1.22 26.03 -4.59
CA LEU H 29 2.08 27.16 -4.88
C LEU H 29 3.36 27.15 -4.03
N ASP H 30 3.68 26.00 -3.44
CA ASP H 30 4.92 25.80 -2.67
C ASP H 30 4.93 26.59 -1.36
N PHE H 31 3.79 26.63 -0.68
CA PHE H 31 3.70 27.22 0.64
C PHE H 31 3.68 26.11 1.68
N GLN H 32 4.18 26.42 2.88
CA GLN H 32 4.14 25.50 4.02
C GLN H 32 3.09 26.00 5.00
N ILE H 33 2.07 25.19 5.24
CA ILE H 33 0.96 25.58 6.10
C ILE H 33 1.19 25.07 7.51
N VAL H 34 1.02 25.95 8.50
CA VAL H 34 1.06 25.59 9.91
C VAL H 34 -0.26 26.00 10.54
N TYR H 35 -0.60 25.33 11.64
CA TYR H 35 -1.90 25.48 12.29
C TYR H 35 -1.73 25.78 13.77
N PRO H 36 -1.64 27.05 14.14
CA PRO H 36 -1.63 27.40 15.56
C PRO H 36 -2.97 27.06 16.22
N ASN H 37 -2.90 26.73 17.51
CA ASN H 37 -4.07 26.28 18.25
C ASN H 37 -4.85 27.42 18.89
N ASP H 38 -4.27 28.61 19.01
CA ASP H 38 -4.94 29.73 19.64
C ASP H 38 -4.21 31.02 19.29
N ARG H 39 -4.77 32.14 19.75
CA ARG H 39 -4.19 33.44 19.47
C ARG H 39 -2.79 33.58 20.06
N GLU H 40 -2.61 33.15 21.31
CA GLU H 40 -1.30 33.25 21.96
C GLU H 40 -0.29 32.37 21.25
N ASP H 41 -0.71 31.17 20.84
CA ASP H 41 0.18 30.28 20.10
C ASP H 41 0.62 30.92 18.79
N LEU H 42 -0.30 31.56 18.08
CA LEU H 42 0.05 32.25 16.84
C LEU H 42 1.03 33.39 17.09
N LEU H 43 0.78 34.18 18.14
CA LEU H 43 1.68 35.30 18.43
C LEU H 43 3.08 34.81 18.77
N LYS H 44 3.19 33.75 19.56
CA LYS H 44 4.51 33.18 19.87
C LYS H 44 5.17 32.63 18.61
N LEU H 45 4.40 31.98 17.73
CA LEU H 45 4.93 31.45 16.49
C LEU H 45 5.49 32.56 15.61
N ILE H 46 4.77 33.69 15.54
CA ILE H 46 5.27 34.83 14.78
C ILE H 46 6.53 35.40 15.42
N ASP H 47 6.55 35.44 16.75
CA ASP H 47 7.69 36.00 17.46
C ASP H 47 8.96 35.19 17.24
N ASN H 48 8.85 33.86 17.19
CA ASN H 48 10.06 33.05 17.12
C ASN H 48 10.49 32.67 15.71
N ASN H 49 9.63 32.84 14.71
CA ASN H 49 9.93 32.38 13.35
C ASN H 49 9.76 33.53 12.36
N ALA H 50 10.87 34.14 11.96
CA ALA H 50 10.86 35.25 11.02
C ALA H 50 10.50 34.83 9.61
N ARG H 51 10.42 33.53 9.33
CA ARG H 51 10.04 33.03 8.01
C ARG H 51 8.54 32.89 7.83
N LEU H 52 7.75 33.24 8.84
CA LEU H 52 6.29 33.26 8.71
C LEU H 52 5.91 34.46 7.85
N CYS H 53 5.37 34.19 6.66
CA CYS H 53 5.05 35.23 5.69
C CYS H 53 3.57 35.54 5.58
N GLY H 54 2.71 34.92 6.40
CA GLY H 54 1.29 35.22 6.31
C GLY H 54 0.43 34.59 7.39
N VAL H 55 -0.66 35.26 7.76
CA VAL H 55 -1.59 34.80 8.78
C VAL H 55 -3.00 34.79 8.22
N ILE H 56 -3.68 33.66 8.32
CA ILE H 56 -5.07 33.50 7.90
C ILE H 56 -5.90 33.18 9.13
N PHE H 57 -6.94 33.97 9.36
CA PHE H 57 -7.82 33.75 10.51
C PHE H 57 -9.25 34.11 10.12
N ASP H 58 -10.18 33.66 10.96
CA ASP H 58 -11.61 33.92 10.77
C ASP H 58 -11.98 35.22 11.47
N TRP H 59 -12.50 36.19 10.72
CA TRP H 59 -12.88 37.47 11.28
C TRP H 59 -14.00 37.32 12.31
N ASP H 60 -14.88 36.34 12.14
CA ASP H 60 -15.95 36.11 13.11
C ASP H 60 -15.38 35.78 14.48
N THR H 61 -14.34 34.94 14.53
CA THR H 61 -13.77 34.51 15.80
C THR H 61 -12.88 35.59 16.42
N TYR H 62 -12.15 36.34 15.59
CA TYR H 62 -11.21 37.33 16.08
C TYR H 62 -11.47 38.68 15.45
N ASN H 63 -11.53 39.72 16.28
CA ASN H 63 -11.63 41.08 15.79
C ASN H 63 -10.31 41.49 15.14
N LEU H 64 -10.27 42.72 14.63
CA LEU H 64 -9.09 43.20 13.93
C LEU H 64 -7.99 43.69 14.87
N ASP H 65 -8.19 43.57 16.20
CA ASP H 65 -7.13 43.86 17.15
C ASP H 65 -6.04 42.79 17.13
N LEU H 66 -6.38 41.59 16.67
CA LEU H 66 -5.37 40.55 16.46
C LEU H 66 -4.36 41.00 15.40
N CYS H 67 -4.84 41.67 14.35
CA CYS H 67 -3.93 42.27 13.39
C CYS H 67 -3.09 43.36 14.03
N GLU H 68 -3.64 44.10 14.99
CA GLU H 68 -2.84 45.09 15.71
C GLU H 68 -1.70 44.43 16.47
N GLU H 69 -1.99 43.32 17.15
CA GLU H 69 -0.93 42.58 17.84
C GLU H 69 0.10 42.05 16.85
N ILE H 70 -0.36 41.54 15.70
CA ILE H 70 0.55 41.02 14.69
C ILE H 70 1.47 42.12 14.16
N SER H 71 0.91 43.29 13.86
CA SER H 71 1.71 44.39 13.34
C SER H 71 2.60 45.02 14.40
N ALA H 72 2.28 44.84 15.68
CA ALA H 72 3.19 45.30 16.73
C ALA H 72 4.56 44.64 16.59
N MET H 73 4.59 43.41 16.10
CA MET H 73 5.85 42.70 15.86
C MET H 73 6.36 42.92 14.44
N ASN H 74 5.47 42.92 13.45
CA ASN H 74 5.86 43.03 12.05
C ASN H 74 4.75 43.80 11.34
N GLU H 75 4.99 45.08 11.05
CA GLU H 75 3.97 45.92 10.45
C GLU H 75 3.78 45.64 8.96
N HIS H 76 4.65 44.86 8.34
CA HIS H 76 4.51 44.51 6.94
C HIS H 76 4.01 43.08 6.73
N LEU H 77 3.94 42.28 7.78
CA LEU H 77 3.46 40.92 7.66
C LEU H 77 2.03 40.92 7.13
N PRO H 78 1.77 40.27 6.00
CA PRO H 78 0.40 40.29 5.45
C PRO H 78 -0.54 39.39 6.24
N VAL H 79 -1.72 39.93 6.50
CA VAL H 79 -2.78 39.22 7.21
C VAL H 79 -3.93 39.00 6.25
N TYR H 80 -4.53 37.83 6.31
CA TYR H 80 -5.68 37.48 5.46
C TYR H 80 -6.86 37.17 6.36
N ALA H 81 -7.87 38.04 6.33
CA ALA H 81 -9.06 37.89 7.15
C ALA H 81 -10.21 37.42 6.28
N PHE H 82 -10.88 36.35 6.71
CA PHE H 82 -12.03 35.81 5.99
C PHE H 82 -13.31 36.36 6.63
N ALA H 83 -14.12 37.02 5.83
CA ALA H 83 -15.29 37.74 6.31
C ALA H 83 -16.55 36.95 6.02
N ASN H 84 -17.34 36.70 7.07
CA ASN H 84 -18.64 36.06 6.91
C ASN H 84 -19.77 36.97 7.36
N THR H 85 -19.78 37.40 8.62
CA THR H 85 -20.85 38.25 9.12
C THR H 85 -20.50 39.73 9.02
N HIS H 86 -19.25 40.09 9.30
CA HIS H 86 -18.83 41.48 9.22
C HIS H 86 -18.86 41.96 7.76
N SER H 87 -19.16 43.24 7.59
CA SER H 87 -19.26 43.87 6.29
C SER H 87 -18.33 45.10 6.27
N THR H 88 -18.46 45.90 5.21
CA THR H 88 -17.63 47.09 5.10
C THR H 88 -17.87 48.07 6.23
N LEU H 89 -19.07 48.05 6.82
CA LEU H 89 -19.39 48.95 7.92
C LEU H 89 -18.73 48.55 9.24
N ASP H 90 -18.10 47.38 9.31
CA ASP H 90 -17.50 46.88 10.54
C ASP H 90 -16.02 47.21 10.65
N VAL H 91 -15.46 47.98 9.73
CA VAL H 91 -14.05 48.32 9.75
C VAL H 91 -13.92 49.83 9.95
N SER H 92 -12.96 50.23 10.77
CA SER H 92 -12.67 51.63 11.02
C SER H 92 -11.44 52.05 10.22
N LEU H 93 -11.13 53.35 10.29
CA LEU H 93 -9.94 53.86 9.62
C LEU H 93 -8.68 53.24 10.19
N ASN H 94 -8.62 53.10 11.53
CA ASN H 94 -7.44 52.51 12.17
C ASN H 94 -7.22 51.08 11.71
N ASP H 95 -8.28 50.29 11.64
CA ASP H 95 -8.15 48.92 11.13
C ASP H 95 -7.70 48.92 9.67
N LEU H 96 -8.27 49.83 8.87
CA LEU H 96 -7.88 49.93 7.47
C LEU H 96 -6.42 50.32 7.30
N ARG H 97 -5.81 50.93 8.32
CA ARG H 97 -4.39 51.22 8.25
C ARG H 97 -3.56 49.95 8.26
N LEU H 98 -4.05 48.87 8.87
CA LEU H 98 -3.31 47.62 8.97
C LEU H 98 -3.22 46.92 7.61
N ASN H 99 -2.22 46.05 7.50
CA ASN H 99 -1.96 45.33 6.25
C ASN H 99 -2.81 44.04 6.22
N VAL H 100 -4.11 44.24 6.02
CA VAL H 100 -5.07 43.15 6.01
C VAL H 100 -5.75 43.08 4.65
N GLU H 101 -5.83 41.88 4.10
CA GLU H 101 -6.57 41.60 2.88
C GLU H 101 -7.76 40.71 3.25
N PHE H 102 -8.93 41.08 2.75
CA PHE H 102 -10.18 40.40 3.11
C PHE H 102 -10.61 39.44 2.01
N PHE H 103 -10.91 38.21 2.39
CA PHE H 103 -11.43 37.18 1.49
C PHE H 103 -12.79 36.71 2.01
N GLU H 104 -13.42 35.83 1.25
CA GLU H 104 -14.71 35.25 1.62
C GLU H 104 -14.64 33.74 1.53
N TYR H 105 -15.58 33.08 2.22
CA TYR H 105 -15.68 31.63 2.23
C TYR H 105 -16.56 31.18 1.06
N ALA H 106 -16.02 30.32 0.21
CA ALA H 106 -16.78 29.78 -0.91
C ALA H 106 -16.09 28.57 -1.51
N LEU H 107 -16.85 27.51 -1.78
CA LEU H 107 -16.28 26.34 -2.44
C LEU H 107 -15.88 26.68 -3.87
N GLY H 108 -14.70 26.24 -4.28
CA GLY H 108 -14.20 26.50 -5.61
C GLY H 108 -13.49 27.83 -5.79
N ALA H 109 -13.33 28.62 -4.73
CA ALA H 109 -12.63 29.90 -4.81
C ALA H 109 -11.20 29.81 -4.31
N ALA H 110 -10.66 28.61 -4.15
CA ALA H 110 -9.35 28.46 -3.50
C ALA H 110 -8.21 28.90 -4.42
N GLN H 111 -8.32 28.64 -5.73
CA GLN H 111 -7.22 28.96 -6.63
C GLN H 111 -7.01 30.47 -6.75
N ASP H 112 -8.10 31.23 -6.87
CA ASP H 112 -7.98 32.68 -6.96
C ASP H 112 -7.40 33.27 -5.69
N ILE H 113 -7.88 32.82 -4.53
CA ILE H 113 -7.38 33.33 -3.26
C ILE H 113 -5.92 32.94 -3.07
N ALA H 114 -5.55 31.73 -3.50
CA ALA H 114 -4.16 31.30 -3.42
C ALA H 114 -3.27 32.17 -4.30
N GLN H 115 -3.74 32.53 -5.49
CA GLN H 115 -2.98 33.43 -6.35
C GLN H 115 -2.83 34.81 -5.70
N LYS H 116 -3.92 35.30 -5.09
CA LYS H 116 -3.85 36.58 -4.38
C LYS H 116 -2.83 36.54 -3.25
N ILE H 117 -2.82 35.45 -2.50
CA ILE H 117 -1.90 35.31 -1.37
C ILE H 117 -0.46 35.21 -1.87
N ARG H 118 -0.24 34.54 -3.00
CA ARG H 118 1.09 34.50 -3.60
C ARG H 118 1.54 35.90 -3.99
N GLN H 119 0.65 36.68 -4.63
CA GLN H 119 1.01 38.05 -5.01
C GLN H 119 1.32 38.89 -3.78
N SER H 120 0.53 38.72 -2.71
CA SER H 120 0.76 39.47 -1.48
C SER H 120 2.10 39.09 -0.85
N THR H 121 2.45 37.81 -0.91
CA THR H 121 3.75 37.36 -0.41
C THR H 121 4.89 38.00 -1.20
N ASP H 122 4.75 38.04 -2.53
CA ASP H 122 5.76 38.68 -3.36
C ASP H 122 5.88 40.16 -3.05
N ALA H 123 4.74 40.84 -2.84
CA ALA H 123 4.77 42.25 -2.49
C ALA H 123 5.44 42.47 -1.15
N TYR H 124 5.17 41.60 -0.17
CA TYR H 124 5.82 41.71 1.13
C TYR H 124 7.34 41.55 1.01
N ILE H 125 7.77 40.55 0.24
CA ILE H 125 9.21 40.34 0.04
C ILE H 125 9.83 41.56 -0.64
N ASP H 126 9.17 42.08 -1.67
CA ASP H 126 9.67 43.28 -2.34
C ASP H 126 9.76 44.45 -1.39
N GLU H 127 8.75 44.62 -0.53
CA GLU H 127 8.71 45.74 0.38
C GLU H 127 9.83 45.69 1.40
N ILE H 128 10.14 44.50 1.94
CA ILE H 128 11.18 44.45 2.97
C ILE H 128 12.59 44.34 2.40
N LEU H 129 12.74 43.96 1.13
CA LEU H 129 14.07 43.84 0.55
C LEU H 129 14.63 45.21 0.19
N PRO H 130 15.93 45.43 0.36
CA PRO H 130 16.56 46.65 -0.12
C PRO H 130 16.82 46.58 -1.61
N PRO H 131 16.98 47.72 -2.29
CA PRO H 131 16.98 47.71 -3.76
C PRO H 131 18.13 46.93 -4.41
N LEU H 132 19.38 47.17 -3.98
CA LEU H 132 20.52 46.50 -4.60
C LEU H 132 20.47 45.00 -4.39
N THR H 133 20.12 44.55 -3.18
CA THR H 133 19.98 43.12 -2.92
C THR H 133 18.89 42.51 -3.77
N LYS H 134 17.77 43.21 -3.93
CA LYS H 134 16.69 42.73 -4.79
C LYS H 134 17.17 42.58 -6.22
N ALA H 135 17.91 43.57 -6.72
CA ALA H 135 18.43 43.50 -8.09
C ALA H 135 19.39 42.33 -8.25
N LEU H 136 20.23 42.09 -7.24
CA LEU H 136 21.13 40.94 -7.29
C LEU H 136 20.37 39.63 -7.35
N PHE H 137 19.32 39.50 -6.53
CA PHE H 137 18.53 38.26 -6.53
C PHE H 137 17.84 38.07 -7.86
N ASN H 138 17.29 39.14 -8.43
CA ASN H 138 16.64 39.03 -9.74
C ASN H 138 17.63 38.63 -10.82
N TYR H 139 18.84 39.20 -10.79
CA TYR H 139 19.84 38.84 -11.77
C TYR H 139 20.22 37.37 -11.65
N VAL H 140 20.35 36.87 -10.43
CA VAL H 140 20.63 35.45 -10.25
C VAL H 140 19.49 34.61 -10.79
N LYS H 141 18.25 35.08 -10.61
CA LYS H 141 17.10 34.36 -11.16
C LYS H 141 17.14 34.32 -12.69
N GLU H 142 17.75 35.33 -13.33
CA GLU H 142 17.79 35.35 -14.78
C GLU H 142 18.57 34.17 -15.35
N GLY H 143 19.67 33.77 -14.71
CA GLY H 143 20.47 32.66 -15.19
C GLY H 143 21.21 32.91 -16.49
N LYS H 144 21.94 34.02 -16.56
CA LYS H 144 22.64 34.40 -17.77
C LYS H 144 24.02 33.76 -17.87
N TYR H 145 24.49 33.58 -19.10
CA TYR H 145 25.81 33.01 -19.36
C TYR H 145 26.83 34.15 -19.43
N THR H 146 27.82 34.11 -18.55
CA THR H 146 28.84 35.16 -18.51
C THR H 146 30.12 34.68 -19.18
N PHE H 147 30.72 35.58 -19.96
CA PHE H 147 32.05 35.37 -20.51
C PHE H 147 33.04 36.37 -19.92
N CYS H 148 32.72 36.89 -18.74
CA CYS H 148 33.46 37.94 -18.07
C CYS H 148 33.93 37.43 -16.70
N THR H 149 34.65 38.28 -15.98
CA THR H 149 35.05 37.95 -14.63
C THR H 149 33.82 37.88 -13.74
N PRO H 150 33.87 37.15 -12.61
CA PRO H 150 34.99 36.43 -11.98
C PRO H 150 35.72 35.35 -12.79
N GLY H 151 35.12 34.66 -13.75
CA GLY H 151 35.83 33.64 -14.49
C GLY H 151 35.48 32.22 -14.07
N HIS H 152 35.06 32.01 -12.82
CA HIS H 152 34.44 30.75 -12.48
C HIS H 152 33.04 30.65 -13.09
N MET H 153 32.50 31.76 -13.59
CA MET H 153 31.29 31.81 -14.40
C MET H 153 30.09 31.23 -13.65
N GLY H 154 29.75 31.88 -12.55
CA GLY H 154 28.61 31.43 -11.75
C GLY H 154 28.83 30.11 -11.04
N GLY H 155 30.08 29.68 -10.88
CA GLY H 155 30.39 28.44 -10.19
C GLY H 155 30.60 27.23 -11.07
N THR H 156 30.57 27.39 -12.40
CA THR H 156 30.75 26.25 -13.29
C THR H 156 32.13 25.62 -13.12
N ALA H 157 33.17 26.45 -13.04
CA ALA H 157 34.52 25.93 -12.91
C ALA H 157 34.65 25.08 -11.64
N PHE H 158 34.05 25.53 -10.54
CA PHE H 158 34.08 24.74 -9.31
C PHE H 158 33.41 23.39 -9.51
N GLN H 159 32.28 23.37 -10.20
CA GLN H 159 31.60 22.10 -10.47
C GLN H 159 32.39 21.21 -11.42
N LYS H 160 33.34 21.76 -12.17
CA LYS H 160 34.16 20.93 -13.04
C LYS H 160 35.33 20.26 -12.31
N SER H 161 35.62 20.67 -11.08
CA SER H 161 36.74 20.13 -10.32
C SER H 161 36.25 19.42 -9.06
N PRO H 162 36.88 18.31 -8.66
CA PRO H 162 36.44 17.59 -7.45
C PRO H 162 36.58 18.40 -6.18
N VAL H 163 37.79 18.89 -5.89
CA VAL H 163 37.97 19.76 -4.72
C VAL H 163 37.13 21.02 -4.90
N GLY H 164 37.08 21.54 -6.12
CA GLY H 164 36.20 22.65 -6.41
C GLY H 164 34.74 22.30 -6.17
N SER H 165 34.36 21.04 -6.44
CA SER H 165 33.00 20.62 -6.16
C SER H 165 32.71 20.60 -4.67
N ILE H 166 33.69 20.20 -3.86
CA ILE H 166 33.52 20.28 -2.41
C ILE H 166 33.31 21.72 -1.98
N PHE H 167 34.14 22.62 -2.51
CA PHE H 167 34.00 24.05 -2.22
C PHE H 167 32.61 24.55 -2.61
N TYR H 168 32.16 24.15 -3.80
CA TYR H 168 30.85 24.55 -4.31
C TYR H 168 29.72 24.06 -3.40
N ASP H 169 29.76 22.79 -3.04
CA ASP H 169 28.73 22.22 -2.17
C ASP H 169 28.74 22.88 -0.80
N PHE H 170 29.92 23.27 -0.31
CA PHE H 170 29.96 23.96 0.98
C PHE H 170 29.33 25.35 0.88
N PHE H 171 29.71 26.13 -0.14
CA PHE H 171 29.26 27.52 -0.19
C PHE H 171 27.92 27.70 -0.90
N GLY H 172 27.47 26.74 -1.69
CA GLY H 172 26.19 26.82 -2.33
C GLY H 172 26.24 27.52 -3.69
N ALA H 173 25.18 27.30 -4.47
CA ALA H 173 25.12 27.82 -5.82
C ALA H 173 24.83 29.32 -5.86
N ASN H 174 24.00 29.82 -4.93
CA ASN H 174 23.63 31.23 -4.96
C ASN H 174 24.81 32.13 -4.62
N ALA H 175 25.68 31.69 -3.71
CA ALA H 175 26.84 32.51 -3.34
C ALA H 175 27.79 32.68 -4.51
N MET H 176 27.83 31.73 -5.44
CA MET H 176 28.69 31.81 -6.59
C MET H 176 28.00 32.41 -7.81
N LYS H 177 26.68 32.31 -7.89
CA LYS H 177 25.96 32.98 -8.97
C LYS H 177 25.91 34.49 -8.76
N SER H 178 25.82 34.94 -7.51
CA SER H 178 25.79 36.36 -7.20
C SER H 178 27.17 37.00 -7.26
N ASP H 179 28.23 36.20 -7.31
CA ASP H 179 29.59 36.71 -7.45
C ASP H 179 29.79 37.15 -8.89
N ILE H 180 29.59 38.44 -9.14
CA ILE H 180 29.65 39.01 -10.48
C ILE H 180 30.58 40.22 -10.47
N SER H 181 30.66 40.89 -11.62
CA SER H 181 31.49 42.07 -11.81
C SER H 181 30.67 43.16 -12.49
N ILE H 182 31.31 44.29 -12.77
CA ILE H 182 30.64 45.40 -13.43
C ILE H 182 30.32 45.14 -14.89
N SER H 183 30.86 44.05 -15.47
CA SER H 183 30.46 43.68 -16.82
C SER H 183 28.96 43.44 -16.90
N VAL H 184 28.34 43.05 -15.80
CA VAL H 184 26.89 42.95 -15.68
C VAL H 184 26.37 44.37 -15.49
N GLY H 185 25.89 44.98 -16.58
CA GLY H 185 25.52 46.39 -16.53
C GLY H 185 24.33 46.69 -15.66
N GLU H 186 23.33 45.80 -15.65
CA GLU H 186 22.07 46.09 -14.98
C GLU H 186 22.22 46.28 -13.47
N LEU H 187 23.27 45.71 -12.87
CA LEU H 187 23.50 45.93 -11.45
C LEU H 187 24.19 47.26 -11.17
N GLY H 188 24.68 47.95 -12.19
CA GLY H 188 25.39 49.19 -11.98
C GLY H 188 26.80 48.96 -11.49
N SER H 189 27.42 50.04 -11.00
CA SER H 189 28.79 49.98 -10.52
C SER H 189 28.88 50.67 -9.16
N LEU H 190 29.57 50.02 -8.22
CA LEU H 190 29.81 50.63 -6.92
C LEU H 190 30.73 51.83 -7.04
N LEU H 191 31.78 51.73 -7.86
CA LEU H 191 32.74 52.82 -7.99
C LEU H 191 32.12 54.02 -8.70
N ASP H 192 31.20 53.80 -9.63
CA ASP H 192 30.53 54.88 -10.34
C ASP H 192 29.28 55.37 -9.62
N HIS H 193 28.85 54.71 -8.55
CA HIS H 193 27.64 55.09 -7.81
C HIS H 193 26.44 55.18 -8.75
N SER H 194 26.25 54.13 -9.55
CA SER H 194 25.24 54.13 -10.60
C SER H 194 24.29 52.95 -10.42
N GLY H 195 23.08 53.11 -10.94
CA GLY H 195 22.07 52.08 -10.88
C GLY H 195 21.66 51.78 -9.45
N PRO H 196 21.35 50.50 -9.19
CA PRO H 196 20.92 50.12 -7.84
C PRO H 196 21.92 50.47 -6.77
N HIS H 197 23.22 50.41 -7.08
CA HIS H 197 24.24 50.82 -6.12
C HIS H 197 23.93 52.20 -5.58
N LYS H 198 23.66 53.16 -6.49
CA LYS H 198 23.32 54.51 -6.05
C LYS H 198 22.14 54.48 -5.10
N GLU H 199 21.06 53.80 -5.49
CA GLU H 199 19.89 53.71 -4.62
C GLU H 199 20.28 53.13 -3.27
N ALA H 200 21.09 52.07 -3.29
CA ALA H 200 21.54 51.45 -2.05
C ALA H 200 22.16 52.49 -1.13
N GLU H 201 23.07 53.30 -1.67
CA GLU H 201 23.71 54.33 -0.85
C GLU H 201 22.68 55.23 -0.22
N GLU H 202 21.73 55.73 -1.03
CA GLU H 202 20.71 56.61 -0.48
C GLU H 202 19.92 55.88 0.59
N TYR H 203 19.56 54.62 0.32
CA TYR H 203 18.88 53.82 1.33
C TYR H 203 19.66 53.82 2.63
N ILE H 204 20.94 53.48 2.53
CA ILE H 204 21.78 53.44 3.74
C ILE H 204 21.80 54.81 4.39
N ALA H 205 21.94 55.87 3.59
CA ALA H 205 22.03 57.21 4.16
C ALA H 205 20.79 57.56 4.95
N ARG H 206 19.62 57.09 4.50
CA ARG H 206 18.41 57.38 5.26
C ARG H 206 18.33 56.53 6.52
N THR H 207 18.81 55.29 6.45
CA THR H 207 18.66 54.38 7.58
C THR H 207 19.55 54.78 8.76
N PHE H 208 20.75 55.30 8.48
CA PHE H 208 21.72 55.58 9.52
C PHE H 208 21.79 57.05 9.91
N ASN H 209 20.84 57.87 9.45
CA ASN H 209 20.80 59.30 9.77
C ASN H 209 22.07 60.00 9.29
N ALA H 210 22.33 59.88 8.00
CA ALA H 210 23.52 60.47 7.40
C ALA H 210 23.11 61.26 6.17
N GLU H 211 23.87 62.33 5.90
CA GLU H 211 23.64 63.07 4.66
C GLU H 211 24.17 62.27 3.47
N ARG H 212 25.36 61.70 3.59
CA ARG H 212 25.91 60.87 2.53
C ARG H 212 26.48 59.59 3.13
N SER H 213 26.39 58.50 2.36
CA SER H 213 26.88 57.21 2.81
C SER H 213 27.67 56.53 1.70
N TYR H 214 28.77 55.89 2.09
CA TYR H 214 29.63 55.16 1.17
C TYR H 214 29.87 53.76 1.72
N MET H 215 29.83 52.77 0.83
CA MET H 215 30.04 51.39 1.23
C MET H 215 31.46 50.98 0.89
N VAL H 216 32.14 50.40 1.89
CA VAL H 216 33.53 49.97 1.77
C VAL H 216 33.56 48.46 1.89
N THR H 217 34.29 47.80 0.99
CA THR H 217 34.41 46.35 1.00
C THR H 217 35.74 45.86 1.58
N ASN H 218 36.52 46.75 2.19
CA ASN H 218 37.79 46.36 2.80
C ASN H 218 37.88 46.79 4.25
N GLY H 219 36.73 46.93 4.90
CA GLY H 219 36.70 47.15 6.34
C GLY H 219 36.91 48.60 6.76
N THR H 220 36.77 48.80 8.07
CA THR H 220 36.95 50.12 8.66
C THR H 220 38.39 50.60 8.54
N SER H 221 39.35 49.68 8.39
CA SER H 221 40.72 50.12 8.10
C SER H 221 40.76 50.97 6.85
N THR H 222 40.19 50.45 5.75
CA THR H 222 40.14 51.19 4.50
C THR H 222 39.24 52.41 4.60
N ALA H 223 38.13 52.30 5.33
CA ALA H 223 37.26 53.46 5.50
C ALA H 223 37.98 54.60 6.22
N ASN H 224 38.72 54.27 7.28
CA ASN H 224 39.52 55.27 7.99
C ASN H 224 40.56 55.88 7.09
N LYS H 225 41.23 55.05 6.28
CA LYS H 225 42.24 55.60 5.37
C LYS H 225 41.61 56.55 4.36
N ILE H 226 40.43 56.20 3.85
CA ILE H 226 39.76 57.07 2.88
C ILE H 226 39.43 58.42 3.51
N VAL H 227 38.81 58.39 4.70
CA VAL H 227 38.41 59.62 5.35
C VAL H 227 39.64 60.47 5.69
N GLY H 228 40.68 59.84 6.24
CA GLY H 228 41.87 60.58 6.61
C GLY H 228 42.59 61.18 5.41
N MET H 229 42.71 60.41 4.33
CA MET H 229 43.39 60.92 3.14
C MET H 229 42.62 62.08 2.54
N TYR H 230 41.29 62.00 2.49
CA TYR H 230 40.54 63.13 1.98
C TYR H 230 40.64 64.34 2.90
N SER H 231 40.71 64.14 4.21
CA SER H 231 40.68 65.25 5.15
C SER H 231 42.03 65.84 5.47
N ALA H 232 43.13 65.10 5.21
CA ALA H 232 44.46 65.53 5.65
C ALA H 232 45.44 65.50 4.49
N PRO H 233 45.62 66.63 3.82
CA PRO H 233 46.63 66.70 2.76
C PRO H 233 48.03 66.65 3.34
N ALA H 234 49.00 66.32 2.48
CA ALA H 234 50.39 66.23 2.90
C ALA H 234 50.85 67.56 3.50
N GLY H 235 51.52 67.47 4.64
CA GLY H 235 51.99 68.64 5.35
C GLY H 235 51.06 69.18 6.41
N SER H 236 49.86 68.62 6.54
CA SER H 236 48.89 69.09 7.51
C SER H 236 49.09 68.43 8.87
N THR H 237 48.49 69.04 9.88
CA THR H 237 48.51 68.53 11.24
C THR H 237 47.15 67.92 11.57
N VAL H 238 47.18 66.76 12.23
CA VAL H 238 45.97 66.02 12.57
C VAL H 238 45.98 65.67 14.05
N LEU H 239 44.86 65.89 14.71
CA LEU H 239 44.67 65.40 16.07
C LEU H 239 44.22 63.95 16.00
N ILE H 240 44.93 63.07 16.71
CA ILE H 240 44.71 61.63 16.63
C ILE H 240 44.51 61.10 18.04
N ASP H 241 43.44 60.33 18.24
CA ASP H 241 43.28 59.61 19.49
C ASP H 241 44.42 58.63 19.68
N ARG H 242 45.02 58.64 20.87
CA ARG H 242 46.05 57.65 21.16
C ARG H 242 45.47 56.25 21.22
N ASN H 243 44.18 56.13 21.55
CA ASN H 243 43.46 54.88 21.49
C ASN H 243 42.94 54.66 20.08
N CYS H 244 43.82 54.77 19.09
CA CYS H 244 43.45 54.60 17.69
C CYS H 244 43.79 53.20 17.19
N HIS H 245 43.03 52.75 16.21
CA HIS H 245 43.33 51.48 15.57
C HIS H 245 44.60 51.62 14.73
N LYS H 246 45.23 50.47 14.46
CA LYS H 246 46.47 50.48 13.69
C LYS H 246 46.29 51.06 12.30
N SER H 247 45.06 51.13 11.79
CA SER H 247 44.83 51.69 10.47
C SER H 247 45.14 53.19 10.43
N LEU H 248 44.87 53.91 11.53
CA LEU H 248 45.25 55.31 11.59
C LEU H 248 46.76 55.46 11.51
N THR H 249 47.49 54.57 12.20
CA THR H 249 48.95 54.58 12.10
C THR H 249 49.41 54.28 10.68
N HIS H 250 48.76 53.34 10.01
CA HIS H 250 49.11 53.05 8.62
C HIS H 250 48.86 54.25 7.72
N LEU H 251 47.75 54.96 7.95
CA LEU H 251 47.48 56.18 7.18
C LEU H 251 48.56 57.22 7.43
N MET H 252 49.00 57.35 8.67
CA MET H 252 50.08 58.29 8.99
C MET H 252 51.39 57.90 8.33
N MET H 253 51.67 56.59 8.26
CA MET H 253 52.86 56.15 7.53
C MET H 253 52.70 56.29 6.03
N MET H 254 51.47 56.40 5.53
CA MET H 254 51.23 56.54 4.11
C MET H 254 51.32 57.99 3.66
N SER H 255 50.85 58.92 4.48
CA SER H 255 50.79 60.33 4.14
C SER H 255 51.62 61.14 5.12
N ASP H 256 52.35 62.13 4.60
CA ASP H 256 53.19 62.99 5.43
C ASP H 256 52.31 63.98 6.17
N ILE H 257 51.79 63.54 7.32
CA ILE H 257 50.95 64.36 8.18
C ILE H 257 51.55 64.36 9.58
N THR H 258 51.50 65.50 10.25
CA THR H 258 52.05 65.64 11.59
C THR H 258 50.98 65.29 12.61
N PRO H 259 51.21 64.34 13.50
CA PRO H 259 50.20 63.98 14.51
C PRO H 259 50.38 64.72 15.82
N ILE H 260 49.23 65.07 16.42
CA ILE H 260 49.16 65.55 17.79
C ILE H 260 48.19 64.64 18.52
N TYR H 261 48.68 63.97 19.55
CA TYR H 261 47.96 62.85 20.16
C TYR H 261 47.09 63.31 21.32
N PHE H 262 45.82 62.92 21.29
CA PHE H 262 44.97 62.99 22.46
C PHE H 262 45.48 61.97 23.49
N ARG H 263 45.19 62.23 24.76
CA ARG H 263 45.67 61.39 25.85
C ARG H 263 44.49 60.80 26.61
N PRO H 264 44.04 59.60 26.24
CA PRO H 264 42.98 58.94 26.99
C PRO H 264 43.51 58.39 28.31
N THR H 265 42.58 57.98 29.16
CA THR H 265 42.89 57.47 30.48
C THR H 265 42.84 55.94 30.49
N ARG H 266 43.10 55.36 31.66
CA ARG H 266 43.05 53.91 31.84
C ARG H 266 42.86 53.61 33.31
N ASN H 267 42.46 52.39 33.61
CA ASN H 267 42.28 51.92 34.97
C ASN H 267 43.28 50.80 35.27
N ALA H 268 43.15 50.22 36.46
CA ALA H 268 44.08 49.16 36.87
C ALA H 268 43.90 47.90 36.03
N TYR H 269 42.68 47.61 35.59
CA TYR H 269 42.41 46.46 34.75
C TYR H 269 43.05 46.58 33.36
N GLY H 270 43.52 47.77 32.99
CA GLY H 270 43.99 47.99 31.65
C GLY H 270 42.92 48.41 30.67
N ILE H 271 41.69 48.60 31.14
CA ILE H 271 40.62 49.07 30.26
C ILE H 271 40.91 50.51 29.85
N LEU H 272 40.82 50.78 28.56
CA LEU H 272 41.09 52.11 28.04
C LEU H 272 39.92 53.04 28.34
N GLY H 273 40.23 54.19 28.95
CA GLY H 273 39.24 55.18 29.26
C GLY H 273 39.10 56.21 28.16
N GLY H 274 38.19 57.15 28.38
CA GLY H 274 37.96 58.20 27.42
C GLY H 274 38.94 59.34 27.56
N ILE H 275 39.01 60.15 26.50
CA ILE H 275 39.86 61.35 26.52
C ILE H 275 39.21 62.38 27.43
N PRO H 276 39.94 62.93 28.41
CA PRO H 276 39.35 63.98 29.26
C PRO H 276 38.98 65.21 28.44
N LYS H 277 37.97 65.93 28.91
CA LYS H 277 37.45 67.08 28.17
C LYS H 277 38.51 68.14 27.95
N SER H 278 39.48 68.26 28.84
CA SER H 278 40.51 69.29 28.71
C SER H 278 41.29 69.14 27.42
N GLU H 279 41.53 67.91 26.98
CA GLU H 279 42.27 67.69 25.74
C GLU H 279 41.52 68.20 24.52
N PHE H 280 40.22 68.42 24.63
CA PHE H 280 39.42 68.95 23.53
C PHE H 280 39.38 70.47 23.50
N GLN H 281 40.02 71.14 24.46
CA GLN H 281 39.96 72.59 24.55
C GLN H 281 40.96 73.24 23.60
N HIS H 282 40.64 74.48 23.18
CA HIS H 282 41.46 75.19 22.21
C HIS H 282 42.85 75.49 22.77
N ASP H 283 42.92 75.90 24.04
CA ASP H 283 44.22 76.27 24.62
C ASP H 283 45.16 75.08 24.66
N THR H 284 44.67 73.91 25.07
CA THR H 284 45.51 72.72 25.12
C THR H 284 46.05 72.35 23.75
N ILE H 285 45.18 72.38 22.73
CA ILE H 285 45.60 72.06 21.38
C ILE H 285 46.62 73.07 20.87
N ALA H 286 46.40 74.35 21.18
CA ALA H 286 47.34 75.38 20.74
C ALA H 286 48.71 75.20 21.38
N GLU H 287 48.74 74.87 22.68
CA GLU H 287 50.03 74.63 23.33
C GLU H 287 50.72 73.41 22.74
N ARG H 288 49.96 72.35 22.44
CA ARG H 288 50.57 71.19 21.80
C ARG H 288 51.13 71.54 20.42
N VAL H 289 50.40 72.37 19.67
CA VAL H 289 50.88 72.80 18.36
C VAL H 289 52.19 73.56 18.49
N ALA H 290 52.25 74.47 19.47
CA ALA H 290 53.46 75.24 19.70
C ALA H 290 54.62 74.33 20.09
N GLN H 291 54.36 73.31 20.91
CA GLN H 291 55.41 72.40 21.33
C GLN H 291 55.80 71.40 20.24
N THR H 292 54.92 71.14 19.28
CA THR H 292 55.20 70.15 18.25
C THR H 292 55.88 70.81 17.06
N PRO H 293 57.08 70.39 16.67
CA PRO H 293 57.75 71.02 15.53
C PRO H 293 57.09 70.65 14.21
N ASN H 294 57.09 71.62 13.29
CA ASN H 294 56.46 71.48 11.98
C ASN H 294 54.98 71.17 12.10
N ALA H 295 54.33 71.76 13.11
CA ALA H 295 52.91 71.57 13.34
C ALA H 295 52.18 72.89 13.25
N THR H 296 51.11 72.93 12.49
CA THR H 296 50.21 74.07 12.39
C THR H 296 48.90 73.70 13.09
N TRP H 297 47.90 74.57 12.99
CA TRP H 297 46.61 74.25 13.59
C TRP H 297 46.01 73.05 12.89
N PRO H 298 45.59 72.02 13.64
CA PRO H 298 45.11 70.79 13.00
C PRO H 298 43.89 71.03 12.12
N VAL H 299 43.86 70.34 10.98
CA VAL H 299 42.74 70.42 10.05
C VAL H 299 41.84 69.20 10.12
N HIS H 300 42.23 68.17 10.86
CA HIS H 300 41.46 66.95 10.98
C HIS H 300 41.59 66.42 12.40
N ALA H 301 40.57 65.71 12.86
CA ALA H 301 40.56 65.16 14.21
C ALA H 301 39.89 63.79 14.18
N VAL H 302 40.55 62.80 14.78
CA VAL H 302 40.08 61.43 14.82
C VAL H 302 39.92 61.02 16.28
N VAL H 303 38.73 60.56 16.62
CA VAL H 303 38.38 60.08 17.96
C VAL H 303 37.77 58.69 17.84
N THR H 304 38.19 57.78 18.72
CA THR H 304 37.64 56.43 18.75
C THR H 304 36.39 56.43 19.63
N ASN H 305 35.23 56.18 19.03
CA ASN H 305 33.98 56.18 19.77
C ASN H 305 33.07 55.11 19.19
N SER H 306 32.80 54.06 19.96
CA SER H 306 33.30 53.95 21.32
C SER H 306 34.61 53.17 21.38
N THR H 307 35.11 52.98 22.60
CA THR H 307 36.30 52.19 22.83
C THR H 307 35.98 50.70 22.68
N TYR H 308 37.04 49.88 22.72
CA TYR H 308 36.87 48.44 22.64
C TYR H 308 36.01 47.91 23.78
N ASP H 309 36.12 48.50 24.97
CA ASP H 309 35.37 48.05 26.12
C ASP H 309 33.98 48.67 26.21
N GLY H 310 33.62 49.56 25.28
CA GLY H 310 32.29 50.12 25.22
C GLY H 310 32.07 51.45 25.92
N LEU H 311 33.08 52.32 25.95
CA LEU H 311 32.94 53.63 26.56
C LEU H 311 32.67 54.65 25.47
N LEU H 312 31.48 55.24 25.49
CA LEU H 312 31.04 56.23 24.51
C LEU H 312 31.19 57.64 25.07
N TYR H 313 31.56 58.57 24.19
CA TYR H 313 31.65 59.98 24.54
C TYR H 313 30.29 60.65 24.35
N ASN H 314 30.09 61.74 25.08
CA ASN H 314 29.00 62.65 24.79
C ASN H 314 29.45 63.48 23.59
N THR H 315 29.03 63.08 22.40
CA THR H 315 29.58 63.66 21.18
C THR H 315 29.13 65.09 20.95
N ASP H 316 28.04 65.54 21.59
CA ASP H 316 27.63 66.93 21.45
C ASP H 316 28.70 67.87 21.98
N TYR H 317 29.30 67.53 23.13
CA TYR H 317 30.35 68.35 23.69
C TYR H 317 31.57 68.40 22.77
N ILE H 318 31.94 67.26 22.19
CA ILE H 318 33.09 67.22 21.29
C ILE H 318 32.82 68.05 20.04
N LYS H 319 31.63 67.92 19.46
CA LYS H 319 31.29 68.69 18.28
C LYS H 319 31.30 70.19 18.56
N GLU H 320 30.83 70.59 19.73
CA GLU H 320 30.79 72.01 20.06
C GLU H 320 32.18 72.55 20.40
N ALA H 321 32.99 71.77 21.10
CA ALA H 321 34.23 72.28 21.69
C ALA H 321 35.46 72.12 20.82
N LEU H 322 35.52 71.08 20.00
CA LEU H 322 36.69 70.80 19.18
C LEU H 322 36.73 71.76 18.00
N ASP H 323 37.63 72.73 18.04
CA ASP H 323 37.73 73.76 17.01
C ASP H 323 38.52 73.24 15.79
N VAL H 324 37.98 72.18 15.19
CA VAL H 324 38.56 71.55 14.02
C VAL H 324 37.48 71.42 12.97
N LYS H 325 37.80 71.82 11.73
CA LYS H 325 36.80 71.83 10.67
C LYS H 325 36.35 70.43 10.26
N SER H 326 37.14 69.40 10.52
CA SER H 326 36.80 68.03 10.15
C SER H 326 36.98 67.13 11.36
N ILE H 327 35.88 66.54 11.83
CA ILE H 327 35.91 65.63 12.97
C ILE H 327 35.42 64.27 12.49
N HIS H 328 36.23 63.24 12.69
CA HIS H 328 35.91 61.88 12.26
C HIS H 328 35.88 60.97 13.48
N PHE H 329 34.76 60.27 13.64
CA PHE H 329 34.57 59.30 14.72
C PHE H 329 34.75 57.90 14.15
N ASP H 330 35.76 57.19 14.64
CA ASP H 330 35.98 55.78 14.33
C ASP H 330 34.98 54.99 15.14
N SER H 331 33.82 54.73 14.55
CA SER H 331 32.71 54.05 15.22
C SER H 331 32.58 52.61 14.78
N ALA H 332 33.72 51.95 14.55
CA ALA H 332 33.71 50.56 14.11
C ALA H 332 32.95 49.66 15.07
N TRP H 333 33.00 49.96 16.37
CA TRP H 333 32.36 49.13 17.37
C TRP H 333 30.92 49.50 17.66
N VAL H 334 30.41 50.61 17.13
CA VAL H 334 29.05 51.02 17.43
C VAL H 334 28.28 51.39 16.16
N PRO H 335 28.02 50.45 15.25
CA PRO H 335 27.18 50.78 14.10
C PRO H 335 25.69 50.75 14.40
N TYR H 336 25.29 50.31 15.60
CA TYR H 336 23.89 50.22 15.97
C TYR H 336 23.33 51.51 16.55
N THR H 337 24.15 52.54 16.74
CA THR H 337 23.61 53.83 17.12
C THR H 337 22.69 54.33 16.01
N ASN H 338 21.78 55.22 16.39
CA ASN H 338 20.66 55.74 15.60
C ASN H 338 19.49 54.75 15.56
N PHE H 339 19.65 53.53 16.07
CA PHE H 339 18.57 52.55 16.08
C PHE H 339 17.99 52.31 17.46
N SER H 340 18.57 52.90 18.51
CA SER H 340 18.02 52.88 19.85
C SER H 340 18.13 54.27 20.44
N PRO H 341 17.10 54.72 21.16
CA PRO H 341 17.16 56.07 21.76
C PRO H 341 18.22 56.23 22.83
N ILE H 342 18.74 55.15 23.42
CA ILE H 342 19.73 55.27 24.47
C ILE H 342 21.06 55.83 23.97
N TYR H 343 21.27 55.84 22.66
CA TYR H 343 22.52 56.34 22.09
C TYR H 343 22.42 57.77 21.59
N LYS H 344 21.32 58.46 21.86
CA LYS H 344 21.18 59.84 21.42
C LYS H 344 22.24 60.71 22.06
N GLY H 345 22.89 61.53 21.25
CA GLY H 345 23.96 62.38 21.73
C GLY H 345 25.27 61.67 22.01
N LEU H 346 25.41 60.41 21.62
CA LEU H 346 26.61 59.63 21.90
C LEU H 346 27.27 59.11 20.62
N CYS H 347 27.02 59.74 19.48
CA CYS H 347 27.60 59.27 18.23
C CYS H 347 27.72 60.44 17.26
N GLY H 348 28.55 60.25 16.24
CA GLY H 348 28.86 61.34 15.32
C GLY H 348 27.66 61.82 14.54
N MET H 349 26.81 60.90 14.09
CA MET H 349 25.65 61.26 13.29
C MET H 349 24.48 61.77 14.13
N SER H 350 24.59 61.73 15.45
CA SER H 350 23.51 62.20 16.31
C SER H 350 23.28 63.69 16.11
N GLY H 351 22.01 64.07 15.96
CA GLY H 351 21.67 65.47 15.76
C GLY H 351 21.72 65.88 14.31
N GLY H 352 22.11 67.12 14.05
CA GLY H 352 22.15 67.62 12.70
C GLY H 352 23.50 68.19 12.28
N ARG H 353 23.48 69.06 11.29
CA ARG H 353 24.71 69.66 10.79
C ARG H 353 25.36 70.53 11.87
N VAL H 354 26.69 70.58 11.84
CA VAL H 354 27.48 71.48 12.65
C VAL H 354 28.03 72.56 11.72
N GLU H 355 27.79 73.81 12.07
CA GLU H 355 28.20 74.91 11.21
C GLU H 355 29.72 74.95 11.06
N GLY H 356 30.18 75.06 9.81
CA GLY H 356 31.59 75.13 9.53
C GLY H 356 32.38 73.87 9.81
N LYS H 357 31.71 72.74 10.00
CA LYS H 357 32.38 71.48 10.32
C LYS H 357 31.77 70.35 9.51
N VAL H 358 32.57 69.32 9.28
CA VAL H 358 32.09 68.10 8.65
C VAL H 358 32.37 66.95 9.62
N ILE H 359 31.34 66.15 9.89
CA ILE H 359 31.42 65.03 10.81
C ILE H 359 31.39 63.74 9.99
N TYR H 360 32.39 62.90 10.21
CA TYR H 360 32.48 61.58 9.61
C TYR H 360 32.25 60.52 10.66
N GLU H 361 31.60 59.44 10.27
CA GLU H 361 31.49 58.24 11.08
C GLU H 361 31.99 57.07 10.24
N THR H 362 32.92 56.30 10.78
CA THR H 362 33.34 55.06 10.12
C THR H 362 32.82 53.91 10.96
N GLN H 363 32.00 53.05 10.36
CA GLN H 363 31.32 51.99 11.08
C GLN H 363 31.65 50.64 10.46
N SER H 364 32.00 49.68 11.30
CA SER H 364 32.17 48.30 10.86
C SER H 364 30.79 47.64 10.90
N THR H 365 30.12 47.62 9.74
CA THR H 365 28.83 46.95 9.65
C THR H 365 28.95 45.47 10.02
N HIS H 366 30.11 44.88 9.74
CA HIS H 366 30.36 43.46 10.00
C HIS H 366 30.82 43.20 11.43
N LYS H 367 30.77 44.18 12.33
CA LYS H 367 31.24 43.96 13.69
C LYS H 367 30.10 43.76 14.67
N LEU H 368 29.09 44.62 14.65
CA LEU H 368 27.98 44.54 15.58
C LEU H 368 26.62 44.47 14.92
N LEU H 369 26.53 44.66 13.61
CA LEU H 369 25.33 44.37 12.86
C LEU H 369 25.50 43.03 12.15
N ALA H 370 24.58 42.69 11.26
CA ALA H 370 24.63 41.42 10.54
C ALA H 370 25.11 41.70 9.12
N ALA H 371 26.38 41.43 8.87
CA ALA H 371 26.96 41.61 7.53
C ALA H 371 28.21 40.75 7.43
N PHE H 372 28.62 40.49 6.19
CA PHE H 372 29.86 39.76 5.95
C PHE H 372 31.06 40.61 6.34
N SER H 373 32.13 39.94 6.74
CA SER H 373 33.36 40.62 7.12
C SER H 373 33.88 41.49 5.98
N GLN H 374 34.52 42.59 6.35
CA GLN H 374 35.06 43.68 5.51
C GLN H 374 33.98 44.66 5.08
N ALA H 375 32.72 44.48 5.48
CA ALA H 375 31.67 45.42 5.15
C ALA H 375 31.76 46.63 6.08
N SER H 376 31.94 47.81 5.51
CA SER H 376 32.11 49.01 6.32
C SER H 376 31.31 50.15 5.68
N MET H 377 31.02 51.15 6.50
CA MET H 377 30.25 52.32 6.06
C MET H 377 31.00 53.60 6.43
N ILE H 378 30.98 54.55 5.52
CA ILE H 378 31.38 55.93 5.79
C ILE H 378 30.12 56.78 5.77
N HIS H 379 29.85 57.48 6.87
CA HIS H 379 28.71 58.37 6.98
C HIS H 379 29.22 59.79 7.09
N VAL H 380 28.64 60.68 6.29
CA VAL H 380 29.10 62.07 6.19
C VAL H 380 27.93 62.98 6.51
N LYS H 381 28.15 63.89 7.45
CA LYS H 381 27.21 64.97 7.78
C LYS H 381 27.97 66.27 7.67
N GLY H 382 27.65 67.07 6.66
CA GLY H 382 28.34 68.30 6.39
C GLY H 382 28.69 68.41 4.92
N ASP H 383 29.49 69.42 4.60
CA ASP H 383 29.82 69.74 3.22
C ASP H 383 31.15 69.10 2.82
N ILE H 384 31.14 68.39 1.70
CA ILE H 384 32.34 67.78 1.15
C ILE H 384 32.37 68.04 -0.35
N ASN H 385 33.58 68.05 -0.91
CA ASN H 385 33.74 68.05 -2.35
C ASN H 385 33.51 66.63 -2.84
N GLU H 386 32.40 66.41 -3.55
CA GLU H 386 32.01 65.06 -3.92
C GLU H 386 33.03 64.41 -4.85
N GLU H 387 33.58 65.17 -5.80
CA GLU H 387 34.52 64.60 -6.75
C GLU H 387 35.83 64.22 -6.07
N THR H 388 36.37 65.12 -5.23
CA THR H 388 37.62 64.81 -4.54
C THR H 388 37.44 63.65 -3.58
N PHE H 389 36.34 63.63 -2.83
CA PHE H 389 36.09 62.52 -1.93
C PHE H 389 35.94 61.22 -2.70
N ASN H 390 35.28 61.28 -3.87
CA ASN H 390 35.13 60.08 -4.68
C ASN H 390 36.48 59.59 -5.20
N GLU H 391 37.40 60.52 -5.51
CA GLU H 391 38.75 60.11 -5.89
C GLU H 391 39.44 59.40 -4.74
N ALA H 392 39.35 59.97 -3.53
CA ALA H 392 39.95 59.33 -2.36
C ALA H 392 39.33 57.96 -2.11
N TYR H 393 38.02 57.85 -2.31
CA TYR H 393 37.31 56.58 -2.18
C TYR H 393 37.78 55.56 -3.21
N MET H 394 37.98 55.99 -4.45
CA MET H 394 38.38 55.07 -5.52
C MET H 394 39.83 54.62 -5.37
N MET H 395 40.69 55.44 -4.77
CA MET H 395 42.08 55.04 -4.61
C MET H 395 42.26 53.90 -3.61
N HIS H 396 41.24 53.55 -2.83
CA HIS H 396 41.35 52.47 -1.87
C HIS H 396 40.37 51.33 -2.08
N THR H 397 39.40 51.48 -2.98
CA THR H 397 38.42 50.44 -3.24
C THR H 397 38.79 49.68 -4.51
N SER H 398 38.71 48.35 -4.45
CA SER H 398 39.04 47.52 -5.59
C SER H 398 38.03 47.71 -6.72
N THR H 399 38.50 47.51 -7.95
CA THR H 399 37.64 47.61 -9.12
C THR H 399 36.77 46.38 -9.31
N SER H 400 36.94 45.36 -8.48
CA SER H 400 36.10 44.16 -8.51
C SER H 400 35.56 43.92 -7.11
N PRO H 401 34.59 44.72 -6.67
CA PRO H 401 34.04 44.53 -5.34
C PRO H 401 33.31 43.20 -5.23
N HIS H 402 33.40 42.61 -4.04
CA HIS H 402 32.64 41.41 -3.73
C HIS H 402 31.18 41.80 -3.56
N TYR H 403 30.33 41.41 -4.51
CA TYR H 403 28.92 41.81 -4.46
C TYR H 403 28.21 41.21 -3.26
N GLY H 404 28.70 40.07 -2.75
CA GLY H 404 28.12 39.52 -1.53
C GLY H 404 28.30 40.45 -0.35
N ILE H 405 29.47 41.07 -0.22
CA ILE H 405 29.71 42.00 0.88
C ILE H 405 28.86 43.25 0.72
N VAL H 406 28.78 43.77 -0.51
CA VAL H 406 27.96 44.95 -0.77
C VAL H 406 26.50 44.69 -0.42
N ALA H 407 26.00 43.52 -0.86
CA ALA H 407 24.62 43.15 -0.55
C ALA H 407 24.43 42.92 0.94
N SER H 408 25.45 42.40 1.63
CA SER H 408 25.35 42.22 3.07
C SER H 408 25.26 43.56 3.79
N THR H 409 25.98 44.57 3.29
CA THR H 409 25.90 45.91 3.85
C THR H 409 24.49 46.48 3.68
N GLU H 410 23.95 46.37 2.46
CA GLU H 410 22.60 46.87 2.22
C GLU H 410 21.56 46.11 3.04
N THR H 411 21.71 44.79 3.15
CA THR H 411 20.78 43.98 3.91
C THR H 411 20.86 44.29 5.41
N ALA H 412 22.07 44.59 5.90
CA ALA H 412 22.22 45.01 7.28
C ALA H 412 21.49 46.32 7.52
N ALA H 413 21.53 47.24 6.56
CA ALA H 413 20.71 48.44 6.70
C ALA H 413 19.22 48.09 6.72
N ALA H 414 18.80 47.16 5.86
CA ALA H 414 17.38 46.80 5.78
C ALA H 414 16.88 46.11 7.04
N MET H 415 17.72 45.31 7.70
CA MET H 415 17.32 44.60 8.90
C MET H 415 16.96 45.54 10.04
N MET H 416 17.47 46.76 10.02
CA MET H 416 17.19 47.72 11.08
C MET H 416 15.86 48.43 10.91
N LYS H 417 15.19 48.26 9.77
CA LYS H 417 13.96 48.98 9.49
C LYS H 417 12.75 48.34 10.14
N GLY H 418 11.87 49.18 10.66
CA GLY H 418 10.57 48.74 11.14
C GLY H 418 10.55 48.17 12.54
N ASN H 419 9.37 47.65 12.88
CA ASN H 419 9.18 47.03 14.19
C ASN H 419 10.09 45.83 14.38
N ALA H 420 10.38 45.09 13.32
CA ALA H 420 11.28 43.95 13.44
C ALA H 420 12.68 44.41 13.86
N GLY H 421 13.21 45.44 13.21
CA GLY H 421 14.53 45.94 13.57
C GLY H 421 14.56 46.56 14.96
N LYS H 422 13.52 47.33 15.29
CA LYS H 422 13.45 47.90 16.64
C LYS H 422 13.43 46.81 17.69
N ARG H 423 12.66 45.74 17.45
CA ARG H 423 12.62 44.62 18.38
C ARG H 423 13.97 43.93 18.45
N LEU H 424 14.67 43.81 17.31
CA LEU H 424 16.00 43.20 17.33
C LEU H 424 16.94 43.97 18.24
N ILE H 425 17.04 45.29 18.05
CA ILE H 425 17.98 46.09 18.84
C ILE H 425 17.57 46.10 20.31
N ASN H 426 16.28 46.33 20.58
CA ASN H 426 15.81 46.38 21.96
C ASN H 426 16.00 45.05 22.66
N GLY H 427 15.72 43.95 21.97
CA GLY H 427 15.92 42.64 22.56
C GLY H 427 17.38 42.35 22.84
N SER H 428 18.27 42.78 21.95
CA SER H 428 19.69 42.59 22.22
C SER H 428 20.13 43.36 23.46
N ILE H 429 19.66 44.61 23.60
CA ILE H 429 20.00 45.40 24.78
C ILE H 429 19.45 44.75 26.05
N GLU H 430 18.18 44.32 25.98
CA GLU H 430 17.54 43.72 27.15
C GLU H 430 18.19 42.40 27.53
N ARG H 431 18.61 41.61 26.54
CA ARG H 431 19.33 40.37 26.80
C ARG H 431 20.66 40.65 27.49
N ALA H 432 21.39 41.66 27.00
CA ALA H 432 22.66 42.00 27.64
C ALA H 432 22.44 42.42 29.10
N ILE H 433 21.42 43.24 29.34
CA ILE H 433 21.16 43.72 30.70
C ILE H 433 20.72 42.58 31.60
N ARG H 434 19.91 41.65 31.08
CA ARG H 434 19.51 40.50 31.87
C ARG H 434 20.71 39.65 32.24
N PHE H 435 21.62 39.44 31.29
CA PHE H 435 22.84 38.69 31.58
C PHE H 435 23.68 39.39 32.64
N ARG H 436 23.79 40.72 32.56
CA ARG H 436 24.56 41.47 33.54
C ARG H 436 23.95 41.32 34.94
N LYS H 437 22.62 41.46 35.03
CA LYS H 437 21.96 41.31 36.31
C LYS H 437 22.12 39.90 36.86
N GLU H 438 22.07 38.90 35.98
CA GLU H 438 22.26 37.53 36.44
C GLU H 438 23.68 37.29 36.94
N ILE H 439 24.67 37.90 36.29
CA ILE H 439 26.04 37.79 36.78
C ILE H 439 26.16 38.40 38.17
N LYS H 440 25.55 39.58 38.37
CA LYS H 440 25.56 40.19 39.70
C LYS H 440 24.89 39.30 40.73
N ARG H 441 23.72 38.73 40.37
CA ARG H 441 22.98 37.87 41.30
C ARG H 441 23.79 36.64 41.67
N LEU H 442 24.41 35.99 40.68
CA LEU H 442 25.24 34.82 40.96
C LEU H 442 26.43 35.19 41.83
N ASN H 443 27.04 36.34 41.58
CA ASN H 443 28.17 36.77 42.40
C ASN H 443 27.73 36.97 43.85
N SER H 444 26.56 37.56 44.06
CA SER H 444 26.04 37.71 45.42
C SER H 444 25.71 36.35 46.04
N GLU H 445 25.12 35.46 45.25
CA GLU H 445 24.76 34.14 45.74
C GLU H 445 25.96 33.23 45.95
N SER H 446 27.07 33.52 45.27
CA SER H 446 28.23 32.64 45.32
C SER H 446 28.91 32.70 46.68
N GLU H 447 29.34 31.53 47.15
CA GLU H 447 30.22 31.44 48.31
C GLU H 447 31.64 31.36 47.79
N GLY H 448 32.48 32.29 48.22
CA GLY H 448 33.81 32.38 47.66
C GLY H 448 33.84 33.24 46.41
N TRP H 449 34.88 33.03 45.62
CA TRP H 449 35.10 33.84 44.42
C TRP H 449 34.07 33.52 43.34
N PHE H 450 33.74 34.53 42.55
CA PHE H 450 32.94 34.35 41.36
C PHE H 450 33.23 35.49 40.39
N PHE H 451 32.89 35.26 39.13
CA PHE H 451 33.07 36.28 38.10
C PHE H 451 32.22 37.51 38.41
N ASP H 452 32.79 38.68 38.19
CA ASP H 452 32.11 39.95 38.33
C ASP H 452 31.91 40.59 36.96
N VAL H 453 31.13 41.66 36.92
CA VAL H 453 30.87 42.38 35.69
C VAL H 453 31.23 43.85 35.91
N TRP H 454 31.97 44.43 34.97
CA TRP H 454 32.44 45.81 35.02
C TRP H 454 31.28 46.73 34.68
N GLN H 455 30.57 47.19 35.70
CA GLN H 455 29.34 47.93 35.48
C GLN H 455 28.98 48.66 36.77
N PRO H 456 28.04 49.61 36.71
CA PRO H 456 27.57 50.25 37.95
C PRO H 456 26.84 49.28 38.85
N GLU H 457 26.77 49.65 40.13
CA GLU H 457 26.29 48.75 41.16
C GLU H 457 24.82 48.37 40.96
N GLY H 458 23.98 49.33 40.62
CA GLY H 458 22.54 49.09 40.58
C GLY H 458 21.84 49.24 39.25
N ILE H 459 22.41 48.70 38.17
CA ILE H 459 21.81 48.86 36.84
C ILE H 459 20.37 48.35 36.86
N ASP H 460 19.44 49.21 36.44
CA ASP H 460 18.03 48.85 36.43
C ASP H 460 17.43 48.86 35.03
N GLU H 461 17.46 50.00 34.33
CA GLU H 461 16.77 50.15 33.06
C GLU H 461 17.76 50.19 31.90
N ALA H 462 17.22 50.11 30.70
CA ALA H 462 18.02 50.12 29.48
C ALA H 462 18.49 51.53 29.19
N LYS H 463 19.80 51.75 29.29
CA LYS H 463 20.41 53.05 29.02
C LYS H 463 21.93 52.85 29.06
N CYS H 464 22.64 53.86 28.56
CA CYS H 464 24.09 53.88 28.65
C CYS H 464 24.45 54.56 29.97
N TRP H 465 24.97 53.78 30.91
CA TRP H 465 25.19 54.27 32.25
C TRP H 465 26.35 55.25 32.29
N PRO H 466 26.16 56.47 32.80
CA PRO H 466 27.26 57.43 32.87
C PRO H 466 28.30 57.01 33.89
N LEU H 467 29.55 57.42 33.64
CA LEU H 467 30.66 57.17 34.54
C LEU H 467 30.85 58.41 35.39
N ASP H 468 30.45 58.32 36.66
CA ASP H 468 30.54 59.44 37.58
C ASP H 468 31.81 59.34 38.42
N SER H 469 32.28 60.49 38.89
CA SER H 469 33.48 60.52 39.72
C SER H 469 33.22 60.03 41.14
N LYS H 470 31.96 60.01 41.57
CA LYS H 470 31.65 59.51 42.91
C LYS H 470 31.89 58.01 43.01
N ASP H 471 31.37 57.25 42.05
CA ASP H 471 31.52 55.80 42.05
C ASP H 471 32.94 55.40 41.65
N ASN H 472 33.34 54.21 42.10
CA ASN H 472 34.67 53.69 41.82
C ASN H 472 34.65 52.36 41.08
N TRP H 473 33.50 51.98 40.51
CA TRP H 473 33.43 50.72 39.79
C TRP H 473 34.27 50.74 38.52
N HIS H 474 34.34 51.89 37.84
CA HIS H 474 35.05 51.97 36.58
C HIS H 474 36.56 52.12 36.74
N GLY H 475 37.04 52.42 37.94
CA GLY H 475 38.47 52.47 38.19
C GLY H 475 39.21 53.66 37.64
N PHE H 476 38.51 54.65 37.09
CA PHE H 476 39.15 55.83 36.54
C PHE H 476 39.26 56.91 37.63
N LYS H 477 40.37 57.64 37.61
CA LYS H 477 40.67 58.62 38.63
C LYS H 477 40.32 60.02 38.14
N ASP H 478 39.46 60.70 38.89
CA ASP H 478 39.05 62.07 38.60
C ASP H 478 38.50 62.22 37.19
N ILE H 479 37.41 61.50 36.94
CA ILE H 479 36.78 61.51 35.62
C ILE H 479 35.82 62.69 35.52
N ASP H 480 35.71 63.24 34.32
CA ASP H 480 34.74 64.29 34.07
C ASP H 480 33.33 63.70 34.09
N ASN H 481 32.38 64.47 34.60
CA ASN H 481 31.00 64.03 34.68
C ASN H 481 30.27 64.36 33.39
N ASP H 482 29.25 63.55 33.08
CA ASP H 482 28.48 63.67 31.84
C ASP H 482 29.39 63.60 30.62
N HIS H 483 30.43 62.77 30.72
CA HIS H 483 31.44 62.66 29.67
C HIS H 483 31.50 61.27 29.07
N MET H 484 31.64 60.23 29.89
CA MET H 484 31.77 58.86 29.40
C MET H 484 30.57 58.03 29.85
N TYR H 485 30.08 57.18 28.94
CA TYR H 485 28.95 56.31 29.21
C TYR H 485 29.31 54.89 28.83
N LEU H 486 28.67 53.92 29.47
CA LEU H 486 28.94 52.51 29.23
C LEU H 486 27.83 51.88 28.39
N ASP H 487 28.23 51.26 27.28
CA ASP H 487 27.30 50.56 26.40
C ASP H 487 26.93 49.22 27.02
N PRO H 488 25.64 48.95 27.26
CA PRO H 488 25.26 47.65 27.83
C PRO H 488 25.59 46.47 26.93
N ILE H 489 25.73 46.68 25.63
CA ILE H 489 26.01 45.58 24.70
C ILE H 489 27.37 44.96 24.98
N LYS H 490 28.36 45.78 25.29
CA LYS H 490 29.74 45.32 25.49
C LYS H 490 29.90 44.90 26.95
N VAL H 491 29.82 43.59 27.21
CA VAL H 491 29.80 43.07 28.57
C VAL H 491 31.22 42.63 28.94
N THR H 492 31.79 43.28 29.95
CA THR H 492 33.13 42.95 30.42
C THR H 492 33.00 42.18 31.74
N LEU H 493 33.37 40.92 31.71
CA LEU H 493 33.40 40.10 32.93
C LEU H 493 34.79 40.21 33.55
N LEU H 494 34.83 40.24 34.87
CA LEU H 494 36.06 40.38 35.63
C LEU H 494 36.39 39.10 36.37
N THR H 495 37.63 38.70 36.30
CA THR H 495 38.13 37.57 37.05
C THR H 495 38.90 38.07 38.28
N PRO H 496 38.89 37.30 39.37
CA PRO H 496 39.56 37.78 40.59
C PRO H 496 41.06 37.91 40.40
N GLY H 497 41.66 38.81 41.18
CA GLY H 497 43.08 39.07 41.10
C GLY H 497 43.43 40.52 41.33
N MET H 498 42.42 41.39 41.23
CA MET H 498 42.59 42.81 41.49
C MET H 498 41.70 43.23 42.65
N GLN H 499 42.08 44.32 43.29
CA GLN H 499 41.34 44.87 44.43
C GLN H 499 40.59 46.13 44.01
N LYS H 500 39.72 46.59 44.91
CA LYS H 500 38.90 47.76 44.61
C LYS H 500 39.74 49.02 44.49
N ASP H 501 40.90 49.06 45.14
CA ASP H 501 41.77 50.23 45.11
C ASP H 501 42.76 50.21 43.96
N GLY H 502 42.72 49.19 43.11
CA GLY H 502 43.61 49.09 41.96
C GLY H 502 44.82 48.22 42.18
N SER H 503 45.11 47.82 43.41
CA SER H 503 46.25 46.97 43.68
C SER H 503 45.91 45.51 43.42
N MET H 504 46.95 44.67 43.41
CA MET H 504 46.79 43.25 43.19
C MET H 504 46.38 42.54 44.48
N ALA H 505 45.73 41.40 44.31
CA ALA H 505 45.32 40.55 45.42
C ALA H 505 46.32 39.40 45.59
N ASP H 506 46.22 38.73 46.73
CA ASP H 506 47.12 37.61 47.00
C ASP H 506 46.91 36.48 46.01
N THR H 507 45.66 36.14 45.72
CA THR H 507 45.32 35.12 44.74
C THR H 507 44.63 35.77 43.55
N GLY H 508 44.57 35.03 42.46
CA GLY H 508 43.92 35.53 41.26
C GLY H 508 43.85 34.46 40.20
N ILE H 509 42.89 34.64 39.29
CA ILE H 509 42.73 33.74 38.16
C ILE H 509 42.87 34.56 36.88
N PRO H 510 43.98 34.44 36.16
CA PRO H 510 44.13 35.18 34.91
C PRO H 510 43.05 34.81 33.91
N ALA H 511 42.50 35.83 33.25
CA ALA H 511 41.36 35.62 32.37
C ALA H 511 41.71 34.78 31.16
N SER H 512 43.00 34.68 30.80
CA SER H 512 43.39 33.86 29.66
C SER H 512 43.08 32.38 29.90
N ILE H 513 43.23 31.92 31.14
CA ILE H 513 42.91 30.53 31.47
C ILE H 513 41.41 30.28 31.28
N VAL H 514 40.58 31.22 31.73
CA VAL H 514 39.13 31.08 31.54
C VAL H 514 38.77 31.13 30.06
N SER H 515 39.46 31.98 29.30
CA SER H 515 39.22 32.04 27.86
C SER H 515 39.56 30.72 27.19
N LYS H 516 40.68 30.11 27.56
CA LYS H 516 41.04 28.81 27.01
C LYS H 516 40.02 27.75 27.40
N TYR H 517 39.57 27.77 28.66
CA TYR H 517 38.56 26.81 29.09
C TYR H 517 37.28 26.97 28.30
N LEU H 518 36.85 28.21 28.06
CA LEU H 518 35.65 28.45 27.27
C LEU H 518 35.81 27.98 25.83
N ASP H 519 36.98 28.25 25.24
CA ASP H 519 37.26 27.77 23.88
C ASP H 519 37.20 26.26 23.81
N GLU H 520 37.75 25.58 24.83
CA GLU H 520 37.67 24.12 24.88
C GLU H 520 36.23 23.63 24.91
N HIS H 521 35.32 24.43 25.48
CA HIS H 521 33.91 24.07 25.58
C HIS H 521 33.04 24.83 24.59
N GLY H 522 33.61 25.21 23.44
CA GLY H 522 32.83 25.77 22.36
C GLY H 522 32.35 27.19 22.53
N ILE H 523 33.04 27.99 23.34
CA ILE H 523 32.69 29.39 23.55
C ILE H 523 33.91 30.25 23.23
N ILE H 524 33.72 31.21 22.33
CA ILE H 524 34.80 32.08 21.87
C ILE H 524 34.56 33.48 22.42
N VAL H 525 35.53 33.98 23.18
CA VAL H 525 35.46 35.34 23.70
C VAL H 525 36.00 36.30 22.65
N GLU H 526 35.50 37.54 22.67
CA GLU H 526 35.97 38.55 21.74
C GLU H 526 37.44 38.86 21.96
N LYS H 527 37.82 39.18 23.20
CA LYS H 527 39.20 39.44 23.53
C LYS H 527 39.38 39.24 25.03
N THR H 528 40.63 39.01 25.43
CA THR H 528 40.96 38.71 26.82
C THR H 528 42.07 39.64 27.29
N GLY H 529 41.83 40.31 28.42
CA GLY H 529 42.86 41.08 29.08
C GLY H 529 43.47 40.27 30.20
N PRO H 530 44.35 40.89 31.00
CA PRO H 530 44.96 40.15 32.11
C PRO H 530 43.95 39.58 33.09
N TYR H 531 42.90 40.33 33.40
CA TYR H 531 41.87 39.86 34.33
C TYR H 531 40.46 40.24 33.87
N ASN H 532 40.27 40.48 32.58
CA ASN H 532 38.96 40.82 32.06
C ASN H 532 38.71 40.04 30.77
N MET H 533 37.44 39.76 30.51
CA MET H 533 37.01 39.08 29.31
C MET H 533 35.87 39.87 28.70
N LEU H 534 35.92 40.08 27.39
CA LEU H 534 34.91 40.87 26.69
C LEU H 534 33.99 39.95 25.92
N PHE H 535 32.68 40.13 26.11
CA PHE H 535 31.66 39.42 25.35
C PHE H 535 30.80 40.45 24.65
N LEU H 536 30.48 40.18 23.40
CA LEU H 536 29.63 41.05 22.60
C LEU H 536 28.23 40.47 22.60
N PHE H 537 27.29 41.22 23.13
CA PHE H 537 25.88 40.81 23.12
C PHE H 537 25.18 41.51 21.96
N SER H 538 25.58 41.12 20.76
CA SER H 538 25.07 41.68 19.52
C SER H 538 23.67 41.13 19.22
N ILE H 539 23.13 41.54 18.07
CA ILE H 539 21.84 41.03 17.62
C ILE H 539 21.89 39.54 17.33
N GLY H 540 23.08 38.96 17.20
CA GLY H 540 23.27 37.55 16.98
C GLY H 540 23.37 36.69 18.22
N ILE H 541 23.24 37.27 19.41
CA ILE H 541 23.27 36.51 20.65
C ILE H 541 21.83 36.24 21.08
N ASP H 542 21.53 34.97 21.31
CA ASP H 542 20.21 34.51 21.72
C ASP H 542 20.24 33.99 23.16
N LYS H 543 19.06 33.62 23.66
CA LYS H 543 18.95 33.15 25.04
C LYS H 543 19.72 31.84 25.23
N THR H 544 19.73 30.98 24.22
CA THR H 544 20.43 29.71 24.31
C THR H 544 21.92 29.91 24.56
N LYS H 545 22.54 30.82 23.79
CA LYS H 545 23.97 31.07 23.96
C LYS H 545 24.28 31.72 25.30
N ALA H 546 23.42 32.62 25.77
CA ALA H 546 23.65 33.25 27.07
C ALA H 546 23.57 32.22 28.20
N LEU H 547 22.57 31.34 28.16
CA LEU H 547 22.47 30.28 29.16
C LEU H 547 23.65 29.33 29.06
N SER H 548 24.11 29.03 27.84
CA SER H 548 25.30 28.19 27.69
C SER H 548 26.53 28.85 28.29
N LEU H 549 26.68 30.16 28.10
CA LEU H 549 27.81 30.87 28.70
C LEU H 549 27.75 30.83 30.23
N LEU H 550 26.56 31.02 30.80
CA LEU H 550 26.43 30.91 32.26
C LEU H 550 26.80 29.52 32.73
N ARG H 551 26.32 28.48 32.03
CA ARG H 551 26.64 27.11 32.41
C ARG H 551 28.15 26.85 32.34
N ALA H 552 28.81 27.38 31.31
CA ALA H 552 30.25 27.17 31.15
C ALA H 552 31.04 27.92 32.23
N LEU H 553 30.60 29.12 32.59
CA LEU H 553 31.30 29.84 33.66
C LEU H 553 31.15 29.12 34.99
N THR H 554 29.94 28.63 35.30
CA THR H 554 29.74 27.87 36.53
C THR H 554 30.56 26.59 36.53
N ASP H 555 30.64 25.91 35.38
CA ASP H 555 31.44 24.70 35.28
C ASP H 555 32.92 25.00 35.47
N PHE H 556 33.40 26.12 34.93
CA PHE H 556 34.79 26.51 35.17
C PHE H 556 35.02 26.72 36.67
N LYS H 557 34.11 27.44 37.33
CA LYS H 557 34.30 27.68 38.76
C LYS H 557 34.35 26.36 39.53
N ARG H 558 33.43 25.44 39.22
CA ARG H 558 33.42 24.15 39.90
C ARG H 558 34.70 23.37 39.67
N SER H 559 35.12 23.28 38.40
CA SER H 559 36.33 22.52 38.07
C SER H 559 37.57 23.14 38.72
N TYR H 560 37.66 24.48 38.71
CA TYR H 560 38.78 25.15 39.35
C TYR H 560 38.80 24.93 40.85
N ASP H 561 37.63 25.01 41.50
CA ASP H 561 37.58 24.78 42.93
C ASP H 561 37.94 23.33 43.27
N LEU H 562 37.61 22.40 42.40
CA LEU H 562 38.05 21.02 42.59
C LEU H 562 39.52 20.81 42.28
N ASN H 563 40.18 21.81 41.69
CA ASN H 563 41.61 21.78 41.39
C ASN H 563 41.95 20.58 40.49
N LEU H 564 41.29 20.52 39.35
CA LEU H 564 41.51 19.42 38.42
C LEU H 564 42.87 19.52 37.76
N ARG H 565 43.30 18.41 37.15
CA ARG H 565 44.56 18.39 36.43
C ARG H 565 44.44 19.21 35.15
N VAL H 566 45.53 19.90 34.80
CA VAL H 566 45.56 20.68 33.56
C VAL H 566 45.39 19.76 32.36
N LYS H 567 45.93 18.54 32.43
CA LYS H 567 45.77 17.56 31.36
C LYS H 567 44.30 17.35 31.02
N ASN H 568 43.43 17.37 32.03
CA ASN H 568 42.01 17.13 31.83
C ASN H 568 41.20 18.42 31.67
N MET H 569 41.55 19.47 32.42
CA MET H 569 40.80 20.73 32.33
C MET H 569 41.06 21.44 31.01
N LEU H 570 42.32 21.52 30.58
CA LEU H 570 42.70 22.25 29.37
C LEU H 570 43.48 21.29 28.48
N PRO H 571 42.80 20.39 27.78
CA PRO H 571 43.51 19.41 26.94
C PRO H 571 44.40 20.03 25.87
N SER H 572 43.97 21.15 25.27
CA SER H 572 44.78 21.80 24.25
C SER H 572 46.06 22.38 24.86
N LEU H 573 45.95 23.02 26.02
CA LEU H 573 47.12 23.56 26.68
C LEU H 573 48.12 22.47 27.02
N TYR H 574 47.62 21.33 27.51
CA TYR H 574 48.49 20.19 27.77
C TYR H 574 49.12 19.69 26.47
N ARG H 575 48.34 19.62 25.40
CA ARG H 575 48.88 19.16 24.12
C ARG H 575 49.97 20.09 23.61
N GLU H 576 49.96 21.35 24.03
CA GLU H 576 51.04 22.26 23.65
C GLU H 576 52.37 21.83 24.25
N ASP H 577 52.36 21.36 25.49
CA ASP H 577 53.58 20.92 26.17
C ASP H 577 53.23 19.86 27.20
N PRO H 578 53.10 18.60 26.78
CA PRO H 578 52.63 17.55 27.71
C PRO H 578 53.54 17.35 28.92
N GLU H 579 54.86 17.49 28.74
CA GLU H 579 55.78 17.24 29.84
C GLU H 579 55.67 18.33 30.91
N PHE H 580 55.50 19.58 30.48
CA PHE H 580 55.40 20.70 31.43
C PHE H 580 54.12 20.62 32.25
N TYR H 581 53.01 20.18 31.64
CA TYR H 581 51.72 20.14 32.28
C TYR H 581 51.29 18.73 32.67
N GLU H 582 52.23 17.79 32.78
CA GLU H 582 51.88 16.40 33.03
C GLU H 582 51.16 16.24 34.37
N ASN H 583 51.67 16.88 35.42
CA ASN H 583 51.10 16.72 36.74
C ASN H 583 50.60 18.03 37.35
N MET H 584 50.64 19.12 36.60
CA MET H 584 50.21 20.40 37.13
C MET H 584 48.69 20.46 37.26
N ARG H 585 48.23 21.10 38.32
CA ARG H 585 46.80 21.33 38.55
C ARG H 585 46.45 22.76 38.17
N ILE H 586 45.16 22.98 37.90
CA ILE H 586 44.72 24.27 37.36
C ILE H 586 45.02 25.41 38.32
N GLN H 587 44.84 25.16 39.62
CA GLN H 587 45.11 26.20 40.61
C GLN H 587 46.59 26.56 40.63
N GLU H 588 47.46 25.55 40.45
CA GLU H 588 48.89 25.83 40.42
C GLU H 588 49.26 26.71 39.25
N LEU H 589 48.72 26.43 38.06
CA LEU H 589 49.01 27.24 36.89
C LEU H 589 48.47 28.66 37.05
N ALA H 590 47.23 28.78 37.54
CA ALA H 590 46.64 30.11 37.74
C ALA H 590 47.44 30.91 38.75
N GLN H 591 47.85 30.27 39.85
CA GLN H 591 48.61 30.98 40.87
C GLN H 591 50.02 31.30 40.42
N GLY H 592 50.62 30.47 39.56
CA GLY H 592 51.92 30.81 39.02
C GLY H 592 51.85 32.04 38.13
N ILE H 593 50.86 32.08 37.23
CA ILE H 593 50.72 33.24 36.37
C ILE H 593 50.39 34.48 37.20
N HIS H 594 49.51 34.33 38.20
CA HIS H 594 49.16 35.47 39.05
C HIS H 594 50.36 35.96 39.84
N ALA H 595 51.18 35.04 40.36
CA ALA H 595 52.38 35.41 41.08
C ALA H 595 53.35 36.15 40.18
N LEU H 596 53.50 35.69 38.93
CA LEU H 596 54.34 36.42 37.98
C LEU H 596 53.83 37.84 37.78
N ILE H 597 52.53 37.98 37.55
CA ILE H 597 51.94 39.30 37.31
C ILE H 597 52.12 40.21 38.52
N GLN H 598 51.93 39.66 39.73
CA GLN H 598 52.01 40.46 40.94
C GLN H 598 53.46 40.84 41.26
N HIS H 599 54.37 39.87 41.18
CA HIS H 599 55.78 40.14 41.48
C HIS H 599 56.36 41.15 40.51
N HIS H 600 56.03 41.03 39.23
CA HIS H 600 56.48 42.01 38.27
C HIS H 600 55.65 43.29 38.29
N ASN H 601 54.52 43.29 39.01
CA ASN H 601 53.62 44.43 39.11
C ASN H 601 53.18 44.92 37.74
N LEU H 602 52.47 44.04 37.03
CA LEU H 602 52.00 44.38 35.68
C LEU H 602 51.06 45.57 35.66
N PRO H 603 50.06 45.71 36.54
CA PRO H 603 49.16 46.87 36.44
C PRO H 603 49.87 48.21 36.56
N ASP H 604 50.71 48.38 37.59
CA ASP H 604 51.38 49.66 37.78
C ASP H 604 52.34 49.95 36.63
N LEU H 605 53.09 48.94 36.17
CA LEU H 605 54.01 49.14 35.07
C LEU H 605 53.28 49.52 33.79
N MET H 606 52.17 48.84 33.49
CA MET H 606 51.38 49.18 32.31
C MET H 606 50.84 50.60 32.39
N TYR H 607 50.28 50.96 33.55
CA TYR H 607 49.75 52.30 33.73
C TYR H 607 50.83 53.35 33.50
N ARG H 608 51.97 53.19 34.18
CA ARG H 608 53.04 54.18 34.03
C ARG H 608 53.57 54.22 32.61
N ALA H 609 53.68 53.06 31.95
CA ALA H 609 54.17 53.03 30.59
C ALA H 609 53.25 53.75 29.62
N PHE H 610 51.94 53.75 29.90
CA PHE H 610 50.99 54.41 29.01
C PHE H 610 50.59 55.80 29.48
N GLU H 611 51.28 56.37 30.47
CA GLU H 611 51.04 57.74 30.90
C GLU H 611 52.01 58.74 30.30
N VAL H 612 53.21 58.32 29.97
CA VAL H 612 54.24 59.20 29.42
C VAL H 612 54.30 59.00 27.92
N LEU H 613 54.28 60.10 27.18
CA LEU H 613 54.34 60.02 25.73
C LEU H 613 55.78 60.00 25.26
N PRO H 614 56.19 59.01 24.46
CA PRO H 614 57.52 59.06 23.85
C PRO H 614 57.66 60.29 22.97
N THR H 615 58.89 60.83 22.92
CA THR H 615 59.14 62.01 22.12
C THR H 615 59.08 61.68 20.63
N MET H 616 58.55 62.61 19.85
CA MET H 616 58.38 62.43 18.41
C MET H 616 59.52 63.14 17.69
N VAL H 617 60.55 62.37 17.31
CA VAL H 617 61.64 62.93 16.52
C VAL H 617 61.16 63.25 15.11
N MET H 618 60.38 62.34 14.52
CA MET H 618 59.83 62.52 13.18
C MET H 618 58.47 61.84 13.12
N ASN H 619 57.66 62.26 12.17
CA ASN H 619 56.35 61.67 12.00
C ASN H 619 56.48 60.24 11.46
N PRO H 620 55.44 59.41 11.61
CA PRO H 620 55.55 58.01 11.15
C PRO H 620 55.88 57.88 9.69
N HIS H 621 55.44 58.82 8.84
CA HIS H 621 55.71 58.71 7.41
C HIS H 621 57.21 58.75 7.13
N ALA H 622 57.94 59.65 7.79
CA ALA H 622 59.38 59.75 7.58
C ALA H 622 60.09 58.47 8.04
N ALA H 623 59.70 57.95 9.20
CA ALA H 623 60.31 56.72 9.70
C ALA H 623 60.04 55.55 8.75
N PHE H 624 58.82 55.44 8.25
CA PHE H 624 58.50 54.36 7.32
C PHE H 624 59.27 54.51 6.01
N GLN H 625 59.40 55.74 5.50
CA GLN H 625 60.15 55.96 4.27
C GLN H 625 61.62 55.59 4.47
N MET H 626 62.18 55.93 5.63
CA MET H 626 63.56 55.59 5.90
C MET H 626 63.73 54.08 6.09
N GLU H 627 62.69 53.41 6.60
CA GLU H 627 62.74 51.94 6.65
C GLU H 627 62.71 51.34 5.25
N LEU H 628 61.91 51.91 4.35
CA LEU H 628 61.83 51.40 2.99
C LEU H 628 63.12 51.63 2.22
N ARG H 629 63.96 52.57 2.66
CA ARG H 629 65.25 52.84 2.05
C ARG H 629 66.36 51.95 2.59
N GLY H 630 66.06 51.08 3.55
CA GLY H 630 67.06 50.21 4.13
C GLY H 630 67.89 50.83 5.21
N GLN H 631 67.46 51.95 5.78
CA GLN H 631 68.20 52.67 6.82
C GLN H 631 67.76 52.28 8.22
N THR H 632 67.39 51.02 8.40
CA THR H 632 66.89 50.50 9.67
C THR H 632 67.75 49.31 10.11
N GLU H 633 68.05 49.26 11.40
CA GLU H 633 68.83 48.18 11.99
C GLU H 633 68.06 47.56 13.14
N GLU H 634 68.41 46.31 13.45
CA GLU H 634 67.77 45.55 14.51
C GLU H 634 68.65 45.59 15.76
N VAL H 635 68.09 46.06 16.87
CA VAL H 635 68.81 46.15 18.13
C VAL H 635 68.02 45.40 19.19
N TYR H 636 68.67 45.14 20.32
CA TYR H 636 68.01 44.44 21.41
C TYR H 636 67.12 45.40 22.19
N LEU H 637 66.21 44.82 22.97
CA LEU H 637 65.21 45.61 23.69
C LEU H 637 65.86 46.59 24.66
N GLU H 638 66.94 46.17 25.32
CA GLU H 638 67.59 47.03 26.31
C GLU H 638 68.30 48.22 25.68
N GLU H 639 68.50 48.22 24.36
CA GLU H 639 69.28 49.25 23.69
C GLU H 639 68.43 50.21 22.88
N MET H 640 67.14 50.35 23.20
CA MET H 640 66.27 51.21 22.41
C MET H 640 66.13 52.62 22.98
N ILE H 641 66.74 52.93 24.12
CA ILE H 641 66.73 54.29 24.62
C ILE H 641 67.59 55.16 23.71
N GLY H 642 67.02 56.29 23.27
CA GLY H 642 67.72 57.17 22.37
C GLY H 642 67.73 56.73 20.92
N LYS H 643 66.91 55.75 20.56
CA LYS H 643 66.82 55.27 19.19
C LYS H 643 65.44 55.60 18.63
N VAL H 644 65.42 56.07 17.38
CA VAL H 644 64.16 56.37 16.72
C VAL H 644 63.55 55.05 16.23
N ASN H 645 62.38 54.72 16.73
CA ASN H 645 61.72 53.47 16.37
C ASN H 645 61.31 53.49 14.90
N ALA H 646 61.39 52.31 14.26
CA ALA H 646 61.04 52.18 12.86
C ALA H 646 59.62 51.66 12.65
N ASN H 647 59.04 50.97 13.63
CA ASN H 647 57.72 50.39 13.47
C ASN H 647 56.91 50.61 14.74
N MET H 648 55.59 50.47 14.59
CA MET H 648 54.70 50.57 15.74
C MET H 648 54.90 49.37 16.66
N ILE H 649 54.98 49.63 17.96
CA ILE H 649 55.13 48.58 18.96
C ILE H 649 53.78 48.44 19.65
N LEU H 650 53.13 47.29 19.44
CA LEU H 650 51.77 47.05 19.95
C LEU H 650 51.79 45.87 20.91
N PRO H 651 51.83 46.11 22.22
CA PRO H 651 51.86 45.01 23.18
C PRO H 651 50.47 44.49 23.53
N TYR H 652 50.44 43.23 23.94
CA TYR H 652 49.22 42.57 24.41
C TYR H 652 49.53 41.89 25.73
N PRO H 653 49.02 42.37 26.87
CA PRO H 653 48.13 43.52 27.06
C PRO H 653 48.87 44.86 26.90
N PRO H 654 48.17 46.00 26.82
CA PRO H 654 46.71 46.18 26.83
C PRO H 654 46.08 46.16 25.43
N GLY H 655 46.86 45.90 24.39
CA GLY H 655 46.31 45.84 23.06
C GLY H 655 46.17 47.17 22.34
N VAL H 656 46.89 48.19 22.76
CA VAL H 656 46.86 49.49 22.09
C VAL H 656 48.31 49.91 21.81
N PRO H 657 48.56 50.73 20.79
CA PRO H 657 49.94 51.10 20.48
C PRO H 657 50.60 51.87 21.62
N LEU H 658 51.84 51.51 21.91
CA LEU H 658 52.64 52.16 22.94
C LEU H 658 53.71 53.07 22.37
N VAL H 659 54.37 52.63 21.29
CA VAL H 659 55.40 53.42 20.62
C VAL H 659 55.03 53.49 19.14
N MET H 660 54.98 54.69 18.61
CA MET H 660 54.67 54.88 17.21
C MET H 660 55.95 54.98 16.39
N PRO H 661 55.89 54.67 15.09
CA PRO H 661 57.08 54.87 14.25
C PRO H 661 57.50 56.33 14.26
N GLY H 662 58.81 56.55 14.39
CA GLY H 662 59.34 57.89 14.54
C GLY H 662 59.42 58.39 15.95
N GLU H 663 59.12 57.55 16.95
CA GLU H 663 59.19 57.94 18.35
C GLU H 663 60.42 57.29 18.99
N MET H 664 61.02 58.03 19.92
CA MET H 664 62.25 57.61 20.58
C MET H 664 62.03 57.52 22.08
N LEU H 665 62.49 56.43 22.67
CA LEU H 665 62.42 56.26 24.12
C LEU H 665 63.57 57.02 24.79
N THR H 666 63.24 57.74 25.84
CA THR H 666 64.22 58.50 26.62
C THR H 666 64.11 58.09 28.09
N GLU H 667 64.82 58.82 28.94
CA GLU H 667 64.75 58.53 30.37
C GLU H 667 63.36 58.78 30.93
N GLU H 668 62.68 59.82 30.43
CA GLU H 668 61.31 60.07 30.85
C GLU H 668 60.37 58.96 30.40
N SER H 669 60.68 58.28 29.30
CA SER H 669 59.85 57.20 28.78
C SER H 669 60.46 55.82 29.01
N ARG H 670 61.38 55.71 29.97
CA ARG H 670 61.89 54.39 30.34
C ARG H 670 60.81 53.44 30.88
N PRO H 671 59.71 53.90 31.49
CA PRO H 671 58.65 52.94 31.85
C PRO H 671 58.17 52.09 30.70
N VAL H 672 58.15 52.62 29.47
CA VAL H 672 57.79 51.83 28.32
C VAL H 672 58.74 50.63 28.18
N LEU H 673 60.04 50.90 28.31
CA LEU H 673 61.01 49.83 28.16
C LEU H 673 60.88 48.81 29.29
N GLU H 674 60.71 49.27 30.54
CA GLU H 674 60.56 48.29 31.62
C GLU H 674 59.30 47.44 31.43
N PHE H 675 58.21 48.06 30.97
CA PHE H 675 56.99 47.31 30.71
C PHE H 675 57.20 46.26 29.62
N LEU H 676 57.91 46.63 28.55
CA LEU H 676 58.17 45.67 27.48
C LEU H 676 59.03 44.51 27.96
N GLN H 677 60.08 44.80 28.74
CA GLN H 677 60.92 43.73 29.26
C GLN H 677 60.14 42.85 30.23
N MET H 678 59.25 43.43 31.02
CA MET H 678 58.42 42.64 31.91
C MET H 678 57.52 41.69 31.12
N LEU H 679 56.92 42.18 30.03
CA LEU H 679 56.12 41.32 29.18
C LEU H 679 56.95 40.18 28.61
N CYS H 680 58.15 40.49 28.13
CA CYS H 680 59.03 39.46 27.55
C CYS H 680 59.41 38.42 28.60
N GLU H 681 59.64 38.86 29.84
CA GLU H 681 60.00 37.92 30.90
C GLU H 681 58.83 37.03 31.28
N ILE H 682 57.64 37.62 31.44
CA ILE H 682 56.48 36.82 31.84
C ILE H 682 56.07 35.84 30.74
N GLY H 683 56.23 36.22 29.48
CA GLY H 683 55.80 35.32 28.41
C GLY H 683 56.68 34.11 28.19
N ALA H 684 57.76 33.95 28.96
CA ALA H 684 58.69 32.84 28.77
C ALA H 684 58.62 31.80 29.88
N HIS H 685 57.60 31.85 30.74
CA HIS H 685 57.54 30.95 31.89
C HIS H 685 56.55 29.82 31.71
N TYR H 686 55.40 30.06 31.09
CA TYR H 686 54.39 29.02 30.90
C TYR H 686 54.07 28.86 29.42
N PRO H 687 54.30 27.69 28.84
CA PRO H 687 53.94 27.48 27.43
C PRO H 687 52.46 27.69 27.21
N GLY H 688 52.12 28.26 26.05
CA GLY H 688 50.76 28.65 25.77
C GLY H 688 50.39 30.03 26.26
N PHE H 689 51.31 30.73 26.92
CA PHE H 689 51.12 32.09 27.41
C PHE H 689 52.30 32.95 27.00
N GLU H 690 52.66 32.87 25.72
CA GLU H 690 53.84 33.53 25.21
C GLU H 690 53.65 35.05 25.13
N THR H 691 54.75 35.75 24.97
CA THR H 691 54.73 37.20 24.83
C THR H 691 54.15 37.58 23.47
N ASP H 692 53.24 38.54 23.47
CA ASP H 692 52.57 39.02 22.25
C ASP H 692 52.83 40.51 22.13
N ILE H 693 53.83 40.89 21.35
CA ILE H 693 54.17 42.28 21.10
C ILE H 693 54.38 42.47 19.61
N HIS H 694 53.42 43.10 18.94
CA HIS H 694 53.61 43.43 17.53
C HIS H 694 54.71 44.48 17.41
N GLY H 695 55.60 44.27 16.44
CA GLY H 695 56.76 45.13 16.25
C GLY H 695 57.99 44.70 17.00
N ALA H 696 57.90 43.68 17.84
CA ALA H 696 59.04 43.07 18.52
C ALA H 696 59.24 41.67 17.98
N TYR H 697 60.50 41.24 17.88
CA TYR H 697 60.82 39.99 17.19
C TYR H 697 61.65 39.13 18.12
N ARG H 698 61.16 37.92 18.40
CA ARG H 698 61.86 37.01 19.29
C ARG H 698 62.93 36.25 18.54
N GLN H 699 64.13 36.21 19.10
CA GLN H 699 65.23 35.46 18.53
C GLN H 699 65.29 34.08 19.16
N ALA H 700 66.07 33.19 18.54
CA ALA H 700 66.19 31.82 19.05
C ALA H 700 66.79 31.80 20.45
N ASP H 701 67.69 32.74 20.75
CA ASP H 701 68.31 32.80 22.06
C ASP H 701 67.35 33.26 23.16
N GLY H 702 66.17 33.77 22.80
CA GLY H 702 65.14 34.14 23.74
C GLY H 702 64.90 35.64 23.84
N ARG H 703 65.95 36.44 23.69
CA ARG H 703 65.78 37.89 23.82
C ARG H 703 65.01 38.46 22.63
N TYR H 704 64.41 39.61 22.86
CA TYR H 704 63.59 40.29 21.86
C TYR H 704 64.36 41.45 21.23
N THR H 705 64.08 41.69 19.96
CA THR H 705 64.71 42.78 19.22
C THR H 705 63.65 43.68 18.61
N VAL H 706 64.05 44.92 18.34
CA VAL H 706 63.21 45.91 17.69
C VAL H 706 63.98 46.55 16.56
N LYS H 707 63.24 47.06 15.58
CA LYS H 707 63.83 47.77 14.45
C LYS H 707 63.84 49.26 14.74
N VAL H 708 64.97 49.90 14.50
CA VAL H 708 65.15 51.33 14.77
C VAL H 708 65.92 51.94 13.61
N ILE H 709 65.94 53.27 13.60
CA ILE H 709 66.59 54.03 12.53
C ILE H 709 68.08 54.14 12.79
N LYS H 710 68.88 53.98 11.75
CA LYS H 710 70.31 54.27 11.84
C LYS H 710 70.57 55.73 11.54
N MET I 1 23.17 3.02 24.39
CA MET I 1 23.16 4.32 25.02
C MET I 1 22.65 5.38 24.05
N ASN I 2 21.46 5.13 23.50
CA ASN I 2 20.88 6.01 22.49
C ASN I 2 19.39 6.25 22.74
N ILE I 3 18.96 6.21 23.99
CA ILE I 3 17.57 6.42 24.36
C ILE I 3 17.41 7.83 24.92
N ILE I 4 16.63 8.65 24.23
CA ILE I 4 16.31 10.01 24.66
C ILE I 4 14.85 10.05 25.09
N ALA I 5 14.61 10.55 26.28
CA ALA I 5 13.26 10.66 26.82
C ALA I 5 12.78 12.10 26.66
N ILE I 6 11.59 12.26 26.09
CA ILE I 6 10.98 13.57 25.90
C ILE I 6 9.72 13.63 26.74
N LEU I 7 9.68 14.57 27.68
CA LEU I 7 8.49 14.86 28.47
C LEU I 7 7.67 15.88 27.68
N ASN I 8 6.65 15.40 26.98
CA ASN I 8 5.92 16.20 26.00
C ASN I 8 4.42 16.02 26.18
N HIS I 9 3.74 17.08 26.63
CA HIS I 9 2.29 17.06 26.73
C HIS I 9 1.64 18.38 26.33
N MET I 10 2.40 19.41 25.96
CA MET I 10 1.85 20.72 25.70
C MET I 10 0.99 20.72 24.44
N GLY I 11 0.08 21.68 24.37
CA GLY I 11 -0.83 21.79 23.26
C GLY I 11 -0.70 23.07 22.47
N VAL I 12 0.53 23.53 22.25
CA VAL I 12 0.80 24.71 21.44
C VAL I 12 1.66 24.28 20.26
N TYR I 13 1.31 24.74 19.06
CA TYR I 13 2.04 24.35 17.87
C TYR I 13 3.47 24.86 17.89
N PHE I 14 3.70 26.08 18.38
CA PHE I 14 5.03 26.68 18.34
C PHE I 14 6.05 25.94 19.20
N LYS I 15 5.61 25.05 20.08
CA LYS I 15 6.52 24.14 20.77
C LYS I 15 6.45 22.71 20.22
N GLU I 16 5.24 22.23 19.93
CA GLU I 16 5.08 20.84 19.49
C GLU I 16 5.78 20.58 18.17
N GLU I 17 5.58 21.47 17.20
CA GLU I 17 6.20 21.26 15.89
C GLU I 17 7.73 21.27 15.95
N PRO I 18 8.40 22.21 16.62
CA PRO I 18 9.86 22.09 16.75
C PRO I 18 10.29 20.80 17.43
N ILE I 19 9.51 20.31 18.40
CA ILE I 19 9.85 19.06 19.06
C ILE I 19 9.68 17.88 18.12
N ARG I 20 8.64 17.90 17.27
CA ARG I 20 8.50 16.85 16.28
C ARG I 20 9.65 16.86 15.28
N GLU I 21 10.08 18.05 14.85
CA GLU I 21 11.23 18.16 13.97
C GLU I 21 12.48 17.64 14.66
N LEU I 22 12.65 17.94 15.94
CA LEU I 22 13.79 17.44 16.69
C LEU I 22 13.74 15.92 16.81
N HIS I 23 12.55 15.36 16.99
CA HIS I 23 12.41 13.91 17.06
C HIS I 23 12.86 13.27 15.76
N LYS I 24 12.44 13.84 14.63
CA LYS I 24 12.89 13.33 13.33
C LYS I 24 14.40 13.46 13.18
N ALA I 25 14.96 14.63 13.52
CA ALA I 25 16.40 14.85 13.35
C ALA I 25 17.21 13.97 14.29
N LEU I 26 16.68 13.64 15.46
CA LEU I 26 17.38 12.75 16.38
C LEU I 26 17.34 11.31 15.90
N GLU I 27 16.19 10.88 15.37
CA GLU I 27 16.13 9.55 14.76
C GLU I 27 17.09 9.46 13.58
N ALA I 28 17.30 10.57 12.87
CA ALA I 28 18.28 10.57 11.78
C ALA I 28 19.70 10.36 12.29
N LEU I 29 19.95 10.60 13.58
CA LEU I 29 21.26 10.37 14.19
C LEU I 29 21.28 9.06 14.98
N ASP I 30 20.33 8.17 14.72
CA ASP I 30 20.28 6.82 15.33
C ASP I 30 19.97 6.88 16.82
N PHE I 31 19.02 7.72 17.20
CA PHE I 31 18.55 7.81 18.57
C PHE I 31 17.18 7.16 18.68
N GLN I 32 16.93 6.51 19.82
CA GLN I 32 15.62 5.94 20.13
C GLN I 32 14.88 6.90 21.04
N ILE I 33 13.74 7.41 20.58
CA ILE I 33 12.97 8.41 21.31
C ILE I 33 11.84 7.74 22.07
N VAL I 34 11.76 8.01 23.37
CA VAL I 34 10.67 7.52 24.21
C VAL I 34 9.93 8.72 24.80
N TYR I 35 8.67 8.50 25.13
CA TYR I 35 7.76 9.57 25.57
C TYR I 35 7.10 9.21 26.89
N PRO I 36 7.74 9.52 28.02
CA PRO I 36 7.09 9.30 29.32
C PRO I 36 5.87 10.19 29.47
N ASN I 37 4.89 9.70 30.24
CA ASN I 37 3.62 10.40 30.35
C ASN I 37 3.62 11.51 31.40
N ASP I 38 4.52 11.46 32.38
CA ASP I 38 4.56 12.49 33.40
C ASP I 38 5.91 12.45 34.10
N ARG I 39 6.07 13.27 35.14
CA ARG I 39 7.33 13.36 35.86
C ARG I 39 7.68 12.03 36.54
N GLU I 40 6.71 11.41 37.20
CA GLU I 40 6.95 10.14 37.88
C GLU I 40 7.28 9.04 36.88
N ASP I 41 6.59 9.03 35.74
CA ASP I 41 6.90 8.07 34.68
C ASP I 41 8.34 8.22 34.20
N LEU I 42 8.78 9.47 34.02
CA LEU I 42 10.16 9.72 33.60
C LEU I 42 11.16 9.27 34.65
N LEU I 43 10.88 9.55 35.93
CA LEU I 43 11.79 9.13 36.99
C LEU I 43 11.90 7.61 37.06
N LYS I 44 10.77 6.90 36.98
CA LYS I 44 10.81 5.45 36.98
C LYS I 44 11.54 4.91 35.76
N LEU I 45 11.32 5.52 34.60
CA LEU I 45 12.01 5.10 33.39
C LEU I 45 13.52 5.25 33.54
N ILE I 46 13.97 6.37 34.10
CA ILE I 46 15.40 6.56 34.34
C ILE I 46 15.91 5.51 35.32
N ASP I 47 15.15 5.24 36.38
CA ASP I 47 15.59 4.29 37.39
C ASP I 47 15.69 2.87 36.85
N ASN I 48 14.86 2.50 35.87
CA ASN I 48 14.83 1.12 35.39
C ASN I 48 15.68 0.87 34.16
N ASN I 49 16.19 1.91 33.49
CA ASN I 49 16.89 1.71 32.22
C ASN I 49 18.15 2.57 32.18
N ALA I 50 19.30 1.93 32.43
CA ALA I 50 20.58 2.62 32.44
C ALA I 50 21.04 3.02 31.05
N ARG I 51 20.34 2.61 30.00
CA ARG I 51 20.68 3.00 28.64
C ARG I 51 20.09 4.34 28.25
N LEU I 52 19.33 4.98 29.13
CA LEU I 52 18.83 6.32 28.87
C LEU I 52 19.99 7.30 28.91
N CYS I 53 20.14 8.10 27.85
CA CYS I 53 21.25 9.02 27.72
C CYS I 53 20.84 10.48 27.63
N GLY I 54 19.56 10.80 27.77
CA GLY I 54 19.15 12.20 27.72
C GLY I 54 17.68 12.44 28.04
N VAL I 55 17.40 13.60 28.62
CA VAL I 55 16.03 13.98 29.00
C VAL I 55 15.73 15.34 28.38
N ILE I 56 14.65 15.41 27.62
CA ILE I 56 14.18 16.64 26.99
C ILE I 56 12.84 17.00 27.62
N PHE I 57 12.76 18.18 28.24
CA PHE I 57 11.54 18.63 28.88
C PHE I 57 11.35 20.13 28.66
N ASP I 58 10.13 20.57 28.90
CA ASP I 58 9.75 21.97 28.74
C ASP I 58 9.98 22.71 30.06
N TRP I 59 10.78 23.78 30.01
CA TRP I 59 11.09 24.54 31.21
C TRP I 59 9.87 25.27 31.74
N ASP I 60 8.94 25.68 30.87
CA ASP I 60 7.73 26.34 31.33
C ASP I 60 6.91 25.41 32.23
N THR I 61 6.78 24.14 31.83
CA THR I 61 5.96 23.19 32.57
C THR I 61 6.67 22.69 33.83
N TYR I 62 7.98 22.45 33.76
CA TYR I 62 8.71 21.85 34.86
C TYR I 62 9.85 22.76 35.27
N ASN I 63 9.95 23.02 36.58
CA ASN I 63 11.07 23.79 37.11
C ASN I 63 12.35 22.95 37.04
N LEU I 64 13.45 23.53 37.50
CA LEU I 64 14.74 22.85 37.43
C LEU I 64 14.95 21.87 38.57
N ASP I 65 14.00 21.75 39.50
CA ASP I 65 14.08 20.71 40.52
C ASP I 65 13.90 19.32 39.94
N LEU I 66 13.26 19.21 38.77
CA LEU I 66 13.20 17.93 38.07
C LEU I 66 14.61 17.47 37.68
N CYS I 67 15.46 18.41 37.26
CA CYS I 67 16.86 18.08 37.02
C CYS I 67 17.55 17.66 38.30
N GLU I 68 17.17 18.23 39.44
CA GLU I 68 17.73 17.78 40.72
C GLU I 68 17.35 16.34 41.00
N GLU I 69 16.09 15.99 40.76
CA GLU I 69 15.66 14.60 40.94
C GLU I 69 16.40 13.66 39.98
N ILE I 70 16.61 14.11 38.75
CA ILE I 70 17.33 13.29 37.77
C ILE I 70 18.77 13.08 38.21
N SER I 71 19.44 14.15 38.64
CA SER I 71 20.83 14.04 39.06
C SER I 71 20.99 13.27 40.38
N ALA I 72 19.92 13.17 41.17
CA ALA I 72 19.98 12.32 42.35
C ALA I 72 20.26 10.87 42.01
N MET I 73 19.87 10.43 40.81
CA MET I 73 20.16 9.08 40.36
C MET I 73 21.33 9.01 39.39
N ASN I 74 21.59 10.09 38.65
CA ASN I 74 22.66 10.10 37.65
C ASN I 74 23.08 11.55 37.47
N GLU I 75 24.22 11.92 38.07
CA GLU I 75 24.66 13.30 38.04
C GLU I 75 25.29 13.70 36.72
N HIS I 76 25.63 12.75 35.86
CA HIS I 76 26.20 13.05 34.55
C HIS I 76 25.19 12.94 33.42
N LEU I 77 24.01 12.38 33.68
CA LEU I 77 22.97 12.22 32.67
C LEU I 77 22.58 13.58 32.11
N PRO I 78 22.83 13.83 30.83
CA PRO I 78 22.53 15.14 30.26
C PRO I 78 21.03 15.41 30.21
N VAL I 79 20.67 16.64 30.51
CA VAL I 79 19.29 17.12 30.47
C VAL I 79 19.23 18.28 29.50
N TYR I 80 18.18 18.30 28.68
CA TYR I 80 17.98 19.38 27.71
C TYR I 80 16.68 20.09 28.05
N ALA I 81 16.79 21.35 28.45
CA ALA I 81 15.64 22.15 28.82
C ALA I 81 15.36 23.18 27.74
N PHE I 82 14.11 23.25 27.31
CA PHE I 82 13.68 24.20 26.29
C PHE I 82 13.07 25.42 26.96
N ALA I 83 13.72 26.56 26.79
CA ALA I 83 13.29 27.80 27.45
C ALA I 83 12.36 28.59 26.55
N ASN I 84 11.20 28.96 27.08
CA ASN I 84 10.28 29.86 26.38
C ASN I 84 10.07 31.16 27.14
N THR I 85 9.59 31.11 28.38
CA THR I 85 9.33 32.30 29.17
C THR I 85 10.48 32.64 30.11
N HIS I 86 11.15 31.63 30.66
CA HIS I 86 12.27 31.89 31.56
C HIS I 86 13.47 32.44 30.79
N SER I 87 14.26 33.27 31.48
CA SER I 87 15.44 33.88 30.90
C SER I 87 16.66 33.57 31.77
N THR I 88 17.79 34.23 31.49
CA THR I 88 18.99 34.01 32.30
C THR I 88 18.81 34.45 33.74
N LEU I 89 17.84 35.33 34.01
CA LEU I 89 17.58 35.77 35.39
C LEU I 89 16.80 34.75 36.20
N ASP I 90 16.34 33.66 35.59
CA ASP I 90 15.52 32.67 36.27
C ASP I 90 16.31 31.43 36.68
N VAL I 91 17.63 31.47 36.64
CA VAL I 91 18.47 30.35 37.02
C VAL I 91 19.35 30.77 38.19
N SER I 92 19.49 29.88 39.17
CA SER I 92 20.35 30.12 40.32
C SER I 92 21.67 29.38 40.15
N LEU I 93 22.61 29.66 41.05
CA LEU I 93 23.89 28.99 41.01
C LEU I 93 23.72 27.48 41.19
N ASN I 94 22.86 27.07 42.12
CA ASN I 94 22.63 25.65 42.34
C ASN I 94 22.08 24.97 41.09
N ASP I 95 21.14 25.62 40.41
CA ASP I 95 20.64 25.08 39.16
C ASP I 95 21.75 25.00 38.11
N LEU I 96 22.60 26.03 38.05
CA LEU I 96 23.71 26.03 37.10
C LEU I 96 24.71 24.91 37.39
N ARG I 97 24.74 24.41 38.63
CA ARG I 97 25.58 23.25 38.91
C ARG I 97 25.10 21.99 38.20
N LEU I 98 23.82 21.91 37.85
CA LEU I 98 23.28 20.73 37.20
C LEU I 98 23.71 20.64 35.74
N ASN I 99 23.78 19.42 35.23
CA ASN I 99 24.19 19.18 33.84
C ASN I 99 22.99 19.38 32.90
N VAL I 100 22.64 20.65 32.72
CA VAL I 100 21.50 21.03 31.89
C VAL I 100 21.98 21.91 30.76
N GLU I 101 21.50 21.63 29.55
CA GLU I 101 21.76 22.44 28.37
C GLU I 101 20.45 23.05 27.90
N PHE I 102 20.46 24.34 27.64
CA PHE I 102 19.25 25.08 27.30
C PHE I 102 19.15 25.30 25.80
N PHE I 103 17.96 25.06 25.25
CA PHE I 103 17.63 25.28 23.85
C PHE I 103 16.40 26.18 23.77
N GLU I 104 16.02 26.54 22.54
CA GLU I 104 14.86 27.37 22.29
C GLU I 104 13.96 26.72 21.24
N TYR I 105 12.70 27.14 21.24
CA TYR I 105 11.72 26.64 20.27
C TYR I 105 11.77 27.48 18.99
N ALA I 106 11.96 26.81 17.86
CA ALA I 106 12.00 27.46 16.57
C ALA I 106 11.91 26.41 15.48
N LEU I 107 11.10 26.69 14.46
CA LEU I 107 11.04 25.81 13.29
C LEU I 107 12.37 25.87 12.54
N GLY I 108 12.78 24.73 12.01
CA GLY I 108 14.01 24.66 11.24
C GLY I 108 15.28 24.66 12.06
N ALA I 109 15.19 24.60 13.38
CA ALA I 109 16.36 24.57 14.25
C ALA I 109 16.67 23.16 14.75
N ALA I 110 16.03 22.14 14.17
CA ALA I 110 16.13 20.79 14.72
C ALA I 110 17.48 20.15 14.43
N GLN I 111 18.07 20.43 13.27
CA GLN I 111 19.34 19.80 12.91
C GLN I 111 20.46 20.27 13.82
N ASP I 112 20.56 21.58 14.07
CA ASP I 112 21.59 22.11 14.94
C ASP I 112 21.43 21.60 16.37
N ILE I 113 20.20 21.58 16.88
CA ILE I 113 19.96 21.10 18.23
C ILE I 113 20.27 19.61 18.33
N ALA I 114 19.94 18.84 17.29
CA ALA I 114 20.25 17.42 17.29
C ALA I 114 21.76 17.20 17.28
N GLN I 115 22.50 18.02 16.54
CA GLN I 115 23.96 17.92 16.56
C GLN I 115 24.50 18.24 17.95
N LYS I 116 23.96 19.28 18.59
CA LYS I 116 24.39 19.60 19.95
C LYS I 116 24.10 18.45 20.90
N ILE I 117 22.93 17.83 20.77
CA ILE I 117 22.57 16.71 21.64
C ILE I 117 23.48 15.53 21.38
N ARG I 118 23.87 15.30 20.13
CA ARG I 118 24.80 14.23 19.81
C ARG I 118 26.15 14.47 20.47
N GLN I 119 26.65 15.71 20.39
CA GLN I 119 27.92 16.04 21.03
C GLN I 119 27.82 15.86 22.55
N SER I 120 26.67 16.21 23.13
CA SER I 120 26.47 16.04 24.56
C SER I 120 26.43 14.57 24.94
N THR I 121 25.80 13.73 24.12
CA THR I 121 25.78 12.29 24.37
C THR I 121 27.18 11.70 24.32
N ASP I 122 27.97 12.12 23.34
CA ASP I 122 29.35 11.66 23.24
C ASP I 122 30.17 12.11 24.44
N ALA I 123 29.95 13.35 24.90
CA ALA I 123 30.66 13.85 26.08
C ALA I 123 30.27 13.05 27.32
N TYR I 124 28.98 12.72 27.46
CA TYR I 124 28.54 11.91 28.59
C TYR I 124 29.19 10.54 28.58
N ILE I 125 29.20 9.89 27.42
CA ILE I 125 29.81 8.57 27.29
C ILE I 125 31.30 8.63 27.63
N ASP I 126 31.99 9.64 27.10
CA ASP I 126 33.41 9.80 27.39
C ASP I 126 33.65 10.07 28.87
N GLU I 127 32.74 10.82 29.50
CA GLU I 127 32.90 11.18 30.90
C GLU I 127 32.75 9.97 31.81
N ILE I 128 31.81 9.07 31.51
CA ILE I 128 31.62 7.92 32.39
C ILE I 128 32.55 6.76 32.07
N LEU I 129 33.15 6.72 30.88
CA LEU I 129 34.01 5.60 30.54
C LEU I 129 35.38 5.76 31.22
N PRO I 130 36.00 4.67 31.64
CA PRO I 130 37.36 4.73 32.16
C PRO I 130 38.37 4.81 31.03
N PRO I 131 39.59 5.29 31.29
CA PRO I 131 40.51 5.60 30.18
C PRO I 131 40.94 4.41 29.33
N LEU I 132 41.36 3.30 29.95
CA LEU I 132 41.85 2.17 29.17
C LEU I 132 40.74 1.53 28.34
N THR I 133 39.55 1.39 28.93
CA THR I 133 38.42 0.84 28.18
C THR I 133 38.06 1.75 27.01
N LYS I 134 38.12 3.07 27.22
CA LYS I 134 37.88 4.01 26.12
C LYS I 134 38.90 3.84 25.02
N ALA I 135 40.17 3.69 25.39
CA ALA I 135 41.22 3.47 24.39
C ALA I 135 40.98 2.19 23.60
N LEU I 136 40.60 1.12 24.31
CA LEU I 136 40.31 -0.15 23.63
C LEU I 136 39.16 0.00 22.65
N PHE I 137 38.09 0.68 23.06
CA PHE I 137 36.94 0.87 22.17
C PHE I 137 37.31 1.71 20.95
N ASN I 138 38.10 2.77 21.15
CA ASN I 138 38.52 3.59 20.03
C ASN I 138 39.39 2.80 19.06
N TYR I 139 40.31 1.98 19.60
CA TYR I 139 41.13 1.16 18.73
C TYR I 139 40.29 0.18 17.92
N VAL I 140 39.27 -0.41 18.55
CA VAL I 140 38.39 -1.31 17.80
C VAL I 140 37.65 -0.55 16.71
N LYS I 141 37.26 0.70 17.00
CA LYS I 141 36.60 1.51 15.98
C LYS I 141 37.54 1.83 14.81
N GLU I 142 38.85 1.89 15.07
CA GLU I 142 39.79 2.17 13.99
C GLU I 142 39.76 1.10 12.89
N GLY I 143 39.61 -0.17 13.29
CA GLY I 143 39.53 -1.26 12.34
C GLY I 143 40.81 -1.55 11.56
N LYS I 144 41.94 -1.56 12.25
CA LYS I 144 43.23 -1.78 11.61
C LYS I 144 43.44 -3.25 11.27
N TYR I 145 44.43 -3.50 10.42
CA TYR I 145 44.83 -4.84 10.04
C TYR I 145 46.04 -5.27 10.86
N THR I 146 45.95 -6.43 11.50
CA THR I 146 47.01 -6.93 12.37
C THR I 146 47.73 -8.09 11.70
N PHE I 147 49.06 -8.05 11.72
CA PHE I 147 49.90 -9.17 11.34
C PHE I 147 50.63 -9.74 12.54
N CYS I 148 50.08 -9.53 13.73
CA CYS I 148 50.67 -9.90 15.01
C CYS I 148 49.72 -10.83 15.75
N THR I 149 50.14 -11.26 16.93
CA THR I 149 49.26 -12.04 17.80
C THR I 149 48.11 -11.16 18.27
N PRO I 150 46.96 -11.76 18.64
CA PRO I 150 46.60 -13.19 18.77
C PRO I 150 46.71 -14.09 17.53
N GLY I 151 46.49 -13.70 16.29
CA GLY I 151 46.60 -14.60 15.17
C GLY I 151 45.26 -14.99 14.56
N HIS I 152 44.18 -14.93 15.34
CA HIS I 152 42.88 -14.99 14.70
C HIS I 152 42.56 -13.70 13.97
N MET I 153 43.35 -12.65 14.22
CA MET I 153 43.30 -11.37 13.49
C MET I 153 41.91 -10.73 13.56
N GLY I 154 41.47 -10.48 14.79
CA GLY I 154 40.17 -9.88 14.99
C GLY I 154 39.01 -10.79 14.69
N GLY I 155 39.21 -12.10 14.72
CA GLY I 155 38.17 -13.06 14.44
C GLY I 155 38.08 -13.54 13.01
N THR I 156 38.97 -13.09 12.13
CA THR I 156 38.92 -13.49 10.73
C THR I 156 39.08 -15.00 10.58
N ALA I 157 40.04 -15.58 11.31
CA ALA I 157 40.24 -17.02 11.25
C ALA I 157 38.99 -17.77 11.70
N PHE I 158 38.28 -17.24 12.70
CA PHE I 158 37.01 -17.83 13.11
C PHE I 158 35.98 -17.77 12.00
N GLN I 159 35.90 -16.63 11.31
CA GLN I 159 34.94 -16.50 10.21
C GLN I 159 35.30 -17.40 9.03
N LYS I 160 36.54 -17.86 8.94
CA LYS I 160 36.93 -18.76 7.86
C LYS I 160 36.61 -20.23 8.15
N SER I 161 36.06 -20.56 9.31
CA SER I 161 35.79 -21.94 9.69
C SER I 161 34.33 -22.09 10.11
N PRO I 162 33.70 -23.23 9.83
CA PRO I 162 32.29 -23.41 10.22
C PRO I 162 32.07 -23.49 11.72
N VAL I 163 32.82 -24.36 12.41
CA VAL I 163 32.75 -24.39 13.87
C VAL I 163 33.28 -23.08 14.45
N GLY I 164 34.32 -22.53 13.82
CA GLY I 164 34.79 -21.21 14.20
C GLY I 164 33.77 -20.12 13.96
N SER I 165 32.96 -20.26 12.90
CA SER I 165 31.89 -19.30 12.67
C SER I 165 30.83 -19.39 13.75
N ILE I 166 30.51 -20.60 14.22
CA ILE I 166 29.58 -20.72 15.34
C ILE I 166 30.15 -20.03 16.58
N PHE I 167 31.43 -20.27 16.86
CA PHE I 167 32.08 -19.63 18.00
C PHE I 167 32.05 -18.11 17.86
N TYR I 168 32.34 -17.60 16.66
CA TYR I 168 32.34 -16.18 16.39
C TYR I 168 30.95 -15.57 16.60
N ASP I 169 29.92 -16.25 16.09
CA ASP I 169 28.55 -15.75 16.26
C ASP I 169 28.14 -15.75 17.72
N PHE I 170 28.61 -16.74 18.50
CA PHE I 170 28.30 -16.75 19.91
C PHE I 170 28.97 -15.58 20.63
N PHE I 171 30.28 -15.40 20.43
CA PHE I 171 30.98 -14.41 21.22
C PHE I 171 30.90 -13.00 20.63
N GLY I 172 30.64 -12.86 19.34
CA GLY I 172 30.47 -11.56 18.73
C GLY I 172 31.77 -10.96 18.22
N ALA I 173 31.62 -10.01 17.29
CA ALA I 173 32.77 -9.42 16.62
C ALA I 173 33.60 -8.55 17.57
N ASN I 174 32.94 -7.83 18.49
CA ASN I 174 33.67 -6.92 19.37
C ASN I 174 34.56 -7.67 20.36
N ALA I 175 34.14 -8.84 20.83
CA ALA I 175 34.98 -9.63 21.72
C ALA I 175 36.27 -10.06 21.01
N MET I 176 36.17 -10.42 19.73
CA MET I 176 37.34 -10.87 18.99
C MET I 176 38.21 -9.70 18.57
N LYS I 177 37.61 -8.55 18.24
CA LYS I 177 38.39 -7.40 17.81
C LYS I 177 39.17 -6.79 18.98
N SER I 178 38.57 -6.78 20.17
CA SER I 178 39.25 -6.22 21.33
C SER I 178 40.39 -7.09 21.82
N ASP I 179 40.46 -8.35 21.37
CA ASP I 179 41.53 -9.26 21.77
C ASP I 179 42.79 -8.90 20.98
N ILE I 180 43.74 -8.24 21.64
CA ILE I 180 44.95 -7.75 21.00
C ILE I 180 46.13 -8.05 21.91
N SER I 181 47.31 -7.59 21.49
CA SER I 181 48.56 -7.78 22.23
C SER I 181 49.30 -6.45 22.30
N ILE I 182 50.50 -6.49 22.89
CA ILE I 182 51.32 -5.29 23.02
C ILE I 182 51.88 -4.80 21.69
N SER I 183 51.73 -5.59 20.62
CA SER I 183 52.14 -5.11 19.31
C SER I 183 51.38 -3.86 18.91
N VAL I 184 50.15 -3.70 19.42
CA VAL I 184 49.40 -2.46 19.28
C VAL I 184 49.92 -1.51 20.35
N GLY I 185 50.88 -0.66 19.98
CA GLY I 185 51.58 0.16 20.95
C GLY I 185 50.75 1.27 21.55
N GLU I 186 49.71 1.72 20.86
CA GLU I 186 48.90 2.83 21.37
C GLU I 186 48.18 2.44 22.67
N LEU I 187 47.74 1.19 22.79
CA LEU I 187 47.11 0.75 24.02
C LEU I 187 48.08 0.63 25.18
N GLY I 188 49.39 0.66 24.92
CA GLY I 188 50.36 0.53 25.98
C GLY I 188 50.57 -0.93 26.37
N SER I 189 51.20 -1.11 27.53
CA SER I 189 51.52 -2.44 28.03
C SER I 189 51.10 -2.55 29.49
N LEU I 190 50.39 -3.62 29.81
CA LEU I 190 50.06 -3.90 31.20
C LEU I 190 51.32 -4.24 32.01
N LEU I 191 52.22 -5.04 31.42
CA LEU I 191 53.45 -5.42 32.12
C LEU I 191 54.35 -4.22 32.34
N ASP I 192 54.42 -3.32 31.36
CA ASP I 192 55.27 -2.13 31.49
C ASP I 192 54.61 -1.00 32.26
N HIS I 193 53.31 -1.10 32.54
CA HIS I 193 52.56 -0.04 33.24
C HIS I 193 52.68 1.29 32.50
N SER I 194 52.39 1.26 31.20
CA SER I 194 52.58 2.40 30.33
C SER I 194 51.31 2.68 29.53
N GLY I 195 51.20 3.93 29.10
CA GLY I 195 50.07 4.38 28.32
C GLY I 195 48.78 4.33 29.11
N PRO I 196 47.68 4.03 28.41
CA PRO I 196 46.38 3.96 29.10
C PRO I 196 46.39 3.02 30.29
N HIS I 197 47.11 1.90 30.17
CA HIS I 197 47.22 0.97 31.29
C HIS I 197 47.65 1.70 32.55
N LYS I 198 48.70 2.51 32.45
CA LYS I 198 49.16 3.28 33.61
C LYS I 198 48.02 4.10 34.19
N GLU I 199 47.32 4.85 33.33
CA GLU I 199 46.19 5.65 33.80
C GLU I 199 45.16 4.76 34.49
N ALA I 200 44.87 3.60 33.89
CA ALA I 200 43.92 2.67 34.49
C ALA I 200 44.30 2.39 35.93
N GLU I 201 45.57 2.04 36.16
CA GLU I 201 46.01 1.74 37.52
C GLU I 201 45.70 2.91 38.45
N GLU I 202 46.11 4.11 38.06
CA GLU I 202 45.85 5.27 38.89
C GLU I 202 44.35 5.43 39.11
N TYR I 203 43.57 5.30 38.04
CA TYR I 203 42.12 5.36 38.17
C TYR I 203 41.65 4.38 39.22
N ILE I 204 42.08 3.12 39.11
CA ILE I 204 41.64 2.11 40.06
C ILE I 204 42.11 2.50 41.46
N ALA I 205 43.35 2.98 41.59
CA ALA I 205 43.86 3.32 42.90
C ALA I 205 43.04 4.42 43.54
N ARG I 206 42.47 5.32 42.74
CA ARG I 206 41.64 6.37 43.31
C ARG I 206 40.26 5.88 43.69
N THR I 207 39.74 4.87 42.97
CA THR I 207 38.40 4.40 43.23
C THR I 207 38.33 3.51 44.47
N PHE I 208 39.41 2.79 44.77
CA PHE I 208 39.40 1.79 45.84
C PHE I 208 40.14 2.24 47.10
N ASN I 209 40.50 3.52 47.19
CA ASN I 209 41.20 4.06 48.35
C ASN I 209 42.53 3.33 48.58
N ALA I 210 43.29 3.18 47.51
CA ALA I 210 44.60 2.54 47.55
C ALA I 210 45.68 3.53 47.17
N GLU I 211 46.85 3.36 47.78
CA GLU I 211 48.01 4.15 47.34
C GLU I 211 48.50 3.67 45.98
N ARG I 212 48.61 2.35 45.81
CA ARG I 212 49.00 1.77 44.53
C ARG I 212 48.07 0.62 44.17
N SER I 213 47.83 0.44 42.89
CA SER I 213 46.93 -0.62 42.42
C SER I 213 47.55 -1.36 41.25
N TYR I 214 47.42 -2.69 41.28
CA TYR I 214 47.89 -3.57 40.22
C TYR I 214 46.75 -4.46 39.76
N MET I 215 46.65 -4.67 38.46
CA MET I 215 45.61 -5.52 37.90
C MET I 215 46.20 -6.87 37.51
N VAL I 216 45.57 -7.94 38.00
CA VAL I 216 46.02 -9.31 37.80
C VAL I 216 44.99 -10.01 36.92
N THR I 217 45.46 -10.71 35.89
CA THR I 217 44.57 -11.41 34.98
C THR I 217 44.48 -12.90 35.26
N ASN I 218 45.02 -13.37 36.37
CA ASN I 218 44.99 -14.79 36.70
C ASN I 218 44.40 -15.03 38.08
N GLY I 219 43.52 -14.14 38.54
CA GLY I 219 42.79 -14.36 39.76
C GLY I 219 43.53 -13.98 41.02
N THR I 220 42.78 -14.03 42.12
CA THR I 220 43.34 -13.74 43.44
C THR I 220 44.35 -14.80 43.86
N SER I 221 44.29 -16.01 43.28
CA SER I 221 45.36 -16.98 43.54
C SER I 221 46.71 -16.40 43.14
N THR I 222 46.80 -15.89 41.90
CA THR I 222 48.02 -15.29 41.42
C THR I 222 48.33 -14.00 42.17
N ALA I 223 47.32 -13.20 42.49
CA ALA I 223 47.56 -11.99 43.26
C ALA I 223 48.17 -12.30 44.63
N ASN I 224 47.63 -13.32 45.31
CA ASN I 224 48.16 -13.73 46.60
C ASN I 224 49.59 -14.23 46.47
N LYS I 225 49.87 -15.01 45.42
CA LYS I 225 51.24 -15.49 45.24
C LYS I 225 52.20 -14.33 44.99
N ILE I 226 51.76 -13.34 44.22
CA ILE I 226 52.61 -12.17 43.96
C ILE I 226 52.92 -11.42 45.26
N VAL I 227 51.88 -11.15 46.05
CA VAL I 227 52.07 -10.42 47.30
C VAL I 227 52.97 -11.21 48.23
N GLY I 228 52.71 -12.51 48.39
CA GLY I 228 53.51 -13.32 49.28
C GLY I 228 54.96 -13.43 48.84
N MET I 229 55.19 -13.57 47.55
CA MET I 229 56.56 -13.69 47.05
C MET I 229 57.33 -12.40 47.24
N TYR I 230 56.69 -11.25 47.00
CA TYR I 230 57.38 -10.00 47.27
C TYR I 230 57.64 -9.82 48.76
N SER I 231 56.71 -10.25 49.62
CA SER I 231 56.81 -9.98 51.04
C SER I 231 57.58 -11.03 51.83
N ALA I 232 57.79 -12.22 51.28
CA ALA I 232 58.38 -13.33 52.04
C ALA I 232 59.54 -13.95 51.27
N PRO I 233 60.76 -13.48 51.51
CA PRO I 233 61.93 -14.13 50.89
C PRO I 233 62.13 -15.53 51.44
N ALA I 234 62.85 -16.33 50.67
CA ALA I 234 63.13 -17.71 51.06
C ALA I 234 63.86 -17.74 52.40
N GLY I 235 63.37 -18.58 53.31
CA GLY I 235 63.93 -18.67 54.64
C GLY I 235 63.25 -17.79 55.68
N SER I 236 62.15 -17.14 55.34
CA SER I 236 61.45 -16.26 56.26
C SER I 236 60.23 -16.96 56.85
N THR I 237 59.79 -16.44 58.00
CA THR I 237 58.60 -16.94 58.68
C THR I 237 57.42 -16.05 58.35
N VAL I 238 56.28 -16.68 58.09
CA VAL I 238 55.05 -15.96 57.73
C VAL I 238 53.92 -16.44 58.62
N LEU I 239 53.18 -15.50 59.19
CA LEU I 239 51.92 -15.82 59.86
C LEU I 239 50.85 -16.06 58.80
N ILE I 240 50.18 -17.20 58.88
CA ILE I 240 49.21 -17.62 57.88
C ILE I 240 47.90 -17.94 58.58
N ASP I 241 46.80 -17.37 58.08
CA ASP I 241 45.48 -17.80 58.53
C ASP I 241 45.29 -19.26 58.19
N ARG I 242 44.85 -20.06 59.16
CA ARG I 242 44.53 -21.45 58.87
C ARG I 242 43.35 -21.55 57.92
N ASN I 243 42.45 -20.56 57.97
CA ASN I 243 41.39 -20.41 56.99
C ASN I 243 41.92 -19.72 55.75
N CYS I 244 43.00 -20.22 55.17
CA CYS I 244 43.59 -19.65 53.98
C CYS I 244 43.15 -20.42 52.75
N HIS I 245 43.09 -19.71 51.63
CA HIS I 245 42.81 -20.36 50.36
C HIS I 245 43.99 -21.23 49.95
N LYS I 246 43.72 -22.21 49.08
CA LYS I 246 44.76 -23.12 48.64
C LYS I 246 45.91 -22.41 47.94
N SER I 247 45.70 -21.17 47.47
CA SER I 247 46.76 -20.41 46.82
C SER I 247 47.90 -20.10 47.79
N LEU I 248 47.58 -19.78 49.05
CA LEU I 248 48.64 -19.56 50.03
C LEU I 248 49.43 -20.85 50.26
N THR I 249 48.74 -21.99 50.28
CA THR I 249 49.43 -23.27 50.38
C THR I 249 50.34 -23.49 49.19
N HIS I 250 49.86 -23.16 47.98
CA HIS I 250 50.70 -23.29 46.79
C HIS I 250 51.93 -22.40 46.87
N LEU I 251 51.76 -21.18 47.39
CA LEU I 251 52.90 -20.29 47.58
C LEU I 251 53.91 -20.90 48.54
N MET I 252 53.42 -21.51 49.63
CA MET I 252 54.33 -22.15 50.57
C MET I 252 55.00 -23.39 49.98
N MET I 253 54.32 -24.10 49.08
CA MET I 253 54.95 -25.19 48.35
C MET I 253 55.93 -24.70 47.30
N MET I 254 55.82 -23.43 46.89
CA MET I 254 56.71 -22.84 45.90
C MET I 254 57.94 -22.20 46.52
N SER I 255 57.78 -21.53 47.65
CA SER I 255 58.87 -20.82 48.31
C SER I 255 59.15 -21.46 49.66
N ASP I 256 60.44 -21.54 50.01
CA ASP I 256 60.87 -22.10 51.29
C ASP I 256 60.62 -21.08 52.39
N ILE I 257 59.38 -21.03 52.85
CA ILE I 257 58.97 -20.14 53.93
C ILE I 257 58.35 -20.97 55.04
N THR I 258 58.65 -20.60 56.28
CA THR I 258 58.16 -21.34 57.43
C THR I 258 56.85 -20.73 57.91
N PRO I 259 55.75 -21.48 57.94
CA PRO I 259 54.47 -20.93 58.40
C PRO I 259 54.20 -21.13 59.88
N ILE I 260 53.59 -20.11 60.47
CA ILE I 260 53.01 -20.19 61.82
C ILE I 260 51.54 -19.86 61.66
N TYR I 261 50.68 -20.79 62.06
CA TYR I 261 49.28 -20.74 61.70
C TYR I 261 48.43 -20.07 62.77
N PHE I 262 47.65 -19.07 62.36
CA PHE I 262 46.58 -18.55 63.19
C PHE I 262 45.51 -19.62 63.34
N ARG I 263 44.79 -19.59 64.46
CA ARG I 263 43.77 -20.60 64.71
C ARG I 263 42.38 -19.95 64.73
N PRO I 264 41.62 -20.05 63.65
CA PRO I 264 40.26 -19.53 63.66
C PRO I 264 39.30 -20.48 64.37
N THR I 265 38.14 -19.95 64.70
CA THR I 265 37.10 -20.70 65.38
C THR I 265 36.11 -21.28 64.37
N ARG I 266 35.12 -22.02 64.89
CA ARG I 266 34.07 -22.58 64.05
C ARG I 266 32.88 -22.91 64.93
N ASN I 267 31.74 -23.14 64.28
CA ASN I 267 30.49 -23.46 64.97
C ASN I 267 30.03 -24.86 64.58
N ALA I 268 28.88 -25.25 65.13
CA ALA I 268 28.34 -26.59 64.86
C ALA I 268 28.02 -26.79 63.38
N TYR I 269 27.59 -25.74 62.69
CA TYR I 269 27.29 -25.82 61.26
C TYR I 269 28.53 -26.00 60.42
N GLY I 270 29.72 -25.81 60.98
CA GLY I 270 30.94 -25.83 60.21
C GLY I 270 31.30 -24.50 59.59
N ILE I 271 30.56 -23.44 59.90
CA ILE I 271 30.90 -22.11 59.41
C ILE I 271 32.18 -21.64 60.08
N LEU I 272 33.16 -21.24 59.28
CA LEU I 272 34.45 -20.84 59.81
C LEU I 272 34.34 -19.50 60.53
N GLY I 273 34.71 -19.48 61.81
CA GLY I 273 34.71 -18.26 62.57
C GLY I 273 36.01 -17.50 62.43
N GLY I 274 36.02 -16.31 63.03
CA GLY I 274 37.19 -15.47 62.96
C GLY I 274 38.30 -15.90 63.89
N ILE I 275 39.47 -15.31 63.67
CA ILE I 275 40.64 -15.55 64.50
C ILE I 275 40.50 -14.72 65.78
N PRO I 276 40.56 -15.34 66.95
CA PRO I 276 40.45 -14.56 68.20
C PRO I 276 41.60 -13.56 68.34
N LYS I 277 41.34 -12.49 69.08
CA LYS I 277 42.30 -11.41 69.21
C LYS I 277 43.60 -11.86 69.86
N SER I 278 43.53 -12.85 70.75
CA SER I 278 44.73 -13.33 71.43
C SER I 278 45.78 -13.85 70.45
N GLU I 279 45.34 -14.43 69.33
CA GLU I 279 46.27 -14.93 68.34
C GLU I 279 47.08 -13.81 67.69
N PHE I 280 46.58 -12.59 67.71
CA PHE I 280 47.30 -11.46 67.15
C PHE I 280 48.26 -10.81 68.13
N GLN I 281 48.25 -11.22 69.40
CA GLN I 281 49.10 -10.60 70.40
C GLN I 281 50.57 -10.97 70.19
N HIS I 282 51.45 -10.05 70.57
CA HIS I 282 52.88 -10.25 70.37
C HIS I 282 53.40 -11.44 71.16
N ASP I 283 52.91 -11.63 72.38
CA ASP I 283 53.38 -12.74 73.21
C ASP I 283 53.01 -14.09 72.61
N THR I 284 51.78 -14.21 72.09
CA THR I 284 51.36 -15.47 71.48
C THR I 284 52.24 -15.80 70.28
N ILE I 285 52.49 -14.81 69.42
CA ILE I 285 53.33 -15.03 68.24
C ILE I 285 54.74 -15.39 68.65
N ALA I 286 55.29 -14.71 69.66
CA ALA I 286 56.64 -15.01 70.12
C ALA I 286 56.73 -16.43 70.66
N GLU I 287 55.73 -16.86 71.41
CA GLU I 287 55.72 -18.23 71.92
C GLU I 287 55.68 -19.23 70.76
N ARG I 288 54.86 -18.96 69.75
CA ARG I 288 54.78 -19.87 68.61
C ARG I 288 56.10 -19.90 67.85
N VAL I 289 56.79 -18.75 67.73
CA VAL I 289 58.10 -18.73 67.09
C VAL I 289 59.09 -19.56 67.88
N ALA I 290 59.07 -19.44 69.21
CA ALA I 290 59.95 -20.23 70.05
C ALA I 290 59.70 -21.72 69.87
N GLN I 291 58.43 -22.12 69.79
CA GLN I 291 58.11 -23.53 69.64
C GLN I 291 58.42 -24.04 68.23
N THR I 292 58.28 -23.20 67.21
CA THR I 292 58.45 -23.64 65.84
C THR I 292 59.93 -23.70 65.47
N PRO I 293 60.45 -24.84 65.02
CA PRO I 293 61.87 -24.90 64.65
C PRO I 293 62.12 -24.20 63.32
N ASN I 294 63.31 -23.60 63.22
CA ASN I 294 63.72 -22.83 62.04
C ASN I 294 62.78 -21.67 61.76
N ALA I 295 62.22 -21.09 62.82
CA ALA I 295 61.29 -19.98 62.70
C ALA I 295 61.84 -18.76 63.41
N THR I 296 61.84 -17.64 62.73
CA THR I 296 62.21 -16.34 63.28
C THR I 296 60.94 -15.51 63.44
N TRP I 297 61.11 -14.25 63.81
CA TRP I 297 59.95 -13.38 63.91
C TRP I 297 59.33 -13.18 62.53
N PRO I 298 58.03 -13.38 62.37
CA PRO I 298 57.43 -13.34 61.03
C PRO I 298 57.57 -11.97 60.38
N VAL I 299 57.89 -11.99 59.09
CA VAL I 299 58.03 -10.76 58.30
C VAL I 299 56.79 -10.47 57.47
N HIS I 300 55.85 -11.41 57.39
CA HIS I 300 54.62 -11.25 56.63
C HIS I 300 53.49 -11.91 57.39
N ALA I 301 52.27 -11.42 57.17
CA ALA I 301 51.10 -11.99 57.81
C ALA I 301 49.94 -11.93 56.83
N VAL I 302 49.22 -13.05 56.69
CA VAL I 302 48.10 -13.17 55.77
C VAL I 302 46.86 -13.53 56.56
N VAL I 303 45.81 -12.72 56.39
CA VAL I 303 44.53 -12.91 57.05
C VAL I 303 43.44 -12.94 55.99
N THR I 304 42.52 -13.89 56.12
CA THR I 304 41.38 -14.00 55.21
C THR I 304 40.26 -13.11 55.73
N ASN I 305 40.00 -12.01 55.03
CA ASN I 305 38.98 -11.04 55.43
C ASN I 305 38.25 -10.56 54.19
N SER I 306 36.98 -10.90 54.07
CA SER I 306 36.26 -11.67 55.08
C SER I 306 36.38 -13.17 54.85
N THR I 307 35.61 -13.93 55.61
CA THR I 307 35.54 -15.37 55.41
C THR I 307 34.54 -15.69 54.30
N TYR I 308 34.50 -16.96 53.92
CA TYR I 308 33.58 -17.38 52.87
C TYR I 308 32.13 -17.10 53.26
N ASP I 309 31.78 -17.33 54.52
CA ASP I 309 30.41 -17.12 54.98
C ASP I 309 30.11 -15.66 55.30
N GLY I 310 31.09 -14.76 55.20
CA GLY I 310 30.84 -13.34 55.33
C GLY I 310 31.11 -12.74 56.69
N LEU I 311 32.20 -13.15 57.35
CA LEU I 311 32.59 -12.60 58.64
C LEU I 311 33.79 -11.68 58.46
N LEU I 312 33.57 -10.39 58.61
CA LEU I 312 34.62 -9.38 58.50
C LEU I 312 35.24 -9.09 59.86
N TYR I 313 36.52 -8.75 59.84
CA TYR I 313 37.27 -8.38 61.04
C TYR I 313 37.24 -6.88 61.26
N ASN I 314 37.43 -6.49 62.52
CA ASN I 314 37.76 -5.11 62.85
C ASN I 314 39.22 -4.92 62.44
N THR I 315 39.44 -4.37 61.25
CA THR I 315 40.80 -4.31 60.71
C THR I 315 41.67 -3.30 61.42
N ASP I 316 41.07 -2.28 62.05
CA ASP I 316 41.87 -1.31 62.80
C ASP I 316 42.61 -2.00 63.94
N TYR I 317 41.93 -2.90 64.65
CA TYR I 317 42.58 -3.61 65.76
C TYR I 317 43.73 -4.47 65.25
N ILE I 318 43.54 -5.17 64.13
CA ILE I 318 44.60 -6.01 63.59
C ILE I 318 45.79 -5.16 63.17
N LYS I 319 45.53 -4.04 62.47
CA LYS I 319 46.61 -3.18 62.03
C LYS I 319 47.38 -2.61 63.21
N GLU I 320 46.69 -2.29 64.31
CA GLU I 320 47.38 -1.75 65.48
C GLU I 320 48.15 -2.83 66.23
N ALA I 321 47.57 -4.02 66.40
CA ALA I 321 48.12 -5.01 67.32
C ALA I 321 49.09 -6.00 66.67
N LEU I 322 48.95 -6.27 65.38
CA LEU I 322 49.79 -7.26 64.72
C LEU I 322 51.16 -6.66 64.47
N ASP I 323 52.16 -7.09 65.24
CA ASP I 323 53.52 -6.55 65.17
C ASP I 323 54.29 -7.22 64.02
N VAL I 324 53.79 -7.01 62.81
CA VAL I 324 54.41 -7.52 61.59
C VAL I 324 54.49 -6.36 60.60
N LYS I 325 55.63 -6.22 59.95
CA LYS I 325 55.84 -5.10 59.05
C LYS I 325 55.02 -5.21 57.77
N SER I 326 54.53 -6.41 57.43
CA SER I 326 53.76 -6.62 56.21
C SER I 326 52.49 -7.39 56.54
N ILE I 327 51.34 -6.75 56.36
CA ILE I 327 50.05 -7.37 56.63
C ILE I 327 49.26 -7.41 55.33
N HIS I 328 48.88 -8.60 54.90
CA HIS I 328 48.14 -8.80 53.66
C HIS I 328 46.76 -9.39 53.99
N PHE I 329 45.72 -8.69 53.59
CA PHE I 329 44.35 -9.16 53.74
C PHE I 329 43.89 -9.75 52.41
N ASP I 330 43.59 -11.05 52.44
CA ASP I 330 43.02 -11.74 51.29
C ASP I 330 41.54 -11.41 51.27
N SER I 331 41.17 -10.40 50.48
CA SER I 331 39.81 -9.87 50.44
C SER I 331 39.09 -10.28 49.16
N ALA I 332 39.34 -11.51 48.71
CA ALA I 332 38.73 -11.99 47.47
C ALA I 332 37.22 -11.84 47.50
N TRP I 333 36.60 -12.04 48.65
CA TRP I 333 35.15 -12.02 48.76
C TRP I 333 34.57 -10.65 49.07
N VAL I 334 35.39 -9.64 49.35
CA VAL I 334 34.85 -8.32 49.67
C VAL I 334 35.54 -7.23 48.87
N PRO I 335 35.34 -7.16 47.55
CA PRO I 335 35.92 -6.06 46.78
C PRO I 335 35.09 -4.79 46.78
N TYR I 336 33.90 -4.81 47.39
CA TYR I 336 33.01 -3.65 47.40
C TYR I 336 33.22 -2.75 48.61
N THR I 337 34.10 -3.11 49.54
CA THR I 337 34.44 -2.20 50.61
C THR I 337 35.05 -0.94 50.01
N ASN I 338 34.91 0.18 50.72
CA ASN I 338 35.19 1.54 50.31
C ASN I 338 34.05 2.13 49.48
N PHE I 339 33.03 1.33 49.13
CA PHE I 339 31.90 1.83 48.36
C PHE I 339 30.62 1.92 49.20
N SER I 340 30.66 1.47 50.46
CA SER I 340 29.55 1.62 51.38
C SER I 340 30.11 1.95 52.75
N PRO I 341 29.51 2.91 53.46
CA PRO I 341 30.03 3.28 54.79
C PRO I 341 29.90 2.20 55.84
N ILE I 342 29.06 1.18 55.62
CA ILE I 342 28.90 0.12 56.61
C ILE I 342 30.15 -0.71 56.77
N TYR I 343 31.09 -0.63 55.83
CA TYR I 343 32.33 -1.40 55.88
C TYR I 343 33.49 -0.58 56.41
N LYS I 344 33.23 0.61 56.94
CA LYS I 344 34.31 1.44 57.47
C LYS I 344 35.01 0.71 58.61
N GLY I 345 36.34 0.67 58.55
CA GLY I 345 37.12 -0.05 59.54
C GLY I 345 37.07 -1.55 59.43
N LEU I 346 36.53 -2.08 58.34
CA LEU I 346 36.37 -3.53 58.17
C LEU I 346 37.10 -4.03 56.93
N CYS I 347 38.15 -3.32 56.49
CA CYS I 347 38.92 -3.75 55.34
C CYS I 347 40.34 -3.22 55.48
N GLY I 348 41.25 -3.80 54.69
CA GLY I 348 42.65 -3.43 54.77
C GLY I 348 42.91 -2.00 54.31
N MET I 349 42.20 -1.55 53.29
CA MET I 349 42.41 -0.20 52.76
C MET I 349 41.70 0.87 53.58
N SER I 350 40.92 0.48 54.59
CA SER I 350 40.20 1.46 55.40
C SER I 350 41.17 2.30 56.21
N GLY I 351 40.98 3.61 56.19
CA GLY I 351 41.83 4.51 56.94
C GLY I 351 43.02 5.00 56.15
N GLY I 352 44.14 5.21 56.83
CA GLY I 352 45.34 5.69 56.18
C GLY I 352 46.56 4.81 56.39
N ARG I 353 47.74 5.39 56.19
CA ARG I 353 48.98 4.65 56.33
C ARG I 353 49.20 4.22 57.78
N VAL I 354 49.69 3.00 57.95
CA VAL I 354 50.14 2.51 59.24
C VAL I 354 51.65 2.69 59.28
N GLU I 355 52.13 3.41 60.29
CA GLU I 355 53.55 3.72 60.39
C GLU I 355 54.38 2.45 60.50
N GLY I 356 55.42 2.35 59.68
CA GLY I 356 56.30 1.21 59.70
C GLY I 356 55.68 -0.08 59.22
N LYS I 357 54.58 -0.01 58.48
CA LYS I 357 53.89 -1.19 58.01
C LYS I 357 53.41 -0.96 56.58
N VAL I 358 53.24 -2.06 55.86
CA VAL I 358 52.63 -2.04 54.54
C VAL I 358 51.43 -2.97 54.57
N ILE I 359 50.29 -2.47 54.10
CA ILE I 359 49.04 -3.22 54.07
C ILE I 359 48.69 -3.54 52.63
N TYR I 360 48.44 -4.82 52.36
CA TYR I 360 48.01 -5.29 51.05
C TYR I 360 46.56 -5.75 51.13
N GLU I 361 45.83 -5.55 50.06
CA GLU I 361 44.49 -6.10 49.89
C GLU I 361 44.47 -6.84 48.56
N THR I 362 44.05 -8.09 48.57
CA THR I 362 43.87 -8.84 47.33
C THR I 362 42.37 -9.04 47.13
N GLN I 363 41.84 -8.49 46.03
CA GLN I 363 40.41 -8.49 45.78
C GLN I 363 40.10 -9.22 44.48
N SER I 364 39.15 -10.16 44.54
CA SER I 364 38.62 -10.78 43.34
C SER I 364 37.55 -9.86 42.78
N THR I 365 37.94 -9.03 41.81
CA THR I 365 36.99 -8.12 41.18
C THR I 365 35.88 -8.90 40.49
N HIS I 366 36.16 -10.11 40.04
CA HIS I 366 35.22 -10.96 39.33
C HIS I 366 34.35 -11.79 40.26
N LYS I 367 34.47 -11.63 41.58
CA LYS I 367 33.72 -12.46 42.52
C LYS I 367 32.46 -11.79 43.04
N LEU I 368 32.55 -10.52 43.46
CA LEU I 368 31.40 -9.80 43.99
C LEU I 368 31.16 -8.47 43.32
N LEU I 369 32.03 -8.02 42.42
CA LEU I 369 31.78 -6.88 41.56
C LEU I 369 31.52 -7.40 40.15
N ALA I 370 31.39 -6.49 39.19
CA ALA I 370 31.10 -6.85 37.81
C ALA I 370 32.39 -6.87 37.00
N ALA I 371 32.98 -8.05 36.84
CA ALA I 371 34.20 -8.21 36.06
C ALA I 371 34.27 -9.64 35.55
N PHE I 372 35.01 -9.81 34.45
CA PHE I 372 35.21 -11.13 33.89
C PHE I 372 36.04 -11.98 34.83
N SER I 373 35.79 -13.29 34.80
CA SER I 373 36.54 -14.23 35.64
C SER I 373 38.04 -14.08 35.42
N GLN I 374 38.80 -14.30 36.50
CA GLN I 374 40.24 -14.18 36.65
C GLN I 374 40.68 -12.72 36.84
N ALA I 375 39.76 -11.76 36.87
CA ALA I 375 40.14 -10.36 37.09
C ALA I 375 40.33 -10.11 38.58
N SER I 376 41.52 -9.65 38.96
CA SER I 376 41.85 -9.43 40.35
C SER I 376 42.59 -8.11 40.50
N MET I 377 42.59 -7.61 41.73
CA MET I 377 43.27 -6.36 42.06
C MET I 377 44.17 -6.56 43.27
N ILE I 378 45.33 -5.93 43.22
CA ILE I 378 46.23 -5.83 44.38
C ILE I 378 46.27 -4.35 44.77
N HIS I 379 45.88 -4.06 46.01
CA HIS I 379 45.89 -2.70 46.54
C HIS I 379 46.97 -2.60 47.60
N VAL I 380 47.80 -1.58 47.52
CA VAL I 380 48.94 -1.39 48.40
C VAL I 380 48.81 -0.05 49.10
N LYS I 381 48.97 -0.07 50.43
CA LYS I 381 49.02 1.14 51.25
C LYS I 381 50.28 1.05 52.09
N GLY I 382 51.25 1.91 51.80
CA GLY I 382 52.52 1.91 52.49
C GLY I 382 53.66 1.96 51.50
N ASP I 383 54.87 1.73 52.01
CA ASP I 383 56.09 1.86 51.22
C ASP I 383 56.50 0.49 50.68
N ILE I 384 56.73 0.42 49.37
CA ILE I 384 57.23 -0.78 48.72
C ILE I 384 58.34 -0.38 47.76
N ASN I 385 59.18 -1.36 47.44
CA ASN I 385 60.15 -1.21 46.37
C ASN I 385 59.42 -1.48 45.06
N GLU I 386 59.14 -0.41 44.30
CA GLU I 386 58.31 -0.53 43.11
C GLU I 386 58.96 -1.44 42.06
N GLU I 387 60.29 -1.36 41.93
CA GLU I 387 60.97 -2.22 40.98
C GLU I 387 60.90 -3.69 41.39
N THR I 388 61.21 -3.98 42.66
CA THR I 388 61.18 -5.35 43.14
C THR I 388 59.77 -5.93 43.11
N PHE I 389 58.79 -5.13 43.53
CA PHE I 389 57.41 -5.58 43.44
C PHE I 389 57.00 -5.78 41.99
N ASN I 390 57.50 -4.95 41.09
CA ASN I 390 57.20 -5.10 39.67
C ASN I 390 57.79 -6.39 39.11
N GLU I 391 58.99 -6.75 39.56
CA GLU I 391 59.57 -8.03 39.16
C GLU I 391 58.73 -9.19 39.67
N ALA I 392 58.31 -9.13 40.94
CA ALA I 392 57.47 -10.18 41.49
C ALA I 392 56.14 -10.27 40.74
N TYR I 393 55.59 -9.12 40.36
CA TYR I 393 54.36 -9.07 39.58
C TYR I 393 54.55 -9.71 38.21
N MET I 394 55.66 -9.40 37.54
CA MET I 394 55.90 -9.95 36.21
C MET I 394 56.12 -11.46 36.25
N MET I 395 56.72 -11.97 37.33
CA MET I 395 56.99 -13.40 37.40
C MET I 395 55.73 -14.26 37.31
N HIS I 396 54.56 -13.72 37.64
CA HIS I 396 53.33 -14.48 37.60
C HIS I 396 52.33 -13.98 36.57
N THR I 397 52.58 -12.85 35.92
CA THR I 397 51.66 -12.30 34.94
C THR I 397 52.15 -12.67 33.53
N SER I 398 51.23 -13.17 32.71
CA SER I 398 51.56 -13.59 31.36
C SER I 398 51.89 -12.39 30.47
N THR I 399 52.76 -12.61 29.49
CA THR I 399 53.16 -11.56 28.56
C THR I 399 52.07 -11.26 27.53
N SER I 400 50.98 -12.01 27.50
CA SER I 400 49.87 -11.77 26.56
C SER I 400 48.58 -11.69 27.36
N PRO I 401 48.41 -10.67 28.18
CA PRO I 401 47.22 -10.57 29.01
C PRO I 401 45.97 -10.45 28.17
N HIS I 402 44.88 -11.05 28.65
CA HIS I 402 43.58 -10.91 28.02
C HIS I 402 43.08 -9.48 28.22
N TYR I 403 43.03 -8.71 27.12
CA TYR I 403 42.64 -7.31 27.23
C TYR I 403 41.18 -7.16 27.66
N GLY I 404 40.33 -8.13 27.33
CA GLY I 404 38.96 -8.10 27.80
C GLY I 404 38.86 -8.16 29.31
N ILE I 405 39.67 -9.00 29.94
CA ILE I 405 39.69 -9.09 31.40
C ILE I 405 40.19 -7.78 32.02
N VAL I 406 41.24 -7.21 31.43
CA VAL I 406 41.81 -5.95 31.92
C VAL I 406 40.78 -4.82 31.81
N ALA I 407 40.08 -4.74 30.69
CA ALA I 407 39.04 -3.75 30.51
C ALA I 407 37.87 -3.99 31.44
N SER I 408 37.55 -5.26 31.73
CA SER I 408 36.48 -5.56 32.68
C SER I 408 36.86 -5.08 34.08
N THR I 409 38.15 -5.22 34.44
CA THR I 409 38.62 -4.70 35.72
C THR I 409 38.45 -3.19 35.80
N GLU I 410 38.90 -2.48 34.76
CA GLU I 410 38.76 -1.02 34.75
C GLU I 410 37.29 -0.60 34.76
N THR I 411 36.44 -1.32 34.02
CA THR I 411 35.02 -1.01 33.98
C THR I 411 34.35 -1.30 35.33
N ALA I 412 34.82 -2.31 36.04
CA ALA I 412 34.33 -2.56 37.39
C ALA I 412 34.67 -1.40 38.30
N ALA I 413 35.87 -0.84 38.14
CA ALA I 413 36.22 0.36 38.90
C ALA I 413 35.31 1.53 38.53
N ALA I 414 35.03 1.69 37.24
CA ALA I 414 34.20 2.82 36.79
C ALA I 414 32.74 2.68 37.22
N MET I 415 32.25 1.44 37.35
CA MET I 415 30.86 1.22 37.74
C MET I 415 30.55 1.67 39.16
N MET I 416 31.57 1.83 40.00
CA MET I 416 31.37 2.28 41.37
C MET I 416 31.33 3.80 41.51
N LYS I 417 31.64 4.53 40.44
CA LYS I 417 31.72 5.98 40.52
C LYS I 417 30.35 6.62 40.53
N GLY I 418 30.19 7.63 41.36
CA GLY I 418 29.02 8.49 41.33
C GLY I 418 27.77 7.92 41.97
N ASN I 419 26.67 8.63 41.71
CA ASN I 419 25.38 8.29 42.30
C ASN I 419 24.89 6.93 41.79
N ALA I 420 25.17 6.61 40.53
CA ALA I 420 24.75 5.31 40.00
C ALA I 420 25.43 4.16 40.76
N GLY I 421 26.73 4.26 40.99
CA GLY I 421 27.43 3.23 41.73
C GLY I 421 26.99 3.16 43.18
N LYS I 422 26.79 4.32 43.80
CA LYS I 422 26.30 4.35 45.17
C LYS I 422 24.94 3.68 45.27
N ARG I 423 24.04 3.98 44.33
CA ARG I 423 22.73 3.36 44.32
C ARG I 423 22.83 1.86 44.06
N LEU I 424 23.77 1.44 43.22
CA LEU I 424 23.95 0.01 42.97
C LEU I 424 24.34 -0.73 44.25
N ILE I 425 25.35 -0.23 44.96
CA ILE I 425 25.80 -0.89 46.17
C ILE I 425 24.71 -0.86 47.25
N ASN I 426 24.08 0.31 47.43
CA ASN I 426 23.04 0.43 48.44
C ASN I 426 21.85 -0.47 48.12
N GLY I 427 21.47 -0.55 46.85
CA GLY I 427 20.37 -1.41 46.46
C GLY I 427 20.69 -2.88 46.69
N SER I 428 21.93 -3.29 46.41
CA SER I 428 22.31 -4.66 46.70
C SER I 428 22.20 -4.95 48.20
N ILE I 429 22.68 -4.02 49.03
CA ILE I 429 22.61 -4.23 50.48
C ILE I 429 21.16 -4.30 50.96
N GLU I 430 20.33 -3.37 50.52
CA GLU I 430 18.93 -3.34 50.93
C GLU I 430 18.16 -4.55 50.42
N ARG I 431 18.48 -5.03 49.21
CA ARG I 431 17.85 -6.22 48.68
C ARG I 431 18.19 -7.44 49.52
N ALA I 432 19.47 -7.57 49.90
CA ALA I 432 19.85 -8.69 50.76
C ALA I 432 19.13 -8.62 52.09
N ILE I 433 19.00 -7.43 52.66
CA ILE I 433 18.35 -7.28 53.96
C ILE I 433 16.84 -7.57 53.85
N ARG I 434 16.20 -7.13 52.76
CA ARG I 434 14.79 -7.44 52.57
C ARG I 434 14.57 -8.94 52.42
N PHE I 435 15.47 -9.61 51.69
CA PHE I 435 15.36 -11.07 51.58
C PHE I 435 15.53 -11.74 52.93
N ARG I 436 16.49 -11.28 53.74
CA ARG I 436 16.69 -11.86 55.07
C ARG I 436 15.46 -11.69 55.93
N LYS I 437 14.87 -10.48 55.92
CA LYS I 437 13.67 -10.23 56.71
C LYS I 437 12.51 -11.09 56.22
N GLU I 438 12.38 -11.27 54.90
CA GLU I 438 11.31 -12.11 54.38
C GLU I 438 11.49 -13.56 54.79
N ILE I 439 12.74 -14.04 54.80
CA ILE I 439 12.98 -15.41 55.27
C ILE I 439 12.57 -15.56 56.72
N LYS I 440 12.92 -14.57 57.56
CA LYS I 440 12.48 -14.61 58.96
C LYS I 440 10.96 -14.62 59.07
N ARG I 441 10.29 -13.76 58.29
CA ARG I 441 8.84 -13.67 58.36
C ARG I 441 8.18 -14.97 57.93
N LEU I 442 8.66 -15.58 56.84
CA LEU I 442 8.09 -16.85 56.38
C LEU I 442 8.34 -17.95 57.40
N ASN I 443 9.52 -17.94 58.04
CA ASN I 443 9.78 -18.93 59.07
C ASN I 443 8.82 -18.77 60.25
N SER I 444 8.55 -17.52 60.65
CA SER I 444 7.67 -17.29 61.78
C SER I 444 6.24 -17.72 61.49
N GLU I 445 5.76 -17.48 60.27
CA GLU I 445 4.38 -17.80 59.92
C GLU I 445 4.22 -19.19 59.33
N SER I 446 5.31 -19.96 59.22
CA SER I 446 5.22 -21.32 58.73
C SER I 446 4.82 -22.26 59.85
N GLU I 447 3.91 -23.18 59.53
CA GLU I 447 3.53 -24.25 60.45
C GLU I 447 4.39 -25.46 60.12
N GLY I 448 5.30 -25.80 61.02
CA GLY I 448 6.26 -26.84 60.78
C GLY I 448 7.64 -26.29 60.43
N TRP I 449 8.42 -27.13 59.76
CA TRP I 449 9.78 -26.76 59.40
C TRP I 449 9.80 -25.73 58.28
N PHE I 450 10.77 -24.83 58.34
CA PHE I 450 11.04 -23.90 57.25
C PHE I 450 12.49 -23.47 57.32
N PHE I 451 12.99 -22.98 56.19
CA PHE I 451 14.36 -22.51 56.12
C PHE I 451 14.60 -21.35 57.07
N ASP I 452 15.73 -21.40 57.77
CA ASP I 452 16.19 -20.32 58.62
C ASP I 452 17.29 -19.54 57.92
N VAL I 453 17.69 -18.43 58.53
CA VAL I 453 18.75 -17.58 58.00
C VAL I 453 19.72 -17.26 59.12
N TRP I 454 21.01 -17.51 58.87
CA TRP I 454 22.07 -17.29 59.85
C TRP I 454 22.29 -15.79 60.01
N GLN I 455 21.72 -15.21 61.06
CA GLN I 455 21.77 -13.77 61.29
C GLN I 455 21.31 -13.43 62.70
N PRO I 456 21.53 -12.21 63.18
CA PRO I 456 20.95 -11.81 64.47
C PRO I 456 19.43 -11.72 64.40
N GLU I 457 18.82 -11.80 65.58
CA GLU I 457 17.37 -11.94 65.67
C GLU I 457 16.64 -10.70 65.14
N GLY I 458 17.16 -9.50 65.41
CA GLY I 458 16.43 -8.30 65.09
C GLY I 458 17.04 -7.35 64.08
N ILE I 459 17.53 -7.87 62.95
CA ILE I 459 18.16 -7.03 61.95
C ILE I 459 17.15 -6.00 61.45
N ASP I 460 17.51 -4.71 61.54
CA ASP I 460 16.63 -3.64 61.09
C ASP I 460 17.24 -2.81 59.98
N GLU I 461 18.40 -2.19 60.20
CA GLU I 461 18.97 -1.23 59.27
C GLU I 461 20.21 -1.82 58.60
N ALA I 462 20.68 -1.11 57.57
CA ALA I 462 21.82 -1.54 56.79
C ALA I 462 23.10 -1.31 57.57
N LYS I 463 23.75 -2.40 57.97
CA LYS I 463 25.00 -2.35 58.70
C LYS I 463 25.56 -3.76 58.79
N CYS I 464 26.85 -3.84 59.11
CA CYS I 464 27.48 -5.12 59.40
C CYS I 464 27.22 -5.45 60.86
N TRP I 465 26.39 -6.46 61.09
CA TRP I 465 25.93 -6.77 62.45
C TRP I 465 27.06 -7.40 63.27
N PRO I 466 27.41 -6.82 64.41
CA PRO I 466 28.48 -7.41 65.22
C PRO I 466 28.06 -8.73 65.85
N LEU I 467 29.06 -9.58 66.09
CA LEU I 467 28.85 -10.88 66.73
C LEU I 467 29.21 -10.72 68.19
N ASP I 468 28.19 -10.68 69.05
CA ASP I 468 28.39 -10.49 70.48
C ASP I 468 28.37 -11.83 71.20
N SER I 469 29.08 -11.88 72.34
CA SER I 469 29.11 -13.09 73.15
C SER I 469 27.78 -13.37 73.84
N LYS I 470 26.94 -12.35 74.01
CA LYS I 470 25.65 -12.57 74.65
C LYS I 470 24.72 -13.40 73.76
N ASP I 471 24.62 -13.03 72.49
CA ASP I 471 23.75 -13.75 71.57
C ASP I 471 24.37 -15.09 71.16
N ASN I 472 23.50 -16.04 70.81
CA ASN I 472 23.94 -17.37 70.41
C ASN I 472 23.50 -17.73 68.99
N TRP I 473 23.09 -16.74 68.19
CA TRP I 473 22.69 -17.05 66.82
C TRP I 473 23.85 -17.55 65.98
N HIS I 474 25.06 -17.06 66.24
CA HIS I 474 26.20 -17.40 65.41
C HIS I 474 26.88 -18.71 65.81
N GLY I 475 26.61 -19.23 67.00
CA GLY I 475 27.13 -20.53 67.39
C GLY I 475 28.59 -20.57 67.81
N PHE I 476 29.26 -19.44 67.92
CA PHE I 476 30.66 -19.40 68.32
C PHE I 476 30.76 -19.28 69.85
N LYS I 477 31.69 -20.03 70.42
CA LYS I 477 31.84 -20.11 71.87
C LYS I 477 32.88 -19.12 72.36
N ASP I 478 32.48 -18.27 73.31
CA ASP I 478 33.36 -17.29 73.95
C ASP I 478 34.08 -16.43 72.92
N ILE I 479 33.29 -15.71 72.13
CA ILE I 479 33.84 -14.86 71.09
C ILE I 479 34.22 -13.51 71.68
N ASP I 480 35.25 -12.90 71.09
CA ASP I 480 35.62 -11.54 71.45
C ASP I 480 34.55 -10.57 70.94
N ASN I 481 34.33 -9.51 71.71
CA ASN I 481 33.36 -8.50 71.37
C ASN I 481 33.99 -7.42 70.51
N ASP I 482 33.18 -6.82 69.63
CA ASP I 482 33.65 -5.80 68.69
C ASP I 482 34.78 -6.33 67.83
N HIS I 483 34.70 -7.61 67.48
CA HIS I 483 35.73 -8.31 66.75
C HIS I 483 35.26 -8.74 65.37
N MET I 484 34.16 -9.48 65.30
CA MET I 484 33.63 -9.99 64.04
C MET I 484 32.29 -9.33 63.70
N TYR I 485 32.07 -9.12 62.41
CA TYR I 485 30.84 -8.53 61.91
C TYR I 485 30.33 -9.37 60.74
N LEU I 486 29.02 -9.41 60.58
CA LEU I 486 28.40 -10.19 59.51
C LEU I 486 28.09 -9.27 58.33
N ASP I 487 28.54 -9.66 57.14
CA ASP I 487 28.26 -8.93 55.92
C ASP I 487 26.85 -9.26 55.45
N PRO I 488 25.96 -8.27 55.31
CA PRO I 488 24.59 -8.57 54.87
C PRO I 488 24.49 -9.20 53.49
N ILE I 489 25.48 -8.98 52.62
CA ILE I 489 25.42 -9.49 51.25
C ILE I 489 25.46 -11.02 51.24
N LYS I 490 26.27 -11.62 52.11
CA LYS I 490 26.48 -13.07 52.12
C LYS I 490 25.37 -13.72 52.96
N VAL I 491 24.33 -14.22 52.30
CA VAL I 491 23.14 -14.70 52.99
C VAL I 491 23.25 -16.22 53.13
N THR I 492 23.34 -16.69 54.38
CA THR I 492 23.39 -18.11 54.67
C THR I 492 22.02 -18.57 55.14
N LEU I 493 21.45 -19.54 54.43
CA LEU I 493 20.17 -20.13 54.79
C LEU I 493 20.40 -21.49 55.43
N LEU I 494 19.71 -21.73 56.54
CA LEU I 494 19.88 -22.95 57.31
C LEU I 494 18.70 -23.87 57.09
N THR I 495 18.98 -25.11 56.77
CA THR I 495 17.97 -26.15 56.67
C THR I 495 17.88 -26.91 57.99
N PRO I 496 16.72 -27.46 58.33
CA PRO I 496 16.56 -28.12 59.63
C PRO I 496 17.44 -29.36 59.74
N GLY I 497 17.80 -29.67 60.99
CA GLY I 497 18.68 -30.79 61.27
C GLY I 497 19.63 -30.57 62.42
N MET I 498 19.85 -29.32 62.80
CA MET I 498 20.66 -28.97 63.95
C MET I 498 19.80 -28.31 65.01
N GLN I 499 20.33 -28.26 66.23
CA GLN I 499 19.64 -27.66 67.37
C GLN I 499 20.36 -26.38 67.79
N LYS I 500 19.67 -25.58 68.59
CA LYS I 500 20.21 -24.31 69.05
C LYS I 500 21.45 -24.48 69.93
N ASP I 501 21.60 -25.63 70.58
CA ASP I 501 22.73 -25.88 71.46
C ASP I 501 23.91 -26.51 70.74
N GLY I 502 23.79 -26.81 69.45
CA GLY I 502 24.86 -27.38 68.66
C GLY I 502 24.68 -28.85 68.34
N SER I 503 23.87 -29.57 69.11
CA SER I 503 23.64 -30.97 68.82
C SER I 503 22.68 -31.12 67.63
N MET I 504 22.56 -32.35 67.15
CA MET I 504 21.76 -32.63 65.97
C MET I 504 20.36 -33.07 66.38
N ALA I 505 19.37 -32.67 65.58
CA ALA I 505 17.99 -33.02 65.85
C ALA I 505 17.71 -34.46 65.39
N ASP I 506 16.53 -34.95 65.78
CA ASP I 506 16.14 -36.30 65.38
C ASP I 506 15.97 -36.41 63.87
N THR I 507 15.34 -35.41 63.25
CA THR I 507 15.16 -35.37 61.82
C THR I 507 15.85 -34.13 61.25
N GLY I 508 16.14 -34.19 59.96
CA GLY I 508 16.77 -33.05 59.30
C GLY I 508 16.85 -33.27 57.82
N ILE I 509 16.96 -32.15 57.10
CA ILE I 509 17.06 -32.15 55.64
C ILE I 509 18.44 -31.61 55.28
N PRO I 510 19.36 -32.45 54.80
CA PRO I 510 20.68 -31.96 54.39
C PRO I 510 20.56 -30.95 53.26
N ALA I 511 21.39 -29.90 53.32
CA ALA I 511 21.29 -28.80 52.38
C ALA I 511 21.68 -29.21 50.96
N SER I 512 22.37 -30.34 50.79
CA SER I 512 22.74 -30.79 49.45
C SER I 512 21.51 -31.17 48.63
N ILE I 513 20.50 -31.75 49.28
CA ILE I 513 19.26 -32.09 48.58
C ILE I 513 18.55 -30.83 48.11
N VAL I 514 18.49 -29.81 48.96
CA VAL I 514 17.89 -28.54 48.57
C VAL I 514 18.68 -27.91 47.44
N SER I 515 20.01 -28.04 47.48
CA SER I 515 20.84 -27.52 46.40
C SER I 515 20.53 -28.22 45.08
N LYS I 516 20.39 -29.54 45.12
CA LYS I 516 20.04 -30.29 43.91
C LYS I 516 18.67 -29.88 43.38
N TYR I 517 17.71 -29.69 44.29
CA TYR I 517 16.38 -29.27 43.87
C TYR I 517 16.42 -27.90 43.22
N LEU I 518 17.18 -26.96 43.78
CA LEU I 518 17.30 -25.64 43.18
C LEU I 518 17.99 -25.71 41.82
N ASP I 519 19.03 -26.53 41.70
CA ASP I 519 19.70 -26.72 40.42
C ASP I 519 18.72 -27.25 39.38
N GLU I 520 17.88 -28.21 39.76
CA GLU I 520 16.88 -28.74 38.84
C GLU I 520 15.91 -27.65 38.41
N HIS I 521 15.67 -26.65 39.26
CA HIS I 521 14.73 -25.58 38.97
C HIS I 521 15.43 -24.26 38.65
N GLY I 522 16.64 -24.34 38.10
CA GLY I 522 17.30 -23.17 37.55
C GLY I 522 17.91 -22.21 38.55
N ILE I 523 18.30 -22.68 39.73
CA ILE I 523 18.92 -21.84 40.75
C ILE I 523 20.24 -22.47 41.17
N ILE I 524 21.31 -21.70 41.08
CA ILE I 524 22.65 -22.17 41.43
C ILE I 524 23.09 -21.49 42.71
N VAL I 525 23.32 -22.29 43.75
CA VAL I 525 23.84 -21.77 45.00
C VAL I 525 25.34 -21.58 44.89
N GLU I 526 25.88 -20.66 45.69
CA GLU I 526 27.33 -20.46 45.70
C GLU I 526 28.04 -21.70 46.19
N LYS I 527 27.64 -22.22 47.35
CA LYS I 527 28.23 -23.43 47.90
C LYS I 527 27.25 -24.02 48.90
N THR I 528 27.48 -25.29 49.25
CA THR I 528 26.60 -26.01 50.15
C THR I 528 27.41 -26.61 51.29
N GLY I 529 26.93 -26.44 52.51
CA GLY I 529 27.48 -27.11 53.65
C GLY I 529 26.58 -28.27 54.05
N PRO I 530 26.91 -28.93 55.17
CA PRO I 530 26.05 -30.05 55.62
C PRO I 530 24.61 -29.65 55.86
N TYR I 531 24.37 -28.46 56.42
CA TYR I 531 23.01 -28.01 56.67
C TYR I 531 22.83 -26.53 56.35
N ASN I 532 23.75 -25.94 55.57
CA ASN I 532 23.68 -24.53 55.22
C ASN I 532 23.87 -24.35 53.73
N MET I 533 23.30 -23.27 53.20
CA MET I 533 23.43 -22.90 51.80
C MET I 533 23.78 -21.42 51.72
N LEU I 534 24.82 -21.09 50.97
CA LEU I 534 25.26 -19.71 50.82
C LEU I 534 24.74 -19.12 49.52
N PHE I 535 24.16 -17.93 49.61
CA PHE I 535 23.72 -17.16 48.46
C PHE I 535 24.42 -15.81 48.47
N LEU I 536 24.88 -15.37 47.31
CA LEU I 536 25.54 -14.09 47.16
C LEU I 536 24.53 -13.10 46.59
N PHE I 537 24.19 -12.08 47.38
CA PHE I 537 23.26 -11.04 46.93
C PHE I 537 24.08 -9.85 46.41
N SER I 538 24.72 -10.08 45.28
CA SER I 538 25.63 -9.11 44.69
C SER I 538 24.85 -8.05 43.91
N ILE I 539 25.61 -7.14 43.27
CA ILE I 539 25.02 -6.10 42.45
C ILE I 539 24.28 -6.68 41.26
N GLY I 540 24.51 -7.95 40.94
CA GLY I 540 23.83 -8.63 39.85
C GLY I 540 22.56 -9.35 40.22
N ILE I 541 22.09 -9.25 41.45
CA ILE I 541 20.84 -9.87 41.88
C ILE I 541 19.75 -8.81 41.87
N ASP I 542 18.65 -9.09 41.16
CA ASP I 542 17.52 -8.17 41.11
C ASP I 542 16.34 -8.75 41.88
N LYS I 543 15.24 -7.98 41.91
CA LYS I 543 14.04 -8.43 42.59
C LYS I 543 13.50 -9.72 41.98
N THR I 544 13.64 -9.87 40.65
CA THR I 544 13.15 -11.06 39.97
C THR I 544 13.80 -12.33 40.51
N LYS I 545 15.13 -12.34 40.61
CA LYS I 545 15.83 -13.53 41.09
C LYS I 545 15.53 -13.81 42.55
N ALA I 546 15.41 -12.78 43.38
CA ALA I 546 15.09 -12.99 44.79
C ALA I 546 13.71 -13.62 44.95
N LEU I 547 12.73 -13.10 44.21
CA LEU I 547 11.39 -13.68 44.28
C LEU I 547 11.38 -15.10 43.73
N SER I 548 12.18 -15.36 42.69
CA SER I 548 12.27 -16.71 42.15
C SER I 548 12.85 -17.68 43.18
N LEU I 549 13.87 -17.22 43.92
CA LEU I 549 14.44 -18.04 44.97
C LEU I 549 13.42 -18.35 46.05
N LEU I 550 12.64 -17.34 46.47
CA LEU I 550 11.62 -17.59 47.48
C LEU I 550 10.59 -18.59 46.98
N ARG I 551 10.16 -18.44 45.73
CA ARG I 551 9.20 -19.37 45.15
C ARG I 551 9.75 -20.79 45.12
N ALA I 552 11.02 -20.93 44.74
CA ALA I 552 11.63 -22.26 44.65
C ALA I 552 11.77 -22.89 46.03
N LEU I 553 12.11 -22.10 47.05
CA LEU I 553 12.21 -22.64 48.40
C LEU I 553 10.85 -23.11 48.91
N THR I 554 9.81 -22.31 48.67
CA THR I 554 8.46 -22.73 49.06
C THR I 554 8.03 -23.98 48.32
N ASP I 555 8.39 -24.08 47.03
CA ASP I 555 8.07 -25.26 46.25
C ASP I 555 8.78 -26.50 46.80
N PHE I 556 10.05 -26.34 47.21
CA PHE I 556 10.75 -27.47 47.82
C PHE I 556 10.06 -27.90 49.10
N LYS I 557 9.66 -26.94 49.94
CA LYS I 557 8.98 -27.32 51.18
C LYS I 557 7.69 -28.07 50.90
N ARG I 558 6.90 -27.58 49.93
CA ARG I 558 5.65 -28.25 49.57
C ARG I 558 5.92 -29.66 49.07
N SER I 559 6.89 -29.81 48.16
CA SER I 559 7.18 -31.12 47.59
C SER I 559 7.69 -32.09 48.65
N TYR I 560 8.55 -31.61 49.55
CA TYR I 560 9.09 -32.47 50.60
C TYR I 560 8.00 -32.89 51.58
N ASP I 561 7.11 -31.98 51.94
CA ASP I 561 6.02 -32.35 52.84
C ASP I 561 5.09 -33.35 52.16
N LEU I 562 4.87 -33.21 50.86
CA LEU I 562 4.09 -34.20 50.13
C LEU I 562 4.81 -35.53 49.98
N ASN I 563 6.13 -35.57 50.26
CA ASN I 563 6.94 -36.78 50.19
C ASN I 563 6.86 -37.42 48.80
N LEU I 564 7.22 -36.62 47.80
CA LEU I 564 7.18 -37.07 46.42
C LEU I 564 8.29 -38.09 46.16
N ARG I 565 8.17 -38.77 45.01
CA ARG I 565 9.19 -39.73 44.61
C ARG I 565 10.45 -39.01 44.16
N VAL I 566 11.61 -39.63 44.44
CA VAL I 566 12.87 -39.07 43.99
C VAL I 566 12.94 -39.05 42.46
N LYS I 567 12.27 -40.01 41.82
CA LYS I 567 12.20 -40.02 40.35
C LYS I 567 11.65 -38.71 39.81
N ASN I 568 10.67 -38.13 40.50
CA ASN I 568 10.02 -36.91 40.03
C ASN I 568 10.64 -35.65 40.63
N MET I 569 10.94 -35.67 41.93
CA MET I 569 11.48 -34.49 42.60
C MET I 569 12.85 -34.12 42.06
N LEU I 570 13.75 -35.10 41.94
CA LEU I 570 15.14 -34.86 41.56
C LEU I 570 15.49 -35.75 40.37
N PRO I 571 15.04 -35.37 39.17
CA PRO I 571 15.27 -36.25 38.00
C PRO I 571 16.73 -36.54 37.72
N SER I 572 17.63 -35.58 37.89
CA SER I 572 19.05 -35.82 37.65
C SER I 572 19.62 -36.82 38.64
N LEU I 573 19.25 -36.69 39.92
CA LEU I 573 19.73 -37.62 40.92
C LEU I 573 19.31 -39.05 40.61
N TYR I 574 18.05 -39.23 40.20
CA TYR I 574 17.60 -40.56 39.81
C TYR I 574 18.31 -41.03 38.55
N ARG I 575 18.57 -40.11 37.62
CA ARG I 575 19.30 -40.49 36.40
C ARG I 575 20.71 -40.98 36.74
N GLU I 576 21.26 -40.52 37.87
CA GLU I 576 22.56 -41.03 38.30
C GLU I 576 22.50 -42.52 38.62
N ASP I 577 21.44 -42.98 39.27
CA ASP I 577 21.29 -44.38 39.64
C ASP I 577 19.81 -44.74 39.70
N PRO I 578 19.21 -45.06 38.55
CA PRO I 578 17.75 -45.32 38.54
C PRO I 578 17.32 -46.47 39.42
N GLU I 579 18.13 -47.53 39.52
CA GLU I 579 17.72 -48.69 40.31
C GLU I 579 17.71 -48.36 41.80
N PHE I 580 18.68 -47.57 42.26
CA PHE I 580 18.76 -47.23 43.68
C PHE I 580 17.63 -46.28 44.08
N TYR I 581 17.27 -45.34 43.20
CA TYR I 581 16.24 -44.35 43.48
C TYR I 581 14.92 -44.69 42.81
N GLU I 582 14.68 -45.96 42.48
CA GLU I 582 13.47 -46.33 41.74
C GLU I 582 12.21 -46.03 42.53
N ASN I 583 12.18 -46.44 43.80
CA ASN I 583 10.98 -46.27 44.62
C ASN I 583 11.21 -45.38 45.83
N MET I 584 12.41 -44.81 45.97
CA MET I 584 12.69 -43.97 47.12
C MET I 584 11.94 -42.64 47.04
N ARG I 585 11.44 -42.20 48.17
CA ARG I 585 10.80 -40.90 48.29
C ARG I 585 11.75 -39.92 48.98
N ILE I 586 11.50 -38.63 48.76
CA ILE I 586 12.45 -37.59 49.18
C ILE I 586 12.66 -37.61 50.68
N GLN I 587 11.60 -37.87 51.45
CA GLN I 587 11.74 -37.91 52.90
C GLN I 587 12.66 -39.04 53.34
N GLU I 588 12.55 -40.21 52.71
CA GLU I 588 13.42 -41.32 53.07
C GLU I 588 14.87 -41.01 52.75
N LEU I 589 15.14 -40.39 51.60
CA LEU I 589 16.51 -40.03 51.24
C LEU I 589 17.10 -39.03 52.22
N ALA I 590 16.34 -37.96 52.51
CA ALA I 590 16.82 -36.95 53.43
C ALA I 590 17.04 -37.54 54.82
N GLN I 591 16.11 -38.38 55.28
CA GLN I 591 16.26 -38.96 56.61
C GLN I 591 17.41 -39.96 56.66
N GLY I 592 17.68 -40.67 55.56
CA GLY I 592 18.82 -41.56 55.55
C GLY I 592 20.14 -40.81 55.63
N ILE I 593 20.28 -39.74 54.86
CA ILE I 593 21.50 -38.95 54.94
C ILE I 593 21.65 -38.31 56.32
N HIS I 594 20.55 -37.78 56.86
CA HIS I 594 20.59 -37.20 58.20
C HIS I 594 20.93 -38.24 59.25
N ALA I 595 20.39 -39.45 59.11
CA ALA I 595 20.69 -40.52 60.06
C ALA I 595 22.16 -40.92 59.99
N LEU I 596 22.73 -40.98 58.80
CA LEU I 596 24.16 -41.25 58.69
C LEU I 596 24.97 -40.18 59.38
N ILE I 597 24.61 -38.91 59.15
CA ILE I 597 25.34 -37.79 59.74
C ILE I 597 25.22 -37.83 61.27
N GLN I 598 24.05 -38.21 61.78
CA GLN I 598 23.83 -38.26 63.21
C GLN I 598 24.57 -39.44 63.85
N HIS I 599 24.46 -40.62 63.25
CA HIS I 599 25.11 -41.81 63.80
C HIS I 599 26.62 -41.65 63.82
N HIS I 600 27.19 -41.12 62.73
CA HIS I 600 28.62 -40.88 62.73
C HIS I 600 29.00 -39.60 63.48
N ASN I 601 28.01 -38.81 63.88
CA ASN I 601 28.22 -37.56 64.62
C ASN I 601 29.19 -36.64 63.88
N LEU I 602 28.79 -36.26 62.67
CA LEU I 602 29.64 -35.42 61.83
C LEU I 602 29.99 -34.08 62.48
N PRO I 603 29.06 -33.32 63.08
CA PRO I 603 29.46 -32.02 63.65
C PRO I 603 30.55 -32.10 64.70
N ASP I 604 30.38 -32.98 65.70
CA ASP I 604 31.37 -33.08 66.77
C ASP I 604 32.71 -33.56 66.24
N LEU I 605 32.71 -34.56 65.36
CA LEU I 605 33.96 -35.07 64.82
C LEU I 605 34.67 -34.01 63.98
N MET I 606 33.93 -33.28 63.16
CA MET I 606 34.56 -32.23 62.36
C MET I 606 35.13 -31.13 63.25
N TYR I 607 34.38 -30.74 64.28
CA TYR I 607 34.86 -29.71 65.20
C TYR I 607 36.13 -30.14 65.89
N ARG I 608 36.18 -31.39 66.36
CA ARG I 608 37.38 -31.88 67.02
C ARG I 608 38.55 -32.00 66.04
N ALA I 609 38.28 -32.44 64.82
CA ALA I 609 39.34 -32.60 63.82
C ALA I 609 39.96 -31.26 63.45
N PHE I 610 39.15 -30.20 63.41
CA PHE I 610 39.70 -28.89 63.07
C PHE I 610 40.08 -28.06 64.29
N GLU I 611 40.00 -28.62 65.49
CA GLU I 611 40.41 -27.92 66.70
C GLU I 611 41.85 -28.24 67.10
N VAL I 612 42.41 -29.34 66.61
CA VAL I 612 43.78 -29.75 66.93
C VAL I 612 44.64 -29.55 65.69
N LEU I 613 45.87 -29.13 65.89
CA LEU I 613 46.76 -28.87 64.77
C LEU I 613 47.69 -30.04 64.55
N PRO I 614 47.75 -30.59 63.34
CA PRO I 614 48.76 -31.60 63.04
C PRO I 614 50.16 -31.04 63.20
N THR I 615 51.09 -31.90 63.63
CA THR I 615 52.46 -31.45 63.87
C THR I 615 53.21 -31.28 62.55
N MET I 616 53.98 -30.20 62.46
CA MET I 616 54.70 -29.84 61.24
C MET I 616 56.11 -30.40 61.32
N VAL I 617 56.37 -31.49 60.60
CA VAL I 617 57.72 -32.03 60.52
C VAL I 617 58.60 -31.14 59.65
N MET I 618 58.11 -30.78 58.48
CA MET I 618 58.79 -29.86 57.58
C MET I 618 57.75 -28.94 56.95
N ASN I 619 58.22 -27.81 56.43
CA ASN I 619 57.34 -26.87 55.75
C ASN I 619 56.85 -27.48 54.42
N PRO I 620 55.75 -26.96 53.88
CA PRO I 620 55.20 -27.55 52.64
C PRO I 620 56.16 -27.54 51.48
N HIS I 621 57.08 -26.58 51.42
CA HIS I 621 58.07 -26.55 50.34
C HIS I 621 58.94 -27.81 50.35
N ALA I 622 59.40 -28.23 51.53
CA ALA I 622 60.24 -29.42 51.61
C ALA I 622 59.47 -30.66 51.19
N ALA I 623 58.23 -30.81 51.67
CA ALA I 623 57.44 -31.97 51.31
C ALA I 623 57.17 -32.01 49.82
N PHE I 624 56.85 -30.86 49.22
CA PHE I 624 56.58 -30.85 47.78
C PHE I 624 57.84 -31.12 46.97
N GLN I 625 58.99 -30.59 47.41
CA GLN I 625 60.24 -30.85 46.71
C GLN I 625 60.59 -32.33 46.76
N MET I 626 60.38 -32.97 47.91
CA MET I 626 60.65 -34.40 48.03
C MET I 626 59.61 -35.24 47.31
N GLU I 627 58.40 -34.70 47.09
CA GLU I 627 57.43 -35.38 46.23
C GLU I 627 57.83 -35.30 44.77
N LEU I 628 58.39 -34.16 44.35
CA LEU I 628 58.85 -34.03 42.97
C LEU I 628 60.04 -34.93 42.66
N ARG I 629 60.73 -35.42 43.69
CA ARG I 629 61.87 -36.31 43.52
C ARG I 629 61.48 -37.78 43.55
N GLY I 630 60.20 -38.09 43.66
CA GLY I 630 59.75 -39.46 43.70
C GLY I 630 59.87 -40.16 45.03
N GLN I 631 60.10 -39.41 46.12
CA GLN I 631 60.26 -39.98 47.44
C GLN I 631 58.95 -40.12 48.20
N THR I 632 57.86 -40.34 47.47
CA THR I 632 56.53 -40.42 48.06
C THR I 632 55.91 -41.78 47.73
N GLU I 633 55.08 -42.28 48.64
CA GLU I 633 54.38 -43.54 48.46
C GLU I 633 52.92 -43.38 48.87
N GLU I 634 52.07 -44.24 48.32
CA GLU I 634 50.64 -44.23 48.59
C GLU I 634 50.32 -45.24 49.68
N VAL I 635 49.73 -44.77 50.78
CA VAL I 635 49.29 -45.61 51.87
C VAL I 635 47.79 -45.46 52.03
N TYR I 636 47.18 -46.38 52.75
CA TYR I 636 45.74 -46.29 52.98
C TYR I 636 45.44 -45.28 54.08
N LEU I 637 44.17 -44.91 54.17
CA LEU I 637 43.75 -43.90 55.14
C LEU I 637 44.10 -44.32 56.57
N GLU I 638 44.00 -45.61 56.87
CA GLU I 638 44.23 -46.08 58.23
C GLU I 638 45.69 -45.98 58.65
N GLU I 639 46.62 -45.83 57.70
CA GLU I 639 48.05 -45.91 58.00
C GLU I 639 48.76 -44.57 57.93
N MET I 640 48.05 -43.45 57.99
CA MET I 640 48.73 -42.16 57.89
C MET I 640 49.26 -41.65 59.23
N ILE I 641 48.91 -42.31 60.34
CA ILE I 641 49.41 -41.87 61.63
C ILE I 641 50.92 -42.07 61.68
N GLY I 642 51.65 -41.03 62.02
CA GLY I 642 53.09 -41.09 62.04
C GLY I 642 53.75 -40.87 60.69
N LYS I 643 52.99 -40.58 59.64
CA LYS I 643 53.52 -40.34 58.31
C LYS I 643 53.42 -38.86 57.97
N VAL I 644 54.38 -38.38 57.20
CA VAL I 644 54.42 -36.99 56.78
C VAL I 644 53.65 -36.87 55.46
N ASN I 645 52.57 -36.10 55.48
CA ASN I 645 51.74 -35.95 54.29
C ASN I 645 52.50 -35.21 53.20
N ALA I 646 52.33 -35.68 51.97
CA ALA I 646 52.98 -35.06 50.82
C ALA I 646 52.11 -34.02 50.14
N ASN I 647 50.80 -34.06 50.34
CA ASN I 647 49.88 -33.14 49.71
C ASN I 647 48.90 -32.60 50.75
N MET I 648 48.32 -31.45 50.42
CA MET I 648 47.31 -30.86 51.29
C MET I 648 46.03 -31.67 51.23
N ILE I 649 45.47 -31.96 52.38
CA ILE I 649 44.22 -32.72 52.48
C ILE I 649 43.10 -31.72 52.74
N LEU I 650 42.20 -31.57 51.77
CA LEU I 650 41.11 -30.61 51.84
C LEU I 650 39.78 -31.34 51.81
N PRO I 651 39.14 -31.57 52.94
CA PRO I 651 37.86 -32.28 52.95
C PRO I 651 36.66 -31.37 52.73
N TYR I 652 35.66 -31.92 52.07
CA TYR I 652 34.37 -31.27 51.88
C TYR I 652 33.29 -32.14 52.48
N PRO I 653 32.63 -31.74 53.56
CA PRO I 653 32.78 -30.47 54.31
C PRO I 653 34.03 -30.50 55.20
N PRO I 654 34.47 -29.38 55.77
CA PRO I 654 33.90 -28.02 55.71
C PRO I 654 34.47 -27.18 54.57
N GLY I 655 35.33 -27.73 53.74
CA GLY I 655 35.87 -26.98 52.62
C GLY I 655 37.10 -26.16 52.90
N VAL I 656 37.83 -26.44 53.98
CA VAL I 656 39.06 -25.74 54.30
C VAL I 656 40.15 -26.79 54.53
N PRO I 657 41.43 -26.47 54.35
CA PRO I 657 42.48 -27.49 54.49
C PRO I 657 42.57 -28.00 55.92
N LEU I 658 42.55 -29.32 56.06
CA LEU I 658 42.69 -29.98 57.35
C LEU I 658 44.12 -30.40 57.63
N VAL I 659 44.83 -30.92 56.62
CA VAL I 659 46.20 -31.36 56.74
C VAL I 659 47.02 -30.69 55.64
N MET I 660 48.12 -30.06 56.01
CA MET I 660 48.95 -29.39 55.05
C MET I 660 50.15 -30.24 54.67
N PRO I 661 50.76 -30.01 53.50
CA PRO I 661 51.96 -30.75 53.14
C PRO I 661 53.06 -30.52 54.16
N GLY I 662 53.72 -31.61 54.56
CA GLY I 662 54.74 -31.55 55.60
C GLY I 662 54.22 -31.77 57.00
N GLU I 663 52.92 -32.01 57.17
CA GLU I 663 52.33 -32.25 58.48
C GLU I 663 52.10 -33.74 58.69
N MET I 664 52.23 -34.17 59.94
CA MET I 664 52.11 -35.57 60.30
C MET I 664 51.01 -35.74 61.33
N LEU I 665 50.17 -36.76 61.14
CA LEU I 665 49.12 -37.06 62.08
C LEU I 665 49.68 -37.91 63.22
N THR I 666 49.40 -37.50 64.45
CA THR I 666 49.83 -38.23 65.64
C THR I 666 48.60 -38.63 66.45
N GLU I 667 48.83 -39.15 67.65
CA GLU I 667 47.73 -39.53 68.52
C GLU I 667 46.93 -38.30 68.94
N GLU I 668 47.61 -37.17 69.15
CA GLU I 668 46.91 -35.94 69.48
C GLU I 668 46.03 -35.47 68.33
N SER I 669 46.40 -35.78 67.08
CA SER I 669 45.64 -35.37 65.92
C SER I 669 44.89 -36.55 65.27
N ARG I 670 44.65 -37.61 66.03
CA ARG I 670 43.83 -38.71 65.53
C ARG I 670 42.40 -38.31 65.16
N PRO I 671 41.77 -37.29 65.79
CA PRO I 671 40.46 -36.86 65.31
C PRO I 671 40.42 -36.50 63.85
N VAL I 672 41.52 -35.99 63.29
CA VAL I 672 41.57 -35.74 61.84
C VAL I 672 41.34 -37.04 61.08
N LEU I 673 42.02 -38.10 61.49
CA LEU I 673 41.85 -39.38 60.82
C LEU I 673 40.44 -39.94 61.00
N GLU I 674 39.89 -39.84 62.21
CA GLU I 674 38.53 -40.35 62.39
C GLU I 674 37.53 -39.58 61.54
N PHE I 675 37.69 -38.26 61.45
CA PHE I 675 36.80 -37.44 60.63
C PHE I 675 36.92 -37.82 59.16
N LEU I 676 38.14 -38.02 58.66
CA LEU I 676 38.30 -38.41 57.26
C LEU I 676 37.69 -39.78 56.99
N GLN I 677 37.89 -40.73 57.92
CA GLN I 677 37.29 -42.06 57.75
C GLN I 677 35.78 -41.98 57.75
N MET I 678 35.22 -41.14 58.62
CA MET I 678 33.77 -40.97 58.65
C MET I 678 33.26 -40.38 57.34
N LEU I 679 33.97 -39.41 56.78
CA LEU I 679 33.56 -38.86 55.49
C LEU I 679 33.59 -39.92 54.40
N CYS I 680 34.64 -40.74 54.38
CA CYS I 680 34.73 -41.79 53.38
C CYS I 680 33.60 -42.81 53.54
N GLU I 681 33.24 -43.13 54.78
CA GLU I 681 32.14 -44.06 55.02
C GLU I 681 30.80 -43.46 54.59
N ILE I 682 30.59 -42.18 54.89
CA ILE I 682 29.32 -41.54 54.57
C ILE I 682 29.14 -41.39 53.07
N GLY I 683 30.20 -41.09 52.35
CA GLY I 683 30.09 -40.84 50.92
C GLY I 683 29.84 -42.06 50.07
N ALA I 684 29.70 -43.25 50.65
CA ALA I 684 29.51 -44.47 49.89
C ALA I 684 28.12 -45.07 50.05
N HIS I 685 27.16 -44.29 50.56
CA HIS I 685 25.83 -44.82 50.83
C HIS I 685 24.76 -44.36 49.84
N TYR I 686 24.96 -43.25 49.15
CA TYR I 686 23.97 -42.73 48.21
C TYR I 686 24.68 -42.30 46.93
N PRO I 687 24.30 -42.85 45.77
CA PRO I 687 25.08 -42.64 44.54
C PRO I 687 25.16 -41.20 44.04
N GLY I 688 24.51 -40.26 44.71
CA GLY I 688 24.61 -38.87 44.31
C GLY I 688 25.33 -37.99 45.30
N PHE I 689 25.82 -38.61 46.39
CA PHE I 689 26.47 -37.89 47.49
C PHE I 689 27.79 -38.62 47.78
N GLU I 690 28.83 -38.25 47.06
CA GLU I 690 30.12 -38.90 47.16
C GLU I 690 31.05 -38.16 48.12
N THR I 691 32.06 -38.87 48.59
CA THR I 691 33.10 -38.26 49.41
C THR I 691 33.90 -37.28 48.56
N ASP I 692 34.22 -36.13 49.14
CA ASP I 692 34.95 -35.06 48.44
C ASP I 692 36.13 -34.64 49.31
N ILE I 693 37.26 -35.32 49.14
CA ILE I 693 38.48 -35.02 49.89
C ILE I 693 39.61 -34.80 48.89
N HIS I 694 40.02 -33.56 48.71
CA HIS I 694 41.17 -33.26 47.86
C HIS I 694 42.45 -33.75 48.54
N GLY I 695 43.28 -34.46 47.78
CA GLY I 695 44.46 -35.10 48.33
C GLY I 695 44.25 -36.54 48.72
N ALA I 696 43.01 -37.04 48.68
CA ALA I 696 42.71 -38.44 48.90
C ALA I 696 42.19 -39.05 47.60
N TYR I 697 42.58 -40.28 47.33
CA TYR I 697 42.30 -40.93 46.06
C TYR I 697 41.54 -42.23 46.32
N ARG I 698 40.36 -42.34 45.72
CA ARG I 698 39.55 -43.55 45.86
C ARG I 698 40.09 -44.64 44.93
N GLN I 699 40.25 -45.85 45.47
CA GLN I 699 40.72 -46.97 44.70
C GLN I 699 39.54 -47.78 44.18
N ALA I 700 39.83 -48.80 43.38
CA ALA I 700 38.78 -49.64 42.81
C ALA I 700 37.98 -50.35 43.91
N ASP I 701 38.67 -50.84 44.94
CA ASP I 701 38.00 -51.53 46.02
C ASP I 701 37.16 -50.61 46.91
N GLY I 702 37.27 -49.30 46.71
CA GLY I 702 36.49 -48.34 47.46
C GLY I 702 37.23 -47.64 48.58
N ARG I 703 38.35 -48.20 49.03
CA ARG I 703 39.13 -47.57 50.09
C ARG I 703 39.83 -46.33 49.56
N TYR I 704 40.17 -45.43 50.47
CA TYR I 704 40.80 -44.16 50.14
C TYR I 704 42.26 -44.18 50.55
N THR I 705 43.13 -43.71 49.67
CA THR I 705 44.56 -43.66 49.92
C THR I 705 45.04 -42.21 49.93
N VAL I 706 46.12 -41.98 50.65
CA VAL I 706 46.81 -40.69 50.66
C VAL I 706 48.28 -40.93 50.41
N LYS I 707 48.96 -39.92 49.88
CA LYS I 707 50.40 -40.04 49.68
C LYS I 707 51.15 -39.42 50.84
N VAL I 708 52.23 -40.09 51.24
CA VAL I 708 53.09 -39.64 52.32
C VAL I 708 54.54 -39.91 51.94
N ILE I 709 55.45 -39.21 52.60
CA ILE I 709 56.86 -39.41 52.34
C ILE I 709 57.29 -40.80 52.80
N LYS I 710 58.22 -41.40 52.06
CA LYS I 710 58.78 -42.68 52.43
C LYS I 710 59.71 -42.52 53.64
N MET J 1 -2.68 -24.59 23.34
CA MET J 1 -2.13 -24.15 24.62
C MET J 1 -1.14 -23.02 24.44
N ASN J 2 -1.54 -21.99 23.68
CA ASN J 2 -0.64 -20.88 23.37
C ASN J 2 -1.34 -19.54 23.49
N ILE J 3 -2.36 -19.44 24.33
CA ILE J 3 -3.10 -18.20 24.53
C ILE J 3 -2.64 -17.57 25.85
N ILE J 4 -2.09 -16.37 25.77
CA ILE J 4 -1.65 -15.62 26.95
C ILE J 4 -2.55 -14.41 27.10
N ALA J 5 -3.09 -14.23 28.30
CA ALA J 5 -3.93 -13.08 28.61
C ALA J 5 -3.11 -12.03 29.34
N ILE J 6 -3.07 -10.82 28.81
CA ILE J 6 -2.39 -9.69 29.42
C ILE J 6 -3.46 -8.72 29.92
N LEU J 7 -3.39 -8.38 31.20
CA LEU J 7 -4.45 -7.62 31.86
C LEU J 7 -3.90 -6.34 32.48
N ASN J 8 -3.91 -5.25 31.71
CA ASN J 8 -3.88 -3.89 32.27
C ASN J 8 -3.77 -2.87 31.13
N HIS J 9 -3.95 -1.60 31.51
CA HIS J 9 -3.60 -0.43 30.69
C HIS J 9 -3.07 0.59 31.69
N MET J 10 -1.75 0.60 31.89
CA MET J 10 -1.16 1.36 32.98
C MET J 10 -1.31 2.87 32.80
N GLY J 11 -1.04 3.37 31.59
CA GLY J 11 -0.95 4.79 31.40
C GLY J 11 0.41 5.37 31.71
N VAL J 12 1.42 4.53 31.95
CA VAL J 12 2.79 4.97 32.16
C VAL J 12 3.68 4.24 31.17
N TYR J 13 4.58 4.98 30.52
CA TYR J 13 5.42 4.41 29.48
C TYR J 13 6.31 3.30 30.02
N PHE J 14 6.91 3.50 31.20
CA PHE J 14 7.90 2.56 31.72
C PHE J 14 7.33 1.18 31.99
N LYS J 15 6.03 1.03 32.02
CA LYS J 15 5.40 -0.29 32.07
C LYS J 15 4.79 -0.72 30.76
N GLU J 16 4.09 0.19 30.06
CA GLU J 16 3.37 -0.19 28.85
C GLU J 16 4.32 -0.55 27.72
N GLU J 17 5.37 0.23 27.51
CA GLU J 17 6.33 -0.09 26.46
C GLU J 17 7.01 -1.45 26.66
N PRO J 18 7.50 -1.80 27.86
CA PRO J 18 8.02 -3.18 28.03
C PRO J 18 6.95 -4.23 27.79
N ILE J 19 5.69 -3.95 28.11
CA ILE J 19 4.64 -4.93 27.84
C ILE J 19 4.43 -5.09 26.34
N ARG J 20 4.51 -3.99 25.58
CA ARG J 20 4.42 -4.09 24.13
C ARG J 20 5.59 -4.89 23.56
N GLU J 21 6.80 -4.67 24.09
CA GLU J 21 7.94 -5.44 23.64
C GLU J 21 7.77 -6.91 23.98
N LEU J 22 7.25 -7.22 25.17
CA LEU J 22 6.99 -8.62 25.53
C LEU J 22 5.92 -9.22 24.62
N HIS J 23 4.94 -8.41 24.22
CA HIS J 23 3.91 -8.88 23.30
C HIS J 23 4.54 -9.29 21.97
N LYS J 24 5.43 -8.46 21.45
CA LYS J 24 6.12 -8.80 20.20
C LYS J 24 6.98 -10.05 20.38
N ALA J 25 7.69 -10.15 21.50
CA ALA J 25 8.58 -11.29 21.72
C ALA J 25 7.79 -12.58 21.94
N LEU J 26 6.58 -12.49 22.48
CA LEU J 26 5.75 -13.67 22.67
C LEU J 26 5.11 -14.09 21.36
N GLU J 27 4.70 -13.12 20.52
CA GLU J 27 4.23 -13.48 19.19
C GLU J 27 5.34 -14.12 18.37
N ALA J 28 6.59 -13.70 18.58
CA ALA J 28 7.70 -14.34 17.89
C ALA J 28 7.84 -15.81 18.28
N LEU J 29 7.44 -16.17 19.51
CA LEU J 29 7.48 -17.54 19.97
C LEU J 29 6.17 -18.29 19.72
N ASP J 30 5.33 -17.78 18.82
CA ASP J 30 4.07 -18.43 18.44
C ASP J 30 3.08 -18.48 19.61
N PHE J 31 2.83 -17.32 20.20
CA PHE J 31 1.83 -17.18 21.26
C PHE J 31 0.73 -16.25 20.76
N GLN J 32 -0.51 -16.57 21.13
CA GLN J 32 -1.66 -15.73 20.81
C GLN J 32 -1.99 -14.88 22.03
N ILE J 33 -1.91 -13.57 21.89
CA ILE J 33 -2.08 -12.64 23.01
C ILE J 33 -3.50 -12.09 22.99
N VAL J 34 -4.15 -12.08 24.15
CA VAL J 34 -5.48 -11.50 24.32
C VAL J 34 -5.41 -10.47 25.44
N TYR J 35 -6.35 -9.54 25.42
CA TYR J 35 -6.37 -8.40 26.34
C TYR J 35 -7.72 -8.27 27.02
N PRO J 36 -7.91 -8.92 28.18
CA PRO J 36 -9.15 -8.72 28.94
C PRO J 36 -9.27 -7.29 29.44
N ASN J 37 -10.51 -6.81 29.51
CA ASN J 37 -10.76 -5.42 29.89
C ASN J 37 -10.61 -5.19 31.38
N ASP J 38 -10.89 -6.18 32.21
CA ASP J 38 -10.78 -6.02 33.66
C ASP J 38 -10.66 -7.41 34.29
N ARG J 39 -10.67 -7.43 35.63
CA ARG J 39 -10.46 -8.68 36.37
C ARG J 39 -11.57 -9.70 36.11
N GLU J 40 -12.83 -9.25 36.12
CA GLU J 40 -13.95 -10.15 35.88
C GLU J 40 -13.91 -10.69 34.45
N ASP J 41 -13.55 -9.83 33.50
CA ASP J 41 -13.36 -10.26 32.12
C ASP J 41 -12.33 -11.38 32.03
N LEU J 42 -11.20 -11.21 32.72
CA LEU J 42 -10.15 -12.23 32.72
C LEU J 42 -10.65 -13.53 33.35
N LEU J 43 -11.38 -13.43 34.47
CA LEU J 43 -11.87 -14.64 35.12
C LEU J 43 -12.84 -15.40 34.23
N LYS J 44 -13.76 -14.68 33.57
CA LYS J 44 -14.68 -15.33 32.64
C LYS J 44 -13.91 -15.97 31.47
N LEU J 45 -12.91 -15.27 30.94
CA LEU J 45 -12.13 -15.81 29.84
C LEU J 45 -11.40 -17.09 30.24
N ILE J 46 -10.84 -17.11 31.45
CA ILE J 46 -10.20 -18.33 31.94
C ILE J 46 -11.23 -19.45 32.09
N ASP J 47 -12.41 -19.11 32.59
CA ASP J 47 -13.45 -20.12 32.80
C ASP J 47 -13.95 -20.73 31.49
N ASN J 48 -14.01 -19.94 30.42
CA ASN J 48 -14.62 -20.42 29.18
C ASN J 48 -13.64 -20.95 28.15
N ASN J 49 -12.33 -20.79 28.35
CA ASN J 49 -11.34 -21.17 27.35
C ASN J 49 -10.20 -21.93 28.02
N ALA J 50 -10.25 -23.26 27.94
CA ALA J 50 -9.22 -24.11 28.53
C ALA J 50 -7.90 -24.04 27.80
N ARG J 51 -7.82 -23.29 26.71
CA ARG J 51 -6.57 -23.11 25.97
C ARG J 51 -5.76 -21.93 26.46
N LEU J 52 -6.23 -21.22 27.48
CA LEU J 52 -5.45 -20.15 28.11
C LEU J 52 -4.32 -20.78 28.92
N CYS J 53 -3.08 -20.53 28.50
CA CYS J 53 -1.91 -21.11 29.12
C CYS J 53 -1.13 -20.15 30.00
N GLY J 54 -1.57 -18.90 30.13
CA GLY J 54 -0.87 -17.95 30.98
C GLY J 54 -1.57 -16.63 31.21
N VAL J 55 -1.31 -16.00 32.35
CA VAL J 55 -1.90 -14.72 32.71
C VAL J 55 -0.79 -13.76 33.11
N ILE J 56 -0.77 -12.59 32.48
CA ILE J 56 0.19 -11.53 32.77
C ILE J 56 -0.59 -10.34 33.32
N PHE J 57 -0.20 -9.88 34.52
CA PHE J 57 -0.87 -8.74 35.12
C PHE J 57 0.12 -7.92 35.93
N ASP J 58 -0.28 -6.69 36.23
CA ASP J 58 0.54 -5.74 36.98
C ASP J 58 0.28 -5.92 38.48
N TRP J 59 1.35 -6.22 39.23
CA TRP J 59 1.23 -6.43 40.67
C TRP J 59 0.79 -5.15 41.40
N ASP J 60 1.14 -3.99 40.87
CA ASP J 60 0.72 -2.74 41.50
C ASP J 60 -0.80 -2.61 41.48
N THR J 61 -1.43 -2.93 40.35
CA THR J 61 -2.88 -2.78 40.21
C THR J 61 -3.66 -3.86 40.95
N TYR J 62 -3.22 -5.11 40.86
CA TYR J 62 -3.93 -6.23 41.45
C TYR J 62 -3.05 -6.93 42.47
N ASN J 63 -3.60 -7.20 43.65
CA ASN J 63 -2.90 -7.99 44.65
C ASN J 63 -2.80 -9.44 44.20
N LEU J 64 -2.18 -10.27 45.03
CA LEU J 64 -2.02 -11.67 44.69
C LEU J 64 -3.27 -12.50 44.99
N ASP J 65 -4.35 -11.86 45.43
CA ASP J 65 -5.63 -12.57 45.59
C ASP J 65 -6.24 -12.92 44.24
N LEU J 66 -5.91 -12.16 43.20
CA LEU J 66 -6.33 -12.52 41.85
C LEU J 66 -5.70 -13.85 41.43
N CYS J 67 -4.46 -14.08 41.83
CA CYS J 67 -3.85 -15.39 41.62
C CYS J 67 -4.59 -16.47 42.38
N GLU J 68 -5.11 -16.15 43.57
CA GLU J 68 -5.93 -17.11 44.30
C GLU J 68 -7.19 -17.45 43.52
N GLU J 69 -7.86 -16.44 42.97
CA GLU J 69 -9.07 -16.69 42.18
C GLU J 69 -8.75 -17.52 40.94
N ILE J 70 -7.62 -17.23 40.28
CA ILE J 70 -7.24 -18.00 39.10
C ILE J 70 -6.93 -19.44 39.47
N SER J 71 -6.18 -19.64 40.57
CA SER J 71 -5.85 -20.98 41.02
C SER J 71 -7.07 -21.75 41.50
N ALA J 72 -8.13 -21.05 41.91
CA ALA J 72 -9.36 -21.74 42.26
C ALA J 72 -9.95 -22.49 41.07
N MET J 73 -9.74 -21.97 39.85
CA MET J 73 -10.21 -22.63 38.64
C MET J 73 -9.15 -23.55 38.03
N ASN J 74 -7.88 -23.21 38.16
CA ASN J 74 -6.79 -23.98 37.57
C ASN J 74 -5.55 -23.71 38.42
N GLU J 75 -5.20 -24.67 39.29
CA GLU J 75 -4.08 -24.48 40.19
C GLU J 75 -2.73 -24.60 39.50
N HIS J 76 -2.68 -25.20 38.32
CA HIS J 76 -1.43 -25.31 37.57
C HIS J 76 -1.26 -24.21 36.54
N LEU J 77 -2.26 -23.38 36.32
CA LEU J 77 -2.18 -22.35 35.30
C LEU J 77 -1.13 -21.32 35.68
N PRO J 78 -0.08 -21.13 34.89
CA PRO J 78 0.97 -20.19 35.28
C PRO J 78 0.50 -18.75 35.20
N VAL J 79 0.92 -17.97 36.19
CA VAL J 79 0.63 -16.55 36.26
C VAL J 79 1.96 -15.80 36.29
N TYR J 80 2.00 -14.64 35.65
CA TYR J 80 3.20 -13.82 35.57
C TYR J 80 2.89 -12.44 36.13
N ALA J 81 3.48 -12.12 37.27
CA ALA J 81 3.27 -10.84 37.93
C ALA J 81 4.48 -9.94 37.73
N PHE J 82 4.23 -8.71 37.28
CA PHE J 82 5.28 -7.73 37.08
C PHE J 82 5.35 -6.82 38.30
N ALA J 83 6.46 -6.88 39.01
CA ALA J 83 6.65 -6.16 40.25
C ALA J 83 7.31 -4.81 39.99
N ASN J 84 6.70 -3.75 40.49
CA ASN J 84 7.29 -2.42 40.43
C ASN J 84 7.55 -1.86 41.82
N THR J 85 6.53 -1.74 42.67
CA THR J 85 6.70 -1.20 44.01
C THR J 85 6.84 -2.29 45.07
N HIS J 86 6.11 -3.40 44.92
CA HIS J 86 6.22 -4.48 45.89
C HIS J 86 7.58 -5.17 45.80
N SER J 87 8.09 -5.57 46.95
CA SER J 87 9.38 -6.25 47.06
C SER J 87 9.15 -7.65 47.65
N THR J 88 10.24 -8.32 47.99
CA THR J 88 10.12 -9.66 48.56
C THR J 88 9.42 -9.65 49.92
N LEU J 89 9.37 -8.49 50.59
CA LEU J 89 8.67 -8.39 51.87
C LEU J 89 7.17 -8.31 51.72
N ASP J 90 6.65 -8.13 50.51
CA ASP J 90 5.22 -7.99 50.28
C ASP J 90 4.53 -9.31 49.94
N VAL J 91 5.24 -10.43 50.03
CA VAL J 91 4.66 -11.73 49.70
C VAL J 91 4.65 -12.59 50.95
N SER J 92 3.56 -13.34 51.13
CA SER J 92 3.41 -14.24 52.25
C SER J 92 3.60 -15.69 51.80
N LEU J 93 3.61 -16.60 52.79
CA LEU J 93 3.77 -18.01 52.48
C LEU J 93 2.62 -18.52 51.63
N ASN J 94 1.40 -18.10 51.94
CA ASN J 94 0.24 -18.53 51.16
C ASN J 94 0.35 -18.09 49.71
N ASP J 95 0.75 -16.83 49.47
CA ASP J 95 0.96 -16.38 48.10
C ASP J 95 2.09 -17.16 47.45
N LEU J 96 3.17 -17.42 48.19
CA LEU J 96 4.30 -18.16 47.64
C LEU J 96 3.88 -19.56 47.23
N ARG J 97 2.83 -20.11 47.83
CA ARG J 97 2.31 -21.40 47.38
C ARG J 97 1.75 -21.34 45.97
N LEU J 98 1.27 -20.17 45.53
CA LEU J 98 0.66 -20.05 44.21
C LEU J 98 1.71 -20.13 43.11
N ASN J 99 1.26 -20.55 41.92
CA ASN J 99 2.14 -20.71 40.76
C ASN J 99 2.30 -19.38 40.04
N VAL J 100 3.04 -18.48 40.68
CA VAL J 100 3.28 -17.14 40.17
C VAL J 100 4.78 -16.98 39.92
N GLU J 101 5.14 -16.45 38.77
CA GLU J 101 6.50 -16.09 38.44
C GLU J 101 6.57 -14.56 38.31
N PHE J 102 7.59 -13.97 38.92
CA PHE J 102 7.70 -12.52 39.00
C PHE J 102 8.73 -11.98 38.00
N PHE J 103 8.39 -10.88 37.36
CA PHE J 103 9.24 -10.19 36.40
C PHE J 103 9.29 -8.71 36.73
N GLU J 104 10.13 -7.97 36.01
CA GLU J 104 10.28 -6.54 36.22
C GLU J 104 10.10 -5.81 34.91
N TYR J 105 9.81 -4.50 35.01
CA TYR J 105 9.63 -3.65 33.85
C TYR J 105 10.97 -3.07 33.45
N ALA J 106 11.40 -3.33 32.21
CA ALA J 106 12.65 -2.80 31.70
C ALA J 106 12.72 -2.91 30.18
N LEU J 107 13.08 -1.82 29.50
CA LEU J 107 13.25 -1.87 28.06
C LEU J 107 14.38 -2.83 27.70
N GLY J 108 14.16 -3.63 26.66
CA GLY J 108 15.14 -4.59 26.20
C GLY J 108 15.16 -5.92 26.93
N ALA J 109 14.23 -6.14 27.87
CA ALA J 109 14.18 -7.39 28.62
C ALA J 109 13.11 -8.34 28.11
N ALA J 110 12.54 -8.08 26.94
CA ALA J 110 11.39 -8.86 26.47
C ALA J 110 11.80 -10.26 26.03
N GLN J 111 12.96 -10.41 25.39
CA GLN J 111 13.35 -11.72 24.89
C GLN J 111 13.56 -12.72 26.01
N ASP J 112 14.23 -12.29 27.09
CA ASP J 112 14.47 -13.18 28.22
C ASP J 112 13.16 -13.57 28.90
N ILE J 113 12.25 -12.60 29.10
CA ILE J 113 10.98 -12.90 29.75
C ILE J 113 10.14 -13.82 28.87
N ALA J 114 10.19 -13.61 27.55
CA ALA J 114 9.47 -14.48 26.62
C ALA J 114 10.01 -15.90 26.68
N GLN J 115 11.34 -16.06 26.77
CA GLN J 115 11.91 -17.38 26.90
C GLN J 115 11.50 -18.04 28.22
N LYS J 116 11.50 -17.26 29.31
CA LYS J 116 11.06 -17.78 30.60
C LYS J 116 9.60 -18.23 30.54
N ILE J 117 8.76 -17.44 29.90
CA ILE J 117 7.34 -17.79 29.80
C ILE J 117 7.16 -19.03 28.93
N ARG J 118 7.97 -19.17 27.88
CA ARG J 118 7.92 -20.38 27.06
C ARG J 118 8.26 -21.61 27.89
N GLN J 119 9.34 -21.51 28.69
CA GLN J 119 9.73 -22.63 29.54
C GLN J 119 8.61 -22.96 30.55
N SER J 120 7.98 -21.92 31.10
CA SER J 120 6.89 -22.11 32.04
C SER J 120 5.69 -22.80 31.37
N THR J 121 5.39 -22.41 30.12
CA THR J 121 4.31 -23.04 29.37
C THR J 121 4.60 -24.51 29.12
N ASP J 122 5.86 -24.83 28.76
CA ASP J 122 6.24 -26.22 28.57
C ASP J 122 6.12 -27.02 29.87
N ALA J 123 6.52 -26.41 30.99
CA ALA J 123 6.41 -27.10 32.27
C ALA J 123 4.95 -27.34 32.65
N TYR J 124 4.08 -26.37 32.36
CA TYR J 124 2.65 -26.55 32.64
C TYR J 124 2.06 -27.68 31.81
N ILE J 125 2.39 -27.70 30.51
CA ILE J 125 1.93 -28.78 29.64
C ILE J 125 2.43 -30.13 30.16
N ASP J 126 3.69 -30.19 30.56
CA ASP J 126 4.26 -31.44 31.07
C ASP J 126 3.57 -31.87 32.35
N GLU J 127 3.30 -30.92 33.25
CA GLU J 127 2.67 -31.26 34.52
C GLU J 127 1.27 -31.82 34.33
N ILE J 128 0.48 -31.22 33.42
CA ILE J 128 -0.89 -31.71 33.27
C ILE J 128 -0.97 -32.97 32.40
N LEU J 129 0.02 -33.23 31.57
CA LEU J 129 -0.08 -34.39 30.69
C LEU J 129 0.20 -35.68 31.45
N PRO J 130 -0.50 -36.77 31.13
CA PRO J 130 -0.16 -38.07 31.71
C PRO J 130 1.07 -38.65 31.02
N PRO J 131 1.76 -39.60 31.65
CA PRO J 131 3.06 -40.05 31.12
C PRO J 131 3.04 -40.73 29.76
N LEU J 132 2.13 -41.69 29.55
CA LEU J 132 2.10 -42.41 28.29
C LEU J 132 1.70 -41.50 27.13
N THR J 133 0.72 -40.61 27.35
CA THR J 133 0.34 -39.66 26.31
C THR J 133 1.49 -38.73 25.98
N LYS J 134 2.22 -38.28 27.00
CA LYS J 134 3.40 -37.44 26.77
C LYS J 134 4.43 -38.18 25.94
N ALA J 135 4.67 -39.46 26.26
CA ALA J 135 5.64 -40.25 25.50
C ALA J 135 5.20 -40.42 24.05
N LEU J 136 3.91 -40.67 23.82
CA LEU J 136 3.40 -40.80 22.46
C LEU J 136 3.57 -39.51 21.68
N PHE J 137 3.25 -38.38 22.30
CA PHE J 137 3.40 -37.09 21.62
C PHE J 137 4.86 -36.81 21.30
N ASN J 138 5.76 -37.09 22.24
CA ASN J 138 7.19 -36.88 21.99
C ASN J 138 7.68 -37.77 20.85
N TYR J 139 7.28 -39.04 20.86
CA TYR J 139 7.69 -39.93 19.78
C TYR J 139 7.22 -39.42 18.43
N VAL J 140 5.96 -38.97 18.35
CA VAL J 140 5.47 -38.40 17.10
C VAL J 140 6.31 -37.20 16.71
N LYS J 141 6.72 -36.39 17.68
CA LYS J 141 7.58 -35.24 17.39
C LYS J 141 8.92 -35.68 16.80
N GLU J 142 9.42 -36.85 17.20
CA GLU J 142 10.70 -37.31 16.65
C GLU J 142 10.64 -37.55 15.15
N GLY J 143 9.50 -37.98 14.62
CA GLY J 143 9.35 -38.18 13.19
C GLY J 143 10.21 -39.25 12.56
N LYS J 144 10.26 -40.43 13.17
CA LYS J 144 11.10 -41.51 12.70
C LYS J 144 10.47 -42.23 11.51
N TYR J 145 11.30 -42.96 10.77
CA TYR J 145 10.88 -43.78 9.65
C TYR J 145 10.69 -45.21 10.15
N THR J 146 9.50 -45.75 9.95
CA THR J 146 9.18 -47.11 10.39
C THR J 146 9.20 -48.06 9.21
N PHE J 147 9.70 -49.27 9.45
CA PHE J 147 9.63 -50.39 8.53
C PHE J 147 8.87 -51.53 9.20
N CYS J 148 7.88 -51.16 10.01
CA CYS J 148 7.13 -52.08 10.83
C CYS J 148 5.65 -51.78 10.68
N THR J 149 4.82 -52.65 11.25
CA THR J 149 3.39 -52.38 11.27
C THR J 149 3.13 -51.17 12.14
N PRO J 150 2.01 -50.46 11.93
CA PRO J 150 0.83 -50.73 11.08
C PRO J 150 1.00 -50.93 9.57
N GLY J 151 2.02 -50.43 8.88
CA GLY J 151 2.15 -50.65 7.47
C GLY J 151 1.78 -49.45 6.61
N HIS J 152 0.92 -48.58 7.10
CA HIS J 152 0.72 -47.31 6.44
C HIS J 152 1.86 -46.34 6.73
N MET J 153 2.70 -46.67 7.72
CA MET J 153 3.96 -45.96 8.02
C MET J 153 3.70 -44.49 8.33
N GLY J 154 2.89 -44.26 9.36
CA GLY J 154 2.55 -42.90 9.74
C GLY J 154 1.67 -42.16 8.78
N GLY J 155 0.93 -42.88 7.92
CA GLY J 155 0.02 -42.27 6.98
C GLY J 155 0.56 -42.04 5.59
N THR J 156 1.76 -42.54 5.27
CA THR J 156 2.30 -42.35 3.93
C THR J 156 1.46 -43.06 2.87
N ALA J 157 1.04 -44.29 3.16
CA ALA J 157 0.25 -45.05 2.19
C ALA J 157 -1.07 -44.36 1.88
N PHE J 158 -1.70 -43.77 2.89
CA PHE J 158 -2.91 -42.99 2.65
C PHE J 158 -2.63 -41.81 1.74
N GLN J 159 -1.52 -41.11 1.96
CA GLN J 159 -1.17 -39.98 1.11
C GLN J 159 -0.82 -40.41 -0.31
N LYS J 160 -0.49 -41.68 -0.52
CA LYS J 160 -0.20 -42.15 -1.88
C LYS J 160 -1.46 -42.52 -2.66
N SER J 161 -2.64 -42.45 -2.07
CA SER J 161 -3.87 -42.86 -2.72
C SER J 161 -4.91 -41.75 -2.66
N PRO J 162 -5.72 -41.61 -3.72
CA PRO J 162 -6.76 -40.55 -3.69
C PRO J 162 -7.79 -40.74 -2.59
N VAL J 163 -8.45 -41.91 -2.53
CA VAL J 163 -9.39 -42.14 -1.44
C VAL J 163 -8.66 -42.16 -0.10
N GLY J 164 -7.44 -42.71 -0.10
CA GLY J 164 -6.63 -42.66 1.10
C GLY J 164 -6.28 -41.23 1.49
N SER J 165 -6.09 -40.36 0.50
CA SER J 165 -5.80 -38.96 0.82
C SER J 165 -7.02 -38.26 1.42
N ILE J 166 -8.22 -38.60 0.95
CA ILE J 166 -9.43 -38.07 1.59
C ILE J 166 -9.50 -38.54 3.04
N PHE J 167 -9.25 -39.83 3.25
CA PHE J 167 -9.25 -40.39 4.61
C PHE J 167 -8.22 -39.70 5.50
N TYR J 168 -7.03 -39.46 4.94
CA TYR J 168 -5.94 -38.81 5.66
C TYR J 168 -6.31 -37.38 6.04
N ASP J 169 -6.89 -36.64 5.10
CA ASP J 169 -7.27 -35.26 5.37
C ASP J 169 -8.36 -35.20 6.43
N PHE J 170 -9.29 -36.16 6.41
CA PHE J 170 -10.32 -36.20 7.44
C PHE J 170 -9.72 -36.48 8.81
N PHE J 171 -8.92 -37.55 8.94
CA PHE J 171 -8.47 -37.95 10.26
C PHE J 171 -7.25 -37.18 10.75
N GLY J 172 -6.46 -36.60 9.86
CA GLY J 172 -5.33 -35.79 10.26
C GLY J 172 -4.04 -36.56 10.41
N ALA J 173 -2.93 -35.82 10.37
CA ALA J 173 -1.61 -36.45 10.35
C ALA J 173 -1.22 -37.03 11.70
N ASN J 174 -1.59 -36.36 12.80
CA ASN J 174 -1.16 -36.82 14.11
C ASN J 174 -1.80 -38.15 14.49
N ALA J 175 -3.05 -38.36 14.09
CA ALA J 175 -3.71 -39.63 14.37
C ALA J 175 -2.99 -40.79 13.69
N MET J 176 -2.54 -40.59 12.47
CA MET J 176 -1.85 -41.65 11.74
C MET J 176 -0.41 -41.81 12.18
N LYS J 177 0.23 -40.72 12.62
CA LYS J 177 1.60 -40.83 13.10
C LYS J 177 1.66 -41.47 14.48
N SER J 178 0.61 -41.30 15.28
CA SER J 178 0.57 -41.90 16.61
C SER J 178 0.13 -43.36 16.59
N ASP J 179 -0.35 -43.85 15.46
CA ASP J 179 -0.81 -45.23 15.34
C ASP J 179 0.42 -46.11 15.10
N ILE J 180 0.93 -46.72 16.16
CA ILE J 180 2.19 -47.47 16.11
C ILE J 180 1.98 -48.86 16.70
N SER J 181 3.08 -49.61 16.82
CA SER J 181 3.08 -50.96 17.36
C SER J 181 4.19 -51.09 18.39
N ILE J 182 4.32 -52.29 18.96
CA ILE J 182 5.37 -52.56 19.94
C ILE J 182 6.76 -52.58 19.33
N SER J 183 6.88 -52.53 18.00
CA SER J 183 8.19 -52.42 17.38
C SER J 183 8.89 -51.14 17.81
N VAL J 184 8.13 -50.11 18.17
CA VAL J 184 8.67 -48.90 18.76
C VAL J 184 8.89 -49.19 20.24
N GLY J 185 10.13 -49.56 20.58
CA GLY J 185 10.41 -50.04 21.93
C GLY J 185 10.36 -48.98 23.01
N GLU J 186 10.55 -47.71 22.65
CA GLU J 186 10.58 -46.65 23.66
C GLU J 186 9.22 -46.48 24.32
N LEU J 187 8.13 -46.71 23.60
CA LEU J 187 6.80 -46.60 24.19
C LEU J 187 6.46 -47.76 25.10
N GLY J 188 7.25 -48.83 25.09
CA GLY J 188 6.96 -49.98 25.92
C GLY J 188 5.90 -50.87 25.30
N SER J 189 5.21 -51.62 26.16
CA SER J 189 4.23 -52.58 25.70
C SER J 189 3.06 -52.63 26.67
N LEU J 190 1.84 -52.52 26.14
CA LEU J 190 0.65 -52.69 26.95
C LEU J 190 0.54 -54.11 27.48
N LEU J 191 0.85 -55.11 26.65
CA LEU J 191 0.76 -56.50 27.06
C LEU J 191 1.78 -56.84 28.13
N ASP J 192 3.00 -56.30 28.01
CA ASP J 192 4.03 -56.56 29.00
C ASP J 192 3.96 -55.64 30.21
N HIS J 193 3.12 -54.60 30.17
CA HIS J 193 3.04 -53.60 31.23
C HIS J 193 4.41 -53.00 31.52
N SER J 194 5.05 -52.50 30.46
CA SER J 194 6.42 -52.01 30.53
C SER J 194 6.52 -50.59 30.00
N GLY J 195 7.53 -49.87 30.50
CA GLY J 195 7.77 -48.51 30.09
C GLY J 195 6.66 -47.57 30.49
N PRO J 196 6.38 -46.59 29.64
CA PRO J 196 5.31 -45.63 29.96
C PRO J 196 3.97 -46.30 30.21
N HIS J 197 3.66 -47.38 29.49
CA HIS J 197 2.44 -48.14 29.74
C HIS J 197 2.32 -48.49 31.22
N LYS J 198 3.39 -49.04 31.79
CA LYS J 198 3.36 -49.36 33.22
C LYS J 198 3.02 -48.13 34.04
N GLU J 199 3.70 -47.01 33.78
CA GLU J 199 3.41 -45.80 34.52
C GLU J 199 1.96 -45.41 34.34
N ALA J 200 1.44 -45.51 33.11
CA ALA J 200 0.04 -45.20 32.85
C ALA J 200 -0.85 -45.96 33.82
N GLU J 201 -0.64 -47.28 33.93
CA GLU J 201 -1.48 -48.08 34.80
C GLU J 201 -1.42 -47.54 36.22
N GLU J 202 -0.21 -47.30 36.73
CA GLU J 202 -0.09 -46.79 38.09
C GLU J 202 -0.80 -45.46 38.21
N TYR J 203 -0.59 -44.58 37.22
CA TYR J 203 -1.30 -43.31 37.20
C TYR J 203 -2.80 -43.54 37.30
N ILE J 204 -3.32 -44.41 36.43
CA ILE J 204 -4.76 -44.68 36.44
C ILE J 204 -5.17 -45.23 37.79
N ALA J 205 -4.36 -46.14 38.34
CA ALA J 205 -4.73 -46.75 39.62
C ALA J 205 -4.83 -45.70 40.71
N ARG J 206 -3.95 -44.69 40.68
CA ARG J 206 -4.03 -43.66 41.70
C ARG J 206 -5.25 -42.77 41.50
N THR J 207 -5.64 -42.54 40.24
CA THR J 207 -6.71 -41.59 39.97
C THR J 207 -8.08 -42.14 40.30
N PHE J 208 -8.29 -43.44 40.15
CA PHE J 208 -9.61 -44.04 40.30
C PHE J 208 -9.78 -44.77 41.62
N ASN J 209 -8.87 -44.59 42.58
CA ASN J 209 -8.93 -45.26 43.88
C ASN J 209 -8.95 -46.78 43.74
N ALA J 210 -8.02 -47.28 42.94
CA ALA J 210 -7.87 -48.71 42.72
C ALA J 210 -6.49 -49.15 43.17
N GLU J 211 -6.40 -50.38 43.67
CA GLU J 211 -5.09 -50.95 43.96
C GLU J 211 -4.36 -51.31 42.66
N ARG J 212 -5.06 -51.90 41.70
CA ARG J 212 -4.47 -52.23 40.41
C ARG J 212 -5.42 -51.80 39.30
N SER J 213 -4.84 -51.38 38.17
CA SER J 213 -5.63 -50.92 37.04
C SER J 213 -5.12 -51.55 35.75
N TYR J 214 -6.05 -51.97 34.91
CA TYR J 214 -5.75 -52.57 33.62
C TYR J 214 -6.52 -51.84 32.52
N MET J 215 -5.85 -51.58 31.41
CA MET J 215 -6.44 -50.91 30.27
C MET J 215 -6.89 -51.96 29.25
N VAL J 216 -8.13 -51.82 28.78
CA VAL J 216 -8.72 -52.73 27.81
C VAL J 216 -9.07 -51.90 26.57
N THR J 217 -8.67 -52.39 25.40
CA THR J 217 -8.96 -51.71 24.14
C THR J 217 -10.12 -52.34 23.39
N ASN J 218 -10.85 -53.26 24.00
CA ASN J 218 -12.00 -53.88 23.36
C ASN J 218 -13.25 -53.75 24.21
N GLY J 219 -13.35 -52.68 24.98
CA GLY J 219 -14.56 -52.37 25.71
C GLY J 219 -14.76 -53.16 26.99
N THR J 220 -15.83 -52.79 27.68
CA THR J 220 -16.20 -53.46 28.91
C THR J 220 -16.71 -54.88 28.66
N SER J 221 -17.13 -55.20 27.43
CA SER J 221 -17.42 -56.59 27.11
C SER J 221 -16.20 -57.47 27.34
N THR J 222 -15.07 -57.06 26.76
CA THR J 222 -13.82 -57.78 26.94
C THR J 222 -13.33 -57.69 28.38
N ALA J 223 -13.50 -56.53 29.03
CA ALA J 223 -13.08 -56.41 30.42
C ALA J 223 -13.85 -57.38 31.32
N ASN J 224 -15.17 -57.47 31.10
CA ASN J 224 -16.01 -58.41 31.85
C ASN J 224 -15.57 -59.84 31.60
N LYS J 225 -15.29 -60.18 30.35
CA LYS J 225 -14.87 -61.54 30.05
C LYS J 225 -13.54 -61.87 30.74
N ILE J 226 -12.62 -60.91 30.77
CA ILE J 226 -11.33 -61.14 31.44
C ILE J 226 -11.54 -61.37 32.93
N VAL J 227 -12.33 -60.50 33.58
CA VAL J 227 -12.56 -60.64 35.01
C VAL J 227 -13.24 -61.97 35.31
N GLY J 228 -14.27 -62.32 34.54
CA GLY J 228 -14.98 -63.56 34.78
C GLY J 228 -14.12 -64.79 34.56
N MET J 229 -13.33 -64.80 33.49
CA MET J 229 -12.48 -65.94 33.21
C MET J 229 -11.44 -66.13 34.30
N TYR J 230 -10.83 -65.05 34.78
CA TYR J 230 -9.91 -65.19 35.89
C TYR J 230 -10.62 -65.62 37.17
N SER J 231 -11.88 -65.22 37.35
CA SER J 231 -12.59 -65.47 38.59
C SER J 231 -13.33 -66.80 38.62
N ALA J 232 -13.72 -67.33 37.46
CA ALA J 232 -14.61 -68.50 37.40
C ALA J 232 -14.00 -69.61 36.56
N PRO J 233 -13.28 -70.54 37.19
CA PRO J 233 -12.78 -71.69 36.44
C PRO J 233 -13.92 -72.60 35.99
N ALA J 234 -13.63 -73.39 34.97
CA ALA J 234 -14.62 -74.32 34.43
C ALA J 234 -15.13 -75.26 35.52
N GLY J 235 -16.45 -75.38 35.62
CA GLY J 235 -17.07 -76.19 36.64
C GLY J 235 -17.49 -75.46 37.90
N SER J 236 -17.24 -74.17 37.98
CA SER J 236 -17.62 -73.40 39.15
C SER J 236 -19.02 -72.81 38.99
N THR J 237 -19.54 -72.29 40.09
CA THR J 237 -20.84 -71.63 40.13
C THR J 237 -20.64 -70.13 40.31
N VAL J 238 -21.41 -69.34 39.56
CA VAL J 238 -21.30 -67.88 39.61
C VAL J 238 -22.68 -67.27 39.82
N LEU J 239 -22.75 -66.30 40.72
CA LEU J 239 -23.93 -65.49 40.86
C LEU J 239 -23.90 -64.40 39.80
N ILE J 240 -24.97 -64.29 39.02
CA ILE J 240 -25.02 -63.35 37.90
C ILE J 240 -26.28 -62.51 38.02
N ASP J 241 -26.12 -61.19 37.93
CA ASP J 241 -27.28 -60.32 37.85
C ASP J 241 -28.08 -60.64 36.59
N ARG J 242 -29.39 -60.85 36.75
CA ARG J 242 -30.22 -61.08 35.57
C ARG J 242 -30.26 -59.85 34.68
N ASN J 243 -30.03 -58.67 35.24
CA ASN J 243 -29.82 -57.44 34.49
C ASN J 243 -28.36 -57.32 34.06
N CYS J 244 -27.84 -58.35 33.42
CA CYS J 244 -26.46 -58.37 32.97
C CYS J 244 -26.39 -58.02 31.49
N HIS J 245 -25.26 -57.44 31.10
CA HIS J 245 -25.02 -57.18 29.69
C HIS J 245 -24.80 -58.49 28.95
N LYS J 246 -25.02 -58.46 27.64
CA LYS J 246 -24.89 -59.67 26.83
C LYS J 246 -23.48 -60.25 26.89
N SER J 247 -22.48 -59.46 27.27
CA SER J 247 -21.12 -59.98 27.38
C SER J 247 -20.99 -61.02 28.48
N LEU J 248 -21.73 -60.86 29.58
CA LEU J 248 -21.73 -61.90 30.61
C LEU J 248 -22.32 -63.20 30.08
N THR J 249 -23.38 -63.10 29.25
CA THR J 249 -23.93 -64.28 28.61
C THR J 249 -22.92 -64.91 27.66
N HIS J 250 -22.16 -64.07 26.94
CA HIS J 250 -21.11 -64.61 26.05
C HIS J 250 -20.05 -65.34 26.86
N LEU J 251 -19.66 -64.78 28.00
CA LEU J 251 -18.69 -65.46 28.87
C LEU J 251 -19.25 -66.79 29.37
N MET J 252 -20.54 -66.82 29.72
CA MET J 252 -21.18 -68.06 30.14
C MET J 252 -21.16 -69.08 29.01
N MET J 253 -21.36 -68.62 27.77
CA MET J 253 -21.29 -69.52 26.63
C MET J 253 -19.86 -69.94 26.32
N MET J 254 -18.87 -69.20 26.80
CA MET J 254 -17.47 -69.54 26.54
C MET J 254 -16.95 -70.55 27.56
N SER J 255 -17.33 -70.40 28.82
CA SER J 255 -16.80 -71.22 29.90
C SER J 255 -17.93 -72.02 30.53
N ASP J 256 -17.64 -73.27 30.85
CA ASP J 256 -18.64 -74.16 31.46
C ASP J 256 -18.78 -73.78 32.93
N ILE J 257 -19.64 -72.79 33.18
CA ILE J 257 -19.90 -72.30 34.53
C ILE J 257 -21.40 -72.33 34.77
N THR J 258 -21.80 -72.74 35.97
CA THR J 258 -23.21 -72.83 36.31
C THR J 258 -23.70 -71.49 36.86
N PRO J 259 -24.69 -70.85 36.25
CA PRO J 259 -25.17 -69.57 36.75
C PRO J 259 -26.35 -69.69 37.70
N ILE J 260 -26.32 -68.86 38.73
CA ILE J 260 -27.46 -68.64 39.63
C ILE J 260 -27.77 -67.15 39.56
N TYR J 261 -28.99 -66.82 39.16
CA TYR J 261 -29.32 -65.45 38.78
C TYR J 261 -29.92 -64.66 39.93
N PHE J 262 -29.36 -63.49 40.19
CA PHE J 262 -30.02 -62.49 41.01
C PHE J 262 -31.25 -61.99 40.29
N ARG J 263 -32.35 -61.79 41.02
CA ARG J 263 -33.56 -61.30 40.40
C ARG J 263 -33.71 -59.82 40.70
N PRO J 264 -33.58 -58.93 39.72
CA PRO J 264 -33.84 -57.52 39.95
C PRO J 264 -35.33 -57.24 39.84
N THR J 265 -35.69 -55.98 40.07
CA THR J 265 -37.07 -55.54 40.01
C THR J 265 -37.27 -54.63 38.79
N ARG J 266 -38.49 -54.14 38.63
CA ARG J 266 -38.83 -53.25 37.54
C ARG J 266 -40.15 -52.55 37.87
N ASN J 267 -40.45 -51.50 37.12
CA ASN J 267 -41.68 -50.75 37.28
C ASN J 267 -42.55 -50.88 36.03
N ALA J 268 -43.66 -50.14 36.02
CA ALA J 268 -44.58 -50.20 34.89
C ALA J 268 -43.94 -49.66 33.61
N TYR J 269 -43.00 -48.72 33.73
CA TYR J 269 -42.34 -48.18 32.56
C TYR J 269 -41.38 -49.16 31.91
N GLY J 270 -41.07 -50.28 32.57
CA GLY J 270 -40.03 -51.16 32.09
C GLY J 270 -38.64 -50.78 32.53
N ILE J 271 -38.52 -49.78 33.40
CA ILE J 271 -37.22 -49.40 33.93
C ILE J 271 -36.74 -50.47 34.90
N LEU J 272 -35.52 -50.96 34.67
CA LEU J 272 -34.98 -52.01 35.51
C LEU J 272 -34.65 -51.48 36.89
N GLY J 273 -35.10 -52.19 37.92
CA GLY J 273 -34.83 -51.83 39.29
C GLY J 273 -33.67 -52.66 39.86
N GLY J 274 -33.27 -52.28 41.06
CA GLY J 274 -32.18 -52.96 41.72
C GLY J 274 -32.57 -54.30 42.29
N ILE J 275 -31.55 -55.11 42.57
CA ILE J 275 -31.77 -56.41 43.20
C ILE J 275 -32.11 -56.20 44.68
N PRO J 276 -33.19 -56.79 45.18
CA PRO J 276 -33.52 -56.62 46.61
C PRO J 276 -32.43 -57.23 47.49
N LYS J 277 -32.35 -56.69 48.72
CA LYS J 277 -31.29 -57.11 49.65
C LYS J 277 -31.38 -58.59 49.98
N SER J 278 -32.60 -59.15 50.00
CA SER J 278 -32.75 -60.56 50.36
C SER J 278 -31.98 -61.48 49.42
N GLU J 279 -31.83 -61.09 48.16
CA GLU J 279 -31.09 -61.93 47.23
C GLU J 279 -29.60 -62.01 47.56
N PHE J 280 -29.07 -61.04 48.31
CA PHE J 280 -27.67 -61.06 48.70
C PHE J 280 -27.43 -61.86 49.98
N GLN J 281 -28.48 -62.36 50.62
CA GLN J 281 -28.34 -63.06 51.88
C GLN J 281 -27.83 -64.49 51.67
N HIS J 282 -27.16 -65.00 52.70
CA HIS J 282 -26.56 -66.33 52.62
C HIS J 282 -27.62 -67.42 52.44
N ASP J 283 -28.74 -67.31 53.16
CA ASP J 283 -29.76 -68.34 53.08
C ASP J 283 -30.39 -68.43 51.69
N THR J 284 -30.68 -67.28 51.08
CA THR J 284 -31.26 -67.28 49.74
C THR J 284 -30.30 -67.94 48.74
N ILE J 285 -29.02 -67.58 48.81
CA ILE J 285 -28.04 -68.15 47.90
C ILE J 285 -27.90 -69.65 48.13
N ALA J 286 -27.87 -70.08 49.39
CA ALA J 286 -27.74 -71.50 49.70
C ALA J 286 -28.93 -72.29 49.17
N GLU J 287 -30.14 -71.73 49.31
CA GLU J 287 -31.31 -72.40 48.76
C GLU J 287 -31.22 -72.49 47.24
N ARG J 288 -30.78 -71.42 46.58
CA ARG J 288 -30.65 -71.46 45.13
C ARG J 288 -29.62 -72.50 44.70
N VAL J 289 -28.52 -72.62 45.43
CA VAL J 289 -27.52 -73.65 45.12
C VAL J 289 -28.13 -75.04 45.29
N ALA J 290 -28.88 -75.23 46.37
CA ALA J 290 -29.51 -76.54 46.60
C ALA J 290 -30.47 -76.89 45.48
N GLN J 291 -31.24 -75.93 44.99
CA GLN J 291 -32.18 -76.19 43.91
C GLN J 291 -31.50 -76.40 42.58
N THR J 292 -30.38 -75.71 42.34
CA THR J 292 -29.71 -75.76 41.05
C THR J 292 -28.86 -77.02 40.93
N PRO J 293 -29.09 -77.86 39.93
CA PRO J 293 -28.26 -79.06 39.78
C PRO J 293 -26.87 -78.72 39.28
N ASN J 294 -25.89 -79.51 39.74
CA ASN J 294 -24.48 -79.32 39.41
C ASN J 294 -23.99 -77.93 39.82
N ALA J 295 -24.46 -77.47 40.98
CA ALA J 295 -24.10 -76.16 41.50
C ALA J 295 -23.53 -76.30 42.90
N THR J 296 -22.38 -75.67 43.14
CA THR J 296 -21.76 -75.59 44.44
C THR J 296 -21.83 -74.13 44.92
N TRP J 297 -21.17 -73.84 46.03
CA TRP J 297 -21.18 -72.47 46.52
C TRP J 297 -20.47 -71.57 45.52
N PRO J 298 -21.07 -70.45 45.13
CA PRO J 298 -20.48 -69.61 44.09
C PRO J 298 -19.13 -69.04 44.50
N VAL J 299 -18.21 -68.97 43.54
CA VAL J 299 -16.89 -68.38 43.77
C VAL J 299 -16.77 -66.98 43.17
N HIS J 300 -17.77 -66.54 42.41
CA HIS J 300 -17.76 -65.23 41.77
C HIS J 300 -19.18 -64.69 41.77
N ALA J 301 -19.29 -63.36 41.83
CA ALA J 301 -20.58 -62.70 41.80
C ALA J 301 -20.47 -61.44 40.95
N VAL J 302 -21.42 -61.26 40.04
CA VAL J 302 -21.43 -60.13 39.11
C VAL J 302 -22.72 -59.35 39.34
N VAL J 303 -22.58 -58.07 39.61
CA VAL J 303 -23.69 -57.15 39.83
C VAL J 303 -23.53 -55.96 38.90
N THR J 304 -24.63 -55.54 38.29
CA THR J 304 -24.62 -54.37 37.40
C THR J 304 -24.86 -53.12 38.23
N ASN J 305 -23.82 -52.32 38.43
CA ASN J 305 -23.93 -51.08 39.20
C ASN J 305 -23.16 -50.00 38.46
N SER J 306 -23.87 -49.00 37.95
CA SER J 306 -25.32 -48.88 38.11
C SER J 306 -26.07 -49.54 36.96
N THR J 307 -27.39 -49.38 36.98
CA THR J 307 -28.23 -49.83 35.89
C THR J 307 -28.19 -48.83 34.74
N TYR J 308 -28.79 -49.22 33.62
CA TYR J 308 -28.85 -48.34 32.46
C TYR J 308 -29.60 -47.05 32.78
N ASP J 309 -30.62 -47.11 33.63
CA ASP J 309 -31.42 -45.95 33.97
C ASP J 309 -30.84 -45.16 35.15
N GLY J 310 -29.68 -45.55 35.66
CA GLY J 310 -29.00 -44.77 36.68
C GLY J 310 -29.26 -45.15 38.12
N LEU J 311 -29.67 -46.37 38.39
CA LEU J 311 -29.92 -46.81 39.77
C LEU J 311 -28.64 -47.42 40.34
N LEU J 312 -28.07 -46.75 41.33
CA LEU J 312 -26.86 -47.19 42.01
C LEU J 312 -27.22 -47.91 43.30
N TYR J 313 -26.42 -48.93 43.63
CA TYR J 313 -26.58 -49.71 44.84
C TYR J 313 -25.80 -49.07 45.99
N ASN J 314 -26.20 -49.42 47.21
CA ASN J 314 -25.39 -49.18 48.39
C ASN J 314 -24.36 -50.30 48.41
N THR J 315 -23.17 -50.02 47.86
CA THR J 315 -22.19 -51.08 47.68
C THR J 315 -21.58 -51.56 48.98
N ASP J 316 -21.60 -50.75 50.04
CA ASP J 316 -21.09 -51.21 51.33
C ASP J 316 -21.88 -52.41 51.83
N TYR J 317 -23.21 -52.34 51.71
CA TYR J 317 -24.05 -53.45 52.15
C TYR J 317 -23.75 -54.72 51.38
N ILE J 318 -23.54 -54.60 50.06
CA ILE J 318 -23.23 -55.79 49.25
C ILE J 318 -21.86 -56.35 49.62
N LYS J 319 -20.87 -55.47 49.76
CA LYS J 319 -19.53 -55.93 50.13
C LYS J 319 -19.52 -56.61 51.49
N GLU J 320 -20.42 -56.21 52.38
CA GLU J 320 -20.48 -56.84 53.69
C GLU J 320 -21.31 -58.13 53.70
N ALA J 321 -22.42 -58.17 52.95
CA ALA J 321 -23.38 -59.25 53.07
C ALA J 321 -23.22 -60.36 52.04
N LEU J 322 -22.58 -60.09 50.89
CA LEU J 322 -22.43 -61.09 49.85
C LEU J 322 -21.25 -61.99 50.21
N ASP J 323 -21.55 -63.21 50.66
CA ASP J 323 -20.52 -64.15 51.12
C ASP J 323 -19.88 -64.88 49.95
N VAL J 324 -19.25 -64.09 49.07
CA VAL J 324 -18.56 -64.60 47.90
C VAL J 324 -17.15 -64.01 47.91
N LYS J 325 -16.15 -64.85 47.66
CA LYS J 325 -14.77 -64.39 47.72
C LYS J 325 -14.41 -63.39 46.63
N SER J 326 -15.15 -63.37 45.53
CA SER J 326 -14.86 -62.47 44.42
C SER J 326 -16.14 -61.76 44.00
N ILE J 327 -16.15 -60.43 44.11
CA ILE J 327 -17.31 -59.62 43.73
C ILE J 327 -16.89 -58.67 42.63
N HIS J 328 -17.60 -58.71 41.51
CA HIS J 328 -17.30 -57.87 40.36
C HIS J 328 -18.50 -56.97 40.06
N PHE J 329 -18.25 -55.67 40.04
CA PHE J 329 -19.27 -54.67 39.70
C PHE J 329 -19.04 -54.24 38.26
N ASP J 330 -20.00 -54.59 37.40
CA ASP J 330 -20.01 -54.09 36.02
C ASP J 330 -20.45 -52.64 36.08
N SER J 331 -19.49 -51.73 36.03
CA SER J 331 -19.73 -50.30 36.20
C SER J 331 -19.46 -49.54 34.91
N ALA J 332 -19.91 -50.11 33.79
CA ALA J 332 -19.70 -49.49 32.48
C ALA J 332 -20.29 -48.09 32.44
N TRP J 333 -21.43 -47.87 33.10
CA TRP J 333 -22.13 -46.60 33.03
C TRP J 333 -21.70 -45.60 34.08
N VAL J 334 -20.82 -45.97 35.01
CA VAL J 334 -20.44 -45.02 36.06
C VAL J 334 -18.92 -44.96 36.23
N PRO J 335 -18.16 -44.49 35.23
CA PRO J 335 -16.72 -44.32 35.43
C PRO J 335 -16.35 -43.07 36.20
N TYR J 336 -17.31 -42.18 36.46
CA TYR J 336 -17.04 -40.90 37.12
C TYR J 336 -17.13 -40.98 38.64
N THR J 337 -17.44 -42.14 39.21
CA THR J 337 -17.36 -42.29 40.65
C THR J 337 -15.89 -42.17 41.08
N ASN J 338 -15.69 -41.79 42.33
CA ASN J 338 -14.43 -41.40 42.95
C ASN J 338 -14.07 -39.95 42.59
N PHE J 339 -14.79 -39.31 41.68
CA PHE J 339 -14.52 -37.94 41.28
C PHE J 339 -15.53 -36.95 41.82
N SER J 340 -16.56 -37.42 42.53
CA SER J 340 -17.50 -36.57 43.23
C SER J 340 -17.89 -37.25 44.53
N PRO J 341 -18.09 -36.49 45.60
CA PRO J 341 -18.46 -37.10 46.89
C PRO J 341 -19.89 -37.63 46.95
N ILE J 342 -20.75 -37.27 45.99
CA ILE J 342 -22.13 -37.75 46.04
C ILE J 342 -22.23 -39.24 45.77
N TYR J 343 -21.19 -39.86 45.19
CA TYR J 343 -21.20 -41.28 44.90
C TYR J 343 -20.48 -42.10 45.96
N LYS J 344 -20.12 -41.49 47.09
CA LYS J 344 -19.43 -42.21 48.15
C LYS J 344 -20.28 -43.37 48.64
N GLY J 345 -19.66 -44.55 48.74
CA GLY J 345 -20.37 -45.74 49.16
C GLY J 345 -21.28 -46.35 48.12
N LEU J 346 -21.23 -45.87 46.88
CA LEU J 346 -22.12 -46.35 45.82
C LEU J 346 -21.35 -46.95 44.65
N CYS J 347 -20.09 -47.34 44.86
CA CYS J 347 -19.29 -47.92 43.80
C CYS J 347 -18.35 -48.96 44.39
N GLY J 348 -17.91 -49.89 43.53
CA GLY J 348 -17.08 -50.99 43.99
C GLY J 348 -15.76 -50.54 44.57
N MET J 349 -15.17 -49.48 44.02
CA MET J 349 -13.89 -48.99 44.52
C MET J 349 -14.03 -48.14 45.76
N SER J 350 -15.25 -47.77 46.14
CA SER J 350 -15.45 -46.92 47.31
C SER J 350 -15.01 -47.64 48.58
N GLY J 351 -14.25 -46.93 49.42
CA GLY J 351 -13.79 -47.49 50.67
C GLY J 351 -12.42 -48.14 50.56
N GLY J 352 -12.20 -49.20 51.33
CA GLY J 352 -10.92 -49.88 51.33
C GLY J 352 -11.02 -51.36 51.07
N ARG J 353 -9.94 -52.08 51.41
CA ARG J 353 -9.90 -53.52 51.20
C ARG J 353 -10.97 -54.23 52.02
N VAL J 354 -11.58 -55.24 51.43
CA VAL J 354 -12.52 -56.12 52.12
C VAL J 354 -11.78 -57.40 52.47
N GLU J 355 -11.84 -57.79 53.74
CA GLU J 355 -11.11 -58.96 54.20
C GLU J 355 -11.61 -60.22 53.51
N GLY J 356 -10.67 -61.01 52.99
CA GLY J 356 -11.01 -62.27 52.34
C GLY J 356 -11.79 -62.13 51.06
N LYS J 357 -11.81 -60.95 50.46
CA LYS J 357 -12.57 -60.72 49.24
C LYS J 357 -11.74 -59.89 48.27
N VAL J 358 -12.03 -60.04 46.99
CA VAL J 358 -11.45 -59.22 45.95
C VAL J 358 -12.59 -58.53 45.21
N ILE J 359 -12.49 -57.21 45.08
CA ILE J 359 -13.50 -56.38 44.46
C ILE J 359 -12.99 -55.91 43.10
N TYR J 360 -13.77 -56.17 42.06
CA TYR J 360 -13.48 -55.73 40.71
C TYR J 360 -14.47 -54.67 40.29
N GLU J 361 -14.00 -53.70 39.54
CA GLU J 361 -14.86 -52.73 38.87
C GLU J 361 -14.50 -52.74 37.39
N THR J 362 -15.51 -52.85 36.53
CA THR J 362 -15.28 -52.74 35.10
C THR J 362 -15.96 -51.48 34.60
N GLN J 363 -15.17 -50.52 34.13
CA GLN J 363 -15.67 -49.21 33.74
C GLN J 363 -15.47 -48.98 32.26
N SER J 364 -16.51 -48.46 31.60
CA SER J 364 -16.40 -48.01 30.21
C SER J 364 -15.96 -46.56 30.24
N THR J 365 -14.65 -46.33 30.09
CA THR J 365 -14.13 -44.98 30.04
C THR J 365 -14.74 -44.21 28.87
N HIS J 366 -15.09 -44.91 27.80
CA HIS J 366 -15.65 -44.33 26.59
C HIS J 366 -17.16 -44.11 26.67
N LYS J 367 -17.77 -44.26 27.83
CA LYS J 367 -19.22 -44.11 27.93
C LYS J 367 -19.63 -42.80 28.58
N LEU J 368 -19.07 -42.48 29.75
CA LEU J 368 -19.43 -41.28 30.48
C LEU J 368 -18.25 -40.36 30.77
N LEU J 369 -17.02 -40.81 30.55
CA LEU J 369 -15.85 -39.95 30.59
C LEU J 369 -15.45 -39.64 29.16
N ALA J 370 -14.29 -38.99 28.99
CA ALA J 370 -13.83 -38.58 27.66
C ALA J 370 -12.74 -39.53 27.20
N ALA J 371 -13.15 -40.57 26.48
CA ALA J 371 -12.21 -41.54 25.92
C ALA J 371 -12.78 -42.08 24.61
N PHE J 372 -11.88 -42.55 23.75
CA PHE J 372 -12.30 -43.12 22.48
C PHE J 372 -13.07 -44.41 22.73
N SER J 373 -14.01 -44.70 21.83
CA SER J 373 -14.79 -45.93 21.91
C SER J 373 -13.86 -47.14 22.01
N GLN J 374 -14.31 -48.15 22.77
CA GLN J 374 -13.62 -49.39 23.13
C GLN J 374 -12.63 -49.20 24.28
N ALA J 375 -12.46 -47.99 24.81
CA ALA J 375 -11.56 -47.78 25.94
C ALA J 375 -12.26 -48.20 27.23
N SER J 376 -11.63 -49.10 27.97
CA SER J 376 -12.23 -49.62 29.19
C SER J 376 -11.15 -49.83 30.25
N MET J 377 -11.59 -49.87 31.51
CA MET J 377 -10.70 -50.06 32.65
C MET J 377 -11.19 -51.21 33.52
N ILE J 378 -10.24 -51.97 34.05
CA ILE J 378 -10.49 -52.94 35.10
C ILE J 378 -9.77 -52.46 36.35
N HIS J 379 -10.52 -52.21 37.41
CA HIS J 379 -9.97 -51.77 38.69
C HIS J 379 -10.09 -52.90 39.69
N VAL J 380 -9.00 -53.18 40.41
CA VAL J 380 -8.91 -54.31 41.32
C VAL J 380 -8.53 -53.79 42.70
N LYS J 381 -9.28 -54.22 43.71
CA LYS J 381 -8.96 -53.96 45.11
C LYS J 381 -9.01 -55.30 45.85
N GLY J 382 -7.84 -55.77 46.28
CA GLY J 382 -7.72 -57.05 46.95
C GLY J 382 -6.58 -57.84 46.38
N ASP J 383 -6.48 -59.09 46.80
CA ASP J 383 -5.37 -59.96 46.42
C ASP J 383 -5.72 -60.77 45.18
N ILE J 384 -4.86 -60.70 44.17
CA ILE J 384 -5.01 -61.47 42.95
C ILE J 384 -3.66 -62.09 42.61
N ASN J 385 -3.70 -63.17 41.84
CA ASN J 385 -2.49 -63.74 41.28
C ASN J 385 -2.15 -62.92 40.03
N GLU J 386 -1.07 -62.16 40.11
CA GLU J 386 -0.74 -61.22 39.05
C GLU J 386 -0.47 -61.94 37.72
N GLU J 387 0.23 -63.07 37.79
CA GLU J 387 0.60 -63.76 36.56
C GLU J 387 -0.60 -64.45 35.91
N THR J 388 -1.42 -65.12 36.72
CA THR J 388 -2.62 -65.75 36.19
C THR J 388 -3.60 -64.72 35.63
N PHE J 389 -3.77 -63.60 36.35
CA PHE J 389 -4.63 -62.54 35.84
C PHE J 389 -4.06 -61.95 34.56
N ASN J 390 -2.74 -61.83 34.48
CA ASN J 390 -2.12 -61.33 33.25
C ASN J 390 -2.35 -62.29 32.10
N GLU J 391 -2.33 -63.59 32.36
CA GLU J 391 -2.64 -64.56 31.32
C GLU J 391 -4.08 -64.38 30.83
N ALA J 392 -5.02 -64.28 31.77
CA ALA J 392 -6.42 -64.05 31.39
C ALA J 392 -6.58 -62.76 30.60
N TYR J 393 -5.85 -61.71 31.02
CA TYR J 393 -5.90 -60.42 30.33
C TYR J 393 -5.34 -60.52 28.91
N MET J 394 -4.22 -61.22 28.74
CA MET J 394 -3.60 -61.36 27.44
C MET J 394 -4.43 -62.23 26.50
N MET J 395 -5.21 -63.15 27.07
CA MET J 395 -6.05 -64.01 26.23
C MET J 395 -7.12 -63.22 25.47
N HIS J 396 -7.46 -62.02 25.91
CA HIS J 396 -8.48 -61.23 25.25
C HIS J 396 -7.99 -59.92 24.66
N THR J 397 -6.77 -59.50 24.95
CA THR J 397 -6.22 -58.26 24.43
C THR J 397 -5.36 -58.55 23.20
N SER J 398 -5.63 -57.81 22.13
CA SER J 398 -4.90 -58.00 20.89
C SER J 398 -3.44 -57.59 21.03
N THR J 399 -2.56 -58.30 20.31
CA THR J 399 -1.15 -57.97 20.33
C THR J 399 -0.83 -56.69 19.56
N SER J 400 -1.83 -56.04 18.98
CA SER J 400 -1.64 -54.78 18.26
C SER J 400 -2.66 -53.77 18.79
N PRO J 401 -2.48 -53.31 20.02
CA PRO J 401 -3.44 -52.37 20.59
C PRO J 401 -3.42 -51.03 19.86
N HIS J 402 -4.59 -50.44 19.73
CA HIS J 402 -4.71 -49.10 19.18
C HIS J 402 -4.15 -48.12 20.20
N TYR J 403 -2.97 -47.57 19.92
CA TYR J 403 -2.32 -46.67 20.86
C TYR J 403 -3.16 -45.41 21.11
N GLY J 404 -3.96 -45.01 20.13
CA GLY J 404 -4.86 -43.89 20.35
C GLY J 404 -5.88 -44.16 21.44
N ILE J 405 -6.44 -45.38 21.46
CA ILE J 405 -7.41 -45.74 22.48
C ILE J 405 -6.76 -45.78 23.86
N VAL J 406 -5.54 -46.33 23.93
CA VAL J 406 -4.80 -46.38 25.19
C VAL J 406 -4.50 -44.97 25.69
N ALA J 407 -4.03 -44.11 24.81
CA ALA J 407 -3.75 -42.73 25.18
C ALA J 407 -5.01 -42.00 25.58
N SER J 408 -6.14 -42.33 24.96
CA SER J 408 -7.41 -41.73 25.35
C SER J 408 -7.82 -42.17 26.75
N THR J 409 -7.54 -43.43 27.10
CA THR J 409 -7.78 -43.90 28.45
C THR J 409 -6.95 -43.11 29.47
N GLU J 410 -5.65 -42.97 29.19
CA GLU J 410 -4.78 -42.24 30.10
C GLU J 410 -5.17 -40.76 30.18
N THR J 411 -5.55 -40.17 29.05
CA THR J 411 -5.97 -38.77 29.04
C THR J 411 -7.28 -38.59 29.80
N ALA J 412 -8.18 -39.57 29.72
CA ALA J 412 -9.42 -39.51 30.49
C ALA J 412 -9.13 -39.56 31.98
N ALA J 413 -8.15 -40.36 32.39
CA ALA J 413 -7.73 -40.31 33.78
C ALA J 413 -7.15 -38.94 34.14
N ALA J 414 -6.32 -38.37 33.26
CA ALA J 414 -5.67 -37.10 33.55
C ALA J 414 -6.68 -35.95 33.60
N MET J 415 -7.77 -36.03 32.83
CA MET J 415 -8.75 -34.95 32.78
C MET J 415 -9.49 -34.79 34.11
N MET J 416 -9.47 -35.80 34.97
CA MET J 416 -10.14 -35.74 36.25
C MET J 416 -9.30 -35.05 37.33
N LYS J 417 -8.01 -34.86 37.08
CA LYS J 417 -7.11 -34.33 38.10
C LYS J 417 -7.30 -32.84 38.33
N GLY J 418 -7.24 -32.44 39.59
CA GLY J 418 -7.20 -31.04 39.95
C GLY J 418 -8.55 -30.33 39.95
N ASN J 419 -8.46 -29.02 40.18
CA ASN J 419 -9.64 -28.18 40.20
C ASN J 419 -10.37 -28.20 38.87
N ALA J 420 -9.64 -28.36 37.76
CA ALA J 420 -10.28 -28.42 36.45
C ALA J 420 -11.21 -29.62 36.35
N GLY J 421 -10.73 -30.80 36.72
CA GLY J 421 -11.58 -31.99 36.68
C GLY J 421 -12.70 -31.94 37.69
N LYS J 422 -12.42 -31.42 38.89
CA LYS J 422 -13.48 -31.28 39.89
C LYS J 422 -14.58 -30.37 39.38
N ARG J 423 -14.21 -29.25 38.75
CA ARG J 423 -15.19 -28.35 38.17
C ARG J 423 -15.94 -29.00 37.03
N LEU J 424 -15.25 -29.81 36.22
CA LEU J 424 -15.93 -30.51 35.13
C LEU J 424 -17.04 -31.41 35.66
N ILE J 425 -16.72 -32.27 36.64
CA ILE J 425 -17.72 -33.19 37.17
C ILE J 425 -18.84 -32.43 37.89
N ASN J 426 -18.48 -31.44 38.71
CA ASN J 426 -19.49 -30.68 39.44
C ASN J 426 -20.41 -29.92 38.50
N GLY J 427 -19.84 -29.32 37.45
CA GLY J 427 -20.65 -28.61 36.48
C GLY J 427 -21.58 -29.54 35.73
N SER J 428 -21.11 -30.75 35.41
CA SER J 428 -21.99 -31.71 34.75
C SER J 428 -23.16 -32.09 35.66
N ILE J 429 -22.89 -32.35 36.94
CA ILE J 429 -23.95 -32.70 37.87
C ILE J 429 -24.94 -31.56 38.03
N GLU J 430 -24.43 -30.33 38.18
CA GLU J 430 -25.30 -29.17 38.36
C GLU J 430 -26.10 -28.87 37.10
N ARG J 431 -25.50 -29.07 35.93
CA ARG J 431 -26.22 -28.89 34.68
C ARG J 431 -27.36 -29.88 34.56
N ALA J 432 -27.11 -31.14 34.93
CA ALA J 432 -28.18 -32.14 34.89
C ALA J 432 -29.31 -31.77 35.86
N ILE J 433 -28.95 -31.32 37.07
CA ILE J 433 -29.98 -30.97 38.03
C ILE J 433 -30.78 -29.76 37.57
N ARG J 434 -30.10 -28.77 36.96
CA ARG J 434 -30.81 -27.61 36.45
C ARG J 434 -31.78 -28.01 35.33
N PHE J 435 -31.35 -28.91 34.45
CA PHE J 435 -32.26 -29.40 33.41
C PHE J 435 -33.46 -30.11 34.01
N ARG J 436 -33.23 -30.92 35.05
CA ARG J 436 -34.33 -31.64 35.70
C ARG J 436 -35.32 -30.66 36.32
N LYS J 437 -34.80 -29.66 37.02
CA LYS J 437 -35.67 -28.65 37.64
C LYS J 437 -36.45 -27.88 36.58
N GLU J 438 -35.81 -27.56 35.45
CA GLU J 438 -36.50 -26.85 34.39
C GLU J 438 -37.59 -27.71 33.76
N ILE J 439 -37.34 -29.02 33.60
CA ILE J 439 -38.38 -29.89 33.10
C ILE J 439 -39.59 -29.88 34.04
N LYS J 440 -39.32 -29.97 35.35
CA LYS J 440 -40.42 -29.91 36.33
C LYS J 440 -41.17 -28.58 36.24
N ARG J 441 -40.43 -27.48 36.12
CA ARG J 441 -41.05 -26.16 36.06
C ARG J 441 -41.92 -26.01 34.82
N LEU J 442 -41.43 -26.46 33.66
CA LEU J 442 -42.22 -26.39 32.44
C LEU J 442 -43.46 -27.28 32.54
N ASN J 443 -43.31 -28.47 33.12
CA ASN J 443 -44.46 -29.35 33.29
C ASN J 443 -45.52 -28.70 34.17
N SER J 444 -45.11 -28.06 35.25
CA SER J 444 -46.06 -27.44 36.16
C SER J 444 -46.83 -26.31 35.48
N GLU J 445 -46.14 -25.50 34.68
CA GLU J 445 -46.76 -24.34 34.04
C GLU J 445 -47.35 -24.65 32.66
N SER J 446 -47.23 -25.88 32.18
CA SER J 446 -47.80 -26.24 30.90
C SER J 446 -49.30 -26.46 31.01
N GLU J 447 -50.04 -26.00 30.01
CA GLU J 447 -51.46 -26.29 29.88
C GLU J 447 -51.58 -27.55 29.02
N GLY J 448 -52.11 -28.62 29.60
CA GLY J 448 -52.17 -29.89 28.92
C GLY J 448 -50.96 -30.75 29.20
N TRP J 449 -50.73 -31.69 28.30
CA TRP J 449 -49.68 -32.67 28.47
C TRP J 449 -48.29 -32.03 28.30
N PHE J 450 -47.33 -32.53 29.07
CA PHE J 450 -45.94 -32.15 28.89
C PHE J 450 -45.05 -33.26 29.44
N PHE J 451 -43.80 -33.25 28.97
CA PHE J 451 -42.83 -34.24 29.40
C PHE J 451 -42.59 -34.14 30.90
N ASP J 452 -42.38 -35.29 31.54
CA ASP J 452 -42.02 -35.37 32.94
C ASP J 452 -40.65 -36.04 33.07
N VAL J 453 -40.00 -35.82 34.20
CA VAL J 453 -38.68 -36.39 34.47
C VAL J 453 -38.82 -37.39 35.62
N TRP J 454 -38.29 -38.59 35.41
CA TRP J 454 -38.33 -39.67 36.40
C TRP J 454 -37.41 -39.31 37.55
N GLN J 455 -37.97 -38.77 38.63
CA GLN J 455 -37.17 -38.28 39.74
C GLN J 455 -38.04 -38.01 40.96
N PRO J 456 -37.45 -37.80 42.15
CA PRO J 456 -38.25 -37.39 43.31
C PRO J 456 -38.83 -36.00 43.12
N GLU J 457 -39.87 -35.73 43.91
CA GLU J 457 -40.66 -34.51 43.73
C GLU J 457 -39.87 -33.24 44.03
N GLY J 458 -39.04 -33.26 45.07
CA GLY J 458 -38.41 -32.04 45.53
C GLY J 458 -36.90 -31.97 45.45
N ILE J 459 -36.31 -32.39 44.33
CA ILE J 459 -34.86 -32.37 44.19
C ILE J 459 -34.34 -30.95 44.38
N ASP J 460 -33.44 -30.77 45.34
CA ASP J 460 -32.87 -29.45 45.62
C ASP J 460 -31.36 -29.42 45.43
N GLU J 461 -30.61 -30.24 46.14
CA GLU J 461 -29.16 -30.19 46.13
C GLU J 461 -28.57 -31.34 45.33
N ALA J 462 -27.27 -31.24 45.07
CA ALA J 462 -26.55 -32.24 44.29
C ALA J 462 -26.30 -33.46 45.15
N LYS J 463 -26.96 -34.57 44.81
CA LYS J 463 -26.81 -35.83 45.53
C LYS J 463 -27.50 -36.92 44.72
N CYS J 464 -27.21 -38.17 45.07
CA CYS J 464 -27.91 -39.32 44.51
C CYS J 464 -29.14 -39.57 45.38
N TRP J 465 -30.31 -39.28 44.84
CA TRP J 465 -31.54 -39.31 45.62
C TRP J 465 -31.94 -40.73 45.97
N PRO J 466 -32.10 -41.07 47.24
CA PRO J 466 -32.53 -42.42 47.60
C PRO J 466 -33.95 -42.70 47.15
N LEU J 467 -34.21 -43.97 46.85
CA LEU J 467 -35.54 -44.43 46.46
C LEU J 467 -36.18 -45.04 47.71
N ASP J 468 -37.02 -44.27 48.37
CA ASP J 468 -37.68 -44.72 49.59
C ASP J 468 -39.03 -45.34 49.27
N SER J 469 -39.46 -46.25 50.15
CA SER J 469 -40.73 -46.94 49.95
C SER J 469 -41.94 -46.03 50.12
N LYS J 470 -41.79 -44.91 50.82
CA LYS J 470 -42.91 -43.98 50.99
C LYS J 470 -43.30 -43.34 49.67
N ASP J 471 -42.31 -42.88 48.89
CA ASP J 471 -42.59 -42.22 47.63
C ASP J 471 -42.97 -43.23 46.56
N ASN J 472 -43.74 -42.78 45.58
CA ASN J 472 -44.18 -43.64 44.48
C ASN J 472 -43.73 -43.12 43.11
N TRP J 473 -42.78 -42.19 43.07
CA TRP J 473 -42.31 -41.69 41.78
C TRP J 473 -41.61 -42.78 40.97
N HIS J 474 -40.82 -43.61 41.64
CA HIS J 474 -40.01 -44.60 40.92
C HIS J 474 -40.85 -45.75 40.40
N GLY J 475 -41.94 -46.09 41.07
CA GLY J 475 -42.81 -47.16 40.61
C GLY J 475 -42.43 -48.56 41.04
N PHE J 476 -41.47 -48.71 41.95
CA PHE J 476 -41.10 -50.03 42.44
C PHE J 476 -41.91 -50.36 43.69
N LYS J 477 -42.33 -51.61 43.80
CA LYS J 477 -43.22 -52.06 44.87
C LYS J 477 -42.39 -52.67 46.00
N ASP J 478 -42.54 -52.11 47.20
CA ASP J 478 -41.91 -52.62 48.42
C ASP J 478 -40.39 -52.70 48.26
N ILE J 479 -39.79 -51.54 48.08
CA ILE J 479 -38.35 -51.44 47.89
C ILE J 479 -37.66 -51.34 49.25
N ASP J 480 -36.44 -51.87 49.32
CA ASP J 480 -35.64 -51.73 50.53
C ASP J 480 -35.15 -50.31 50.67
N ASN J 481 -35.11 -49.81 51.90
CA ASN J 481 -34.67 -48.45 52.16
C ASN J 481 -33.15 -48.39 52.27
N ASP J 482 -32.59 -47.24 51.91
CA ASP J 482 -31.15 -47.02 51.89
C ASP J 482 -30.45 -48.06 51.04
N HIS J 483 -31.10 -48.44 49.94
CA HIS J 483 -30.63 -49.50 49.06
C HIS J 483 -30.35 -49.03 47.65
N MET J 484 -31.27 -48.28 47.04
CA MET J 484 -31.11 -47.81 45.68
C MET J 484 -31.14 -46.29 45.65
N TYR J 485 -30.29 -45.72 44.79
CA TYR J 485 -30.18 -44.27 44.65
C TYR J 485 -30.20 -43.91 43.17
N LEU J 486 -30.66 -42.70 42.85
CA LEU J 486 -30.77 -42.26 41.47
C LEU J 486 -29.64 -41.31 41.12
N ASP J 487 -28.92 -41.62 40.06
CA ASP J 487 -27.82 -40.80 39.58
C ASP J 487 -28.36 -39.56 38.88
N PRO J 488 -27.99 -38.35 39.31
CA PRO J 488 -28.50 -37.14 38.65
C PRO J 488 -28.04 -36.99 37.20
N ILE J 489 -26.98 -37.68 36.79
CA ILE J 489 -26.46 -37.54 35.44
C ILE J 489 -27.41 -38.16 34.42
N LYS J 490 -27.98 -39.32 34.74
CA LYS J 490 -28.81 -40.08 33.81
C LYS J 490 -30.24 -39.57 33.91
N VAL J 491 -30.64 -38.70 32.97
CA VAL J 491 -31.92 -38.01 33.04
C VAL J 491 -32.92 -38.76 32.17
N THR J 492 -33.95 -39.33 32.81
CA THR J 492 -34.99 -40.06 32.10
C THR J 492 -36.23 -39.18 32.00
N LEU J 493 -36.55 -38.76 30.77
CA LEU J 493 -37.78 -38.04 30.52
C LEU J 493 -38.91 -39.03 30.26
N LEU J 494 -40.11 -38.65 30.68
CA LEU J 494 -41.29 -39.50 30.57
C LEU J 494 -42.29 -38.86 29.62
N THR J 495 -42.84 -39.65 28.75
CA THR J 495 -43.88 -39.17 27.86
C THR J 495 -45.24 -39.67 28.36
N PRO J 496 -46.32 -38.92 28.11
CA PRO J 496 -47.63 -39.33 28.62
C PRO J 496 -48.07 -40.65 28.01
N GLY J 497 -48.85 -41.40 28.77
CA GLY J 497 -49.31 -42.70 28.34
C GLY J 497 -49.45 -43.70 29.49
N MET J 498 -48.81 -43.42 30.61
CA MET J 498 -48.94 -44.23 31.81
C MET J 498 -49.50 -43.38 32.94
N GLN J 499 -50.15 -44.04 33.88
CA GLN J 499 -50.75 -43.38 35.03
C GLN J 499 -49.88 -43.56 36.26
N LYS J 500 -50.22 -42.83 37.32
CA LYS J 500 -49.44 -42.87 38.55
C LYS J 500 -49.48 -44.25 39.21
N ASP J 501 -50.53 -45.02 38.98
CA ASP J 501 -50.68 -46.33 39.58
C ASP J 501 -50.11 -47.45 38.71
N GLY J 502 -49.50 -47.10 37.57
CA GLY J 502 -48.92 -48.08 36.69
C GLY J 502 -49.82 -48.58 35.58
N SER J 503 -51.09 -48.21 35.59
CA SER J 503 -51.99 -48.62 34.52
C SER J 503 -51.86 -47.70 33.32
N MET J 504 -52.20 -48.23 32.16
CA MET J 504 -52.14 -47.46 30.93
C MET J 504 -53.22 -46.38 30.93
N ALA J 505 -52.90 -45.26 30.29
CA ALA J 505 -53.84 -44.16 30.15
C ALA J 505 -54.60 -44.27 28.84
N ASP J 506 -55.71 -43.54 28.75
CA ASP J 506 -56.53 -43.58 27.54
C ASP J 506 -55.76 -43.03 26.34
N THR J 507 -55.00 -41.98 26.55
CA THR J 507 -54.20 -41.36 25.50
C THR J 507 -52.73 -41.39 25.89
N GLY J 508 -51.85 -41.38 24.90
CA GLY J 508 -50.43 -41.39 25.18
C GLY J 508 -49.63 -41.19 23.91
N ILE J 509 -48.40 -40.73 24.10
CA ILE J 509 -47.46 -40.50 23.01
C ILE J 509 -46.25 -41.40 23.23
N PRO J 510 -46.10 -42.46 22.43
CA PRO J 510 -44.93 -43.34 22.60
C PRO J 510 -43.63 -42.59 22.39
N ALA J 511 -42.64 -42.91 23.24
CA ALA J 511 -41.38 -42.18 23.23
C ALA J 511 -40.58 -42.40 21.94
N SER J 512 -40.88 -43.46 21.19
CA SER J 512 -40.18 -43.68 19.92
C SER J 512 -40.47 -42.58 18.93
N ILE J 513 -41.72 -42.08 18.89
CA ILE J 513 -42.07 -40.99 17.98
C ILE J 513 -41.29 -39.72 18.36
N VAL J 514 -41.20 -39.42 19.65
CA VAL J 514 -40.43 -38.26 20.09
C VAL J 514 -38.96 -38.44 19.77
N SER J 515 -38.44 -39.65 19.91
CA SER J 515 -37.04 -39.92 19.57
C SER J 515 -36.79 -39.70 18.09
N LYS J 516 -37.72 -40.15 17.23
CA LYS J 516 -37.59 -39.90 15.80
C LYS J 516 -37.64 -38.41 15.50
N TYR J 517 -38.53 -37.68 16.17
CA TYR J 517 -38.62 -36.24 15.96
C TYR J 517 -37.32 -35.55 16.35
N LEU J 518 -36.74 -35.94 17.48
CA LEU J 518 -35.47 -35.35 17.91
C LEU J 518 -34.35 -35.69 16.94
N ASP J 519 -34.30 -36.95 16.47
CA ASP J 519 -33.30 -37.34 15.49
C ASP J 519 -33.42 -36.49 14.22
N GLU J 520 -34.66 -36.23 13.78
CA GLU J 520 -34.86 -35.39 12.61
C GLU J 520 -34.36 -33.97 12.84
N HIS J 521 -34.36 -33.51 14.09
CA HIS J 521 -33.92 -32.15 14.41
C HIS J 521 -32.54 -32.13 15.06
N GLY J 522 -31.68 -33.09 14.71
CA GLY J 522 -30.29 -33.03 15.12
C GLY J 522 -30.01 -33.33 16.58
N ILE J 523 -30.88 -34.11 17.23
CA ILE J 523 -30.68 -34.48 18.63
C ILE J 523 -30.78 -36.00 18.73
N ILE J 524 -29.75 -36.63 19.26
CA ILE J 524 -29.67 -38.08 19.36
C ILE J 524 -29.87 -38.49 20.80
N VAL J 525 -30.97 -39.20 21.07
CA VAL J 525 -31.20 -39.73 22.41
C VAL J 525 -30.29 -40.94 22.61
N GLU J 526 -29.95 -41.21 23.87
CA GLU J 526 -29.14 -42.38 24.19
C GLU J 526 -29.92 -43.66 23.92
N LYS J 527 -31.14 -43.76 24.44
CA LYS J 527 -32.00 -44.91 24.20
C LYS J 527 -33.43 -44.51 24.53
N THR J 528 -34.38 -45.21 23.89
CA THR J 528 -35.80 -44.88 24.01
C THR J 528 -36.58 -46.13 24.36
N GLY J 529 -37.38 -46.05 25.43
CA GLY J 529 -38.27 -47.11 25.80
C GLY J 529 -39.68 -46.87 25.28
N PRO J 530 -40.65 -47.64 25.78
CA PRO J 530 -42.04 -47.43 25.34
C PRO J 530 -42.56 -46.03 25.63
N TYR J 531 -42.30 -45.51 26.83
CA TYR J 531 -42.74 -44.18 27.20
C TYR J 531 -41.66 -43.43 27.98
N ASN J 532 -40.40 -43.81 27.81
CA ASN J 532 -39.29 -43.17 28.50
C ASN J 532 -38.18 -42.88 27.49
N MET J 533 -37.38 -41.88 27.80
CA MET J 533 -36.27 -41.47 26.94
C MET J 533 -35.09 -41.10 27.83
N LEU J 534 -33.96 -41.76 27.62
CA LEU J 534 -32.77 -41.53 28.45
C LEU J 534 -31.85 -40.52 27.78
N PHE J 535 -31.38 -39.55 28.56
CA PHE J 535 -30.40 -38.58 28.12
C PHE J 535 -29.22 -38.62 29.08
N LEU J 536 -28.02 -38.70 28.52
CA LEU J 536 -26.80 -38.69 29.32
C LEU J 536 -26.31 -37.26 29.42
N PHE J 537 -26.34 -36.69 30.62
CA PHE J 537 -25.82 -35.36 30.87
C PHE J 537 -24.39 -35.47 31.37
N SER J 538 -23.53 -35.96 30.48
CA SER J 538 -22.14 -36.22 30.79
C SER J 538 -21.33 -34.92 30.77
N ILE J 539 -20.03 -35.05 30.99
CA ILE J 539 -19.12 -33.92 30.95
C ILE J 539 -19.04 -33.27 29.58
N GLY J 540 -19.54 -33.94 28.55
CA GLY J 540 -19.59 -33.40 27.21
C GLY J 540 -20.84 -32.63 26.86
N ILE J 541 -21.77 -32.45 27.80
CA ILE J 541 -22.99 -31.69 27.56
C ILE J 541 -22.80 -30.29 28.13
N ASP J 542 -23.04 -29.29 27.29
CA ASP J 542 -22.92 -27.88 27.65
C ASP J 542 -24.30 -27.22 27.68
N LYS J 543 -24.31 -25.95 28.09
CA LYS J 543 -25.56 -25.20 28.20
C LYS J 543 -26.25 -25.08 26.85
N THR J 544 -25.48 -24.96 25.77
CA THR J 544 -26.06 -24.85 24.44
C THR J 544 -26.88 -26.08 24.09
N LYS J 545 -26.33 -27.27 24.32
CA LYS J 545 -27.05 -28.50 23.99
C LYS J 545 -28.29 -28.69 24.85
N ALA J 546 -28.20 -28.34 26.14
CA ALA J 546 -29.38 -28.46 27.01
C ALA J 546 -30.49 -27.52 26.57
N LEU J 547 -30.14 -26.27 26.25
CA LEU J 547 -31.15 -25.33 25.78
C LEU J 547 -31.74 -25.76 24.45
N SER J 548 -30.91 -26.31 23.56
CA SER J 548 -31.41 -26.80 22.29
C SER J 548 -32.35 -27.98 22.49
N LEU J 549 -32.05 -28.86 23.44
CA LEU J 549 -32.94 -29.97 23.77
C LEU J 549 -34.29 -29.44 24.26
N LEU J 550 -34.27 -28.43 25.14
CA LEU J 550 -35.53 -27.87 25.63
C LEU J 550 -36.34 -27.27 24.48
N ARG J 551 -35.68 -26.54 23.58
CA ARG J 551 -36.36 -25.95 22.44
C ARG J 551 -36.97 -27.03 21.56
N ALA J 552 -36.24 -28.11 21.32
CA ALA J 552 -36.74 -29.20 20.49
C ALA J 552 -37.95 -29.88 21.13
N LEU J 553 -37.91 -30.09 22.44
CA LEU J 553 -39.06 -30.70 23.11
C LEU J 553 -40.29 -29.80 23.04
N THR J 554 -40.11 -28.50 23.25
CA THR J 554 -41.23 -27.57 23.14
C THR J 554 -41.78 -27.56 21.71
N ASP J 555 -40.89 -27.61 20.71
CA ASP J 555 -41.33 -27.65 19.33
C ASP J 555 -42.10 -28.92 19.02
N PHE J 556 -41.67 -30.05 19.59
CA PHE J 556 -42.45 -31.27 19.41
C PHE J 556 -43.84 -31.12 20.00
N LYS J 557 -43.93 -30.55 21.20
CA LYS J 557 -45.25 -30.39 21.81
C LYS J 557 -46.14 -29.51 20.95
N ARG J 558 -45.59 -28.40 20.45
CA ARG J 558 -46.37 -27.49 19.60
C ARG J 558 -46.83 -28.19 18.32
N SER J 559 -45.92 -28.92 17.66
CA SER J 559 -46.27 -29.61 16.43
C SER J 559 -47.32 -30.68 16.66
N TYR J 560 -47.17 -31.46 17.74
CA TYR J 560 -48.14 -32.51 18.05
C TYR J 560 -49.50 -31.92 18.37
N ASP J 561 -49.54 -30.83 19.15
CA ASP J 561 -50.81 -30.19 19.46
C ASP J 561 -51.47 -29.65 18.21
N LEU J 562 -50.68 -29.09 17.29
CA LEU J 562 -51.23 -28.64 16.01
C LEU J 562 -51.65 -29.80 15.12
N ASN J 563 -51.26 -31.03 15.46
CA ASN J 563 -51.61 -32.23 14.71
C ASN J 563 -51.14 -32.13 13.25
N LEU J 564 -49.83 -31.97 13.09
CA LEU J 564 -49.25 -31.86 11.77
C LEU J 564 -49.25 -33.22 11.07
N ARG J 565 -48.97 -33.19 9.77
CA ARG J 565 -48.91 -34.41 8.98
C ARG J 565 -47.55 -35.08 9.15
N VAL J 566 -47.57 -36.42 9.19
CA VAL J 566 -46.33 -37.18 9.34
C VAL J 566 -45.38 -36.90 8.19
N LYS J 567 -45.91 -36.56 7.02
CA LYS J 567 -45.07 -36.18 5.89
C LYS J 567 -44.15 -35.02 6.25
N ASN J 568 -44.69 -34.01 6.93
CA ASN J 568 -43.92 -32.82 7.27
C ASN J 568 -43.25 -32.94 8.63
N MET J 569 -43.92 -33.57 9.60
CA MET J 569 -43.38 -33.66 10.95
C MET J 569 -42.23 -34.66 11.03
N LEU J 570 -42.36 -35.82 10.39
CA LEU J 570 -41.34 -36.87 10.41
C LEU J 570 -41.00 -37.29 8.99
N PRO J 571 -40.25 -36.45 8.27
CA PRO J 571 -39.96 -36.77 6.85
C PRO J 571 -39.25 -38.11 6.65
N SER J 572 -38.34 -38.50 7.53
CA SER J 572 -37.67 -39.79 7.38
C SER J 572 -38.64 -40.95 7.54
N LEU J 573 -39.53 -40.86 8.54
CA LEU J 573 -40.51 -41.92 8.75
C LEU J 573 -41.44 -42.06 7.54
N TYR J 574 -41.89 -40.94 6.97
CA TYR J 574 -42.72 -41.01 5.78
C TYR J 574 -41.93 -41.53 4.59
N ARG J 575 -40.67 -41.15 4.47
CA ARG J 575 -39.83 -41.68 3.39
C ARG J 575 -39.67 -43.18 3.50
N GLU J 576 -39.81 -43.73 4.72
CA GLU J 576 -39.79 -45.18 4.88
C GLU J 576 -40.96 -45.84 4.14
N ASP J 577 -42.15 -45.24 4.23
CA ASP J 577 -43.34 -45.80 3.58
C ASP J 577 -44.28 -44.67 3.19
N PRO J 578 -44.02 -44.04 2.04
CA PRO J 578 -44.82 -42.87 1.65
C PRO J 578 -46.31 -43.14 1.50
N GLU J 579 -46.68 -44.32 0.97
CA GLU J 579 -48.10 -44.60 0.75
C GLU J 579 -48.84 -44.82 2.06
N PHE J 580 -48.17 -45.39 3.07
CA PHE J 580 -48.83 -45.65 4.34
C PHE J 580 -48.99 -44.38 5.17
N TYR J 581 -48.04 -43.44 5.07
CA TYR J 581 -48.09 -42.19 5.82
C TYR J 581 -48.47 -41.00 4.93
N GLU J 582 -49.17 -41.25 3.82
CA GLU J 582 -49.45 -40.18 2.87
C GLU J 582 -50.32 -39.09 3.50
N ASN J 583 -51.35 -39.46 4.25
CA ASN J 583 -52.26 -38.50 4.84
C ASN J 583 -52.33 -38.60 6.36
N MET J 584 -51.52 -39.46 6.97
CA MET J 584 -51.58 -39.63 8.42
C MET J 584 -51.06 -38.40 9.15
N ARG J 585 -51.76 -38.05 10.22
CA ARG J 585 -51.37 -36.98 11.12
C ARG J 585 -50.66 -37.56 12.33
N ILE J 586 -49.81 -36.73 12.96
CA ILE J 586 -48.97 -37.21 14.05
C ILE J 586 -49.81 -37.73 15.21
N GLN J 587 -50.91 -37.05 15.53
CA GLN J 587 -51.75 -37.49 16.64
C GLN J 587 -52.36 -38.85 16.37
N GLU J 588 -52.76 -39.11 15.13
CA GLU J 588 -53.37 -40.39 14.81
C GLU J 588 -52.33 -41.51 14.83
N LEU J 589 -51.11 -41.25 14.36
CA LEU J 589 -50.06 -42.26 14.46
C LEU J 589 -49.73 -42.58 15.91
N ALA J 590 -49.57 -41.54 16.73
CA ALA J 590 -49.28 -41.74 18.14
C ALA J 590 -50.41 -42.49 18.83
N GLN J 591 -51.66 -42.14 18.53
CA GLN J 591 -52.78 -42.81 19.16
C GLN J 591 -52.92 -44.24 18.68
N GLY J 592 -52.57 -44.52 17.42
CA GLY J 592 -52.59 -45.89 16.96
C GLY J 592 -51.59 -46.76 17.69
N ILE J 593 -50.36 -46.26 17.83
CA ILE J 593 -49.35 -47.04 18.55
C ILE J 593 -49.75 -47.21 20.02
N HIS J 594 -50.25 -46.13 20.63
CA HIS J 594 -50.70 -46.22 22.02
C HIS J 594 -51.86 -47.19 22.17
N ALA J 595 -52.79 -47.19 21.21
CA ALA J 595 -53.92 -48.10 21.26
C ALA J 595 -53.47 -49.55 21.14
N LEU J 596 -52.50 -49.83 20.27
CA LEU J 596 -51.97 -51.18 20.19
C LEU J 596 -51.34 -51.59 21.51
N ILE J 597 -50.53 -50.70 22.09
CA ILE J 597 -49.86 -51.00 23.35
C ILE J 597 -50.88 -51.24 24.47
N GLN J 598 -51.95 -50.45 24.48
CA GLN J 598 -52.95 -50.55 25.54
C GLN J 598 -53.81 -51.80 25.37
N HIS J 599 -54.29 -52.06 24.15
CA HIS J 599 -55.12 -53.23 23.91
C HIS J 599 -54.35 -54.52 24.17
N HIS J 600 -53.09 -54.57 23.75
CA HIS J 600 -52.28 -55.74 24.04
C HIS J 600 -51.75 -55.75 25.47
N ASN J 601 -51.89 -54.64 26.18
CA ASN J 601 -51.45 -54.49 27.57
C ASN J 601 -49.98 -54.86 27.71
N LEU J 602 -49.14 -54.07 27.03
CA LEU J 602 -47.70 -54.30 27.05
C LEU J 602 -47.08 -54.21 28.45
N PRO J 603 -47.40 -53.22 29.30
CA PRO J 603 -46.71 -53.16 30.61
C PRO J 603 -46.95 -54.36 31.51
N ASP J 604 -48.20 -54.79 31.66
CA ASP J 604 -48.48 -55.94 32.53
C ASP J 604 -47.88 -57.22 31.96
N LEU J 605 -47.93 -57.39 30.64
CA LEU J 605 -47.31 -58.56 30.03
C LEU J 605 -45.80 -58.54 30.25
N MET J 606 -45.19 -57.36 30.15
CA MET J 606 -43.77 -57.21 30.46
C MET J 606 -43.48 -57.66 31.89
N TYR J 607 -44.24 -57.14 32.84
CA TYR J 607 -43.99 -57.44 34.24
C TYR J 607 -44.15 -58.94 34.51
N ARG J 608 -45.19 -59.55 33.95
CA ARG J 608 -45.36 -60.98 34.16
C ARG J 608 -44.24 -61.78 33.50
N ALA J 609 -43.80 -61.36 32.31
CA ALA J 609 -42.79 -62.12 31.59
C ALA J 609 -41.43 -62.05 32.25
N PHE J 610 -41.08 -60.91 32.86
CA PHE J 610 -39.77 -60.74 33.45
C PHE J 610 -39.73 -60.98 34.95
N GLU J 611 -40.86 -61.36 35.57
CA GLU J 611 -40.89 -61.75 36.97
C GLU J 611 -40.97 -63.26 37.14
N VAL J 612 -40.86 -64.03 36.07
CA VAL J 612 -40.82 -65.49 36.12
C VAL J 612 -39.55 -65.94 35.41
N LEU J 613 -38.81 -66.85 36.03
CA LEU J 613 -37.55 -67.30 35.47
C LEU J 613 -37.74 -68.61 34.74
N PRO J 614 -37.39 -68.69 33.45
CA PRO J 614 -37.41 -69.99 32.76
C PRO J 614 -36.44 -70.95 33.42
N THR J 615 -36.81 -72.22 33.43
CA THR J 615 -35.97 -73.23 34.07
C THR J 615 -34.73 -73.50 33.24
N MET J 616 -33.60 -73.66 33.92
CA MET J 616 -32.31 -73.89 33.28
C MET J 616 -32.11 -75.40 33.13
N VAL J 617 -32.33 -75.91 31.92
CA VAL J 617 -32.04 -77.32 31.67
C VAL J 617 -30.54 -77.56 31.65
N MET J 618 -29.79 -76.69 30.99
CA MET J 618 -28.34 -76.75 30.95
C MET J 618 -27.78 -75.34 30.94
N ASN J 619 -26.53 -75.21 31.32
CA ASN J 619 -25.89 -73.91 31.34
C ASN J 619 -25.65 -73.43 29.90
N PRO J 620 -25.44 -72.12 29.71
CA PRO J 620 -25.27 -71.60 28.34
C PRO J 620 -24.14 -72.24 27.55
N HIS J 621 -23.07 -72.67 28.23
CA HIS J 621 -21.96 -73.29 27.52
C HIS J 621 -22.39 -74.57 26.83
N ALA J 622 -23.16 -75.41 27.52
CA ALA J 622 -23.61 -76.66 26.92
C ALA J 622 -24.52 -76.42 25.73
N ALA J 623 -25.46 -75.47 25.85
CA ALA J 623 -26.36 -75.17 24.76
C ALA J 623 -25.60 -74.61 23.56
N PHE J 624 -24.63 -73.74 23.80
CA PHE J 624 -23.87 -73.17 22.69
C PHE J 624 -23.01 -74.25 22.01
N GLN J 625 -22.39 -75.13 22.80
CA GLN J 625 -21.61 -76.21 22.20
C GLN J 625 -22.51 -77.13 21.38
N MET J 626 -23.74 -77.37 21.85
CA MET J 626 -24.67 -78.16 21.07
C MET J 626 -25.02 -77.46 19.77
N GLU J 627 -25.17 -76.13 19.81
CA GLU J 627 -25.43 -75.38 18.59
C GLU J 627 -24.26 -75.47 17.61
N LEU J 628 -23.03 -75.38 18.12
CA LEU J 628 -21.85 -75.46 17.27
C LEU J 628 -21.72 -76.82 16.59
N ARG J 629 -22.29 -77.87 17.19
CA ARG J 629 -22.27 -79.20 16.62
C ARG J 629 -23.37 -79.43 15.60
N GLY J 630 -24.23 -78.44 15.36
CA GLY J 630 -25.32 -78.60 14.42
C GLY J 630 -26.55 -79.28 14.97
N GLN J 631 -26.67 -79.37 16.30
CA GLN J 631 -27.80 -80.04 16.93
C GLN J 631 -28.95 -79.10 17.23
N THR J 632 -29.13 -78.08 16.40
CA THR J 632 -30.17 -77.07 16.58
C THR J 632 -31.12 -77.07 15.39
N GLU J 633 -32.38 -76.73 15.66
CA GLU J 633 -33.40 -76.61 14.62
C GLU J 633 -34.21 -75.35 14.88
N GLU J 634 -34.85 -74.84 13.82
CA GLU J 634 -35.63 -73.63 13.88
C GLU J 634 -37.12 -74.00 14.02
N VAL J 635 -37.76 -73.47 15.05
CA VAL J 635 -39.19 -73.69 15.27
C VAL J 635 -39.87 -72.35 15.44
N TYR J 636 -41.16 -72.32 15.16
CA TYR J 636 -41.91 -71.08 15.27
C TYR J 636 -42.10 -70.70 16.73
N LEU J 637 -42.52 -69.45 16.94
CA LEU J 637 -42.63 -68.90 18.29
C LEU J 637 -43.60 -69.70 19.15
N GLU J 638 -44.73 -70.12 18.58
CA GLU J 638 -45.73 -70.82 19.37
C GLU J 638 -45.27 -72.19 19.85
N GLU J 639 -44.16 -72.72 19.34
CA GLU J 639 -43.73 -74.07 19.65
C GLU J 639 -42.49 -74.12 20.53
N MET J 640 -42.17 -73.05 21.28
CA MET J 640 -40.97 -73.10 22.11
C MET J 640 -41.22 -73.69 23.48
N ILE J 641 -42.47 -73.97 23.85
CA ILE J 641 -42.75 -74.57 25.15
C ILE J 641 -42.20 -75.99 25.16
N GLY J 642 -41.40 -76.31 26.18
CA GLY J 642 -40.77 -77.60 26.27
C GLY J 642 -39.50 -77.76 25.47
N LYS J 643 -39.01 -76.70 24.84
CA LYS J 643 -37.82 -76.74 24.03
C LYS J 643 -36.69 -75.96 24.70
N VAL J 644 -35.48 -76.50 24.64
CA VAL J 644 -34.31 -75.83 25.21
C VAL J 644 -33.81 -74.81 24.19
N ASN J 645 -33.78 -73.54 24.60
CA ASN J 645 -33.35 -72.48 23.70
C ASN J 645 -31.86 -72.59 23.41
N ALA J 646 -31.50 -72.34 22.15
CA ALA J 646 -30.12 -72.41 21.72
C ALA J 646 -29.39 -71.08 21.84
N ASN J 647 -30.10 -69.96 21.80
CA ASN J 647 -29.49 -68.65 21.85
C ASN J 647 -30.15 -67.81 22.94
N MET J 648 -29.59 -66.62 23.15
CA MET J 648 -30.15 -65.65 24.07
C MET J 648 -31.21 -64.83 23.35
N ILE J 649 -32.40 -64.77 23.92
CA ILE J 649 -33.50 -64.00 23.37
C ILE J 649 -33.54 -62.67 24.12
N LEU J 650 -33.22 -61.59 23.41
CA LEU J 650 -33.15 -60.26 24.01
C LEU J 650 -34.19 -59.36 23.34
N PRO J 651 -35.36 -59.17 23.96
CA PRO J 651 -36.39 -58.35 23.33
C PRO J 651 -36.18 -56.86 23.57
N TYR J 652 -36.55 -56.07 22.57
CA TYR J 652 -36.53 -54.61 22.66
C TYR J 652 -37.93 -54.10 22.39
N PRO J 653 -38.65 -53.57 23.39
CA PRO J 653 -38.25 -53.37 24.78
C PRO J 653 -38.37 -54.65 25.60
N PRO J 654 -37.91 -54.73 26.85
CA PRO J 654 -37.26 -53.70 27.68
C PRO J 654 -35.76 -53.62 27.48
N GLY J 655 -35.20 -54.38 26.55
CA GLY J 655 -33.79 -54.30 26.27
C GLY J 655 -32.89 -55.07 27.21
N VAL J 656 -33.44 -56.04 27.93
CA VAL J 656 -32.63 -56.90 28.79
C VAL J 656 -32.95 -58.35 28.41
N PRO J 657 -32.01 -59.29 28.60
CA PRO J 657 -32.29 -60.67 28.18
C PRO J 657 -33.45 -61.27 28.96
N LEU J 658 -34.26 -62.05 28.25
CA LEU J 658 -35.41 -62.72 28.82
C LEU J 658 -35.24 -64.23 28.92
N VAL J 659 -34.58 -64.84 27.94
CA VAL J 659 -34.32 -66.28 27.92
C VAL J 659 -32.84 -66.48 27.65
N MET J 660 -32.18 -67.20 28.53
CA MET J 660 -30.78 -67.56 28.34
C MET J 660 -30.67 -68.82 27.49
N PRO J 661 -29.53 -69.02 26.83
CA PRO J 661 -29.29 -70.30 26.16
C PRO J 661 -29.21 -71.42 27.18
N GLY J 662 -29.93 -72.50 26.91
CA GLY J 662 -30.04 -73.58 27.86
C GLY J 662 -31.25 -73.52 28.76
N GLU J 663 -32.19 -72.61 28.48
CA GLU J 663 -33.41 -72.46 29.26
C GLU J 663 -34.60 -72.91 28.42
N MET J 664 -35.56 -73.55 29.06
CA MET J 664 -36.74 -74.09 28.39
C MET J 664 -38.00 -73.46 28.97
N LEU J 665 -38.84 -72.93 28.10
CA LEU J 665 -40.11 -72.35 28.52
C LEU J 665 -41.09 -73.46 28.85
N THR J 666 -41.74 -73.35 30.01
CA THR J 666 -42.76 -74.29 30.44
C THR J 666 -44.07 -73.54 30.63
N GLU J 667 -45.07 -74.24 31.18
CA GLU J 667 -46.36 -73.61 31.44
C GLU J 667 -46.23 -72.51 32.49
N GLU J 668 -45.28 -72.64 33.42
CA GLU J 668 -45.05 -71.60 34.40
C GLU J 668 -44.48 -70.34 33.75
N SER J 669 -43.61 -70.50 32.75
CA SER J 669 -42.98 -69.38 32.06
C SER J 669 -43.65 -69.07 30.73
N ARG J 670 -44.93 -69.41 30.58
CA ARG J 670 -45.68 -69.02 29.39
C ARG J 670 -45.82 -67.51 29.20
N PRO J 671 -45.84 -66.67 30.25
CA PRO J 671 -45.86 -65.22 30.00
C PRO J 671 -44.73 -64.74 29.11
N VAL J 672 -43.57 -65.38 29.13
CA VAL J 672 -42.49 -65.02 28.23
C VAL J 672 -42.95 -65.17 26.78
N LEU J 673 -43.58 -66.32 26.48
CA LEU J 673 -44.05 -66.55 25.12
C LEU J 673 -45.15 -65.58 24.73
N GLU J 674 -46.09 -65.31 25.65
CA GLU J 674 -47.17 -64.38 25.30
C GLU J 674 -46.61 -62.99 25.05
N PHE J 675 -45.65 -62.54 25.87
CA PHE J 675 -45.04 -61.24 25.67
C PHE J 675 -44.30 -61.16 24.34
N LEU J 676 -43.57 -62.23 23.99
CA LEU J 676 -42.86 -62.25 22.71
C LEU J 676 -43.83 -62.19 21.53
N GLN J 677 -44.91 -62.97 21.59
CA GLN J 677 -45.89 -62.94 20.51
C GLN J 677 -46.57 -61.57 20.42
N MET J 678 -46.80 -60.94 21.57
CA MET J 678 -47.37 -59.60 21.58
C MET J 678 -46.45 -58.61 20.88
N LEU J 679 -45.14 -58.68 21.17
CA LEU J 679 -44.20 -57.81 20.48
C LEU J 679 -44.20 -58.09 18.99
N CYS J 680 -44.23 -59.35 18.60
CA CYS J 680 -44.20 -59.71 17.18
C CYS J 680 -45.41 -59.18 16.44
N GLU J 681 -46.60 -59.26 17.05
CA GLU J 681 -47.78 -58.74 16.38
C GLU J 681 -47.87 -57.22 16.43
N ILE J 682 -47.32 -56.59 17.47
CA ILE J 682 -47.34 -55.14 17.55
C ILE J 682 -46.40 -54.53 16.50
N GLY J 683 -45.25 -55.16 16.27
CA GLY J 683 -44.29 -54.60 15.35
C GLY J 683 -44.65 -54.69 13.87
N ALA J 684 -45.79 -55.28 13.54
CA ALA J 684 -46.19 -55.45 12.14
C ALA J 684 -47.26 -54.46 11.70
N HIS J 685 -47.52 -53.42 12.48
CA HIS J 685 -48.63 -52.51 12.19
C HIS J 685 -48.20 -51.14 11.66
N TYR J 686 -46.96 -50.72 11.88
CA TYR J 686 -46.50 -49.42 11.41
C TYR J 686 -45.12 -49.57 10.80
N PRO J 687 -44.92 -49.18 9.53
CA PRO J 687 -43.67 -49.50 8.82
C PRO J 687 -42.41 -48.83 9.36
N GLY J 688 -42.52 -48.07 10.43
CA GLY J 688 -41.33 -47.46 11.01
C GLY J 688 -41.05 -47.97 12.41
N PHE J 689 -41.89 -48.89 12.89
CA PHE J 689 -41.80 -49.42 14.25
C PHE J 689 -41.86 -50.94 14.14
N GLU J 690 -40.70 -51.55 13.94
CA GLU J 690 -40.61 -52.99 13.74
C GLU J 690 -40.39 -53.70 15.08
N THR J 691 -40.49 -55.03 15.02
CA THR J 691 -40.21 -55.87 16.18
C THR J 691 -38.71 -56.11 16.27
N ASP J 692 -38.14 -55.79 17.43
CA ASP J 692 -36.70 -55.92 17.67
C ASP J 692 -36.48 -56.95 18.77
N ILE J 693 -36.32 -58.21 18.38
CA ILE J 693 -36.05 -59.30 19.30
C ILE J 693 -34.79 -60.00 18.83
N HIS J 694 -33.67 -59.77 19.54
CA HIS J 694 -32.45 -60.51 19.24
C HIS J 694 -32.66 -61.98 19.59
N GLY J 695 -32.21 -62.86 18.69
CA GLY J 695 -32.41 -64.28 18.84
C GLY J 695 -33.67 -64.81 18.18
N ALA J 696 -34.55 -63.93 17.74
CA ALA J 696 -35.71 -64.30 16.95
C ALA J 696 -35.49 -63.87 15.51
N TYR J 697 -36.02 -64.64 14.58
CA TYR J 697 -35.76 -64.41 13.15
C TYR J 697 -37.09 -64.30 12.42
N ARG J 698 -37.30 -63.15 11.79
CA ARG J 698 -38.51 -62.94 10.99
C ARG J 698 -38.36 -63.65 9.66
N GLN J 699 -39.39 -64.40 9.28
CA GLN J 699 -39.37 -65.13 8.02
C GLN J 699 -39.96 -64.27 6.92
N ALA J 700 -39.90 -64.80 5.69
CA ALA J 700 -40.43 -64.08 4.54
C ALA J 700 -41.94 -63.84 4.68
N ASP J 701 -42.66 -64.75 5.34
CA ASP J 701 -44.09 -64.62 5.51
C ASP J 701 -44.48 -63.79 6.72
N GLY J 702 -43.50 -63.29 7.49
CA GLY J 702 -43.76 -62.45 8.63
C GLY J 702 -43.73 -63.14 9.97
N ARG J 703 -43.82 -64.48 9.98
CA ARG J 703 -43.76 -65.20 11.24
C ARG J 703 -42.35 -65.17 11.81
N TYR J 704 -42.26 -65.40 13.12
CA TYR J 704 -41.00 -65.33 13.84
C TYR J 704 -40.61 -66.71 14.35
N THR J 705 -39.36 -67.10 14.14
CA THR J 705 -38.84 -68.38 14.58
C THR J 705 -37.69 -68.18 15.55
N VAL J 706 -37.39 -69.25 16.29
CA VAL J 706 -36.29 -69.29 17.23
C VAL J 706 -35.52 -70.59 17.00
N LYS J 707 -34.29 -70.60 17.50
CA LYS J 707 -33.42 -71.78 17.42
C LYS J 707 -33.49 -72.54 18.74
N VAL J 708 -33.66 -73.86 18.65
CA VAL J 708 -33.78 -74.69 19.84
C VAL J 708 -33.03 -76.00 19.61
N ILE J 709 -32.59 -76.60 20.72
CA ILE J 709 -31.85 -77.86 20.66
C ILE J 709 -32.81 -79.00 20.30
N LYS J 710 -32.39 -79.85 19.39
CA LYS J 710 -33.17 -81.03 19.04
C LYS J 710 -32.73 -82.24 19.87
#